data_5K0Y
#
_entry.id   5K0Y
#
loop_
_entity.id
_entity.type
_entity.pdbx_description
1 polymer tRNA
2 polymer '18S ribosomal RNA'
3 polymer mRNA
4 polymer 'Eukaryotic translation initiation factor 2 subunit 1'
5 polymer 'ribosomal protein uS17'
6 polymer 'ribosomal protein uS9'
7 polymer '40S ribosomal protein S4'
8 polymer 'ribosomal protein uS14'
9 polymer 'Ribosomal protein S9 (Predicted)'
10 polymer 'ribosomal protein uS13'
11 polymer 'Eukaryotic translation initiation factor 3 subunit G'
12 polymer 'Eukaryotic translation initiation factor 3 subunit G'
13 polymer 'ribosomal protein uS12'
14 polymer 'ribosomal protein eS19'
15 polymer 'eukaryotic initiation factor 2 Gamma subunit (eIF2-Gamma)'
16 polymer 'Eukaryotic translation initiation factor 3 subunit I'
17 polymer 'ribosomal protein uS7'
18 polymer 'ribosomal protein eS30'
19 polymer 'ribosomal protein eS25'
20 polymer 'ribosomal protein eS7'
21 polymer '40S ribosomal protein S27'
22 polymer 'ribosomal protein uS15'
23 polymer 'ribosomal protein uS8'
24 polymer '40S ribosomal protein S21'
25 polymer 'ribosomal protein uS5'
26 polymer 'eukaryotic initiation factor 2 subunit Beta (eIF2-Beta)'
27 polymer 'ribosomal protein eS17'
28 polymer 'ribosomal protein uS2'
29 polymer 'ribosomal protein uS3'
30 polymer 'ribosomal protein uS10'
31 polymer 'ribosomal protein eS1'
32 polymer 'ribosomal protein uS11'
33 polymer 'ribosomal protein eS26'
34 polymer 'ribosomal protein eS28'
35 polymer 'ribosomal protein RACK1'
36 polymer 'ribosomal protein uS19'
37 polymer '40S ribosomal protein S8'
38 polymer 'ribosomal protein eS31'
39 polymer '40S ribosomal protein S6'
40 polymer '40S ribosomal protein S12'
41 polymer '40S ribosomal protein S24'
42 polymer 'ribosomal protein eS10'
#
loop_
_entity_poly.entity_id
_entity_poly.type
_entity_poly.pdbx_seq_one_letter_code
_entity_poly.pdbx_strand_id
1 'polyribonucleotide' AGCAGAGUGGCGCAGCGGAAGCGUGCUGGGCCCAUAACCCAGAGGUCGAUGGAUCGAAACCAUCCUCUGCUACCA N
2 'polyribonucleotide'
;UACCUGGUUGAUCCUGCCAGUAGCAUAUGCUUGUCUCAAAGAUUAAGCCAUGCAUGUCUAAGUACGCACGGCCGGUACAG
UGAAACUGCGAAUGGCUCAUUAAAUCAGUUAUGGUUCCUUUGGUCGCUCGCUCCUCUCCUACUUGGAUAACUGUGGUAAU
UCUAGAGCUAAUACAUGCCGACGGCGCUGACUCCCUUUGUGUGGGAUGCGUGCAUUUAUCAGAUCAAAACCAACCCGGUC
AGCGGCGGCGGCUUUGGUGACUCUAGAUAACCUCGGGCCGAUCGCAGCCCUCCGUGGCGGCGACGACCCAUUCGAACGUC
UGCCCUAUCAACUUUCGAUGGUAGUCGCCGUGCCUACCAUGGUGACCACGGGUGACGGGGAAUCAGGGUUCGAUUCCGGA
GAGGGAGCCUGAGAAACGGCUACCACAUCCAAGGAAGGCAGCAGGCGCGCAAAUUACCCACUCCCGACCCGGGGAGGUAG
UGACGAAAAAUAACAAUACAGGACUCUUUCGAGGCCCUGUAAUUGGAAUGAGUCCACUUUAAAUCCUUUAACGAGGAUCC
AUUGGAGGGCAAGUCUGGUCGCAGCAGCCGCGGUAAUUCCAGCUCCAAUAGCGUAUAUUAAAGUUGCUGCAGUUAAAAAG
CUCGUAGUUGGAUCUUGAGGGCCCGCCCCUCGGCGCCCCCUCGAUGUGUCCCGCGGGGCCCGAAGCGUUUACUUUGAAAA
AAUUAGAGUGUUCAAAGCAGGCCCGAGCCGCCUGGAUACCGCAGCUAGGAAUAAUGGAAUAGGACCGCGGUUCUAUUUUG
UUGGUUUUCGGAACUGAGGCCAUGAUUAAGAGGGACGGCCGGGGGCAUUCGUAUUGCGCCGCUAGAGGUGAAAUUCUUGG
ACCGGCGCAAGACGGACCAGAGCGAAAGCAUUUGCCAAGAAUGUUUUCAUUAAUCAAGAACGAAAGUCGGAGGUUCGAAG
ACGAUCAGAUACCGUCGUAGUUCCGACCAUAAACGAUGCCGACUGGCGAUGCGGCGGCGUUAUUCCCAUGACCCGCCGGG
CAGCUUCCGGGAAACCAAAGUCUUUGGGUUCCGGGGGGAGUAUGGUUGCAAAGCUGAAACUUAAAGGAAUUGACGGAAGG
GCACCACCAGGAGUGGAGCCUGCGGCUUAAUUUGACUCAACACGGGAAACCUCACCCGGCCCGGACACGGACAGGAUUGA
CAGAUUGAUAGCUCUUUCUCGAUUCUGUGGGUGGUGGUGCAUGGCCGUUCUUAGUUGGUGGAGCGAUUUGUCUGGUUAAU
UCCGAUAACGAACGAGACUCUGGCAUGCUAACUAGUUACGCGACCCCCGAGCGGUCGGCGUCCCCCAACUUCUUAGAGGG
ACAAGUGGCGUUCAGCCACCCGAGAUUGAGCAAUAACAGGUCUGUGAUGCCCUUAGAUGUCGGGGCUGCACGCGCGCUAC
ACUGACUGGCUCAGCGUGUGCCUACCCUACGCCGGCAGGCGCGGGUAACCCGUUGAACCCCAUUCGUGAUGGGGAUCGGG
GAUUGCAAUUAUUCCCCAUGAACGAGGAAUUCCCAGUAAGUGCGGGUCAUAAGCUUGCGUUGAUUAAGUCCCUGCCCUUU
GUACACACCGCCCGUCGCUACUACCGAUUGGAUGGUUUAGUGAGGCCCUCGGAUCGGCCCGCCGGGGUCGGCCCACGGCC
CUGGCGGAGCGCUGAGAAGACGGUCGAACUUGACUAUCUAGAGGAAGUAAAAGUCGUAACAAGGUUUCCGUAGGUGAACC
UGCGGAAGGAUCAUUA
;
A
3 'polyribonucleotide' CAGACACCAUGGUGCACCUGACUCCUGAGG F
4 'polypeptide(L)'
;CRFYQHKFPEVEDVVMVNVRSIAEMGAYVSLLEYNNIEGMILLSELSRRRIRSINKLIRIGRNECVVVIRVDKEKGYIDL
SKRRVSPEEAIKCEDKFTKSKTVYSILRHVAEVLEYTKDEQLESLFQRTAWVFDDKYKRPGYGAYDAFKHAVSDPSILDS
LDLNEDEREVLINNINRRLTPQAVKIRADIEVACYGYEGIDAVKEALRAGLNCSTETMPIKINLIAPPRYVMTTTTLERT
EGLSVLNQAMAVIKEKIEEKRGVFNV
;
P
5 'polypeptide(L)'
;MADIQTERAYQKQPTIFQNKKRVLLGETGKEKLPRYYKNIGLGFKTPKEAIEGTYIDKKCPFTGNVSIRGRILSGVVTKM
KMQRTIVIRRDYLHYIRKYNRFEKRHKNMSVHLSPCFRDVQIGDIVTVGECRPLSKTVRFNVLKVTKAAGTKKQFQKF
;
G
6 'polypeptide(L)'
;PLQSVQVFGRKKTATAVAHCKRGNGLIKVNGRPLEMIEPRTLQYKLLEPVLLLGKERFAGVDIRVRVKGGGHVAQIYAIR
QSISKALVAYYQKYVDEASKKEIKDILIQYDRTLLVADPRRCESKKFGGPGARARYQKSYR
;
H
7 'polypeptide(L)'
;MARGPKKHLKRVAAPKHWMLDKLTSVFAPRPSTGPHKLRECLPLIIFLRNKLKYALTGDEVKKICMQRFIKIDGKVRADI
TYPAGFMDVISIDKTGENFRLIYDTKGRFAVHRITPEEAKYKLCKVRKIFVGTKGIPHLVTHDARTIRYPDPLIKMNDTI
QIDLETGKITDFIKFDTGNLCMVTGGANLGRIGVITNRERHPGSFDVVHVKDANGNSFATRLSNIFVIGKGNKPWISLPR
GKGIRLTIAEERDKRLAAKQSSG
;
I
8 'polypeptide(L)' QQLYWSHPRKFGQGSRSCRVCSNRHGLIRKYGLNMCRQCFRQYAKDIGFIKLD J
9 'polypeptide(L)'
;WVCRKTYVTPRRPFEKSRLDQELKLIGEYGLRNKREVWRVKFTLAKIRKAARELLTLDEKDPRRLFEGNALLRRLVRIGV
LDEGKMKLDYILGLKIEDFLERRLQTQVFKLGLAKSIHHARVLIRQRHIRVRKQVVNIPSFIVRLDSQKHIDFSLRSPYG
GGRPGRVKRKNAKKGQGGAGAG
;
K
10 'polypeptide(L)'
;PEKFQHILRVLNTNIDGRRKIAFAITAIKGVGRRYAHVVLRKADIDLTKRAGELTEDEVERVITIMQNPRQYKIPDWFLN
RQKDVKDGKYSQVLANGLDNKLREDLERLKKIRAHRGLRHFWGLRVRGQHTKTTGRR
;
L
11 'polypeptide(L)' KKFGNSEFDPPGPNVATTTVSDDVSMTFITSKEDLNCQ M
12 'polypeptide(L)' ATIRVTNLSEDTRETDLQELFRPFGSISRIYLAKDKTTGQSKGFAFISFHRREDAARAIAGVSGFGYDHLILNVEWA O
13 'polypeptide(L)'
;MGKCRGLRTARKLRSHRRDQKWHDKQYKKAHLGTALKANPFGGASHAKGIVLEKVGVEAKQPNSAIRKCVRVQLIKNGKK
ITAFVPNDGCLNFIEENDEVLVAGFGRKGHAVGDIPGVRFKVVKVANVSLLALYKGKKERPR
;
Q
14 'polypeptide(L)'
;VTVKDVNQQEFVRALAAFLKKSGKLKVPEWVDTVKLAKHKELAPYDENWFYTRAASTARHLYLRGGAGVGSMTKIYGGRQ
RNGVMPSHFSRGSKSVARRVLQALEGLKMVEKDQDWGRKLTPQGQRDLDRIAGQVAAAKKK
;
R
15 'polypeptide(L)'
;QATINIGTIGHVAHGKSTVVKAISGVHTVRFKNELERNITIKLGYANAKIYKLDDPSCPRPECYRSCGSSTPDEFPTDIP
GTKGNFKLVRHVSFVDCPGHDILMATMLNGAAVMDAALLLIAGNESCPQPQTSEHLAAIEIMKLKHILILQNKIDLVKES
QAKEQYEQILAFVQGTVAEGAPIIPISAQLKYNIEVVCEYIVKKIPVPPRDFTSEPRLIVIRSFDVNKPGCEVDDLKGGV
AGGSILKGVLKVGQEIEVRPGIVSKDSEGKLMCKPIFSKIVSLFAEHNDLQYAAPGGLIGVGTKIDPTLCRADRMVGQVL
GAVGALPEIFTELEISYFLLRRLLGVRTEGDKKAAKVQKLSKNEVLMVNIGSLSTGGRVSAVKADLGKIVLTNPVCTEVG
EKIALSRRVEKHWRLIGWGQIR
;
S
16 'polypeptide(L)'
;MRPILLQGHERSITQIKYNREGDLLFTVAKDPIVNVWYSVNGERLGTYMGHTGAVWCVDADWDTKHVLTGSADNSCRLWD
CETGKQLALLKTNSAVRTCGFDFGGNIIMFSTDKQMGYQCFVSFFDLRDPSQIDNNEPYMKIPCNDSKITSAVWGPLGEC
IIAGHESGELNQYSAKSGEVLVNVKEHSRQINDIQLSREMTMFVTASKDNTAKLFDSTTLEHQKTFRTEPPRELAALSPN
YEHVVVGGGQEAMDVTTTSTRIGKFEARFFHLAFEEEFGRVKGHFGPINSVAFHPDGKSYSSGGEDGYVRIHYFDPQYFE
FEFEAREAG
;
T
17 'polypeptide(L)'
;TPDIKLFGKWSTDDVQINDISLQDYIAVKEKYAKYLPHSAGRYAAKRFRKAQCPIVERLTNSMMMHGRNNGKKLMTVRIV
KHAFEIIHLLTGENPLQVLVNAIINSGPREDSTRIGRAGTVRRQAVDVSPLRRVNQAIWLLCTGAREAAFRNIKTIAECL
ADELINAAKGSSNSYAIKKKDELERVAKSNR
;
U
18 'polypeptide(L)' KVHGSLARVGKVRGQTLKVAKQEKKKKRTGRAKRRMQYNRRFVNVVPTFGKKKGPNANS V
19 'polypeptide(L)' RDKLNNLVLFDKATYDKLCKEVPNYKLITPAVVSERLKIRGSLARAALQELLSKGLIKLVSKHRAQVIYTRNTKG W
20 'polypeptide(L)'
;SAKIVKPNGEKPDEFESGISQALLELEMNSDLKAQLRELNITAAKEIEVGGGRKAIIIFVPVPQLKSFQKIQVRLVRELE
KKFSGKHVVFIAQRRILPKPTRKSRTKNKQKRPRSRTLTAVHDAILEDLVFPSEIVGKRIRVKLDGSRLIKVHLDKAQQN
NVEHKVETFSGVYKKLTGKDVNFEFPEFQL
;
X
21 'polypeptide(L)'
;MPLAKDLLHPSPEEEKRKHKKKRLVQSPNSYFMDVKCPGCYKITTVFSHAQTVVLCVGCSTVLCQPTGGKARLTEGCSFR
RKQH
;
Y
22 'polypeptide(L)'
;GRMHAPGKGLSQSALPYRRSVPTWLKLTSDDVKEQIYKLAKKGLTPSQIGVILRDSHGVAQVRFVTGNKILRILKSKGLA
PDLPEDLYHLIKKAVAVRKHLERNRKDKDAKFRLILIESRIHRLARYYKTKRVLPPNWKYESSTASALVA
;
Z
23 'polypeptide(L)'
;VRMNVLADALKSINNAEKRGKRQVLIRPCSKVIVRFLTVMMKHGYIGEFEIIDDHRAGKIVVNLTGRLNKCGVISPRFDV
QLKDLEKWQNNLLPSRQFGFIVLTTSAGIMDHEEARRKHTGGKILGFFF
;
a
24 'polypeptide(L)'
;MQSNAGEFVDLYVPRKCSASNRIIGAKDHASIPMNVAEVDKVTGRFNGQSKTYAICGAIRRMGESDDSILRLAKSHGIVS
QN
;
b
25 'polypeptide(L)'
;GKAGDKEWLPVTKLGRLVKDMKIKSLEEIYLFSLPIKESEIIDFFLGAALKDKVLKIMPVQKQTQAGQRTRFKAFVAIGD
YNGHVGLGMKCSKEVATAIRGAIILAKLSIVPVRRGYWGNKIGKPHTVRCKVTGRCGSVLVRLIPAPRGTGIISAPVPKK
LLLMAGIDDCYTSAGGCTATLGNFAKATFDAISKTYSYLTPDLWKETVFTKSPYQEFTDHLVKTHT
;
c
26 'polypeptide(L)' SEKEYVEMLDRLYSKLP d
27 'polypeptide(L)'
;MGRVRTKTVKKAARVIIEKYYTRLGNDFHTNKRVCEEIAIIPSKKLRNKIAGYVTHLMKRIQRGPVRGISIKLQEEERER
RDNYVPEVSALDQEIIEVDPDTKEMLKLLDFGSLSNLQVTQPTVGM
;
e
28 'polypeptide(L)'
;SGALDVLQMKEEDVLKFLAAGTHLGGTNLDFQMEQYIYKRKSDGIYIINLKRTWEKLLLAARAIVAIENPADVSVISSRN
TGQRAVLKFAAATGATPIAGRFTPGTFTNQIQAAFREPRLLVVTDPRADHQPLTEASYVNLPTIALCNTDSPLRYVDIAI
PCNNKGAHSVGLMWWMLAREVLRMRGTISREHPWEVMPDLYFYRDPEE
;
f
29 'polypeptide(L)'
;MAVQISKKRKFVADGIFKAELNEFLTRELAEDGYSGVEVRVTPTRTEIIILATRTQNVLGEKGRRIRELTAVVQKRFGFP
EGSVELYAEKVATRGLCAIAQAESLRYKLLGGLAVRRACYGVLRFIMESGAKGCEVVVSGKLRGQRAKSMKFVDGLMIHS
GDPVNYYVDTAVRHVLLRQGVLGIKVKIMLPWDPSGKIGPKKPLPDHVSIVEPKDEILPTTPISEQK
;
g
30 'polypeptide(L)'
;AIHRIRITLTSRNVKSLEKVCADLIRGAKEKNLKVKGPVRMPTKTLRITTRKTPCGEGSKTWDRFQMRIHKRLIDLHSPS
EIVKQITSISIEPGVEVEVTIADA
;
h
31 'polypeptide(L)'
;KKVVDPFSKKDWYDVKAPAMFNIRNIGKTLVTRTQGTKIASDGLKGRVFEVSLADLQNDEVAFRKFKLITEDVQGKNCLT
NFHGMDLTRDKMCSMVKKWQTMIEAHVDVKTTDGYLLHLFCVGFTKKCNNQIRKTSYAQHQQVRQIRKKMMEIMTREVQT
NDLKEVVNKLIPDSIGKDIEKACQSIYPLHDVFVRKVKMLKKPKFELGKLMELHG
;
i
32 'polypeptide(L)'
;SLGPQVAEGENVFGVCHIFASFNDTFVHVTDLSGKETICRVTGGMKVKADRDESSPYAAMLAAQDVAQRCKELGITALHI
KLRATGGNRTKTPGPGAQSALRALARSGMKIGRIEDVTPIPSDSTRRKGGRRGRRL
;
j
33 'polypeptide(L)'
;TKKRRNNGRAKKGRGHVQPIRCTNCACCVPKDKAIKKFVIRNIVEAAAVRDISEVSVFDAYVLPKLYVKLHYCVSCAIHS
KVVRNRSREARKDRTPPPR
;
k
34 'polypeptide(L)' RVQPIKLARVTKVLGRTGSQGQCTQVRVEFMDDTSRSIIRNVKGPVREGDVLTLLESEREARRL l
35 'polypeptide(L)'
;TEQMTLRGTLKGHNGWVTQIATTPQFPDMILSASRDKTIIMWKLTRDETNYGIPQRALRGHSHFVSDVVISSDGQFALSG
SWDGTLRLWDLTTGTTTRRFVGHTKDVLSVAFSSDNRQIVSGSRDKTIKLWNTLGVCKYTVQDESHSEWVSCVRFSPNSS
NPIIVSCGWDKLVKVWNLANCKLKTNHIGHTGYLNTVTVSPDGSLCASGGKDGQAMLWDLNEGKHLYTLDGGDIINALCF
SPNRYWLCAATGPSIKIWDLEGKIIVDELKQEVISTSSKAEPPQCTSLAWSADGQTLFAGYTDNLVRVWQVTI
;
m
36 'polypeptide(L)'
;VEQKKKRTFRKFTYRGVDLDQLLDMSYEQLMQLYSARQRRRLSRGLRRKQHSLLKRLRKAKKEAPPMEKPEVVKTHLRDM
IILPEMVGSMVGVYNGKTFNQVEIKPEMIGHYLGEFSITYKPVKHGR
;
n
37 'polypeptide(L)'
;GISRDNWHKRRKTGGKRKPYHKKRKYELGRPAANTKIGPRRIHTVGVRGGNKKYRALRLDVGNFSWGSECCTRKTRIIDV
VYNASNNELVRTKTLVKNCIVLIDSTPYRQWYESHYALPLGRKKGAKLTPEEEEILNKKRSKKIQKKYDERKKNAKISSL
LEEQFQQGKLLACIASRPGQCGRADGYVLEGKELEFYLRKIKARKG
;
o
38 'polypeptide(L)' KKSYTTPKKNKHKRKKVKLAVLKYYKVDENGKISRLRRECPSDECGAGVFMASHFDRHYCGKCCLTYCFNK p
39 'polypeptide(L)'
;MKLNISFPATGCQKLIEVDDERKLRTFYEKRMATEVAADALGEEWKGYVVRISGGNDKQGFPMKQGVLTHGRVRLLLSKG
HSCYRPRRTGERKRKSVRGCIVDANLSVLNLVIVKKGEKDIPGLTDTTVPRRLGPKRASRIRKLFNLSKEDDVRQYVVRK
PLNKEGKKPRTKAPKIQRLVTPRVLQHKRRRIALKKQRTKKNKEEAAEYAKLLAKRMKEAKEKRQEQIAKRRRLSSL
;
q
40 'polypeptide(L)'
;GGVMDVNTALQEVLKTALIHDGLARGIREAAKALDKRQAHLCVLASNCDEPMYVKLVEALCAEHQINLIKVDDNKKLGEW
VGLCKIDREGKPRKVVGCSCVVVKDYGKESQAKDVIEEYFKCKK
;
r
41 'polypeptide(L)'
;DTVTIRTRKFMTNRLLQRKQMVIDVLHPGKATVPKTEIQEKLAKMYKTTPDVIFVFGFRTHFGGGKTTGFGMIYDSLDYA
KKNEPKHRLARHGLYEKKKTSRKQRKERKNRMKKVRGTAKANVGAGKKPKE
;
s
42 'polypeptide(L)'
;MLMPKKNRIAIYELLFKEGVMVAKKDVHMPKHPELADKNVPNLHVMKAMQSLKSRGYVKEQFAWRHFYWYLTNEGIQYLR
DYLHLPPEIVPATLRRSR
;
t
#
# COMPACT_ATOMS: atom_id res chain seq x y z
N CYS D 1 23.89 74.90 21.42
CA CYS D 1 22.71 75.60 22.00
C CYS D 1 21.50 75.35 21.12
N ARG D 2 20.49 76.24 21.20
CA ARG D 2 19.28 76.11 20.45
C ARG D 2 18.73 77.49 20.26
N PHE D 3 17.96 77.66 19.17
CA PHE D 3 17.30 78.88 18.78
C PHE D 3 16.18 79.28 19.72
N TYR D 4 15.42 78.30 20.26
CA TYR D 4 14.31 78.55 21.17
C TYR D 4 14.74 79.19 22.46
N GLN D 5 13.82 80.03 23.02
CA GLN D 5 14.02 80.78 24.23
C GLN D 5 14.00 79.87 25.43
N HIS D 6 13.09 78.87 25.44
CA HIS D 6 13.01 77.88 26.49
C HIS D 6 14.04 76.81 26.22
N LYS D 7 14.49 76.13 27.31
CA LYS D 7 15.60 75.21 27.29
C LYS D 7 15.15 73.78 27.19
N PHE D 8 13.82 73.51 27.16
CA PHE D 8 13.33 72.16 27.28
C PHE D 8 12.07 72.04 26.45
N PRO D 9 11.68 70.86 25.99
CA PRO D 9 10.42 70.64 25.31
C PRO D 9 9.35 70.45 26.35
N GLU D 10 8.10 70.22 25.90
CA GLU D 10 6.94 70.08 26.74
C GLU D 10 6.27 68.82 26.29
N VAL D 11 5.18 68.42 26.99
CA VAL D 11 4.36 67.28 26.65
C VAL D 11 3.73 67.47 25.29
N GLU D 12 3.78 66.38 24.48
CA GLU D 12 3.32 66.23 23.12
C GLU D 12 3.87 67.27 22.18
N ASP D 13 5.19 67.53 22.30
CA ASP D 13 5.93 68.41 21.44
C ASP D 13 6.61 67.50 20.45
N VAL D 14 6.45 67.78 19.13
CA VAL D 14 7.08 67.01 18.08
C VAL D 14 8.50 67.47 17.93
N VAL D 15 9.46 66.52 18.01
CA VAL D 15 10.88 66.80 18.00
C VAL D 15 11.49 65.87 16.98
N MET D 16 12.79 66.10 16.66
CA MET D 16 13.54 65.24 15.78
C MET D 16 14.71 64.77 16.59
N VAL D 17 14.94 63.43 16.59
CA VAL D 17 15.96 62.78 17.39
C VAL D 17 16.94 62.09 16.50
N ASN D 18 18.25 62.32 16.76
CA ASN D 18 19.36 61.69 16.08
C ASN D 18 19.66 60.41 16.81
N VAL D 19 19.55 59.26 16.10
CA VAL D 19 19.81 57.97 16.67
C VAL D 19 21.30 57.79 16.65
N ARG D 20 21.93 57.87 17.86
CA ARG D 20 23.36 57.88 18.01
C ARG D 20 23.88 56.49 17.99
N SER D 21 23.28 55.60 18.82
CA SER D 21 23.70 54.23 18.88
C SER D 21 22.56 53.48 19.50
N ILE D 22 22.44 52.17 19.14
CA ILE D 22 21.43 51.28 19.64
C ILE D 22 22.09 50.57 20.80
N ALA D 23 21.39 50.48 21.95
CA ALA D 23 21.91 49.79 23.10
C ALA D 23 20.74 49.40 23.95
N GLU D 24 20.82 48.17 24.52
CA GLU D 24 19.83 47.52 25.36
C GLU D 24 18.38 47.71 24.96
N MET D 25 17.67 48.59 25.72
CA MET D 25 16.25 48.87 25.62
C MET D 25 15.83 49.44 24.29
N GLY D 26 16.71 50.21 23.63
CA GLY D 26 16.42 50.78 22.34
C GLY D 26 17.59 51.64 22.01
N ALA D 27 17.49 52.97 22.24
CA ALA D 27 18.56 53.86 21.83
C ALA D 27 18.47 55.08 22.68
N TYR D 28 19.65 55.56 23.15
CA TYR D 28 19.81 56.82 23.87
C TYR D 28 20.00 57.90 22.84
N VAL D 29 18.90 58.49 22.35
CA VAL D 29 18.90 59.47 21.30
C VAL D 29 19.08 60.87 21.83
N SER D 30 19.56 61.79 20.96
CA SER D 30 19.74 63.20 21.23
C SER D 30 18.69 64.00 20.51
N LEU D 31 17.82 64.72 21.25
CA LEU D 31 16.89 65.68 20.70
C LEU D 31 17.64 66.84 20.12
N LEU D 32 17.43 67.12 18.82
CA LEU D 32 18.19 68.09 18.07
C LEU D 32 17.36 69.34 17.96
N GLU D 33 16.03 69.20 18.22
CA GLU D 33 15.08 70.27 18.30
C GLU D 33 15.40 71.20 19.44
N TYR D 34 15.77 70.61 20.61
CA TYR D 34 16.18 71.34 21.78
C TYR D 34 17.56 70.85 22.08
N ASN D 35 18.56 71.67 21.70
CA ASN D 35 19.99 71.46 21.85
C ASN D 35 20.43 70.06 21.43
N ASN D 36 20.95 69.27 22.40
CA ASN D 36 21.42 67.93 22.18
C ASN D 36 21.07 67.18 23.45
N ILE D 37 19.84 67.41 23.97
CA ILE D 37 19.38 66.87 25.23
C ILE D 37 19.00 65.43 25.03
N GLU D 38 19.36 64.58 26.03
CA GLU D 38 19.22 63.15 26.03
C GLU D 38 17.80 62.71 26.26
N GLY D 39 17.39 61.66 25.52
CA GLY D 39 16.09 61.06 25.62
C GLY D 39 16.26 59.63 25.17
N MET D 40 15.15 58.86 25.14
CA MET D 40 15.22 57.45 24.85
C MET D 40 13.96 57.04 24.14
N ILE D 41 14.09 55.97 23.31
CA ILE D 41 13.03 55.46 22.48
C ILE D 41 13.10 53.96 22.59
N LEU D 42 11.99 53.28 22.18
CA LEU D 42 11.34 52.17 22.85
C LEU D 42 11.28 52.32 24.39
N LEU D 43 11.15 51.30 25.29
CA LEU D 43 11.05 49.85 25.19
C LEU D 43 9.65 49.41 24.87
N SER D 44 8.63 50.04 25.52
CA SER D 44 7.26 49.60 25.48
C SER D 44 6.53 50.04 24.24
N GLU D 45 6.70 51.32 23.81
CA GLU D 45 5.91 51.88 22.75
C GLU D 45 6.80 52.67 21.84
N LEU D 46 6.70 52.36 20.53
CA LEU D 46 7.42 53.04 19.48
C LEU D 46 6.97 52.39 18.21
N SER D 47 7.04 51.03 18.18
CA SER D 47 6.60 50.17 17.10
C SER D 47 5.11 50.23 16.90
N ARG D 48 4.67 50.11 15.63
CA ARG D 48 3.29 50.22 15.23
C ARG D 48 2.85 48.92 14.61
N ARG D 49 3.84 48.08 14.23
CA ARG D 49 3.62 46.84 13.53
C ARG D 49 4.88 46.04 13.72
N ARG D 50 4.82 44.72 13.45
CA ARG D 50 5.99 43.87 13.44
C ARG D 50 5.92 43.07 12.18
N ILE D 51 7.06 43.03 11.45
CA ILE D 51 7.17 42.37 10.16
C ILE D 51 8.52 41.68 10.14
N ARG D 52 9.27 41.74 11.27
CA ARG D 52 10.57 41.13 11.47
C ARG D 52 11.63 41.76 10.59
N SER D 53 11.61 43.11 10.49
CA SER D 53 12.51 43.87 9.67
C SER D 53 12.48 45.25 10.23
N ILE D 54 13.60 46.01 10.12
CA ILE D 54 13.65 47.38 10.56
C ILE D 54 14.86 48.04 9.92
N ASN D 55 15.77 47.26 9.30
CA ASN D 55 16.88 47.80 8.56
C ASN D 55 17.41 46.72 7.66
N LYS D 56 18.23 47.12 6.67
CA LYS D 56 18.91 46.21 5.79
C LYS D 56 20.17 46.92 5.39
N LEU D 57 20.01 48.06 4.68
CA LEU D 57 21.07 48.91 4.20
C LEU D 57 20.88 50.26 4.83
N ILE D 58 20.05 50.35 5.90
CA ILE D 58 19.85 51.58 6.63
C ILE D 58 20.97 51.52 7.64
N ARG D 59 21.99 52.38 7.44
CA ARG D 59 23.22 52.36 8.18
C ARG D 59 23.08 53.28 9.36
N ILE D 60 23.86 54.38 9.40
CA ILE D 60 23.95 55.26 10.54
C ILE D 60 23.94 56.67 10.03
N GLY D 61 23.76 57.63 10.98
CA GLY D 61 23.68 59.04 10.70
C GLY D 61 22.26 59.49 10.52
N ARG D 62 21.28 58.60 10.81
CA ARG D 62 19.89 58.81 10.52
C ARG D 62 19.21 59.13 11.82
N ASN D 63 17.85 59.20 11.81
CA ASN D 63 17.13 60.23 12.53
C ASN D 63 15.70 59.80 12.49
N GLU D 64 14.96 60.05 13.59
CA GLU D 64 13.56 59.68 13.73
C GLU D 64 12.77 60.87 14.19
N CYS D 65 11.56 61.04 13.60
CA CYS D 65 10.54 61.96 14.04
C CYS D 65 9.85 61.36 15.23
N VAL D 66 9.86 62.05 16.40
CA VAL D 66 9.30 61.49 17.61
C VAL D 66 8.54 62.59 18.30
N VAL D 67 7.73 62.21 19.30
CA VAL D 67 6.87 63.10 20.06
C VAL D 67 7.20 62.78 21.50
N VAL D 68 7.10 63.81 22.38
CA VAL D 68 7.56 63.77 23.75
C VAL D 68 6.40 63.37 24.60
N ILE D 69 6.59 62.36 25.49
CA ILE D 69 5.54 61.84 26.33
C ILE D 69 5.77 62.48 27.66
N ARG D 70 6.90 62.11 28.29
CA ARG D 70 7.32 62.46 29.62
C ARG D 70 8.61 63.21 29.43
N VAL D 71 8.75 64.37 30.10
CA VAL D 71 9.97 65.14 30.04
C VAL D 71 10.28 65.45 31.47
N ASP D 72 11.59 65.39 31.80
CA ASP D 72 12.11 65.58 33.12
C ASP D 72 13.19 66.59 32.92
N LYS D 73 12.87 67.87 33.23
CA LYS D 73 13.77 68.97 33.07
C LYS D 73 14.95 68.87 34.01
N GLU D 74 14.67 68.49 35.29
CA GLU D 74 15.66 68.27 36.32
C GLU D 74 16.54 67.07 36.08
N LYS D 75 15.94 65.91 35.71
CA LYS D 75 16.66 64.65 35.67
C LYS D 75 17.34 64.40 34.35
N GLY D 76 16.88 65.08 33.26
CA GLY D 76 17.49 64.99 31.97
C GLY D 76 17.16 63.70 31.28
N TYR D 77 15.87 63.28 31.33
CA TYR D 77 15.41 62.10 30.65
C TYR D 77 14.13 62.48 30.01
N ILE D 78 13.96 62.05 28.74
CA ILE D 78 12.80 62.36 27.93
C ILE D 78 12.36 61.06 27.33
N ASP D 79 11.22 60.51 27.80
CA ASP D 79 10.57 59.34 27.25
C ASP D 79 9.78 59.78 26.03
N LEU D 80 10.01 59.12 24.88
CA LEU D 80 9.54 59.56 23.60
C LEU D 80 8.82 58.40 22.94
N SER D 81 7.82 58.71 22.08
CA SER D 81 7.09 57.74 21.30
C SER D 81 7.09 58.20 19.87
N LYS D 82 6.91 57.25 18.92
CA LYS D 82 6.75 57.52 17.51
C LYS D 82 5.41 56.93 17.14
N ARG D 83 4.78 56.18 18.07
CA ARG D 83 3.54 55.48 17.88
C ARG D 83 2.38 56.44 18.02
N ARG D 84 2.61 57.57 18.71
CA ARG D 84 1.65 58.62 18.97
C ARG D 84 1.30 59.38 17.72
N VAL D 85 2.31 59.69 16.88
CA VAL D 85 2.26 60.31 15.56
C VAL D 85 1.02 59.96 14.76
N SER D 86 0.32 61.00 14.26
CA SER D 86 -0.51 60.89 13.09
C SER D 86 -0.54 62.28 12.46
N PRO D 87 -1.02 63.38 13.04
CA PRO D 87 -0.89 64.72 12.44
C PRO D 87 0.51 65.26 12.60
N GLU D 88 1.42 64.56 13.32
CA GLU D 88 2.77 65.01 13.59
C GLU D 88 3.70 64.40 12.57
N GLU D 89 3.11 63.86 11.46
CA GLU D 89 3.69 63.22 10.30
C GLU D 89 5.09 63.64 9.92
N ALA D 90 5.94 62.61 9.65
CA ALA D 90 7.37 62.65 9.77
C ALA D 90 8.01 63.58 8.77
N ILE D 91 7.46 63.60 7.53
CA ILE D 91 7.96 64.32 6.39
C ILE D 91 7.89 65.81 6.64
N LYS D 92 6.76 66.27 7.20
CA LYS D 92 6.50 67.66 7.51
C LYS D 92 7.42 68.16 8.58
N CYS D 93 7.68 67.32 9.62
CA CYS D 93 8.59 67.62 10.70
C CYS D 93 10.01 67.73 10.19
N GLU D 94 10.42 66.83 9.26
CA GLU D 94 11.74 66.79 8.67
C GLU D 94 12.01 68.02 7.85
N ASP D 95 11.00 68.49 7.08
CA ASP D 95 11.06 69.67 6.24
C ASP D 95 11.26 70.91 7.08
N LYS D 96 10.51 70.98 8.21
CA LYS D 96 10.54 72.01 9.21
C LYS D 96 11.88 72.05 9.88
N PHE D 97 12.47 70.86 10.16
CA PHE D 97 13.73 70.68 10.85
C PHE D 97 14.87 71.24 10.02
N THR D 98 14.88 70.98 8.69
CA THR D 98 15.91 71.42 7.78
C THR D 98 15.94 72.93 7.71
N LYS D 99 14.74 73.55 7.59
CA LYS D 99 14.56 74.99 7.59
C LYS D 99 14.98 75.62 8.90
N SER D 100 14.69 74.95 10.04
CA SER D 100 15.10 75.36 11.37
C SER D 100 16.59 75.34 11.52
N LYS D 101 17.28 74.33 10.94
CA LYS D 101 18.70 74.13 11.00
C LYS D 101 19.44 75.26 10.31
N THR D 102 18.96 75.69 9.11
CA THR D 102 19.55 76.79 8.38
C THR D 102 19.39 78.10 9.13
N VAL D 103 18.21 78.31 9.75
CA VAL D 103 17.88 79.47 10.56
C VAL D 103 18.78 79.54 11.78
N TYR D 104 19.00 78.38 12.45
CA TYR D 104 19.87 78.22 13.59
C TYR D 104 21.28 78.60 13.24
N SER D 105 21.78 78.18 12.05
CA SER D 105 23.11 78.44 11.57
C SER D 105 23.35 79.91 11.35
N ILE D 106 22.30 80.63 10.86
CA ILE D 106 22.31 82.07 10.69
C ILE D 106 22.39 82.77 12.04
N LEU D 107 21.60 82.32 13.04
CA LEU D 107 21.47 83.00 14.31
C LEU D 107 22.61 82.73 15.28
N ARG D 108 23.54 81.78 15.00
CA ARG D 108 24.49 81.34 16.00
C ARG D 108 25.89 81.83 15.81
N HIS D 109 26.17 82.72 14.83
CA HIS D 109 27.53 83.17 14.58
C HIS D 109 27.85 84.39 15.44
N VAL D 110 27.71 85.70 15.06
CA VAL D 110 27.19 86.32 13.87
C VAL D 110 27.67 87.77 13.96
N ALA D 111 28.99 88.11 14.02
CA ALA D 111 30.25 87.46 13.67
C ALA D 111 30.74 88.01 12.38
N GLU D 112 31.72 88.95 12.47
CA GLU D 112 32.42 89.53 11.36
C GLU D 112 33.37 88.49 10.80
N VAL D 113 33.57 88.45 9.47
CA VAL D 113 32.60 87.93 8.53
C VAL D 113 33.18 86.61 8.02
N LEU D 114 34.01 85.97 8.88
CA LEU D 114 34.77 84.77 8.62
C LEU D 114 33.97 83.55 8.22
N GLU D 115 32.82 83.17 8.85
CA GLU D 115 32.25 83.50 10.14
C GLU D 115 32.95 82.74 11.25
N TYR D 116 32.57 83.05 12.52
CA TYR D 116 33.07 82.34 13.66
C TYR D 116 31.90 82.10 14.59
N THR D 117 31.73 80.90 15.23
CA THR D 117 32.17 79.55 14.88
C THR D 117 33.61 79.30 15.26
N LYS D 118 33.89 78.57 16.37
CA LYS D 118 33.23 78.73 17.65
C LYS D 118 34.37 78.85 18.63
N ASP D 119 34.20 79.48 19.83
CA ASP D 119 32.95 79.73 20.52
C ASP D 119 33.12 81.07 21.18
N GLU D 120 31.98 81.69 21.56
CA GLU D 120 31.91 82.98 22.15
C GLU D 120 30.92 82.80 23.27
N GLN D 121 30.90 83.74 24.25
CA GLN D 121 30.05 83.71 25.42
C GLN D 121 28.60 83.66 25.04
N LEU D 122 27.89 82.66 25.62
CA LEU D 122 27.04 81.80 24.83
C LEU D 122 25.67 82.33 25.04
N GLU D 123 25.30 82.60 26.32
CA GLU D 123 23.99 83.05 26.72
C GLU D 123 23.68 84.40 26.13
N SER D 124 24.69 85.31 26.09
CA SER D 124 24.61 86.64 25.55
C SER D 124 24.34 86.64 24.07
N LEU D 125 25.10 85.79 23.33
CA LEU D 125 25.05 85.65 21.89
C LEU D 125 23.69 85.20 21.41
N PHE D 126 23.10 84.22 22.11
CA PHE D 126 21.83 83.61 21.79
C PHE D 126 20.72 84.55 22.13
N GLN D 127 20.87 85.30 23.24
CA GLN D 127 19.86 86.19 23.77
C GLN D 127 19.60 87.33 22.83
N ARG D 128 20.67 87.85 22.16
CA ARG D 128 20.57 89.02 21.33
C ARG D 128 20.16 88.66 19.91
N THR D 129 20.05 87.35 19.55
CA THR D 129 19.79 86.95 18.18
C THR D 129 18.50 86.20 18.06
N ALA D 130 18.29 85.15 18.90
CA ALA D 130 17.35 84.10 18.59
C ALA D 130 16.26 84.11 19.61
N TRP D 131 16.59 84.48 20.87
CA TRP D 131 15.68 84.45 21.99
C TRP D 131 14.75 85.63 21.83
N VAL D 132 15.34 86.80 21.46
CA VAL D 132 14.64 88.05 21.20
C VAL D 132 13.64 87.89 20.07
N PHE D 133 13.94 87.05 19.05
CA PHE D 133 13.07 86.77 17.93
C PHE D 133 11.85 86.02 18.39
N ASP D 134 12.06 84.99 19.25
CA ASP D 134 11.05 84.15 19.86
C ASP D 134 10.12 84.96 20.74
N ASP D 135 10.69 85.94 21.48
CA ASP D 135 10.01 86.87 22.35
C ASP D 135 9.01 87.68 21.56
N LYS D 136 9.39 88.06 20.32
CA LYS D 136 8.73 89.07 19.54
C LYS D 136 7.73 88.35 18.66
N TYR D 137 6.43 88.45 19.01
CA TYR D 137 5.71 87.29 19.51
C TYR D 137 4.84 86.77 18.39
N LYS D 138 4.35 85.51 18.45
CA LYS D 138 4.92 84.37 19.13
C LYS D 138 5.80 83.67 18.13
N ARG D 139 5.84 82.31 18.16
CA ARG D 139 6.60 81.49 17.23
C ARG D 139 6.22 81.67 15.77
N PRO D 140 4.94 81.83 15.38
CA PRO D 140 4.52 82.24 14.04
C PRO D 140 5.17 83.53 13.63
N GLY D 141 5.06 84.58 14.47
CA GLY D 141 5.62 85.89 14.26
C GLY D 141 7.10 85.86 13.99
N TYR D 142 7.89 85.11 14.82
CA TYR D 142 9.32 84.95 14.63
C TYR D 142 9.61 84.36 13.29
N GLY D 143 8.85 83.29 12.92
CA GLY D 143 8.96 82.61 11.64
C GLY D 143 8.79 83.55 10.48
N ALA D 144 7.75 84.42 10.52
CA ALA D 144 7.47 85.43 9.53
C ALA D 144 8.59 86.44 9.35
N TYR D 145 9.14 86.97 10.48
CA TYR D 145 10.26 87.90 10.49
C TYR D 145 11.49 87.28 9.89
N ASP D 146 11.80 86.03 10.29
CA ASP D 146 12.92 85.24 9.81
C ASP D 146 12.85 85.02 8.32
N ALA D 147 11.65 84.68 7.81
CA ALA D 147 11.36 84.49 6.40
C ALA D 147 11.63 85.74 5.59
N PHE D 148 11.17 86.91 6.09
CA PHE D 148 11.33 88.22 5.50
C PHE D 148 12.80 88.56 5.33
N LYS D 149 13.58 88.31 6.40
CA LYS D 149 15.02 88.43 6.52
C LYS D 149 15.76 87.55 5.53
N HIS D 150 15.33 86.27 5.38
CA HIS D 150 15.92 85.25 4.54
C HIS D 150 16.00 85.63 3.09
N ALA D 151 14.88 86.22 2.58
CA ALA D 151 14.59 86.56 1.21
C ALA D 151 15.56 87.43 0.44
N VAL D 152 16.76 87.74 1.00
CA VAL D 152 17.89 88.42 0.40
C VAL D 152 17.69 89.91 0.38
N SER D 153 16.50 90.37 -0.04
CA SER D 153 16.36 91.56 -0.82
C SER D 153 14.96 92.08 -0.63
N ASP D 154 14.26 91.63 0.43
CA ASP D 154 12.88 92.00 0.66
C ASP D 154 12.70 92.57 2.05
N PRO D 155 12.83 93.87 2.20
CA PRO D 155 13.85 94.72 1.61
C PRO D 155 15.09 94.59 2.47
N SER D 156 16.28 94.93 1.91
CA SER D 156 17.43 94.06 1.94
C SER D 156 17.99 93.82 3.32
N ILE D 157 18.14 94.92 4.12
CA ILE D 157 18.79 94.88 5.42
C ILE D 157 17.82 95.26 6.49
N LEU D 158 16.52 95.37 6.16
CA LEU D 158 15.61 96.24 6.88
C LEU D 158 14.84 95.39 7.87
N ASP D 159 13.63 95.85 8.29
CA ASP D 159 13.00 95.58 9.55
C ASP D 159 13.88 96.08 10.70
N SER D 160 13.52 95.75 11.96
CA SER D 160 14.24 96.23 13.12
C SER D 160 14.31 95.07 14.06
N LEU D 161 15.51 94.69 14.57
CA LEU D 161 16.73 94.46 13.82
C LEU D 161 17.61 95.69 13.83
N ASP D 162 17.60 96.41 14.99
CA ASP D 162 18.48 97.53 15.24
C ASP D 162 19.79 96.97 15.76
N LEU D 163 19.72 95.69 16.20
CA LEU D 163 20.71 94.73 16.59
C LEU D 163 22.02 94.81 15.80
N ASN D 164 23.21 94.60 16.43
CA ASN D 164 23.48 94.72 17.83
C ASN D 164 24.96 95.00 17.91
N GLU D 165 25.78 94.00 17.50
CA GLU D 165 27.22 94.02 17.57
C GLU D 165 27.84 95.04 16.65
N ASP D 166 27.34 95.11 15.40
CA ASP D 166 27.45 96.27 14.58
C ASP D 166 26.18 96.34 13.77
N GLU D 167 26.11 95.68 12.58
CA GLU D 167 26.17 94.23 12.46
C GLU D 167 25.92 93.95 10.99
N ARG D 168 25.86 95.02 10.17
CA ARG D 168 25.47 94.99 8.78
C ARG D 168 26.46 94.32 7.87
N GLU D 169 27.78 94.31 8.19
CA GLU D 169 28.79 93.60 7.42
C GLU D 169 28.49 92.13 7.25
N VAL D 170 27.94 91.51 8.32
CA VAL D 170 27.58 90.13 8.38
C VAL D 170 26.32 89.91 7.62
N LEU D 171 25.32 90.80 7.80
CA LEU D 171 24.02 90.72 7.18
C LEU D 171 24.08 90.80 5.66
N ILE D 172 24.96 91.70 5.14
CA ILE D 172 25.25 91.91 3.74
C ILE D 172 25.78 90.71 2.98
N ASN D 173 26.81 89.95 3.49
CA ASN D 173 27.32 88.87 2.64
C ASN D 173 27.77 87.63 3.37
N ASN D 174 27.46 87.45 4.68
CA ASN D 174 27.62 86.16 5.32
C ASN D 174 26.40 85.32 5.04
N ILE D 175 25.21 85.93 5.26
CA ILE D 175 23.91 85.28 5.30
C ILE D 175 23.53 84.61 4.00
N ASN D 176 23.83 85.24 2.84
CA ASN D 176 23.62 84.64 1.54
C ASN D 176 24.35 83.34 1.35
N ARG D 177 25.64 83.30 1.80
CA ARG D 177 26.46 82.12 1.75
C ARG D 177 25.96 81.04 2.69
N ARG D 178 25.54 81.46 3.90
CA ARG D 178 25.09 80.64 4.99
C ARG D 178 23.83 79.84 4.71
N LEU D 179 22.84 80.45 4.02
CA LEU D 179 21.52 79.89 3.85
C LEU D 179 21.44 78.64 2.99
N THR D 180 22.17 78.52 1.84
CA THR D 180 21.99 79.30 0.62
C THR D 180 20.53 79.43 0.16
N PRO D 181 20.07 80.53 -0.46
CA PRO D 181 18.89 80.55 -1.34
C PRO D 181 18.94 79.52 -2.46
N GLN D 182 17.75 79.15 -3.00
CA GLN D 182 17.66 78.22 -4.10
C GLN D 182 16.22 78.16 -4.60
N ALA D 183 15.72 79.18 -5.34
CA ALA D 183 16.46 79.88 -6.37
C ALA D 183 15.61 81.02 -6.92
N VAL D 184 14.30 81.10 -6.54
CA VAL D 184 13.26 80.32 -7.20
C VAL D 184 13.06 80.83 -8.61
N LYS D 185 12.98 79.90 -9.61
CA LYS D 185 12.73 80.23 -11.00
C LYS D 185 11.43 79.56 -11.39
N ILE D 186 10.49 80.33 -12.01
CA ILE D 186 9.20 79.82 -12.45
C ILE D 186 8.97 80.30 -13.87
N ARG D 187 8.74 79.36 -14.83
CA ARG D 187 8.25 79.63 -16.17
C ARG D 187 6.82 80.09 -16.18
N ALA D 188 6.47 80.99 -17.14
CA ALA D 188 5.11 81.36 -17.43
C ALA D 188 4.92 81.17 -18.90
N ASP D 189 4.08 80.18 -19.28
CA ASP D 189 3.84 79.77 -20.65
C ASP D 189 2.57 80.40 -21.17
N ILE D 190 2.65 80.96 -22.40
CA ILE D 190 1.56 81.67 -23.04
C ILE D 190 1.58 81.12 -24.45
N GLU D 191 0.41 80.64 -24.96
CA GLU D 191 0.27 80.26 -26.35
C GLU D 191 -0.81 81.12 -26.91
N VAL D 192 -0.48 81.91 -27.96
CA VAL D 192 -1.42 82.73 -28.67
C VAL D 192 -1.59 82.04 -30.00
N ALA D 193 -2.77 81.40 -30.20
CA ALA D 193 -3.00 80.52 -31.31
C ALA D 193 -3.99 81.11 -32.28
N CYS D 194 -3.55 82.17 -33.02
CA CYS D 194 -4.34 82.82 -34.04
C CYS D 194 -4.16 82.06 -35.33
N TYR D 195 -5.04 82.31 -36.33
CA TYR D 195 -4.97 81.61 -37.59
C TYR D 195 -5.72 82.35 -38.68
N GLY D 196 -6.28 83.55 -38.38
CA GLY D 196 -6.51 84.56 -39.40
C GLY D 196 -5.21 85.19 -39.80
N TYR D 197 -5.25 86.21 -40.69
CA TYR D 197 -4.08 86.88 -41.22
C TYR D 197 -4.12 88.32 -40.75
N GLU D 198 -5.12 88.61 -39.89
CA GLU D 198 -5.26 89.77 -39.07
C GLU D 198 -4.82 89.42 -37.69
N GLY D 199 -5.23 88.22 -37.20
CA GLY D 199 -4.90 87.70 -35.90
C GLY D 199 -3.41 87.64 -35.62
N ILE D 200 -2.59 87.13 -36.58
CA ILE D 200 -1.15 87.03 -36.45
C ILE D 200 -0.49 88.38 -36.19
N ASP D 201 -0.94 89.40 -36.95
CA ASP D 201 -0.53 90.79 -36.85
C ASP D 201 -0.82 91.31 -35.48
N ALA D 202 -2.02 90.99 -34.93
CA ALA D 202 -2.45 91.34 -33.59
C ALA D 202 -1.51 90.78 -32.54
N VAL D 203 -1.09 89.49 -32.65
CA VAL D 203 -0.12 88.88 -31.75
C VAL D 203 1.20 89.61 -31.74
N LYS D 204 1.73 89.94 -32.95
CA LYS D 204 2.97 90.65 -33.17
C LYS D 204 2.97 92.01 -32.51
N GLU D 205 1.86 92.77 -32.69
CA GLU D 205 1.58 94.06 -32.11
C GLU D 205 1.57 93.98 -30.60
N ALA D 206 0.90 92.94 -30.04
CA ALA D 206 0.85 92.64 -28.62
C ALA D 206 2.21 92.41 -28.04
N LEU D 207 3.08 91.61 -28.72
CA LEU D 207 4.44 91.34 -28.31
C LEU D 207 5.25 92.62 -28.20
N ARG D 208 5.14 93.50 -29.22
CA ARG D 208 5.77 94.81 -29.27
C ARG D 208 5.33 95.70 -28.13
N ALA D 209 4.00 95.73 -27.85
CA ALA D 209 3.37 96.44 -26.75
C ALA D 209 3.91 95.99 -25.43
N GLY D 210 4.05 94.65 -25.28
CA GLY D 210 4.61 93.95 -24.15
C GLY D 210 5.99 94.41 -23.86
N LEU D 211 6.86 94.52 -24.90
CA LEU D 211 8.21 95.02 -24.83
C LEU D 211 8.25 96.44 -24.30
N ASN D 212 7.35 97.33 -24.80
CA ASN D 212 7.23 98.71 -24.34
C ASN D 212 6.91 98.79 -22.86
N CYS D 213 5.92 97.96 -22.40
CA CYS D 213 5.52 97.84 -21.01
C CYS D 213 6.66 97.39 -20.14
N SER D 214 7.42 96.35 -20.60
CA SER D 214 8.57 95.79 -19.95
C SER D 214 9.64 96.81 -19.70
N THR D 215 9.98 97.63 -20.73
CA THR D 215 10.93 98.72 -20.66
C THR D 215 10.51 99.76 -19.65
N GLU D 216 9.21 100.15 -19.70
CA GLU D 216 8.59 101.14 -18.84
C GLU D 216 8.68 100.82 -17.37
N THR D 217 8.37 99.56 -17.00
CA THR D 217 8.33 99.11 -15.62
C THR D 217 9.73 98.81 -15.15
N MET D 218 10.50 98.09 -16.01
CA MET D 218 11.90 97.67 -15.93
C MET D 218 12.03 96.16 -16.00
N PRO D 219 11.24 95.26 -15.37
CA PRO D 219 11.38 93.82 -15.50
C PRO D 219 11.14 93.26 -16.88
N ILE D 220 11.52 91.97 -17.05
CA ILE D 220 11.42 91.08 -18.20
C ILE D 220 10.30 91.37 -19.18
N LYS D 221 10.54 91.35 -20.54
CA LYS D 221 11.08 90.31 -21.41
C LYS D 221 10.03 89.23 -21.56
N ILE D 222 9.47 89.12 -22.79
CA ILE D 222 8.85 87.91 -23.30
C ILE D 222 9.62 87.49 -24.55
N ASN D 223 9.82 86.15 -24.72
CA ASN D 223 10.60 85.54 -25.77
C ASN D 223 9.76 84.58 -26.57
N LEU D 224 9.93 84.59 -27.92
CA LEU D 224 9.23 83.73 -28.85
C LEU D 224 10.08 82.50 -28.96
N ILE D 225 9.48 81.30 -28.70
CA ILE D 225 10.20 80.04 -28.76
C ILE D 225 9.68 79.19 -29.88
N ALA D 226 8.51 79.56 -30.44
CA ALA D 226 7.93 78.92 -31.59
C ALA D 226 6.97 79.98 -32.09
N PRO D 227 6.60 80.07 -33.36
CA PRO D 227 5.65 81.03 -33.90
C PRO D 227 4.42 81.37 -33.05
N PRO D 228 3.68 80.49 -32.36
CA PRO D 228 2.55 80.92 -31.56
C PRO D 228 2.89 80.85 -30.09
N ARG D 229 4.07 80.32 -29.69
CA ARG D 229 4.36 80.02 -28.30
C ARG D 229 5.35 81.01 -27.76
N TYR D 230 5.06 81.57 -26.57
CA TYR D 230 5.88 82.57 -25.96
C TYR D 230 6.12 82.19 -24.52
N VAL D 231 7.40 82.34 -24.09
CA VAL D 231 7.90 82.02 -22.78
C VAL D 231 8.49 83.29 -22.26
N MET D 232 7.97 83.80 -21.11
CA MET D 232 8.84 84.46 -20.17
C MET D 232 9.08 83.55 -19.00
N THR D 233 10.27 83.69 -18.37
CA THR D 233 10.66 82.97 -17.18
C THR D 233 10.89 84.07 -16.20
N THR D 234 10.30 83.92 -14.99
CA THR D 234 10.35 84.93 -13.95
C THR D 234 11.03 84.33 -12.76
N THR D 235 12.06 85.05 -12.25
CA THR D 235 12.73 84.75 -11.01
C THR D 235 12.05 85.58 -9.94
N THR D 236 11.99 85.06 -8.69
CA THR D 236 11.31 85.69 -7.60
C THR D 236 12.14 85.45 -6.38
N LEU D 237 12.27 86.50 -5.55
CA LEU D 237 13.09 86.52 -4.37
C LEU D 237 12.22 87.18 -3.33
N GLU D 238 11.27 88.04 -3.76
CA GLU D 238 10.34 88.73 -2.90
C GLU D 238 9.03 87.98 -2.91
N ARG D 239 8.95 86.90 -3.74
CA ARG D 239 7.87 85.95 -3.87
C ARG D 239 6.79 86.49 -4.78
N THR D 240 6.13 87.60 -4.35
CA THR D 240 4.91 88.09 -4.93
C THR D 240 5.19 89.06 -6.06
N GLU D 241 6.49 89.36 -6.34
CA GLU D 241 6.88 90.23 -7.41
C GLU D 241 6.61 89.62 -8.78
N GLY D 242 6.67 88.26 -8.88
CA GLY D 242 6.38 87.55 -10.09
C GLY D 242 4.93 87.57 -10.49
N LEU D 243 4.04 87.75 -9.49
CA LEU D 243 2.62 87.90 -9.70
C LEU D 243 2.30 89.18 -10.41
N SER D 244 3.02 90.27 -10.08
CA SER D 244 2.82 91.58 -10.68
C SER D 244 3.23 91.61 -12.12
N VAL D 245 4.30 90.87 -12.48
CA VAL D 245 4.79 90.73 -13.83
C VAL D 245 3.82 89.90 -14.64
N LEU D 246 3.27 88.82 -14.04
CA LEU D 246 2.32 87.92 -14.67
C LEU D 246 1.04 88.63 -15.02
N ASN D 247 0.56 89.53 -14.12
CA ASN D 247 -0.65 90.32 -14.30
C ASN D 247 -0.50 91.27 -15.45
N GLN D 248 0.67 91.95 -15.57
CA GLN D 248 0.97 92.87 -16.65
C GLN D 248 1.05 92.16 -17.98
N ALA D 249 1.73 90.98 -18.03
CA ALA D 249 1.90 90.20 -19.24
C ALA D 249 0.56 89.72 -19.78
N MET D 250 -0.31 89.24 -18.87
CA MET D 250 -1.66 88.79 -19.15
C MET D 250 -2.49 89.89 -19.71
N ALA D 251 -2.40 91.11 -19.14
CA ALA D 251 -3.17 92.27 -19.54
C ALA D 251 -2.88 92.71 -20.96
N VAL D 252 -1.59 92.68 -21.37
CA VAL D 252 -1.15 92.98 -22.73
C VAL D 252 -1.75 92.02 -23.73
N ILE D 253 -1.61 90.70 -23.48
CA ILE D 253 -2.24 89.61 -24.22
C ILE D 253 -3.75 89.77 -24.35
N LYS D 254 -4.44 90.20 -23.27
CA LYS D 254 -5.88 90.26 -23.22
C LYS D 254 -6.47 91.48 -23.88
N GLU D 255 -5.76 92.65 -23.85
CA GLU D 255 -6.32 93.90 -24.31
C GLU D 255 -5.78 94.25 -25.67
N LYS D 256 -4.44 94.13 -25.88
CA LYS D 256 -3.79 94.54 -27.10
C LYS D 256 -4.18 93.69 -28.28
N ILE D 257 -4.17 92.33 -28.12
CA ILE D 257 -4.57 91.41 -29.17
C ILE D 257 -5.99 91.68 -29.63
N GLU D 258 -6.92 91.86 -28.65
CA GLU D 258 -8.31 92.23 -28.82
C GLU D 258 -8.57 93.40 -29.75
N GLU D 259 -7.69 94.43 -29.73
CA GLU D 259 -7.79 95.63 -30.53
C GLU D 259 -7.87 95.38 -32.02
N LYS D 260 -7.01 94.47 -32.55
CA LYS D 260 -7.02 94.09 -33.95
C LYS D 260 -7.67 92.74 -34.09
N ARG D 261 -8.10 92.13 -32.95
CA ARG D 261 -8.89 90.93 -32.84
C ARG D 261 -8.09 89.69 -33.10
N GLY D 262 -8.06 88.78 -32.10
CA GLY D 262 -7.38 87.53 -32.18
C GLY D 262 -7.94 86.66 -31.09
N VAL D 263 -7.25 85.53 -30.81
CA VAL D 263 -7.59 84.62 -29.75
C VAL D 263 -6.30 84.27 -29.07
N PHE D 264 -6.38 83.76 -27.83
CA PHE D 264 -5.21 83.43 -27.04
C PHE D 264 -5.63 82.46 -25.99
N ASN D 265 -4.62 81.85 -25.31
CA ASN D 265 -4.81 80.91 -24.23
C ASN D 265 -3.70 81.20 -23.28
N VAL D 266 -4.03 81.31 -21.97
CA VAL D 266 -3.05 81.67 -20.97
C VAL D 266 -3.64 81.23 -19.61
N MET E 1 -80.85 -20.84 -40.67
CA MET E 1 -80.09 -19.65 -40.21
C MET E 1 -79.84 -18.72 -41.36
N ALA E 2 -78.60 -18.14 -41.45
CA ALA E 2 -78.22 -17.17 -42.45
C ALA E 2 -78.30 -17.72 -43.84
N ASP E 3 -78.80 -16.88 -44.78
CA ASP E 3 -79.03 -17.23 -46.16
C ASP E 3 -77.74 -17.27 -46.92
N ILE E 4 -77.76 -18.00 -48.06
CA ILE E 4 -76.63 -18.24 -48.91
C ILE E 4 -76.80 -17.47 -50.18
N GLN E 5 -77.85 -16.62 -50.22
CA GLN E 5 -78.13 -15.66 -51.26
C GLN E 5 -77.63 -14.30 -50.85
N THR E 6 -76.89 -14.22 -49.72
CA THR E 6 -76.33 -13.00 -49.20
C THR E 6 -75.10 -12.59 -49.98
N GLU E 7 -74.46 -13.54 -50.69
CA GLU E 7 -73.15 -13.34 -51.27
C GLU E 7 -73.35 -12.88 -52.68
N ARG E 8 -73.21 -13.80 -53.67
CA ARG E 8 -73.54 -13.56 -55.04
C ARG E 8 -73.60 -14.89 -55.74
N ALA E 9 -73.55 -16.00 -54.98
CA ALA E 9 -73.64 -17.33 -55.52
C ALA E 9 -74.43 -18.17 -54.56
N TYR E 10 -75.37 -18.98 -55.13
CA TYR E 10 -76.21 -19.90 -54.41
C TYR E 10 -75.42 -21.16 -54.27
N GLN E 11 -75.56 -21.87 -53.12
CA GLN E 11 -74.85 -23.10 -52.87
C GLN E 11 -75.82 -24.20 -52.57
N LYS E 12 -75.29 -25.44 -52.53
CA LYS E 12 -76.02 -26.65 -52.26
C LYS E 12 -75.10 -27.49 -51.42
N GLN E 13 -75.67 -28.54 -50.77
CA GLN E 13 -74.90 -29.54 -50.08
C GLN E 13 -74.81 -30.73 -50.99
N PRO E 14 -73.79 -31.62 -50.88
CA PRO E 14 -73.63 -32.77 -51.75
C PRO E 14 -74.82 -33.69 -51.69
N THR E 15 -75.41 -34.03 -52.86
CA THR E 15 -76.45 -35.02 -53.07
C THR E 15 -77.75 -34.58 -52.44
N ILE E 16 -77.90 -33.24 -52.25
CA ILE E 16 -79.11 -32.59 -51.85
C ILE E 16 -79.34 -31.61 -52.96
N PHE E 17 -80.46 -31.78 -53.69
CA PHE E 17 -80.68 -31.06 -54.91
C PHE E 17 -82.16 -31.16 -55.16
N GLN E 18 -82.65 -30.32 -56.10
CA GLN E 18 -84.04 -30.15 -56.42
C GLN E 18 -84.41 -31.25 -57.37
N ASN E 19 -85.38 -32.09 -56.95
CA ASN E 19 -86.30 -32.70 -57.87
C ASN E 19 -87.59 -31.98 -57.67
N LYS E 20 -88.14 -31.44 -58.77
CA LYS E 20 -89.35 -30.66 -58.75
C LYS E 20 -90.45 -31.45 -59.37
N LYS E 21 -90.09 -32.61 -59.99
CA LYS E 21 -90.97 -33.62 -60.54
C LYS E 21 -91.98 -33.07 -61.50
N ARG E 22 -93.16 -33.74 -61.62
CA ARG E 22 -94.15 -33.46 -62.62
C ARG E 22 -94.96 -32.27 -62.19
N VAL E 23 -95.20 -32.17 -60.86
CA VAL E 23 -95.97 -31.16 -60.18
C VAL E 23 -95.34 -29.81 -60.36
N LEU E 24 -96.19 -28.75 -60.49
CA LEU E 24 -95.81 -27.41 -60.85
C LEU E 24 -94.95 -26.76 -59.81
N LEU E 25 -94.08 -25.82 -60.27
CA LEU E 25 -93.23 -24.98 -59.46
C LEU E 25 -92.16 -25.79 -58.77
N GLY E 26 -92.00 -25.63 -57.43
CA GLY E 26 -90.80 -25.92 -56.69
C GLY E 26 -90.44 -27.38 -56.59
N GLU E 27 -89.26 -27.70 -55.99
CA GLU E 27 -88.53 -26.92 -55.01
C GLU E 27 -87.55 -26.02 -55.71
N THR E 28 -87.07 -24.88 -55.11
CA THR E 28 -87.82 -23.89 -54.37
C THR E 28 -88.15 -24.36 -52.97
N GLY E 29 -87.09 -24.71 -52.19
CA GLY E 29 -87.22 -25.20 -50.83
C GLY E 29 -87.83 -24.20 -49.90
N LYS E 30 -88.27 -24.70 -48.72
CA LYS E 30 -88.89 -23.90 -47.68
C LYS E 30 -87.93 -23.78 -46.53
N GLU E 31 -86.67 -24.22 -46.77
CA GLU E 31 -85.59 -24.18 -45.83
C GLU E 31 -84.32 -24.25 -46.65
N LYS E 32 -84.47 -24.08 -47.99
CA LYS E 32 -83.41 -24.04 -48.97
C LYS E 32 -82.85 -25.41 -49.15
N LEU E 33 -83.77 -26.40 -49.32
CA LEU E 33 -83.55 -27.80 -49.52
C LEU E 33 -83.24 -28.46 -48.19
N PRO E 34 -83.65 -29.72 -47.93
CA PRO E 34 -83.35 -30.49 -46.72
C PRO E 34 -81.97 -30.28 -46.14
N ARG E 35 -81.87 -29.93 -44.84
CA ARG E 35 -80.59 -29.69 -44.22
C ARG E 35 -80.08 -30.98 -43.70
N TYR E 36 -78.90 -31.39 -44.22
CA TYR E 36 -78.28 -32.64 -43.88
C TYR E 36 -77.29 -32.33 -42.80
N TYR E 37 -77.22 -33.23 -41.81
CA TYR E 37 -76.38 -33.10 -40.66
C TYR E 37 -75.84 -34.48 -40.45
N LYS E 38 -74.68 -34.56 -39.77
CA LYS E 38 -74.04 -35.81 -39.51
C LYS E 38 -73.17 -35.59 -38.31
N ASN E 39 -72.83 -36.71 -37.62
CA ASN E 39 -72.05 -36.69 -36.40
C ASN E 39 -70.58 -36.67 -36.77
N ILE E 40 -69.72 -36.51 -35.74
CA ILE E 40 -68.29 -36.41 -35.92
C ILE E 40 -67.64 -37.30 -34.90
N GLY E 41 -68.43 -37.86 -33.95
CA GLY E 41 -67.97 -38.76 -32.93
C GLY E 41 -66.99 -38.13 -31.96
N LEU E 42 -66.37 -38.99 -31.12
CA LEU E 42 -65.42 -38.65 -30.09
C LEU E 42 -66.05 -37.82 -28.99
N GLY E 43 -67.26 -38.24 -28.55
CA GLY E 43 -67.94 -37.66 -27.42
C GLY E 43 -68.52 -36.32 -27.72
N PHE E 44 -68.91 -36.07 -28.99
CA PHE E 44 -69.57 -34.85 -29.39
C PHE E 44 -70.80 -35.24 -30.14
N LYS E 45 -71.86 -34.42 -29.96
CA LYS E 45 -73.15 -34.59 -30.56
C LYS E 45 -73.37 -33.35 -31.36
N THR E 46 -73.94 -33.49 -32.58
CA THR E 46 -74.40 -32.39 -33.40
C THR E 46 -75.47 -31.58 -32.67
N PRO E 47 -75.45 -30.24 -32.67
CA PRO E 47 -76.38 -29.47 -31.85
C PRO E 47 -77.54 -29.12 -32.74
N LYS E 48 -78.48 -28.31 -32.20
CA LYS E 48 -79.66 -27.81 -32.89
C LYS E 48 -79.24 -26.95 -34.05
N GLU E 49 -78.15 -26.16 -33.87
CA GLU E 49 -77.69 -25.12 -34.76
C GLU E 49 -77.33 -25.63 -36.13
N ALA E 50 -76.77 -26.86 -36.22
CA ALA E 50 -76.45 -27.54 -37.47
C ALA E 50 -77.69 -27.79 -38.29
N ILE E 51 -78.73 -28.35 -37.63
CA ILE E 51 -80.00 -28.76 -38.17
C ILE E 51 -80.79 -27.55 -38.63
N GLU E 52 -80.76 -26.47 -37.81
CA GLU E 52 -81.43 -25.22 -38.06
C GLU E 52 -80.80 -24.49 -39.23
N GLY E 53 -79.49 -24.74 -39.46
CA GLY E 53 -78.65 -24.03 -40.39
C GLY E 53 -79.09 -24.11 -41.82
N THR E 54 -78.44 -23.29 -42.66
CA THR E 54 -78.50 -23.43 -44.09
C THR E 54 -77.29 -22.69 -44.63
N TYR E 55 -76.44 -22.15 -43.71
CA TYR E 55 -75.27 -21.32 -43.91
C TYR E 55 -74.29 -21.79 -44.96
N ILE E 56 -73.47 -20.83 -45.46
CA ILE E 56 -72.56 -21.02 -46.57
C ILE E 56 -71.21 -21.52 -46.08
N ASP E 57 -71.03 -21.62 -44.74
CA ASP E 57 -69.91 -22.31 -44.13
C ASP E 57 -69.97 -23.79 -44.46
N LYS E 58 -68.78 -24.41 -44.62
CA LYS E 58 -68.62 -25.79 -45.02
C LYS E 58 -67.34 -26.26 -44.38
N LYS E 59 -66.86 -25.48 -43.39
CA LYS E 59 -65.68 -25.78 -42.61
C LYS E 59 -66.17 -26.30 -41.28
N CYS E 60 -67.51 -26.46 -41.15
CA CYS E 60 -68.21 -27.02 -40.03
C CYS E 60 -68.08 -28.52 -40.20
N PRO E 61 -67.86 -29.35 -39.18
CA PRO E 61 -67.70 -30.79 -39.35
C PRO E 61 -69.01 -31.48 -39.15
N PHE E 62 -70.13 -30.73 -39.00
CA PHE E 62 -71.43 -31.31 -38.86
C PHE E 62 -72.28 -31.07 -40.07
N THR E 63 -71.79 -30.31 -41.07
CA THR E 63 -72.54 -30.06 -42.28
C THR E 63 -71.60 -30.02 -43.47
N GLY E 64 -70.27 -29.95 -43.22
CA GLY E 64 -69.28 -29.76 -44.26
C GLY E 64 -68.84 -31.06 -44.85
N ASN E 65 -67.60 -31.06 -45.39
CA ASN E 65 -66.95 -32.25 -45.90
C ASN E 65 -65.62 -32.42 -45.24
N VAL E 66 -65.25 -31.49 -44.31
CA VAL E 66 -64.08 -31.61 -43.47
C VAL E 66 -64.19 -32.77 -42.52
N SER E 67 -63.03 -33.40 -42.20
CA SER E 67 -62.94 -34.49 -41.28
C SER E 67 -62.02 -34.06 -40.16
N ILE E 68 -62.40 -34.44 -38.92
CA ILE E 68 -61.66 -34.12 -37.72
C ILE E 68 -60.96 -35.38 -37.37
N ARG E 69 -59.62 -35.33 -37.37
CA ARG E 69 -58.79 -36.42 -36.91
C ARG E 69 -57.61 -35.80 -36.21
N GLY E 70 -57.12 -36.47 -35.15
CA GLY E 70 -55.91 -36.08 -34.46
C GLY E 70 -56.22 -35.65 -33.06
N ARG E 71 -55.34 -34.75 -32.54
CA ARG E 71 -55.39 -34.17 -31.22
C ARG E 71 -56.59 -33.30 -30.99
N ILE E 72 -57.13 -33.34 -29.74
CA ILE E 72 -58.22 -32.50 -29.32
C ILE E 72 -57.61 -31.71 -28.22
N LEU E 73 -57.71 -30.36 -28.33
CA LEU E 73 -57.07 -29.42 -27.42
C LEU E 73 -58.18 -28.57 -26.87
N SER E 74 -57.86 -27.78 -25.82
CA SER E 74 -58.78 -26.86 -25.21
C SER E 74 -58.04 -25.56 -25.03
N GLY E 75 -58.78 -24.44 -25.03
CA GLY E 75 -58.18 -23.14 -24.84
C GLY E 75 -59.28 -22.22 -24.41
N VAL E 76 -58.89 -20.99 -24.02
CA VAL E 76 -59.77 -19.95 -23.57
C VAL E 76 -59.76 -18.92 -24.65
N VAL E 77 -60.94 -18.30 -24.97
CA VAL E 77 -61.02 -17.33 -26.04
C VAL E 77 -60.44 -16.05 -25.48
N THR E 78 -59.27 -15.64 -26.05
CA THR E 78 -58.58 -14.42 -25.74
C THR E 78 -59.12 -13.27 -26.57
N LYS E 79 -59.46 -13.52 -27.86
CA LYS E 79 -60.03 -12.50 -28.69
C LYS E 79 -61.13 -13.10 -29.49
N MET E 80 -62.19 -12.31 -29.67
CA MET E 80 -63.16 -12.47 -30.72
C MET E 80 -63.06 -11.14 -31.36
N LYS E 81 -62.85 -11.09 -32.69
CA LYS E 81 -62.96 -9.86 -33.41
C LYS E 81 -63.88 -10.07 -34.56
N MET E 82 -63.32 -10.32 -35.77
CA MET E 82 -64.11 -10.45 -36.97
C MET E 82 -64.75 -11.80 -37.09
N GLN E 83 -65.72 -11.89 -38.02
CA GLN E 83 -66.53 -13.06 -38.29
C GLN E 83 -65.77 -14.29 -38.69
N ARG E 84 -66.33 -15.44 -38.22
CA ARG E 84 -65.94 -16.80 -38.50
C ARG E 84 -64.54 -17.19 -38.09
N THR E 85 -63.90 -16.43 -37.18
CA THR E 85 -62.66 -16.84 -36.61
C THR E 85 -62.60 -16.25 -35.24
N ILE E 86 -61.86 -16.93 -34.34
CA ILE E 86 -61.60 -16.48 -32.99
C ILE E 86 -60.15 -16.78 -32.78
N VAL E 87 -59.56 -16.21 -31.71
CA VAL E 87 -58.21 -16.49 -31.28
C VAL E 87 -58.36 -17.05 -29.90
N ILE E 88 -57.70 -18.19 -29.65
CA ILE E 88 -57.69 -18.86 -28.38
C ILE E 88 -56.27 -18.82 -27.91
N ARG E 89 -56.06 -18.71 -26.59
CA ARG E 89 -54.75 -18.71 -26.00
C ARG E 89 -54.68 -20.04 -25.32
N ARG E 90 -53.62 -20.81 -25.65
CA ARG E 90 -53.50 -22.18 -25.21
C ARG E 90 -52.36 -22.16 -24.24
N ASP E 91 -52.67 -22.41 -22.95
CA ASP E 91 -51.70 -22.47 -21.89
C ASP E 91 -51.22 -23.89 -21.78
N TYR E 92 -49.89 -24.03 -21.55
CA TYR E 92 -49.25 -25.30 -21.42
C TYR E 92 -48.09 -25.11 -20.48
N LEU E 93 -47.55 -26.22 -19.96
CA LEU E 93 -46.43 -26.19 -19.05
C LEU E 93 -45.25 -26.64 -19.84
N HIS E 94 -44.13 -25.90 -19.71
CA HIS E 94 -42.87 -26.26 -20.30
C HIS E 94 -42.08 -26.68 -19.10
N TYR E 95 -41.47 -27.89 -19.17
CA TYR E 95 -40.84 -28.51 -18.05
C TYR E 95 -39.38 -28.14 -18.09
N ILE E 96 -38.87 -27.69 -16.92
CA ILE E 96 -37.49 -27.31 -16.70
C ILE E 96 -37.09 -28.23 -15.59
N ARG E 97 -35.98 -28.99 -15.79
CA ARG E 97 -35.39 -29.81 -14.76
C ARG E 97 -34.21 -29.11 -14.13
N LYS E 98 -33.67 -28.05 -14.79
CA LYS E 98 -32.33 -27.57 -14.53
C LYS E 98 -32.42 -26.65 -13.35
N TYR E 99 -33.44 -25.75 -13.39
CA TYR E 99 -33.99 -25.11 -12.22
C TYR E 99 -35.08 -26.02 -11.74
N ASN E 100 -35.32 -26.01 -10.42
CA ASN E 100 -36.11 -27.02 -9.74
C ASN E 100 -37.52 -26.51 -9.57
N ARG E 101 -37.88 -25.44 -10.33
CA ARG E 101 -39.24 -25.08 -10.64
C ARG E 101 -39.27 -24.94 -12.13
N PHE E 102 -40.49 -24.90 -12.70
CA PHE E 102 -40.69 -24.85 -14.14
C PHE E 102 -41.71 -23.79 -14.43
N GLU E 103 -41.79 -23.38 -15.73
CA GLU E 103 -42.47 -22.17 -16.13
C GLU E 103 -43.57 -22.44 -17.12
N LYS E 104 -44.75 -21.84 -16.86
CA LYS E 104 -45.85 -21.67 -17.80
C LYS E 104 -45.42 -20.96 -19.05
N ARG E 105 -45.94 -21.40 -20.21
CA ARG E 105 -45.73 -20.74 -21.46
C ARG E 105 -47.03 -20.85 -22.20
N HIS E 106 -47.23 -19.99 -23.22
CA HIS E 106 -48.48 -19.97 -23.94
C HIS E 106 -48.17 -19.63 -25.36
N LYS E 107 -49.19 -19.80 -26.22
CA LYS E 107 -49.17 -19.44 -27.60
C LYS E 107 -50.58 -19.04 -27.89
N ASN E 108 -50.76 -18.11 -28.86
CA ASN E 108 -52.06 -17.73 -29.33
C ASN E 108 -52.19 -18.40 -30.67
N MET E 109 -53.40 -18.91 -30.96
CA MET E 109 -53.66 -19.66 -32.16
C MET E 109 -54.96 -19.20 -32.71
N SER E 110 -54.97 -18.74 -33.99
CA SER E 110 -56.18 -18.41 -34.70
C SER E 110 -56.86 -19.71 -35.07
N VAL E 111 -58.19 -19.79 -34.87
CA VAL E 111 -58.94 -21.01 -35.02
C VAL E 111 -60.28 -20.60 -35.58
N HIS E 112 -60.81 -21.38 -36.55
CA HIS E 112 -62.10 -21.11 -37.15
C HIS E 112 -63.20 -21.36 -36.15
N LEU E 113 -64.25 -20.53 -36.25
CA LEU E 113 -65.39 -20.56 -35.39
C LEU E 113 -66.52 -20.64 -36.36
N SER E 114 -67.29 -21.75 -36.28
CA SER E 114 -68.34 -22.03 -37.22
C SER E 114 -69.59 -21.29 -36.80
N PRO E 115 -70.58 -21.11 -37.67
CA PRO E 115 -71.82 -20.43 -37.34
C PRO E 115 -72.78 -21.47 -36.80
N CYS E 116 -72.24 -22.64 -36.42
CA CYS E 116 -72.89 -23.72 -35.75
C CYS E 116 -72.69 -23.49 -34.26
N PHE E 117 -72.01 -22.37 -33.89
CA PHE E 117 -71.82 -21.93 -32.53
C PHE E 117 -72.17 -20.48 -32.59
N ARG E 118 -73.21 -20.08 -31.83
CA ARG E 118 -73.62 -18.71 -31.71
C ARG E 118 -74.13 -18.59 -30.31
N ASP E 119 -74.32 -17.32 -29.84
CA ASP E 119 -74.35 -16.95 -28.44
C ASP E 119 -73.08 -17.33 -27.74
N VAL E 120 -71.95 -16.82 -28.28
CA VAL E 120 -70.63 -17.05 -27.76
C VAL E 120 -70.02 -15.70 -27.51
N GLN E 121 -68.97 -15.65 -26.65
CA GLN E 121 -68.34 -14.43 -26.25
C GLN E 121 -66.94 -14.74 -25.81
N ILE E 122 -66.17 -13.69 -25.47
CA ILE E 122 -64.77 -13.76 -25.07
C ILE E 122 -64.77 -14.19 -23.62
N GLY E 123 -63.78 -15.03 -23.24
CA GLY E 123 -63.63 -15.55 -21.90
C GLY E 123 -64.13 -16.95 -21.84
N ASP E 124 -64.86 -17.39 -22.89
CA ASP E 124 -65.47 -18.70 -23.00
C ASP E 124 -64.40 -19.74 -23.14
N ILE E 125 -64.61 -20.90 -22.48
CA ILE E 125 -63.74 -22.03 -22.60
C ILE E 125 -64.26 -22.77 -23.80
N VAL E 126 -63.35 -23.26 -24.66
CA VAL E 126 -63.74 -23.85 -25.92
C VAL E 126 -62.85 -25.06 -26.13
N THR E 127 -63.41 -26.08 -26.81
CA THR E 127 -62.78 -27.33 -27.12
C THR E 127 -62.67 -27.38 -28.62
N VAL E 128 -61.42 -27.45 -29.14
CA VAL E 128 -61.11 -27.39 -30.55
C VAL E 128 -60.56 -28.75 -30.90
N GLY E 129 -60.60 -29.14 -32.19
CA GLY E 129 -60.08 -30.42 -32.63
C GLY E 129 -59.32 -30.21 -33.89
N GLU E 130 -58.28 -31.04 -34.09
CA GLU E 130 -57.35 -30.99 -35.22
C GLU E 130 -58.07 -31.33 -36.50
N CYS E 131 -57.56 -30.82 -37.63
CA CYS E 131 -58.21 -30.92 -38.90
C CYS E 131 -57.10 -30.69 -39.88
N ARG E 132 -57.38 -30.87 -41.20
CA ARG E 132 -56.46 -30.51 -42.25
C ARG E 132 -56.44 -29.00 -42.32
N PRO E 133 -55.36 -28.32 -42.75
CA PRO E 133 -55.27 -26.87 -42.78
C PRO E 133 -56.37 -26.26 -43.61
N LEU E 134 -57.27 -25.48 -42.97
CA LEU E 134 -58.44 -24.87 -43.56
C LEU E 134 -58.04 -23.62 -44.29
N SER E 135 -57.10 -22.87 -43.69
CA SER E 135 -56.57 -21.64 -44.20
C SER E 135 -55.21 -21.55 -43.56
N LYS E 136 -54.39 -20.58 -44.00
CA LYS E 136 -52.97 -20.51 -43.78
C LYS E 136 -52.57 -20.63 -42.33
N THR E 137 -53.22 -19.86 -41.42
CA THR E 137 -52.98 -19.94 -40.01
C THR E 137 -53.79 -21.06 -39.38
N VAL E 138 -55.06 -21.22 -39.81
CA VAL E 138 -56.03 -22.03 -39.10
C VAL E 138 -55.88 -23.48 -39.50
N ARG E 139 -55.39 -24.31 -38.56
CA ARG E 139 -55.37 -25.76 -38.67
C ARG E 139 -56.54 -26.41 -37.98
N PHE E 140 -57.31 -25.67 -37.15
CA PHE E 140 -58.24 -26.27 -36.21
C PHE E 140 -59.60 -25.66 -36.38
N ASN E 141 -60.60 -26.29 -35.73
CA ASN E 141 -61.98 -25.93 -35.84
C ASN E 141 -62.61 -26.20 -34.50
N VAL E 142 -63.51 -25.30 -34.05
CA VAL E 142 -64.24 -25.39 -32.80
C VAL E 142 -65.26 -26.50 -32.93
N LEU E 143 -65.12 -27.56 -32.09
CA LEU E 143 -66.06 -28.66 -32.05
C LEU E 143 -67.15 -28.43 -31.03
N LYS E 144 -66.83 -27.82 -29.87
CA LYS E 144 -67.84 -27.52 -28.88
C LYS E 144 -67.42 -26.32 -28.11
N VAL E 145 -68.37 -25.39 -27.82
CA VAL E 145 -68.11 -24.27 -26.95
C VAL E 145 -68.80 -24.66 -25.67
N THR E 146 -68.00 -24.89 -24.59
CA THR E 146 -68.51 -25.33 -23.30
C THR E 146 -68.77 -24.12 -22.42
N LYS E 147 -69.81 -24.25 -21.57
CA LYS E 147 -70.03 -23.43 -20.41
C LYS E 147 -70.07 -24.39 -19.27
N ALA E 148 -69.76 -23.92 -18.04
CA ALA E 148 -68.70 -24.50 -17.27
C ALA E 148 -68.56 -23.59 -16.09
N ALA E 149 -68.35 -24.18 -14.89
CA ALA E 149 -68.34 -23.47 -13.64
C ALA E 149 -66.93 -22.97 -13.38
N GLY E 150 -66.82 -21.93 -12.53
CA GLY E 150 -65.68 -21.06 -12.49
C GLY E 150 -65.91 -19.82 -13.30
N THR E 151 -67.12 -19.67 -13.91
CA THR E 151 -67.40 -18.65 -14.89
C THR E 151 -68.62 -17.95 -14.38
N LYS E 152 -69.51 -18.72 -13.69
CA LYS E 152 -70.74 -18.27 -13.05
C LYS E 152 -71.66 -17.51 -13.99
N LYS E 153 -72.57 -16.68 -13.44
CA LYS E 153 -73.93 -16.53 -13.92
C LYS E 153 -74.68 -17.83 -13.84
N GLN E 154 -74.67 -18.44 -12.64
CA GLN E 154 -75.16 -19.76 -12.35
C GLN E 154 -75.88 -19.65 -11.04
N PHE E 155 -75.56 -18.59 -10.26
CA PHE E 155 -76.35 -18.12 -9.14
C PHE E 155 -77.30 -17.16 -9.78
N GLN E 156 -78.60 -17.55 -9.84
CA GLN E 156 -79.63 -16.78 -10.48
C GLN E 156 -80.86 -16.88 -9.65
N LYS E 157 -81.91 -16.12 -10.06
CA LYS E 157 -83.17 -16.06 -9.39
C LYS E 157 -84.23 -15.79 -10.43
N PHE E 158 -83.82 -15.78 -11.72
CA PHE E 158 -84.71 -15.87 -12.85
C PHE E 158 -84.46 -17.20 -13.57
N PRO F 1 57.71 21.45 84.83
CA PRO F 1 56.58 21.23 83.88
C PRO F 1 55.44 22.12 84.27
N LEU F 2 54.57 22.45 83.29
CA LEU F 2 53.50 23.39 83.47
C LEU F 2 52.30 22.78 82.79
N GLN F 3 51.09 23.11 83.30
CA GLN F 3 49.81 22.57 82.87
C GLN F 3 49.55 23.01 81.46
N SER F 4 48.81 22.20 80.66
CA SER F 4 48.75 22.44 79.24
C SER F 4 47.66 21.58 78.64
N VAL F 5 46.93 22.19 77.68
CA VAL F 5 45.99 21.50 76.83
C VAL F 5 46.37 21.92 75.44
N GLN F 6 45.97 21.10 74.43
CA GLN F 6 46.12 21.43 73.04
C GLN F 6 44.76 21.32 72.41
N VAL F 7 44.52 22.17 71.37
CA VAL F 7 43.28 22.21 70.62
C VAL F 7 43.69 22.48 69.19
N PHE F 8 42.70 22.57 68.27
CA PHE F 8 42.98 22.83 66.88
C PHE F 8 41.82 23.60 66.30
N GLY F 9 42.06 24.20 65.12
CA GLY F 9 41.08 24.93 64.37
C GLY F 9 41.27 24.48 62.96
N ARG F 10 40.18 24.50 62.15
CA ARG F 10 40.16 23.86 60.85
C ARG F 10 39.26 24.63 59.94
N LYS F 11 39.87 25.29 58.91
CA LYS F 11 39.15 25.92 57.83
C LYS F 11 39.88 25.41 56.62
N LYS F 12 39.15 24.76 55.67
CA LYS F 12 39.63 24.28 54.38
C LYS F 12 40.77 23.32 54.64
N THR F 13 41.92 23.45 53.92
CA THR F 13 43.17 22.94 54.45
C THR F 13 43.76 24.16 55.11
N ALA F 14 44.04 24.04 56.42
CA ALA F 14 45.03 24.79 57.13
C ALA F 14 44.74 24.54 58.56
N THR F 15 45.31 23.46 59.14
CA THR F 15 45.21 23.20 60.56
C THR F 15 46.02 24.23 61.31
N ALA F 16 45.53 24.60 62.52
CA ALA F 16 46.23 25.52 63.38
C ALA F 16 46.14 24.89 64.72
N VAL F 17 47.26 24.40 65.28
CA VAL F 17 47.24 23.76 66.57
C VAL F 17 47.70 24.82 67.52
N ALA F 18 46.95 24.98 68.63
CA ALA F 18 47.23 25.91 69.68
C ALA F 18 47.57 25.07 70.86
N HIS F 19 48.69 25.41 71.53
CA HIS F 19 49.11 24.82 72.77
C HIS F 19 49.06 25.93 73.78
N CYS F 20 48.13 25.70 74.73
CA CYS F 20 47.56 26.61 75.69
C CYS F 20 48.04 26.16 77.03
N LYS F 21 49.11 26.80 77.53
CA LYS F 21 49.87 26.31 78.64
C LYS F 21 49.93 27.40 79.66
N ARG F 22 50.07 27.00 80.94
CA ARG F 22 50.10 27.82 82.12
C ARG F 22 51.27 28.77 82.05
N GLY F 23 51.03 30.07 82.32
CA GLY F 23 52.07 31.06 82.23
C GLY F 23 51.46 32.33 81.74
N ASN F 24 52.32 33.34 81.49
CA ASN F 24 51.92 34.60 80.95
C ASN F 24 52.83 34.82 79.78
N GLY F 25 52.24 35.05 78.60
CA GLY F 25 52.93 35.67 77.52
C GLY F 25 51.88 36.30 76.68
N LEU F 26 52.08 36.26 75.34
CA LEU F 26 51.14 36.76 74.37
C LEU F 26 50.22 35.63 73.99
N ILE F 27 49.21 35.92 73.16
CA ILE F 27 48.92 35.07 72.01
C ILE F 27 49.92 35.33 70.92
N LYS F 28 50.70 34.29 70.55
CA LYS F 28 51.66 34.38 69.49
C LYS F 28 51.21 33.40 68.46
N VAL F 29 51.28 33.81 67.18
CA VAL F 29 50.95 32.97 66.05
C VAL F 29 52.21 32.99 65.24
N ASN F 30 52.82 31.79 65.07
CA ASN F 30 54.13 31.59 64.48
C ASN F 30 55.19 32.43 65.15
N GLY F 31 55.06 32.59 66.49
CA GLY F 31 56.01 33.28 67.31
C GLY F 31 55.91 34.77 67.30
N ARG F 32 54.92 35.36 66.58
CA ARG F 32 54.79 36.80 66.51
C ARG F 32 53.39 37.20 66.87
N PRO F 33 53.13 38.41 67.43
CA PRO F 33 51.82 38.89 67.82
C PRO F 33 50.85 38.95 66.66
N LEU F 34 49.54 38.86 66.98
CA LEU F 34 48.41 38.86 66.06
C LEU F 34 48.40 40.07 65.17
N GLU F 35 48.86 41.23 65.71
CA GLU F 35 48.94 42.52 65.08
C GLU F 35 49.72 42.52 63.78
N MET F 36 50.83 41.74 63.77
CA MET F 36 51.76 41.64 62.66
C MET F 36 51.21 40.74 61.59
N ILE F 37 52.10 39.93 60.96
CA ILE F 37 51.82 38.77 60.15
C ILE F 37 51.66 39.18 58.71
N GLU F 38 50.60 39.96 58.40
CA GLU F 38 50.24 40.49 57.10
C GLU F 38 49.44 39.40 56.42
N PRO F 39 48.17 39.63 56.14
CA PRO F 39 47.77 40.67 55.20
C PRO F 39 47.38 41.93 55.92
N ARG F 40 46.91 41.83 57.19
CA ARG F 40 46.53 42.92 58.07
C ARG F 40 45.50 43.87 57.49
N THR F 41 44.64 43.36 56.58
CA THR F 41 43.55 44.08 55.98
C THR F 41 42.29 43.43 56.48
N LEU F 42 42.45 42.30 57.22
CA LEU F 42 41.37 41.52 57.75
C LEU F 42 41.46 41.58 59.25
N GLN F 43 42.40 42.43 59.77
CA GLN F 43 43.09 42.32 61.04
C GLN F 43 42.18 42.19 62.23
N TYR F 44 41.07 42.95 62.22
CA TYR F 44 40.12 43.08 63.30
C TYR F 44 39.44 41.77 63.62
N LYS F 45 39.32 40.87 62.62
CA LYS F 45 38.67 39.59 62.71
C LYS F 45 39.34 38.68 63.72
N LEU F 46 40.70 38.66 63.75
CA LEU F 46 41.45 37.75 64.59
C LEU F 46 41.70 38.36 65.94
N LEU F 47 41.63 39.70 66.04
CA LEU F 47 41.61 40.43 67.29
C LEU F 47 40.31 40.19 68.02
N GLU F 48 39.19 40.07 67.27
CA GLU F 48 37.80 40.07 67.73
C GLU F 48 37.48 39.24 68.96
N PRO F 49 37.79 37.94 69.14
CA PRO F 49 37.43 37.17 70.33
C PRO F 49 38.13 37.72 71.55
N VAL F 50 39.41 38.13 71.40
CA VAL F 50 40.30 38.60 72.43
C VAL F 50 39.73 39.85 73.07
N LEU F 51 39.28 40.80 72.23
CA LEU F 51 38.64 42.04 72.64
C LEU F 51 37.30 41.82 73.31
N LEU F 52 36.46 40.92 72.76
CA LEU F 52 35.14 40.57 73.26
C LEU F 52 35.16 40.03 74.68
N LEU F 53 36.22 39.28 75.04
CA LEU F 53 36.22 38.46 76.23
C LEU F 53 37.37 38.91 77.12
N GLY F 54 37.94 40.11 76.84
CA GLY F 54 39.01 40.70 77.63
C GLY F 54 40.31 40.01 77.39
N LYS F 55 41.44 40.68 77.71
CA LYS F 55 42.77 40.19 77.43
C LYS F 55 43.32 39.55 78.68
N GLU F 56 42.64 39.76 79.83
CA GLU F 56 42.99 39.20 81.12
C GLU F 56 42.90 37.70 81.13
N ARG F 57 41.86 37.15 80.45
CA ARG F 57 41.65 35.74 80.28
C ARG F 57 42.74 35.06 79.49
N PHE F 58 43.23 35.72 78.41
CA PHE F 58 44.19 35.14 77.48
C PHE F 58 45.60 35.47 77.90
N ALA F 59 45.76 36.10 79.10
CA ALA F 59 47.05 36.45 79.64
C ALA F 59 47.26 35.67 80.92
N GLY F 60 46.25 34.85 81.32
CA GLY F 60 46.36 33.89 82.39
C GLY F 60 47.00 32.62 81.89
N VAL F 61 47.21 32.54 80.56
CA VAL F 61 47.71 31.40 79.85
C VAL F 61 48.57 32.01 78.77
N ASP F 62 49.69 31.35 78.42
CA ASP F 62 50.47 31.70 77.28
C ASP F 62 49.93 30.78 76.22
N ILE F 63 49.72 31.35 75.01
CA ILE F 63 49.15 30.67 73.89
C ILE F 63 50.12 30.85 72.78
N ARG F 64 50.60 29.71 72.23
CA ARG F 64 51.53 29.71 71.15
C ARG F 64 50.92 28.72 70.20
N VAL F 65 51.04 29.05 68.89
CA VAL F 65 50.25 28.46 67.84
C VAL F 65 51.24 28.19 66.75
N ARG F 66 51.09 27.02 66.07
CA ARG F 66 51.86 26.69 64.90
C ARG F 66 50.83 26.43 63.84
N VAL F 67 50.97 27.14 62.70
CA VAL F 67 50.07 27.10 61.58
C VAL F 67 50.81 26.62 60.38
N LYS F 68 50.23 25.63 59.66
CA LYS F 68 50.70 25.25 58.35
C LYS F 68 49.47 24.95 57.55
N GLY F 69 49.65 24.72 56.22
CA GLY F 69 48.59 24.43 55.30
C GLY F 69 47.89 25.68 54.84
N GLY F 70 47.09 25.52 53.76
CA GLY F 70 46.35 26.56 53.09
C GLY F 70 47.13 27.79 52.71
N GLY F 71 46.45 28.95 52.79
CA GLY F 71 46.99 30.22 52.39
C GLY F 71 46.61 31.18 53.47
N HIS F 72 46.73 32.49 53.18
CA HIS F 72 46.69 33.55 54.16
C HIS F 72 45.37 33.71 54.87
N VAL F 73 44.23 33.65 54.14
CA VAL F 73 42.90 33.78 54.70
C VAL F 73 42.51 32.53 55.46
N ALA F 74 42.75 31.33 54.86
CA ALA F 74 42.53 30.01 55.43
C ALA F 74 43.06 29.89 56.84
N GLN F 75 44.29 30.42 57.05
CA GLN F 75 45.05 30.39 58.27
C GLN F 75 44.41 31.28 59.30
N ILE F 76 44.06 32.56 58.94
CA ILE F 76 43.37 33.55 59.78
C ILE F 76 42.16 32.96 60.47
N TYR F 77 41.27 32.30 59.69
CA TYR F 77 40.05 31.72 60.18
C TYR F 77 40.32 30.59 61.15
N ALA F 78 41.32 29.73 60.81
CA ALA F 78 41.79 28.60 61.59
C ALA F 78 42.32 28.99 62.95
N ILE F 79 43.20 30.03 63.00
CA ILE F 79 43.83 30.55 64.21
C ILE F 79 42.80 31.07 65.17
N ARG F 80 41.77 31.80 64.66
CA ARG F 80 40.73 32.43 65.47
C ARG F 80 39.94 31.36 66.20
N GLN F 81 39.63 30.26 65.48
CA GLN F 81 38.94 29.10 66.00
C GLN F 81 39.73 28.41 67.07
N SER F 82 41.07 28.23 66.86
CA SER F 82 41.94 27.57 67.81
C SER F 82 42.17 28.35 69.08
N ILE F 83 42.28 29.71 69.04
CA ILE F 83 42.57 30.51 70.21
C ILE F 83 41.38 30.55 71.16
N SER F 84 40.16 30.77 70.63
CA SER F 84 38.96 30.81 71.44
C SER F 84 38.69 29.46 72.09
N LYS F 85 38.87 28.37 71.31
CA LYS F 85 38.73 26.98 71.72
C LYS F 85 39.72 26.62 72.79
N ALA F 86 40.95 27.16 72.69
CA ALA F 86 42.09 26.99 73.58
C ALA F 86 41.74 27.43 74.96
N LEU F 87 41.42 28.73 75.12
CA LEU F 87 40.95 29.36 76.33
C LEU F 87 39.90 28.55 77.05
N VAL F 88 38.81 28.17 76.32
CA VAL F 88 37.70 27.38 76.80
C VAL F 88 38.15 26.02 77.29
N ALA F 89 38.99 25.30 76.49
CA ALA F 89 39.59 24.01 76.80
C ALA F 89 40.37 23.97 78.08
N TYR F 90 41.16 25.05 78.34
CA TYR F 90 41.99 25.20 79.52
C TYR F 90 41.12 25.36 80.74
N TYR F 91 40.06 26.20 80.66
CA TYR F 91 39.16 26.46 81.75
C TYR F 91 38.25 25.30 82.04
N GLN F 92 38.05 24.39 81.06
CA GLN F 92 37.07 23.34 81.14
C GLN F 92 37.57 22.20 81.99
N LYS F 93 38.89 21.93 81.95
CA LYS F 93 39.48 20.87 82.73
C LYS F 93 40.11 21.36 84.01
N TYR F 94 40.61 22.63 84.05
CA TYR F 94 41.42 23.08 85.16
C TYR F 94 40.79 24.13 86.03
N VAL F 95 40.26 25.22 85.43
CA VAL F 95 39.69 26.33 86.19
C VAL F 95 38.26 26.00 86.57
N ASP F 96 37.25 26.44 85.78
CA ASP F 96 35.88 26.19 86.15
C ASP F 96 35.03 26.32 84.92
N GLU F 97 33.84 25.69 84.99
CA GLU F 97 32.89 25.53 83.92
C GLU F 97 32.22 26.84 83.59
N ALA F 98 31.88 27.66 84.61
CA ALA F 98 31.16 28.90 84.44
C ALA F 98 31.87 29.89 83.54
N SER F 99 33.22 29.94 83.61
CA SER F 99 34.05 30.76 82.76
C SER F 99 34.00 30.33 81.32
N LYS F 100 34.22 29.03 81.05
CA LYS F 100 34.21 28.45 79.72
C LYS F 100 32.87 28.59 79.05
N LYS F 101 31.78 28.36 79.83
CA LYS F 101 30.40 28.46 79.43
C LYS F 101 30.02 29.86 79.03
N GLU F 102 30.49 30.88 79.79
CA GLU F 102 30.32 32.30 79.51
C GLU F 102 30.90 32.69 78.18
N ILE F 103 32.07 32.09 77.83
CA ILE F 103 32.78 32.36 76.60
C ILE F 103 32.00 31.74 75.47
N LYS F 104 31.49 30.49 75.67
CA LYS F 104 30.73 29.80 74.67
C LYS F 104 29.45 30.53 74.32
N ASP F 105 28.73 31.09 75.33
CA ASP F 105 27.57 31.94 75.14
C ASP F 105 27.82 33.12 74.23
N ILE F 106 28.87 33.93 74.56
CA ILE F 106 29.21 35.17 73.88
C ILE F 106 29.53 34.96 72.42
N LEU F 107 30.22 33.85 72.09
CA LEU F 107 30.70 33.55 70.76
C LEU F 107 29.60 33.06 69.87
N ILE F 108 29.00 31.89 70.22
CA ILE F 108 27.96 31.16 69.53
C ILE F 108 26.77 31.97 69.03
N GLN F 109 26.45 33.12 69.68
CA GLN F 109 25.25 33.89 69.38
C GLN F 109 25.36 34.62 68.05
N TYR F 110 26.32 35.57 67.90
CA TYR F 110 26.61 36.19 66.62
C TYR F 110 27.15 35.19 65.61
N ASP F 111 28.04 34.28 66.08
CA ASP F 111 28.44 33.03 65.47
C ASP F 111 29.42 33.22 64.34
N ARG F 112 30.33 32.23 64.18
CA ARG F 112 31.54 32.39 63.44
C ARG F 112 32.15 31.00 63.32
N THR F 113 31.44 29.96 63.83
CA THR F 113 31.83 28.55 63.88
C THR F 113 33.22 28.33 64.44
N LEU F 114 33.43 28.76 65.71
CA LEU F 114 34.71 28.69 66.37
C LEU F 114 34.78 27.56 67.36
N LEU F 115 33.71 26.75 67.46
CA LEU F 115 33.70 25.62 68.37
C LEU F 115 33.13 24.42 67.64
N VAL F 116 32.74 24.59 66.35
CA VAL F 116 32.26 23.52 65.51
C VAL F 116 33.04 23.65 64.24
N ALA F 117 33.33 22.49 63.60
CA ALA F 117 34.17 22.40 62.44
C ALA F 117 33.42 22.80 61.20
N ASP F 118 34.17 23.32 60.19
CA ASP F 118 33.62 23.67 58.90
C ASP F 118 33.69 22.42 58.07
N PRO F 119 32.68 22.01 57.31
CA PRO F 119 32.75 20.81 56.50
C PRO F 119 33.52 21.01 55.22
N ARG F 120 33.71 22.27 54.75
CA ARG F 120 33.96 22.49 53.34
C ARG F 120 35.42 22.39 53.02
N ARG F 121 35.73 21.44 52.12
CA ARG F 121 37.03 21.09 51.64
C ARG F 121 36.79 20.94 50.17
N CYS F 122 37.88 20.95 49.35
CA CYS F 122 37.83 21.01 47.91
C CYS F 122 37.06 19.86 47.31
N GLU F 123 36.24 20.18 46.29
CA GLU F 123 35.48 19.24 45.51
C GLU F 123 36.34 18.82 44.34
N SER F 124 36.32 17.50 44.03
CA SER F 124 37.13 16.87 43.01
C SER F 124 36.78 17.37 41.62
N LYS F 125 37.82 17.44 40.76
CA LYS F 125 37.68 17.78 39.36
C LYS F 125 37.40 16.51 38.61
N LYS F 126 36.52 16.61 37.60
CA LYS F 126 36.12 15.53 36.75
C LYS F 126 36.44 16.01 35.36
N PHE F 127 36.85 15.05 34.49
CA PHE F 127 37.33 15.25 33.15
C PHE F 127 36.28 15.80 32.22
N GLY F 128 36.76 16.32 31.06
CA GLY F 128 35.92 16.84 30.01
C GLY F 128 35.64 18.29 30.20
N GLY F 129 36.28 18.95 31.20
CA GLY F 129 36.17 20.37 31.37
C GLY F 129 37.53 20.91 31.69
N PRO F 130 37.71 22.23 31.70
CA PRO F 130 38.90 22.87 32.18
C PRO F 130 38.79 23.12 33.67
N GLY F 131 37.56 23.13 34.24
CA GLY F 131 37.34 23.35 35.64
C GLY F 131 36.67 22.14 36.21
N ALA F 132 36.31 22.23 37.52
CA ALA F 132 35.61 21.18 38.22
C ALA F 132 34.21 21.00 37.70
N ARG F 133 33.43 22.10 37.58
CA ARG F 133 32.09 22.06 37.04
C ARG F 133 32.04 22.81 35.75
N ALA F 134 33.03 23.70 35.47
CA ALA F 134 33.18 24.35 34.18
C ALA F 134 33.47 23.32 33.12
N ARG F 135 32.93 23.54 31.90
CA ARG F 135 33.02 22.59 30.83
C ARG F 135 33.36 23.33 29.57
N TYR F 136 34.01 22.64 28.60
CA TYR F 136 34.55 23.24 27.39
C TYR F 136 33.40 23.68 26.53
N GLN F 137 33.60 24.77 25.74
CA GLN F 137 32.59 25.22 24.81
C GLN F 137 32.30 24.21 23.73
N LYS F 138 31.00 24.06 23.42
CA LYS F 138 30.50 23.20 22.38
C LYS F 138 30.30 24.06 21.18
N SER F 139 30.14 23.41 20.01
CA SER F 139 30.03 24.07 18.75
C SER F 139 29.06 23.26 17.95
N TYR F 140 28.22 23.97 17.17
CA TYR F 140 26.98 23.46 16.69
C TYR F 140 26.80 24.15 15.37
N ARG F 141 26.24 23.40 14.39
CA ARG F 141 25.86 23.96 13.12
C ARG F 141 24.35 24.26 13.13
N MET G 1 -29.67 -32.11 -50.75
CA MET G 1 -30.31 -33.07 -51.69
C MET G 1 -30.39 -34.46 -51.10
N ALA G 2 -30.72 -35.45 -51.96
CA ALA G 2 -31.90 -36.29 -51.80
C ALA G 2 -32.73 -35.93 -52.99
N ARG G 3 -32.60 -36.72 -54.08
CA ARG G 3 -33.41 -36.58 -55.26
C ARG G 3 -34.19 -37.85 -55.52
N GLY G 4 -34.26 -38.76 -54.52
CA GLY G 4 -34.90 -40.03 -54.70
C GLY G 4 -34.44 -40.98 -53.64
N PRO G 5 -35.06 -42.15 -53.54
CA PRO G 5 -34.82 -43.12 -52.48
C PRO G 5 -33.50 -43.83 -52.66
N LYS G 6 -32.84 -44.15 -51.51
CA LYS G 6 -31.62 -44.92 -51.43
C LYS G 6 -31.83 -46.35 -51.86
N LYS G 7 -30.77 -46.95 -52.42
CA LYS G 7 -30.75 -48.32 -52.88
C LYS G 7 -29.68 -49.05 -52.11
N HIS G 8 -29.20 -48.44 -51.00
CA HIS G 8 -28.13 -48.99 -50.20
C HIS G 8 -28.59 -48.85 -48.77
N LEU G 9 -28.03 -49.71 -47.89
CA LEU G 9 -28.15 -49.54 -46.46
C LEU G 9 -26.85 -49.99 -45.90
N LYS G 10 -26.26 -49.13 -45.04
CA LYS G 10 -25.04 -49.39 -44.33
C LYS G 10 -25.30 -50.27 -43.14
N ARG G 11 -24.29 -51.09 -42.76
CA ARG G 11 -24.30 -51.84 -41.53
C ARG G 11 -23.95 -50.88 -40.42
N VAL G 12 -24.45 -51.17 -39.19
CA VAL G 12 -24.35 -50.34 -38.01
C VAL G 12 -25.33 -49.21 -38.19
N ALA G 13 -26.54 -49.59 -38.66
CA ALA G 13 -27.65 -48.71 -38.90
C ALA G 13 -28.80 -49.61 -39.30
N ALA G 14 -28.55 -50.94 -39.39
CA ALA G 14 -29.56 -51.95 -39.63
C ALA G 14 -30.16 -52.38 -38.31
N PRO G 15 -31.42 -52.84 -38.27
CA PRO G 15 -32.08 -53.35 -37.07
C PRO G 15 -31.34 -54.45 -36.36
N LYS G 16 -31.23 -54.33 -35.02
CA LYS G 16 -30.43 -55.15 -34.12
C LYS G 16 -30.74 -56.62 -34.23
N HIS G 17 -32.05 -56.96 -34.36
CA HIS G 17 -32.58 -58.30 -34.23
C HIS G 17 -32.32 -59.18 -35.43
N TRP G 18 -31.58 -58.70 -36.45
CA TRP G 18 -31.16 -59.49 -37.58
C TRP G 18 -29.92 -60.26 -37.20
N MET G 19 -29.23 -59.79 -36.14
CA MET G 19 -28.03 -60.35 -35.57
C MET G 19 -26.87 -60.31 -36.53
N LEU G 20 -26.60 -59.11 -37.08
CA LEU G 20 -25.38 -58.81 -37.80
C LEU G 20 -24.37 -58.27 -36.81
N ASP G 21 -23.11 -58.18 -37.30
CA ASP G 21 -21.96 -57.69 -36.57
C ASP G 21 -21.98 -56.18 -36.49
N LYS G 22 -21.03 -55.60 -35.72
CA LYS G 22 -20.74 -54.19 -35.73
C LYS G 22 -19.90 -53.84 -36.94
N LEU G 23 -18.91 -52.92 -36.79
CA LEU G 23 -18.10 -52.45 -37.88
C LEU G 23 -16.96 -53.42 -38.09
N THR G 24 -17.18 -54.32 -39.07
CA THR G 24 -16.28 -55.34 -39.55
C THR G 24 -16.73 -55.57 -40.98
N SER G 25 -17.89 -54.98 -41.35
CA SER G 25 -18.43 -54.93 -42.68
C SER G 25 -19.14 -53.61 -42.68
N VAL G 26 -19.13 -52.91 -43.83
CA VAL G 26 -19.58 -51.53 -43.92
C VAL G 26 -20.91 -51.45 -44.61
N PHE G 27 -21.49 -52.60 -45.01
CA PHE G 27 -22.73 -52.64 -45.73
C PHE G 27 -23.46 -53.85 -45.25
N ALA G 28 -24.78 -53.67 -45.04
CA ALA G 28 -25.70 -54.70 -44.62
C ALA G 28 -26.39 -55.19 -45.86
N PRO G 29 -27.00 -56.37 -45.88
CA PRO G 29 -27.66 -56.92 -47.06
C PRO G 29 -28.78 -56.10 -47.61
N ARG G 30 -29.63 -55.49 -46.75
CA ARG G 30 -30.82 -54.74 -47.11
C ARG G 30 -31.90 -55.59 -47.77
N PRO G 31 -33.14 -55.69 -47.26
CA PRO G 31 -34.20 -56.45 -47.90
C PRO G 31 -34.58 -55.87 -49.23
N SER G 32 -35.12 -56.70 -50.15
CA SER G 32 -35.74 -56.23 -51.37
C SER G 32 -37.14 -55.75 -51.02
N THR G 33 -37.79 -54.99 -51.93
CA THR G 33 -39.20 -54.67 -51.86
C THR G 33 -40.01 -55.94 -51.92
N GLY G 34 -41.12 -56.02 -51.16
CA GLY G 34 -41.87 -57.25 -51.14
C GLY G 34 -43.09 -57.08 -50.29
N PRO G 35 -43.55 -58.14 -49.62
CA PRO G 35 -44.83 -58.14 -48.94
C PRO G 35 -44.72 -57.61 -47.53
N HIS G 36 -43.49 -57.43 -46.99
CA HIS G 36 -43.30 -57.04 -45.61
C HIS G 36 -42.37 -55.86 -45.59
N LYS G 37 -42.39 -55.12 -44.45
CA LYS G 37 -41.65 -53.89 -44.26
C LYS G 37 -40.29 -54.24 -43.77
N LEU G 38 -39.28 -53.39 -44.11
CA LEU G 38 -37.88 -53.77 -44.12
C LEU G 38 -37.31 -53.92 -42.74
N ARG G 39 -37.94 -53.30 -41.72
CA ARG G 39 -37.53 -53.34 -40.33
C ARG G 39 -37.63 -54.74 -39.78
N GLU G 40 -38.75 -55.44 -40.11
CA GLU G 40 -39.13 -56.69 -39.49
C GLU G 40 -38.64 -57.84 -40.34
N CYS G 41 -38.00 -57.56 -41.50
CA CYS G 41 -37.58 -58.58 -42.45
C CYS G 41 -36.27 -59.19 -42.03
N LEU G 42 -35.91 -60.28 -42.74
CA LEU G 42 -34.72 -61.05 -42.52
C LEU G 42 -34.31 -61.40 -43.93
N PRO G 43 -33.41 -60.65 -44.60
CA PRO G 43 -32.82 -61.01 -45.87
C PRO G 43 -32.30 -62.42 -45.91
N LEU G 44 -32.71 -63.20 -46.95
CA LEU G 44 -32.37 -64.59 -47.22
C LEU G 44 -30.95 -64.97 -46.93
N ILE G 45 -29.99 -64.10 -47.32
CA ILE G 45 -28.57 -64.23 -47.13
C ILE G 45 -28.16 -64.46 -45.69
N ILE G 46 -28.68 -63.65 -44.73
CA ILE G 46 -28.40 -63.77 -43.30
C ILE G 46 -28.80 -65.11 -42.76
N PHE G 47 -29.92 -65.69 -43.26
CA PHE G 47 -30.39 -66.98 -42.84
C PHE G 47 -29.49 -68.05 -43.41
N LEU G 48 -29.28 -68.01 -44.74
CA LEU G 48 -28.54 -68.99 -45.50
C LEU G 48 -27.08 -69.17 -45.15
N ARG G 49 -26.31 -68.06 -44.99
CA ARG G 49 -24.87 -68.14 -44.76
C ARG G 49 -24.36 -67.61 -43.46
N ASN G 50 -25.20 -67.01 -42.58
CA ASN G 50 -24.73 -66.52 -41.29
C ASN G 50 -25.30 -67.35 -40.19
N LYS G 51 -26.43 -68.08 -40.44
CA LYS G 51 -27.01 -68.94 -39.44
C LYS G 51 -26.83 -70.37 -39.87
N LEU G 52 -27.06 -70.70 -41.15
CA LEU G 52 -26.93 -72.06 -41.63
C LEU G 52 -25.62 -72.28 -42.34
N LYS G 53 -24.86 -71.19 -42.62
CA LYS G 53 -23.46 -71.20 -42.99
C LYS G 53 -23.12 -72.09 -44.16
N TYR G 54 -23.75 -71.84 -45.33
CA TYR G 54 -23.52 -72.58 -46.54
C TYR G 54 -22.67 -71.80 -47.51
N ALA G 55 -22.15 -70.61 -47.11
CA ALA G 55 -21.36 -69.79 -47.99
C ALA G 55 -20.42 -69.02 -47.12
N LEU G 56 -19.22 -68.73 -47.67
CA LEU G 56 -18.22 -67.92 -47.01
C LEU G 56 -17.82 -66.79 -47.92
N THR G 57 -18.49 -66.64 -49.10
CA THR G 57 -18.36 -65.49 -49.95
C THR G 57 -19.76 -65.09 -50.33
N GLY G 58 -19.89 -63.90 -50.96
CA GLY G 58 -21.08 -63.45 -51.62
C GLY G 58 -21.25 -64.07 -52.99
N ASP G 59 -20.14 -64.50 -53.62
CA ASP G 59 -20.10 -65.12 -54.93
C ASP G 59 -20.88 -66.42 -54.92
N GLU G 60 -20.66 -67.23 -53.85
CA GLU G 60 -21.38 -68.46 -53.58
C GLU G 60 -22.86 -68.26 -53.40
N VAL G 61 -23.29 -67.21 -52.64
CA VAL G 61 -24.69 -66.91 -52.38
C VAL G 61 -25.50 -66.76 -53.66
N LYS G 62 -24.97 -66.03 -54.67
CA LYS G 62 -25.61 -65.89 -55.96
C LYS G 62 -25.75 -67.20 -56.69
N LYS G 63 -24.69 -68.04 -56.63
CA LYS G 63 -24.62 -69.34 -57.28
C LYS G 63 -25.57 -70.35 -56.68
N ILE G 64 -25.75 -70.34 -55.33
CA ILE G 64 -26.73 -71.09 -54.58
C ILE G 64 -28.12 -70.79 -55.08
N CYS G 65 -28.48 -69.48 -55.20
CA CYS G 65 -29.79 -69.01 -55.54
C CYS G 65 -30.19 -69.46 -56.93
N MET G 66 -29.24 -69.39 -57.90
CA MET G 66 -29.47 -69.76 -59.29
C MET G 66 -29.76 -71.23 -59.48
N GLN G 67 -29.40 -72.12 -58.51
CA GLN G 67 -29.71 -73.54 -58.55
C GLN G 67 -31.20 -73.77 -58.50
N ARG G 68 -31.92 -72.80 -57.90
CA ARG G 68 -33.32 -72.80 -57.56
C ARG G 68 -33.77 -74.01 -56.79
N PHE G 69 -33.08 -74.27 -55.66
CA PHE G 69 -33.32 -75.41 -54.81
C PHE G 69 -34.12 -74.92 -53.63
N ILE G 70 -34.44 -73.61 -53.62
CA ILE G 70 -35.03 -72.92 -52.50
C ILE G 70 -36.35 -72.41 -53.01
N LYS G 71 -37.44 -72.81 -52.33
CA LYS G 71 -38.76 -72.26 -52.48
C LYS G 71 -39.02 -71.54 -51.19
N ILE G 72 -39.72 -70.40 -51.27
CA ILE G 72 -40.12 -69.65 -50.09
C ILE G 72 -41.59 -69.43 -50.31
N ASP G 73 -42.40 -70.03 -49.41
CA ASP G 73 -43.85 -70.01 -49.39
C ASP G 73 -44.41 -70.83 -50.52
N GLY G 74 -43.74 -71.97 -50.82
CA GLY G 74 -44.17 -72.94 -51.80
C GLY G 74 -43.88 -72.53 -53.22
N LYS G 75 -43.21 -71.38 -53.43
CA LYS G 75 -43.08 -70.76 -54.72
C LYS G 75 -41.62 -70.49 -54.88
N VAL G 76 -41.12 -70.37 -56.14
CA VAL G 76 -39.74 -70.67 -56.45
C VAL G 76 -39.09 -69.33 -56.57
N ARG G 77 -38.16 -69.07 -55.62
CA ARG G 77 -37.46 -67.81 -55.51
C ARG G 77 -36.02 -68.01 -55.88
N ALA G 78 -35.33 -66.88 -56.13
CA ALA G 78 -34.01 -66.85 -56.71
C ALA G 78 -33.43 -65.51 -56.33
N ASP G 79 -34.09 -64.78 -55.39
CA ASP G 79 -33.72 -63.46 -54.95
C ASP G 79 -32.70 -63.65 -53.85
N ILE G 80 -31.60 -62.86 -53.90
CA ILE G 80 -30.47 -62.99 -53.01
C ILE G 80 -30.73 -62.39 -51.64
N THR G 81 -31.75 -61.52 -51.51
CA THR G 81 -32.01 -60.76 -50.30
C THR G 81 -33.51 -60.75 -50.17
N TYR G 82 -34.15 -61.94 -50.24
CA TYR G 82 -35.60 -62.09 -50.21
C TYR G 82 -36.15 -61.55 -48.90
N PRO G 83 -37.21 -60.76 -48.88
CA PRO G 83 -37.74 -60.15 -47.66
C PRO G 83 -38.71 -61.10 -46.98
N ALA G 84 -38.19 -62.13 -46.27
CA ALA G 84 -38.99 -63.04 -45.50
C ALA G 84 -39.36 -62.35 -44.21
N GLY G 85 -40.43 -62.83 -43.54
CA GLY G 85 -40.95 -62.16 -42.38
C GLY G 85 -41.47 -63.19 -41.44
N PHE G 86 -42.59 -62.84 -40.74
CA PHE G 86 -43.10 -63.59 -39.63
C PHE G 86 -43.99 -64.70 -40.15
N MET G 87 -43.65 -65.95 -39.76
CA MET G 87 -44.26 -67.20 -40.15
C MET G 87 -44.15 -67.46 -41.63
N ASP G 88 -43.07 -66.97 -42.27
CA ASP G 88 -42.74 -67.31 -43.63
C ASP G 88 -41.91 -68.55 -43.56
N VAL G 89 -42.27 -69.55 -44.39
CA VAL G 89 -41.64 -70.84 -44.41
C VAL G 89 -40.72 -70.91 -45.60
N ILE G 90 -39.51 -71.47 -45.35
CA ILE G 90 -38.43 -71.60 -46.28
C ILE G 90 -38.37 -73.09 -46.46
N SER G 91 -38.27 -73.54 -47.72
CA SER G 91 -38.40 -74.92 -48.09
C SER G 91 -37.19 -75.21 -48.90
N ILE G 92 -36.32 -76.10 -48.36
CA ILE G 92 -35.14 -76.56 -49.05
C ILE G 92 -35.59 -77.89 -49.58
N ASP G 93 -35.50 -78.02 -50.93
CA ASP G 93 -36.08 -79.12 -51.66
C ASP G 93 -35.03 -80.14 -51.96
N LYS G 94 -33.77 -79.90 -51.51
CA LYS G 94 -32.64 -80.71 -51.85
C LYS G 94 -32.34 -81.61 -50.66
N THR G 95 -33.00 -81.35 -49.51
CA THR G 95 -32.64 -81.96 -48.25
C THR G 95 -33.94 -82.27 -47.53
N GLY G 96 -35.05 -81.60 -47.89
CA GLY G 96 -36.37 -81.94 -47.42
C GLY G 96 -36.64 -81.34 -46.07
N GLU G 97 -36.04 -80.15 -45.81
CA GLU G 97 -36.04 -79.51 -44.52
C GLU G 97 -36.76 -78.23 -44.68
N ASN G 98 -37.74 -77.97 -43.77
CA ASN G 98 -38.56 -76.79 -43.81
C ASN G 98 -38.32 -76.05 -42.53
N PHE G 99 -37.97 -74.76 -42.65
CA PHE G 99 -37.62 -73.91 -41.54
C PHE G 99 -38.60 -72.79 -41.57
N ARG G 100 -39.02 -72.31 -40.39
CA ARG G 100 -39.92 -71.19 -40.28
C ARG G 100 -39.27 -70.23 -39.34
N LEU G 101 -39.63 -68.94 -39.46
CA LEU G 101 -39.05 -67.86 -38.71
C LEU G 101 -40.07 -67.41 -37.73
N ILE G 102 -39.71 -67.46 -36.42
CA ILE G 102 -40.56 -67.03 -35.35
C ILE G 102 -39.59 -66.50 -34.33
N TYR G 103 -39.99 -65.47 -33.58
CA TYR G 103 -39.14 -64.78 -32.64
C TYR G 103 -38.88 -65.62 -31.41
N ASP G 104 -37.60 -65.60 -30.94
CA ASP G 104 -37.26 -65.90 -29.56
C ASP G 104 -37.71 -64.74 -28.71
N THR G 105 -37.96 -65.02 -27.41
CA THR G 105 -38.24 -64.00 -26.42
C THR G 105 -36.95 -63.32 -26.00
N LYS G 106 -35.77 -63.91 -26.32
CA LYS G 106 -34.50 -63.21 -26.39
C LYS G 106 -34.53 -62.09 -27.39
N GLY G 107 -35.13 -62.32 -28.57
CA GLY G 107 -35.32 -61.31 -29.58
C GLY G 107 -34.51 -61.61 -30.80
N ARG G 108 -34.11 -62.89 -30.97
CA ARG G 108 -33.32 -63.33 -32.10
C ARG G 108 -34.15 -64.27 -32.91
N PHE G 109 -34.11 -64.12 -34.28
CA PHE G 109 -34.83 -64.97 -35.22
C PHE G 109 -34.43 -66.41 -35.00
N ALA G 110 -35.42 -67.32 -34.90
CA ALA G 110 -35.16 -68.69 -34.57
C ALA G 110 -35.03 -69.50 -35.81
N VAL G 111 -34.11 -70.49 -35.75
CA VAL G 111 -33.94 -71.49 -36.76
C VAL G 111 -34.77 -72.61 -36.19
N HIS G 112 -35.94 -72.87 -36.81
CA HIS G 112 -36.97 -73.64 -36.19
C HIS G 112 -37.51 -74.54 -37.25
N ARG G 113 -36.95 -75.79 -37.31
CA ARG G 113 -37.35 -76.81 -38.23
C ARG G 113 -38.75 -77.24 -37.90
N ILE G 114 -39.60 -77.40 -38.93
CA ILE G 114 -40.95 -77.87 -38.80
C ILE G 114 -41.10 -78.97 -39.79
N THR G 115 -42.12 -79.83 -39.59
CA THR G 115 -42.42 -80.95 -40.44
C THR G 115 -43.03 -80.44 -41.72
N PRO G 116 -43.04 -81.17 -42.83
CA PRO G 116 -43.59 -80.68 -44.08
C PRO G 116 -45.10 -80.64 -44.04
N GLU G 117 -45.73 -81.25 -43.00
CA GLU G 117 -47.15 -81.17 -42.70
C GLU G 117 -47.51 -79.77 -42.24
N GLU G 118 -46.66 -79.17 -41.39
CA GLU G 118 -46.87 -77.86 -40.83
C GLU G 118 -46.38 -76.79 -41.76
N ALA G 119 -45.66 -77.19 -42.83
CA ALA G 119 -45.15 -76.28 -43.84
C ALA G 119 -46.07 -76.21 -45.01
N LYS G 120 -47.20 -76.96 -44.99
CA LYS G 120 -48.28 -76.84 -45.95
C LYS G 120 -48.98 -75.52 -45.84
N TYR G 121 -49.18 -75.04 -44.59
CA TYR G 121 -49.97 -73.85 -44.36
C TYR G 121 -49.26 -73.01 -43.34
N LYS G 122 -49.70 -71.74 -43.23
CA LYS G 122 -49.24 -70.79 -42.25
C LYS G 122 -50.47 -70.02 -41.89
N LEU G 123 -50.52 -69.48 -40.65
CA LEU G 123 -51.66 -68.73 -40.17
C LEU G 123 -51.30 -67.28 -40.31
N CYS G 124 -52.17 -66.54 -41.04
CA CYS G 124 -51.98 -65.16 -41.36
C CYS G 124 -53.17 -64.43 -40.85
N LYS G 125 -52.93 -63.36 -40.05
CA LYS G 125 -53.95 -62.50 -39.53
C LYS G 125 -54.36 -61.51 -40.60
N VAL G 126 -55.69 -61.30 -40.75
CA VAL G 126 -56.27 -60.31 -41.63
C VAL G 126 -55.87 -58.92 -41.18
N ARG G 127 -55.52 -58.07 -42.16
CA ARG G 127 -55.15 -56.71 -41.90
C ARG G 127 -56.32 -55.84 -42.28
N LYS G 128 -56.95 -56.13 -43.43
CA LYS G 128 -58.15 -55.48 -43.88
C LYS G 128 -58.97 -56.53 -44.55
N ILE G 129 -60.32 -56.34 -44.53
CA ILE G 129 -61.23 -57.22 -45.21
C ILE G 129 -62.15 -56.26 -45.89
N PHE G 130 -62.11 -56.37 -47.23
CA PHE G 130 -62.24 -55.27 -48.15
C PHE G 130 -63.43 -55.59 -48.99
N VAL G 131 -64.39 -54.64 -49.14
CA VAL G 131 -65.40 -54.79 -50.16
C VAL G 131 -64.78 -54.11 -51.36
N GLY G 132 -64.34 -54.95 -52.31
CA GLY G 132 -63.71 -54.56 -53.55
C GLY G 132 -64.69 -54.19 -54.60
N THR G 133 -64.14 -53.88 -55.78
CA THR G 133 -64.83 -53.34 -56.92
C THR G 133 -65.79 -54.35 -57.49
N LYS G 134 -66.95 -53.83 -57.95
CA LYS G 134 -68.11 -54.58 -58.39
C LYS G 134 -68.69 -55.50 -57.35
N GLY G 135 -68.59 -55.11 -56.06
CA GLY G 135 -69.22 -55.81 -54.95
C GLY G 135 -68.71 -57.21 -54.74
N ILE G 136 -67.43 -57.49 -55.06
CA ILE G 136 -66.81 -58.76 -54.82
C ILE G 136 -66.02 -58.57 -53.54
N PRO G 137 -66.08 -59.45 -52.54
CA PRO G 137 -65.31 -59.26 -51.33
C PRO G 137 -63.99 -59.98 -51.46
N HIS G 138 -63.00 -59.53 -50.66
CA HIS G 138 -61.67 -60.04 -50.62
C HIS G 138 -61.22 -59.88 -49.20
N LEU G 139 -60.29 -60.75 -48.72
CA LEU G 139 -59.60 -60.49 -47.48
C LEU G 139 -58.21 -60.20 -47.89
N VAL G 140 -57.48 -59.35 -47.10
CA VAL G 140 -56.10 -59.05 -47.34
C VAL G 140 -55.40 -59.36 -46.05
N THR G 141 -54.35 -60.21 -46.12
CA THR G 141 -53.55 -60.63 -45.01
C THR G 141 -52.43 -59.65 -44.83
N HIS G 142 -51.65 -59.81 -43.74
CA HIS G 142 -50.57 -58.93 -43.32
C HIS G 142 -49.45 -58.93 -44.33
N ASP G 143 -49.28 -60.09 -45.02
CA ASP G 143 -48.21 -60.39 -45.94
C ASP G 143 -48.69 -60.11 -47.35
N ALA G 144 -49.75 -59.27 -47.48
CA ALA G 144 -50.20 -58.63 -48.69
C ALA G 144 -50.70 -59.61 -49.71
N ARG G 145 -51.37 -60.70 -49.26
CA ARG G 145 -51.97 -61.67 -50.12
C ARG G 145 -53.45 -61.44 -50.09
N THR G 146 -54.01 -61.17 -51.28
CA THR G 146 -55.40 -60.86 -51.48
C THR G 146 -56.02 -62.12 -51.99
N ILE G 147 -57.04 -62.63 -51.25
CA ILE G 147 -57.76 -63.82 -51.59
C ILE G 147 -59.17 -63.38 -51.79
N ARG G 148 -59.71 -63.62 -53.01
CA ARG G 148 -61.06 -63.31 -53.39
C ARG G 148 -62.01 -64.37 -52.91
N TYR G 149 -63.31 -63.98 -52.83
CA TYR G 149 -64.42 -64.76 -52.32
C TYR G 149 -64.19 -65.42 -50.97
N PRO G 150 -63.88 -64.72 -49.88
CA PRO G 150 -63.46 -65.35 -48.65
C PRO G 150 -64.72 -65.70 -47.89
N ASP G 151 -64.59 -66.42 -46.74
CA ASP G 151 -65.69 -67.03 -46.02
C ASP G 151 -66.64 -65.94 -45.55
N PRO G 152 -67.97 -66.09 -45.53
CA PRO G 152 -68.82 -64.91 -45.45
C PRO G 152 -69.36 -64.83 -44.04
N LEU G 153 -68.47 -64.62 -43.06
CA LEU G 153 -68.85 -64.37 -41.69
C LEU G 153 -67.66 -63.84 -40.94
N ILE G 154 -66.50 -63.67 -41.63
CA ILE G 154 -65.24 -63.27 -41.05
C ILE G 154 -65.27 -61.80 -40.68
N LYS G 155 -64.40 -61.41 -39.72
CA LYS G 155 -64.35 -60.08 -39.21
C LYS G 155 -62.91 -59.85 -38.84
N MET G 156 -62.55 -58.60 -38.46
CA MET G 156 -61.18 -58.17 -38.29
C MET G 156 -60.48 -58.86 -37.16
N ASN G 157 -59.16 -59.10 -37.36
CA ASN G 157 -58.23 -59.76 -36.48
C ASN G 157 -58.42 -61.26 -36.40
N ASP G 158 -59.21 -61.84 -37.34
CA ASP G 158 -59.30 -63.27 -37.53
C ASP G 158 -58.01 -63.75 -38.13
N THR G 159 -57.70 -65.05 -37.97
CA THR G 159 -56.59 -65.65 -38.63
C THR G 159 -57.19 -66.62 -39.61
N ILE G 160 -56.35 -67.12 -40.52
CA ILE G 160 -56.79 -67.60 -41.79
C ILE G 160 -55.66 -68.51 -42.13
N GLN G 161 -55.95 -69.82 -42.30
CA GLN G 161 -54.96 -70.73 -42.80
C GLN G 161 -54.92 -70.56 -44.29
N ILE G 162 -53.79 -70.03 -44.78
CA ILE G 162 -53.44 -69.85 -46.16
C ILE G 162 -52.70 -71.12 -46.47
N ASP G 163 -52.90 -71.68 -47.67
CA ASP G 163 -52.22 -72.89 -48.08
C ASP G 163 -51.35 -72.45 -49.21
N LEU G 164 -50.22 -73.16 -49.40
CA LEU G 164 -49.12 -72.68 -50.19
C LEU G 164 -48.89 -73.61 -51.35
N GLU G 165 -49.62 -74.76 -51.37
CA GLU G 165 -49.72 -75.62 -52.51
C GLU G 165 -50.57 -75.00 -53.59
N THR G 166 -51.68 -74.34 -53.19
CA THR G 166 -52.82 -74.14 -54.05
C THR G 166 -53.33 -72.74 -53.83
N GLY G 167 -52.68 -71.95 -52.94
CA GLY G 167 -53.22 -70.68 -52.48
C GLY G 167 -54.51 -70.83 -51.73
N LYS G 168 -55.23 -69.69 -51.57
CA LYS G 168 -56.56 -69.59 -51.02
C LYS G 168 -56.70 -69.98 -49.56
N ILE G 169 -57.88 -69.64 -49.00
CA ILE G 169 -58.32 -69.97 -47.66
C ILE G 169 -58.58 -71.45 -47.54
N THR G 170 -58.10 -72.05 -46.43
CA THR G 170 -58.23 -73.46 -46.16
C THR G 170 -58.70 -73.53 -44.74
N ASP G 171 -59.99 -73.18 -44.59
CA ASP G 171 -60.68 -72.76 -43.38
C ASP G 171 -60.14 -71.47 -42.81
N PHE G 172 -60.50 -71.23 -41.54
CA PHE G 172 -60.14 -70.03 -40.81
C PHE G 172 -60.29 -70.35 -39.35
N ILE G 173 -59.76 -69.47 -38.49
CA ILE G 173 -59.95 -69.55 -37.06
C ILE G 173 -60.47 -68.19 -36.70
N LYS G 174 -61.59 -68.17 -35.93
CA LYS G 174 -62.30 -66.98 -35.52
C LYS G 174 -61.55 -66.33 -34.38
N PHE G 175 -61.54 -64.97 -34.37
CA PHE G 175 -60.97 -64.17 -33.32
C PHE G 175 -61.92 -64.14 -32.16
N ASP G 176 -61.42 -64.54 -30.97
CA ASP G 176 -62.19 -64.61 -29.76
C ASP G 176 -61.20 -64.35 -28.67
N THR G 177 -61.72 -64.12 -27.43
CA THR G 177 -60.92 -63.92 -26.24
C THR G 177 -60.15 -65.18 -25.92
N GLY G 178 -58.91 -65.01 -25.39
CA GLY G 178 -58.10 -66.08 -24.88
C GLY G 178 -57.36 -66.81 -25.97
N ASN G 179 -57.43 -66.33 -27.24
CA ASN G 179 -56.70 -66.85 -28.38
C ASN G 179 -55.22 -66.74 -28.16
N LEU G 180 -54.43 -67.69 -28.72
CA LEU G 180 -52.99 -67.57 -28.68
C LEU G 180 -52.54 -66.46 -29.58
N CYS G 181 -51.50 -65.76 -29.08
CA CYS G 181 -50.94 -64.58 -29.68
C CYS G 181 -49.48 -64.67 -29.44
N MET G 182 -48.68 -64.06 -30.34
CA MET G 182 -47.29 -63.79 -30.08
C MET G 182 -47.24 -62.30 -30.25
N VAL G 183 -46.60 -61.63 -29.27
CA VAL G 183 -46.49 -60.20 -29.20
C VAL G 183 -45.14 -59.91 -29.75
N THR G 184 -45.09 -59.06 -30.79
CA THR G 184 -43.97 -58.96 -31.69
C THR G 184 -43.64 -57.49 -31.70
N GLY G 185 -42.32 -57.19 -31.65
CA GLY G 185 -41.79 -55.85 -31.49
C GLY G 185 -41.86 -55.40 -30.07
N GLY G 186 -41.24 -54.22 -29.80
CA GLY G 186 -41.34 -53.51 -28.55
C GLY G 186 -40.58 -54.19 -27.45
N ALA G 187 -41.08 -54.03 -26.21
CA ALA G 187 -40.43 -54.52 -25.01
C ALA G 187 -41.01 -55.86 -24.65
N ASN G 188 -41.94 -56.37 -25.50
CA ASN G 188 -42.69 -57.56 -25.25
C ASN G 188 -42.42 -58.51 -26.39
N LEU G 189 -41.27 -58.30 -27.08
CA LEU G 189 -40.81 -59.05 -28.23
C LEU G 189 -40.68 -60.52 -27.95
N GLY G 190 -41.40 -61.32 -28.76
CA GLY G 190 -41.30 -62.76 -28.88
C GLY G 190 -41.99 -63.51 -27.78
N ARG G 191 -42.62 -62.81 -26.82
CA ARG G 191 -43.47 -63.40 -25.81
C ARG G 191 -44.71 -64.01 -26.40
N ILE G 192 -45.16 -65.16 -25.85
CA ILE G 192 -46.37 -65.83 -26.26
C ILE G 192 -47.30 -65.77 -25.09
N GLY G 193 -48.62 -65.94 -25.33
CA GLY G 193 -49.57 -65.85 -24.28
C GLY G 193 -50.93 -65.77 -24.89
N VAL G 194 -51.96 -65.80 -24.01
CA VAL G 194 -53.35 -65.67 -24.36
C VAL G 194 -53.69 -64.21 -24.70
N ILE G 195 -54.94 -63.80 -24.44
CA ILE G 195 -55.39 -62.43 -24.47
C ILE G 195 -55.65 -62.14 -23.02
N THR G 196 -56.92 -62.27 -22.58
CA THR G 196 -57.51 -61.81 -21.34
C THR G 196 -58.51 -60.78 -21.78
N ASN G 197 -58.10 -59.51 -21.99
CA ASN G 197 -59.04 -58.47 -22.34
C ASN G 197 -58.41 -57.64 -23.40
N ARG G 198 -59.23 -57.19 -24.38
CA ARG G 198 -58.85 -56.18 -25.34
C ARG G 198 -59.65 -54.96 -25.00
N GLU G 199 -58.93 -53.88 -24.58
CA GLU G 199 -59.52 -52.61 -24.22
C GLU G 199 -59.65 -51.80 -25.46
N ARG G 200 -60.84 -51.17 -25.65
CA ARG G 200 -61.13 -50.41 -26.84
C ARG G 200 -61.25 -48.98 -26.44
N HIS G 201 -60.59 -48.10 -27.21
CA HIS G 201 -60.61 -46.67 -27.02
C HIS G 201 -61.00 -46.07 -28.35
N PRO G 202 -62.04 -45.25 -28.46
CA PRO G 202 -62.39 -44.57 -29.71
C PRO G 202 -61.33 -43.57 -30.11
N GLY G 203 -61.11 -43.39 -31.42
CA GLY G 203 -59.91 -42.75 -31.93
C GLY G 203 -58.73 -43.68 -31.88
N SER G 204 -57.56 -43.18 -32.34
CA SER G 204 -56.38 -43.97 -32.64
C SER G 204 -55.81 -44.61 -31.40
N PHE G 205 -55.25 -45.84 -31.59
CA PHE G 205 -54.51 -46.63 -30.62
C PHE G 205 -55.45 -47.27 -29.63
N ASP G 206 -55.53 -48.61 -29.69
CA ASP G 206 -56.31 -49.42 -28.80
C ASP G 206 -55.34 -50.42 -28.25
N VAL G 207 -55.32 -50.62 -26.91
CA VAL G 207 -54.39 -51.51 -26.26
C VAL G 207 -55.08 -52.77 -25.86
N VAL G 208 -54.30 -53.88 -25.85
CA VAL G 208 -54.75 -55.23 -25.63
C VAL G 208 -53.97 -55.73 -24.47
N HIS G 209 -54.66 -55.99 -23.34
CA HIS G 209 -54.05 -56.54 -22.15
C HIS G 209 -53.83 -58.02 -22.38
N VAL G 210 -52.53 -58.43 -22.32
CA VAL G 210 -52.06 -59.76 -22.52
C VAL G 210 -51.60 -60.27 -21.18
N LYS G 211 -51.83 -61.59 -20.95
CA LYS G 211 -51.26 -62.33 -19.86
C LYS G 211 -50.52 -63.44 -20.53
N ASP G 212 -49.21 -63.61 -20.21
CA ASP G 212 -48.39 -64.69 -20.72
C ASP G 212 -48.55 -65.91 -19.87
N ALA G 213 -47.98 -67.04 -20.34
CA ALA G 213 -48.07 -68.35 -19.74
C ALA G 213 -47.54 -68.39 -18.33
N ASN G 214 -46.45 -67.65 -18.03
CA ASN G 214 -45.84 -67.58 -16.71
C ASN G 214 -46.79 -66.95 -15.72
N GLY G 215 -47.54 -65.91 -16.18
CA GLY G 215 -48.50 -65.21 -15.37
C GLY G 215 -48.06 -63.80 -15.18
N ASN G 216 -47.11 -63.31 -16.01
CA ASN G 216 -46.75 -61.92 -16.07
C ASN G 216 -47.72 -61.25 -17.00
N SER G 217 -48.26 -60.09 -16.55
CA SER G 217 -49.33 -59.39 -17.19
C SER G 217 -48.77 -58.09 -17.70
N PHE G 218 -49.21 -57.67 -18.91
CA PHE G 218 -48.68 -56.48 -19.53
C PHE G 218 -49.66 -56.09 -20.61
N ALA G 219 -49.59 -54.82 -21.08
CA ALA G 219 -50.40 -54.37 -22.19
C ALA G 219 -49.44 -54.07 -23.30
N THR G 220 -49.96 -54.07 -24.54
CA THR G 220 -49.24 -53.54 -25.69
C THR G 220 -50.34 -53.04 -26.59
N ARG G 221 -49.99 -52.31 -27.67
CA ARG G 221 -50.92 -51.89 -28.70
C ARG G 221 -51.32 -53.06 -29.55
N LEU G 222 -52.54 -53.00 -30.13
CA LEU G 222 -53.21 -54.03 -30.91
C LEU G 222 -52.35 -54.40 -32.10
N SER G 223 -51.76 -53.37 -32.75
CA SER G 223 -50.75 -53.43 -33.78
C SER G 223 -49.60 -54.37 -33.48
N ASN G 224 -49.17 -54.46 -32.19
CA ASN G 224 -48.02 -55.24 -31.78
C ASN G 224 -48.44 -56.64 -31.43
N ILE G 225 -49.75 -56.95 -31.43
CA ILE G 225 -50.23 -58.28 -31.10
C ILE G 225 -50.48 -58.91 -32.44
N PHE G 226 -49.99 -60.16 -32.61
CA PHE G 226 -50.25 -60.95 -33.79
C PHE G 226 -50.90 -62.19 -33.27
N VAL G 227 -52.04 -62.56 -33.89
CA VAL G 227 -52.85 -63.70 -33.54
C VAL G 227 -52.28 -64.85 -34.34
N ILE G 228 -51.98 -65.99 -33.67
CA ILE G 228 -51.23 -67.08 -34.26
C ILE G 228 -52.05 -68.34 -34.13
N GLY G 229 -53.30 -68.25 -33.61
CA GLY G 229 -54.22 -69.35 -33.67
C GLY G 229 -55.19 -69.28 -32.53
N LYS G 230 -55.69 -70.47 -32.14
CA LYS G 230 -56.78 -70.64 -31.20
C LYS G 230 -56.15 -70.92 -29.87
N GLY G 231 -56.81 -70.43 -28.79
CA GLY G 231 -56.37 -70.49 -27.41
C GLY G 231 -56.10 -71.88 -26.95
N ASN G 232 -54.87 -72.10 -26.42
CA ASN G 232 -54.37 -73.35 -25.91
C ASN G 232 -54.45 -74.44 -26.94
N LYS G 233 -54.00 -74.11 -28.16
CA LYS G 233 -54.06 -75.01 -29.29
C LYS G 233 -53.03 -74.46 -30.26
N PRO G 234 -51.74 -74.72 -30.06
CA PRO G 234 -50.69 -74.30 -30.97
C PRO G 234 -50.79 -75.04 -32.29
N TRP G 235 -50.22 -74.46 -33.36
CA TRP G 235 -50.18 -75.06 -34.67
C TRP G 235 -48.76 -75.13 -35.15
N ILE G 236 -47.82 -74.54 -34.36
CA ILE G 236 -46.40 -74.66 -34.54
C ILE G 236 -45.84 -74.62 -33.15
N SER G 237 -44.65 -75.20 -32.95
CA SER G 237 -44.05 -75.41 -31.65
C SER G 237 -43.39 -74.16 -31.16
N LEU G 238 -43.15 -74.09 -29.82
CA LEU G 238 -42.37 -73.07 -29.16
C LEU G 238 -40.93 -73.08 -29.67
N PRO G 239 -40.26 -71.96 -29.87
CA PRO G 239 -38.87 -71.91 -30.26
C PRO G 239 -37.99 -71.94 -29.03
N ARG G 240 -36.66 -71.97 -29.25
CA ARG G 240 -35.60 -71.94 -28.28
C ARG G 240 -35.63 -70.70 -27.41
N GLY G 241 -35.10 -70.83 -26.16
CA GLY G 241 -35.06 -69.74 -25.21
C GLY G 241 -36.37 -69.58 -24.49
N LYS G 242 -37.28 -70.57 -24.65
CA LYS G 242 -38.59 -70.68 -24.06
C LYS G 242 -39.58 -70.17 -25.08
N GLY G 243 -39.42 -68.88 -25.46
CA GLY G 243 -40.31 -68.21 -26.35
C GLY G 243 -41.41 -67.56 -25.55
N ILE G 244 -41.30 -67.59 -24.20
CA ILE G 244 -42.31 -67.11 -23.30
C ILE G 244 -41.72 -65.88 -22.70
N ARG G 245 -40.74 -66.03 -21.77
CA ARG G 245 -40.00 -64.97 -21.15
C ARG G 245 -39.19 -65.63 -20.07
N LEU G 246 -37.91 -65.20 -19.92
CA LEU G 246 -36.98 -65.77 -18.99
C LEU G 246 -36.14 -64.63 -18.50
N THR G 247 -35.70 -64.71 -17.22
CA THR G 247 -34.94 -63.67 -16.57
C THR G 247 -33.48 -63.87 -16.87
N ILE G 248 -32.70 -62.76 -16.87
CA ILE G 248 -31.28 -62.70 -17.13
C ILE G 248 -30.43 -63.60 -16.26
N ALA G 249 -30.92 -63.94 -15.04
CA ALA G 249 -30.25 -64.78 -14.07
C ALA G 249 -30.41 -66.23 -14.45
N GLU G 250 -31.66 -66.63 -14.75
CA GLU G 250 -32.07 -67.93 -15.23
C GLU G 250 -31.33 -68.26 -16.52
N GLU G 251 -31.25 -67.25 -17.42
CA GLU G 251 -30.62 -67.34 -18.72
C GLU G 251 -29.13 -67.60 -18.58
N ARG G 252 -28.47 -66.96 -17.59
CA ARG G 252 -27.06 -67.17 -17.29
C ARG G 252 -26.83 -68.59 -16.81
N ASP G 253 -27.73 -69.13 -15.95
CA ASP G 253 -27.66 -70.47 -15.40
C ASP G 253 -27.75 -71.52 -16.48
N LYS G 254 -28.60 -71.30 -17.51
CA LYS G 254 -28.71 -72.16 -18.66
C LYS G 254 -27.47 -72.12 -19.52
N ARG G 255 -26.90 -70.92 -19.74
CA ARG G 255 -25.75 -70.70 -20.61
C ARG G 255 -24.51 -71.39 -20.10
N LEU G 256 -24.26 -71.35 -18.78
CA LEU G 256 -23.09 -71.97 -18.19
C LEU G 256 -23.25 -73.46 -18.03
N ALA G 257 -24.50 -73.94 -17.80
CA ALA G 257 -24.75 -75.34 -17.49
C ALA G 257 -24.66 -76.21 -18.71
N ALA G 258 -25.22 -75.75 -19.85
CA ALA G 258 -25.21 -76.45 -21.11
C ALA G 258 -23.86 -76.47 -21.78
N LYS G 259 -23.00 -75.46 -21.50
CA LYS G 259 -21.72 -75.30 -22.16
C LYS G 259 -20.68 -76.06 -21.38
N GLN G 260 -19.81 -76.80 -22.11
CA GLN G 260 -18.90 -77.82 -21.61
C GLN G 260 -19.66 -78.94 -20.92
N SER G 261 -20.64 -79.51 -21.64
CA SER G 261 -21.48 -80.57 -21.16
C SER G 261 -22.10 -81.21 -22.37
N SER G 262 -21.71 -80.74 -23.59
CA SER G 262 -22.18 -81.25 -24.84
C SER G 262 -20.97 -81.63 -25.62
N GLY G 263 -21.02 -82.82 -26.26
CA GLY G 263 -19.93 -83.37 -27.03
C GLY G 263 -19.44 -84.63 -26.32
N GLN H 1 74.17 -8.70 0.92
CA GLN H 1 75.28 -7.73 0.77
C GLN H 1 74.95 -6.45 1.49
N GLN H 2 74.49 -6.54 2.77
CA GLN H 2 74.09 -5.40 3.57
C GLN H 2 75.29 -4.56 3.92
N LEU H 3 75.09 -3.23 3.95
CA LEU H 3 76.15 -2.27 4.15
C LEU H 3 75.63 -1.29 5.15
N TYR H 4 74.30 -1.08 5.14
CA TYR H 4 73.61 -0.26 6.09
C TYR H 4 72.22 -0.80 6.10
N TRP H 5 71.58 -0.81 7.28
CA TRP H 5 70.25 -1.35 7.46
C TRP H 5 69.78 -0.93 8.82
N SER H 6 70.63 -0.17 9.57
CA SER H 6 70.25 0.46 10.80
C SER H 6 70.82 1.85 10.74
N HIS H 7 70.31 2.73 11.63
CA HIS H 7 70.78 4.09 11.74
C HIS H 7 70.53 4.41 13.20
N PRO H 8 71.39 5.15 13.92
CA PRO H 8 71.23 5.41 15.35
C PRO H 8 69.95 6.13 15.66
N ARG H 9 69.15 5.59 16.61
CA ARG H 9 67.95 6.25 17.07
C ARG H 9 67.94 6.16 18.57
N LYS H 10 67.67 7.31 19.20
CA LYS H 10 67.63 7.50 20.62
C LYS H 10 66.85 8.79 20.79
N PHE H 11 66.14 9.20 19.72
CA PHE H 11 65.64 10.54 19.54
C PHE H 11 64.20 10.41 19.20
N GLY H 12 63.35 11.27 19.83
CA GLY H 12 61.92 11.30 19.69
C GLY H 12 61.22 10.01 20.03
N GLN H 13 59.97 9.90 19.53
CA GLN H 13 59.11 8.76 19.71
C GLN H 13 59.45 7.65 18.75
N GLY H 14 60.26 7.95 17.70
CA GLY H 14 60.59 7.05 16.63
C GLY H 14 61.67 6.07 16.99
N SER H 15 62.24 6.18 18.22
CA SER H 15 63.35 5.36 18.66
C SER H 15 62.86 4.23 19.52
N ARG H 16 61.54 4.20 19.83
CA ARG H 16 60.96 3.21 20.69
C ARG H 16 59.64 2.82 20.09
N SER H 17 59.10 1.69 20.57
CA SER H 17 57.88 1.12 20.09
C SER H 17 57.37 0.29 21.23
N CYS H 18 56.12 -0.19 21.08
CA CYS H 18 55.47 -1.16 21.93
C CYS H 18 56.21 -2.48 21.91
N ARG H 19 56.08 -3.31 22.98
CA ARG H 19 56.77 -4.57 23.09
C ARG H 19 55.90 -5.73 22.67
N VAL H 20 54.96 -5.51 21.72
CA VAL H 20 54.19 -6.59 21.16
C VAL H 20 53.86 -6.20 19.73
N CYS H 21 54.15 -4.93 19.35
CA CYS H 21 53.75 -4.40 18.07
C CYS H 21 54.62 -3.20 17.83
N SER H 22 54.50 -2.58 16.63
CA SER H 22 55.22 -1.38 16.31
C SER H 22 54.20 -0.30 16.20
N ASN H 23 54.41 0.81 16.93
CA ASN H 23 53.43 1.85 17.04
C ASN H 23 54.18 3.07 17.48
N ARG H 24 53.56 4.26 17.27
CA ARG H 24 54.13 5.54 17.60
C ARG H 24 52.97 6.33 18.12
N HIS H 25 53.26 7.40 18.89
CA HIS H 25 52.33 8.28 19.58
C HIS H 25 51.75 7.64 20.80
N GLY H 26 52.01 8.27 21.97
CA GLY H 26 51.46 7.84 23.22
C GLY H 26 52.14 6.66 23.82
N LEU H 27 53.51 6.63 23.79
CA LEU H 27 54.21 5.46 24.25
C LEU H 27 54.52 5.77 25.68
N ILE H 28 54.00 4.93 26.61
CA ILE H 28 54.25 5.00 28.02
C ILE H 28 55.64 4.52 28.29
N ARG H 29 56.53 5.42 28.72
CA ARG H 29 57.88 5.08 29.08
C ARG H 29 57.99 5.11 30.58
N LYS H 30 57.01 5.74 31.28
CA LYS H 30 56.96 5.77 32.73
C LYS H 30 56.86 4.38 33.33
N TYR H 31 57.65 4.15 34.41
CA TYR H 31 57.77 2.92 35.16
C TYR H 31 58.36 1.77 34.37
N GLY H 32 58.97 2.06 33.19
CA GLY H 32 59.62 1.07 32.37
C GLY H 32 58.65 0.21 31.61
N LEU H 33 57.39 0.68 31.40
CA LEU H 33 56.34 -0.11 30.80
C LEU H 33 56.60 -0.44 29.34
N ASN H 34 56.93 0.61 28.54
CA ASN H 34 57.31 0.56 27.14
C ASN H 34 56.21 -0.02 26.27
N MET H 35 54.93 0.35 26.55
CA MET H 35 53.79 -0.07 25.76
C MET H 35 53.07 1.15 25.32
N CYS H 36 52.47 1.11 24.10
CA CYS H 36 51.56 2.13 23.61
C CYS H 36 50.26 2.05 24.36
N ARG H 37 49.53 3.18 24.48
CA ARG H 37 48.36 3.31 25.33
C ARG H 37 47.26 2.36 24.94
N GLN H 38 47.04 2.14 23.63
CA GLN H 38 46.02 1.30 23.06
C GLN H 38 46.16 -0.14 23.50
N CYS H 39 47.42 -0.63 23.58
CA CYS H 39 47.76 -1.97 24.04
C CYS H 39 47.59 -2.03 25.52
N PHE H 40 48.14 -1.04 26.27
CA PHE H 40 48.02 -0.89 27.71
C PHE H 40 46.60 -0.98 28.23
N ARG H 41 45.56 -0.56 27.45
CA ARG H 41 44.17 -0.63 27.85
C ARG H 41 43.71 -2.04 28.07
N GLN H 42 44.21 -2.96 27.21
CA GLN H 42 43.81 -4.35 27.17
C GLN H 42 44.58 -5.14 28.20
N TYR H 43 45.75 -4.61 28.64
CA TYR H 43 46.62 -5.29 29.57
C TYR H 43 46.61 -4.59 30.91
N ALA H 44 45.73 -3.59 31.13
CA ALA H 44 45.69 -2.80 32.36
C ALA H 44 45.23 -3.60 33.55
N LYS H 45 44.50 -4.69 33.29
CA LYS H 45 44.10 -5.70 34.25
C LYS H 45 45.29 -6.49 34.73
N ASP H 46 46.16 -6.89 33.78
CA ASP H 46 47.31 -7.73 34.03
C ASP H 46 48.43 -7.03 34.75
N ILE H 47 48.58 -5.69 34.63
CA ILE H 47 49.60 -4.99 35.38
C ILE H 47 49.21 -4.82 36.82
N GLY H 48 47.92 -4.52 37.09
CA GLY H 48 47.39 -4.46 38.43
C GLY H 48 46.66 -3.17 38.63
N PHE H 49 46.66 -2.30 37.59
CA PHE H 49 45.95 -1.04 37.55
C PHE H 49 44.47 -1.27 37.59
N ILE H 50 43.74 -0.35 38.25
CA ILE H 50 42.36 -0.55 38.61
C ILE H 50 41.75 0.82 38.67
N LYS H 51 40.42 0.92 38.42
CA LYS H 51 39.71 2.17 38.42
C LYS H 51 38.69 2.07 39.52
N LEU H 52 38.64 3.12 40.35
CA LEU H 52 37.75 3.26 41.47
C LEU H 52 37.32 4.71 41.46
N ASP H 53 38.19 5.57 40.86
CA ASP H 53 37.95 6.98 40.73
C ASP H 53 38.42 7.32 39.29
N TRP I 1 -11.66 -47.17 -34.34
CA TRP I 1 -12.99 -47.44 -33.74
C TRP I 1 -13.15 -46.60 -32.51
N VAL I 2 -12.74 -47.14 -31.34
CA VAL I 2 -12.78 -46.45 -30.08
C VAL I 2 -11.62 -47.02 -29.31
N CYS I 3 -11.07 -46.22 -28.37
CA CYS I 3 -9.89 -46.55 -27.61
C CYS I 3 -10.07 -45.88 -26.28
N ARG I 4 -9.34 -46.35 -25.24
CA ARG I 4 -9.37 -45.70 -23.95
C ARG I 4 -8.08 -45.96 -23.22
N LYS I 5 -7.70 -45.02 -22.33
CA LYS I 5 -6.58 -45.15 -21.42
C LYS I 5 -6.87 -46.17 -20.36
N THR I 6 -5.79 -46.83 -19.87
CA THR I 6 -5.87 -47.89 -18.89
C THR I 6 -5.24 -47.42 -17.61
N TYR I 7 -4.87 -46.11 -17.52
CA TYR I 7 -4.20 -45.54 -16.38
C TYR I 7 -4.81 -44.19 -16.13
N VAL I 8 -4.40 -43.54 -15.01
CA VAL I 8 -4.98 -42.32 -14.53
C VAL I 8 -3.84 -41.49 -13.98
N THR I 9 -3.96 -40.14 -14.06
CA THR I 9 -2.93 -39.22 -13.66
C THR I 9 -3.53 -38.39 -12.55
N PRO I 10 -2.91 -38.24 -11.37
CA PRO I 10 -3.56 -37.61 -10.22
C PRO I 10 -3.36 -36.12 -10.35
N ARG I 11 -4.00 -35.33 -9.45
CA ARG I 11 -4.20 -33.91 -9.67
C ARG I 11 -3.04 -33.11 -9.14
N ARG I 12 -2.09 -33.78 -8.44
CA ARG I 12 -0.97 -33.12 -7.81
C ARG I 12 0.23 -33.82 -8.41
N PRO I 13 1.23 -33.16 -8.98
CA PRO I 13 2.21 -33.87 -9.80
C PRO I 13 3.37 -34.24 -8.92
N PHE I 14 3.57 -33.52 -7.79
CA PHE I 14 4.68 -33.72 -6.90
C PHE I 14 4.06 -33.72 -5.54
N GLU I 15 4.36 -34.76 -4.75
CA GLU I 15 3.62 -35.03 -3.55
C GLU I 15 4.46 -36.02 -2.80
N LYS I 16 5.79 -35.71 -2.67
CA LYS I 16 6.93 -36.53 -2.25
C LYS I 16 6.67 -37.86 -1.57
N SER I 17 5.85 -37.86 -0.50
CA SER I 17 5.50 -39.00 0.33
C SER I 17 4.82 -40.11 -0.48
N ARG I 18 3.86 -39.71 -1.34
CA ARG I 18 3.17 -40.56 -2.29
C ARG I 18 4.11 -41.12 -3.32
N LEU I 19 5.06 -40.31 -3.86
CA LEU I 19 6.04 -40.74 -4.83
C LEU I 19 6.91 -41.86 -4.29
N ASP I 20 7.28 -41.77 -2.98
CA ASP I 20 8.02 -42.76 -2.24
C ASP I 20 7.23 -44.04 -2.10
N GLN I 21 5.95 -43.95 -1.69
CA GLN I 21 4.98 -45.04 -1.60
C GLN I 21 4.90 -45.84 -2.88
N GLU I 22 4.81 -45.12 -4.02
CA GLU I 22 4.67 -45.68 -5.35
C GLU I 22 5.94 -46.38 -5.75
N LEU I 23 7.12 -45.82 -5.37
CA LEU I 23 8.42 -46.42 -5.62
C LEU I 23 8.56 -47.72 -4.86
N LYS I 24 8.06 -47.78 -3.60
CA LYS I 24 8.08 -48.96 -2.77
C LYS I 24 7.27 -50.10 -3.36
N LEU I 25 6.08 -49.82 -3.93
CA LEU I 25 5.24 -50.79 -4.61
C LEU I 25 5.93 -51.38 -5.82
N ILE I 26 6.62 -50.53 -6.60
CA ILE I 26 7.45 -50.88 -7.74
C ILE I 26 8.53 -51.84 -7.32
N GLY I 27 9.16 -51.61 -6.14
CA GLY I 27 10.24 -52.44 -5.65
C GLY I 27 9.74 -53.80 -5.23
N GLU I 28 8.63 -53.83 -4.46
CA GLU I 28 8.01 -55.02 -3.91
C GLU I 28 7.48 -55.98 -4.95
N TYR I 29 7.04 -55.47 -6.12
CA TYR I 29 6.25 -56.22 -7.06
C TYR I 29 6.83 -56.06 -8.43
N GLY I 30 8.04 -55.47 -8.54
CA GLY I 30 8.97 -55.73 -9.62
C GLY I 30 8.64 -54.97 -10.86
N LEU I 31 7.76 -53.95 -10.75
CA LEU I 31 7.17 -53.20 -11.83
C LEU I 31 8.15 -52.34 -12.60
N ARG I 32 7.69 -51.87 -13.78
CA ARG I 32 8.44 -51.05 -14.71
C ARG I 32 8.52 -49.62 -14.25
N ASN I 33 7.37 -49.02 -13.86
CA ASN I 33 7.29 -47.61 -13.58
C ASN I 33 6.03 -47.33 -12.79
N LYS I 34 5.78 -46.02 -12.52
CA LYS I 34 4.57 -45.48 -11.95
C LYS I 34 3.35 -45.74 -12.78
N ARG I 35 3.46 -45.81 -14.13
CA ARG I 35 2.33 -46.10 -14.98
C ARG I 35 1.69 -47.44 -14.66
N GLU I 36 2.50 -48.46 -14.28
CA GLU I 36 2.04 -49.76 -13.81
C GLU I 36 1.17 -49.66 -12.57
N VAL I 37 1.54 -48.75 -11.63
CA VAL I 37 0.84 -48.53 -10.39
C VAL I 37 -0.45 -47.79 -10.67
N TRP I 38 -0.40 -46.81 -11.60
CA TRP I 38 -1.54 -46.01 -12.04
C TRP I 38 -2.56 -46.89 -12.72
N ARG I 39 -2.10 -47.95 -13.43
CA ARG I 39 -2.93 -48.90 -14.14
C ARG I 39 -3.84 -49.65 -13.19
N VAL I 40 -3.31 -50.01 -11.99
CA VAL I 40 -4.06 -50.67 -10.95
C VAL I 40 -4.97 -49.69 -10.23
N LYS I 41 -4.50 -48.44 -10.00
CA LYS I 41 -5.25 -47.36 -9.39
C LYS I 41 -6.53 -47.02 -10.14
N PHE I 42 -6.47 -47.06 -11.49
CA PHE I 42 -7.60 -46.85 -12.37
C PHE I 42 -8.62 -47.95 -12.26
N THR I 43 -8.16 -49.23 -12.23
CA THR I 43 -9.03 -50.39 -12.14
C THR I 43 -9.74 -50.47 -10.80
N LEU I 44 -8.99 -50.28 -9.69
CA LEU I 44 -9.44 -50.34 -8.32
C LEU I 44 -10.49 -49.30 -8.02
N ALA I 45 -10.29 -48.05 -8.49
CA ALA I 45 -11.21 -46.95 -8.27
C ALA I 45 -12.56 -47.20 -8.90
N LYS I 46 -12.57 -47.88 -10.08
CA LYS I 46 -13.76 -48.20 -10.81
C LYS I 46 -14.54 -49.30 -10.14
N ILE I 47 -13.83 -50.32 -9.59
CA ILE I 47 -14.38 -51.41 -8.80
C ILE I 47 -15.06 -50.88 -7.57
N ARG I 48 -14.41 -49.95 -6.82
CA ARG I 48 -15.01 -49.35 -5.64
C ARG I 48 -16.25 -48.55 -5.96
N LYS I 49 -16.24 -47.76 -7.05
CA LYS I 49 -17.40 -47.01 -7.51
C LYS I 49 -18.55 -47.87 -7.95
N ALA I 50 -18.27 -48.97 -8.70
CA ALA I 50 -19.21 -50.03 -9.02
C ALA I 50 -19.92 -50.58 -7.80
N ALA I 51 -19.14 -50.97 -6.77
CA ALA I 51 -19.57 -51.52 -5.51
C ALA I 51 -20.49 -50.57 -4.79
N ARG I 52 -20.09 -49.28 -4.72
CA ARG I 52 -20.72 -48.22 -3.97
C ARG I 52 -22.10 -47.92 -4.53
N GLU I 53 -22.23 -47.95 -5.89
CA GLU I 53 -23.45 -47.74 -6.61
C GLU I 53 -24.47 -48.79 -6.25
N LEU I 54 -24.10 -50.08 -6.44
CA LEU I 54 -24.86 -51.26 -6.09
C LEU I 54 -25.39 -51.20 -4.68
N LEU I 55 -24.51 -50.82 -3.72
CA LEU I 55 -24.80 -50.72 -2.31
C LEU I 55 -25.82 -49.65 -1.96
N THR I 56 -26.03 -48.64 -2.84
CA THR I 56 -27.02 -47.59 -2.60
C THR I 56 -28.28 -47.86 -3.39
N LEU I 57 -28.31 -48.95 -4.21
CA LEU I 57 -29.52 -49.40 -4.87
C LEU I 57 -30.34 -50.12 -3.85
N ASP I 58 -31.68 -50.20 -4.09
CA ASP I 58 -32.61 -50.89 -3.24
C ASP I 58 -32.30 -52.38 -3.29
N GLU I 59 -32.53 -53.10 -2.16
CA GLU I 59 -32.23 -54.50 -2.07
C GLU I 59 -33.36 -55.28 -2.70
N LYS I 60 -33.02 -56.47 -3.23
CA LYS I 60 -33.90 -57.35 -3.98
C LYS I 60 -34.36 -56.71 -5.26
N ASP I 61 -33.40 -56.09 -5.98
CA ASP I 61 -33.65 -55.36 -7.19
C ASP I 61 -32.81 -56.04 -8.24
N PRO I 62 -33.35 -56.62 -9.33
CA PRO I 62 -32.61 -57.33 -10.37
C PRO I 62 -31.24 -56.83 -10.76
N ARG I 63 -31.10 -55.49 -10.97
CA ARG I 63 -29.86 -54.84 -11.35
C ARG I 63 -28.78 -54.97 -10.32
N ARG I 64 -29.10 -54.74 -9.02
CA ARG I 64 -28.21 -54.93 -7.91
C ARG I 64 -27.79 -56.37 -7.74
N LEU I 65 -28.75 -57.31 -7.80
CA LEU I 65 -28.51 -58.73 -7.67
C LEU I 65 -27.59 -59.28 -8.72
N PHE I 66 -27.95 -59.10 -10.01
CA PHE I 66 -27.27 -59.67 -11.16
C PHE I 66 -25.85 -59.17 -11.34
N GLU I 67 -25.62 -57.87 -11.09
CA GLU I 67 -24.36 -57.22 -11.35
C GLU I 67 -23.46 -57.38 -10.16
N GLY I 68 -24.06 -57.41 -8.94
CA GLY I 68 -23.41 -57.75 -7.69
C GLY I 68 -22.70 -59.07 -7.77
N ASN I 69 -23.48 -60.14 -8.02
CA ASN I 69 -23.03 -61.51 -8.23
C ASN I 69 -21.94 -61.63 -9.28
N ALA I 70 -22.06 -60.87 -10.39
CA ALA I 70 -21.09 -60.87 -11.46
C ALA I 70 -19.77 -60.27 -11.07
N LEU I 71 -19.80 -59.13 -10.33
CA LEU I 71 -18.63 -58.44 -9.83
C LEU I 71 -17.88 -59.32 -8.84
N LEU I 72 -18.63 -60.00 -7.95
CA LEU I 72 -18.10 -60.92 -6.97
C LEU I 72 -17.42 -62.08 -7.64
N ARG I 73 -18.10 -62.72 -8.62
CA ARG I 73 -17.64 -63.91 -9.30
C ARG I 73 -16.35 -63.68 -10.04
N ARG I 74 -16.22 -62.52 -10.72
CA ARG I 74 -15.04 -62.09 -11.44
C ARG I 74 -13.85 -61.95 -10.53
N LEU I 75 -14.03 -61.32 -9.35
CA LEU I 75 -12.97 -61.06 -8.39
C LEU I 75 -12.50 -62.32 -7.70
N VAL I 76 -13.29 -63.41 -7.72
CA VAL I 76 -12.99 -64.64 -7.02
C VAL I 76 -12.29 -65.54 -7.99
N ARG I 77 -12.64 -65.44 -9.31
CA ARG I 77 -12.03 -66.19 -10.39
C ARG I 77 -10.55 -65.88 -10.50
N ILE I 78 -10.17 -64.59 -10.29
CA ILE I 78 -8.80 -64.17 -10.40
C ILE I 78 -8.09 -64.24 -9.07
N GLY I 79 -8.82 -64.60 -7.99
CA GLY I 79 -8.26 -64.95 -6.70
C GLY I 79 -7.80 -63.77 -5.88
N VAL I 80 -8.13 -62.53 -6.31
CA VAL I 80 -8.05 -61.32 -5.51
C VAL I 80 -8.93 -61.40 -4.28
N LEU I 81 -10.17 -61.89 -4.43
CA LEU I 81 -11.19 -61.86 -3.41
C LEU I 81 -11.52 -63.29 -3.09
N ASP I 82 -12.02 -63.53 -1.86
CA ASP I 82 -12.39 -64.83 -1.39
C ASP I 82 -13.87 -64.80 -1.17
N GLU I 83 -14.52 -65.97 -1.34
CA GLU I 83 -15.96 -66.08 -1.42
C GLU I 83 -16.53 -66.49 -0.09
N GLY I 84 -15.68 -66.59 0.96
CA GLY I 84 -16.12 -66.66 2.33
C GLY I 84 -16.44 -65.32 2.92
N LYS I 85 -16.16 -64.23 2.17
CA LYS I 85 -16.52 -62.88 2.52
C LYS I 85 -17.73 -62.55 1.71
N MET I 86 -17.52 -62.00 0.49
CA MET I 86 -18.47 -62.07 -0.60
C MET I 86 -19.64 -61.13 -0.41
N LYS I 87 -19.35 -59.84 -0.15
CA LYS I 87 -20.29 -58.80 -0.50
C LYS I 87 -19.53 -57.52 -0.67
N LEU I 88 -20.25 -56.50 -1.19
CA LEU I 88 -19.88 -55.14 -1.54
C LEU I 88 -19.03 -54.42 -0.53
N ASP I 89 -19.36 -54.59 0.78
CA ASP I 89 -18.71 -53.97 1.93
C ASP I 89 -17.25 -54.34 2.02
N TYR I 90 -16.91 -55.58 1.60
CA TYR I 90 -15.59 -56.14 1.71
C TYR I 90 -14.77 -55.74 0.52
N ILE I 91 -15.41 -55.57 -0.68
CA ILE I 91 -14.77 -55.16 -1.92
C ILE I 91 -14.14 -53.78 -1.76
N LEU I 92 -14.81 -52.88 -1.01
CA LEU I 92 -14.34 -51.54 -0.67
C LEU I 92 -13.02 -51.55 0.07
N GLY I 93 -12.74 -52.63 0.84
CA GLY I 93 -11.60 -52.72 1.72
C GLY I 93 -10.34 -53.15 1.00
N LEU I 94 -10.44 -53.50 -0.31
CA LEU I 94 -9.32 -53.98 -1.10
C LEU I 94 -8.45 -52.81 -1.48
N LYS I 95 -7.15 -53.11 -1.73
CA LYS I 95 -6.16 -52.12 -2.04
C LYS I 95 -5.26 -52.70 -3.10
N ILE I 96 -4.42 -51.82 -3.68
CA ILE I 96 -3.56 -52.00 -4.84
C ILE I 96 -2.78 -53.29 -4.82
N GLU I 97 -2.13 -53.59 -3.66
CA GLU I 97 -1.37 -54.79 -3.37
C GLU I 97 -2.05 -56.08 -3.75
N ASP I 98 -3.31 -56.29 -3.30
CA ASP I 98 -4.13 -57.46 -3.48
C ASP I 98 -4.27 -57.93 -4.92
N PHE I 99 -4.17 -56.98 -5.89
CA PHE I 99 -4.21 -57.23 -7.31
C PHE I 99 -2.88 -57.72 -7.79
N LEU I 100 -1.81 -56.89 -7.64
CA LEU I 100 -0.41 -57.18 -7.87
C LEU I 100 0.08 -58.56 -7.45
N GLU I 101 -0.44 -59.11 -6.32
CA GLU I 101 -0.06 -60.38 -5.75
C GLU I 101 -0.54 -61.56 -6.58
N ARG I 102 -1.56 -61.37 -7.45
CA ARG I 102 -2.16 -62.44 -8.21
C ARG I 102 -1.69 -62.38 -9.64
N ARG I 103 -0.68 -61.54 -9.94
CA ARG I 103 -0.09 -61.40 -11.25
C ARG I 103 0.72 -62.62 -11.58
N LEU I 104 1.09 -62.77 -12.86
CA LEU I 104 1.84 -63.90 -13.37
C LEU I 104 3.24 -63.87 -12.81
N GLN I 105 3.84 -62.67 -12.70
CA GLN I 105 5.19 -62.46 -12.22
C GLN I 105 5.40 -62.93 -10.81
N THR I 106 4.40 -62.68 -9.93
CA THR I 106 4.54 -62.97 -8.53
C THR I 106 4.29 -64.42 -8.25
N GLN I 107 3.68 -65.17 -9.21
CA GLN I 107 3.47 -66.59 -9.09
C GLN I 107 4.73 -67.28 -9.55
N VAL I 108 5.41 -66.71 -10.57
CA VAL I 108 6.64 -67.20 -11.16
C VAL I 108 7.76 -67.05 -10.17
N PHE I 109 7.64 -66.07 -9.23
CA PHE I 109 8.51 -66.00 -8.08
C PHE I 109 8.19 -67.11 -7.10
N LYS I 110 6.95 -67.11 -6.53
CA LYS I 110 6.46 -68.04 -5.53
C LYS I 110 6.66 -69.52 -5.78
N LEU I 111 6.69 -69.94 -7.07
CA LEU I 111 7.05 -71.27 -7.48
C LEU I 111 7.70 -71.12 -8.82
N GLY I 112 8.65 -72.02 -9.14
CA GLY I 112 9.35 -72.01 -10.40
C GLY I 112 10.61 -71.23 -10.28
N LEU I 113 11.05 -70.66 -11.42
CA LEU I 113 12.44 -70.65 -11.81
C LEU I 113 13.04 -69.28 -11.63
N ALA I 114 12.24 -68.31 -11.10
CA ALA I 114 12.73 -67.03 -10.66
C ALA I 114 13.38 -67.12 -9.32
N LYS I 115 14.28 -66.15 -9.05
CA LYS I 115 15.01 -66.02 -7.82
C LYS I 115 14.58 -64.73 -7.14
N SER I 116 13.88 -63.83 -7.88
CA SER I 116 13.52 -62.53 -7.37
C SER I 116 12.35 -62.05 -8.18
N ILE I 117 11.76 -60.90 -7.75
CA ILE I 117 10.70 -60.18 -8.44
C ILE I 117 11.28 -59.44 -9.63
N HIS I 118 12.64 -59.36 -9.68
CA HIS I 118 13.49 -58.93 -10.78
C HIS I 118 13.30 -60.03 -11.79
N HIS I 119 14.12 -61.11 -11.63
CA HIS I 119 14.30 -62.28 -12.45
C HIS I 119 13.06 -62.74 -13.16
N ALA I 120 11.93 -62.91 -12.40
CA ALA I 120 10.62 -63.37 -12.82
C ALA I 120 10.10 -62.68 -14.05
N ARG I 121 10.12 -61.32 -14.04
CA ARG I 121 9.62 -60.48 -15.11
C ARG I 121 10.37 -60.70 -16.39
N VAL I 122 11.71 -60.80 -16.30
CA VAL I 122 12.61 -61.05 -17.41
C VAL I 122 12.42 -62.44 -17.98
N LEU I 123 12.09 -63.44 -17.14
CA LEU I 123 11.83 -64.81 -17.53
C LEU I 123 10.57 -64.91 -18.35
N ILE I 124 9.51 -64.19 -17.95
CA ILE I 124 8.24 -64.18 -18.64
C ILE I 124 8.40 -63.49 -19.97
N ARG I 125 9.09 -62.33 -19.98
CA ARG I 125 9.27 -61.50 -21.16
C ARG I 125 10.17 -62.18 -22.19
N GLN I 126 10.96 -63.19 -21.76
CA GLN I 126 11.87 -63.94 -22.58
C GLN I 126 11.33 -65.33 -22.83
N ARG I 127 10.05 -65.59 -22.50
CA ARG I 127 9.29 -66.73 -22.95
C ARG I 127 9.86 -68.03 -22.46
N HIS I 128 10.09 -68.13 -21.13
CA HIS I 128 10.67 -69.30 -20.51
C HIS I 128 9.60 -70.19 -19.95
N ILE I 129 8.33 -69.72 -19.90
CA ILE I 129 7.26 -70.50 -19.34
C ILE I 129 6.13 -70.60 -20.33
N ARG I 130 5.32 -71.67 -20.17
CA ARG I 130 3.99 -71.74 -20.66
C ARG I 130 3.11 -71.77 -19.46
N VAL I 131 1.94 -71.12 -19.56
CA VAL I 131 0.81 -71.29 -18.69
C VAL I 131 -0.12 -72.19 -19.43
N ARG I 132 -0.06 -73.51 -19.12
CA ARG I 132 -0.66 -74.59 -19.88
C ARG I 132 0.28 -75.01 -20.97
N LYS I 133 -0.24 -75.16 -22.21
CA LYS I 133 0.56 -75.30 -23.41
C LYS I 133 0.61 -74.01 -24.17
N GLN I 134 0.48 -72.85 -23.48
CA GLN I 134 0.31 -71.59 -24.13
C GLN I 134 1.35 -70.69 -23.52
N VAL I 135 2.28 -70.17 -24.34
CA VAL I 135 3.26 -69.17 -23.95
C VAL I 135 2.56 -67.91 -23.50
N VAL I 136 3.11 -67.23 -22.46
CA VAL I 136 2.65 -65.95 -22.04
C VAL I 136 3.90 -65.11 -21.95
N ASN I 137 3.84 -63.91 -22.56
CA ASN I 137 4.97 -63.02 -22.70
C ASN I 137 4.72 -61.76 -21.92
N ILE I 138 3.54 -61.63 -21.25
CA ILE I 138 3.13 -60.42 -20.59
C ILE I 138 3.24 -60.71 -19.11
N PRO I 139 4.01 -59.98 -18.30
CA PRO I 139 4.15 -60.26 -16.88
C PRO I 139 3.01 -59.68 -16.08
N SER I 140 2.32 -58.63 -16.60
CA SER I 140 1.21 -58.01 -15.91
C SER I 140 -0.03 -58.45 -16.61
N PHE I 141 -0.83 -59.30 -15.93
CA PHE I 141 -1.47 -60.38 -16.60
C PHE I 141 -2.67 -60.70 -15.75
N ILE I 142 -2.39 -61.12 -14.49
CA ILE I 142 -3.34 -61.60 -13.52
C ILE I 142 -3.89 -62.93 -13.96
N VAL I 143 -3.43 -64.01 -13.27
CA VAL I 143 -3.78 -65.37 -13.58
C VAL I 143 -4.98 -65.70 -12.75
N ARG I 144 -5.78 -66.66 -13.24
CA ARG I 144 -6.93 -67.17 -12.53
C ARG I 144 -6.48 -68.27 -11.63
N LEU I 145 -7.38 -68.76 -10.74
CA LEU I 145 -7.15 -69.77 -9.72
C LEU I 145 -6.42 -70.97 -10.28
N ASP I 146 -7.12 -71.75 -11.13
CA ASP I 146 -6.66 -72.98 -11.73
C ASP I 146 -5.66 -72.79 -12.87
N SER I 147 -5.12 -71.57 -13.06
CA SER I 147 -4.10 -71.29 -14.05
C SER I 147 -2.76 -71.23 -13.39
N GLN I 148 -2.72 -71.37 -12.04
CA GLN I 148 -1.51 -71.34 -11.26
C GLN I 148 -1.08 -72.76 -11.01
N LYS I 149 -1.79 -73.73 -11.62
CA LYS I 149 -1.57 -75.14 -11.47
C LYS I 149 -0.90 -75.66 -12.72
N HIS I 150 -0.48 -74.77 -13.64
CA HIS I 150 -0.03 -75.17 -14.95
C HIS I 150 1.11 -74.30 -15.39
N ILE I 151 1.72 -73.51 -14.48
CA ILE I 151 2.86 -72.69 -14.81
C ILE I 151 4.04 -73.62 -14.71
N ASP I 152 4.83 -73.70 -15.81
CA ASP I 152 5.88 -74.67 -15.97
C ASP I 152 6.72 -74.14 -17.10
N PHE I 153 7.95 -74.68 -17.27
CA PHE I 153 8.85 -74.41 -18.37
C PHE I 153 8.21 -74.57 -19.73
N SER I 154 8.82 -73.93 -20.75
CA SER I 154 8.33 -73.93 -22.10
C SER I 154 9.20 -74.88 -22.88
N LEU I 155 8.73 -75.25 -24.08
CA LEU I 155 9.44 -76.13 -24.98
C LEU I 155 10.21 -75.31 -25.98
N ARG I 156 10.21 -73.96 -25.77
CA ARG I 156 10.90 -73.01 -26.61
C ARG I 156 11.80 -72.20 -25.72
N SER I 157 12.08 -72.70 -24.49
CA SER I 157 13.35 -72.47 -23.84
C SER I 157 13.97 -73.83 -23.70
N PRO I 158 15.24 -74.08 -24.00
CA PRO I 158 15.63 -75.42 -24.40
C PRO I 158 16.22 -76.09 -23.19
N TYR I 159 16.45 -75.33 -22.09
CA TYR I 159 16.58 -75.86 -20.76
C TYR I 159 15.23 -75.88 -20.09
N GLY I 160 14.97 -76.95 -19.29
CA GLY I 160 13.63 -77.42 -19.03
C GLY I 160 13.06 -78.20 -20.18
N GLY I 161 13.91 -78.48 -21.22
CA GLY I 161 13.59 -79.34 -22.31
C GLY I 161 13.04 -78.48 -23.40
N GLY I 162 13.39 -78.80 -24.66
CA GLY I 162 12.91 -78.05 -25.80
C GLY I 162 13.96 -78.06 -26.83
N ARG I 163 13.55 -77.75 -28.08
CA ARG I 163 14.35 -77.72 -29.27
C ARG I 163 15.46 -76.69 -29.16
N PRO I 164 16.73 -76.98 -29.49
CA PRO I 164 17.84 -76.03 -29.44
C PRO I 164 17.60 -74.80 -30.26
N GLY I 165 17.78 -73.61 -29.65
CA GLY I 165 17.55 -72.35 -30.30
C GLY I 165 18.86 -71.91 -30.90
N ARG I 166 19.57 -71.01 -30.18
CA ARG I 166 20.82 -70.46 -30.60
C ARG I 166 21.45 -69.82 -29.39
N VAL I 167 20.93 -70.12 -28.17
CA VAL I 167 21.42 -69.56 -26.94
C VAL I 167 22.04 -70.67 -26.15
N LYS I 168 21.47 -71.90 -26.27
CA LYS I 168 22.05 -73.12 -25.75
C LYS I 168 23.26 -73.47 -26.55
N ARG I 169 23.11 -73.42 -27.89
CA ARG I 169 24.15 -73.62 -28.87
C ARG I 169 25.28 -72.61 -28.77
N LYS I 170 24.98 -71.35 -28.34
CA LYS I 170 25.98 -70.35 -28.04
C LYS I 170 26.89 -70.76 -26.91
N ASN I 171 26.33 -71.37 -25.85
CA ASN I 171 27.05 -71.87 -24.68
C ASN I 171 27.88 -73.08 -25.04
N ALA I 172 27.33 -73.95 -25.93
CA ALA I 172 28.01 -75.11 -26.46
C ALA I 172 29.27 -74.72 -27.21
N LYS I 173 29.26 -73.54 -27.87
CA LYS I 173 30.34 -73.06 -28.70
C LYS I 173 31.20 -72.07 -27.95
N LYS I 174 30.93 -71.80 -26.65
CA LYS I 174 31.96 -71.35 -25.75
C LYS I 174 32.83 -72.49 -25.27
N GLY I 175 32.37 -73.75 -25.47
CA GLY I 175 33.19 -74.93 -25.27
C GLY I 175 33.73 -75.50 -26.54
N GLN I 176 33.40 -74.91 -27.71
CA GLN I 176 33.79 -75.46 -29.00
C GLN I 176 34.12 -74.32 -29.91
N GLY I 177 34.61 -73.20 -29.35
CA GLY I 177 34.94 -72.03 -30.12
C GLY I 177 35.52 -71.01 -29.20
N GLY I 178 35.28 -71.18 -27.87
CA GLY I 178 35.82 -70.35 -26.83
C GLY I 178 36.97 -71.13 -26.27
N ALA I 179 36.76 -72.47 -26.17
CA ALA I 179 37.70 -73.39 -25.60
C ALA I 179 38.10 -74.37 -26.68
N GLY I 180 37.44 -74.30 -27.86
CA GLY I 180 37.83 -75.05 -29.04
C GLY I 180 38.81 -74.25 -29.84
N ALA I 181 38.89 -72.91 -29.56
CA ALA I 181 39.75 -71.95 -30.20
C ALA I 181 39.48 -71.82 -31.68
N GLY I 182 38.19 -71.75 -32.06
CA GLY I 182 37.78 -71.77 -33.43
C GLY I 182 36.38 -72.37 -33.48
N PRO J 1 56.23 72.98 40.87
CA PRO J 1 55.57 74.12 40.16
C PRO J 1 56.69 74.87 39.49
N GLU J 2 57.55 74.17 38.70
CA GLU J 2 58.61 74.77 37.95
C GLU J 2 58.37 74.38 36.52
N LYS J 3 58.20 75.40 35.65
CA LYS J 3 57.93 75.23 34.25
C LYS J 3 59.20 74.84 33.51
N PHE J 4 60.36 75.47 33.83
CA PHE J 4 60.77 76.70 33.20
C PHE J 4 61.77 76.37 32.11
N GLN J 5 61.99 75.05 31.89
CA GLN J 5 63.28 74.50 31.56
C GLN J 5 63.15 73.80 30.24
N HIS J 6 62.05 74.07 29.52
CA HIS J 6 61.31 73.08 28.76
C HIS J 6 61.78 73.09 27.34
N ILE J 7 61.46 71.98 26.63
CA ILE J 7 61.61 71.77 25.19
C ILE J 7 63.03 71.31 24.98
N LEU J 8 63.20 69.97 24.86
CA LEU J 8 64.50 69.35 24.79
C LEU J 8 64.49 68.56 23.52
N ARG J 9 65.68 68.37 22.88
CA ARG J 9 65.78 67.64 21.65
C ARG J 9 66.59 66.39 21.85
N VAL J 10 66.00 65.22 21.49
CA VAL J 10 66.76 63.99 21.30
C VAL J 10 66.17 63.50 20.01
N LEU J 11 66.84 62.57 19.31
CA LEU J 11 67.38 62.90 18.01
C LEU J 11 66.30 63.01 16.96
N ASN J 12 65.88 64.28 16.71
CA ASN J 12 64.99 64.74 15.67
C ASN J 12 63.57 64.87 16.17
N THR J 13 63.32 64.55 17.47
CA THR J 13 62.01 64.66 18.08
C THR J 13 62.08 65.67 19.20
N ASN J 14 60.95 66.36 19.46
CA ASN J 14 60.82 67.30 20.55
C ASN J 14 60.31 66.53 21.74
N ILE J 15 61.02 66.66 22.87
CA ILE J 15 60.83 65.88 24.07
C ILE J 15 60.37 66.86 25.10
N ASP J 16 59.12 66.67 25.60
CA ASP J 16 58.50 67.50 26.60
C ASP J 16 57.81 66.56 27.53
N GLY J 17 57.37 67.09 28.70
CA GLY J 17 56.65 66.38 29.73
C GLY J 17 55.43 65.70 29.17
N ARG J 18 55.20 64.44 29.59
CA ARG J 18 54.18 63.59 29.05
C ARG J 18 54.26 62.36 29.90
N ARG J 19 55.49 61.90 30.16
CA ARG J 19 55.79 60.65 30.82
C ARG J 19 57.10 60.94 31.49
N LYS J 20 57.62 59.96 32.27
CA LYS J 20 58.91 60.00 32.92
C LYS J 20 59.95 60.06 31.83
N ILE J 21 61.13 60.69 32.09
CA ILE J 21 62.18 61.00 31.12
C ILE J 21 62.44 59.87 30.16
N ALA J 22 62.91 58.71 30.69
CA ALA J 22 63.15 57.45 29.99
C ALA J 22 62.17 57.10 28.89
N PHE J 23 60.86 57.02 29.21
CA PHE J 23 59.77 56.78 28.29
C PHE J 23 59.60 57.86 27.25
N ALA J 24 59.74 59.15 27.67
CA ALA J 24 59.67 60.32 26.82
C ALA J 24 60.65 60.27 25.65
N ILE J 25 61.91 59.81 25.91
CA ILE J 25 62.96 59.68 24.91
C ILE J 25 62.61 58.72 23.78
N THR J 26 61.95 57.57 24.07
CA THR J 26 61.65 56.49 23.14
C THR J 26 60.75 56.78 21.95
N ALA J 27 60.54 58.08 21.60
CA ALA J 27 59.94 58.52 20.36
C ALA J 27 60.80 58.08 19.20
N ILE J 28 62.14 58.19 19.36
CA ILE J 28 63.11 57.84 18.33
C ILE J 28 63.31 56.34 18.31
N LYS J 29 63.79 55.82 17.16
CA LYS J 29 64.12 54.43 16.98
C LYS J 29 65.44 54.16 17.64
N GLY J 30 65.66 52.89 18.04
CA GLY J 30 66.92 52.44 18.57
C GLY J 30 67.08 52.77 20.03
N VAL J 31 66.05 53.38 20.65
CA VAL J 31 66.05 53.64 22.08
C VAL J 31 64.74 53.08 22.54
N GLY J 32 64.79 51.91 23.21
CA GLY J 32 63.69 51.33 23.93
C GLY J 32 63.64 51.89 25.31
N ARG J 33 62.66 51.40 26.12
CA ARG J 33 62.41 51.85 27.47
C ARG J 33 63.59 51.57 28.37
N ARG J 34 64.15 50.34 28.25
CA ARG J 34 65.31 49.90 28.99
C ARG J 34 66.55 50.64 28.65
N TYR J 35 66.73 51.03 27.35
CA TYR J 35 67.92 51.70 26.90
C TYR J 35 68.01 53.08 27.51
N ALA J 36 66.88 53.83 27.50
CA ALA J 36 66.86 55.22 27.88
C ALA J 36 66.97 55.33 29.38
N HIS J 37 66.43 54.32 30.09
CA HIS J 37 66.49 54.21 31.53
C HIS J 37 67.89 54.03 32.05
N VAL J 38 68.71 53.21 31.35
CA VAL J 38 70.06 52.88 31.73
C VAL J 38 71.02 53.98 31.36
N VAL J 39 70.78 54.71 30.24
CA VAL J 39 71.56 55.88 29.86
C VAL J 39 71.45 56.95 30.91
N LEU J 40 70.24 57.19 31.47
CA LEU J 40 69.97 58.21 32.47
C LEU J 40 70.66 57.91 33.77
N ARG J 41 70.66 56.62 34.21
CA ARG J 41 71.34 56.15 35.40
C ARG J 41 72.83 56.38 35.34
N LYS J 42 73.45 56.13 34.15
CA LYS J 42 74.84 56.41 33.86
C LYS J 42 75.14 57.88 33.91
N ALA J 43 74.20 58.72 33.42
CA ALA J 43 74.40 60.14 33.27
C ALA J 43 74.04 60.90 34.52
N ASP J 44 73.70 60.18 35.62
CA ASP J 44 73.44 60.73 36.94
C ASP J 44 72.28 61.68 36.97
N ILE J 45 71.14 61.29 36.35
CA ILE J 45 69.98 62.13 36.16
C ILE J 45 68.84 61.33 36.71
N ASP J 46 68.00 61.98 37.56
CA ASP J 46 66.82 61.38 38.14
C ASP J 46 65.79 61.28 37.05
N LEU J 47 65.32 60.04 36.81
CA LEU J 47 64.56 59.69 35.65
C LEU J 47 63.09 59.71 35.93
N THR J 48 62.68 60.05 37.18
CA THR J 48 61.31 60.07 37.62
C THR J 48 60.67 61.39 37.21
N LYS J 49 61.52 62.40 36.91
CA LYS J 49 61.15 63.74 36.53
C LYS J 49 60.60 63.75 35.13
N ARG J 50 60.17 64.95 34.67
CA ARG J 50 59.56 65.16 33.38
C ARG J 50 60.63 65.70 32.47
N ALA J 51 60.32 65.74 31.16
CA ALA J 51 61.24 66.19 30.14
C ALA J 51 60.91 67.62 29.79
N GLY J 52 59.93 68.21 30.50
CA GLY J 52 59.67 69.63 30.48
C GLY J 52 60.43 70.24 31.63
N GLU J 53 60.90 69.38 32.57
CA GLU J 53 61.91 69.68 33.56
C GLU J 53 63.23 69.29 32.95
N LEU J 54 64.33 69.74 33.59
CA LEU J 54 65.71 69.55 33.19
C LEU J 54 66.06 70.43 32.02
N THR J 55 67.33 70.92 32.01
CA THR J 55 67.85 71.86 31.05
C THR J 55 68.52 71.08 29.94
N GLU J 56 69.11 71.84 28.99
CA GLU J 56 69.81 71.42 27.80
C GLU J 56 71.06 70.64 28.13
N ASP J 57 71.76 71.03 29.22
CA ASP J 57 72.94 70.38 29.80
C ASP J 57 72.77 68.88 29.89
N GLU J 58 71.74 68.42 30.64
CA GLU J 58 71.47 67.03 30.95
C GLU J 58 71.25 66.22 29.69
N VAL J 59 70.58 66.81 28.67
CA VAL J 59 70.25 66.20 27.41
C VAL J 59 71.49 65.82 26.64
N GLU J 60 72.46 66.75 26.54
CA GLU J 60 73.72 66.56 25.85
C GLU J 60 74.54 65.46 26.48
N ARG J 61 74.51 65.38 27.84
CA ARG J 61 75.19 64.38 28.63
C ARG J 61 74.66 62.98 28.38
N VAL J 62 73.33 62.86 28.15
CA VAL J 62 72.65 61.66 27.72
C VAL J 62 73.06 61.24 26.32
N ILE J 63 73.16 62.22 25.37
CA ILE J 63 73.42 61.97 23.97
C ILE J 63 74.82 61.42 23.79
N THR J 64 75.81 61.95 24.55
CA THR J 64 77.20 61.52 24.50
C THR J 64 77.35 60.10 24.99
N ILE J 65 76.58 59.69 26.04
CA ILE J 65 76.72 58.38 26.63
C ILE J 65 76.06 57.34 25.77
N MET J 66 74.94 57.66 25.07
CA MET J 66 74.25 56.72 24.21
C MET J 66 75.04 56.39 22.98
N GLN J 67 75.80 57.37 22.42
CA GLN J 67 76.48 57.25 21.15
C GLN J 67 77.95 56.98 21.36
N ASN J 68 78.36 56.67 22.60
CA ASN J 68 79.69 56.14 22.87
C ASN J 68 79.50 55.14 23.98
N PRO J 69 78.73 54.06 23.81
CA PRO J 69 78.17 53.30 24.93
C PRO J 69 79.24 52.56 25.68
N ARG J 70 80.22 51.95 24.96
CA ARG J 70 81.29 51.15 25.50
C ARG J 70 82.20 51.97 26.39
N GLN J 71 82.44 53.24 25.99
CA GLN J 71 83.33 54.19 26.62
C GLN J 71 82.71 54.84 27.84
N TYR J 72 81.65 54.24 28.42
CA TYR J 72 80.93 54.76 29.56
C TYR J 72 80.27 53.56 30.20
N LYS J 73 80.73 52.34 29.82
CA LYS J 73 80.48 51.07 30.46
C LYS J 73 79.04 50.64 30.35
N ILE J 74 78.44 50.89 29.17
CA ILE J 74 77.21 50.26 28.73
C ILE J 74 77.76 49.08 27.95
N PRO J 75 77.62 47.85 28.44
CA PRO J 75 78.24 46.67 27.86
C PRO J 75 77.72 46.31 26.49
N ASP J 76 78.46 45.40 25.82
CA ASP J 76 78.23 44.97 24.46
C ASP J 76 76.97 44.18 24.31
N TRP J 77 76.58 43.35 25.33
CA TRP J 77 75.38 42.53 25.23
C TRP J 77 74.12 43.37 25.12
N PHE J 78 74.14 44.58 25.76
CA PHE J 78 73.04 45.50 25.86
C PHE J 78 72.71 46.18 24.54
N LEU J 79 73.51 45.94 23.47
CA LEU J 79 73.43 46.71 22.25
C LEU J 79 72.49 46.02 21.32
N ASN J 80 71.82 46.81 20.45
CA ASN J 80 70.88 46.32 19.47
C ASN J 80 71.52 45.45 18.43
N ARG J 81 72.72 45.82 17.96
CA ARG J 81 73.46 45.05 17.00
C ARG J 81 74.78 44.80 17.68
N GLN J 82 75.16 43.51 17.76
CA GLN J 82 76.40 43.09 18.36
C GLN J 82 77.20 42.52 17.24
N LYS J 83 78.42 43.07 17.03
CA LYS J 83 79.36 42.70 15.99
C LYS J 83 78.94 43.11 14.60
N ASP J 84 77.61 43.32 14.38
CA ASP J 84 76.98 43.82 13.19
C ASP J 84 77.31 42.95 11.99
N VAL J 85 77.10 43.48 10.77
CA VAL J 85 77.32 42.77 9.54
C VAL J 85 77.99 43.78 8.66
N LYS J 86 77.71 45.09 8.91
CA LYS J 86 78.40 46.19 8.29
C LYS J 86 78.89 46.94 9.48
N ASP J 87 80.23 47.00 9.60
CA ASP J 87 80.98 47.43 10.77
C ASP J 87 81.41 46.15 11.46
N GLY J 88 82.71 46.09 11.84
CA GLY J 88 83.26 45.02 12.63
C GLY J 88 83.07 45.21 14.10
N LYS J 89 82.45 46.34 14.53
CA LYS J 89 82.03 46.54 15.89
C LYS J 89 80.52 46.57 15.88
N TYR J 90 79.91 45.93 16.91
CA TYR J 90 79.39 46.53 18.14
C TYR J 90 79.05 47.99 18.05
N SER J 91 77.80 48.28 17.63
CA SER J 91 77.34 49.64 17.46
C SER J 91 75.95 49.70 17.96
N GLN J 92 75.62 50.83 18.64
CA GLN J 92 74.27 51.19 18.95
C GLN J 92 73.83 52.04 17.80
N VAL J 93 72.62 51.74 17.27
CA VAL J 93 72.11 52.41 16.10
C VAL J 93 70.87 53.11 16.58
N LEU J 94 70.69 54.37 16.13
CA LEU J 94 69.69 55.27 16.65
C LEU J 94 69.02 55.91 15.48
N ALA J 95 67.86 56.55 15.74
CA ALA J 95 67.13 57.44 14.86
C ALA J 95 66.88 56.84 13.49
N ASN J 96 67.05 57.66 12.42
CA ASN J 96 66.83 57.28 11.04
C ASN J 96 67.80 56.23 10.55
N GLY J 97 68.95 56.06 11.25
CA GLY J 97 70.04 55.23 10.81
C GLY J 97 69.77 53.77 11.05
N LEU J 98 68.74 53.45 11.87
CA LEU J 98 68.31 52.10 12.10
C LEU J 98 67.56 51.61 10.91
N ASP J 99 66.63 52.46 10.38
CA ASP J 99 65.84 52.22 9.20
C ASP J 99 66.70 51.88 8.00
N ASN J 100 67.84 52.61 7.84
CA ASN J 100 68.86 52.39 6.83
C ASN J 100 69.35 50.98 6.89
N LYS J 101 69.87 50.54 8.06
CA LYS J 101 70.46 49.22 8.24
C LYS J 101 69.48 48.10 8.04
N LEU J 102 68.23 48.21 8.54
CA LEU J 102 67.14 47.27 8.29
C LEU J 102 66.91 47.00 6.82
N ARG J 103 66.87 48.08 6.00
CA ARG J 103 66.76 48.03 4.55
C ARG J 103 67.92 47.30 3.95
N GLU J 104 69.17 47.70 4.34
CA GLU J 104 70.43 47.10 3.97
C GLU J 104 70.40 45.59 4.10
N ASP J 105 70.14 45.07 5.32
CA ASP J 105 70.10 43.65 5.63
C ASP J 105 69.09 42.87 4.81
N LEU J 106 67.89 43.44 4.53
CA LEU J 106 66.90 42.77 3.72
C LEU J 106 67.29 42.64 2.26
N GLU J 107 67.90 43.70 1.69
CA GLU J 107 68.44 43.74 0.33
C GLU J 107 69.57 42.76 0.18
N ARG J 108 70.48 42.74 1.18
CA ARG J 108 71.67 41.96 1.33
C ARG J 108 71.39 40.50 1.13
N LEU J 109 70.35 39.98 1.82
CA LEU J 109 70.00 38.59 1.84
C LEU J 109 69.06 38.24 0.72
N LYS J 110 68.74 39.21 -0.19
CA LYS J 110 68.01 38.94 -1.40
C LYS J 110 69.01 38.66 -2.49
N LYS J 111 70.12 39.44 -2.52
CA LYS J 111 71.31 39.21 -3.32
C LYS J 111 71.90 37.84 -3.07
N ILE J 112 72.31 37.58 -1.80
CA ILE J 112 72.81 36.33 -1.29
C ILE J 112 71.77 35.23 -1.37
N ARG J 113 70.48 35.62 -1.51
CA ARG J 113 69.31 34.81 -1.80
C ARG J 113 69.01 33.85 -0.68
N ALA J 114 69.40 34.25 0.56
CA ALA J 114 69.18 33.52 1.78
C ALA J 114 67.72 33.54 2.11
N HIS J 115 67.25 32.50 2.84
CA HIS J 115 65.87 32.14 3.05
C HIS J 115 65.10 33.26 3.68
N ARG J 116 65.73 33.94 4.67
CA ARG J 116 65.18 35.09 5.37
C ARG J 116 64.81 36.20 4.44
N GLY J 117 65.78 36.62 3.60
CA GLY J 117 65.65 37.57 2.52
C GLY J 117 64.51 37.31 1.59
N LEU J 118 64.47 36.09 0.99
CA LEU J 118 63.49 35.69 -0.01
C LEU J 118 62.09 35.70 0.52
N ARG J 119 61.87 35.11 1.73
CA ARG J 119 60.57 35.03 2.37
C ARG J 119 59.98 36.38 2.61
N HIS J 120 60.79 37.31 3.17
CA HIS J 120 60.39 38.66 3.52
C HIS J 120 59.99 39.48 2.31
N PHE J 121 60.75 39.32 1.21
CA PHE J 121 60.57 40.01 -0.04
C PHE J 121 59.27 39.64 -0.70
N TRP J 122 58.96 38.31 -0.69
CA TRP J 122 57.80 37.73 -1.31
C TRP J 122 56.56 37.94 -0.48
N GLY J 123 56.72 38.24 0.82
CA GLY J 123 55.63 38.55 1.73
C GLY J 123 55.21 37.36 2.53
N LEU J 124 55.90 36.20 2.33
CA LEU J 124 55.74 35.00 3.12
C LEU J 124 56.38 35.21 4.46
N ARG J 125 55.95 34.42 5.49
CA ARG J 125 56.39 34.62 6.85
C ARG J 125 57.76 34.01 7.00
N VAL J 126 58.71 34.80 7.54
CA VAL J 126 60.13 34.53 7.56
C VAL J 126 60.42 33.41 8.52
N ARG J 127 59.81 33.46 9.73
CA ARG J 127 59.74 32.36 10.66
C ARG J 127 58.94 31.22 10.10
N GLY J 128 59.29 29.98 10.50
CA GLY J 128 58.78 28.77 9.89
C GLY J 128 57.42 28.42 10.41
N GLN J 129 56.92 29.20 11.41
CA GLN J 129 55.71 28.96 12.16
C GLN J 129 54.52 29.16 11.28
N HIS J 130 53.35 28.64 11.70
CA HIS J 130 52.13 28.66 10.92
C HIS J 130 51.67 30.04 10.54
N THR J 131 51.10 30.10 9.32
CA THR J 131 50.69 31.26 8.58
C THR J 131 49.52 30.72 7.79
N LYS J 132 48.98 29.56 8.25
CA LYS J 132 47.97 28.74 7.64
C LYS J 132 46.66 29.46 7.50
N THR J 133 46.28 30.19 8.59
CA THR J 133 45.02 30.89 8.70
C THR J 133 45.30 32.17 9.45
N THR J 134 46.60 32.54 9.56
CA THR J 134 47.07 33.67 10.31
C THR J 134 47.95 34.43 9.37
N GLY J 135 48.26 35.70 9.72
CA GLY J 135 49.15 36.54 8.96
C GLY J 135 48.30 37.26 7.96
N ARG J 136 47.00 37.37 8.28
CA ARG J 136 45.99 38.01 7.48
C ARG J 136 44.89 38.36 8.45
N ARG J 137 43.91 39.16 7.98
CA ARG J 137 42.53 38.73 8.06
C ARG J 137 41.97 38.80 6.64
N LYS K 1 14.23 -28.70 -62.20
CA LYS K 1 15.62 -28.20 -62.31
C LYS K 1 15.64 -26.72 -62.47
N LYS K 2 16.58 -26.06 -61.73
CA LYS K 2 16.74 -24.63 -61.68
C LYS K 2 17.29 -24.12 -62.99
N PHE K 3 18.31 -24.83 -63.53
CA PHE K 3 18.94 -24.47 -64.77
C PHE K 3 19.65 -25.69 -65.25
N GLY K 4 19.97 -25.73 -66.57
CA GLY K 4 20.63 -26.82 -67.25
C GLY K 4 20.06 -28.18 -66.97
N ASN K 5 20.96 -29.19 -66.98
CA ASN K 5 20.64 -30.58 -66.80
C ASN K 5 21.87 -31.19 -66.17
N SER K 6 22.78 -30.32 -65.65
CA SER K 6 23.97 -30.71 -64.95
C SER K 6 23.75 -30.54 -63.47
N GLU K 7 22.55 -30.05 -63.08
CA GLU K 7 22.07 -30.13 -61.73
C GLU K 7 20.58 -30.30 -61.86
N PHE K 8 19.86 -30.83 -60.83
CA PHE K 8 20.35 -31.44 -59.61
C PHE K 8 21.00 -32.78 -59.90
N ASP K 9 20.40 -33.59 -60.79
CA ASP K 9 20.99 -34.81 -61.30
C ASP K 9 22.20 -34.52 -62.16
N PRO K 10 23.26 -35.34 -62.18
CA PRO K 10 24.33 -35.26 -63.14
C PRO K 10 23.85 -35.50 -64.57
N PRO K 11 24.55 -35.09 -65.62
CA PRO K 11 24.31 -35.54 -66.99
C PRO K 11 24.49 -37.02 -67.13
N GLY K 12 23.82 -37.68 -68.10
CA GLY K 12 23.90 -39.11 -68.26
C GLY K 12 22.51 -39.67 -68.46
N PRO K 13 22.24 -40.91 -68.03
CA PRO K 13 20.95 -41.56 -68.18
C PRO K 13 20.10 -41.26 -66.97
N ASN K 14 20.53 -40.28 -66.14
CA ASN K 14 19.73 -39.73 -65.08
C ASN K 14 18.74 -38.73 -65.63
N VAL K 15 18.93 -38.33 -66.91
CA VAL K 15 18.26 -37.22 -67.53
C VAL K 15 18.13 -37.55 -69.01
N ALA K 16 18.16 -38.86 -69.36
CA ALA K 16 18.12 -39.29 -70.75
C ALA K 16 17.41 -40.60 -70.81
N THR K 17 16.51 -40.87 -69.83
CA THR K 17 15.66 -42.04 -69.80
C THR K 17 14.26 -41.52 -69.92
N THR K 18 13.43 -42.24 -70.72
CA THR K 18 12.06 -41.90 -71.00
C THR K 18 11.19 -43.03 -70.51
N THR K 19 9.89 -42.73 -70.31
CA THR K 19 8.89 -43.69 -69.88
C THR K 19 8.05 -44.16 -71.05
N VAL K 20 8.29 -43.58 -72.25
CA VAL K 20 7.57 -43.93 -73.46
C VAL K 20 8.66 -44.26 -74.45
N SER K 21 8.49 -45.37 -75.20
CA SER K 21 9.38 -45.74 -76.27
C SER K 21 9.36 -44.73 -77.37
N ASP K 22 10.57 -44.33 -77.83
CA ASP K 22 10.75 -43.38 -78.90
C ASP K 22 11.47 -44.08 -80.02
N ASP K 23 11.73 -45.40 -79.85
CA ASP K 23 12.43 -46.20 -80.81
C ASP K 23 11.36 -46.80 -81.69
N VAL K 24 11.54 -46.65 -83.01
CA VAL K 24 10.61 -47.14 -83.99
C VAL K 24 11.44 -47.80 -85.05
N SER K 25 10.79 -48.68 -85.85
CA SER K 25 11.43 -49.43 -86.89
C SER K 25 11.27 -48.64 -88.16
N MET K 26 12.31 -48.67 -89.01
CA MET K 26 12.25 -48.18 -90.36
C MET K 26 12.88 -49.26 -91.18
N THR K 27 12.60 -49.26 -92.51
CA THR K 27 13.21 -50.17 -93.44
C THR K 27 14.57 -49.63 -93.78
N PHE K 28 15.34 -50.42 -94.56
CA PHE K 28 16.67 -50.04 -94.96
C PHE K 28 16.67 -49.83 -96.44
N ILE K 29 15.49 -49.98 -97.11
CA ILE K 29 15.35 -49.93 -98.54
C ILE K 29 14.77 -48.58 -98.88
N THR K 30 13.42 -48.46 -99.01
CA THR K 30 12.78 -47.21 -99.39
C THR K 30 11.38 -47.15 -98.79
N SER K 31 10.91 -48.21 -98.09
CA SER K 31 9.52 -48.29 -97.68
C SER K 31 9.40 -47.95 -96.22
N LYS K 32 10.24 -46.97 -95.79
CA LYS K 32 10.32 -46.43 -94.46
C LYS K 32 9.03 -45.78 -94.08
N GLU K 33 8.47 -45.01 -95.06
CA GLU K 33 7.32 -44.17 -94.90
C GLU K 33 6.09 -45.02 -94.78
N ASP K 34 6.00 -46.05 -95.67
CA ASP K 34 4.89 -46.97 -95.81
C ASP K 34 4.70 -47.78 -94.56
N LEU K 35 5.82 -48.12 -93.88
CA LEU K 35 5.83 -48.90 -92.67
C LEU K 35 5.21 -48.11 -91.53
N ASN K 36 5.51 -46.78 -91.44
CA ASN K 36 4.94 -45.90 -90.45
C ASN K 36 3.45 -45.69 -90.66
N CYS K 37 3.04 -45.38 -91.93
CA CYS K 37 1.69 -45.04 -92.31
C CYS K 37 0.69 -46.14 -92.07
N GLN K 38 1.12 -47.41 -92.22
CA GLN K 38 0.31 -48.56 -91.92
C GLN K 38 0.47 -48.93 -90.44
N ALA L 1 -8.12 -9.86 -58.60
CA ALA L 1 -7.62 -9.42 -59.93
C ALA L 1 -6.12 -9.27 -59.90
N THR L 2 -5.57 -8.33 -60.70
CA THR L 2 -4.18 -7.99 -60.71
C THR L 2 -4.17 -6.51 -60.48
N ILE L 3 -3.25 -6.06 -59.60
CA ILE L 3 -3.08 -4.69 -59.20
C ILE L 3 -1.63 -4.37 -59.41
N ARG L 4 -1.32 -3.12 -59.79
CA ARG L 4 0.01 -2.68 -60.05
C ARG L 4 0.36 -1.79 -58.90
N VAL L 5 1.64 -1.84 -58.46
CA VAL L 5 2.18 -1.08 -57.37
C VAL L 5 3.38 -0.42 -57.98
N THR L 6 3.66 0.83 -57.58
CA THR L 6 4.70 1.62 -58.17
C THR L 6 5.20 2.48 -57.03
N ASN L 7 6.44 3.01 -57.18
CA ASN L 7 7.22 3.77 -56.23
C ASN L 7 7.74 2.84 -55.16
N LEU L 8 8.22 1.64 -55.59
CA LEU L 8 8.96 0.72 -54.74
C LEU L 8 10.38 1.17 -54.65
N SER L 9 11.03 0.89 -53.49
CA SER L 9 12.42 1.15 -53.24
C SER L 9 13.18 -0.08 -53.65
N GLU L 10 14.53 -0.01 -53.59
CA GLU L 10 15.40 -1.12 -53.91
C GLU L 10 15.72 -1.85 -52.63
N ASP L 11 15.14 -1.35 -51.51
CA ASP L 11 15.25 -1.91 -50.18
C ASP L 11 13.90 -2.53 -49.86
N THR L 12 12.97 -2.51 -50.85
CA THR L 12 11.64 -3.05 -50.73
C THR L 12 11.63 -4.13 -51.77
N ARG L 13 11.45 -5.38 -51.32
CA ARG L 13 11.48 -6.56 -52.14
C ARG L 13 10.12 -7.17 -51.96
N GLU L 14 9.93 -8.39 -52.52
CA GLU L 14 8.69 -9.13 -52.49
C GLU L 14 8.30 -9.48 -51.09
N THR L 15 9.29 -9.81 -50.22
CA THR L 15 9.10 -10.23 -48.85
C THR L 15 8.58 -9.09 -48.00
N ASP L 16 9.02 -7.84 -48.28
CA ASP L 16 8.67 -6.65 -47.53
C ASP L 16 7.25 -6.24 -47.83
N LEU L 17 6.78 -6.55 -49.07
CA LEU L 17 5.46 -6.25 -49.55
C LEU L 17 4.50 -7.31 -49.08
N GLN L 18 5.00 -8.56 -48.91
CA GLN L 18 4.19 -9.72 -48.59
C GLN L 18 3.47 -9.57 -47.28
N GLU L 19 4.13 -9.00 -46.25
CA GLU L 19 3.57 -8.76 -44.94
C GLU L 19 2.74 -7.50 -44.88
N LEU L 20 3.04 -6.53 -45.78
CA LEU L 20 2.37 -5.26 -45.91
C LEU L 20 0.94 -5.39 -46.41
N PHE L 21 0.69 -6.31 -47.36
CA PHE L 21 -0.59 -6.40 -48.03
C PHE L 21 -1.46 -7.50 -47.45
N ARG L 22 -1.09 -8.07 -46.26
CA ARG L 22 -1.93 -9.04 -45.60
C ARG L 22 -3.12 -8.47 -44.85
N PRO L 23 -3.21 -7.22 -44.36
CA PRO L 23 -4.44 -6.72 -43.75
C PRO L 23 -5.51 -6.43 -44.77
N PHE L 24 -5.19 -6.54 -46.07
CA PHE L 24 -6.09 -6.28 -47.17
C PHE L 24 -6.44 -7.60 -47.83
N GLY L 25 -6.19 -8.73 -47.10
CA GLY L 25 -6.50 -10.07 -47.55
C GLY L 25 -5.24 -10.70 -48.01
N SER L 26 -5.28 -12.03 -48.27
CA SER L 26 -4.08 -12.80 -48.55
C SER L 26 -3.81 -12.70 -50.03
N ILE L 27 -2.55 -12.32 -50.36
CA ILE L 27 -2.02 -12.30 -51.70
C ILE L 27 -1.82 -13.71 -52.19
N SER L 28 -1.99 -13.90 -53.52
CA SER L 28 -1.80 -15.18 -54.15
C SER L 28 -0.35 -15.26 -54.56
N ARG L 29 0.21 -14.16 -55.10
CA ARG L 29 1.58 -14.13 -55.57
C ARG L 29 1.99 -12.67 -55.67
N ILE L 30 3.30 -12.38 -55.54
CA ILE L 30 3.86 -11.05 -55.69
C ILE L 30 5.00 -11.19 -56.65
N TYR L 31 4.81 -10.67 -57.88
CA TYR L 31 5.83 -10.56 -58.89
C TYR L 31 6.41 -9.19 -58.74
N LEU L 32 7.74 -9.05 -58.91
CA LEU L 32 8.40 -7.79 -58.75
C LEU L 32 9.41 -7.75 -59.85
N ALA L 33 9.37 -6.65 -60.65
CA ALA L 33 10.28 -6.39 -61.74
C ALA L 33 11.66 -6.11 -61.19
N LYS L 34 12.65 -6.97 -61.53
CA LYS L 34 14.02 -6.75 -61.14
C LYS L 34 14.87 -6.77 -62.37
N ASP L 35 15.95 -5.97 -62.32
CA ASP L 35 16.98 -5.90 -63.31
C ASP L 35 18.19 -5.74 -62.46
N LYS L 36 19.24 -6.54 -62.73
CA LYS L 36 20.41 -6.63 -61.87
C LYS L 36 21.57 -5.92 -62.52
N THR L 37 21.40 -5.49 -63.80
CA THR L 37 22.39 -4.76 -64.55
C THR L 37 22.45 -3.35 -64.01
N THR L 38 21.26 -2.76 -63.75
CA THR L 38 21.09 -1.46 -63.18
C THR L 38 20.13 -1.66 -62.05
N GLY L 39 20.55 -1.27 -60.81
CA GLY L 39 19.73 -1.33 -59.62
C GLY L 39 19.38 -2.73 -59.23
N GLN L 40 18.32 -2.87 -58.39
CA GLN L 40 17.80 -4.15 -57.98
C GLN L 40 16.35 -4.12 -58.37
N SER L 41 15.48 -3.55 -57.51
CA SER L 41 14.06 -3.43 -57.78
C SER L 41 13.84 -2.18 -58.59
N LYS L 42 13.53 -2.36 -59.90
CA LYS L 42 13.28 -1.32 -60.87
C LYS L 42 12.38 -0.20 -60.43
N GLY L 43 11.20 -0.51 -59.83
CA GLY L 43 10.29 0.52 -59.41
C GLY L 43 8.86 0.07 -59.55
N PHE L 44 8.59 -0.96 -60.38
CA PHE L 44 7.26 -1.48 -60.60
C PHE L 44 7.19 -2.88 -60.10
N ALA L 45 5.98 -3.28 -59.64
CA ALA L 45 5.67 -4.60 -59.16
C ALA L 45 4.29 -4.90 -59.67
N PHE L 46 3.90 -6.20 -59.62
CA PHE L 46 2.56 -6.62 -59.94
C PHE L 46 2.21 -7.61 -58.87
N ILE L 47 1.24 -7.23 -58.00
CA ILE L 47 0.71 -8.11 -56.99
C ILE L 47 -0.55 -8.69 -57.57
N SER L 48 -0.73 -10.01 -57.35
CA SER L 48 -1.83 -10.76 -57.87
C SER L 48 -2.54 -11.26 -56.65
N PHE L 49 -3.85 -10.89 -56.51
CA PHE L 49 -4.69 -11.40 -55.45
C PHE L 49 -5.49 -12.50 -56.06
N HIS L 50 -6.12 -13.35 -55.21
CA HIS L 50 -6.93 -14.44 -55.65
C HIS L 50 -8.34 -13.96 -55.90
N ARG L 51 -8.84 -13.02 -55.06
CA ARG L 51 -10.24 -12.64 -55.04
C ARG L 51 -10.30 -11.17 -55.37
N ARG L 52 -11.41 -10.76 -56.05
CA ARG L 52 -11.62 -9.44 -56.58
C ARG L 52 -11.83 -8.38 -55.52
N GLU L 53 -12.41 -8.76 -54.35
CA GLU L 53 -12.72 -7.88 -53.26
C GLU L 53 -11.46 -7.42 -52.58
N ASP L 54 -10.55 -8.39 -52.32
CA ASP L 54 -9.28 -8.24 -51.62
C ASP L 54 -8.36 -7.32 -52.39
N ALA L 55 -8.37 -7.43 -53.74
CA ALA L 55 -7.53 -6.68 -54.63
C ALA L 55 -7.86 -5.22 -54.61
N ALA L 56 -9.17 -4.88 -54.63
CA ALA L 56 -9.67 -3.52 -54.68
C ALA L 56 -9.41 -2.78 -53.40
N ARG L 57 -9.55 -3.50 -52.24
CA ARG L 57 -9.34 -3.01 -50.90
C ARG L 57 -7.93 -2.49 -50.73
N ALA L 58 -6.95 -3.22 -51.33
CA ALA L 58 -5.55 -2.92 -51.30
C ALA L 58 -5.30 -1.58 -51.98
N ILE L 59 -5.69 -1.46 -53.29
CA ILE L 59 -5.59 -0.25 -54.09
C ILE L 59 -6.08 0.99 -53.36
N ALA L 60 -7.22 0.87 -52.63
CA ALA L 60 -7.80 1.97 -51.89
C ALA L 60 -6.96 2.43 -50.72
N GLY L 61 -6.48 1.48 -49.88
CA GLY L 61 -5.78 1.80 -48.67
C GLY L 61 -4.38 2.27 -48.89
N VAL L 62 -3.52 1.36 -49.41
CA VAL L 62 -2.11 1.50 -49.71
C VAL L 62 -1.73 2.78 -50.44
N SER L 63 -2.65 3.36 -51.24
CA SER L 63 -2.44 4.63 -51.91
C SER L 63 -2.70 5.74 -50.93
N GLY L 64 -1.62 6.19 -50.27
CA GLY L 64 -1.62 7.31 -49.36
C GLY L 64 -0.98 6.85 -48.08
N PHE L 65 -0.58 5.56 -48.04
CA PHE L 65 0.01 4.93 -46.89
C PHE L 65 1.49 4.94 -47.12
N GLY L 66 2.27 5.29 -46.07
CA GLY L 66 3.70 5.44 -46.15
C GLY L 66 4.36 4.13 -45.84
N TYR L 67 5.47 3.83 -46.55
CA TYR L 67 6.20 2.61 -46.36
C TYR L 67 7.57 2.94 -46.85
N ASP L 68 8.56 2.94 -45.92
CA ASP L 68 9.97 3.24 -46.13
C ASP L 68 10.14 4.66 -46.62
N HIS L 69 9.34 5.59 -46.02
CA HIS L 69 9.43 7.02 -46.18
C HIS L 69 9.15 7.45 -47.59
N LEU L 70 8.14 6.83 -48.23
CA LEU L 70 7.71 7.12 -49.57
C LEU L 70 6.26 6.83 -49.57
N ILE L 71 5.50 7.52 -50.44
CA ILE L 71 4.08 7.33 -50.61
C ILE L 71 3.96 6.35 -51.72
N LEU L 72 3.56 5.09 -51.39
CA LEU L 72 3.28 4.05 -52.35
C LEU L 72 2.11 4.44 -53.21
N ASN L 73 2.17 4.05 -54.50
CA ASN L 73 1.13 4.34 -55.46
C ASN L 73 0.67 3.00 -55.90
N VAL L 74 -0.66 2.77 -55.87
CA VAL L 74 -1.25 1.50 -56.21
C VAL L 74 -2.42 1.90 -57.07
N GLU L 75 -2.75 1.04 -58.06
CA GLU L 75 -3.80 1.32 -59.02
C GLU L 75 -4.02 0.04 -59.75
N TRP L 76 -5.25 -0.14 -60.29
CA TRP L 76 -5.65 -1.25 -61.13
C TRP L 76 -4.70 -1.46 -62.29
N ALA L 77 -4.23 -2.72 -62.47
CA ALA L 77 -3.38 -3.08 -63.58
C ALA L 77 -4.23 -3.34 -64.84
N MET M 1 -27.30 -13.56 -0.19
CA MET M 1 -28.01 -14.48 -1.11
C MET M 1 -28.71 -13.66 -2.16
N GLY M 2 -30.06 -13.66 -2.15
CA GLY M 2 -30.85 -12.55 -2.62
C GLY M 2 -31.28 -12.92 -4.01
N LYS M 3 -32.32 -13.79 -4.09
CA LYS M 3 -32.83 -14.25 -5.35
C LYS M 3 -34.23 -14.75 -5.11
N CYS M 4 -34.97 -14.94 -6.22
CA CYS M 4 -36.35 -15.34 -6.24
C CYS M 4 -36.39 -16.84 -6.24
N ARG M 5 -37.39 -17.46 -5.59
CA ARG M 5 -37.46 -18.89 -5.52
C ARG M 5 -38.88 -19.29 -5.19
N GLY M 6 -39.77 -19.04 -6.17
CA GLY M 6 -41.16 -19.41 -6.13
C GLY M 6 -41.31 -20.73 -6.83
N LEU M 7 -42.47 -20.92 -7.49
CA LEU M 7 -42.88 -22.17 -8.11
C LEU M 7 -43.09 -21.96 -9.58
N ARG M 8 -42.59 -20.82 -10.14
CA ARG M 8 -42.82 -20.51 -11.53
C ARG M 8 -41.70 -19.60 -12.00
N THR M 9 -40.69 -19.41 -11.13
CA THR M 9 -39.70 -18.38 -11.22
C THR M 9 -38.46 -18.83 -11.97
N ALA M 10 -38.58 -19.94 -12.76
CA ALA M 10 -37.54 -20.53 -13.56
C ALA M 10 -36.98 -19.54 -14.53
N ARG M 11 -37.90 -18.82 -15.22
CA ARG M 11 -37.63 -17.87 -16.28
C ARG M 11 -36.79 -16.74 -15.76
N LYS M 12 -37.13 -16.23 -14.56
CA LYS M 12 -36.47 -15.13 -13.91
C LYS M 12 -35.07 -15.45 -13.49
N LEU M 13 -34.83 -16.69 -12.99
CA LEU M 13 -33.51 -17.15 -12.59
C LEU M 13 -32.63 -17.34 -13.79
N ARG M 14 -33.19 -17.96 -14.85
CA ARG M 14 -32.53 -18.29 -16.09
C ARG M 14 -31.97 -17.06 -16.79
N SER M 15 -32.70 -15.93 -16.74
CA SER M 15 -32.33 -14.75 -17.48
C SER M 15 -31.45 -13.88 -16.64
N HIS M 16 -31.68 -13.82 -15.30
CA HIS M 16 -30.92 -13.01 -14.38
C HIS M 16 -29.47 -13.43 -14.31
N ARG M 17 -29.21 -14.75 -14.32
CA ARG M 17 -27.88 -15.32 -14.34
C ARG M 17 -27.14 -14.99 -15.61
N ARG M 18 -27.83 -15.03 -16.76
CA ARG M 18 -27.29 -14.70 -18.07
C ARG M 18 -26.86 -13.27 -18.17
N ASP M 19 -27.67 -12.34 -17.61
CA ASP M 19 -27.45 -10.91 -17.62
C ASP M 19 -26.25 -10.50 -16.80
N GLN M 20 -25.99 -11.22 -15.69
CA GLN M 20 -24.95 -10.85 -14.77
C GLN M 20 -23.63 -11.45 -15.15
N LYS M 21 -23.66 -12.51 -16.01
CA LYS M 21 -22.51 -13.26 -16.44
C LYS M 21 -21.49 -12.38 -17.14
N TRP M 22 -22.02 -11.37 -17.90
CA TRP M 22 -21.30 -10.51 -18.79
C TRP M 22 -20.37 -9.55 -18.09
N HIS M 23 -20.56 -9.30 -16.76
CA HIS M 23 -19.85 -8.29 -16.01
C HIS M 23 -18.37 -8.62 -15.95
N ASP M 24 -18.05 -9.94 -15.79
CA ASP M 24 -16.75 -10.45 -15.41
C ASP M 24 -15.82 -10.15 -16.56
N LYS M 25 -14.58 -9.68 -16.27
CA LYS M 25 -13.63 -9.24 -17.27
C LYS M 25 -13.15 -10.37 -18.14
N GLN M 26 -12.87 -11.54 -17.53
CA GLN M 26 -12.37 -12.72 -18.19
C GLN M 26 -13.35 -13.26 -19.19
N TYR M 27 -14.66 -13.18 -18.85
CA TYR M 27 -15.76 -13.65 -19.66
C TYR M 27 -15.93 -12.74 -20.84
N LYS M 28 -16.13 -11.43 -20.57
CA LYS M 28 -16.50 -10.42 -21.52
C LYS M 28 -15.58 -10.28 -22.70
N LYS M 29 -14.24 -10.24 -22.45
CA LYS M 29 -13.22 -10.06 -23.48
C LYS M 29 -13.27 -11.15 -24.53
N ALA M 30 -13.57 -12.39 -24.08
CA ALA M 30 -13.51 -13.58 -24.89
C ALA M 30 -14.75 -13.71 -25.73
N HIS M 31 -15.92 -13.38 -25.13
CA HIS M 31 -17.22 -13.58 -25.72
C HIS M 31 -17.58 -12.48 -26.69
N LEU M 32 -16.94 -11.29 -26.58
CA LEU M 32 -17.22 -10.20 -27.49
C LEU M 32 -16.24 -10.25 -28.63
N GLY M 33 -15.28 -11.20 -28.58
CA GLY M 33 -14.30 -11.44 -29.61
C GLY M 33 -13.16 -10.46 -29.60
N THR M 34 -13.15 -9.52 -28.62
CA THR M 34 -12.11 -8.54 -28.33
C THR M 34 -10.71 -9.10 -28.38
N ALA M 35 -10.52 -10.33 -27.84
CA ALA M 35 -9.25 -11.03 -27.75
C ALA M 35 -8.58 -11.28 -29.08
N LEU M 36 -9.39 -11.61 -30.11
CA LEU M 36 -8.99 -11.85 -31.49
C LEU M 36 -8.62 -10.56 -32.17
N LYS M 37 -9.50 -9.54 -32.01
CA LYS M 37 -9.41 -8.25 -32.63
C LYS M 37 -8.20 -7.45 -32.19
N ALA M 38 -7.87 -7.47 -30.88
CA ALA M 38 -6.79 -6.69 -30.34
C ALA M 38 -5.50 -7.48 -30.38
N ASN M 39 -5.52 -8.74 -29.90
CA ASN M 39 -4.31 -9.53 -29.76
C ASN M 39 -4.33 -10.59 -30.84
N PRO M 40 -3.20 -11.03 -31.39
CA PRO M 40 -3.18 -11.98 -32.48
C PRO M 40 -3.38 -13.41 -32.03
N PHE M 41 -3.37 -13.68 -30.70
CA PHE M 41 -3.65 -15.00 -30.18
C PHE M 41 -4.95 -14.95 -29.45
N GLY M 42 -5.60 -16.14 -29.37
CA GLY M 42 -6.96 -16.30 -28.96
C GLY M 42 -7.50 -17.27 -29.96
N GLY M 43 -7.53 -16.82 -31.24
CA GLY M 43 -8.12 -17.55 -32.34
C GLY M 43 -7.04 -18.24 -33.12
N ALA M 44 -5.78 -18.11 -32.64
CA ALA M 44 -4.66 -18.90 -33.11
C ALA M 44 -3.83 -19.20 -31.89
N SER M 45 -2.82 -20.09 -32.08
CA SER M 45 -2.08 -20.68 -30.99
C SER M 45 -0.64 -20.39 -31.26
N HIS M 46 -0.26 -20.41 -32.56
CA HIS M 46 1.05 -20.06 -33.02
C HIS M 46 0.82 -19.29 -34.28
N ALA M 47 1.83 -18.50 -34.68
CA ALA M 47 1.70 -17.62 -35.80
C ALA M 47 3.09 -17.31 -36.23
N LYS M 48 3.31 -17.21 -37.55
CA LYS M 48 4.62 -17.01 -38.12
C LYS M 48 4.54 -15.65 -38.73
N GLY M 49 5.66 -14.90 -38.68
CA GLY M 49 5.72 -13.58 -39.23
C GLY M 49 7.08 -13.36 -39.77
N ILE M 50 7.27 -12.17 -40.38
CA ILE M 50 8.53 -11.72 -40.92
C ILE M 50 9.03 -10.68 -39.96
N VAL M 51 10.36 -10.70 -39.69
CA VAL M 51 11.04 -9.79 -38.80
C VAL M 51 11.14 -8.44 -39.46
N LEU M 52 10.63 -7.39 -38.77
CA LEU M 52 10.69 -6.03 -39.23
C LEU M 52 12.01 -5.43 -38.84
N GLU M 53 12.35 -5.46 -37.52
CA GLU M 53 13.58 -4.89 -37.05
C GLU M 53 13.93 -5.52 -35.73
N LYS M 54 15.22 -5.40 -35.34
CA LYS M 54 15.74 -5.87 -34.08
C LYS M 54 15.83 -4.66 -33.19
N VAL M 55 15.25 -4.77 -31.98
CA VAL M 55 15.09 -3.67 -31.05
C VAL M 55 15.94 -3.96 -29.84
N GLY M 56 16.56 -2.92 -29.23
CA GLY M 56 17.20 -3.03 -27.94
C GLY M 56 16.26 -2.30 -27.02
N VAL M 57 15.99 -2.84 -25.81
CA VAL M 57 15.00 -2.24 -24.93
C VAL M 57 15.64 -2.13 -23.58
N GLU M 58 15.77 -0.87 -23.08
CA GLU M 58 16.57 -0.51 -21.92
C GLU M 58 15.73 -0.64 -20.67
N ALA M 59 15.22 -1.87 -20.40
CA ALA M 59 14.15 -2.30 -19.51
C ALA M 59 13.77 -1.38 -18.39
N LYS M 60 12.43 -1.14 -18.25
CA LYS M 60 11.84 -0.28 -17.25
C LYS M 60 12.03 -0.88 -15.88
N GLN M 61 12.34 -0.04 -14.88
CA GLN M 61 12.62 -0.45 -13.51
C GLN M 61 11.38 -1.04 -12.88
N PRO M 62 11.45 -2.04 -12.00
CA PRO M 62 12.64 -2.58 -11.35
C PRO M 62 13.36 -3.50 -12.29
N ASN M 63 14.62 -3.87 -11.93
CA ASN M 63 15.52 -4.74 -12.66
C ASN M 63 16.21 -3.97 -13.74
N SER M 64 17.57 -3.95 -13.68
CA SER M 64 18.38 -3.16 -14.55
C SER M 64 19.06 -4.11 -15.50
N ALA M 65 18.63 -4.06 -16.78
CA ALA M 65 19.15 -4.91 -17.82
C ALA M 65 18.68 -4.30 -19.11
N ILE M 66 19.28 -4.76 -20.25
CA ILE M 66 18.78 -4.50 -21.56
C ILE M 66 18.10 -5.79 -21.92
N ARG M 67 16.75 -5.73 -22.09
CA ARG M 67 15.90 -6.87 -22.25
C ARG M 67 16.05 -7.53 -23.59
N LYS M 68 16.01 -6.71 -24.68
CA LYS M 68 16.31 -7.07 -26.05
C LYS M 68 15.18 -7.88 -26.65
N CYS M 69 14.44 -7.26 -27.59
CA CYS M 69 13.28 -7.84 -28.22
C CYS M 69 13.49 -7.79 -29.71
N VAL M 70 12.58 -8.44 -30.47
CA VAL M 70 12.47 -8.26 -31.90
C VAL M 70 11.07 -7.74 -32.15
N ARG M 71 10.88 -6.99 -33.26
CA ARG M 71 9.59 -6.56 -33.75
C ARG M 71 9.24 -7.41 -34.95
N VAL M 72 8.02 -8.00 -34.95
CA VAL M 72 7.61 -9.01 -35.93
C VAL M 72 6.26 -8.58 -36.42
N GLN M 73 6.02 -8.60 -37.77
CA GLN M 73 4.68 -8.51 -38.31
C GLN M 73 4.30 -9.88 -38.77
N LEU M 74 3.24 -10.43 -38.13
CA LEU M 74 2.65 -11.71 -38.37
C LEU M 74 1.89 -11.71 -39.66
N ILE M 75 2.11 -12.77 -40.48
CA ILE M 75 1.57 -12.90 -41.82
C ILE M 75 0.08 -13.13 -41.77
N LYS M 76 -0.38 -14.06 -40.90
CA LYS M 76 -1.76 -14.43 -40.78
C LYS M 76 -2.63 -13.36 -40.17
N ASN M 77 -2.17 -12.80 -39.02
CA ASN M 77 -2.93 -11.82 -38.26
C ASN M 77 -2.84 -10.44 -38.85
N GLY M 78 -1.63 -10.03 -39.30
CA GLY M 78 -1.43 -8.77 -39.98
C GLY M 78 -1.21 -7.67 -38.99
N LYS M 79 -0.68 -8.02 -37.78
CA LYS M 79 -0.53 -7.08 -36.69
C LYS M 79 0.91 -7.03 -36.34
N LYS M 80 1.38 -5.84 -35.91
CA LYS M 80 2.76 -5.59 -35.57
C LYS M 80 2.84 -5.77 -34.09
N ILE M 81 3.85 -6.53 -33.62
CA ILE M 81 3.95 -6.95 -32.24
C ILE M 81 5.41 -7.02 -31.93
N THR M 82 5.77 -6.63 -30.69
CA THR M 82 7.12 -6.74 -30.20
C THR M 82 7.10 -7.95 -29.32
N ALA M 83 8.09 -8.85 -29.53
CA ALA M 83 8.15 -10.15 -28.90
C ALA M 83 9.52 -10.29 -28.33
N PHE M 84 9.59 -10.85 -27.11
CA PHE M 84 10.81 -11.10 -26.39
C PHE M 84 11.59 -12.20 -27.07
N VAL M 85 12.94 -12.12 -26.99
CA VAL M 85 13.82 -13.10 -27.54
C VAL M 85 14.47 -13.76 -26.35
N PRO M 86 14.20 -15.02 -26.03
CA PRO M 86 14.70 -15.63 -24.81
C PRO M 86 16.00 -16.30 -25.15
N ASN M 87 16.66 -16.88 -24.12
CA ASN M 87 17.91 -17.60 -24.20
C ASN M 87 19.09 -16.67 -24.34
N ASP M 88 20.27 -17.15 -23.87
CA ASP M 88 21.39 -16.31 -23.54
C ASP M 88 22.25 -16.11 -24.75
N GLY M 89 22.43 -14.82 -25.14
CA GLY M 89 23.14 -14.39 -26.32
C GLY M 89 22.53 -14.87 -27.60
N CYS M 90 21.19 -15.08 -27.60
CA CYS M 90 20.51 -15.68 -28.71
C CYS M 90 19.84 -14.67 -29.59
N LEU M 91 19.98 -13.35 -29.25
CA LEU M 91 19.46 -12.23 -30.02
C LEU M 91 19.99 -12.33 -31.44
N ASN M 92 21.33 -12.56 -31.46
CA ASN M 92 22.29 -12.58 -32.54
C ASN M 92 21.83 -13.20 -33.85
N PHE M 93 21.08 -14.33 -33.76
CA PHE M 93 20.79 -15.19 -34.88
C PHE M 93 19.63 -14.69 -35.67
N ILE M 94 18.83 -13.78 -35.08
CA ILE M 94 17.75 -13.07 -35.73
C ILE M 94 18.38 -12.10 -36.71
N GLU M 95 17.69 -11.87 -37.84
CA GLU M 95 18.16 -11.03 -38.90
C GLU M 95 16.89 -10.47 -39.45
N GLU M 96 16.95 -9.25 -40.03
CA GLU M 96 15.79 -8.54 -40.53
C GLU M 96 15.40 -9.17 -41.83
N ASN M 97 14.12 -9.64 -41.90
CA ASN M 97 13.57 -10.44 -42.98
C ASN M 97 14.23 -11.79 -42.98
N ASP M 98 13.90 -12.63 -41.97
CA ASP M 98 14.49 -13.93 -41.80
C ASP M 98 13.49 -14.81 -41.11
N GLU M 99 12.24 -14.30 -40.92
CA GLU M 99 11.16 -14.89 -40.17
C GLU M 99 11.48 -15.29 -38.75
N VAL M 100 10.43 -15.74 -38.03
CA VAL M 100 10.47 -16.24 -36.68
C VAL M 100 9.07 -16.76 -36.47
N LEU M 101 8.92 -17.79 -35.60
CA LEU M 101 7.63 -18.30 -35.19
C LEU M 101 7.43 -17.69 -33.84
N VAL M 102 6.28 -17.01 -33.64
CA VAL M 102 5.99 -16.30 -32.42
C VAL M 102 4.88 -17.08 -31.78
N ALA M 103 4.81 -17.01 -30.43
CA ALA M 103 3.81 -17.65 -29.63
C ALA M 103 3.59 -16.72 -28.47
N GLY M 104 2.46 -16.91 -27.74
CA GLY M 104 2.13 -16.16 -26.55
C GLY M 104 3.11 -16.42 -25.43
N PHE M 105 3.04 -15.60 -24.36
CA PHE M 105 3.86 -15.79 -23.18
C PHE M 105 3.13 -16.72 -22.23
N GLY M 106 2.32 -16.20 -21.28
CA GLY M 106 1.96 -16.99 -20.13
C GLY M 106 0.97 -16.26 -19.28
N ARG M 107 0.88 -14.92 -19.43
CA ARG M 107 -0.14 -14.12 -18.77
C ARG M 107 -1.40 -14.22 -19.58
N LYS M 108 -1.24 -14.22 -20.92
CA LYS M 108 -2.28 -14.30 -21.92
C LYS M 108 -3.06 -13.02 -22.01
N GLY M 109 -2.83 -12.24 -23.10
CA GLY M 109 -3.49 -10.99 -23.35
C GLY M 109 -2.99 -9.82 -22.55
N HIS M 110 -1.91 -9.99 -21.76
CA HIS M 110 -1.42 -8.93 -20.91
C HIS M 110 0.06 -9.09 -20.75
N ALA M 111 0.73 -7.96 -20.45
CA ALA M 111 2.16 -7.81 -20.39
C ALA M 111 2.76 -8.59 -19.25
N VAL M 112 4.03 -9.03 -19.44
CA VAL M 112 4.74 -9.90 -18.54
C VAL M 112 5.92 -9.14 -18.05
N GLY M 113 6.49 -9.59 -16.90
CA GLY M 113 7.78 -9.16 -16.41
C GLY M 113 7.75 -7.71 -16.00
N ASP M 114 8.89 -7.02 -16.25
CA ASP M 114 9.09 -5.64 -15.87
C ASP M 114 8.95 -4.74 -17.08
N ILE M 115 8.48 -5.31 -18.23
CA ILE M 115 8.57 -4.67 -19.52
C ILE M 115 7.15 -4.60 -20.06
N PRO M 116 6.57 -3.42 -20.34
CA PRO M 116 5.24 -3.32 -20.90
C PRO M 116 5.31 -3.36 -22.40
N GLY M 117 4.19 -3.73 -23.06
CA GLY M 117 4.07 -3.81 -24.50
C GLY M 117 4.65 -5.05 -25.10
N VAL M 118 5.12 -6.00 -24.26
CA VAL M 118 5.61 -7.28 -24.70
C VAL M 118 4.82 -8.28 -23.90
N ARG M 119 4.21 -9.25 -24.61
CA ARG M 119 3.37 -10.26 -24.03
C ARG M 119 3.48 -11.48 -24.89
N PHE M 120 4.60 -11.62 -25.62
CA PHE M 120 4.79 -12.69 -26.59
C PHE M 120 6.25 -12.99 -26.53
N LYS M 121 6.64 -14.22 -26.93
CA LYS M 121 8.01 -14.64 -26.96
C LYS M 121 8.26 -15.42 -28.22
N VAL M 122 9.48 -15.29 -28.78
CA VAL M 122 9.94 -16.03 -29.94
C VAL M 122 10.19 -17.47 -29.51
N VAL M 123 10.02 -18.43 -30.45
CA VAL M 123 10.10 -19.84 -30.18
C VAL M 123 11.02 -20.41 -31.23
N LYS M 124 10.91 -19.95 -32.50
CA LYS M 124 11.82 -20.41 -33.52
C LYS M 124 12.36 -19.19 -34.18
N VAL M 125 13.68 -19.22 -34.48
CA VAL M 125 14.35 -18.29 -35.37
C VAL M 125 14.78 -19.14 -36.52
N ALA M 126 14.49 -18.67 -37.76
CA ALA M 126 14.75 -19.35 -39.01
C ALA M 126 13.95 -20.61 -39.18
N ASN M 127 12.88 -20.77 -38.37
CA ASN M 127 11.88 -21.80 -38.44
C ASN M 127 12.41 -23.19 -38.24
N VAL M 128 13.23 -23.37 -37.17
CA VAL M 128 14.21 -24.43 -37.10
C VAL M 128 14.64 -24.49 -35.65
N SER M 129 14.01 -23.63 -34.81
CA SER M 129 13.96 -23.72 -33.37
C SER M 129 15.13 -23.05 -32.73
N LEU M 130 14.86 -21.93 -32.02
CA LEU M 130 15.81 -21.16 -31.24
C LEU M 130 16.44 -22.00 -30.16
N LEU M 131 15.64 -22.95 -29.60
CA LEU M 131 15.99 -23.89 -28.56
C LEU M 131 17.11 -24.77 -29.06
N ALA M 132 16.92 -25.38 -30.26
CA ALA M 132 17.90 -26.21 -30.92
C ALA M 132 19.19 -25.50 -31.25
N LEU M 133 19.15 -24.16 -31.47
CA LEU M 133 20.32 -23.36 -31.76
C LEU M 133 21.09 -23.13 -30.48
N TYR M 134 20.37 -22.81 -29.38
CA TYR M 134 20.92 -22.51 -28.07
C TYR M 134 21.67 -23.69 -27.50
N LYS M 135 21.05 -24.91 -27.57
CA LYS M 135 21.67 -26.15 -27.17
C LYS M 135 22.82 -26.52 -28.06
N GLY M 136 22.68 -26.27 -29.39
CA GLY M 136 23.65 -26.65 -30.37
C GLY M 136 23.40 -28.04 -30.88
N LYS M 137 22.13 -28.52 -30.78
CA LYS M 137 21.66 -29.69 -31.49
C LYS M 137 21.67 -29.45 -32.98
N LYS M 138 21.28 -28.22 -33.39
CA LYS M 138 21.12 -27.86 -34.76
C LYS M 138 21.83 -26.56 -34.93
N GLU M 139 22.13 -26.24 -36.21
CA GLU M 139 22.96 -25.14 -36.62
C GLU M 139 21.98 -24.16 -37.23
N ARG M 140 22.40 -22.88 -37.37
CA ARG M 140 21.63 -21.88 -38.07
C ARG M 140 21.84 -22.09 -39.55
N PRO M 141 20.82 -22.31 -40.40
CA PRO M 141 21.04 -22.68 -41.78
C PRO M 141 21.18 -21.43 -42.60
N ARG M 142 20.76 -20.26 -42.07
CA ARG M 142 20.62 -19.04 -42.83
C ARG M 142 21.77 -18.08 -42.48
N VAL N 1 63.92 38.22 71.58
CA VAL N 1 62.90 38.03 70.52
C VAL N 1 63.48 37.38 69.31
N THR N 2 62.58 36.83 68.46
CA THR N 2 62.82 36.70 67.04
C THR N 2 62.50 38.00 66.35
N VAL N 3 63.10 38.18 65.15
CA VAL N 3 62.96 39.31 64.26
C VAL N 3 61.54 39.45 63.75
N LYS N 4 60.78 38.33 63.71
CA LYS N 4 59.40 38.26 63.31
C LYS N 4 58.45 39.01 64.20
N ASP N 5 58.79 39.22 65.50
CA ASP N 5 57.95 39.94 66.43
C ASP N 5 57.83 41.40 66.07
N VAL N 6 58.91 42.00 65.53
CA VAL N 6 58.94 43.41 65.19
C VAL N 6 58.54 43.56 63.76
N ASN N 7 58.25 44.82 63.35
CA ASN N 7 57.79 45.20 62.02
C ASN N 7 58.79 44.81 60.98
N GLN N 8 58.38 43.92 60.04
CA GLN N 8 59.22 43.30 59.05
C GLN N 8 59.71 44.27 58.02
N GLN N 9 58.84 45.20 57.55
CA GLN N 9 59.18 46.17 56.52
C GLN N 9 60.15 47.20 57.05
N GLU N 10 59.92 47.63 58.32
CA GLU N 10 60.76 48.60 59.01
C GLU N 10 62.09 47.99 59.37
N PHE N 11 62.11 46.68 59.71
CA PHE N 11 63.30 45.93 60.06
C PHE N 11 64.30 45.93 58.94
N VAL N 12 63.86 45.58 57.70
CA VAL N 12 64.75 45.48 56.57
C VAL N 12 65.28 46.83 56.18
N ARG N 13 64.45 47.91 56.27
CA ARG N 13 64.87 49.26 56.00
C ARG N 13 65.88 49.80 56.98
N ALA N 14 65.71 49.48 58.29
CA ALA N 14 66.57 49.92 59.37
C ALA N 14 67.92 49.26 59.31
N LEU N 15 67.92 47.95 58.98
CA LEU N 15 69.10 47.14 58.85
C LEU N 15 69.90 47.56 57.63
N ALA N 16 69.19 47.90 56.52
CA ALA N 16 69.77 48.34 55.27
C ALA N 16 70.56 49.61 55.41
N ALA N 17 70.04 50.54 56.24
CA ALA N 17 70.69 51.79 56.59
C ALA N 17 71.89 51.56 57.47
N PHE N 18 71.81 50.58 58.40
CA PHE N 18 72.89 50.21 59.30
C PHE N 18 74.08 49.69 58.51
N LEU N 19 73.80 48.93 57.42
CA LEU N 19 74.76 48.42 56.47
C LEU N 19 75.49 49.54 55.75
N LYS N 20 74.78 50.64 55.40
CA LYS N 20 75.33 51.80 54.72
C LYS N 20 76.35 52.50 55.58
N LYS N 21 76.06 52.60 56.90
CA LYS N 21 76.94 53.16 57.92
C LYS N 21 78.26 52.43 58.01
N SER N 22 78.22 51.07 57.91
CA SER N 22 79.39 50.20 57.95
C SER N 22 80.39 50.56 56.88
N GLY N 23 79.89 50.97 55.69
CA GLY N 23 80.68 51.65 54.68
C GLY N 23 81.16 50.71 53.63
N LYS N 24 80.75 49.43 53.68
CA LYS N 24 81.17 48.44 52.73
C LYS N 24 79.99 47.53 52.54
N LEU N 25 79.88 46.96 51.32
CA LEU N 25 78.90 45.98 50.98
C LEU N 25 79.44 45.22 49.80
N LYS N 26 80.74 45.42 49.48
CA LYS N 26 81.53 44.65 48.55
C LYS N 26 80.87 44.54 47.18
N VAL N 27 80.57 45.72 46.61
CA VAL N 27 79.52 45.91 45.64
C VAL N 27 79.92 45.38 44.29
N PRO N 28 79.00 44.99 43.41
CA PRO N 28 79.31 44.35 42.14
C PRO N 28 79.86 45.37 41.16
N GLU N 29 80.46 44.89 40.05
CA GLU N 29 80.77 45.69 38.89
C GLU N 29 79.65 45.68 37.88
N TRP N 30 78.48 45.16 38.29
CA TRP N 30 77.24 45.18 37.55
C TRP N 30 76.28 45.89 38.47
N VAL N 31 75.01 46.05 38.03
CA VAL N 31 73.94 46.72 38.73
C VAL N 31 74.07 48.18 38.41
N ASP N 32 73.94 48.51 37.11
CA ASP N 32 73.90 49.87 36.63
C ASP N 32 73.42 49.82 35.19
N THR N 33 73.12 48.61 34.68
CA THR N 33 72.75 48.42 33.30
C THR N 33 72.01 47.10 33.19
N VAL N 34 71.90 46.35 34.32
CA VAL N 34 71.45 44.98 34.37
C VAL N 34 70.02 44.80 33.95
N LYS N 35 69.75 43.58 33.40
CA LYS N 35 68.45 43.01 33.21
C LYS N 35 67.83 42.74 34.56
N LEU N 36 68.69 42.24 35.47
CA LEU N 36 68.37 41.73 36.79
C LEU N 36 67.65 40.43 36.58
N ALA N 37 66.48 40.23 37.22
CA ALA N 37 65.63 39.09 36.98
C ALA N 37 64.94 39.23 35.66
N LYS N 38 64.39 38.09 35.16
CA LYS N 38 63.67 38.04 33.91
C LYS N 38 62.20 38.21 34.17
N HIS N 39 61.85 38.65 35.41
CA HIS N 39 60.51 38.98 35.83
C HIS N 39 60.32 40.47 35.69
N LYS N 40 61.37 41.16 35.20
CA LYS N 40 61.45 42.60 35.10
C LYS N 40 61.26 42.93 33.65
N GLU N 41 60.44 43.97 33.38
CA GLU N 41 60.28 44.54 32.05
C GLU N 41 60.95 45.88 31.96
N LEU N 42 61.58 46.35 33.06
CA LEU N 42 62.26 47.62 33.05
C LEU N 42 63.44 47.46 33.96
N ALA N 43 64.57 48.10 33.59
CA ALA N 43 65.81 48.06 34.33
C ALA N 43 65.63 48.71 35.68
N PRO N 44 66.32 48.32 36.76
CA PRO N 44 66.17 48.89 38.10
C PRO N 44 66.16 50.39 38.18
N TYR N 45 65.35 50.99 39.08
CA TYR N 45 65.26 52.42 39.24
C TYR N 45 66.56 53.03 39.70
N ASP N 46 67.24 52.38 40.67
CA ASP N 46 68.46 52.87 41.25
C ASP N 46 69.36 51.69 41.45
N GLU N 47 70.54 51.96 42.06
CA GLU N 47 71.55 50.99 42.40
C GLU N 47 71.57 50.89 43.90
N ASN N 48 70.56 51.46 44.58
CA ASN N 48 70.42 51.54 46.01
C ASN N 48 70.01 50.22 46.59
N TRP N 49 69.10 49.49 45.88
CA TRP N 49 68.37 48.31 46.33
C TRP N 49 69.21 47.19 46.87
N PHE N 50 70.54 47.19 46.58
CA PHE N 50 71.49 46.16 46.94
C PHE N 50 71.60 46.04 48.44
N TYR N 51 71.57 47.19 49.16
CA TYR N 51 71.54 47.27 50.62
C TYR N 51 70.30 46.64 51.20
N THR N 52 69.12 46.93 50.59
CA THR N 52 67.82 46.48 51.02
C THR N 52 67.71 44.98 50.94
N ARG N 53 68.24 44.41 49.82
CA ARG N 53 68.28 43.02 49.51
C ARG N 53 69.15 42.29 50.51
N ALA N 54 70.30 42.91 50.87
CA ALA N 54 71.26 42.37 51.80
C ALA N 54 70.66 42.21 53.16
N ALA N 55 69.89 43.24 53.62
CA ALA N 55 69.19 43.25 54.88
C ALA N 55 68.16 42.14 54.94
N SER N 56 67.38 42.01 53.85
CA SER N 56 66.35 41.02 53.63
C SER N 56 66.90 39.62 53.72
N THR N 57 68.06 39.38 53.06
CA THR N 57 68.74 38.10 53.03
C THR N 57 69.22 37.73 54.41
N ALA N 58 69.78 38.71 55.18
CA ALA N 58 70.27 38.54 56.53
C ALA N 58 69.17 38.07 57.45
N ARG N 59 67.97 38.70 57.33
CA ARG N 59 66.77 38.37 58.07
C ARG N 59 66.29 36.97 57.76
N HIS N 60 66.30 36.58 56.46
CA HIS N 60 65.81 35.30 55.98
C HIS N 60 66.66 34.17 56.50
N LEU N 61 68.00 34.34 56.49
CA LEU N 61 68.96 33.42 57.03
C LEU N 61 68.85 33.29 58.52
N TYR N 62 68.48 34.37 59.25
CA TYR N 62 68.34 34.36 60.69
C TYR N 62 67.27 33.36 61.09
N LEU N 63 66.16 33.31 60.29
CA LEU N 63 65.04 32.41 60.48
C LEU N 63 65.41 30.96 60.35
N ARG N 64 66.26 30.64 59.34
CA ARG N 64 66.52 29.29 58.90
C ARG N 64 67.79 28.77 59.52
N GLY N 65 68.05 27.45 59.33
CA GLY N 65 69.15 26.73 59.91
C GLY N 65 70.39 26.89 59.08
N GLY N 66 70.27 27.55 57.90
CA GLY N 66 71.35 27.78 56.99
C GLY N 66 70.77 27.62 55.62
N ALA N 67 71.12 28.54 54.69
CA ALA N 67 70.63 28.46 53.34
C ALA N 67 71.51 29.32 52.47
N GLY N 68 71.43 29.10 51.14
CA GLY N 68 72.28 29.72 50.16
C GLY N 68 71.38 30.29 49.11
N VAL N 69 71.89 30.32 47.86
CA VAL N 69 71.38 31.09 46.74
C VAL N 69 69.93 30.82 46.42
N GLY N 70 69.53 29.53 46.44
CA GLY N 70 68.21 29.04 46.09
C GLY N 70 67.06 29.70 46.82
N SER N 71 67.21 29.90 48.15
CA SER N 71 66.19 30.47 49.00
C SER N 71 65.90 31.91 48.64
N MET N 72 66.95 32.72 48.40
CA MET N 72 66.82 34.12 48.08
C MET N 72 66.16 34.33 46.74
N THR N 73 66.54 33.51 45.74
CA THR N 73 66.05 33.60 44.38
C THR N 73 64.57 33.38 44.25
N LYS N 74 63.98 32.41 45.01
CA LYS N 74 62.54 32.20 44.99
C LYS N 74 61.76 33.34 45.61
N ILE N 75 62.23 33.92 46.75
CA ILE N 75 61.54 35.00 47.43
C ILE N 75 61.46 36.24 46.57
N TYR N 76 62.59 36.63 45.94
CA TYR N 76 62.68 37.78 45.05
C TYR N 76 61.96 37.53 43.75
N GLY N 77 61.95 36.27 43.27
CA GLY N 77 61.19 35.79 42.14
C GLY N 77 59.71 36.05 42.25
N GLY N 78 59.03 36.02 41.09
CA GLY N 78 57.63 36.36 41.04
C GLY N 78 57.08 35.72 39.81
N ARG N 79 56.25 36.47 39.06
CA ARG N 79 55.66 36.01 37.83
C ARG N 79 56.50 36.53 36.70
N GLN N 80 56.75 35.66 35.71
CA GLN N 80 57.59 35.93 34.57
C GLN N 80 56.65 35.99 33.42
N ARG N 81 56.78 37.04 32.59
CA ARG N 81 55.90 37.23 31.47
C ARG N 81 56.57 36.51 30.36
N ASN N 82 55.80 35.62 29.67
CA ASN N 82 56.32 34.68 28.72
C ASN N 82 55.89 35.13 27.35
N GLY N 83 55.50 36.42 27.24
CA GLY N 83 55.00 37.02 26.03
C GLY N 83 53.54 36.76 25.93
N VAL N 84 53.15 35.99 24.90
CA VAL N 84 51.78 35.71 24.55
C VAL N 84 51.38 34.36 25.08
N MET N 85 52.28 33.70 25.85
CA MET N 85 51.98 32.45 26.52
C MET N 85 51.59 32.77 27.95
N PRO N 86 51.00 31.84 28.71
CA PRO N 86 50.70 31.95 30.13
C PRO N 86 51.86 32.39 31.00
N SER N 87 51.63 33.33 31.94
CA SER N 87 52.57 33.77 32.94
C SER N 87 52.81 32.64 33.93
N HIS N 88 54.09 32.40 34.30
CA HIS N 88 54.45 31.33 35.22
C HIS N 88 55.60 31.78 36.06
N PHE N 89 55.70 31.23 37.30
CA PHE N 89 56.81 31.35 38.22
C PHE N 89 58.14 31.04 37.56
N SER N 90 59.22 31.73 38.01
CA SER N 90 60.58 31.38 37.67
C SER N 90 61.43 31.97 38.76
N ARG N 91 62.77 31.75 38.65
CA ARG N 91 63.75 32.26 39.55
C ARG N 91 64.67 33.08 38.69
N GLY N 92 64.98 34.32 39.13
CA GLY N 92 65.69 35.30 38.36
C GLY N 92 67.15 35.20 38.67
N SER N 93 67.81 36.38 38.83
CA SER N 93 69.25 36.56 38.83
C SER N 93 69.84 35.81 40.00
N LYS N 94 70.96 35.09 39.76
CA LYS N 94 71.66 34.31 40.75
C LYS N 94 72.99 34.90 41.06
N SER N 95 73.50 35.82 40.19
CA SER N 95 74.79 36.44 40.35
C SER N 95 74.71 37.42 41.49
N VAL N 96 73.65 38.26 41.52
CA VAL N 96 73.40 39.23 42.56
C VAL N 96 73.19 38.56 43.90
N ALA N 97 72.37 37.48 43.97
CA ALA N 97 72.03 36.78 45.19
C ALA N 97 73.25 36.15 45.82
N ARG N 98 74.13 35.56 44.98
CA ARG N 98 75.39 34.96 45.37
C ARG N 98 76.33 36.01 45.89
N ARG N 99 76.40 37.18 45.20
CA ARG N 99 77.22 38.31 45.57
C ARG N 99 76.84 38.89 46.90
N VAL N 100 75.51 38.98 47.17
CA VAL N 100 74.95 39.45 48.43
C VAL N 100 75.35 38.52 49.56
N LEU N 101 75.31 37.18 49.34
CA LEU N 101 75.68 36.19 50.33
C LEU N 101 77.14 36.27 50.71
N GLN N 102 78.01 36.48 49.69
CA GLN N 102 79.44 36.68 49.83
C GLN N 102 79.77 37.94 50.57
N ALA N 103 79.03 39.05 50.31
CA ALA N 103 79.29 40.35 50.86
C ALA N 103 78.95 40.43 52.32
N LEU N 104 77.82 39.78 52.71
CA LEU N 104 77.34 39.69 54.08
C LEU N 104 78.29 38.88 54.90
N GLU N 105 78.84 37.79 54.29
CA GLU N 105 79.82 36.92 54.89
C GLU N 105 81.10 37.65 55.22
N GLY N 106 81.51 38.57 54.32
CA GLY N 106 82.69 39.39 54.44
C GLY N 106 82.65 40.31 55.64
N LEU N 107 81.46 40.90 55.90
CA LEU N 107 81.19 41.75 57.04
C LEU N 107 80.96 40.95 58.30
N LYS N 108 80.66 39.63 58.15
CA LYS N 108 80.43 38.68 59.20
C LYS N 108 79.09 38.89 59.84
N MET N 109 78.06 39.07 58.99
CA MET N 109 76.69 39.17 59.38
C MET N 109 76.17 37.76 59.45
N VAL N 110 76.60 36.94 58.47
CA VAL N 110 76.24 35.54 58.35
C VAL N 110 77.55 34.84 58.07
N GLU N 111 77.64 33.53 58.37
CA GLU N 111 78.84 32.77 58.13
C GLU N 111 78.40 31.37 57.81
N LYS N 112 79.27 30.57 57.13
CA LYS N 112 79.00 29.17 56.85
C LYS N 112 78.88 28.40 58.13
N ASP N 113 77.83 27.55 58.22
CA ASP N 113 77.57 26.73 59.38
C ASP N 113 76.83 25.54 58.84
N GLN N 114 76.56 24.56 59.73
CA GLN N 114 75.89 23.32 59.46
C GLN N 114 74.51 23.52 58.92
N ASP N 115 74.05 22.52 58.11
CA ASP N 115 72.79 22.43 57.41
C ASP N 115 72.90 23.14 56.10
N TRP N 116 74.16 23.40 55.66
CA TRP N 116 74.55 23.95 54.37
C TRP N 116 74.17 25.40 54.23
N GLY N 117 74.99 26.15 53.45
CA GLY N 117 74.82 27.58 53.26
C GLY N 117 75.09 28.36 54.52
N ARG N 118 74.87 29.69 54.46
CA ARG N 118 75.19 30.58 55.55
C ARG N 118 74.03 30.67 56.51
N LYS N 119 74.36 30.74 57.81
CA LYS N 119 73.51 30.84 58.97
C LYS N 119 74.08 32.04 59.69
N LEU N 120 73.35 32.63 60.66
CA LEU N 120 73.75 33.87 61.30
C LEU N 120 74.97 33.73 62.19
N THR N 121 75.74 34.84 62.26
CA THR N 121 76.92 35.02 63.06
C THR N 121 76.42 35.66 64.32
N PRO N 122 77.01 35.51 65.52
CA PRO N 122 76.61 36.25 66.72
C PRO N 122 76.81 37.74 66.61
N GLN N 123 77.75 38.20 65.75
CA GLN N 123 77.95 39.59 65.39
C GLN N 123 76.73 40.15 64.71
N GLY N 124 76.16 39.36 63.77
CA GLY N 124 74.96 39.70 63.04
C GLY N 124 73.77 39.65 63.93
N GLN N 125 73.73 38.67 64.88
CA GLN N 125 72.65 38.46 65.81
C GLN N 125 72.48 39.68 66.69
N ARG N 126 73.63 40.26 67.13
CA ARG N 126 73.68 41.49 67.87
C ARG N 126 73.21 42.70 67.11
N ASP N 127 73.66 42.86 65.84
CA ASP N 127 73.29 43.96 64.96
C ASP N 127 71.82 44.03 64.67
N LEU N 128 71.22 42.86 64.32
CA LEU N 128 69.83 42.69 63.98
C LEU N 128 68.93 43.04 65.14
N ASP N 129 69.33 42.65 66.37
CA ASP N 129 68.63 42.94 67.60
C ASP N 129 68.63 44.41 67.93
N ARG N 130 69.73 45.15 67.67
CA ARG N 130 69.80 46.58 67.98
C ARG N 130 68.83 47.36 67.13
N ILE N 131 68.74 47.04 65.82
CA ILE N 131 67.80 47.69 64.92
C ILE N 131 66.40 47.19 65.20
N ALA N 132 66.23 45.93 65.66
CA ALA N 132 64.96 45.36 66.10
C ALA N 132 64.35 46.17 67.23
N GLY N 133 65.18 46.69 68.16
CA GLY N 133 64.77 47.47 69.30
C GLY N 133 64.22 48.81 68.89
N GLN N 134 64.89 49.46 67.90
CA GLN N 134 64.54 50.75 67.34
C GLN N 134 63.20 50.68 66.66
N VAL N 135 62.98 49.57 65.91
CA VAL N 135 61.77 49.24 65.19
C VAL N 135 60.64 48.95 66.15
N ALA N 136 60.94 48.25 67.28
CA ALA N 136 59.96 47.82 68.25
C ALA N 136 59.34 48.99 68.94
N ALA N 137 60.15 50.03 69.28
CA ALA N 137 59.66 51.24 69.87
C ALA N 137 58.78 52.03 68.93
N ALA N 138 59.16 52.03 67.62
CA ALA N 138 58.57 52.85 66.57
C ALA N 138 57.10 52.62 66.37
N LYS N 139 56.71 51.33 66.20
CA LYS N 139 55.36 50.91 65.91
C LYS N 139 55.26 49.52 66.48
N LYS N 140 54.03 48.97 66.57
CA LYS N 140 53.69 47.81 65.79
C LYS N 140 52.50 48.11 64.93
N LYS N 141 52.56 47.64 63.66
CA LYS N 141 51.52 47.80 62.68
C LYS N 141 50.54 46.61 62.75
N GLN O 1 19.86 82.72 -61.32
CA GLN O 1 18.44 82.43 -61.00
C GLN O 1 18.08 81.07 -61.54
N ALA O 2 17.29 81.02 -62.63
CA ALA O 2 16.77 79.81 -63.18
C ALA O 2 16.26 80.17 -64.55
N THR O 3 16.12 79.16 -65.45
CA THR O 3 15.76 79.39 -66.84
C THR O 3 14.76 78.34 -67.23
N ILE O 4 14.80 77.16 -66.58
CA ILE O 4 13.96 76.02 -66.89
C ILE O 4 13.86 75.25 -65.61
N ASN O 5 12.77 74.46 -65.47
CA ASN O 5 12.52 73.62 -64.34
C ASN O 5 12.49 72.21 -64.86
N ILE O 6 13.50 71.38 -64.52
CA ILE O 6 13.53 69.99 -64.92
C ILE O 6 13.08 69.21 -63.71
N GLY O 7 12.12 68.26 -63.85
CA GLY O 7 11.64 67.53 -62.71
C GLY O 7 12.28 66.18 -62.64
N THR O 8 12.46 65.67 -61.40
CA THR O 8 13.10 64.39 -61.12
C THR O 8 12.07 63.52 -60.45
N ILE O 9 11.20 62.87 -61.26
CA ILE O 9 10.18 61.99 -60.78
C ILE O 9 10.66 60.59 -61.10
N GLY O 10 10.20 59.57 -60.33
CA GLY O 10 10.67 58.23 -60.52
C GLY O 10 10.20 57.39 -59.39
N HIS O 11 9.67 56.19 -59.73
CA HIS O 11 9.15 55.20 -58.82
C HIS O 11 10.17 54.64 -57.86
N VAL O 12 9.68 54.26 -56.66
CA VAL O 12 10.32 53.60 -55.55
C VAL O 12 11.57 52.78 -55.85
N ALA O 13 12.61 52.97 -54.99
CA ALA O 13 13.87 52.25 -54.99
C ALA O 13 14.69 52.43 -56.23
N HIS O 14 15.20 53.65 -56.47
CA HIS O 14 16.20 53.90 -57.49
C HIS O 14 17.30 54.74 -56.94
N GLY O 15 17.09 55.35 -55.75
CA GLY O 15 18.04 56.24 -55.09
C GLY O 15 17.86 57.61 -55.66
N LYS O 16 17.54 58.59 -54.79
CA LYS O 16 17.36 59.96 -55.20
C LYS O 16 18.57 60.78 -54.92
N SER O 17 19.20 60.65 -53.73
CA SER O 17 20.25 61.56 -53.33
C SER O 17 21.49 61.50 -54.19
N THR O 18 21.90 60.29 -54.65
CA THR O 18 23.04 60.11 -55.51
C THR O 18 22.91 60.81 -56.86
N VAL O 19 21.78 60.61 -57.57
CA VAL O 19 21.47 61.24 -58.82
C VAL O 19 21.23 62.73 -58.71
N VAL O 20 20.53 63.20 -57.66
CA VAL O 20 20.23 64.61 -57.47
C VAL O 20 21.48 65.40 -57.17
N LYS O 21 22.42 64.86 -56.35
CA LYS O 21 23.68 65.53 -56.07
C LYS O 21 24.62 65.55 -57.25
N ALA O 22 24.51 64.57 -58.19
CA ALA O 22 25.34 64.58 -59.38
C ALA O 22 24.90 65.64 -60.36
N ILE O 23 23.57 65.89 -60.50
CA ILE O 23 23.04 66.85 -61.45
C ILE O 23 23.11 68.26 -60.92
N SER O 24 22.66 68.52 -59.67
CA SER O 24 22.54 69.85 -59.12
C SER O 24 23.65 70.20 -58.18
N GLY O 25 24.11 69.24 -57.34
CA GLY O 25 25.08 69.48 -56.30
C GLY O 25 24.44 69.99 -55.04
N VAL O 26 23.08 70.00 -54.99
CA VAL O 26 22.31 70.48 -53.88
C VAL O 26 21.46 69.32 -53.49
N HIS O 27 21.58 68.89 -52.21
CA HIS O 27 20.84 67.81 -51.59
C HIS O 27 19.35 68.05 -51.58
N THR O 28 18.54 66.98 -51.80
CA THR O 28 17.10 67.01 -51.69
C THR O 28 16.79 66.63 -50.26
N VAL O 29 16.04 67.50 -49.55
CA VAL O 29 15.95 67.43 -48.11
C VAL O 29 14.62 68.02 -47.71
N ARG O 30 14.18 67.69 -46.47
CA ARG O 30 12.99 68.11 -45.77
C ARG O 30 12.86 67.13 -44.63
N PHE O 31 11.95 67.47 -43.67
CA PHE O 31 11.59 66.81 -42.43
C PHE O 31 11.73 65.32 -42.34
N LYS O 32 12.04 64.85 -41.10
CA LYS O 32 12.71 63.61 -40.78
C LYS O 32 14.16 63.66 -41.18
N ASN O 33 15.03 62.94 -40.43
CA ASN O 33 16.45 63.03 -40.66
C ASN O 33 17.18 61.84 -40.05
N GLU O 34 16.93 60.56 -40.44
CA GLU O 34 16.04 59.91 -41.37
C GLU O 34 15.70 60.66 -42.64
N LEU O 35 16.68 60.84 -43.55
CA LEU O 35 16.59 61.80 -44.65
C LEU O 35 15.49 61.40 -45.59
N GLU O 36 15.35 60.08 -45.84
CA GLU O 36 14.06 59.47 -46.02
C GLU O 36 14.30 58.01 -45.74
N ARG O 37 13.21 57.26 -45.46
CA ARG O 37 13.14 55.84 -45.25
C ARG O 37 13.62 55.06 -46.45
N ASN O 38 13.22 55.50 -47.67
CA ASN O 38 13.70 54.93 -48.91
C ASN O 38 14.16 56.12 -49.72
N ILE O 39 13.30 56.64 -50.63
CA ILE O 39 13.63 57.69 -51.56
C ILE O 39 12.68 58.79 -51.20
N THR O 40 13.04 60.06 -51.51
CA THR O 40 12.32 61.24 -51.05
C THR O 40 10.86 61.21 -51.44
N ILE O 41 10.01 61.48 -50.43
CA ILE O 41 8.58 61.41 -50.50
C ILE O 41 8.02 62.79 -50.26
N LYS O 42 8.93 63.79 -50.07
CA LYS O 42 8.59 65.19 -49.97
C LYS O 42 8.90 65.82 -51.30
N LEU O 43 8.39 67.07 -51.45
CA LEU O 43 8.64 67.92 -52.59
C LEU O 43 9.91 68.69 -52.30
N GLY O 44 11.07 68.11 -52.72
CA GLY O 44 12.40 68.68 -52.67
C GLY O 44 12.59 69.84 -53.60
N TYR O 45 13.53 70.75 -53.23
CA TYR O 45 13.91 71.91 -54.01
C TYR O 45 15.41 71.94 -54.17
N ALA O 46 15.90 72.52 -55.30
CA ALA O 46 17.31 72.63 -55.60
C ALA O 46 17.46 73.44 -56.85
N ASN O 47 18.56 74.22 -56.94
CA ASN O 47 18.96 74.98 -58.12
C ASN O 47 20.38 74.56 -58.42
N ALA O 48 20.95 75.02 -59.57
CA ALA O 48 22.30 74.67 -59.95
C ALA O 48 22.78 75.55 -61.07
N LYS O 49 24.12 75.62 -61.24
CA LYS O 49 24.78 76.38 -62.28
C LYS O 49 25.41 75.40 -63.23
N ILE O 50 25.12 75.54 -64.55
CA ILE O 50 25.64 74.67 -65.58
C ILE O 50 26.54 75.53 -66.43
N TYR O 51 27.85 75.19 -66.41
CA TYR O 51 28.87 75.81 -67.22
C TYR O 51 29.54 74.77 -68.05
N LYS O 52 30.28 75.23 -69.09
CA LYS O 52 31.07 74.41 -69.98
C LYS O 52 32.47 74.95 -70.07
N LEU O 53 33.47 74.05 -70.30
CA LEU O 53 34.82 74.40 -70.68
C LEU O 53 34.93 74.37 -72.19
N ASP O 54 33.77 74.42 -72.90
CA ASP O 54 33.61 74.33 -74.34
C ASP O 54 33.71 72.87 -74.66
N ASP O 55 32.98 72.07 -73.84
CA ASP O 55 33.00 70.64 -73.85
C ASP O 55 31.59 70.28 -73.45
N PRO O 56 30.98 69.15 -73.87
CA PRO O 56 29.60 68.83 -73.55
C PRO O 56 29.45 68.39 -72.11
N SER O 57 30.56 68.14 -71.39
CA SER O 57 30.57 67.73 -70.00
C SER O 57 30.47 69.00 -69.19
N CYS O 58 29.94 68.89 -67.94
CA CYS O 58 29.75 70.02 -67.07
C CYS O 58 30.79 69.87 -65.99
N PRO O 59 31.70 70.84 -65.79
CA PRO O 59 32.63 70.87 -64.69
C PRO O 59 32.03 70.85 -63.30
N ARG O 60 32.86 70.53 -62.29
CA ARG O 60 32.74 71.01 -60.93
C ARG O 60 33.42 72.36 -60.84
N PRO O 61 33.38 73.12 -59.73
CA PRO O 61 34.39 74.13 -59.40
C PRO O 61 35.82 73.69 -59.61
N GLU O 62 36.19 72.46 -59.19
CA GLU O 62 37.53 71.92 -59.38
C GLU O 62 37.40 71.12 -60.66
N CYS O 63 37.74 71.78 -61.79
CA CYS O 63 37.45 71.29 -63.12
C CYS O 63 38.58 70.56 -63.78
N TYR O 64 39.65 70.19 -63.02
CA TYR O 64 40.75 69.43 -63.57
C TYR O 64 40.33 67.98 -63.69
N ARG O 65 39.70 67.44 -62.63
CA ARG O 65 39.28 66.07 -62.59
C ARG O 65 38.21 65.97 -61.54
N SER O 66 37.54 64.80 -61.44
CA SER O 66 36.55 64.60 -60.41
C SER O 66 36.57 63.15 -60.03
N CYS O 67 36.84 62.90 -58.72
CA CYS O 67 36.89 61.59 -58.10
C CYS O 67 35.68 61.46 -57.21
N GLY O 68 34.77 60.51 -57.52
CA GLY O 68 33.54 60.30 -56.78
C GLY O 68 33.80 59.66 -55.44
N SER O 69 32.69 59.36 -54.72
CA SER O 69 32.74 58.84 -53.38
C SER O 69 31.46 58.07 -53.15
N SER O 70 30.79 57.66 -54.26
CA SER O 70 29.60 56.85 -54.29
C SER O 70 29.80 55.49 -53.67
N THR O 71 30.97 54.84 -53.90
CA THR O 71 31.25 53.54 -53.34
C THR O 71 32.75 53.47 -53.13
N PRO O 72 33.27 52.76 -52.11
CA PRO O 72 34.70 52.54 -51.96
C PRO O 72 35.10 51.21 -52.54
N ASP O 73 34.19 50.49 -53.25
CA ASP O 73 34.49 49.26 -53.93
C ASP O 73 35.47 49.46 -55.05
N GLU O 74 35.29 50.57 -55.80
CA GLU O 74 36.20 50.98 -56.84
C GLU O 74 36.18 52.48 -56.81
N PHE O 75 37.09 53.10 -57.59
CA PHE O 75 37.22 54.53 -57.69
C PHE O 75 36.58 54.92 -59.00
N PRO O 76 35.48 55.66 -59.02
CA PRO O 76 34.94 56.20 -60.26
C PRO O 76 35.52 57.58 -60.47
N THR O 77 36.21 57.80 -61.60
CA THR O 77 36.82 59.08 -61.89
C THR O 77 36.34 59.43 -63.27
N ASP O 78 36.10 60.74 -63.53
CA ASP O 78 35.78 61.27 -64.83
C ASP O 78 36.60 62.52 -64.97
N ILE O 79 36.77 62.98 -66.23
CA ILE O 79 37.63 64.10 -66.57
C ILE O 79 36.72 65.05 -67.32
N PRO O 80 36.41 66.25 -66.84
CA PRO O 80 35.67 67.22 -67.62
C PRO O 80 36.60 68.09 -68.44
N GLY O 81 37.89 68.25 -68.07
CA GLY O 81 38.78 69.06 -68.84
C GLY O 81 39.98 69.43 -68.03
N THR O 82 40.35 70.72 -68.12
CA THR O 82 41.46 71.30 -67.40
C THR O 82 41.11 72.77 -67.26
N LYS O 83 41.89 73.51 -66.44
CA LYS O 83 41.35 74.59 -65.65
C LYS O 83 41.90 75.89 -66.17
N GLY O 84 41.09 76.94 -66.04
CA GLY O 84 41.38 78.25 -66.57
C GLY O 84 40.10 79.02 -66.67
N ASN O 85 39.11 78.67 -65.81
CA ASN O 85 37.77 79.19 -65.77
C ASN O 85 36.91 78.65 -66.88
N PHE O 86 35.59 78.58 -66.61
CA PHE O 86 34.61 77.97 -67.47
C PHE O 86 33.52 78.98 -67.71
N LYS O 87 32.87 78.88 -68.90
CA LYS O 87 31.87 79.79 -69.37
C LYS O 87 30.52 79.32 -68.90
N LEU O 88 29.76 80.22 -68.22
CA LEU O 88 28.42 80.00 -67.73
C LEU O 88 27.44 79.92 -68.87
N VAL O 89 26.67 78.81 -68.95
CA VAL O 89 25.77 78.58 -70.05
C VAL O 89 24.39 79.01 -69.63
N ARG O 90 23.99 78.72 -68.36
CA ARG O 90 22.68 79.05 -67.85
C ARG O 90 22.66 78.62 -66.41
N HIS O 91 21.58 79.03 -65.71
CA HIS O 91 21.26 78.63 -64.36
C HIS O 91 20.03 77.80 -64.48
N VAL O 92 20.05 76.56 -63.94
CA VAL O 92 18.98 75.60 -64.11
C VAL O 92 18.34 75.48 -62.74
N SER O 93 17.10 74.93 -62.68
CA SER O 93 16.33 74.72 -61.48
C SER O 93 15.75 73.35 -61.62
N PHE O 94 15.58 72.64 -60.48
CA PHE O 94 14.98 71.33 -60.49
C PHE O 94 13.73 71.37 -59.66
N VAL O 95 12.84 70.36 -59.86
CA VAL O 95 11.67 70.11 -59.05
C VAL O 95 11.67 68.65 -58.70
N ASP O 96 12.14 68.29 -57.49
CA ASP O 96 12.12 66.93 -57.02
C ASP O 96 10.72 66.65 -56.51
N CYS O 97 9.94 65.85 -57.27
CA CYS O 97 8.63 65.38 -56.87
C CYS O 97 8.76 64.14 -56.01
N PRO O 98 7.80 63.81 -55.12
CA PRO O 98 7.62 62.49 -54.51
C PRO O 98 7.77 61.32 -55.46
N GLY O 99 8.41 60.23 -54.97
CA GLY O 99 8.63 59.02 -55.72
C GLY O 99 7.70 57.89 -55.33
N HIS O 100 6.69 58.16 -54.48
CA HIS O 100 5.82 57.12 -53.94
C HIS O 100 4.41 57.36 -54.36
N ASP O 101 3.70 56.24 -54.65
CA ASP O 101 2.40 56.19 -55.28
C ASP O 101 1.29 56.88 -54.52
N ILE O 102 1.26 56.76 -53.17
CA ILE O 102 0.25 57.36 -52.31
C ILE O 102 0.24 58.87 -52.43
N LEU O 103 1.45 59.46 -52.52
CA LEU O 103 1.73 60.86 -52.75
C LEU O 103 1.44 61.35 -54.15
N MET O 104 0.57 60.66 -54.93
CA MET O 104 0.29 60.97 -56.32
C MET O 104 -0.23 62.36 -56.52
N ALA O 105 -1.17 62.85 -55.66
CA ALA O 105 -1.76 64.16 -55.78
C ALA O 105 -0.74 65.28 -55.64
N THR O 106 0.30 65.06 -54.79
CA THR O 106 1.38 66.01 -54.54
C THR O 106 2.34 66.01 -55.70
N MET O 107 2.61 64.80 -56.28
CA MET O 107 3.48 64.60 -57.42
C MET O 107 2.94 65.33 -58.61
N LEU O 108 1.59 65.27 -58.82
CA LEU O 108 0.84 66.00 -59.83
C LEU O 108 1.05 67.47 -59.69
N ASN O 109 0.79 68.03 -58.47
CA ASN O 109 0.90 69.45 -58.15
C ASN O 109 2.25 70.01 -58.49
N GLY O 110 3.33 69.35 -57.98
CA GLY O 110 4.70 69.78 -58.13
C GLY O 110 5.13 69.75 -59.56
N ALA O 111 4.77 68.66 -60.27
CA ALA O 111 4.97 68.42 -61.68
C ALA O 111 4.38 69.51 -62.56
N ALA O 112 3.20 70.06 -62.19
CA ALA O 112 2.42 70.95 -63.01
C ALA O 112 3.02 72.33 -63.24
N VAL O 113 4.21 72.63 -62.66
CA VAL O 113 4.86 73.92 -62.82
C VAL O 113 6.25 73.72 -63.38
N MET O 114 6.59 72.50 -63.86
CA MET O 114 7.86 72.23 -64.50
C MET O 114 7.80 72.56 -65.97
N ASP O 115 8.99 72.61 -66.63
CA ASP O 115 9.15 72.86 -68.04
C ASP O 115 9.78 71.68 -68.73
N ALA O 116 9.95 70.53 -68.04
CA ALA O 116 10.60 69.35 -68.57
C ALA O 116 10.76 68.37 -67.45
N ALA O 117 11.16 67.12 -67.78
CA ALA O 117 11.22 66.08 -66.78
C ALA O 117 12.28 65.08 -67.14
N LEU O 118 12.56 64.20 -66.15
CA LEU O 118 13.54 63.15 -66.17
C LEU O 118 12.83 62.01 -65.51
N LEU O 119 12.47 60.96 -66.29
CA LEU O 119 11.82 59.78 -65.76
C LEU O 119 12.89 58.83 -65.24
N LEU O 120 13.07 58.75 -63.91
CA LEU O 120 14.02 57.88 -63.25
C LEU O 120 13.44 56.50 -63.08
N ILE O 121 13.80 55.56 -64.00
CA ILE O 121 13.37 54.17 -64.00
C ILE O 121 14.35 53.33 -63.20
N ALA O 122 13.85 52.27 -62.52
CA ALA O 122 14.62 51.35 -61.73
C ALA O 122 14.36 49.97 -62.26
N GLY O 123 15.45 49.22 -62.55
CA GLY O 123 15.42 47.93 -63.20
C GLY O 123 15.12 46.79 -62.29
N ASN O 124 14.99 47.06 -60.96
CA ASN O 124 14.78 46.04 -59.96
C ASN O 124 13.45 45.36 -60.05
N GLU O 125 12.38 46.14 -60.29
CA GLU O 125 11.01 45.67 -60.32
C GLU O 125 10.53 45.50 -61.74
N SER O 126 9.18 45.40 -61.89
CA SER O 126 8.44 44.96 -63.05
C SER O 126 8.74 45.81 -64.27
N CYS O 127 8.73 45.17 -65.46
CA CYS O 127 9.08 45.78 -66.72
C CYS O 127 8.12 46.87 -67.18
N PRO O 128 6.78 46.80 -67.16
CA PRO O 128 5.95 47.89 -67.63
C PRO O 128 5.33 48.54 -66.41
N GLN O 129 6.17 48.74 -65.37
CA GLN O 129 5.96 49.37 -64.09
C GLN O 129 4.88 50.46 -64.01
N PRO O 130 3.87 50.40 -63.11
CA PRO O 130 2.71 51.29 -63.04
C PRO O 130 2.99 52.77 -63.20
N GLN O 131 3.84 53.30 -62.29
CA GLN O 131 4.13 54.70 -62.09
C GLN O 131 4.79 55.34 -63.28
N THR O 132 5.60 54.61 -64.10
CA THR O 132 6.24 55.15 -65.29
C THR O 132 5.20 55.67 -66.25
N SER O 133 4.12 54.88 -66.45
CA SER O 133 3.02 55.16 -67.34
C SER O 133 2.21 56.30 -66.79
N GLU O 134 1.89 56.26 -65.47
CA GLU O 134 1.19 57.31 -64.75
C GLU O 134 1.81 58.67 -64.96
N HIS O 135 3.15 58.77 -64.73
CA HIS O 135 3.95 59.96 -64.89
C HIS O 135 3.85 60.47 -66.30
N LEU O 136 4.32 59.67 -67.29
CA LEU O 136 4.31 59.96 -68.71
C LEU O 136 3.01 60.52 -69.25
N ALA O 137 1.85 59.90 -68.88
CA ALA O 137 0.54 60.33 -69.33
C ALA O 137 0.17 61.71 -68.83
N ALA O 138 0.45 62.00 -67.54
CA ALA O 138 0.20 63.26 -66.88
C ALA O 138 0.95 64.40 -67.52
N ILE O 139 2.21 64.11 -67.93
CA ILE O 139 3.17 65.01 -68.54
C ILE O 139 2.65 65.45 -69.89
N GLU O 140 2.15 64.51 -70.73
CA GLU O 140 1.63 64.84 -72.04
C GLU O 140 0.34 65.63 -71.97
N ILE O 141 -0.43 65.49 -70.86
CA ILE O 141 -1.67 66.20 -70.66
C ILE O 141 -1.38 67.63 -70.27
N MET O 142 -0.43 67.88 -69.33
CA MET O 142 -0.21 69.22 -68.81
C MET O 142 0.22 70.23 -69.84
N LYS O 143 1.16 69.85 -70.75
CA LYS O 143 1.56 70.54 -71.99
C LYS O 143 3.05 70.39 -72.15
N LEU O 144 3.61 69.20 -71.86
CA LEU O 144 5.04 68.97 -72.00
C LEU O 144 5.27 67.68 -72.72
N LYS O 145 6.51 67.56 -73.26
CA LYS O 145 6.91 66.50 -74.14
C LYS O 145 8.43 66.54 -74.19
N HIS O 146 9.05 67.34 -73.29
CA HIS O 146 10.46 67.56 -73.21
C HIS O 146 11.00 66.64 -72.15
N ILE O 147 11.06 65.32 -72.46
CA ILE O 147 11.30 64.30 -71.48
C ILE O 147 12.59 63.65 -71.92
N LEU O 148 13.38 63.17 -70.93
CA LEU O 148 14.61 62.46 -71.13
C LEU O 148 14.49 61.34 -70.15
N ILE O 149 14.29 60.09 -70.63
CA ILE O 149 14.19 58.95 -69.75
C ILE O 149 15.60 58.62 -69.31
N LEU O 150 15.74 58.24 -68.02
CA LEU O 150 17.01 58.00 -67.41
C LEU O 150 16.86 56.69 -66.69
N GLN O 151 17.71 55.69 -67.02
CA GLN O 151 17.68 54.39 -66.38
C GLN O 151 18.65 54.47 -65.23
N ASN O 152 18.13 54.61 -63.99
CA ASN O 152 18.85 55.16 -62.87
C ASN O 152 19.36 54.09 -61.93
N LYS O 153 19.02 52.80 -62.15
CA LYS O 153 19.33 51.79 -61.17
C LYS O 153 19.39 50.50 -61.91
N ILE O 154 20.57 50.27 -62.52
CA ILE O 154 20.87 49.13 -63.36
C ILE O 154 22.30 48.76 -63.08
N ASP O 155 22.79 49.13 -61.88
CA ASP O 155 24.13 48.88 -61.41
C ASP O 155 24.45 47.42 -61.26
N LEU O 156 23.51 46.63 -60.70
CA LEU O 156 23.64 45.19 -60.56
C LEU O 156 22.61 44.49 -61.41
N VAL O 157 21.78 45.25 -62.18
CA VAL O 157 20.76 44.67 -63.02
C VAL O 157 21.43 44.31 -64.33
N LYS O 158 21.33 43.01 -64.70
CA LYS O 158 21.85 42.45 -65.92
C LYS O 158 21.25 43.06 -67.16
N GLU O 159 22.01 42.98 -68.28
CA GLU O 159 21.73 43.68 -69.51
C GLU O 159 20.55 43.12 -70.27
N SER O 160 20.12 41.86 -69.99
CA SER O 160 18.93 41.30 -70.58
C SER O 160 17.69 41.88 -69.93
N GLN O 161 17.70 42.00 -68.58
CA GLN O 161 16.60 42.50 -67.78
C GLN O 161 16.32 43.95 -68.09
N ALA O 162 17.39 44.77 -68.09
CA ALA O 162 17.35 46.20 -68.36
C ALA O 162 16.93 46.54 -69.77
N LYS O 163 17.16 45.61 -70.74
CA LYS O 163 16.86 45.81 -72.13
C LYS O 163 15.40 45.57 -72.33
N GLU O 164 14.89 44.48 -71.69
CA GLU O 164 13.50 44.10 -71.70
C GLU O 164 12.62 45.15 -71.10
N GLN O 165 13.06 45.79 -69.99
CA GLN O 165 12.33 46.85 -69.35
C GLN O 165 12.15 48.09 -70.18
N TYR O 166 13.23 48.63 -70.83
CA TYR O 166 13.11 49.77 -71.72
C TYR O 166 12.20 49.49 -72.91
N GLU O 167 12.22 48.24 -73.40
CA GLU O 167 11.40 47.80 -74.50
C GLU O 167 9.94 47.81 -74.14
N GLN O 168 9.54 47.10 -73.04
CA GLN O 168 8.18 47.04 -72.57
C GLN O 168 7.55 48.36 -72.20
N ILE O 169 8.32 49.32 -71.58
CA ILE O 169 7.81 50.64 -71.28
C ILE O 169 7.50 51.37 -72.55
N LEU O 170 8.45 51.41 -73.52
CA LEU O 170 8.35 52.11 -74.78
C LEU O 170 7.32 51.51 -75.71
N ALA O 171 6.83 50.28 -75.41
CA ALA O 171 5.91 49.56 -76.24
C ALA O 171 4.53 49.69 -75.68
N PHE O 172 4.41 49.83 -74.34
CA PHE O 172 3.15 50.08 -73.67
C PHE O 172 2.68 51.50 -73.96
N VAL O 173 3.60 52.48 -73.82
CA VAL O 173 3.39 53.90 -74.07
C VAL O 173 3.30 54.27 -75.55
N GLN O 174 2.81 53.34 -76.42
CA GLN O 174 2.70 53.51 -77.86
C GLN O 174 1.79 54.62 -78.34
N GLY O 175 1.14 55.37 -77.40
CA GLY O 175 0.18 56.40 -77.73
C GLY O 175 0.55 57.66 -76.98
N THR O 176 1.66 57.62 -76.21
CA THR O 176 2.15 58.72 -75.41
C THR O 176 3.54 58.98 -75.94
N VAL O 177 3.91 60.28 -76.10
CA VAL O 177 5.16 60.72 -76.67
C VAL O 177 6.35 60.24 -75.85
N ALA O 178 7.32 59.61 -76.53
CA ALA O 178 8.42 58.95 -75.87
C ALA O 178 9.42 58.49 -76.89
N GLU O 179 9.12 58.68 -78.20
CA GLU O 179 9.97 58.20 -79.27
C GLU O 179 11.01 59.22 -79.61
N GLY O 180 10.76 60.50 -79.25
CA GLY O 180 11.66 61.59 -79.47
C GLY O 180 12.36 61.93 -78.18
N ALA O 181 12.04 61.19 -77.09
CA ALA O 181 12.75 61.26 -75.84
C ALA O 181 13.83 60.20 -75.76
N PRO O 182 15.11 60.57 -75.63
CA PRO O 182 16.21 59.63 -75.45
C PRO O 182 16.10 58.82 -74.19
N ILE O 183 16.83 57.68 -74.12
CA ILE O 183 16.82 56.81 -72.96
C ILE O 183 18.29 56.63 -72.67
N ILE O 184 18.77 57.24 -71.56
CA ILE O 184 20.17 57.28 -71.22
C ILE O 184 20.42 56.35 -70.06
N PRO O 185 20.92 55.12 -70.22
CA PRO O 185 21.35 54.27 -69.11
C PRO O 185 22.55 54.89 -68.41
N ILE O 186 22.54 54.95 -67.06
CA ILE O 186 23.60 55.56 -66.29
C ILE O 186 23.87 54.64 -65.13
N SER O 187 25.00 54.89 -64.42
CA SER O 187 25.35 54.23 -63.19
C SER O 187 25.08 55.23 -62.11
N ALA O 188 24.63 54.74 -60.94
CA ALA O 188 24.29 55.55 -59.79
C ALA O 188 25.13 55.07 -58.63
N GLN O 189 26.03 54.08 -58.88
CA GLN O 189 26.93 53.56 -57.89
C GLN O 189 28.35 53.87 -58.33
N LEU O 190 28.52 54.49 -59.53
CA LEU O 190 29.81 54.81 -60.07
C LEU O 190 29.69 56.06 -60.89
N LYS O 191 28.50 56.72 -60.87
CA LYS O 191 28.21 58.00 -61.51
C LYS O 191 28.70 58.12 -62.95
N TYR O 192 28.41 57.10 -63.79
CA TYR O 192 29.02 56.98 -65.08
C TYR O 192 27.99 57.25 -66.14
N ASN O 193 28.41 58.05 -67.14
CA ASN O 193 27.69 58.54 -68.29
C ASN O 193 26.95 59.81 -67.93
N ILE O 194 27.27 60.40 -66.74
CA ILE O 194 26.72 61.63 -66.23
C ILE O 194 27.04 62.80 -67.13
N GLU O 195 28.25 62.77 -67.73
CA GLU O 195 28.76 63.80 -68.62
C GLU O 195 27.96 63.91 -69.89
N VAL O 196 27.43 62.77 -70.40
CA VAL O 196 26.60 62.71 -71.59
C VAL O 196 25.20 63.21 -71.30
N VAL O 197 24.72 63.12 -70.03
CA VAL O 197 23.43 63.64 -69.58
C VAL O 197 23.43 65.15 -69.72
N CYS O 198 24.58 65.80 -69.43
CA CYS O 198 24.77 67.23 -69.53
C CYS O 198 24.61 67.72 -70.95
N GLU O 199 25.01 66.88 -71.94
CA GLU O 199 24.88 67.17 -73.35
C GLU O 199 23.42 67.11 -73.77
N TYR O 200 22.69 66.11 -73.23
CA TYR O 200 21.27 65.89 -73.48
C TYR O 200 20.40 67.00 -72.96
N ILE O 201 20.53 67.41 -71.68
CA ILE O 201 19.64 68.41 -71.10
C ILE O 201 19.74 69.78 -71.72
N VAL O 202 20.88 70.13 -72.37
CA VAL O 202 21.06 71.36 -73.12
C VAL O 202 20.52 71.24 -74.53
N LYS O 203 20.38 70.00 -75.04
CA LYS O 203 19.90 69.73 -76.38
C LYS O 203 18.40 69.61 -76.41
N LYS O 204 17.81 68.72 -75.58
CA LYS O 204 16.43 68.32 -75.65
C LYS O 204 15.54 69.35 -75.00
N ILE O 205 16.14 70.31 -74.25
CA ILE O 205 15.42 71.10 -73.29
C ILE O 205 16.10 72.46 -73.38
N PRO O 206 15.84 73.29 -74.41
CA PRO O 206 16.17 74.70 -74.38
C PRO O 206 15.19 75.44 -73.50
N VAL O 207 15.32 76.78 -73.41
CA VAL O 207 14.41 77.64 -72.69
C VAL O 207 13.20 77.83 -73.58
N PRO O 208 11.98 77.44 -73.20
CA PRO O 208 10.78 77.69 -73.99
C PRO O 208 10.38 79.15 -73.92
N PRO O 209 9.60 79.71 -74.86
CA PRO O 209 9.22 81.12 -74.88
C PRO O 209 8.49 81.53 -73.62
N ARG O 210 8.97 82.60 -72.95
CA ARG O 210 8.45 83.05 -71.69
C ARG O 210 7.96 84.45 -71.91
N ASP O 211 6.80 84.78 -71.30
CA ASP O 211 6.10 86.02 -71.55
C ASP O 211 6.39 86.94 -70.42
N PHE O 212 7.34 87.89 -70.63
CA PHE O 212 7.80 88.82 -69.63
C PHE O 212 6.79 89.93 -69.46
N THR O 213 6.22 90.41 -70.59
CA THR O 213 5.37 91.58 -70.67
C THR O 213 4.03 91.35 -69.98
N SER O 214 3.49 90.11 -70.08
CA SER O 214 2.28 89.66 -69.43
C SER O 214 2.35 89.74 -67.93
N GLU O 215 1.17 89.88 -67.28
CA GLU O 215 1.01 90.17 -65.88
C GLU O 215 1.59 89.07 -64.99
N PRO O 216 2.32 89.33 -63.91
CA PRO O 216 2.92 88.32 -63.04
C PRO O 216 1.96 87.35 -62.40
N ARG O 217 2.23 86.03 -62.50
CA ARG O 217 1.53 85.02 -61.74
C ARG O 217 2.60 84.09 -61.24
N LEU O 218 2.53 83.85 -59.91
CA LEU O 218 3.43 83.03 -59.13
C LEU O 218 2.55 81.95 -58.59
N ILE O 219 3.00 80.69 -58.62
CA ILE O 219 2.25 79.56 -58.14
C ILE O 219 3.14 79.04 -57.06
N VAL O 220 2.68 79.15 -55.79
CA VAL O 220 3.41 78.68 -54.64
C VAL O 220 3.07 77.25 -54.34
N ILE O 221 4.13 76.44 -54.08
CA ILE O 221 4.01 75.02 -53.84
C ILE O 221 4.58 74.67 -52.48
N ARG O 222 5.56 75.46 -51.96
CA ARG O 222 6.22 75.19 -50.71
C ARG O 222 6.25 76.38 -49.80
N SER O 223 6.21 76.12 -48.47
CA SER O 223 5.99 77.12 -47.45
C SER O 223 7.23 77.12 -46.63
N PHE O 224 7.79 78.32 -46.34
CA PHE O 224 9.03 78.43 -45.61
C PHE O 224 8.84 79.62 -44.71
N ASP O 225 9.12 79.46 -43.39
CA ASP O 225 9.14 80.57 -42.47
C ASP O 225 10.58 80.85 -42.20
N VAL O 226 11.00 82.13 -42.18
CA VAL O 226 12.38 82.49 -41.93
C VAL O 226 12.47 83.19 -40.61
N ASN O 227 11.32 83.41 -39.92
CA ASN O 227 11.30 83.88 -38.55
C ASN O 227 11.74 82.75 -37.67
N LYS O 228 11.12 81.56 -37.91
CA LYS O 228 11.33 80.26 -37.30
C LYS O 228 11.30 80.25 -35.76
N PRO O 229 11.34 79.11 -35.08
CA PRO O 229 11.48 79.04 -33.64
C PRO O 229 12.72 79.73 -33.12
N GLY O 230 12.55 80.66 -32.13
CA GLY O 230 13.64 81.32 -31.48
C GLY O 230 13.87 82.71 -32.00
N CYS O 231 12.90 83.26 -32.79
CA CYS O 231 12.96 84.59 -33.38
C CYS O 231 13.01 85.67 -32.32
N GLU O 232 13.74 86.77 -32.60
CA GLU O 232 13.75 87.94 -31.76
C GLU O 232 12.72 88.91 -32.29
N VAL O 233 12.24 89.80 -31.40
CA VAL O 233 11.10 90.67 -31.59
C VAL O 233 11.38 91.75 -32.64
N ASP O 234 12.60 92.33 -32.63
CA ASP O 234 13.06 93.31 -33.58
C ASP O 234 13.88 92.71 -34.69
N ASP O 235 13.97 91.36 -34.77
CA ASP O 235 14.55 90.66 -35.89
C ASP O 235 13.44 90.12 -36.76
N LEU O 236 12.19 90.65 -36.61
CA LEU O 236 10.99 90.25 -37.35
C LEU O 236 11.21 90.22 -38.86
N LYS O 237 10.59 89.22 -39.53
CA LYS O 237 10.74 89.01 -40.95
C LYS O 237 9.40 88.60 -41.49
N GLY O 238 9.30 88.55 -42.84
CA GLY O 238 8.14 88.06 -43.54
C GLY O 238 8.18 86.57 -43.69
N GLY O 239 7.17 86.02 -44.41
CA GLY O 239 6.98 84.63 -44.68
C GLY O 239 7.33 84.42 -46.11
N VAL O 240 8.00 83.29 -46.42
CA VAL O 240 8.66 83.06 -47.68
C VAL O 240 7.93 81.95 -48.40
N ALA O 241 7.65 82.19 -49.70
CA ALA O 241 6.95 81.28 -50.55
C ALA O 241 7.96 80.81 -51.55
N GLY O 242 8.15 79.48 -51.59
CA GLY O 242 8.74 78.73 -52.67
C GLY O 242 7.77 78.48 -53.78
N GLY O 243 7.85 79.31 -54.85
CA GLY O 243 6.97 79.16 -55.97
C GLY O 243 7.75 79.29 -57.23
N SER O 244 7.19 78.76 -58.34
CA SER O 244 7.66 79.05 -59.67
C SER O 244 6.72 80.05 -60.29
N ILE O 245 7.28 80.88 -61.20
CA ILE O 245 6.57 81.90 -61.94
C ILE O 245 6.51 81.33 -63.32
N LEU O 246 5.32 81.38 -63.95
CA LEU O 246 5.09 80.80 -65.26
C LEU O 246 4.67 81.87 -66.24
N LYS O 247 4.65 83.15 -65.79
CA LYS O 247 4.15 84.23 -66.59
C LYS O 247 4.49 85.49 -65.86
N GLY O 248 5.26 86.38 -66.52
CA GLY O 248 5.50 87.74 -66.10
C GLY O 248 6.71 87.86 -65.25
N VAL O 249 7.42 89.02 -65.37
CA VAL O 249 8.54 89.35 -64.54
C VAL O 249 8.02 90.08 -63.34
N LEU O 250 8.10 89.39 -62.17
CA LEU O 250 7.76 89.87 -60.87
C LEU O 250 8.94 90.67 -60.39
N LYS O 251 8.76 91.99 -60.11
CA LYS O 251 9.81 92.86 -59.66
C LYS O 251 9.72 93.06 -58.18
N VAL O 252 10.85 93.43 -57.54
CA VAL O 252 10.97 93.61 -56.11
C VAL O 252 10.19 94.83 -55.67
N GLY O 253 9.54 94.72 -54.48
CA GLY O 253 8.74 95.77 -53.88
C GLY O 253 7.33 95.79 -54.41
N GLN O 254 7.01 94.93 -55.40
CA GLN O 254 5.69 94.78 -55.98
C GLN O 254 4.77 94.18 -54.95
N GLU O 255 3.46 94.47 -55.04
CA GLU O 255 2.47 93.91 -54.16
C GLU O 255 1.93 92.72 -54.89
N ILE O 256 1.62 91.65 -54.14
CA ILE O 256 1.17 90.41 -54.71
C ILE O 256 -0.01 90.01 -53.86
N GLU O 257 -0.99 89.35 -54.49
CA GLU O 257 -2.23 88.93 -53.91
C GLU O 257 -2.28 87.45 -54.02
N VAL O 258 -2.65 86.72 -52.93
CA VAL O 258 -2.92 85.30 -52.96
C VAL O 258 -4.41 85.16 -53.10
N ARG O 259 -4.81 84.55 -54.23
CA ARG O 259 -6.12 84.66 -54.80
C ARG O 259 -7.11 83.58 -54.42
N PRO O 260 -6.88 82.32 -53.99
CA PRO O 260 -7.94 81.46 -53.46
C PRO O 260 -8.62 82.04 -52.24
N GLY O 261 -7.95 82.96 -51.49
CA GLY O 261 -8.56 83.78 -50.48
C GLY O 261 -8.73 83.07 -49.18
N ILE O 262 -9.24 83.82 -48.18
CA ILE O 262 -9.68 83.26 -46.91
C ILE O 262 -11.14 83.60 -46.79
N VAL O 263 -11.94 82.65 -46.24
CA VAL O 263 -13.38 82.72 -46.25
C VAL O 263 -13.82 83.64 -45.15
N SER O 264 -14.86 84.47 -45.43
CA SER O 264 -15.45 85.43 -44.53
C SER O 264 -16.06 84.76 -43.34
N LYS O 265 -15.97 85.44 -42.17
CA LYS O 265 -16.47 84.97 -40.90
C LYS O 265 -17.97 84.80 -40.91
N ASP O 266 -18.44 83.67 -40.31
CA ASP O 266 -19.84 83.31 -40.17
C ASP O 266 -20.54 83.21 -41.51
N SER O 267 -19.96 82.39 -42.43
CA SER O 267 -20.54 82.14 -43.73
C SER O 267 -21.58 81.06 -43.56
N GLU O 268 -22.75 81.27 -44.21
CA GLU O 268 -23.88 80.37 -44.14
C GLU O 268 -23.93 79.57 -45.41
N GLY O 269 -23.05 79.91 -46.38
CA GLY O 269 -23.03 79.33 -47.69
C GLY O 269 -21.62 78.94 -47.95
N LYS O 270 -21.23 79.00 -49.25
CA LYS O 270 -19.93 78.60 -49.72
C LYS O 270 -19.19 79.82 -50.22
N LEU O 271 -19.81 81.01 -50.11
CA LEU O 271 -19.24 82.27 -50.48
C LEU O 271 -19.33 83.13 -49.26
N MET O 272 -18.23 83.85 -48.89
CA MET O 272 -17.47 84.67 -49.80
C MET O 272 -16.04 84.49 -49.37
N CYS O 273 -15.10 84.55 -50.33
CA CYS O 273 -13.68 84.47 -50.08
C CYS O 273 -13.09 85.79 -50.43
N LYS O 274 -12.05 86.20 -49.67
CA LYS O 274 -11.41 87.48 -49.81
C LYS O 274 -9.93 87.21 -49.92
N PRO O 275 -9.26 87.52 -51.03
CA PRO O 275 -7.83 87.49 -51.20
C PRO O 275 -7.02 88.23 -50.16
N ILE O 276 -5.77 87.80 -49.94
CA ILE O 276 -4.88 88.35 -48.93
C ILE O 276 -3.80 89.06 -49.72
N PHE O 277 -3.33 90.22 -49.22
CA PHE O 277 -2.41 91.10 -49.93
C PHE O 277 -1.16 91.19 -49.12
N SER O 278 0.00 91.04 -49.78
CA SER O 278 1.30 91.07 -49.14
C SER O 278 2.29 91.72 -50.07
N LYS O 279 3.19 92.58 -49.53
CA LYS O 279 4.20 93.28 -50.30
C LYS O 279 5.44 92.41 -50.34
N ILE O 280 6.14 92.37 -51.50
CA ILE O 280 7.31 91.55 -51.71
C ILE O 280 8.50 92.19 -51.05
N VAL O 281 9.08 91.49 -50.06
CA VAL O 281 10.28 91.88 -49.37
C VAL O 281 11.51 91.55 -50.19
N SER O 282 11.63 90.29 -50.69
CA SER O 282 12.85 89.89 -51.37
C SER O 282 12.65 88.74 -52.32
N LEU O 283 13.56 88.65 -53.32
CA LEU O 283 13.40 87.85 -54.51
C LEU O 283 14.71 87.11 -54.57
N PHE O 284 14.76 85.95 -53.89
CA PHE O 284 15.97 85.18 -53.67
C PHE O 284 15.90 83.92 -54.49
N ALA O 285 16.95 83.64 -55.29
CA ALA O 285 17.04 82.39 -56.00
C ALA O 285 18.50 82.07 -56.02
N GLU O 286 18.83 80.74 -56.03
CA GLU O 286 20.16 80.21 -55.87
C GLU O 286 20.70 80.60 -54.52
N HIS O 287 21.82 81.35 -54.51
CA HIS O 287 22.41 81.89 -53.30
C HIS O 287 22.89 83.28 -53.66
N ASN O 288 22.28 83.88 -54.72
CA ASN O 288 22.69 85.14 -55.29
C ASN O 288 21.51 86.06 -55.23
N ASP O 289 21.77 87.34 -54.85
CA ASP O 289 20.78 88.38 -54.72
C ASP O 289 20.27 88.79 -56.09
N LEU O 290 18.98 89.20 -56.16
CA LEU O 290 18.35 89.57 -57.39
C LEU O 290 17.42 90.70 -57.05
N GLN O 291 17.08 91.52 -58.07
CA GLN O 291 16.08 92.56 -57.95
C GLN O 291 14.88 92.19 -58.78
N TYR O 292 14.99 91.16 -59.65
CA TYR O 292 13.89 90.72 -60.46
C TYR O 292 13.72 89.26 -60.29
N ALA O 293 12.58 88.74 -60.79
CA ALA O 293 12.22 87.37 -60.71
C ALA O 293 11.58 87.07 -62.03
N ALA O 294 12.41 86.72 -63.04
CA ALA O 294 11.98 86.35 -64.37
C ALA O 294 11.17 85.08 -64.36
N PRO O 295 10.19 84.90 -65.26
CA PRO O 295 9.40 83.69 -65.36
C PRO O 295 10.23 82.54 -65.90
N GLY O 296 9.77 81.29 -65.67
CA GLY O 296 10.49 80.09 -66.04
C GLY O 296 11.46 79.65 -64.99
N GLY O 297 11.20 79.95 -63.70
CA GLY O 297 12.19 79.66 -62.69
C GLY O 297 11.54 79.58 -61.36
N LEU O 298 12.15 78.80 -60.43
CA LEU O 298 11.61 78.59 -59.11
C LEU O 298 12.41 79.45 -58.18
N ILE O 299 11.69 80.35 -57.48
CA ILE O 299 12.25 81.49 -56.79
C ILE O 299 11.62 81.48 -55.42
N GLY O 300 12.37 81.98 -54.40
CA GLY O 300 11.89 82.18 -53.07
C GLY O 300 11.52 83.62 -53.03
N VAL O 301 10.19 83.89 -53.01
CA VAL O 301 9.61 85.19 -52.82
C VAL O 301 9.24 85.30 -51.36
N GLY O 302 10.07 86.02 -50.58
CA GLY O 302 9.71 86.59 -49.31
C GLY O 302 8.72 87.69 -49.49
N THR O 303 7.58 87.57 -48.76
CA THR O 303 6.46 88.48 -48.80
C THR O 303 6.12 88.82 -47.38
N LYS O 304 5.36 89.93 -47.17
CA LYS O 304 4.93 90.42 -45.88
C LYS O 304 3.71 89.71 -45.37
N ILE O 305 3.75 88.35 -45.31
CA ILE O 305 2.78 87.56 -44.61
C ILE O 305 3.47 87.20 -43.32
N ASP O 306 2.69 86.77 -42.30
CA ASP O 306 3.19 86.57 -40.96
C ASP O 306 3.32 85.08 -40.73
N PRO O 307 4.19 84.64 -39.79
CA PRO O 307 4.51 83.24 -39.49
C PRO O 307 3.48 82.14 -39.54
N THR O 308 2.21 82.35 -39.11
CA THR O 308 1.20 81.30 -39.01
C THR O 308 0.90 80.60 -40.33
N LEU O 309 0.98 81.34 -41.46
CA LEU O 309 0.74 80.77 -42.77
C LEU O 309 1.89 79.95 -43.30
N CYS O 310 3.10 80.11 -42.70
CA CYS O 310 4.29 79.43 -43.14
C CYS O 310 4.86 78.51 -42.10
N ARG O 311 4.14 78.28 -40.96
CA ARG O 311 4.67 77.54 -39.83
C ARG O 311 4.64 76.06 -40.10
N ALA O 312 3.85 75.68 -41.13
CA ALA O 312 3.73 74.34 -41.64
C ALA O 312 3.52 74.56 -43.11
N ASP O 313 3.48 73.44 -43.88
CA ASP O 313 3.29 73.44 -45.31
C ASP O 313 1.81 73.57 -45.57
N ARG O 314 1.33 74.83 -45.72
CA ARG O 314 -0.07 75.15 -45.84
C ARG O 314 -0.35 75.95 -47.09
N MET O 315 0.70 76.30 -47.87
CA MET O 315 0.57 77.11 -49.06
C MET O 315 0.83 76.28 -50.29
N VAL O 316 0.66 74.93 -50.17
CA VAL O 316 0.75 74.01 -51.28
C VAL O 316 -0.35 74.30 -52.26
N GLY O 317 0.02 74.53 -53.53
CA GLY O 317 -0.87 74.81 -54.63
C GLY O 317 -1.77 76.01 -54.40
N GLN O 318 -1.18 77.22 -54.24
CA GLN O 318 -1.95 78.44 -54.15
C GLN O 318 -1.49 79.28 -55.32
N VAL O 319 -2.42 80.09 -55.88
CA VAL O 319 -2.14 80.92 -57.03
C VAL O 319 -2.04 82.32 -56.49
N LEU O 320 -0.97 83.03 -56.90
CA LEU O 320 -0.69 84.37 -56.47
C LEU O 320 -0.57 85.16 -57.73
N GLY O 321 -1.31 86.29 -57.80
CA GLY O 321 -1.34 87.17 -58.95
C GLY O 321 -0.95 88.52 -58.44
N ALA O 322 -0.21 89.31 -59.26
CA ALA O 322 0.09 90.69 -58.95
C ALA O 322 -0.92 91.51 -59.70
N VAL O 323 -1.40 92.64 -59.11
CA VAL O 323 -2.12 92.63 -57.86
C VAL O 323 -3.51 93.08 -58.19
N GLY O 324 -4.54 92.38 -57.64
CA GLY O 324 -5.92 92.54 -58.05
C GLY O 324 -6.11 91.84 -59.36
N ALA O 325 -5.48 90.64 -59.51
CA ALA O 325 -5.54 89.79 -60.67
C ALA O 325 -6.93 89.39 -61.06
N LEU O 326 -7.21 89.43 -62.39
CA LEU O 326 -8.50 89.19 -62.98
C LEU O 326 -9.05 87.77 -62.83
N PRO O 327 -8.33 86.63 -62.97
CA PRO O 327 -8.71 85.29 -62.54
C PRO O 327 -9.77 85.13 -61.47
N GLU O 328 -10.80 84.31 -61.79
CA GLU O 328 -11.98 84.09 -61.00
C GLU O 328 -11.69 83.07 -59.95
N ILE O 329 -12.32 83.25 -58.78
CA ILE O 329 -12.15 82.40 -57.65
C ILE O 329 -13.43 81.62 -57.48
N PHE O 330 -13.58 80.49 -58.21
CA PHE O 330 -14.80 79.69 -58.15
C PHE O 330 -14.81 78.92 -56.86
N THR O 331 -16.03 78.63 -56.36
CA THR O 331 -16.25 77.77 -55.23
C THR O 331 -17.01 76.57 -55.71
N GLU O 332 -17.77 76.72 -56.82
CA GLU O 332 -18.45 75.62 -57.47
C GLU O 332 -18.12 75.80 -58.93
N LEU O 333 -17.81 74.68 -59.63
CA LEU O 333 -17.07 74.72 -60.86
C LEU O 333 -17.65 73.77 -61.86
N GLU O 334 -17.57 74.13 -63.16
CA GLU O 334 -18.09 73.39 -64.28
C GLU O 334 -16.93 72.70 -64.95
N ILE O 335 -16.77 71.37 -64.72
CA ILE O 335 -15.74 70.58 -65.35
C ILE O 335 -16.28 69.93 -66.61
N SER O 336 -15.54 70.04 -67.74
CA SER O 336 -15.65 69.09 -68.83
C SER O 336 -14.64 68.02 -68.50
N TYR O 337 -14.90 66.75 -68.88
CA TYR O 337 -14.00 65.71 -68.46
C TYR O 337 -14.15 64.53 -69.37
N PHE O 338 -13.12 63.65 -69.32
CA PHE O 338 -13.10 62.39 -69.99
C PHE O 338 -12.39 61.47 -69.05
N LEU O 339 -12.59 60.14 -69.22
CA LEU O 339 -11.99 59.16 -68.34
C LEU O 339 -11.14 58.29 -69.20
N LEU O 340 -10.10 57.69 -68.57
CA LEU O 340 -9.31 56.60 -69.10
C LEU O 340 -10.13 55.34 -69.03
N ARG O 341 -9.84 54.38 -69.93
CA ARG O 341 -10.54 53.11 -70.00
C ARG O 341 -9.79 52.05 -69.22
N ARG O 342 -8.75 52.46 -68.47
CA ARG O 342 -7.98 51.61 -67.61
C ARG O 342 -7.84 52.39 -66.34
N LEU O 343 -7.38 51.74 -65.23
CA LEU O 343 -7.06 52.44 -64.02
C LEU O 343 -5.58 52.62 -64.04
N LEU O 344 -5.15 53.91 -64.07
CA LEU O 344 -3.79 54.34 -64.20
C LEU O 344 -3.11 54.33 -62.87
N GLY O 345 -1.79 54.03 -62.85
CA GLY O 345 -0.99 54.04 -61.64
C GLY O 345 -1.08 52.79 -60.83
N VAL O 346 -1.75 51.72 -61.35
CA VAL O 346 -1.80 50.47 -60.65
C VAL O 346 -1.87 49.41 -61.71
N ARG O 347 -1.09 48.32 -61.50
CA ARG O 347 -0.89 47.20 -62.38
C ARG O 347 0.30 46.52 -61.78
N THR O 348 0.19 45.21 -61.51
CA THR O 348 1.21 44.43 -60.85
C THR O 348 1.53 43.28 -61.78
N GLU O 349 2.27 42.25 -61.29
CA GLU O 349 2.74 41.13 -62.08
C GLU O 349 1.61 40.25 -62.54
N GLY O 350 0.53 40.13 -61.71
CA GLY O 350 -0.69 39.44 -62.03
C GLY O 350 -1.63 40.26 -62.88
N ASP O 351 -1.26 41.54 -63.15
CA ASP O 351 -2.01 42.49 -63.95
C ASP O 351 -3.27 42.93 -63.27
N LYS O 352 -3.15 43.29 -61.97
CA LYS O 352 -4.25 43.78 -61.16
C LYS O 352 -3.81 45.16 -60.72
N LYS O 353 -4.63 46.23 -60.80
CA LYS O 353 -6.06 46.25 -60.99
C LYS O 353 -6.33 47.37 -61.95
N ALA O 354 -5.80 47.21 -63.18
CA ALA O 354 -5.89 48.19 -64.24
C ALA O 354 -7.12 47.96 -65.09
N ALA O 355 -8.07 47.13 -64.60
CA ALA O 355 -9.41 46.98 -65.14
C ALA O 355 -10.17 48.27 -65.14
N LYS O 356 -11.10 48.41 -66.12
CA LYS O 356 -11.86 49.61 -66.39
C LYS O 356 -12.76 49.93 -65.23
N VAL O 357 -12.83 51.24 -64.86
CA VAL O 357 -13.47 51.68 -63.65
C VAL O 357 -14.84 52.18 -64.04
N GLN O 358 -15.84 51.83 -63.19
CA GLN O 358 -17.24 52.19 -63.26
C GLN O 358 -17.42 53.69 -63.25
N LYS O 359 -18.53 54.17 -63.85
CA LYS O 359 -18.91 55.56 -63.94
C LYS O 359 -19.11 56.20 -62.59
N LEU O 360 -18.81 57.52 -62.50
CA LEU O 360 -18.91 58.32 -61.30
C LEU O 360 -20.36 58.46 -60.89
N SER O 361 -20.63 58.47 -59.56
CA SER O 361 -21.94 58.64 -59.00
C SER O 361 -21.88 59.89 -58.16
N LYS O 362 -23.00 60.67 -58.16
CA LYS O 362 -23.14 61.90 -57.42
C LYS O 362 -23.05 61.72 -55.93
N ASN O 363 -22.56 62.79 -55.25
CA ASN O 363 -22.26 62.91 -53.84
C ASN O 363 -21.17 61.98 -53.41
N GLU O 364 -20.08 61.90 -54.21
CA GLU O 364 -18.88 61.20 -53.88
C GLU O 364 -17.79 62.24 -53.95
N VAL O 365 -16.83 62.19 -53.01
CA VAL O 365 -15.73 63.13 -52.93
C VAL O 365 -14.58 62.63 -53.77
N LEU O 366 -14.07 63.53 -54.64
CA LEU O 366 -13.04 63.24 -55.59
C LEU O 366 -12.08 64.40 -55.54
N MET O 367 -10.76 64.10 -55.68
CA MET O 367 -9.73 65.09 -55.78
C MET O 367 -9.63 65.64 -57.17
N VAL O 368 -9.94 66.96 -57.31
CA VAL O 368 -9.70 67.70 -58.53
C VAL O 368 -8.43 68.47 -58.30
N ASN O 369 -7.38 68.07 -59.04
CA ASN O 369 -6.14 68.78 -59.12
C ASN O 369 -6.31 69.69 -60.30
N ILE O 370 -6.57 70.99 -60.02
CA ILE O 370 -6.75 72.01 -61.03
C ILE O 370 -5.58 72.91 -60.80
N GLY O 371 -4.80 73.21 -61.88
CA GLY O 371 -3.56 73.94 -61.78
C GLY O 371 -2.58 73.17 -60.93
N SER O 372 -1.99 73.85 -59.93
CA SER O 372 -1.14 73.21 -58.95
C SER O 372 -1.95 73.04 -57.69
N LEU O 373 -3.18 73.62 -57.61
CA LEU O 373 -4.08 73.46 -56.49
C LEU O 373 -4.49 72.01 -56.36
N SER O 374 -4.79 71.56 -55.12
CA SER O 374 -5.35 70.27 -54.87
C SER O 374 -6.48 70.50 -53.92
N THR O 375 -7.74 70.43 -54.40
CA THR O 375 -8.89 70.63 -53.57
C THR O 375 -9.66 69.33 -53.68
N GLY O 376 -10.57 69.10 -52.70
CA GLY O 376 -11.46 67.97 -52.69
C GLY O 376 -12.81 68.56 -52.86
N GLY O 377 -13.71 67.84 -53.55
CA GLY O 377 -14.99 68.38 -53.88
C GLY O 377 -15.88 67.24 -54.21
N ARG O 378 -17.21 67.49 -54.13
CA ARG O 378 -18.21 66.49 -54.36
C ARG O 378 -18.92 66.85 -55.62
N VAL O 379 -19.36 65.82 -56.37
CA VAL O 379 -19.99 65.96 -57.65
C VAL O 379 -21.47 66.08 -57.38
N SER O 380 -22.11 67.19 -57.83
CA SER O 380 -23.47 67.50 -57.53
C SER O 380 -24.36 67.12 -58.69
N ALA O 381 -23.84 67.22 -59.93
CA ALA O 381 -24.53 66.80 -61.12
C ALA O 381 -23.55 65.96 -61.85
N VAL O 382 -24.00 64.82 -62.45
CA VAL O 382 -23.12 63.94 -63.17
C VAL O 382 -23.77 63.55 -64.47
N LYS O 383 -23.38 64.26 -65.56
CA LYS O 383 -23.66 63.89 -66.92
C LYS O 383 -22.30 63.51 -67.43
N ALA O 384 -22.25 62.77 -68.57
CA ALA O 384 -21.03 62.22 -69.13
C ALA O 384 -19.99 63.25 -69.49
N ASP O 385 -20.43 64.39 -70.09
CA ASP O 385 -19.57 65.45 -70.53
C ASP O 385 -19.96 66.74 -69.86
N LEU O 386 -20.56 66.66 -68.65
CA LEU O 386 -20.90 67.84 -67.90
C LEU O 386 -21.14 67.40 -66.50
N GLY O 387 -20.14 67.63 -65.62
CA GLY O 387 -20.31 67.42 -64.21
C GLY O 387 -20.11 68.76 -63.56
N LYS O 388 -20.83 68.95 -62.43
CA LYS O 388 -20.78 70.14 -61.63
C LYS O 388 -20.19 69.70 -60.34
N ILE O 389 -19.09 70.35 -59.87
CA ILE O 389 -18.43 69.97 -58.66
C ILE O 389 -18.48 71.15 -57.72
N VAL O 390 -18.63 70.88 -56.41
CA VAL O 390 -18.65 71.87 -55.36
C VAL O 390 -17.43 71.61 -54.52
N LEU O 391 -16.60 72.65 -54.29
CA LEU O 391 -15.26 72.48 -53.75
C LEU O 391 -15.30 72.98 -52.34
N THR O 392 -14.46 72.38 -51.46
CA THR O 392 -14.42 72.72 -50.05
C THR O 392 -13.74 74.06 -49.82
N ASN O 393 -12.56 74.31 -50.46
CA ASN O 393 -11.86 75.57 -50.38
C ASN O 393 -11.82 76.12 -51.78
N PRO O 394 -12.05 77.41 -52.04
CA PRO O 394 -12.15 77.95 -53.40
C PRO O 394 -10.87 77.80 -54.19
N VAL O 395 -11.00 77.71 -55.53
CA VAL O 395 -9.91 77.51 -56.46
C VAL O 395 -9.87 78.69 -57.41
N CYS O 396 -8.72 79.40 -57.42
CA CYS O 396 -8.42 80.40 -58.41
C CYS O 396 -8.03 79.72 -59.69
N THR O 397 -8.82 79.97 -60.76
CA THR O 397 -8.64 79.39 -62.07
C THR O 397 -8.06 80.47 -62.95
N GLU O 398 -6.72 80.39 -63.19
CA GLU O 398 -5.94 81.36 -63.94
C GLU O 398 -6.41 81.39 -65.38
N VAL O 399 -6.66 80.18 -65.93
CA VAL O 399 -7.10 79.97 -67.29
C VAL O 399 -7.83 78.64 -67.17
N GLY O 400 -8.65 78.28 -68.17
CA GLY O 400 -9.34 77.00 -68.18
C GLY O 400 -8.55 75.77 -68.49
N GLU O 401 -7.27 75.91 -68.94
CA GLU O 401 -6.20 74.90 -68.97
C GLU O 401 -6.62 73.44 -68.96
N LYS O 402 -6.16 72.68 -67.93
CA LYS O 402 -6.43 71.28 -67.76
C LYS O 402 -6.80 71.04 -66.32
N ILE O 403 -7.23 69.80 -66.02
CA ILE O 403 -7.51 69.32 -64.69
C ILE O 403 -7.11 67.88 -64.71
N ALA O 404 -6.91 67.30 -63.50
CA ALA O 404 -6.66 65.89 -63.34
C ALA O 404 -7.59 65.47 -62.24
N LEU O 405 -8.27 64.34 -62.46
CA LEU O 405 -9.39 63.89 -61.67
C LEU O 405 -9.04 62.53 -61.19
N SER O 406 -9.23 62.29 -59.88
CA SER O 406 -8.83 61.06 -59.25
C SER O 406 -10.01 60.61 -58.44
N ARG O 407 -10.06 59.30 -58.13
CA ARG O 407 -11.18 58.72 -57.41
C ARG O 407 -10.57 57.86 -56.36
N ARG O 408 -11.20 57.78 -55.17
CA ARG O 408 -10.74 56.99 -54.05
C ARG O 408 -11.06 55.53 -54.23
N VAL O 409 -10.14 54.80 -54.90
CA VAL O 409 -10.25 53.40 -55.23
C VAL O 409 -10.20 52.54 -53.97
N GLU O 410 -9.30 52.87 -53.02
CA GLU O 410 -9.12 52.08 -51.83
C GLU O 410 -8.63 53.01 -50.75
N LYS O 411 -7.37 52.83 -50.26
CA LYS O 411 -6.75 53.59 -49.21
C LYS O 411 -6.54 55.03 -49.60
N HIS O 412 -6.10 55.29 -50.85
CA HIS O 412 -5.90 56.63 -51.34
C HIS O 412 -6.49 56.73 -52.71
N TRP O 413 -6.51 57.99 -53.23
CA TRP O 413 -6.96 58.36 -54.53
C TRP O 413 -5.99 57.88 -55.59
N ARG O 414 -6.54 57.62 -56.80
CA ARG O 414 -5.80 57.11 -57.93
C ARG O 414 -6.38 57.78 -59.13
N LEU O 415 -5.53 58.13 -60.13
CA LEU O 415 -5.86 58.88 -61.31
C LEU O 415 -6.78 58.11 -62.22
N ILE O 416 -7.94 58.72 -62.61
CA ILE O 416 -8.96 58.07 -63.40
C ILE O 416 -9.15 58.81 -64.71
N GLY O 417 -8.90 60.13 -64.77
CA GLY O 417 -9.26 60.88 -65.95
C GLY O 417 -8.76 62.28 -65.82
N TRP O 418 -8.96 63.08 -66.90
CA TRP O 418 -8.52 64.45 -66.96
C TRP O 418 -9.63 65.22 -67.64
N GLY O 419 -9.33 66.45 -68.12
CA GLY O 419 -10.29 67.23 -68.89
C GLY O 419 -9.86 68.66 -68.93
N GLN O 420 -10.84 69.56 -69.19
CA GLN O 420 -10.65 71.00 -69.24
C GLN O 420 -11.82 71.67 -68.58
N ILE O 421 -11.56 72.73 -67.78
CA ILE O 421 -12.59 73.63 -67.26
C ILE O 421 -13.30 74.32 -68.41
N ARG O 422 -14.60 74.62 -68.23
CA ARG O 422 -15.43 75.34 -69.17
C ARG O 422 -15.74 76.68 -68.50
N MET P 1 17.03 -47.53 -90.50
CA MET P 1 17.72 -46.98 -89.30
C MET P 1 16.84 -47.03 -88.09
N ARG P 2 17.45 -46.88 -86.89
CA ARG P 2 16.73 -46.71 -85.66
C ARG P 2 16.95 -45.29 -85.21
N PRO P 3 15.90 -44.50 -85.02
CA PRO P 3 16.03 -43.17 -84.43
C PRO P 3 15.60 -43.25 -82.99
N ILE P 4 16.29 -42.49 -82.10
CA ILE P 4 15.89 -42.31 -80.73
C ILE P 4 15.77 -40.84 -80.54
N LEU P 5 15.03 -40.42 -79.48
CA LEU P 5 14.65 -39.06 -79.26
C LEU P 5 15.39 -38.60 -78.04
N LEU P 6 16.12 -37.47 -78.17
CA LEU P 6 16.83 -36.86 -77.07
C LEU P 6 16.03 -35.64 -76.74
N GLN P 7 15.62 -35.52 -75.47
CA GLN P 7 14.89 -34.37 -74.97
C GLN P 7 15.76 -33.72 -73.93
N GLY P 8 15.85 -32.37 -74.01
CA GLY P 8 16.65 -31.61 -73.09
C GLY P 8 16.45 -30.15 -73.38
N HIS P 9 15.82 -29.83 -74.54
CA HIS P 9 15.50 -28.49 -74.95
C HIS P 9 14.00 -28.42 -74.90
N GLU P 10 13.47 -27.25 -74.45
CA GLU P 10 12.06 -27.01 -74.31
C GLU P 10 11.58 -26.08 -75.39
N ARG P 11 12.48 -25.69 -76.32
CA ARG P 11 12.19 -24.72 -77.35
C ARG P 11 12.74 -25.29 -78.61
N SER P 12 12.29 -24.74 -79.77
CA SER P 12 12.65 -25.14 -81.11
C SER P 12 14.14 -25.06 -81.32
N ILE P 13 14.72 -26.12 -81.93
CA ILE P 13 16.11 -26.19 -82.29
C ILE P 13 16.39 -25.13 -83.35
N THR P 14 17.62 -24.59 -83.37
CA THR P 14 17.98 -23.49 -84.22
C THR P 14 19.21 -23.86 -85.01
N GLN P 15 20.04 -24.81 -84.50
CA GLN P 15 21.24 -25.20 -85.20
C GLN P 15 21.74 -26.44 -84.52
N ILE P 16 22.24 -27.40 -85.34
CA ILE P 16 22.95 -28.58 -84.90
C ILE P 16 24.26 -28.57 -85.63
N LYS P 17 25.36 -28.99 -84.94
CA LYS P 17 26.68 -29.06 -85.51
C LYS P 17 27.34 -30.21 -84.81
N TYR P 18 27.97 -31.10 -85.61
CA TYR P 18 28.87 -32.13 -85.15
C TYR P 18 30.25 -31.51 -85.07
N ASN P 19 31.10 -32.08 -84.18
CA ASN P 19 32.53 -31.85 -84.15
C ASN P 19 33.17 -32.73 -85.20
N ARG P 20 34.49 -32.54 -85.42
CA ARG P 20 35.20 -33.14 -86.53
C ARG P 20 35.94 -34.35 -86.04
N GLU P 21 35.75 -34.72 -84.74
CA GLU P 21 36.32 -35.90 -84.15
C GLU P 21 35.24 -36.94 -84.05
N GLY P 22 33.99 -36.60 -84.49
CA GLY P 22 32.85 -37.47 -84.60
C GLY P 22 32.48 -38.24 -83.37
N ASP P 23 32.15 -37.53 -82.26
CA ASP P 23 31.78 -38.20 -81.05
C ASP P 23 30.96 -37.28 -80.17
N LEU P 24 30.88 -35.97 -80.53
CA LEU P 24 30.03 -35.02 -79.85
C LEU P 24 29.11 -34.40 -80.85
N LEU P 25 27.90 -34.10 -80.37
CA LEU P 25 26.85 -33.39 -81.04
C LEU P 25 26.61 -32.19 -80.19
N PHE P 26 26.52 -31.01 -80.82
CA PHE P 26 26.19 -29.76 -80.17
C PHE P 26 24.88 -29.39 -80.76
N THR P 27 23.92 -28.98 -79.89
CA THR P 27 22.60 -28.61 -80.33
C THR P 27 22.28 -27.40 -79.55
N VAL P 28 21.62 -26.42 -80.21
CA VAL P 28 21.21 -25.21 -79.56
C VAL P 28 19.81 -24.93 -80.00
N ALA P 29 19.08 -24.14 -79.16
CA ALA P 29 17.67 -23.88 -79.30
C ALA P 29 17.50 -22.47 -78.87
N LYS P 30 16.23 -22.04 -78.65
CA LYS P 30 15.91 -20.69 -78.24
C LYS P 30 15.94 -20.60 -76.73
N ASP P 31 16.29 -21.74 -76.07
CA ASP P 31 16.61 -21.87 -74.66
C ASP P 31 17.85 -21.05 -74.34
N PRO P 32 18.08 -20.66 -73.09
CA PRO P 32 19.31 -20.02 -72.66
C PRO P 32 20.33 -21.06 -72.29
N ILE P 33 20.08 -22.36 -72.60
CA ILE P 33 21.05 -23.40 -72.41
C ILE P 33 21.24 -24.05 -73.75
N VAL P 34 22.49 -24.52 -74.00
CA VAL P 34 22.82 -25.35 -75.13
C VAL P 34 23.00 -26.70 -74.51
N ASN P 35 22.83 -27.80 -75.29
CA ASN P 35 23.03 -29.13 -74.78
C ASN P 35 24.17 -29.69 -75.60
N VAL P 36 24.96 -30.58 -74.97
CA VAL P 36 26.02 -31.30 -75.63
C VAL P 36 25.73 -32.74 -75.34
N TRP P 37 25.74 -33.57 -76.39
CA TRP P 37 25.33 -34.95 -76.31
C TRP P 37 26.39 -35.73 -77.02
N TYR P 38 26.69 -36.95 -76.53
CA TYR P 38 27.43 -37.96 -77.25
C TYR P 38 26.60 -38.45 -78.41
N SER P 39 27.23 -38.53 -79.61
CA SER P 39 26.58 -38.98 -80.82
C SER P 39 27.06 -40.37 -81.13
N VAL P 40 27.69 -41.05 -80.14
CA VAL P 40 28.22 -42.38 -80.30
C VAL P 40 27.66 -43.27 -79.21
N ASN P 41 26.86 -42.73 -78.25
CA ASN P 41 26.36 -43.54 -77.16
C ASN P 41 25.15 -42.89 -76.53
N GLY P 42 24.81 -41.64 -76.94
CA GLY P 42 23.56 -40.99 -76.60
C GLY P 42 23.48 -40.42 -75.21
N GLU P 43 24.57 -40.46 -74.41
CA GLU P 43 24.59 -39.90 -73.08
C GLU P 43 24.83 -38.43 -73.17
N ARG P 44 24.34 -37.66 -72.17
CA ARG P 44 24.51 -36.23 -72.11
C ARG P 44 25.86 -35.93 -71.53
N LEU P 45 26.63 -35.00 -72.16
CA LEU P 45 27.95 -34.64 -71.71
C LEU P 45 27.78 -33.55 -70.70
N GLY P 46 26.90 -32.56 -71.02
CA GLY P 46 26.64 -31.47 -70.12
C GLY P 46 25.84 -30.45 -70.88
N THR P 47 25.58 -29.30 -70.20
CA THR P 47 24.86 -28.18 -70.74
C THR P 47 25.73 -26.98 -70.53
N TYR P 48 25.52 -25.90 -71.34
CA TYR P 48 26.22 -24.64 -71.16
C TYR P 48 25.18 -23.65 -70.78
N MET P 49 25.23 -23.21 -69.52
CA MET P 49 24.34 -22.24 -68.93
C MET P 49 25.15 -21.03 -68.64
N GLY P 50 24.56 -19.84 -68.90
CA GLY P 50 25.23 -18.58 -68.72
C GLY P 50 24.74 -17.59 -69.72
N HIS P 51 24.11 -18.05 -70.83
CA HIS P 51 23.49 -17.21 -71.82
C HIS P 51 22.30 -16.49 -71.23
N THR P 52 22.05 -15.23 -71.68
CA THR P 52 20.98 -14.41 -71.18
C THR P 52 19.81 -14.39 -72.15
N GLY P 53 19.94 -15.07 -73.31
CA GLY P 53 18.92 -15.01 -74.31
C GLY P 53 19.09 -16.18 -75.23
N ALA P 54 18.36 -16.16 -76.36
CA ALA P 54 18.43 -17.15 -77.41
C ALA P 54 19.78 -17.12 -78.07
N VAL P 55 20.40 -18.31 -78.19
CA VAL P 55 21.63 -18.53 -78.92
C VAL P 55 21.15 -19.19 -80.19
N TRP P 56 21.37 -18.52 -81.33
CA TRP P 56 20.92 -18.99 -82.62
C TRP P 56 21.81 -20.06 -83.20
N CYS P 57 23.15 -20.01 -82.93
CA CYS P 57 24.07 -20.87 -83.64
C CYS P 57 25.19 -21.24 -82.70
N VAL P 58 25.66 -22.49 -82.85
CA VAL P 58 26.80 -23.03 -82.13
C VAL P 58 27.62 -23.72 -83.18
N ASP P 59 28.96 -23.83 -82.96
CA ASP P 59 29.81 -24.58 -83.85
C ASP P 59 31.01 -24.97 -83.04
N ALA P 60 31.61 -26.14 -83.36
CA ALA P 60 32.71 -26.74 -82.64
C ALA P 60 33.92 -26.81 -83.51
N ASP P 61 35.10 -26.43 -82.93
CA ASP P 61 36.38 -26.48 -83.60
C ASP P 61 36.87 -27.88 -83.88
N TRP P 62 37.96 -27.94 -84.66
CA TRP P 62 38.59 -29.13 -85.18
C TRP P 62 39.25 -29.93 -84.08
N ASP P 63 39.92 -29.22 -83.13
CA ASP P 63 40.61 -29.78 -81.99
C ASP P 63 39.71 -30.50 -81.02
N THR P 64 38.54 -29.88 -80.71
CA THR P 64 37.57 -30.31 -79.72
C THR P 64 38.10 -29.90 -78.37
N LYS P 65 38.29 -28.57 -78.22
CA LYS P 65 38.83 -27.97 -77.03
C LYS P 65 38.13 -26.65 -76.84
N HIS P 66 37.56 -26.10 -77.94
CA HIS P 66 36.84 -24.85 -77.92
C HIS P 66 35.58 -25.04 -78.69
N VAL P 67 34.48 -24.41 -78.21
CA VAL P 67 33.25 -24.27 -78.93
C VAL P 67 33.10 -22.77 -79.05
N LEU P 68 32.45 -22.29 -80.12
CA LEU P 68 32.18 -20.88 -80.28
C LEU P 68 30.72 -20.82 -80.58
N THR P 69 30.09 -19.73 -80.11
CA THR P 69 28.67 -19.54 -80.21
C THR P 69 28.47 -18.20 -80.87
N GLY P 70 27.35 -18.08 -81.60
CA GLY P 70 26.89 -16.85 -82.15
C GLY P 70 25.60 -16.59 -81.46
N SER P 71 25.40 -15.33 -81.01
CA SER P 71 24.28 -14.96 -80.19
C SER P 71 23.54 -13.86 -80.84
N ALA P 72 22.24 -13.75 -80.47
CA ALA P 72 21.36 -12.69 -80.87
C ALA P 72 21.36 -11.61 -79.82
N ASP P 73 22.24 -11.76 -78.80
CA ASP P 73 22.42 -10.84 -77.72
C ASP P 73 23.58 -9.93 -78.04
N ASN P 74 24.15 -10.08 -79.27
CA ASN P 74 25.08 -9.17 -79.89
C ASN P 74 26.43 -9.43 -79.29
N SER P 75 26.87 -10.70 -79.36
CA SER P 75 28.11 -11.14 -78.78
C SER P 75 28.52 -12.38 -79.50
N CYS P 76 29.84 -12.70 -79.42
CA CYS P 76 30.34 -13.98 -79.81
C CYS P 76 31.10 -14.41 -78.59
N ARG P 77 30.93 -15.69 -78.20
CA ARG P 77 31.51 -16.22 -77.00
C ARG P 77 32.37 -17.36 -77.40
N LEU P 78 33.55 -17.49 -76.76
CA LEU P 78 34.35 -18.69 -76.80
C LEU P 78 34.24 -19.38 -75.47
N TRP P 79 33.90 -20.69 -75.53
CA TRP P 79 33.61 -21.52 -74.38
C TRP P 79 34.67 -22.58 -74.43
N ASP P 80 35.23 -22.95 -73.26
CA ASP P 80 36.15 -24.04 -73.14
C ASP P 80 35.33 -25.29 -73.00
N CYS P 81 35.48 -26.20 -73.99
CA CYS P 81 34.69 -27.40 -74.20
C CYS P 81 34.79 -28.36 -73.04
N GLU P 82 36.02 -28.49 -72.48
CA GLU P 82 36.38 -29.56 -71.58
C GLU P 82 36.21 -29.20 -70.13
N THR P 83 35.62 -28.01 -69.83
CA THR P 83 35.36 -27.60 -68.47
C THR P 83 33.92 -27.09 -68.41
N GLY P 84 33.37 -26.67 -69.57
CA GLY P 84 32.00 -26.22 -69.70
C GLY P 84 31.87 -24.78 -69.28
N LYS P 85 33.00 -24.10 -69.02
CA LYS P 85 33.08 -22.74 -68.55
C LYS P 85 33.41 -21.87 -69.71
N GLN P 86 32.78 -20.67 -69.79
CA GLN P 86 33.07 -19.66 -70.77
C GLN P 86 34.41 -19.05 -70.47
N LEU P 87 35.28 -18.92 -71.51
CA LEU P 87 36.67 -18.58 -71.33
C LEU P 87 37.00 -17.26 -71.96
N ALA P 88 36.04 -16.65 -72.70
CA ALA P 88 36.28 -15.41 -73.38
C ALA P 88 34.97 -14.90 -73.88
N LEU P 89 34.77 -13.56 -73.81
CA LEU P 89 33.59 -12.93 -74.32
C LEU P 89 34.09 -11.79 -75.14
N LEU P 90 33.51 -11.63 -76.36
CA LEU P 90 33.73 -10.48 -77.19
C LEU P 90 32.35 -9.92 -77.40
N LYS P 91 32.18 -8.60 -77.15
CA LYS P 91 30.94 -7.91 -77.41
C LYS P 91 31.01 -7.40 -78.82
N THR P 92 29.86 -7.53 -79.52
CA THR P 92 29.72 -7.25 -80.92
C THR P 92 28.63 -6.22 -80.96
N ASN P 93 28.56 -5.41 -82.04
CA ASN P 93 27.53 -4.41 -82.22
C ASN P 93 26.43 -4.92 -83.11
N SER P 94 26.45 -6.22 -83.47
CA SER P 94 25.43 -6.81 -84.29
C SER P 94 25.34 -8.26 -83.88
N ALA P 95 24.16 -8.86 -84.17
CA ALA P 95 23.86 -10.25 -83.96
C ALA P 95 24.59 -11.11 -84.95
N VAL P 96 24.59 -12.44 -84.70
CA VAL P 96 25.28 -13.40 -85.51
C VAL P 96 24.20 -14.18 -86.17
N ARG P 97 24.22 -14.17 -87.52
CA ARG P 97 23.16 -14.64 -88.37
C ARG P 97 23.55 -15.99 -88.91
N THR P 98 24.88 -16.26 -89.00
CA THR P 98 25.42 -17.52 -89.46
C THR P 98 26.79 -17.57 -88.85
N CYS P 99 27.29 -18.78 -88.52
CA CYS P 99 28.66 -18.99 -88.14
C CYS P 99 29.12 -20.27 -88.78
N GLY P 100 30.38 -20.30 -89.28
CA GLY P 100 30.88 -21.46 -89.96
C GLY P 100 32.36 -21.46 -89.84
N PHE P 101 32.91 -22.59 -89.34
CA PHE P 101 34.31 -22.91 -89.31
C PHE P 101 34.85 -23.13 -90.70
N ASP P 102 36.11 -22.67 -90.89
CA ASP P 102 36.93 -22.93 -92.04
C ASP P 102 37.55 -24.29 -91.88
N PHE P 103 38.18 -24.83 -92.94
CA PHE P 103 38.57 -26.23 -93.02
C PHE P 103 39.97 -26.40 -92.49
N GLY P 104 40.59 -25.30 -92.00
CA GLY P 104 41.90 -25.30 -91.41
C GLY P 104 41.71 -24.96 -89.95
N GLY P 105 40.55 -24.33 -89.63
CA GLY P 105 40.02 -24.25 -88.30
C GLY P 105 40.62 -23.17 -87.45
N ASN P 106 41.50 -22.32 -88.04
CA ASN P 106 42.19 -21.26 -87.33
C ASN P 106 41.53 -19.94 -87.63
N ILE P 107 40.47 -19.96 -88.48
CA ILE P 107 39.66 -18.80 -88.75
C ILE P 107 38.25 -19.30 -88.68
N ILE P 108 37.28 -18.39 -88.45
CA ILE P 108 35.87 -18.69 -88.41
C ILE P 108 35.20 -17.47 -89.02
N MET P 109 34.03 -17.65 -89.68
CA MET P 109 33.29 -16.55 -90.24
C MET P 109 32.08 -16.36 -89.37
N PHE P 110 31.67 -15.09 -89.20
CA PHE P 110 30.42 -14.72 -88.57
C PHE P 110 29.76 -13.77 -89.52
N SER P 111 28.46 -13.98 -89.83
CA SER P 111 27.72 -13.11 -90.72
C SER P 111 27.02 -12.08 -89.87
N THR P 112 27.39 -10.80 -90.07
CA THR P 112 26.79 -9.66 -89.42
C THR P 112 25.84 -9.01 -90.40
N ASP P 113 24.52 -9.03 -90.04
CA ASP P 113 23.41 -8.45 -90.76
C ASP P 113 23.61 -6.99 -91.07
N LYS P 114 22.87 -6.49 -92.11
CA LYS P 114 22.86 -5.12 -92.58
C LYS P 114 22.39 -4.15 -91.52
N GLN P 115 21.33 -4.54 -90.76
CA GLN P 115 20.78 -3.76 -89.68
C GLN P 115 21.63 -3.99 -88.45
N MET P 116 21.35 -3.21 -87.39
CA MET P 116 22.16 -3.03 -86.20
C MET P 116 23.41 -2.24 -86.51
N GLY P 117 24.34 -2.15 -85.51
CA GLY P 117 25.47 -1.25 -85.53
C GLY P 117 26.49 -1.56 -86.59
N TYR P 118 26.62 -2.85 -86.99
CA TYR P 118 27.51 -3.24 -88.06
C TYR P 118 26.66 -3.43 -89.28
N GLN P 119 27.28 -3.14 -90.44
CA GLN P 119 26.65 -3.18 -91.74
C GLN P 119 26.84 -4.55 -92.34
N CYS P 120 26.31 -4.72 -93.57
CA CYS P 120 26.29 -5.94 -94.32
C CYS P 120 27.68 -6.33 -94.71
N PHE P 121 28.11 -7.52 -94.24
CA PHE P 121 29.41 -8.07 -94.51
C PHE P 121 29.50 -9.31 -93.69
N VAL P 122 30.42 -10.21 -94.12
CA VAL P 122 30.81 -11.39 -93.41
C VAL P 122 32.15 -11.09 -92.82
N SER P 123 32.15 -10.87 -91.48
CA SER P 123 33.34 -10.60 -90.70
C SER P 123 34.00 -11.92 -90.37
N PHE P 124 35.34 -11.88 -90.38
CA PHE P 124 36.20 -13.02 -90.24
C PHE P 124 36.99 -12.76 -88.99
N PHE P 125 36.89 -13.69 -88.00
CA PHE P 125 37.59 -13.53 -86.75
C PHE P 125 38.63 -14.60 -86.80
N ASP P 126 39.89 -14.15 -86.62
CA ASP P 126 41.06 -14.93 -86.25
C ASP P 126 40.88 -15.59 -84.91
N LEU P 127 41.17 -16.90 -84.86
CA LEU P 127 41.15 -17.71 -83.67
C LEU P 127 42.59 -18.00 -83.40
N ARG P 128 43.16 -17.19 -82.47
CA ARG P 128 44.55 -17.23 -82.10
C ARG P 128 44.60 -17.63 -80.67
N ASP P 129 45.27 -18.76 -80.36
CA ASP P 129 45.45 -19.24 -79.02
C ASP P 129 46.88 -18.98 -78.57
N PRO P 130 47.15 -17.90 -77.81
CA PRO P 130 48.33 -17.78 -76.98
C PRO P 130 47.91 -18.40 -75.66
N SER P 131 48.86 -18.96 -74.88
CA SER P 131 48.61 -19.53 -73.57
C SER P 131 47.53 -20.60 -73.62
N GLN P 132 46.60 -20.60 -72.63
CA GLN P 132 45.52 -21.56 -72.54
C GLN P 132 44.22 -20.94 -72.97
N ILE P 133 44.22 -19.66 -73.39
CA ILE P 133 43.01 -18.93 -73.71
C ILE P 133 43.06 -18.63 -75.18
N ASP P 134 42.11 -19.21 -75.95
CA ASP P 134 41.90 -18.87 -77.33
C ASP P 134 41.12 -17.59 -77.37
N ASN P 135 41.64 -16.63 -78.17
CA ASN P 135 41.13 -15.29 -78.28
C ASN P 135 40.64 -15.15 -79.70
N ASN P 136 39.41 -14.59 -79.81
CA ASN P 136 38.78 -14.29 -81.07
C ASN P 136 38.71 -12.78 -81.15
N GLU P 137 38.76 -12.24 -82.39
CA GLU P 137 38.87 -10.81 -82.63
C GLU P 137 38.88 -10.68 -84.13
N PRO P 138 38.30 -9.65 -84.77
CA PRO P 138 38.29 -9.60 -86.22
C PRO P 138 39.51 -8.86 -86.70
N TYR P 139 39.93 -9.14 -87.95
CA TYR P 139 40.97 -8.40 -88.62
C TYR P 139 40.66 -8.37 -90.09
N MET P 140 39.40 -8.64 -90.48
CA MET P 140 38.97 -8.45 -91.85
C MET P 140 37.48 -8.50 -91.84
N LYS P 141 36.87 -7.72 -92.76
CA LYS P 141 35.46 -7.67 -93.05
C LYS P 141 35.41 -7.77 -94.54
N ILE P 142 34.72 -8.79 -95.10
CA ILE P 142 34.56 -8.93 -96.54
C ILE P 142 33.24 -8.28 -96.87
N PRO P 143 33.15 -7.17 -97.61
CA PRO P 143 31.91 -6.47 -97.88
C PRO P 143 31.01 -7.25 -98.80
N CYS P 144 29.67 -7.23 -98.51
CA CYS P 144 28.70 -8.03 -99.22
C CYS P 144 28.44 -7.39 -100.56
N ASN P 145 28.06 -8.21 -101.57
CA ASN P 145 27.46 -7.74 -102.79
C ASN P 145 25.98 -7.83 -102.71
N ASP P 146 25.31 -7.09 -103.63
CA ASP P 146 23.89 -7.09 -103.92
C ASP P 146 23.03 -6.89 -102.69
N SER P 147 21.83 -7.51 -102.67
CA SER P 147 20.93 -7.62 -101.53
C SER P 147 21.63 -8.28 -100.37
N LYS P 148 21.17 -8.01 -99.13
CA LYS P 148 21.80 -8.49 -97.92
C LYS P 148 21.90 -9.99 -97.89
N ILE P 149 23.09 -10.50 -97.49
CA ILE P 149 23.35 -11.90 -97.28
C ILE P 149 22.52 -12.43 -96.15
N THR P 150 22.14 -13.73 -96.25
CA THR P 150 21.34 -14.41 -95.27
C THR P 150 22.16 -15.54 -94.74
N SER P 151 22.96 -16.16 -95.64
CA SER P 151 23.78 -17.29 -95.31
C SER P 151 25.09 -17.06 -95.99
N ALA P 152 26.13 -17.75 -95.48
CA ALA P 152 27.43 -17.71 -96.07
C ALA P 152 28.12 -18.93 -95.56
N VAL P 153 29.06 -19.44 -96.38
CA VAL P 153 29.79 -20.64 -96.10
C VAL P 153 31.06 -20.48 -96.88
N TRP P 154 32.01 -21.41 -96.70
CA TRP P 154 33.31 -21.35 -97.32
C TRP P 154 33.22 -22.27 -98.50
N GLY P 155 33.75 -21.82 -99.65
CA GLY P 155 33.82 -22.56 -100.88
C GLY P 155 35.09 -23.38 -100.90
N PRO P 156 35.64 -23.72 -102.06
CA PRO P 156 36.75 -24.66 -102.19
C PRO P 156 37.99 -24.18 -101.49
N LEU P 157 38.61 -25.07 -100.67
CA LEU P 157 39.85 -24.84 -99.93
C LEU P 157 39.77 -23.70 -98.92
N GLY P 158 38.56 -23.13 -98.69
CA GLY P 158 38.32 -22.05 -97.77
C GLY P 158 38.95 -20.76 -98.20
N GLU P 159 39.09 -20.56 -99.53
CA GLU P 159 39.66 -19.37 -100.12
C GLU P 159 38.59 -18.63 -100.88
N CYS P 160 37.33 -19.13 -100.83
CA CYS P 160 36.19 -18.45 -101.39
C CYS P 160 35.12 -18.43 -100.33
N ILE P 161 34.20 -17.45 -100.45
CA ILE P 161 32.95 -17.38 -99.72
C ILE P 161 31.91 -17.64 -100.76
N ILE P 162 30.94 -18.54 -100.46
CA ILE P 162 29.77 -18.67 -101.28
C ILE P 162 28.74 -18.10 -100.34
N ALA P 163 27.81 -17.27 -100.86
CA ALA P 163 26.84 -16.58 -100.03
C ALA P 163 25.48 -16.79 -100.64
N GLY P 164 24.47 -16.93 -99.75
CA GLY P 164 23.09 -17.03 -100.10
C GLY P 164 22.49 -15.73 -99.70
N HIS P 165 21.50 -15.26 -100.49
CA HIS P 165 21.01 -13.91 -100.41
C HIS P 165 19.53 -13.98 -100.17
N GLU P 166 19.00 -12.83 -99.67
CA GLU P 166 17.62 -12.59 -99.35
C GLU P 166 16.79 -12.61 -100.61
N SER P 167 17.35 -12.00 -101.68
CA SER P 167 16.80 -11.97 -103.02
C SER P 167 16.69 -13.34 -103.65
N GLY P 168 17.70 -14.22 -103.42
CA GLY P 168 17.70 -15.56 -103.94
C GLY P 168 18.85 -15.74 -104.88
N GLU P 169 19.93 -14.98 -104.68
CA GLU P 169 21.12 -15.02 -105.50
C GLU P 169 22.14 -15.84 -104.77
N LEU P 170 23.05 -16.47 -105.54
CA LEU P 170 24.19 -17.18 -105.00
C LEU P 170 25.36 -16.51 -105.62
N ASN P 171 26.25 -15.96 -104.78
CA ASN P 171 27.33 -15.10 -105.23
C ASN P 171 28.58 -15.82 -104.82
N GLN P 172 29.70 -15.55 -105.54
CA GLN P 172 30.99 -16.10 -105.21
C GLN P 172 31.87 -14.91 -104.99
N TYR P 173 32.72 -15.01 -103.95
CA TYR P 173 33.61 -13.98 -103.50
C TYR P 173 34.97 -14.59 -103.43
N SER P 174 35.99 -13.80 -103.77
CA SER P 174 37.36 -14.24 -103.79
C SER P 174 37.82 -13.68 -102.47
N ALA P 175 37.91 -14.58 -101.46
CA ALA P 175 37.94 -14.20 -100.07
C ALA P 175 39.32 -13.89 -99.56
N LYS P 176 39.64 -12.58 -99.58
CA LYS P 176 40.86 -12.05 -99.05
C LYS P 176 40.70 -10.56 -99.00
N SER P 177 39.63 -10.02 -99.62
CA SER P 177 39.28 -8.62 -99.58
C SER P 177 37.96 -8.45 -100.29
N GLY P 178 37.38 -9.56 -100.84
CA GLY P 178 36.22 -9.49 -101.68
C GLY P 178 36.68 -9.33 -103.10
N GLU P 179 35.79 -8.98 -104.07
CA GLU P 179 34.35 -8.95 -103.97
C GLU P 179 33.87 -9.96 -104.97
N VAL P 180 32.80 -9.63 -105.74
CA VAL P 180 32.16 -10.47 -106.72
C VAL P 180 33.12 -11.01 -107.76
N LEU P 181 32.96 -12.31 -108.07
CA LEU P 181 33.79 -13.09 -108.94
C LEU P 181 32.88 -13.51 -110.06
N VAL P 182 31.62 -13.85 -109.69
CA VAL P 182 30.58 -14.28 -110.59
C VAL P 182 29.38 -14.45 -109.68
N ASN P 183 28.16 -14.48 -110.27
CA ASN P 183 26.92 -14.57 -109.56
C ASN P 183 25.93 -15.19 -110.50
N VAL P 184 24.86 -15.78 -109.93
CA VAL P 184 23.79 -16.42 -110.64
C VAL P 184 22.52 -16.04 -109.90
N LYS P 185 21.38 -15.98 -110.62
CA LYS P 185 20.08 -15.65 -110.10
C LYS P 185 19.23 -16.87 -110.37
N GLU P 186 18.87 -17.63 -109.31
CA GLU P 186 18.42 -18.99 -109.50
C GLU P 186 17.46 -19.40 -108.41
N HIS P 187 17.01 -18.43 -107.57
CA HIS P 187 16.01 -18.66 -106.56
C HIS P 187 15.33 -17.33 -106.47
N SER P 188 14.03 -17.34 -106.09
CA SER P 188 13.20 -16.16 -106.04
C SER P 188 12.73 -15.92 -104.63
N ARG P 189 13.24 -16.73 -103.66
CA ARG P 189 12.98 -16.51 -102.26
C ARG P 189 14.28 -16.73 -101.55
N GLN P 190 14.29 -16.35 -100.25
CA GLN P 190 15.38 -16.40 -99.31
C GLN P 190 16.06 -17.75 -99.28
N ILE P 191 17.40 -17.74 -99.48
CA ILE P 191 18.24 -18.90 -99.29
C ILE P 191 18.52 -19.01 -97.82
N ASN P 192 18.07 -20.15 -97.23
CA ASN P 192 18.10 -20.37 -95.80
C ASN P 192 19.39 -21.00 -95.38
N ASP P 193 19.98 -21.86 -96.25
CA ASP P 193 21.20 -22.53 -95.90
C ASP P 193 21.95 -22.86 -97.15
N ILE P 194 23.29 -22.98 -96.99
CA ILE P 194 24.23 -23.41 -98.00
C ILE P 194 25.36 -24.05 -97.21
N GLN P 195 25.52 -25.40 -97.29
CA GLN P 195 26.66 -26.07 -96.73
C GLN P 195 27.40 -26.73 -97.85
N LEU P 196 28.72 -26.96 -97.65
CA LEU P 196 29.65 -27.42 -98.66
C LEU P 196 29.80 -28.91 -98.49
N SER P 197 30.12 -29.62 -99.60
CA SER P 197 30.56 -30.99 -99.64
C SER P 197 31.88 -31.21 -98.94
N ARG P 198 32.32 -32.49 -98.91
CA ARG P 198 33.53 -32.92 -98.24
C ARG P 198 34.57 -33.16 -99.29
N GLU P 199 34.21 -32.97 -100.59
CA GLU P 199 35.10 -33.11 -101.72
C GLU P 199 35.43 -31.71 -102.20
N MET P 200 34.79 -30.69 -101.57
CA MET P 200 35.13 -29.29 -101.60
C MET P 200 35.01 -28.66 -102.96
N THR P 201 33.93 -28.95 -103.72
CA THR P 201 33.82 -28.53 -105.11
C THR P 201 32.37 -28.41 -105.50
N MET P 202 31.44 -28.94 -104.67
CA MET P 202 30.02 -28.71 -104.82
C MET P 202 29.46 -28.35 -103.48
N PHE P 203 28.22 -27.80 -103.46
CA PHE P 203 27.56 -27.38 -102.25
C PHE P 203 26.10 -27.69 -102.45
N VAL P 204 25.31 -27.62 -101.37
CA VAL P 204 23.89 -27.91 -101.42
C VAL P 204 23.21 -26.70 -100.86
N THR P 205 22.05 -26.36 -101.46
CA THR P 205 21.33 -25.14 -101.21
C THR P 205 19.99 -25.55 -100.63
N ALA P 206 19.33 -24.65 -99.86
CA ALA P 206 17.97 -24.85 -99.44
C ALA P 206 17.30 -23.52 -99.53
N SER P 207 15.99 -23.53 -99.86
CA SER P 207 15.20 -22.35 -100.07
C SER P 207 13.78 -22.69 -99.73
N LYS P 208 12.96 -21.66 -99.39
CA LYS P 208 11.56 -21.81 -99.07
C LYS P 208 10.68 -21.64 -100.29
N ASP P 209 11.29 -21.65 -101.50
CA ASP P 209 10.55 -21.74 -102.76
C ASP P 209 10.47 -23.19 -103.15
N ASN P 210 10.95 -24.08 -102.26
CA ASN P 210 10.70 -25.50 -102.18
C ASN P 210 11.69 -26.24 -103.01
N THR P 211 12.80 -25.57 -103.40
CA THR P 211 13.86 -26.17 -104.18
C THR P 211 15.05 -26.34 -103.27
N ALA P 212 15.82 -27.43 -103.53
CA ALA P 212 17.12 -27.66 -102.98
C ALA P 212 17.90 -27.99 -104.22
N LYS P 213 19.14 -27.45 -104.33
CA LYS P 213 19.93 -27.64 -105.54
C LYS P 213 21.30 -28.10 -105.17
N LEU P 214 21.86 -29.00 -106.03
CA LEU P 214 23.23 -29.41 -105.97
C LEU P 214 23.91 -28.46 -106.91
N PHE P 215 24.91 -27.72 -106.42
CA PHE P 215 25.41 -26.55 -107.09
C PHE P 215 26.90 -26.68 -107.21
N ASP P 216 27.46 -26.30 -108.38
CA ASP P 216 28.88 -26.29 -108.63
C ASP P 216 29.43 -25.01 -108.08
N SER P 217 30.55 -25.11 -107.33
CA SER P 217 31.10 -24.02 -106.55
C SER P 217 31.73 -22.96 -107.43
N THR P 218 32.49 -23.39 -108.46
CA THR P 218 33.43 -22.55 -109.16
C THR P 218 32.88 -22.07 -110.47
N THR P 219 31.64 -22.46 -110.82
CA THR P 219 31.06 -22.17 -112.11
C THR P 219 29.73 -21.51 -111.84
N LEU P 220 29.10 -21.87 -110.70
CA LEU P 220 27.79 -21.41 -110.29
C LEU P 220 26.72 -21.81 -111.27
N GLU P 221 26.69 -23.13 -111.60
CA GLU P 221 25.62 -23.73 -112.38
C GLU P 221 24.92 -24.69 -111.46
N HIS P 222 23.60 -24.89 -111.68
CA HIS P 222 22.87 -25.96 -111.03
C HIS P 222 23.18 -27.25 -111.74
N GLN P 223 23.70 -28.23 -110.99
CA GLN P 223 24.10 -29.52 -111.49
C GLN P 223 22.92 -30.45 -111.48
N LYS P 224 22.12 -30.37 -110.39
CA LYS P 224 21.02 -31.25 -110.10
C LYS P 224 20.05 -30.40 -109.34
N THR P 225 18.75 -30.74 -109.41
CA THR P 225 17.71 -30.04 -108.71
C THR P 225 16.90 -31.11 -108.02
N PHE P 226 16.58 -30.87 -106.74
CA PHE P 226 15.77 -31.73 -105.91
C PHE P 226 14.56 -30.92 -105.56
N ARG P 227 13.36 -31.40 -105.96
CA ARG P 227 12.12 -30.69 -105.79
C ARG P 227 11.30 -31.45 -104.79
N THR P 228 10.88 -30.75 -103.72
CA THR P 228 10.11 -31.28 -102.62
C THR P 228 8.84 -30.49 -102.63
N GLU P 229 7.71 -31.16 -102.31
CA GLU P 229 6.42 -30.53 -102.12
C GLU P 229 6.32 -29.60 -100.92
N PRO P 230 6.76 -29.90 -99.68
CA PRO P 230 6.93 -28.89 -98.63
C PRO P 230 8.17 -28.05 -98.87
N PRO P 231 8.29 -26.82 -98.34
CA PRO P 231 9.51 -26.03 -98.36
C PRO P 231 10.64 -26.68 -97.59
N ARG P 232 11.87 -26.15 -97.77
CA ARG P 232 13.07 -26.71 -97.20
C ARG P 232 13.67 -25.61 -96.38
N GLU P 233 14.06 -25.93 -95.13
CA GLU P 233 14.56 -24.95 -94.19
C GLU P 233 16.05 -25.14 -94.04
N LEU P 234 16.58 -26.29 -94.52
CA LEU P 234 17.98 -26.62 -94.33
C LEU P 234 18.28 -27.78 -95.23
N ALA P 235 19.57 -27.91 -95.63
CA ALA P 235 20.00 -28.98 -96.48
C ALA P 235 21.42 -29.25 -96.10
N ALA P 236 21.84 -30.53 -96.22
CA ALA P 236 23.18 -30.94 -95.93
C ALA P 236 23.54 -32.04 -96.88
N LEU P 237 24.86 -32.20 -97.14
CA LEU P 237 25.37 -33.30 -97.92
C LEU P 237 25.83 -34.31 -96.91
N SER P 238 25.41 -35.58 -97.09
CA SER P 238 25.71 -36.66 -96.18
C SER P 238 26.84 -37.47 -96.78
N PRO P 239 28.05 -37.51 -96.20
CA PRO P 239 29.11 -38.43 -96.64
C PRO P 239 28.82 -39.85 -96.23
N ASN P 240 29.72 -40.78 -96.66
CA ASN P 240 29.71 -42.23 -96.47
C ASN P 240 29.00 -42.88 -97.64
N TYR P 241 28.25 -42.09 -98.40
CA TYR P 241 27.49 -42.52 -99.55
C TYR P 241 27.20 -41.26 -100.31
N GLU P 242 26.68 -41.39 -101.55
CA GLU P 242 26.46 -40.27 -102.44
C GLU P 242 25.00 -39.93 -102.42
N HIS P 243 24.50 -39.52 -101.24
CA HIS P 243 23.18 -38.97 -101.10
C HIS P 243 23.35 -37.60 -100.51
N VAL P 244 22.26 -36.80 -100.55
CA VAL P 244 22.09 -35.55 -99.87
C VAL P 244 20.88 -35.75 -99.00
N VAL P 245 20.88 -35.11 -97.80
CA VAL P 245 19.81 -35.22 -96.85
C VAL P 245 19.29 -33.83 -96.69
N VAL P 246 17.98 -33.66 -96.94
CA VAL P 246 17.30 -32.39 -96.90
C VAL P 246 16.17 -32.56 -95.93
N GLY P 247 15.69 -31.43 -95.35
CA GLY P 247 14.68 -31.52 -94.32
C GLY P 247 13.99 -30.20 -94.27
N GLY P 248 12.67 -30.26 -94.01
CA GLY P 248 11.85 -29.10 -93.83
C GLY P 248 10.50 -29.61 -93.45
N GLY P 249 9.46 -29.11 -94.16
CA GLY P 249 8.98 -27.78 -93.87
C GLY P 249 7.58 -27.89 -93.39
N GLN P 250 6.78 -26.83 -93.67
CA GLN P 250 5.37 -26.75 -93.35
C GLN P 250 4.57 -27.84 -94.03
N GLU P 251 3.75 -28.54 -93.22
CA GLU P 251 2.83 -29.57 -93.62
C GLU P 251 1.77 -29.47 -92.56
N ALA P 252 0.65 -30.21 -92.75
CA ALA P 252 -0.56 -30.05 -91.97
C ALA P 252 -0.37 -30.33 -90.49
N MET P 253 -0.92 -29.43 -89.66
CA MET P 253 -0.86 -29.52 -88.23
C MET P 253 -2.13 -28.84 -87.82
N ASP P 254 -2.86 -29.40 -86.83
CA ASP P 254 -4.27 -29.11 -86.70
C ASP P 254 -4.63 -29.09 -85.25
N VAL P 255 -3.86 -29.79 -84.38
CA VAL P 255 -4.09 -29.77 -82.95
C VAL P 255 -2.83 -29.28 -82.30
N THR P 256 -3.01 -28.59 -81.15
CA THR P 256 -1.97 -28.00 -80.36
C THR P 256 -2.03 -28.61 -78.97
N THR P 257 -2.95 -29.59 -78.78
CA THR P 257 -3.20 -30.22 -77.51
C THR P 257 -2.55 -31.59 -77.49
N THR P 258 -1.92 -31.99 -78.61
CA THR P 258 -1.21 -33.24 -78.73
C THR P 258 -0.06 -32.90 -79.62
N SER P 259 1.13 -33.46 -79.29
CA SER P 259 2.37 -33.11 -79.94
C SER P 259 3.31 -34.28 -79.82
N THR P 260 2.78 -35.46 -79.43
CA THR P 260 3.55 -36.68 -79.27
C THR P 260 2.99 -37.76 -80.17
N ARG P 261 2.02 -37.42 -81.04
CA ARG P 261 1.31 -38.41 -81.83
C ARG P 261 0.91 -37.77 -83.13
N ILE P 262 1.52 -36.60 -83.48
CA ILE P 262 1.28 -35.92 -84.73
C ILE P 262 2.49 -36.03 -85.61
N GLY P 263 3.37 -37.05 -85.32
CA GLY P 263 4.56 -37.36 -86.08
C GLY P 263 4.26 -37.65 -87.52
N LYS P 264 4.70 -36.73 -88.41
CA LYS P 264 4.33 -36.75 -89.80
C LYS P 264 5.27 -35.82 -90.53
N PHE P 265 6.34 -35.35 -89.85
CA PHE P 265 7.36 -34.53 -90.48
C PHE P 265 8.59 -35.38 -90.59
N GLU P 266 9.13 -35.41 -91.82
CA GLU P 266 10.17 -36.32 -92.24
C GLU P 266 11.39 -35.57 -92.67
N ALA P 267 12.55 -36.28 -92.65
CA ALA P 267 13.74 -35.88 -93.35
C ALA P 267 13.78 -36.76 -94.56
N ARG P 268 14.11 -36.16 -95.74
CA ARG P 268 14.14 -36.86 -97.00
C ARG P 268 15.54 -37.02 -97.48
N PHE P 269 15.85 -38.25 -97.94
CA PHE P 269 17.13 -38.61 -98.53
C PHE P 269 16.86 -38.60 -100.00
N PHE P 270 17.69 -37.87 -100.79
CA PHE P 270 17.69 -37.98 -102.23
C PHE P 270 19.06 -38.43 -102.60
N HIS P 271 19.16 -39.33 -103.59
CA HIS P 271 20.39 -39.73 -104.23
C HIS P 271 20.92 -38.59 -105.05
N LEU P 272 22.18 -38.19 -104.77
CA LEU P 272 22.88 -37.06 -105.32
C LEU P 272 22.96 -37.11 -106.83
N ALA P 273 23.26 -38.30 -107.39
CA ALA P 273 23.59 -38.47 -108.80
C ALA P 273 22.43 -38.94 -109.64
N PHE P 274 21.20 -39.08 -109.08
CA PHE P 274 20.10 -39.68 -109.81
C PHE P 274 18.83 -38.92 -109.55
N GLU P 275 18.77 -38.16 -108.42
CA GLU P 275 17.67 -37.29 -108.04
C GLU P 275 16.46 -38.09 -107.65
N GLU P 276 16.68 -39.26 -107.01
CA GLU P 276 15.64 -40.21 -106.68
C GLU P 276 15.66 -40.39 -105.19
N GLU P 277 14.46 -40.31 -104.57
CA GLU P 277 14.24 -40.49 -103.16
C GLU P 277 14.59 -41.89 -102.69
N PHE P 278 15.37 -41.97 -101.58
CA PHE P 278 15.86 -43.20 -101.02
C PHE P 278 15.29 -43.34 -99.62
N GLY P 279 14.56 -42.33 -99.11
CA GLY P 279 13.92 -42.54 -97.84
C GLY P 279 13.17 -41.32 -97.44
N ARG P 280 12.17 -41.54 -96.55
CA ARG P 280 11.56 -40.51 -95.78
C ARG P 280 11.59 -41.09 -94.40
N VAL P 281 12.10 -40.33 -93.42
CA VAL P 281 12.23 -40.81 -92.06
C VAL P 281 11.41 -39.88 -91.23
N LYS P 282 10.19 -40.33 -90.85
CA LYS P 282 9.32 -39.64 -89.93
C LYS P 282 9.82 -39.78 -88.51
N GLY P 283 9.19 -39.04 -87.59
CA GLY P 283 9.53 -39.11 -86.19
C GLY P 283 9.40 -37.76 -85.57
N HIS P 284 9.47 -36.68 -86.39
CA HIS P 284 9.42 -35.33 -85.87
C HIS P 284 7.99 -34.91 -85.91
N PHE P 285 7.61 -34.06 -84.93
CA PHE P 285 6.24 -33.71 -84.63
C PHE P 285 5.98 -32.31 -85.12
N GLY P 286 7.05 -31.62 -85.60
CA GLY P 286 6.95 -30.30 -86.16
C GLY P 286 8.00 -30.24 -87.23
N PRO P 287 8.01 -29.20 -88.07
CA PRO P 287 8.95 -29.00 -89.18
C PRO P 287 10.40 -29.16 -88.79
N ILE P 288 11.22 -29.86 -89.61
CA ILE P 288 12.65 -29.93 -89.40
C ILE P 288 13.26 -28.60 -89.73
N ASN P 289 14.06 -28.06 -88.77
CA ASN P 289 14.64 -26.75 -88.82
C ASN P 289 16.11 -26.87 -89.11
N SER P 290 16.73 -28.02 -88.77
CA SER P 290 18.14 -28.21 -88.90
C SER P 290 18.36 -29.67 -89.14
N VAL P 291 19.32 -29.98 -90.05
CA VAL P 291 19.81 -31.30 -90.33
C VAL P 291 21.31 -31.14 -90.26
N ALA P 292 22.01 -32.16 -89.70
CA ALA P 292 23.44 -32.14 -89.55
C ALA P 292 23.89 -33.55 -89.78
N PHE P 293 25.10 -33.68 -90.37
CA PHE P 293 25.71 -34.94 -90.71
C PHE P 293 26.93 -35.15 -89.86
N HIS P 294 27.16 -36.43 -89.48
CA HIS P 294 28.34 -36.92 -88.80
C HIS P 294 29.51 -36.84 -89.78
N PRO P 295 30.74 -36.56 -89.40
CA PRO P 295 31.84 -36.40 -90.35
C PRO P 295 32.28 -37.71 -90.96
N ASP P 296 31.83 -38.86 -90.43
CA ASP P 296 32.13 -40.16 -91.00
C ASP P 296 30.88 -40.72 -91.61
N GLY P 297 29.72 -40.02 -91.45
CA GLY P 297 28.47 -40.31 -92.09
C GLY P 297 27.82 -41.57 -91.57
N LYS P 298 28.12 -41.93 -90.30
CA LYS P 298 27.62 -43.11 -89.65
C LYS P 298 26.46 -42.77 -88.75
N SER P 299 26.03 -41.49 -88.79
CA SER P 299 24.88 -41.00 -88.08
C SER P 299 24.47 -39.75 -88.81
N TYR P 300 23.18 -39.38 -88.70
CA TYR P 300 22.74 -38.05 -89.03
C TYR P 300 21.81 -37.64 -87.93
N SER P 301 21.65 -36.32 -87.73
CA SER P 301 20.82 -35.79 -86.68
C SER P 301 19.91 -34.81 -87.35
N SER P 302 18.64 -34.75 -86.89
CA SER P 302 17.69 -33.76 -87.34
C SER P 302 17.10 -33.15 -86.11
N GLY P 303 16.87 -31.82 -86.14
CA GLY P 303 16.25 -31.07 -85.07
C GLY P 303 14.96 -30.51 -85.55
N GLY P 304 13.96 -30.46 -84.65
CA GLY P 304 12.58 -30.24 -84.99
C GLY P 304 12.13 -28.96 -84.37
N GLU P 305 10.96 -28.47 -84.82
CA GLU P 305 10.30 -27.28 -84.31
C GLU P 305 9.48 -27.68 -83.10
N ASP P 306 9.33 -29.01 -82.90
CA ASP P 306 8.82 -29.65 -81.71
C ASP P 306 9.70 -29.35 -80.52
N GLY P 307 11.04 -29.28 -80.75
CA GLY P 307 11.96 -28.76 -79.77
C GLY P 307 12.85 -29.84 -79.25
N TYR P 308 12.94 -30.97 -80.00
CA TYR P 308 13.70 -32.12 -79.60
C TYR P 308 14.63 -32.39 -80.73
N VAL P 309 15.67 -33.20 -80.44
CA VAL P 309 16.65 -33.64 -81.41
C VAL P 309 16.65 -35.14 -81.44
N ARG P 310 16.46 -35.70 -82.66
CA ARG P 310 16.57 -37.12 -82.92
C ARG P 310 17.91 -37.37 -83.54
N ILE P 311 18.61 -38.38 -82.98
CA ILE P 311 19.87 -38.86 -83.48
C ILE P 311 19.57 -40.24 -84.02
N HIS P 312 20.10 -40.52 -85.22
CA HIS P 312 19.68 -41.63 -86.02
C HIS P 312 20.90 -42.48 -86.18
N TYR P 313 20.78 -43.79 -85.87
CA TYR P 313 21.86 -44.73 -85.95
C TYR P 313 21.57 -45.63 -87.11
N PHE P 314 22.45 -45.56 -88.14
CA PHE P 314 22.41 -46.40 -89.31
C PHE P 314 22.88 -47.79 -88.95
N ASP P 315 22.50 -48.79 -89.78
CA ASP P 315 22.85 -50.17 -89.62
C ASP P 315 23.57 -50.56 -90.88
N PRO P 316 24.26 -51.71 -90.97
CA PRO P 316 25.02 -52.12 -92.15
C PRO P 316 24.15 -52.27 -93.37
N GLN P 317 22.89 -52.74 -93.16
CA GLN P 317 21.89 -53.02 -94.17
C GLN P 317 21.53 -51.79 -94.97
N TYR P 318 21.53 -50.60 -94.31
CA TYR P 318 21.18 -49.34 -94.92
C TYR P 318 22.21 -48.94 -95.95
N PHE P 319 23.52 -49.05 -95.59
CA PHE P 319 24.62 -48.69 -96.45
C PHE P 319 24.72 -49.56 -97.69
N GLU P 320 24.28 -50.83 -97.56
CA GLU P 320 24.43 -51.84 -98.59
C GLU P 320 23.25 -51.93 -99.52
N PHE P 321 22.14 -51.22 -99.21
CA PHE P 321 20.95 -51.26 -100.05
C PHE P 321 20.80 -49.93 -100.71
N GLU P 322 20.15 -49.95 -101.89
CA GLU P 322 20.01 -48.83 -102.79
C GLU P 322 18.90 -49.27 -103.70
N PHE P 323 18.13 -48.31 -104.27
CA PHE P 323 17.10 -48.59 -105.25
C PHE P 323 17.69 -49.23 -106.49
N GLU P 324 16.96 -50.23 -107.04
CA GLU P 324 17.35 -51.09 -108.14
C GLU P 324 17.73 -50.35 -109.38
N ALA P 325 16.93 -49.33 -109.79
CA ALA P 325 17.10 -48.56 -111.00
C ALA P 325 18.41 -47.80 -111.03
N ARG P 326 18.88 -47.34 -109.84
CA ARG P 326 20.12 -46.65 -109.66
C ARG P 326 21.32 -47.55 -109.78
N GLU P 327 21.21 -48.80 -109.26
CA GLU P 327 22.25 -49.80 -109.30
C GLU P 327 22.50 -50.22 -110.72
N ALA P 328 21.41 -50.40 -111.49
CA ALA P 328 21.40 -50.79 -112.89
C ALA P 328 22.06 -49.72 -113.72
N GLY P 329 21.58 -48.46 -113.60
CA GLY P 329 22.13 -47.31 -114.24
C GLY P 329 21.11 -46.81 -115.27
N THR Q 1 33.51 46.91 73.18
CA THR Q 1 33.52 45.86 72.12
C THR Q 1 32.30 44.97 72.26
N PRO Q 2 31.97 44.29 73.37
CA PRO Q 2 30.77 43.46 73.42
C PRO Q 2 29.56 44.34 73.67
N ASP Q 3 29.75 45.59 74.15
CA ASP Q 3 28.70 46.54 74.43
C ASP Q 3 28.07 46.98 73.14
N ILE Q 4 28.93 47.34 72.16
CA ILE Q 4 28.53 47.64 70.82
C ILE Q 4 29.73 47.27 70.00
N LYS Q 5 29.50 46.61 68.84
CA LYS Q 5 30.55 46.16 67.98
C LYS Q 5 30.55 47.19 66.90
N LEU Q 6 31.63 47.97 66.81
CA LEU Q 6 31.77 49.07 65.90
C LEU Q 6 32.28 48.53 64.59
N PHE Q 7 32.34 49.41 63.57
CA PHE Q 7 33.07 49.17 62.35
C PHE Q 7 34.52 49.50 62.63
N GLY Q 8 35.42 49.22 61.66
CA GLY Q 8 36.84 49.20 61.88
C GLY Q 8 37.49 50.55 61.94
N LYS Q 9 36.74 51.66 61.71
CA LYS Q 9 37.12 52.95 62.25
C LYS Q 9 35.93 53.88 62.28
N TRP Q 10 34.70 53.34 62.12
CA TRP Q 10 33.50 54.13 62.14
C TRP Q 10 32.55 53.43 63.06
N SER Q 11 31.43 54.10 63.40
CA SER Q 11 30.51 53.61 64.40
C SER Q 11 29.42 52.92 63.65
N THR Q 12 28.74 51.95 64.30
CA THR Q 12 27.55 51.31 63.76
C THR Q 12 26.34 51.98 64.35
N ASP Q 13 26.56 52.91 65.32
CA ASP Q 13 25.53 53.63 66.02
C ASP Q 13 25.08 54.76 65.15
N ASP Q 14 23.80 55.17 65.33
CA ASP Q 14 23.16 56.25 64.61
C ASP Q 14 23.04 55.91 63.14
N VAL Q 15 22.47 54.73 62.84
CA VAL Q 15 22.18 54.30 61.50
C VAL Q 15 20.71 54.03 61.52
N GLN Q 16 19.94 54.77 60.68
CA GLN Q 16 18.51 54.80 60.74
C GLN Q 16 18.02 54.37 59.40
N ILE Q 17 16.89 53.61 59.41
CA ILE Q 17 16.29 53.05 58.24
C ILE Q 17 15.10 53.96 58.05
N ASN Q 18 15.05 54.64 56.89
CA ASN Q 18 14.14 55.73 56.63
C ASN Q 18 12.94 55.23 55.87
N ASP Q 19 12.71 53.90 55.87
CA ASP Q 19 11.60 53.31 55.19
C ASP Q 19 11.15 52.17 56.05
N ILE Q 20 9.82 51.88 56.00
CA ILE Q 20 9.16 50.89 56.81
C ILE Q 20 8.91 49.65 56.01
N SER Q 21 9.21 49.66 54.68
CA SER Q 21 8.92 48.52 53.83
C SER Q 21 10.18 47.79 53.49
N LEU Q 22 11.37 48.37 53.81
CA LEU Q 22 12.64 47.86 53.38
C LEU Q 22 13.33 47.25 54.57
N GLN Q 23 12.63 47.21 55.74
CA GLN Q 23 13.11 46.69 56.99
C GLN Q 23 13.36 45.21 56.88
N ASP Q 24 14.40 44.73 57.61
CA ASP Q 24 14.72 43.33 57.81
C ASP Q 24 15.38 42.77 56.57
N TYR Q 25 15.91 43.67 55.72
CA TYR Q 25 16.93 43.36 54.74
C TYR Q 25 17.85 44.54 54.69
N ILE Q 26 17.68 45.51 55.62
CA ILE Q 26 18.63 46.55 55.90
C ILE Q 26 18.90 46.39 57.37
N ALA Q 27 20.19 46.22 57.74
CA ALA Q 27 20.59 46.00 59.10
C ALA Q 27 22.06 46.31 59.16
N VAL Q 28 22.57 46.64 60.36
CA VAL Q 28 23.99 46.82 60.57
C VAL Q 28 24.27 46.73 62.06
N LYS Q 29 23.23 46.44 62.88
CA LYS Q 29 23.38 46.49 64.32
C LYS Q 29 22.20 45.81 64.95
N GLU Q 30 21.31 45.20 64.13
CA GLU Q 30 20.11 44.57 64.61
C GLU Q 30 20.35 43.09 64.84
N LYS Q 31 21.54 42.61 64.46
CA LYS Q 31 22.36 41.76 65.30
C LYS Q 31 23.75 41.79 64.69
N TYR Q 32 23.89 42.49 63.54
CA TYR Q 32 24.70 41.99 62.45
C TYR Q 32 25.91 42.86 62.32
N ALA Q 33 26.23 43.65 63.37
CA ALA Q 33 27.37 44.52 63.42
C ALA Q 33 28.66 43.74 63.41
N LYS Q 34 29.66 44.24 62.65
CA LYS Q 34 30.91 43.56 62.44
C LYS Q 34 31.92 44.67 62.31
N TYR Q 35 33.13 44.44 62.87
CA TYR Q 35 34.31 45.23 62.58
C TYR Q 35 34.79 44.99 61.18
N LEU Q 36 34.80 43.71 60.75
CA LEU Q 36 35.32 43.30 59.48
C LEU Q 36 34.28 42.35 58.93
N PRO Q 37 33.66 42.56 57.76
CA PRO Q 37 32.70 41.61 57.21
C PRO Q 37 33.39 40.36 56.73
N HIS Q 38 32.81 39.19 57.10
CA HIS Q 38 33.16 37.87 56.60
C HIS Q 38 32.39 36.95 57.50
N SER Q 39 31.63 36.01 56.90
CA SER Q 39 30.80 35.06 57.62
C SER Q 39 31.49 33.74 57.56
N ALA Q 40 31.57 33.14 56.34
CA ALA Q 40 32.25 31.89 56.13
C ALA Q 40 32.51 31.76 54.66
N GLY Q 41 32.08 32.75 53.84
CA GLY Q 41 32.34 32.78 52.43
C GLY Q 41 31.39 31.94 51.62
N ARG Q 42 30.32 31.42 52.26
CA ARG Q 42 29.16 30.87 51.60
C ARG Q 42 28.03 31.76 52.00
N TYR Q 43 27.07 31.95 51.05
CA TYR Q 43 25.88 32.73 51.25
C TYR Q 43 24.79 32.13 50.42
N ALA Q 44 25.08 30.97 49.78
CA ALA Q 44 24.19 30.30 48.85
C ALA Q 44 23.86 28.95 49.40
N ALA Q 45 24.16 28.71 50.71
CA ALA Q 45 24.00 27.44 51.36
C ALA Q 45 22.54 27.18 51.68
N LYS Q 46 21.82 28.23 52.12
CA LYS Q 46 20.40 28.15 52.38
C LYS Q 46 19.79 29.35 51.71
N ARG Q 47 18.46 29.27 51.46
CA ARG Q 47 17.65 30.38 51.00
C ARG Q 47 17.36 31.31 52.15
N PHE Q 48 17.39 30.77 53.40
CA PHE Q 48 17.32 31.49 54.64
C PHE Q 48 18.46 32.47 54.79
N ARG Q 49 19.67 32.04 54.37
CA ARG Q 49 20.96 32.63 54.66
C ARG Q 49 21.10 34.10 54.34
N LYS Q 50 20.36 34.62 53.32
CA LYS Q 50 20.51 35.97 52.82
C LYS Q 50 20.22 37.01 53.86
N ALA Q 51 19.24 36.73 54.75
CA ALA Q 51 18.85 37.58 55.85
C ALA Q 51 20.00 37.84 56.82
N GLN Q 52 20.89 36.83 56.99
CA GLN Q 52 22.03 36.87 57.90
C GLN Q 52 23.01 37.92 57.48
N CYS Q 53 23.23 38.03 56.15
CA CYS Q 53 24.21 38.89 55.52
C CYS Q 53 23.71 40.32 55.61
N PRO Q 54 24.42 41.28 56.21
CA PRO Q 54 23.98 42.65 56.29
C PRO Q 54 24.34 43.33 54.99
N ILE Q 55 23.83 44.58 54.81
CA ILE Q 55 23.95 45.37 53.61
C ILE Q 55 25.40 45.70 53.30
N VAL Q 56 26.23 45.96 54.34
CA VAL Q 56 27.64 46.24 54.22
C VAL Q 56 28.41 45.11 53.58
N GLU Q 57 28.22 43.85 54.08
CA GLU Q 57 28.87 42.67 53.56
C GLU Q 57 28.47 42.35 52.14
N ARG Q 58 27.16 42.50 51.83
CA ARG Q 58 26.61 42.31 50.51
C ARG Q 58 27.21 43.28 49.50
N LEU Q 59 27.48 44.53 49.92
CA LEU Q 59 28.07 45.54 49.07
C LEU Q 59 29.50 45.23 48.73
N THR Q 60 30.29 44.66 49.68
CA THR Q 60 31.67 44.26 49.43
C THR Q 60 31.70 43.11 48.44
N ASN Q 61 30.75 42.15 48.58
CA ASN Q 61 30.74 40.97 47.75
C ASN Q 61 30.41 41.28 46.31
N SER Q 62 29.37 42.12 46.07
CA SER Q 62 28.88 42.47 44.74
C SER Q 62 29.88 43.24 43.91
N MET Q 63 30.82 43.96 44.57
CA MET Q 63 31.84 44.77 43.95
C MET Q 63 32.79 43.99 43.08
N MET Q 64 33.21 42.77 43.52
CA MET Q 64 34.21 41.99 42.81
C MET Q 64 33.56 41.24 41.67
N MET Q 65 33.63 41.88 40.48
CA MET Q 65 33.01 41.42 39.26
C MET Q 65 33.86 41.97 38.17
N HIS Q 66 33.91 41.22 37.03
CA HIS Q 66 34.63 41.47 35.81
C HIS Q 66 35.95 40.78 36.00
N GLY Q 67 36.35 39.91 35.04
CA GLY Q 67 37.16 38.73 35.28
C GLY Q 67 38.39 38.86 36.14
N ARG Q 68 39.20 39.94 35.92
CA ARG Q 68 40.42 40.17 36.67
C ARG Q 68 40.17 40.45 38.14
N ASN Q 69 39.11 41.24 38.42
CA ASN Q 69 38.69 41.64 39.74
C ASN Q 69 37.92 40.58 40.49
N ASN Q 70 37.52 39.47 39.83
CA ASN Q 70 36.80 38.38 40.47
C ASN Q 70 37.66 37.67 41.47
N GLY Q 71 37.04 37.32 42.62
CA GLY Q 71 37.62 36.49 43.64
C GLY Q 71 38.75 37.14 44.36
N LYS Q 72 38.70 38.48 44.53
CA LYS Q 72 39.68 39.22 45.28
C LYS Q 72 38.87 40.03 46.23
N LYS Q 73 38.66 39.47 47.45
CA LYS Q 73 37.92 40.11 48.50
C LYS Q 73 38.78 41.08 49.25
N LEU Q 74 40.07 40.75 49.47
CA LEU Q 74 41.01 41.53 50.24
C LEU Q 74 41.24 42.90 49.64
N MET Q 75 41.32 42.96 48.29
CA MET Q 75 41.43 44.18 47.52
C MET Q 75 40.21 45.03 47.70
N THR Q 76 39.01 44.40 47.73
CA THR Q 76 37.75 45.09 47.83
C THR Q 76 37.57 45.66 49.21
N VAL Q 77 37.99 44.95 50.29
CA VAL Q 77 37.86 45.38 51.67
C VAL Q 77 38.69 46.63 51.89
N ARG Q 78 39.91 46.68 51.30
CA ARG Q 78 40.77 47.83 51.36
C ARG Q 78 40.19 49.04 50.63
N ILE Q 79 39.59 48.80 49.43
CA ILE Q 79 38.95 49.82 48.61
C ILE Q 79 37.73 50.38 49.31
N VAL Q 80 36.88 49.51 49.91
CA VAL Q 80 35.66 49.84 50.61
C VAL Q 80 35.94 50.65 51.85
N LYS Q 81 36.97 50.26 52.66
CA LYS Q 81 37.33 50.99 53.87
C LYS Q 81 37.76 52.39 53.53
N HIS Q 82 38.56 52.55 52.44
CA HIS Q 82 38.96 53.83 51.90
C HIS Q 82 37.78 54.65 51.45
N ALA Q 83 36.76 54.01 50.85
CA ALA Q 83 35.55 54.63 50.33
C ALA Q 83 34.75 55.28 51.42
N PHE Q 84 34.58 54.58 52.58
CA PHE Q 84 33.91 55.09 53.77
C PHE Q 84 34.53 56.36 54.27
N GLU Q 85 35.88 56.45 54.24
CA GLU Q 85 36.64 57.60 54.67
C GLU Q 85 36.38 58.78 53.77
N ILE Q 86 36.27 58.55 52.45
CA ILE Q 86 36.02 59.54 51.43
C ILE Q 86 34.64 60.13 51.63
N ILE Q 87 33.63 59.29 51.97
CA ILE Q 87 32.26 59.70 52.26
C ILE Q 87 32.23 60.58 53.48
N HIS Q 88 33.04 60.25 54.52
CA HIS Q 88 33.02 60.94 55.78
C HIS Q 88 33.55 62.34 55.68
N LEU Q 89 34.59 62.57 54.85
CA LEU Q 89 35.12 63.90 54.62
C LEU Q 89 34.14 64.77 53.86
N LEU Q 90 33.47 64.18 52.85
CA LEU Q 90 32.58 64.88 51.95
C LEU Q 90 31.25 65.32 52.53
N THR Q 91 30.76 64.69 53.62
CA THR Q 91 29.44 65.03 54.14
C THR Q 91 29.41 65.06 55.64
N GLY Q 92 30.55 64.79 56.32
CA GLY Q 92 30.56 64.61 57.76
C GLY Q 92 29.87 63.30 58.07
N GLU Q 93 28.91 63.36 59.04
CA GLU Q 93 27.93 62.34 59.29
C GLU Q 93 28.55 61.03 59.72
N ASN Q 94 27.85 59.90 59.50
CA ASN Q 94 28.36 58.58 59.63
C ASN Q 94 28.23 58.01 58.23
N PRO Q 95 29.25 57.37 57.62
CA PRO Q 95 29.18 56.87 56.26
C PRO Q 95 28.15 55.80 56.04
N LEU Q 96 27.83 55.02 57.09
CA LEU Q 96 26.87 53.95 57.03
C LEU Q 96 25.47 54.47 56.90
N GLN Q 97 25.14 55.60 57.58
CA GLN Q 97 23.87 56.29 57.44
C GLN Q 97 23.63 56.78 56.02
N VAL Q 98 24.69 57.30 55.35
CA VAL Q 98 24.71 57.72 53.96
C VAL Q 98 24.43 56.56 53.04
N LEU Q 99 25.03 55.37 53.34
CA LEU Q 99 24.86 54.13 52.61
C LEU Q 99 23.43 53.69 52.67
N VAL Q 100 22.81 53.65 53.88
CA VAL Q 100 21.45 53.23 54.10
C VAL Q 100 20.48 54.10 53.32
N ASN Q 101 20.69 55.44 53.32
CA ASN Q 101 19.82 56.38 52.65
C ASN Q 101 19.84 56.15 51.16
N ALA Q 102 21.06 55.90 50.61
CA ALA Q 102 21.32 55.64 49.22
C ALA Q 102 20.57 54.44 48.70
N ILE Q 103 20.54 53.33 49.50
CA ILE Q 103 19.83 52.09 49.19
C ILE Q 103 18.35 52.33 49.08
N ILE Q 104 17.77 53.09 50.05
CA ILE Q 104 16.35 53.35 50.12
C ILE Q 104 15.87 54.16 48.93
N ASN Q 105 16.66 55.18 48.52
CA ASN Q 105 16.32 56.05 47.42
C ASN Q 105 16.52 55.41 46.08
N SER Q 106 17.43 54.41 45.96
CA SER Q 106 17.74 53.76 44.71
C SER Q 106 16.85 52.59 44.44
N GLY Q 107 16.25 51.99 45.50
CA GLY Q 107 15.42 50.82 45.39
C GLY Q 107 14.13 51.16 44.68
N PRO Q 108 13.63 50.36 43.73
CA PRO Q 108 12.42 50.67 42.98
C PRO Q 108 11.25 50.26 43.82
N ARG Q 109 10.00 50.62 43.41
CA ARG Q 109 8.81 50.21 44.10
C ARG Q 109 8.13 49.25 43.18
N GLU Q 110 7.50 49.78 42.11
CA GLU Q 110 6.94 48.95 41.07
C GLU Q 110 7.97 48.81 40.00
N ASP Q 111 7.88 47.66 39.29
CA ASP Q 111 8.71 47.30 38.18
C ASP Q 111 7.74 46.61 37.27
N SER Q 112 8.25 45.79 36.32
CA SER Q 112 7.39 45.10 35.40
C SER Q 112 7.88 43.70 35.24
N THR Q 113 6.93 42.77 34.99
CA THR Q 113 7.18 41.39 34.68
C THR Q 113 6.49 41.21 33.34
N ARG Q 114 6.94 40.23 32.52
CA ARG Q 114 6.39 39.99 31.21
C ARG Q 114 5.03 39.36 31.32
N ILE Q 115 4.09 39.77 30.44
CA ILE Q 115 2.78 39.18 30.35
C ILE Q 115 2.43 39.22 28.89
N GLY Q 116 1.70 38.19 28.41
CA GLY Q 116 1.35 38.05 27.01
C GLY Q 116 0.14 38.91 26.76
N ARG Q 117 0.08 39.51 25.56
CA ARG Q 117 -0.97 40.44 25.21
C ARG Q 117 -0.76 40.63 23.74
N ALA Q 118 -1.20 39.62 22.95
CA ALA Q 118 -1.34 39.67 21.52
C ALA Q 118 -0.03 39.43 20.81
N GLY Q 119 1.07 39.19 21.57
CA GLY Q 119 2.42 39.24 21.04
C GLY Q 119 2.95 40.64 20.86
N THR Q 120 2.19 41.68 21.27
CA THR Q 120 2.65 43.04 21.29
C THR Q 120 3.39 43.24 22.60
N VAL Q 121 4.23 44.30 22.66
CA VAL Q 121 5.15 44.53 23.75
C VAL Q 121 4.40 45.29 24.82
N ARG Q 122 3.88 44.51 25.81
CA ARG Q 122 3.17 44.99 26.95
C ARG Q 122 3.66 44.13 28.08
N ARG Q 123 3.43 44.60 29.33
CA ARG Q 123 4.00 44.01 30.52
C ARG Q 123 3.03 44.32 31.62
N GLN Q 124 3.12 43.59 32.76
CA GLN Q 124 2.18 43.69 33.84
C GLN Q 124 2.89 44.43 34.93
N ALA Q 125 2.24 45.49 35.47
CA ALA Q 125 2.73 46.28 36.57
C ALA Q 125 2.66 45.45 37.81
N VAL Q 126 3.82 45.29 38.50
CA VAL Q 126 3.91 44.47 39.68
C VAL Q 126 4.82 45.20 40.62
N ASP Q 127 4.53 45.05 41.93
CA ASP Q 127 5.42 45.42 43.02
C ASP Q 127 6.42 44.32 43.17
N VAL Q 128 7.59 44.62 43.77
CA VAL Q 128 8.65 43.65 43.91
C VAL Q 128 8.96 43.61 45.39
N SER Q 129 9.54 42.47 45.83
CA SER Q 129 9.87 42.18 47.21
C SER Q 129 10.94 43.13 47.71
N PRO Q 130 10.99 43.53 48.98
CA PRO Q 130 12.03 44.38 49.53
C PRO Q 130 13.41 43.77 49.46
N LEU Q 131 13.53 42.42 49.44
CA LEU Q 131 14.78 41.71 49.28
C LEU Q 131 15.34 42.00 47.91
N ARG Q 132 14.46 41.97 46.87
CA ARG Q 132 14.78 42.27 45.50
C ARG Q 132 15.20 43.71 45.35
N ARG Q 133 14.52 44.66 46.05
CA ARG Q 133 14.78 46.09 46.00
C ARG Q 133 16.16 46.42 46.55
N VAL Q 134 16.58 45.72 47.63
CA VAL Q 134 17.90 45.86 48.23
C VAL Q 134 18.93 45.26 47.31
N ASN Q 135 18.69 44.04 46.78
CA ASN Q 135 19.62 43.32 45.92
C ASN Q 135 19.95 44.11 44.67
N GLN Q 136 18.91 44.64 43.98
CA GLN Q 136 19.02 45.44 42.79
C GLN Q 136 19.73 46.75 43.04
N ALA Q 137 19.44 47.42 44.19
CA ALA Q 137 20.04 48.70 44.56
C ALA Q 137 21.55 48.57 44.65
N ILE Q 138 22.02 47.56 45.42
CA ILE Q 138 23.42 47.26 45.67
C ILE Q 138 24.14 46.97 44.37
N TRP Q 139 23.46 46.27 43.43
CA TRP Q 139 23.99 45.92 42.12
C TRP Q 139 24.27 47.20 41.38
N LEU Q 140 23.23 48.06 41.21
CA LEU Q 140 23.25 49.31 40.47
C LEU Q 140 24.40 50.19 40.90
N LEU Q 141 24.57 50.36 42.24
CA LEU Q 141 25.53 51.25 42.84
C LEU Q 141 26.97 50.80 42.61
N CYS Q 142 27.24 49.48 42.72
CA CYS Q 142 28.55 48.90 42.48
C CYS Q 142 28.97 49.04 41.03
N THR Q 143 28.03 48.75 40.10
CA THR Q 143 28.20 48.82 38.67
C THR Q 143 28.45 50.25 38.23
N GLY Q 144 27.83 51.23 38.92
CA GLY Q 144 27.98 52.64 38.67
C GLY Q 144 29.38 53.09 38.98
N ALA Q 145 29.90 52.67 40.16
CA ALA Q 145 31.22 53.05 40.63
C ALA Q 145 32.33 52.54 39.73
N ARG Q 146 32.22 51.26 39.31
CA ARG Q 146 33.12 50.57 38.42
C ARG Q 146 33.16 51.17 37.04
N GLU Q 147 31.96 51.54 36.50
CA GLU Q 147 31.79 52.12 35.18
C GLU Q 147 32.49 53.44 35.05
N ALA Q 148 32.43 54.29 36.10
CA ALA Q 148 33.04 55.60 36.10
C ALA Q 148 34.56 55.50 36.11
N ALA Q 149 35.10 54.59 36.95
CA ALA Q 149 36.52 54.41 37.23
C ALA Q 149 37.34 53.99 36.04
N PHE Q 150 36.68 53.31 35.07
CA PHE Q 150 37.28 52.51 34.02
C PHE Q 150 38.14 53.30 33.07
N ARG Q 151 37.68 54.51 32.68
CA ARG Q 151 38.33 55.38 31.73
C ARG Q 151 38.37 56.76 32.32
N ASN Q 152 38.62 56.86 33.65
CA ASN Q 152 38.70 58.14 34.32
C ASN Q 152 39.74 57.94 35.39
N ILE Q 153 40.31 59.08 35.87
CA ILE Q 153 41.40 59.14 36.82
C ILE Q 153 40.98 58.55 38.15
N LYS Q 154 39.73 58.83 38.58
CA LYS Q 154 39.20 58.44 39.86
C LYS Q 154 39.15 56.94 40.00
N THR Q 155 39.39 56.48 41.25
CA THR Q 155 39.50 55.09 41.60
C THR Q 155 38.13 54.65 42.02
N ILE Q 156 37.94 53.32 42.26
CA ILE Q 156 36.68 52.69 42.57
C ILE Q 156 36.13 53.22 43.88
N ALA Q 157 37.02 53.43 44.89
CA ALA Q 157 36.70 54.01 46.18
C ALA Q 157 36.03 55.37 46.10
N GLU Q 158 36.61 56.29 45.28
CA GLU Q 158 36.12 57.64 45.09
C GLU Q 158 34.80 57.67 44.38
N CYS Q 159 34.64 56.84 43.32
CA CYS Q 159 33.47 56.81 42.51
C CYS Q 159 32.30 56.21 43.25
N LEU Q 160 32.55 55.18 44.09
CA LEU Q 160 31.59 54.58 45.00
C LEU Q 160 31.08 55.57 46.01
N ALA Q 161 31.98 56.41 46.57
CA ALA Q 161 31.60 57.42 47.54
C ALA Q 161 30.70 58.47 46.94
N ASP Q 162 31.03 58.93 45.71
CA ASP Q 162 30.28 59.89 44.93
C ASP Q 162 28.90 59.36 44.58
N GLU Q 163 28.81 58.06 44.25
CA GLU Q 163 27.62 57.37 43.83
C GLU Q 163 26.63 57.25 44.96
N LEU Q 164 27.11 56.93 46.19
CA LEU Q 164 26.29 56.86 47.38
C LEU Q 164 25.72 58.18 47.80
N ILE Q 165 26.55 59.27 47.80
CA ILE Q 165 26.13 60.58 48.28
C ILE Q 165 25.07 61.18 47.39
N ASN Q 166 25.24 61.06 46.06
CA ASN Q 166 24.31 61.57 45.07
C ASN Q 166 22.96 60.92 45.17
N ALA Q 167 22.94 59.59 45.44
CA ALA Q 167 21.73 58.82 45.65
C ALA Q 167 21.06 59.10 46.97
N ALA Q 168 21.86 59.37 48.04
CA ALA Q 168 21.42 59.59 49.40
C ALA Q 168 20.45 60.74 49.52
N LYS Q 169 20.81 61.90 48.94
CA LYS Q 169 19.86 62.94 48.64
C LYS Q 169 20.10 63.25 47.21
N GLY Q 170 19.02 63.15 46.39
CA GLY Q 170 19.03 63.20 44.94
C GLY Q 170 19.80 64.34 44.35
N SER Q 171 20.43 64.09 43.18
CA SER Q 171 21.29 65.04 42.52
C SER Q 171 21.14 64.84 41.04
N SER Q 172 20.65 63.64 40.63
CA SER Q 172 20.54 63.19 39.26
C SER Q 172 21.88 63.10 38.59
N ASN Q 173 22.89 62.63 39.35
CA ASN Q 173 24.21 62.33 38.83
C ASN Q 173 24.59 60.96 39.29
N SER Q 174 23.60 60.18 39.78
CA SER Q 174 23.79 58.82 40.25
C SER Q 174 23.01 57.96 39.31
N TYR Q 175 23.72 56.93 38.77
CA TYR Q 175 23.24 55.90 37.88
C TYR Q 175 22.05 55.16 38.42
N ALA Q 176 22.08 54.78 39.72
CA ALA Q 176 21.05 54.00 40.35
C ALA Q 176 19.70 54.68 40.39
N ILE Q 177 19.69 56.01 40.69
CA ILE Q 177 18.53 56.87 40.68
C ILE Q 177 17.92 56.98 39.31
N LYS Q 178 18.77 57.16 38.26
CA LYS Q 178 18.36 57.35 36.88
C LYS Q 178 17.69 56.12 36.34
N LYS Q 179 18.24 54.93 36.64
CA LYS Q 179 17.69 53.64 36.29
C LYS Q 179 16.38 53.35 36.98
N LYS Q 180 16.26 53.68 38.28
CA LYS Q 180 15.06 53.45 39.06
C LYS Q 180 13.87 54.21 38.54
N ASP Q 181 14.07 55.50 38.16
CA ASP Q 181 13.03 56.35 37.62
C ASP Q 181 12.48 55.82 36.33
N GLU Q 182 13.33 55.17 35.49
CA GLU Q 182 12.91 54.51 34.28
C GLU Q 182 12.06 53.30 34.57
N LEU Q 183 12.43 52.49 35.59
CA LEU Q 183 11.71 51.26 35.92
C LEU Q 183 10.33 51.54 36.48
N GLU Q 184 10.21 52.54 37.39
CA GLU Q 184 8.95 52.89 38.00
C GLU Q 184 8.00 53.56 37.04
N ARG Q 185 8.52 54.43 36.12
CA ARG Q 185 7.74 55.12 35.13
C ARG Q 185 7.06 54.19 34.16
N VAL Q 186 7.81 53.16 33.70
CA VAL Q 186 7.40 52.15 32.76
C VAL Q 186 6.34 51.26 33.37
N ALA Q 187 6.50 50.96 34.68
CA ALA Q 187 5.59 50.14 35.46
C ALA Q 187 4.21 50.74 35.48
N LYS Q 188 4.13 52.07 35.72
CA LYS Q 188 2.90 52.82 35.87
C LYS Q 188 2.08 52.76 34.59
N SER Q 189 2.77 52.88 33.43
CA SER Q 189 2.23 52.87 32.09
C SER Q 189 1.60 51.53 31.73
N ASN Q 190 2.13 50.85 30.68
CA ASN Q 190 1.83 49.49 30.26
C ASN Q 190 0.35 49.27 29.99
N ARG Q 191 -0.12 48.00 30.08
CA ARG Q 191 -1.50 47.63 29.87
C ARG Q 191 -2.30 47.73 31.19
N LYS R 1 12.62 0.87 -21.47
CA LYS R 1 11.61 1.89 -21.91
C LYS R 1 11.19 1.56 -23.32
N VAL R 2 11.92 2.12 -24.32
CA VAL R 2 11.64 1.90 -25.73
C VAL R 2 12.99 1.61 -26.34
N HIS R 3 13.88 2.63 -26.37
CA HIS R 3 15.30 2.50 -26.67
C HIS R 3 15.51 2.01 -28.09
N GLY R 4 16.69 1.43 -28.42
CA GLY R 4 16.92 1.02 -29.77
C GLY R 4 18.22 0.30 -29.94
N SER R 5 19.12 0.36 -28.92
CA SER R 5 20.49 -0.08 -29.11
C SER R 5 20.72 -1.31 -28.29
N LEU R 6 20.96 -2.44 -29.00
CA LEU R 6 21.64 -3.60 -28.48
C LEU R 6 23.08 -3.27 -28.17
N ALA R 7 23.66 -3.94 -27.15
CA ALA R 7 24.99 -3.65 -26.69
C ALA R 7 25.74 -4.95 -26.69
N ARG R 8 25.54 -5.76 -25.63
CA ARG R 8 26.40 -6.86 -25.28
C ARG R 8 25.54 -8.07 -25.30
N VAL R 9 26.00 -9.18 -25.91
CA VAL R 9 25.22 -10.38 -26.04
C VAL R 9 26.20 -11.51 -25.92
N GLY R 10 25.80 -12.57 -25.17
CA GLY R 10 26.58 -13.78 -24.99
C GLY R 10 27.86 -13.54 -24.23
N LYS R 11 27.86 -12.53 -23.32
CA LYS R 11 29.01 -12.09 -22.57
C LYS R 11 29.52 -13.15 -21.63
N VAL R 12 28.61 -13.81 -20.89
CA VAL R 12 28.91 -14.87 -19.96
C VAL R 12 29.39 -16.13 -20.67
N ARG R 13 28.80 -16.43 -21.85
CA ARG R 13 29.06 -17.65 -22.59
C ARG R 13 30.35 -17.54 -23.36
N GLY R 14 30.87 -16.30 -23.49
CA GLY R 14 32.07 -15.97 -24.22
C GLY R 14 33.31 -16.25 -23.41
N GLN R 15 33.15 -16.79 -22.18
CA GLN R 15 34.27 -17.04 -21.31
C GLN R 15 34.01 -18.23 -20.43
N THR R 16 32.95 -19.03 -20.74
CA THR R 16 32.66 -20.26 -20.05
C THR R 16 32.67 -21.31 -21.13
N LEU R 17 33.43 -22.40 -20.90
CA LEU R 17 33.63 -23.46 -21.86
C LEU R 17 33.23 -24.73 -21.17
N LYS R 18 32.65 -25.67 -21.95
CA LYS R 18 32.18 -26.94 -21.45
C LYS R 18 33.22 -28.00 -21.63
N VAL R 19 33.11 -29.04 -20.76
CA VAL R 19 34.02 -30.15 -20.67
C VAL R 19 33.14 -31.33 -20.36
N ALA R 20 33.73 -32.54 -20.30
CA ALA R 20 32.98 -33.77 -20.22
C ALA R 20 33.76 -34.68 -19.34
N LYS R 21 33.05 -35.59 -18.64
CA LYS R 21 33.63 -36.52 -17.70
C LYS R 21 33.68 -37.89 -18.31
N GLN R 22 32.96 -38.10 -19.45
CA GLN R 22 32.52 -39.38 -19.98
C GLN R 22 31.96 -40.32 -18.92
N GLU R 23 32.21 -41.64 -19.08
CA GLU R 23 31.49 -42.71 -18.44
C GLU R 23 32.56 -43.59 -17.85
N LYS R 24 32.41 -43.97 -16.56
CA LYS R 24 32.72 -45.31 -16.13
C LYS R 24 31.60 -46.25 -16.51
N LYS R 25 30.34 -45.78 -16.33
CA LYS R 25 29.17 -46.61 -16.44
C LYS R 25 28.15 -45.80 -17.17
N LYS R 26 27.25 -46.49 -17.91
CA LYS R 26 26.06 -45.93 -18.49
C LYS R 26 25.10 -45.44 -17.45
N LYS R 27 24.37 -44.35 -17.77
CA LYS R 27 23.21 -43.93 -17.03
C LYS R 27 22.08 -44.86 -17.38
N ARG R 28 21.50 -45.51 -16.35
CA ARG R 28 20.73 -46.73 -16.48
C ARG R 28 19.43 -46.52 -17.20
N THR R 29 18.97 -47.58 -17.91
CA THR R 29 17.75 -47.59 -18.69
C THR R 29 16.61 -48.04 -17.80
N GLY R 30 15.37 -47.69 -18.23
CA GLY R 30 14.05 -48.02 -17.71
C GLY R 30 13.97 -48.75 -16.40
N ARG R 31 13.45 -49.99 -16.44
CA ARG R 31 12.94 -50.75 -15.31
C ARG R 31 14.03 -51.01 -14.31
N ALA R 32 15.24 -51.38 -14.79
CA ALA R 32 16.43 -51.58 -14.01
C ALA R 32 16.81 -50.40 -13.14
N LYS R 33 16.70 -49.15 -13.68
CA LYS R 33 17.02 -47.95 -12.94
C LYS R 33 15.99 -47.65 -11.89
N ARG R 34 14.69 -47.90 -12.19
CA ARG R 34 13.60 -47.67 -11.26
C ARG R 34 13.71 -48.59 -10.06
N ARG R 35 14.04 -49.88 -10.28
CA ARG R 35 14.32 -50.84 -9.24
C ARG R 35 15.54 -50.48 -8.42
N MET R 36 16.59 -49.97 -9.09
CA MET R 36 17.85 -49.59 -8.49
C MET R 36 17.70 -48.48 -7.49
N GLN R 37 16.83 -47.48 -7.74
CA GLN R 37 16.57 -46.42 -6.78
C GLN R 37 15.99 -46.94 -5.48
N TYR R 38 15.05 -47.91 -5.54
CA TYR R 38 14.41 -48.46 -4.36
C TYR R 38 15.38 -49.28 -3.53
N ASN R 39 16.27 -50.04 -4.19
CA ASN R 39 17.26 -50.83 -3.50
C ASN R 39 18.36 -50.01 -2.88
N ARG R 40 18.88 -49.01 -3.63
CA ARG R 40 19.93 -48.13 -3.17
C ARG R 40 19.51 -47.31 -1.98
N ARG R 41 18.27 -46.81 -1.98
CA ARG R 41 17.72 -46.08 -0.86
C ARG R 41 17.43 -46.93 0.35
N PHE R 42 16.83 -48.14 0.17
CA PHE R 42 16.29 -48.87 1.30
C PHE R 42 16.98 -50.17 1.62
N VAL R 43 17.06 -51.13 0.68
CA VAL R 43 17.66 -52.43 0.94
C VAL R 43 19.10 -52.45 0.54
N ASN R 44 20.03 -52.31 1.53
CA ASN R 44 21.44 -52.18 1.22
C ASN R 44 22.25 -52.91 2.29
N VAL R 45 22.73 -52.34 3.45
CA VAL R 45 22.48 -51.14 4.22
C VAL R 45 21.04 -50.77 4.39
N VAL R 46 20.37 -51.44 5.36
CA VAL R 46 19.07 -51.08 5.85
C VAL R 46 19.26 -49.82 6.69
N PRO R 47 18.57 -48.70 6.46
CA PRO R 47 18.91 -47.39 7.03
C PRO R 47 18.85 -47.39 8.54
N THR R 48 19.95 -46.97 9.19
CA THR R 48 20.03 -46.85 10.63
C THR R 48 21.04 -45.74 10.88
N PHE R 49 21.88 -45.44 9.87
CA PHE R 49 22.87 -44.39 9.91
C PHE R 49 22.28 -43.08 9.43
N GLY R 50 22.55 -42.00 10.22
CA GLY R 50 22.20 -40.62 9.95
C GLY R 50 20.73 -40.30 9.86
N LYS R 51 20.43 -38.98 9.72
CA LYS R 51 19.08 -38.48 9.72
C LYS R 51 19.11 -37.08 9.16
N LYS R 52 17.93 -36.62 8.69
CA LYS R 52 17.67 -35.28 8.17
C LYS R 52 18.59 -34.84 7.05
N LYS R 53 18.67 -35.62 5.97
CA LYS R 53 19.81 -35.57 5.08
C LYS R 53 19.27 -35.85 3.70
N GLY R 54 19.79 -35.10 2.69
CA GLY R 54 19.26 -35.11 1.35
C GLY R 54 20.05 -36.08 0.52
N PRO R 55 19.69 -36.26 -0.74
CA PRO R 55 20.42 -37.11 -1.67
C PRO R 55 21.49 -36.31 -2.37
N ASN R 56 21.54 -34.98 -2.17
CA ASN R 56 22.51 -34.14 -2.82
C ASN R 56 22.81 -33.00 -1.88
N ALA R 57 22.48 -33.17 -0.58
CA ALA R 57 22.55 -32.10 0.38
C ALA R 57 23.95 -32.05 0.90
N ASN R 58 24.45 -30.81 1.16
CA ASN R 58 25.72 -30.58 1.80
C ASN R 58 25.43 -30.23 3.24
N SER R 59 24.13 -30.18 3.60
CA SER R 59 23.65 -30.03 4.96
C SER R 59 23.61 -31.43 5.59
N ARG S 1 36.84 53.69 22.84
CA ARG S 1 36.67 54.74 23.87
C ARG S 1 37.89 55.62 23.96
N ASP S 2 38.15 56.17 25.17
CA ASP S 2 38.10 57.60 25.37
C ASP S 2 39.49 58.17 25.21
N LYS S 3 39.57 59.52 25.17
CA LYS S 3 40.80 60.25 24.98
C LYS S 3 40.68 61.44 25.90
N LEU S 4 41.56 61.52 26.92
CA LEU S 4 41.56 62.59 27.88
C LEU S 4 42.98 62.67 28.37
N ASN S 5 43.56 63.88 28.36
CA ASN S 5 44.89 64.12 28.87
C ASN S 5 44.81 65.38 29.67
N ASN S 6 45.86 65.59 30.49
CA ASN S 6 45.97 66.67 31.44
C ASN S 6 47.34 67.20 31.18
N LEU S 7 47.63 68.43 31.67
CA LEU S 7 48.95 69.02 31.62
C LEU S 7 49.89 68.19 32.46
N VAL S 8 51.09 67.91 31.90
CA VAL S 8 52.05 67.01 32.48
C VAL S 8 53.28 67.81 32.78
N LEU S 9 53.14 69.15 32.76
CA LEU S 9 54.15 70.07 33.19
C LEU S 9 53.66 70.60 34.49
N PHE S 10 54.58 70.82 35.45
CA PHE S 10 54.29 71.42 36.72
C PHE S 10 54.30 72.91 36.48
N ASP S 11 53.19 73.59 36.86
CA ASP S 11 52.89 74.91 36.38
C ASP S 11 52.87 75.83 37.55
N LYS S 12 52.76 77.15 37.26
CA LYS S 12 52.68 78.22 38.24
C LYS S 12 51.26 78.21 38.73
N ALA S 13 50.35 78.87 37.97
CA ALA S 13 48.97 79.20 38.25
C ALA S 13 48.13 78.18 38.99
N THR S 14 48.30 76.86 38.68
CA THR S 14 47.50 75.78 39.24
C THR S 14 47.83 75.47 40.67
N TYR S 15 49.12 75.65 41.09
CA TYR S 15 49.57 75.54 42.46
C TYR S 15 48.98 76.63 43.31
N ASP S 16 48.98 77.88 42.80
CA ASP S 16 48.42 79.03 43.47
C ASP S 16 46.93 78.90 43.65
N LYS S 17 46.20 78.57 42.57
CA LYS S 17 44.80 78.18 42.52
C LYS S 17 44.39 77.21 43.58
N LEU S 18 45.16 76.09 43.73
CA LEU S 18 45.00 75.02 44.70
C LEU S 18 44.86 75.55 46.11
N CYS S 19 45.91 76.27 46.58
CA CYS S 19 46.05 76.73 47.94
C CYS S 19 45.04 77.80 48.28
N LYS S 20 44.54 78.54 47.28
CA LYS S 20 43.61 79.64 47.48
C LYS S 20 42.19 79.21 47.18
N GLU S 21 41.97 77.91 46.91
CA GLU S 21 40.67 77.33 46.66
C GLU S 21 40.32 76.46 47.84
N VAL S 22 41.34 76.14 48.68
CA VAL S 22 41.30 75.34 49.87
C VAL S 22 40.04 75.25 50.75
N PRO S 23 39.20 76.24 51.13
CA PRO S 23 37.89 75.98 51.74
C PRO S 23 36.89 75.15 50.96
N ASN S 24 37.02 75.01 49.62
CA ASN S 24 36.13 74.21 48.79
C ASN S 24 36.23 72.77 49.15
N TYR S 25 37.49 72.29 49.21
CA TYR S 25 37.87 70.93 49.56
C TYR S 25 37.53 70.63 51.00
N LYS S 26 37.18 69.36 51.27
CA LYS S 26 37.33 68.75 52.57
C LYS S 26 37.88 67.38 52.31
N LEU S 27 37.61 66.86 51.09
CA LEU S 27 38.12 65.65 50.54
C LEU S 27 39.10 66.11 49.52
N ILE S 28 40.30 65.51 49.54
CA ILE S 28 41.36 65.79 48.62
C ILE S 28 41.94 64.44 48.36
N THR S 29 42.09 64.10 47.06
CA THR S 29 42.80 62.95 46.58
C THR S 29 43.53 63.49 45.38
N PRO S 30 44.51 62.78 44.80
CA PRO S 30 45.13 63.17 43.55
C PRO S 30 44.16 63.39 42.42
N ALA S 31 43.25 62.43 42.16
CA ALA S 31 42.30 62.45 41.06
C ALA S 31 41.39 63.66 41.04
N VAL S 32 40.86 64.07 42.22
CA VAL S 32 39.98 65.21 42.42
C VAL S 32 40.67 66.47 42.00
N VAL S 33 41.83 66.78 42.62
CA VAL S 33 42.72 67.90 42.35
C VAL S 33 43.06 67.98 40.88
N SER S 34 43.38 66.84 40.24
CA SER S 34 43.71 66.70 38.84
C SER S 34 42.58 67.18 37.96
N GLU S 35 41.36 66.66 38.19
CA GLU S 35 40.14 67.03 37.50
C GLU S 35 39.81 68.51 37.64
N ARG S 36 39.88 69.05 38.88
CA ARG S 36 39.46 70.40 39.19
C ARG S 36 40.44 71.43 38.68
N LEU S 37 41.70 71.02 38.44
CA LEU S 37 42.73 71.84 37.84
C LEU S 37 42.97 71.24 36.48
N LYS S 38 44.20 71.40 35.94
CA LYS S 38 44.63 70.66 34.78
C LYS S 38 45.91 69.95 35.12
N ILE S 39 46.25 69.83 36.43
CA ILE S 39 47.46 69.18 36.89
C ILE S 39 47.30 67.68 36.66
N ARG S 40 48.43 66.93 36.50
CA ARG S 40 48.43 65.60 35.93
C ARG S 40 47.65 64.53 36.63
N GLY S 41 47.82 64.39 37.96
CA GLY S 41 47.36 63.21 38.67
C GLY S 41 48.54 62.68 39.42
N SER S 42 49.67 62.48 38.69
CA SER S 42 50.98 62.31 39.26
C SER S 42 51.45 63.56 39.92
N LEU S 43 51.34 64.71 39.22
CA LEU S 43 51.82 65.97 39.72
C LEU S 43 50.72 66.66 40.47
N ALA S 44 49.50 66.05 40.52
CA ALA S 44 48.46 66.33 41.49
C ALA S 44 48.98 65.93 42.83
N ARG S 45 49.20 64.60 43.00
CA ARG S 45 49.82 63.91 44.12
C ARG S 45 50.96 64.68 44.74
N ALA S 46 52.04 64.94 43.96
CA ALA S 46 53.23 65.65 44.36
C ALA S 46 52.99 67.04 44.92
N ALA S 47 51.98 67.77 44.39
CA ALA S 47 51.62 69.12 44.80
C ALA S 47 51.07 69.12 46.21
N LEU S 48 50.33 68.04 46.55
CA LEU S 48 49.76 67.72 47.84
C LEU S 48 50.85 67.44 48.83
N GLN S 49 51.87 66.66 48.43
CA GLN S 49 53.00 66.30 49.27
C GLN S 49 53.77 67.54 49.68
N GLU S 50 53.90 68.53 48.76
CA GLU S 50 54.45 69.85 49.03
C GLU S 50 53.58 70.62 50.03
N LEU S 51 52.25 70.65 49.74
CA LEU S 51 51.19 71.37 50.43
C LEU S 51 51.11 71.02 51.90
N LEU S 52 51.39 69.74 52.23
CA LEU S 52 51.36 69.12 53.53
C LEU S 52 52.45 69.66 54.46
N SER S 53 53.44 70.40 53.91
CA SER S 53 54.40 71.16 54.68
C SER S 53 54.09 72.63 54.77
N LYS S 54 52.93 73.10 54.28
CA LYS S 54 52.17 74.08 55.02
C LYS S 54 51.43 73.45 56.17
N GLY S 55 50.80 72.28 55.91
CA GLY S 55 49.78 71.75 56.79
C GLY S 55 48.49 72.49 56.65
N LEU S 56 48.06 72.73 55.38
CA LEU S 56 46.67 73.00 55.09
C LEU S 56 45.94 71.73 54.77
N ILE S 57 46.68 70.59 54.70
CA ILE S 57 46.14 69.29 54.40
C ILE S 57 46.76 68.35 55.40
N LYS S 58 45.99 67.33 55.84
CA LYS S 58 46.45 66.39 56.84
C LYS S 58 46.23 65.00 56.32
N LEU S 59 47.26 64.12 56.43
CA LEU S 59 47.20 62.71 56.07
C LEU S 59 46.22 61.96 56.93
N VAL S 60 45.41 61.09 56.27
CA VAL S 60 44.51 60.19 56.93
C VAL S 60 44.50 58.90 56.14
N SER S 61 45.30 58.81 55.05
CA SER S 61 45.69 57.54 54.51
C SER S 61 47.01 57.77 53.82
N LYS S 62 47.72 56.65 53.57
CA LYS S 62 49.12 56.61 53.25
C LYS S 62 49.34 55.33 52.49
N HIS S 63 48.23 54.75 51.96
CA HIS S 63 48.20 53.59 51.11
C HIS S 63 49.02 53.79 49.85
N ARG S 64 49.64 52.67 49.38
CA ARG S 64 50.52 52.59 48.26
C ARG S 64 49.93 53.05 46.95
N ALA S 65 48.66 52.68 46.67
CA ALA S 65 48.09 52.79 45.34
C ALA S 65 47.75 54.24 45.09
N GLN S 66 47.16 54.88 46.13
CA GLN S 66 46.70 56.24 46.08
C GLN S 66 46.51 56.61 47.52
N VAL S 67 46.59 57.92 47.84
CA VAL S 67 46.56 58.44 49.17
C VAL S 67 45.35 59.31 49.30
N ILE S 68 44.89 59.51 50.56
CA ILE S 68 43.72 60.30 50.87
C ILE S 68 44.17 61.28 51.89
N TYR S 69 43.88 62.57 51.59
CA TYR S 69 44.22 63.72 52.37
C TYR S 69 42.91 64.31 52.80
N THR S 70 42.95 65.02 53.93
CA THR S 70 41.84 65.76 54.47
C THR S 70 42.30 67.18 54.29
N ARG S 71 41.38 68.16 54.34
CA ARG S 71 41.73 69.55 54.35
C ARG S 71 41.56 69.97 55.77
N ASN S 72 42.62 70.57 56.36
CA ASN S 72 42.80 70.78 57.78
C ASN S 72 42.54 69.52 58.58
N THR S 73 42.01 69.68 59.82
CA THR S 73 41.62 68.60 60.71
C THR S 73 40.49 67.79 60.13
N LYS S 74 39.46 68.48 59.56
CA LYS S 74 38.24 67.82 59.16
C LYS S 74 37.49 68.73 58.23
N GLY S 75 37.99 69.98 58.03
CA GLY S 75 37.39 70.94 57.16
C GLY S 75 37.34 72.26 57.92
N SER T 1 -99.52 -35.72 19.54
CA SER T 1 -99.70 -37.14 19.96
C SER T 1 -98.56 -37.97 19.43
N ALA T 2 -98.05 -38.91 20.28
CA ALA T 2 -97.02 -39.85 19.92
C ALA T 2 -97.61 -40.85 18.96
N LYS T 3 -97.00 -40.96 17.76
CA LYS T 3 -97.54 -41.74 16.68
C LYS T 3 -96.45 -41.97 15.68
N ILE T 4 -95.20 -41.63 16.05
CA ILE T 4 -94.09 -41.47 15.15
C ILE T 4 -92.85 -41.69 15.98
N VAL T 5 -93.03 -41.79 17.32
CA VAL T 5 -91.96 -41.92 18.28
C VAL T 5 -91.38 -43.31 18.19
N LYS T 6 -92.24 -44.35 18.19
CA LYS T 6 -91.82 -45.71 17.98
C LYS T 6 -91.56 -45.99 16.51
N PRO T 7 -92.37 -45.62 15.50
CA PRO T 7 -92.04 -45.87 14.10
C PRO T 7 -90.73 -45.29 13.64
N ASN T 8 -89.83 -46.14 13.12
CA ASN T 8 -88.54 -45.74 12.63
C ASN T 8 -87.96 -46.93 11.90
N GLY T 9 -88.68 -48.09 11.95
CA GLY T 9 -88.29 -49.33 11.33
C GLY T 9 -87.31 -50.10 12.18
N GLU T 10 -87.00 -49.59 13.41
CA GLU T 10 -86.27 -50.31 14.43
C GLU T 10 -87.08 -51.48 14.94
N LYS T 11 -86.37 -52.60 15.22
CA LYS T 11 -86.91 -53.80 15.80
C LYS T 11 -87.44 -53.60 17.22
N PRO T 12 -86.80 -52.96 18.20
CA PRO T 12 -87.42 -52.70 19.49
C PRO T 12 -88.37 -51.53 19.33
N ASP T 13 -89.58 -51.53 19.95
CA ASP T 13 -89.90 -51.90 21.33
C ASP T 13 -88.92 -51.33 22.33
N GLU T 14 -88.58 -52.12 23.38
CA GLU T 14 -88.71 -51.84 24.80
C GLU T 14 -88.76 -50.38 25.18
N PHE T 15 -87.63 -49.66 24.91
CA PHE T 15 -87.38 -48.30 25.32
C PHE T 15 -88.27 -47.33 24.59
N GLU T 16 -88.46 -47.51 23.25
CA GLU T 16 -89.27 -46.66 22.42
C GLU T 16 -90.72 -46.63 22.85
N SER T 17 -91.26 -47.79 23.28
CA SER T 17 -92.62 -47.93 23.77
C SER T 17 -92.80 -47.14 25.06
N GLY T 18 -91.78 -47.22 25.97
CA GLY T 18 -91.72 -46.49 27.21
C GLY T 18 -91.72 -45.01 27.01
N ILE T 19 -90.82 -44.52 26.11
CA ILE T 19 -90.61 -43.13 25.77
C ILE T 19 -91.83 -42.55 25.10
N SER T 20 -92.52 -43.29 24.18
CA SER T 20 -93.70 -42.81 23.50
C SER T 20 -94.84 -42.58 24.45
N GLN T 21 -95.04 -43.51 25.42
CA GLN T 21 -96.05 -43.41 26.46
C GLN T 21 -95.77 -42.23 27.36
N ALA T 22 -94.48 -42.00 27.65
CA ALA T 22 -93.98 -40.90 28.46
C ALA T 22 -94.31 -39.58 27.82
N LEU T 23 -94.15 -39.49 26.47
CA LEU T 23 -94.40 -38.31 25.67
C LEU T 23 -95.86 -37.89 25.76
N LEU T 24 -96.80 -38.86 25.73
CA LEU T 24 -98.23 -38.61 25.89
C LEU T 24 -98.55 -38.01 27.24
N GLU T 25 -97.87 -38.50 28.31
CA GLU T 25 -98.05 -38.07 29.67
C GLU T 25 -97.62 -36.63 29.85
N LEU T 26 -96.47 -36.26 29.21
CA LEU T 26 -95.86 -34.95 29.22
C LEU T 26 -96.66 -33.92 28.47
N GLU T 27 -97.39 -34.36 27.41
CA GLU T 27 -98.20 -33.53 26.56
C GLU T 27 -99.31 -32.87 27.36
N MET T 28 -99.88 -33.63 28.32
CA MET T 28 -100.93 -33.17 29.19
C MET T 28 -100.36 -32.45 30.39
N ASN T 29 -99.13 -32.84 30.84
CA ASN T 29 -98.48 -32.38 32.05
C ASN T 29 -98.24 -30.89 32.00
N SER T 30 -98.38 -30.24 33.19
CA SER T 30 -98.33 -28.80 33.38
C SER T 30 -96.99 -28.19 33.01
N ASP T 31 -97.06 -26.92 32.53
CA ASP T 31 -96.01 -26.12 31.94
C ASP T 31 -95.23 -26.83 30.86
N LEU T 32 -95.94 -27.61 30.02
CA LEU T 32 -95.34 -28.37 28.97
C LEU T 32 -96.45 -28.82 28.04
N LYS T 33 -97.71 -28.52 28.43
CA LYS T 33 -98.86 -28.42 27.56
C LYS T 33 -98.67 -27.34 26.52
N ALA T 34 -99.13 -27.62 25.28
CA ALA T 34 -99.01 -26.77 24.12
C ALA T 34 -97.59 -26.49 23.71
N GLN T 35 -96.75 -27.54 23.60
CA GLN T 35 -95.46 -27.43 22.97
C GLN T 35 -94.93 -28.80 22.65
N LEU T 36 -95.69 -29.87 22.99
CA LEU T 36 -95.37 -31.22 22.60
C LEU T 36 -96.54 -31.79 21.84
N ARG T 37 -97.52 -30.92 21.48
CA ARG T 37 -98.82 -31.34 21.00
C ARG T 37 -98.80 -31.36 19.50
N GLU T 38 -97.65 -30.99 18.90
CA GLU T 38 -97.47 -30.86 17.49
C GLU T 38 -96.06 -31.28 17.18
N LEU T 39 -95.21 -31.41 18.24
CA LEU T 39 -93.81 -31.74 18.09
C LEU T 39 -93.65 -33.06 18.79
N ASN T 40 -93.35 -34.11 18.01
CA ASN T 40 -93.19 -35.45 18.51
C ASN T 40 -91.97 -35.98 17.83
N ILE T 41 -91.02 -36.48 18.64
CA ILE T 41 -89.72 -36.96 18.23
C ILE T 41 -89.79 -38.11 17.27
N THR T 42 -88.80 -38.15 16.33
CA THR T 42 -88.72 -39.14 15.28
C THR T 42 -88.36 -40.50 15.81
N ALA T 43 -87.44 -40.59 16.78
CA ALA T 43 -86.99 -41.87 17.28
C ALA T 43 -86.33 -41.67 18.61
N ALA T 44 -86.20 -42.78 19.36
CA ALA T 44 -85.49 -42.85 20.60
C ALA T 44 -84.58 -44.03 20.43
N LYS T 45 -83.36 -43.94 21.01
CA LYS T 45 -82.37 -44.97 20.94
C LYS T 45 -81.76 -45.09 22.29
N GLU T 46 -81.41 -46.33 22.70
CA GLU T 46 -80.88 -46.58 24.02
C GLU T 46 -79.53 -47.19 23.79
N ILE T 47 -78.52 -46.67 24.53
CA ILE T 47 -77.16 -47.10 24.50
C ILE T 47 -76.67 -46.89 25.89
N GLU T 48 -75.78 -47.79 26.39
CA GLU T 48 -75.44 -47.82 27.79
C GLU T 48 -74.26 -46.90 27.96
N VAL T 49 -73.82 -46.69 29.22
CA VAL T 49 -72.70 -45.84 29.56
C VAL T 49 -72.15 -46.43 30.84
N GLY T 50 -70.99 -45.88 31.28
CA GLY T 50 -70.17 -46.44 32.33
C GLY T 50 -70.67 -46.09 33.70
N GLY T 51 -71.77 -45.31 33.79
CA GLY T 51 -72.36 -44.91 35.05
C GLY T 51 -73.20 -46.00 35.66
N GLY T 52 -73.43 -47.12 34.93
CA GLY T 52 -74.26 -48.22 35.37
C GLY T 52 -75.72 -47.95 35.21
N ARG T 53 -76.09 -46.83 34.55
CA ARG T 53 -77.42 -46.58 34.09
C ARG T 53 -77.35 -46.45 32.61
N LYS T 54 -78.44 -46.80 31.91
CA LYS T 54 -78.54 -46.70 30.48
C LYS T 54 -78.77 -45.26 30.11
N ALA T 55 -78.45 -44.87 28.86
CA ALA T 55 -78.66 -43.52 28.40
C ALA T 55 -79.63 -43.57 27.26
N ILE T 56 -80.61 -42.63 27.27
CA ILE T 56 -81.66 -42.55 26.29
C ILE T 56 -81.27 -41.33 25.49
N ILE T 57 -81.10 -41.54 24.16
CA ILE T 57 -80.69 -40.55 23.22
C ILE T 57 -81.92 -40.38 22.40
N ILE T 58 -82.34 -39.11 22.24
CA ILE T 58 -83.54 -38.75 21.54
C ILE T 58 -83.04 -38.01 20.36
N PHE T 59 -83.77 -38.10 19.22
CA PHE T 59 -83.35 -37.51 17.98
C PHE T 59 -84.37 -36.47 17.65
N VAL T 60 -83.84 -35.29 17.26
CA VAL T 60 -84.58 -34.11 16.96
C VAL T 60 -84.09 -33.66 15.60
N PRO T 61 -84.91 -33.03 14.75
CA PRO T 61 -84.53 -32.78 13.37
C PRO T 61 -83.93 -31.39 13.29
N VAL T 62 -83.74 -30.71 14.44
CA VAL T 62 -83.21 -29.35 14.62
C VAL T 62 -84.34 -28.39 14.99
N PRO T 63 -85.48 -28.24 14.32
CA PRO T 63 -86.54 -27.31 14.74
C PRO T 63 -87.13 -27.64 16.10
N GLN T 64 -87.22 -28.94 16.47
CA GLN T 64 -87.83 -29.38 17.71
C GLN T 64 -86.94 -29.03 18.86
N LEU T 65 -85.60 -29.09 18.65
CA LEU T 65 -84.55 -29.10 19.65
C LEU T 65 -84.63 -27.86 20.49
N LYS T 66 -85.05 -26.72 19.89
CA LYS T 66 -85.10 -25.40 20.49
C LYS T 66 -86.04 -25.36 21.68
N SER T 67 -87.18 -26.08 21.58
CA SER T 67 -88.18 -26.21 22.60
C SER T 67 -87.71 -27.14 23.69
N PHE T 68 -87.06 -28.27 23.32
CA PHE T 68 -86.52 -29.23 24.27
C PHE T 68 -85.40 -28.65 25.11
N GLN T 69 -84.50 -27.86 24.47
CA GLN T 69 -83.36 -27.19 25.08
C GLN T 69 -83.77 -26.12 26.06
N LYS T 70 -84.87 -25.39 25.73
CA LYS T 70 -85.48 -24.33 26.51
C LYS T 70 -85.68 -24.72 27.95
N ILE T 71 -86.29 -25.90 28.16
CA ILE T 71 -86.56 -26.45 29.47
C ILE T 71 -85.33 -27.22 29.87
N GLN T 72 -84.99 -28.31 29.12
CA GLN T 72 -83.94 -29.28 29.33
C GLN T 72 -83.94 -29.87 30.71
N VAL T 73 -83.16 -29.30 31.66
CA VAL T 73 -82.85 -29.87 32.96
C VAL T 73 -84.03 -30.39 33.75
N ARG T 74 -85.15 -29.61 33.85
CA ARG T 74 -86.38 -30.01 34.51
C ARG T 74 -87.06 -31.21 33.88
N LEU T 75 -87.09 -31.25 32.53
CA LEU T 75 -87.72 -32.28 31.73
C LEU T 75 -86.96 -33.58 31.88
N VAL T 76 -85.62 -33.50 31.78
CA VAL T 76 -84.70 -34.61 31.86
C VAL T 76 -84.77 -35.23 33.23
N ARG T 77 -84.94 -34.40 34.28
CA ARG T 77 -85.05 -34.80 35.66
C ARG T 77 -86.29 -35.64 35.92
N GLU T 78 -87.44 -35.24 35.31
CA GLU T 78 -88.69 -35.96 35.36
C GLU T 78 -88.59 -37.29 34.66
N LEU T 79 -87.93 -37.32 33.48
CA LEU T 79 -87.78 -38.52 32.68
C LEU T 79 -86.86 -39.51 33.32
N GLU T 80 -85.82 -39.03 34.04
CA GLU T 80 -84.90 -39.83 34.81
C GLU T 80 -85.58 -40.50 35.98
N LYS T 81 -86.51 -39.78 36.64
CA LYS T 81 -87.32 -40.26 37.73
C LYS T 81 -88.27 -41.33 37.25
N LYS T 82 -88.93 -41.07 36.10
CA LYS T 82 -89.84 -41.95 35.42
C LYS T 82 -89.21 -43.25 34.95
N PHE T 83 -87.96 -43.21 34.45
CA PHE T 83 -87.31 -44.36 33.86
C PHE T 83 -86.34 -45.02 34.80
N SER T 84 -86.35 -44.60 36.09
CA SER T 84 -85.51 -45.12 37.15
C SER T 84 -84.02 -45.06 36.94
N GLY T 85 -83.49 -43.82 36.79
CA GLY T 85 -82.08 -43.52 36.77
C GLY T 85 -81.49 -43.33 35.42
N LYS T 86 -82.22 -43.62 34.31
CA LYS T 86 -81.70 -43.42 32.98
C LYS T 86 -81.43 -41.96 32.71
N HIS T 87 -80.31 -41.66 32.02
CA HIS T 87 -79.95 -40.30 31.70
C HIS T 87 -80.40 -39.98 30.32
N VAL T 88 -81.33 -39.01 30.21
CA VAL T 88 -81.99 -38.62 29.00
C VAL T 88 -81.35 -37.37 28.50
N VAL T 89 -81.03 -37.28 27.19
CA VAL T 89 -80.61 -36.00 26.64
C VAL T 89 -81.16 -35.95 25.22
N PHE T 90 -80.73 -34.95 24.44
CA PHE T 90 -81.26 -34.63 23.13
C PHE T 90 -80.07 -34.44 22.24
N ILE T 91 -80.02 -35.17 21.10
CA ILE T 91 -78.93 -35.09 20.17
C ILE T 91 -79.56 -34.83 18.82
N ALA T 92 -78.91 -33.95 18.02
CA ALA T 92 -79.36 -33.54 16.71
C ALA T 92 -78.53 -34.30 15.71
N GLN T 93 -79.18 -34.90 14.70
CA GLN T 93 -78.48 -35.55 13.62
C GLN T 93 -79.00 -34.99 12.34
N ARG T 94 -78.09 -34.40 11.53
CA ARG T 94 -78.36 -33.89 10.20
C ARG T 94 -78.07 -35.01 9.23
N ARG T 95 -78.43 -34.80 7.93
CA ARG T 95 -78.26 -35.79 6.89
C ARG T 95 -76.79 -36.03 6.62
N ILE T 96 -76.02 -34.92 6.49
CA ILE T 96 -74.59 -34.87 6.26
C ILE T 96 -74.30 -35.26 4.83
N LEU T 97 -73.83 -34.28 4.02
CA LEU T 97 -73.47 -34.47 2.63
C LEU T 97 -72.30 -35.44 2.51
N PRO T 98 -72.22 -36.27 1.47
CA PRO T 98 -71.20 -37.31 1.30
C PRO T 98 -69.78 -36.80 1.29
N LYS T 99 -68.83 -37.75 1.44
CA LYS T 99 -67.41 -37.60 1.43
C LYS T 99 -66.89 -36.86 0.22
N PRO T 100 -65.79 -36.10 0.32
CA PRO T 100 -65.26 -35.32 -0.79
C PRO T 100 -64.41 -36.20 -1.70
N THR T 101 -64.10 -37.46 -1.30
CA THR T 101 -63.79 -38.52 -2.23
C THR T 101 -64.99 -38.80 -3.11
N ARG T 102 -64.85 -38.58 -4.45
CA ARG T 102 -64.34 -39.55 -5.41
C ARG T 102 -65.09 -40.86 -5.33
N LYS T 103 -64.39 -42.01 -5.47
CA LYS T 103 -64.91 -43.33 -5.12
C LYS T 103 -65.42 -43.42 -3.71
N SER T 104 -66.53 -44.18 -3.57
CA SER T 104 -67.14 -44.60 -2.33
C SER T 104 -68.06 -43.51 -1.88
N ARG T 105 -69.37 -43.63 -2.26
CA ARG T 105 -69.94 -42.79 -3.30
C ARG T 105 -70.00 -41.34 -2.86
N THR T 106 -69.75 -40.41 -3.81
CA THR T 106 -69.75 -38.99 -3.57
C THR T 106 -71.04 -38.31 -3.96
N LYS T 107 -72.01 -39.07 -4.55
CA LYS T 107 -73.41 -38.74 -4.72
C LYS T 107 -73.65 -37.33 -5.22
N ASN T 108 -74.57 -36.59 -4.56
CA ASN T 108 -75.13 -35.37 -5.10
C ASN T 108 -74.74 -34.30 -4.12
N LYS T 109 -74.04 -33.26 -4.63
CA LYS T 109 -73.51 -32.18 -3.83
C LYS T 109 -73.69 -30.94 -4.67
N GLN T 110 -73.62 -29.75 -4.04
CA GLN T 110 -74.18 -28.56 -4.60
C GLN T 110 -73.52 -27.36 -3.96
N LYS T 111 -72.65 -27.63 -2.94
CA LYS T 111 -71.99 -26.71 -2.05
C LYS T 111 -72.29 -27.22 -0.67
N ARG T 112 -71.21 -27.45 0.11
CA ARG T 112 -71.27 -28.12 1.37
C ARG T 112 -70.62 -27.12 2.31
N PRO T 113 -71.32 -26.47 3.24
CA PRO T 113 -70.72 -25.42 4.04
C PRO T 113 -70.09 -26.11 5.21
N ARG T 114 -69.31 -25.37 6.04
CA ARG T 114 -68.65 -25.92 7.20
C ARG T 114 -69.50 -25.75 8.42
N SER T 115 -70.82 -25.54 8.21
CA SER T 115 -71.82 -25.43 9.24
C SER T 115 -72.86 -26.50 9.01
N ARG T 116 -72.53 -27.55 8.21
CA ARG T 116 -73.45 -28.63 7.96
C ARG T 116 -72.63 -29.88 7.66
N THR T 117 -71.29 -29.78 7.79
CA THR T 117 -70.36 -30.84 7.56
C THR T 117 -70.28 -31.71 8.80
N LEU T 118 -69.57 -32.86 8.74
CA LEU T 118 -69.53 -33.90 9.77
C LEU T 118 -69.00 -33.36 11.08
N THR T 119 -67.94 -32.52 11.02
CA THR T 119 -67.32 -31.88 12.16
C THR T 119 -68.25 -30.89 12.80
N ALA T 120 -68.99 -30.12 11.96
CA ALA T 120 -69.94 -29.11 12.39
C ALA T 120 -71.07 -29.72 13.15
N VAL T 121 -71.56 -30.92 12.72
CA VAL T 121 -72.63 -31.65 13.36
C VAL T 121 -72.19 -32.10 14.71
N HIS T 122 -70.94 -32.61 14.86
CA HIS T 122 -70.42 -33.07 16.14
C HIS T 122 -70.32 -31.94 17.15
N ASP T 123 -69.87 -30.75 16.71
CA ASP T 123 -69.76 -29.55 17.52
C ASP T 123 -71.12 -29.08 18.00
N ALA T 124 -72.14 -29.18 17.11
CA ALA T 124 -73.51 -28.80 17.37
C ALA T 124 -74.14 -29.70 18.39
N ILE T 125 -73.80 -31.02 18.39
CA ILE T 125 -74.29 -32.00 19.33
C ILE T 125 -73.77 -31.67 20.70
N LEU T 126 -72.47 -31.28 20.80
CA LEU T 126 -71.82 -30.94 22.06
C LEU T 126 -72.49 -29.75 22.70
N GLU T 127 -72.81 -28.71 21.88
CA GLU T 127 -73.50 -27.50 22.28
C GLU T 127 -74.89 -27.77 22.82
N ASP T 128 -75.60 -28.75 22.20
CA ASP T 128 -76.99 -29.08 22.47
C ASP T 128 -77.13 -29.80 23.80
N LEU T 129 -76.12 -30.60 24.22
CA LEU T 129 -76.14 -31.39 25.43
C LEU T 129 -76.26 -30.50 26.64
N VAL T 130 -75.48 -29.39 26.66
CA VAL T 130 -75.54 -28.38 27.69
C VAL T 130 -76.61 -27.36 27.34
N PHE T 131 -77.00 -26.55 28.36
CA PHE T 131 -77.99 -25.51 28.23
C PHE T 131 -77.53 -24.42 29.17
N PRO T 132 -77.37 -24.54 30.51
CA PRO T 132 -77.27 -23.36 31.37
C PRO T 132 -75.88 -22.78 31.30
N SER T 133 -74.94 -23.54 30.70
CA SER T 133 -73.60 -23.11 30.40
C SER T 133 -73.42 -23.36 28.94
N GLU T 134 -72.45 -22.65 28.33
CA GLU T 134 -72.16 -22.69 26.92
C GLU T 134 -70.73 -23.13 26.85
N ILE T 135 -70.20 -23.36 25.64
CA ILE T 135 -68.82 -23.77 25.47
C ILE T 135 -68.04 -22.51 25.23
N VAL T 136 -67.18 -22.15 26.21
CA VAL T 136 -66.33 -20.98 26.20
C VAL T 136 -65.21 -21.16 25.21
N GLY T 137 -64.62 -22.38 25.19
CA GLY T 137 -63.49 -22.68 24.37
C GLY T 137 -63.35 -24.16 24.40
N LYS T 138 -62.33 -24.67 23.67
CA LYS T 138 -62.05 -26.08 23.64
C LYS T 138 -60.57 -26.17 23.44
N ARG T 139 -60.00 -27.32 23.83
CA ARG T 139 -58.62 -27.66 23.61
C ARG T 139 -58.65 -29.14 23.40
N ILE T 140 -57.68 -29.66 22.62
CA ILE T 140 -57.51 -31.08 22.43
C ILE T 140 -56.08 -31.26 22.83
N ARG T 141 -55.79 -32.29 23.64
CA ARG T 141 -54.46 -32.58 24.09
C ARG T 141 -54.06 -33.82 23.35
N VAL T 142 -52.91 -33.76 22.65
CA VAL T 142 -52.37 -34.87 21.90
C VAL T 142 -51.35 -35.46 22.83
N LYS T 143 -51.58 -36.71 23.28
CA LYS T 143 -50.67 -37.43 24.13
C LYS T 143 -49.50 -37.92 23.31
N LEU T 144 -48.39 -38.24 24.02
CA LEU T 144 -47.16 -38.73 23.46
C LEU T 144 -47.37 -40.09 22.87
N ASP T 145 -48.27 -40.88 23.50
CA ASP T 145 -48.71 -42.19 23.10
C ASP T 145 -49.36 -42.18 21.75
N GLY T 146 -50.20 -41.15 21.49
CA GLY T 146 -50.74 -40.87 20.18
C GLY T 146 -52.22 -40.66 20.30
N SER T 147 -52.76 -40.81 21.54
CA SER T 147 -54.17 -40.71 21.83
C SER T 147 -54.51 -39.26 21.95
N ARG T 148 -55.81 -38.91 21.80
CA ARG T 148 -56.28 -37.55 21.95
C ARG T 148 -57.46 -37.59 22.86
N LEU T 149 -57.54 -36.56 23.74
CA LEU T 149 -58.66 -36.34 24.61
C LEU T 149 -58.98 -34.89 24.43
N ILE T 150 -60.28 -34.58 24.24
CA ILE T 150 -60.75 -33.24 23.98
C ILE T 150 -61.37 -32.76 25.26
N LYS T 151 -60.81 -31.66 25.79
CA LYS T 151 -61.27 -31.00 26.99
C LYS T 151 -62.12 -29.86 26.54
N VAL T 152 -63.43 -29.91 26.86
CA VAL T 152 -64.38 -28.93 26.45
C VAL T 152 -64.60 -28.04 27.65
N HIS T 153 -64.15 -26.78 27.56
CA HIS T 153 -64.39 -25.78 28.58
C HIS T 153 -65.85 -25.39 28.53
N LEU T 154 -66.44 -25.19 29.72
CA LEU T 154 -67.82 -24.79 29.90
C LEU T 154 -67.79 -23.61 30.79
N ASP T 155 -68.86 -22.77 30.76
CA ASP T 155 -68.95 -21.55 31.54
C ASP T 155 -68.83 -21.86 33.01
N LYS T 156 -68.16 -20.94 33.73
CA LYS T 156 -67.74 -21.09 35.09
C LYS T 156 -68.81 -20.52 35.99
N ALA T 157 -69.95 -20.10 35.37
CA ALA T 157 -71.10 -19.55 35.99
C ALA T 157 -72.21 -20.44 35.51
N GLN T 158 -72.96 -21.03 36.48
CA GLN T 158 -74.12 -21.88 36.30
C GLN T 158 -73.68 -23.28 36.00
N GLN T 159 -72.41 -23.60 36.36
CA GLN T 159 -71.72 -24.84 36.05
C GLN T 159 -72.39 -26.07 36.64
N ASN T 160 -72.93 -25.95 37.88
CA ASN T 160 -73.49 -26.99 38.74
C ASN T 160 -74.38 -27.97 38.03
N ASN T 161 -75.24 -27.44 37.13
CA ASN T 161 -76.23 -28.13 36.35
C ASN T 161 -75.65 -29.18 35.44
N VAL T 162 -74.46 -28.89 34.87
CA VAL T 162 -73.77 -29.82 34.00
C VAL T 162 -72.82 -30.72 34.75
N GLU T 163 -72.41 -30.40 36.01
CA GLU T 163 -71.39 -31.14 36.73
C GLU T 163 -71.70 -32.61 36.90
N HIS T 164 -72.93 -32.94 37.36
CA HIS T 164 -73.39 -34.28 37.56
C HIS T 164 -73.57 -35.05 36.25
N LYS T 165 -73.91 -34.34 35.16
CA LYS T 165 -74.16 -34.90 33.84
C LYS T 165 -72.95 -35.55 33.22
N VAL T 166 -71.75 -34.95 33.40
CA VAL T 166 -70.47 -35.16 32.72
C VAL T 166 -70.18 -36.57 32.25
N GLU T 167 -70.41 -37.58 33.11
CA GLU T 167 -70.02 -38.96 32.91
C GLU T 167 -70.76 -39.58 31.74
N THR T 168 -72.08 -39.29 31.64
CA THR T 168 -72.94 -39.76 30.58
C THR T 168 -72.55 -39.15 29.26
N PHE T 169 -72.22 -37.83 29.25
CA PHE T 169 -71.83 -37.10 28.06
C PHE T 169 -70.58 -37.68 27.45
N SER T 170 -69.61 -38.07 28.32
CA SER T 170 -68.36 -38.71 27.97
C SER T 170 -68.63 -40.03 27.28
N GLY T 171 -69.43 -40.90 27.94
CA GLY T 171 -69.73 -42.24 27.49
C GLY T 171 -70.50 -42.29 26.19
N VAL T 172 -71.55 -41.44 26.04
CA VAL T 172 -72.41 -41.39 24.87
C VAL T 172 -71.63 -41.00 23.64
N TYR T 173 -70.72 -40.01 23.77
CA TYR T 173 -69.87 -39.54 22.68
C TYR T 173 -68.98 -40.65 22.18
N LYS T 174 -68.46 -41.49 23.12
CA LYS T 174 -67.57 -42.59 22.83
C LYS T 174 -68.28 -43.64 22.01
N LYS T 175 -69.54 -43.98 22.39
CA LYS T 175 -70.36 -44.94 21.67
C LYS T 175 -70.66 -44.51 20.24
N LEU T 176 -70.91 -43.20 20.03
CA LEU T 176 -71.33 -42.68 18.75
C LEU T 176 -70.19 -42.45 17.77
N THR T 177 -69.14 -41.69 18.17
CA THR T 177 -68.04 -41.35 17.28
C THR T 177 -66.89 -42.31 17.42
N GLY T 178 -66.55 -42.73 18.66
CA GLY T 178 -65.36 -43.52 18.93
C GLY T 178 -64.26 -42.61 19.36
N LYS T 179 -64.62 -41.55 20.13
CA LYS T 179 -63.68 -40.59 20.64
C LYS T 179 -64.23 -40.16 21.96
N ASP T 180 -63.32 -39.95 22.94
CA ASP T 180 -63.66 -39.65 24.32
C ASP T 180 -63.62 -38.15 24.46
N VAL T 181 -64.61 -37.61 25.22
CA VAL T 181 -64.74 -36.20 25.48
C VAL T 181 -64.76 -36.12 26.99
N ASN T 182 -64.16 -35.04 27.52
CA ASN T 182 -64.12 -34.79 28.94
C ASN T 182 -64.40 -33.33 29.03
N PHE T 183 -64.90 -32.91 30.21
CA PHE T 183 -65.42 -31.59 30.43
C PHE T 183 -64.62 -31.00 31.54
N GLU T 184 -64.50 -29.66 31.54
CA GLU T 184 -63.59 -28.97 32.40
C GLU T 184 -64.19 -27.61 32.55
N PHE T 185 -63.64 -26.79 33.48
CA PHE T 185 -64.10 -25.45 33.75
C PHE T 185 -62.84 -24.62 33.72
N PRO T 186 -62.81 -23.44 33.11
CA PRO T 186 -61.56 -22.79 32.77
C PRO T 186 -61.14 -21.87 33.89
N GLU T 187 -61.23 -20.54 33.69
CA GLU T 187 -60.18 -19.59 33.95
C GLU T 187 -60.61 -18.35 33.20
N PHE T 188 -61.91 -18.32 32.79
CA PHE T 188 -62.55 -17.21 32.13
C PHE T 188 -63.80 -17.09 32.96
N GLN T 189 -63.98 -15.90 33.59
CA GLN T 189 -65.04 -15.58 34.53
C GLN T 189 -64.94 -16.41 35.78
N LEU T 190 -63.71 -16.70 36.26
CA LEU T 190 -62.82 -15.69 36.79
C LEU T 190 -61.52 -15.86 36.01
N MET U 1 -39.08 -14.82 32.09
CA MET U 1 -39.13 -16.29 32.26
C MET U 1 -37.78 -16.84 32.65
N PRO U 2 -37.71 -17.99 33.34
CA PRO U 2 -36.45 -18.62 33.70
C PRO U 2 -36.14 -19.67 32.66
N LEU U 3 -36.94 -19.74 31.58
CA LEU U 3 -36.53 -20.17 30.26
C LEU U 3 -36.57 -21.66 30.15
N ALA U 4 -37.59 -22.30 30.77
CA ALA U 4 -37.74 -23.73 30.75
C ALA U 4 -39.13 -24.08 31.22
N LYS U 5 -39.95 -23.06 31.55
CA LYS U 5 -41.35 -23.20 31.87
C LYS U 5 -42.19 -23.65 30.70
N ASP U 6 -43.30 -24.34 31.04
CA ASP U 6 -44.25 -24.88 30.12
C ASP U 6 -45.55 -24.69 30.84
N LEU U 7 -46.52 -24.01 30.21
CA LEU U 7 -47.74 -23.58 30.84
C LEU U 7 -48.84 -24.02 29.93
N LEU U 8 -49.78 -24.81 30.48
CA LEU U 8 -50.81 -25.48 29.72
C LEU U 8 -52.16 -25.04 30.21
N HIS U 9 -52.19 -24.21 31.28
CA HIS U 9 -53.42 -23.77 31.90
C HIS U 9 -53.09 -22.48 32.60
N PRO U 10 -52.86 -21.37 31.88
CA PRO U 10 -52.18 -20.20 32.40
C PRO U 10 -53.12 -19.42 33.29
N SER U 11 -52.58 -18.75 34.33
CA SER U 11 -53.32 -18.06 35.37
C SER U 11 -54.12 -16.90 34.78
N PRO U 12 -55.25 -16.49 35.35
CA PRO U 12 -56.07 -15.47 34.73
C PRO U 12 -55.79 -14.17 35.43
N GLU U 13 -54.55 -13.66 35.26
CA GLU U 13 -54.15 -12.36 35.71
C GLU U 13 -52.98 -11.96 34.86
N GLU U 14 -52.37 -12.96 34.15
CA GLU U 14 -51.29 -12.75 33.23
C GLU U 14 -51.81 -13.04 31.85
N GLU U 15 -53.11 -13.38 31.74
CA GLU U 15 -53.79 -13.57 30.48
C GLU U 15 -54.88 -12.53 30.39
N LYS U 16 -55.23 -11.90 31.53
CA LYS U 16 -56.30 -10.93 31.61
C LYS U 16 -55.77 -9.52 31.70
N ARG U 17 -54.43 -9.35 31.68
CA ARG U 17 -53.83 -8.03 31.70
C ARG U 17 -53.44 -7.65 30.30
N LYS U 18 -53.34 -8.64 29.39
CA LYS U 18 -52.83 -8.46 28.05
C LYS U 18 -53.86 -7.84 27.16
N HIS U 19 -53.39 -7.41 25.96
CA HIS U 19 -54.16 -6.84 24.89
C HIS U 19 -55.17 -7.86 24.40
N LYS U 20 -56.30 -7.37 23.84
CA LYS U 20 -57.47 -8.14 23.52
C LYS U 20 -57.25 -9.26 22.52
N LYS U 21 -56.35 -9.08 21.52
CA LYS U 21 -56.07 -10.07 20.51
C LYS U 21 -54.79 -10.80 20.81
N LYS U 22 -54.08 -10.46 21.92
CA LYS U 22 -52.83 -11.10 22.28
C LYS U 22 -53.04 -12.17 23.33
N ARG U 23 -54.32 -12.44 23.71
CA ARG U 23 -54.66 -13.41 24.72
C ARG U 23 -54.42 -14.82 24.23
N LEU U 24 -54.19 -15.76 25.16
CA LEU U 24 -53.71 -17.09 24.84
C LEU U 24 -54.91 -17.96 24.52
N VAL U 25 -56.10 -17.56 25.03
CA VAL U 25 -57.37 -18.00 24.50
C VAL U 25 -58.10 -16.71 24.27
N GLN U 26 -58.55 -16.47 23.01
CA GLN U 26 -58.92 -15.17 22.55
C GLN U 26 -60.42 -15.12 22.63
N SER U 27 -60.92 -14.38 23.65
CA SER U 27 -62.24 -13.83 23.66
C SER U 27 -62.06 -12.54 24.43
N PRO U 28 -62.66 -11.42 24.04
CA PRO U 28 -62.53 -10.16 24.75
C PRO U 28 -63.28 -10.22 26.06
N ASN U 29 -63.07 -9.21 26.93
CA ASN U 29 -63.50 -9.26 28.31
C ASN U 29 -64.66 -8.32 28.45
N SER U 30 -65.09 -7.70 27.31
CA SER U 30 -66.20 -6.79 27.20
C SER U 30 -67.51 -7.48 27.49
N TYR U 31 -68.51 -6.72 27.97
CA TYR U 31 -69.72 -7.30 28.50
C TYR U 31 -70.84 -6.33 28.28
N PHE U 32 -72.06 -6.75 28.68
CA PHE U 32 -73.22 -5.88 28.72
C PHE U 32 -73.55 -5.76 30.16
N MET U 33 -74.28 -4.68 30.49
CA MET U 33 -74.68 -4.38 31.82
C MET U 33 -76.02 -3.76 31.73
N ASP U 34 -76.77 -3.84 32.85
CA ASP U 34 -78.03 -3.18 33.02
C ASP U 34 -77.80 -1.96 33.84
N VAL U 35 -78.42 -0.85 33.43
CA VAL U 35 -78.28 0.46 34.01
C VAL U 35 -79.67 0.79 34.44
N LYS U 36 -79.79 1.32 35.69
CA LYS U 36 -81.06 1.44 36.36
C LYS U 36 -81.51 2.87 36.36
N CYS U 37 -80.61 3.80 35.90
CA CYS U 37 -80.22 4.94 36.69
C CYS U 37 -81.39 5.87 36.91
N PRO U 38 -81.55 6.64 38.00
CA PRO U 38 -82.87 6.83 38.60
C PRO U 38 -83.80 7.71 37.77
N GLY U 39 -83.25 8.58 36.90
CA GLY U 39 -84.02 9.50 36.10
C GLY U 39 -84.58 8.82 34.88
N CYS U 40 -84.15 7.55 34.65
CA CYS U 40 -84.68 6.63 33.68
C CYS U 40 -85.45 5.63 34.48
N TYR U 41 -86.61 5.19 33.94
CA TYR U 41 -87.59 4.43 34.67
C TYR U 41 -87.73 3.09 34.01
N LYS U 42 -86.74 2.75 33.15
CA LYS U 42 -86.67 1.49 32.45
C LYS U 42 -85.25 1.04 32.61
N ILE U 43 -85.02 -0.28 32.40
CA ILE U 43 -83.75 -0.90 32.63
C ILE U 43 -83.13 -1.03 31.27
N THR U 44 -82.21 -0.09 30.96
CA THR U 44 -81.56 0.02 29.68
C THR U 44 -80.33 -0.85 29.65
N THR U 45 -80.24 -1.78 28.66
CA THR U 45 -79.05 -2.56 28.40
C THR U 45 -78.04 -1.67 27.74
N VAL U 46 -76.75 -1.73 28.17
CA VAL U 46 -75.72 -0.84 27.68
C VAL U 46 -74.50 -1.71 27.48
N PHE U 47 -73.63 -1.32 26.52
CA PHE U 47 -72.40 -1.97 26.14
C PHE U 47 -71.29 -1.24 26.85
N SER U 48 -70.37 -2.01 27.49
CA SER U 48 -69.30 -1.51 28.32
C SER U 48 -68.41 -0.50 27.62
N HIS U 49 -68.11 -0.70 26.32
CA HIS U 49 -67.41 0.25 25.49
C HIS U 49 -68.36 0.72 24.42
N ALA U 50 -69.42 1.47 24.80
CA ALA U 50 -70.59 1.73 24.00
C ALA U 50 -70.31 2.51 22.74
N GLN U 51 -69.40 3.51 22.85
CA GLN U 51 -68.87 4.35 21.80
C GLN U 51 -69.82 5.50 21.72
N THR U 52 -70.91 5.34 20.92
CA THR U 52 -72.01 6.25 20.80
C THR U 52 -72.90 5.97 21.99
N VAL U 53 -73.57 7.02 22.52
CA VAL U 53 -74.42 6.94 23.68
C VAL U 53 -75.58 6.00 23.50
N VAL U 54 -75.98 5.36 24.63
CA VAL U 54 -77.25 4.70 24.76
C VAL U 54 -78.12 5.69 25.46
N LEU U 55 -79.39 5.81 25.03
CA LEU U 55 -80.37 6.72 25.56
C LEU U 55 -81.62 5.89 25.63
N CYS U 56 -82.66 6.43 26.31
CA CYS U 56 -83.89 5.71 26.50
C CYS U 56 -84.99 6.72 26.68
N VAL U 57 -86.24 6.24 26.56
CA VAL U 57 -87.46 7.00 26.62
C VAL U 57 -87.67 7.56 27.99
N GLY U 58 -87.33 6.76 29.04
CA GLY U 58 -87.59 7.08 30.42
C GLY U 58 -86.78 8.24 30.93
N CYS U 59 -85.59 8.48 30.34
CA CYS U 59 -84.73 9.58 30.74
C CYS U 59 -84.90 10.69 29.76
N SER U 60 -84.59 11.93 30.22
CA SER U 60 -84.43 13.09 29.38
C SER U 60 -83.22 12.98 28.48
N THR U 61 -82.07 12.55 29.06
CA THR U 61 -80.82 12.50 28.34
C THR U 61 -79.82 11.72 29.17
N VAL U 62 -80.22 11.30 30.40
CA VAL U 62 -79.28 10.88 31.41
C VAL U 62 -79.25 9.38 31.38
N LEU U 63 -78.16 8.81 30.82
CA LEU U 63 -78.06 7.39 30.63
C LEU U 63 -76.61 7.12 30.35
N CYS U 64 -76.06 7.69 29.26
CA CYS U 64 -74.64 7.62 28.96
C CYS U 64 -74.18 8.97 28.48
N GLN U 65 -72.85 9.19 28.58
CA GLN U 65 -72.14 10.24 27.89
C GLN U 65 -71.06 9.51 27.13
N PRO U 66 -70.59 9.96 25.96
CA PRO U 66 -69.58 9.26 25.20
C PRO U 66 -68.21 9.42 25.81
N THR U 67 -67.40 8.34 25.76
CA THR U 67 -66.00 8.36 26.10
C THR U 67 -65.41 7.36 25.14
N GLY U 68 -64.15 7.59 24.71
CA GLY U 68 -63.44 6.74 23.79
C GLY U 68 -63.17 5.36 24.31
N GLY U 69 -63.04 5.22 25.65
CA GLY U 69 -62.82 3.97 26.32
C GLY U 69 -64.16 3.47 26.74
N LYS U 70 -64.27 3.08 28.04
CA LYS U 70 -65.49 2.62 28.64
C LYS U 70 -66.47 3.77 28.69
N ALA U 71 -67.73 3.53 28.29
CA ALA U 71 -68.79 4.51 28.32
C ALA U 71 -69.05 5.03 29.70
N ARG U 72 -69.26 6.36 29.80
CA ARG U 72 -69.54 7.03 31.05
C ARG U 72 -70.97 6.73 31.43
N LEU U 73 -71.22 6.60 32.75
CA LEU U 73 -72.55 6.36 33.28
C LEU U 73 -72.71 7.29 34.43
N THR U 74 -73.98 7.43 34.88
CA THR U 74 -74.41 8.50 35.76
C THR U 74 -75.27 7.80 36.76
N GLU U 75 -75.03 8.07 38.07
CA GLU U 75 -75.75 7.55 39.21
C GLU U 75 -75.84 6.03 39.23
N GLY U 76 -76.86 5.47 39.92
CA GLY U 76 -76.94 4.06 40.29
C GLY U 76 -76.99 3.16 39.09
N CYS U 77 -76.20 2.07 39.13
CA CYS U 77 -76.03 1.16 38.02
C CYS U 77 -75.63 -0.14 38.63
N SER U 78 -75.60 -1.20 37.79
CA SER U 78 -75.30 -2.55 38.19
C SER U 78 -74.53 -3.09 37.02
N PHE U 79 -73.81 -4.22 37.20
CA PHE U 79 -73.37 -4.97 36.05
C PHE U 79 -73.28 -6.42 36.39
N ARG U 80 -73.68 -7.24 35.41
CA ARG U 80 -73.54 -8.66 35.41
C ARG U 80 -73.47 -8.93 33.94
N ARG U 81 -72.55 -9.83 33.50
CA ARG U 81 -72.18 -9.92 32.11
C ARG U 81 -73.31 -10.30 31.16
N LYS U 82 -74.15 -11.36 31.40
CA LYS U 82 -73.99 -12.49 32.28
C LYS U 82 -73.56 -13.58 31.35
N GLN U 83 -72.47 -14.30 31.69
CA GLN U 83 -71.86 -15.33 30.88
C GLN U 83 -71.30 -14.72 29.62
N HIS U 84 -70.53 -13.63 29.77
CA HIS U 84 -69.90 -12.86 28.71
C HIS U 84 -70.94 -12.12 27.86
N GLY V 1 -49.49 -6.73 7.00
CA GLY V 1 -48.73 -5.68 6.26
C GLY V 1 -49.66 -4.73 5.58
N ARG V 2 -49.28 -3.44 5.53
CA ARG V 2 -50.10 -2.38 5.03
C ARG V 2 -49.32 -1.69 3.96
N MET V 3 -49.92 -1.58 2.75
CA MET V 3 -49.40 -0.82 1.64
C MET V 3 -50.48 0.16 1.25
N HIS V 4 -51.60 0.17 2.02
CA HIS V 4 -52.75 0.98 1.79
C HIS V 4 -52.81 2.08 2.83
N ALA V 5 -51.88 2.07 3.81
CA ALA V 5 -51.84 3.07 4.84
C ALA V 5 -50.45 3.04 5.42
N PRO V 6 -49.98 4.09 6.11
CA PRO V 6 -48.62 4.16 6.62
C PRO V 6 -48.62 3.67 8.05
N GLY V 7 -49.74 3.06 8.52
CA GLY V 7 -49.92 2.55 9.85
C GLY V 7 -49.02 1.40 10.21
N LYS V 8 -49.23 0.86 11.44
CA LYS V 8 -48.39 -0.17 12.00
C LYS V 8 -49.18 -0.88 13.08
N GLY V 9 -50.39 -0.37 13.40
CA GLY V 9 -51.10 -0.68 14.62
C GLY V 9 -52.11 -1.73 14.34
N LEU V 10 -53.31 -1.57 14.93
CA LEU V 10 -54.46 -2.42 14.69
C LEU V 10 -55.65 -1.52 14.51
N SER V 11 -56.78 -2.12 14.05
CA SER V 11 -57.93 -1.37 13.62
C SER V 11 -59.14 -2.27 13.64
N GLN V 12 -59.00 -3.51 14.17
CA GLN V 12 -60.11 -4.41 14.37
C GLN V 12 -60.18 -4.72 15.85
N SER V 13 -61.44 -4.88 16.32
CA SER V 13 -61.80 -5.63 17.50
C SER V 13 -61.39 -7.08 17.51
N ALA V 14 -61.07 -7.59 18.73
CA ALA V 14 -61.19 -8.99 19.08
C ALA V 14 -62.63 -9.43 19.08
N LEU V 15 -62.88 -10.70 18.71
CA LEU V 15 -64.20 -11.27 18.60
C LEU V 15 -64.20 -12.52 19.44
N PRO V 16 -65.34 -12.97 19.96
CA PRO V 16 -65.39 -14.09 20.90
C PRO V 16 -65.45 -15.38 20.13
N TYR V 17 -65.18 -16.50 20.85
CA TYR V 17 -65.23 -17.86 20.36
C TYR V 17 -66.64 -18.24 19.96
N ARG V 18 -67.64 -17.84 20.78
CA ARG V 18 -68.91 -18.52 20.80
C ARG V 18 -69.81 -18.07 19.69
N ARG V 19 -70.87 -18.86 19.43
CA ARG V 19 -71.86 -18.60 18.41
C ARG V 19 -73.10 -18.05 19.07
N SER V 20 -73.08 -17.83 20.41
CA SER V 20 -74.18 -17.28 21.15
C SER V 20 -73.61 -16.26 22.08
N VAL V 21 -74.20 -15.05 22.07
CA VAL V 21 -73.79 -13.92 22.88
C VAL V 21 -75.09 -13.24 23.20
N PRO V 22 -75.42 -12.82 24.42
CA PRO V 22 -74.57 -12.90 25.60
C PRO V 22 -75.00 -14.07 26.45
N THR V 23 -76.08 -14.78 26.06
CA THR V 23 -76.71 -15.85 26.81
C THR V 23 -77.21 -15.42 28.18
N TRP V 24 -78.18 -14.49 28.16
CA TRP V 24 -79.01 -14.19 29.32
C TRP V 24 -80.20 -13.44 28.82
N LEU V 25 -80.16 -13.00 27.55
CA LEU V 25 -81.20 -12.28 26.89
C LEU V 25 -80.60 -12.01 25.54
N LYS V 26 -81.00 -12.83 24.54
CA LYS V 26 -80.51 -12.77 23.19
C LYS V 26 -81.64 -12.28 22.31
N LEU V 27 -82.77 -11.85 22.95
CA LEU V 27 -84.02 -11.46 22.32
C LEU V 27 -84.54 -12.53 21.37
N THR V 28 -85.28 -12.12 20.32
CA THR V 28 -85.86 -13.02 19.37
C THR V 28 -85.53 -12.43 18.04
N SER V 29 -85.69 -13.25 16.97
CA SER V 29 -85.43 -12.92 15.59
C SER V 29 -86.27 -11.75 15.18
N ASP V 30 -87.61 -11.84 15.45
CA ASP V 30 -88.64 -10.86 15.22
C ASP V 30 -88.24 -9.45 15.53
N ASP V 31 -87.75 -9.18 16.78
CA ASP V 31 -87.52 -7.85 17.29
C ASP V 31 -86.50 -7.10 16.47
N VAL V 32 -85.31 -7.71 16.30
CA VAL V 32 -84.20 -7.08 15.65
C VAL V 32 -84.35 -6.99 14.16
N LYS V 33 -85.15 -7.89 13.51
CA LYS V 33 -85.41 -7.80 12.09
C LYS V 33 -86.25 -6.61 11.74
N GLU V 34 -87.31 -6.32 12.54
CA GLU V 34 -88.13 -5.15 12.43
C GLU V 34 -87.31 -3.90 12.53
N GLN V 35 -86.45 -3.84 13.58
CA GLN V 35 -85.54 -2.74 13.84
C GLN V 35 -84.60 -2.47 12.68
N ILE V 36 -83.98 -3.54 12.11
CA ILE V 36 -83.15 -3.52 10.93
C ILE V 36 -83.87 -2.94 9.75
N TYR V 37 -85.11 -3.40 9.46
CA TYR V 37 -85.89 -2.97 8.31
C TYR V 37 -86.20 -1.50 8.39
N LYS V 38 -86.53 -1.01 9.61
CA LYS V 38 -86.91 0.36 9.85
C LYS V 38 -85.72 1.29 9.73
N LEU V 39 -84.54 0.88 10.25
CA LEU V 39 -83.29 1.60 10.15
C LEU V 39 -82.79 1.69 8.73
N ALA V 40 -82.88 0.58 7.96
CA ALA V 40 -82.50 0.48 6.57
C ALA V 40 -83.39 1.27 5.65
N LYS V 41 -84.63 1.57 6.08
CA LYS V 41 -85.56 2.45 5.40
C LYS V 41 -85.01 3.86 5.36
N LYS V 42 -84.37 4.29 6.47
CA LYS V 42 -83.83 5.62 6.66
C LYS V 42 -82.56 5.81 5.86
N GLY V 43 -81.99 4.69 5.32
CA GLY V 43 -80.85 4.71 4.46
C GLY V 43 -79.57 4.54 5.21
N LEU V 44 -79.61 3.87 6.39
CA LEU V 44 -78.46 3.73 7.25
C LEU V 44 -77.68 2.51 6.82
N THR V 45 -76.33 2.65 6.82
CA THR V 45 -75.38 1.63 6.46
C THR V 45 -75.38 0.49 7.47
N PRO V 46 -74.93 -0.73 7.12
CA PRO V 46 -74.83 -1.85 8.03
C PRO V 46 -74.00 -1.57 9.25
N SER V 47 -72.85 -0.85 9.10
CA SER V 47 -72.02 -0.37 10.18
C SER V 47 -72.79 0.34 11.26
N GLN V 48 -73.60 1.37 10.90
CA GLN V 48 -74.36 2.18 11.84
C GLN V 48 -75.40 1.39 12.57
N ILE V 49 -76.08 0.46 11.85
CA ILE V 49 -77.10 -0.41 12.36
C ILE V 49 -76.51 -1.36 13.39
N GLY V 50 -75.33 -1.95 13.09
CA GLY V 50 -74.61 -2.81 14.00
C GLY V 50 -74.24 -2.18 15.31
N VAL V 51 -73.74 -0.92 15.26
CA VAL V 51 -73.38 -0.12 16.42
C VAL V 51 -74.57 0.07 17.32
N ILE V 52 -75.69 0.64 16.79
CA ILE V 52 -76.85 0.95 17.59
C ILE V 52 -77.51 -0.28 18.15
N LEU V 53 -77.58 -1.40 17.38
CA LEU V 53 -78.13 -2.67 17.85
C LEU V 53 -77.34 -3.21 18.99
N ARG V 54 -75.99 -3.24 18.87
CA ARG V 54 -75.08 -3.72 19.88
C ARG V 54 -75.31 -3.10 21.23
N ASP V 55 -75.12 -1.76 21.33
CA ASP V 55 -75.24 -1.07 22.58
C ASP V 55 -76.61 -0.98 23.20
N SER V 56 -77.68 -0.59 22.45
CA SER V 56 -78.99 -0.41 23.04
C SER V 56 -79.73 -1.70 23.32
N HIS V 57 -79.74 -2.65 22.35
CA HIS V 57 -80.40 -3.92 22.49
C HIS V 57 -79.43 -4.90 23.07
N GLY V 58 -79.95 -6.04 23.56
CA GLY V 58 -79.18 -7.02 24.30
C GLY V 58 -78.49 -7.99 23.38
N VAL V 59 -78.76 -7.93 22.05
CA VAL V 59 -77.91 -8.47 21.02
C VAL V 59 -76.61 -7.70 20.91
N ALA V 60 -75.55 -8.37 20.41
CA ALA V 60 -74.27 -7.78 20.16
C ALA V 60 -74.20 -7.64 18.67
N GLN V 61 -73.71 -8.69 17.97
CA GLN V 61 -73.94 -8.88 16.57
C GLN V 61 -75.22 -9.64 16.42
N VAL V 62 -75.81 -9.63 15.21
CA VAL V 62 -77.02 -10.34 14.91
C VAL V 62 -76.65 -11.67 14.29
N ARG V 63 -75.33 -12.00 14.29
CA ARG V 63 -74.78 -13.22 13.76
C ARG V 63 -74.92 -14.30 14.81
N PHE V 64 -75.23 -13.90 16.07
CA PHE V 64 -75.25 -14.79 17.21
C PHE V 64 -76.67 -15.16 17.53
N VAL V 65 -77.66 -14.46 16.92
CA VAL V 65 -79.07 -14.76 17.06
C VAL V 65 -79.49 -15.68 15.95
N THR V 66 -79.16 -15.28 14.70
CA THR V 66 -79.42 -16.05 13.50
C THR V 66 -78.14 -16.01 12.73
N GLY V 67 -78.00 -16.87 11.70
CA GLY V 67 -76.75 -17.04 10.98
C GLY V 67 -76.54 -15.92 9.98
N ASN V 68 -77.56 -15.05 9.81
CA ASN V 68 -77.54 -13.93 8.92
C ASN V 68 -76.88 -12.78 9.63
N LYS V 69 -76.22 -11.91 8.84
CA LYS V 69 -75.66 -10.67 9.29
C LYS V 69 -76.47 -9.62 8.60
N ILE V 70 -76.31 -8.34 9.00
CA ILE V 70 -77.16 -7.23 8.58
C ILE V 70 -77.22 -7.07 7.08
N LEU V 71 -76.06 -7.19 6.39
CA LEU V 71 -75.97 -7.16 4.94
C LEU V 71 -76.78 -8.25 4.30
N ARG V 72 -76.71 -9.49 4.84
CA ARG V 72 -77.38 -10.66 4.29
C ARG V 72 -78.89 -10.51 4.28
N ILE V 73 -79.46 -10.00 5.39
CA ILE V 73 -80.86 -9.64 5.57
C ILE V 73 -81.32 -8.68 4.51
N LEU V 74 -80.60 -7.53 4.40
CA LEU V 74 -80.79 -6.46 3.45
C LEU V 74 -80.83 -6.98 2.01
N LYS V 75 -79.79 -7.75 1.63
CA LYS V 75 -79.56 -8.31 0.31
C LYS V 75 -80.66 -9.22 -0.15
N SER V 76 -81.15 -10.11 0.76
CA SER V 76 -82.23 -11.04 0.47
C SER V 76 -83.54 -10.33 0.33
N LYS V 77 -83.80 -9.29 1.17
CA LYS V 77 -84.98 -8.47 1.09
C LYS V 77 -85.08 -7.73 -0.23
N GLY V 78 -83.92 -7.24 -0.75
CA GLY V 78 -83.86 -6.41 -1.92
C GLY V 78 -83.88 -4.95 -1.56
N LEU V 79 -83.86 -4.62 -0.24
CA LEU V 79 -83.75 -3.28 0.25
C LEU V 79 -82.37 -3.22 0.83
N ALA V 80 -81.45 -2.50 0.16
CA ALA V 80 -80.06 -2.53 0.51
C ALA V 80 -79.45 -1.28 -0.06
N PRO V 81 -78.31 -0.78 0.43
CA PRO V 81 -77.50 0.21 -0.25
C PRO V 81 -76.91 -0.38 -1.51
N ASP V 82 -76.52 0.47 -2.48
CA ASP V 82 -76.39 0.08 -3.87
C ASP V 82 -74.94 -0.17 -4.16
N LEU V 83 -74.08 -0.02 -3.13
CA LEU V 83 -72.68 -0.34 -3.21
C LEU V 83 -72.28 -0.64 -1.78
N PRO V 84 -71.22 -1.40 -1.51
CA PRO V 84 -70.79 -1.71 -0.15
C PRO V 84 -70.43 -0.48 0.64
N GLU V 85 -70.66 -0.52 1.97
CA GLU V 85 -70.55 0.63 2.84
C GLU V 85 -69.15 1.20 2.87
N ASP V 86 -68.12 0.32 2.91
CA ASP V 86 -66.72 0.68 2.86
C ASP V 86 -66.34 1.44 1.60
N LEU V 87 -66.88 1.00 0.45
CA LEU V 87 -66.60 1.55 -0.86
C LEU V 87 -67.17 2.94 -0.96
N TYR V 88 -68.43 3.12 -0.49
CA TYR V 88 -69.10 4.40 -0.31
C TYR V 88 -68.22 5.37 0.43
N HIS V 89 -67.81 5.03 1.67
CA HIS V 89 -67.05 5.87 2.56
C HIS V 89 -65.67 6.24 2.04
N LEU V 90 -65.00 5.33 1.29
CA LEU V 90 -63.79 5.59 0.53
C LEU V 90 -63.98 6.64 -0.53
N ILE V 91 -65.02 6.49 -1.38
CA ILE V 91 -65.40 7.40 -2.44
C ILE V 91 -65.67 8.78 -1.87
N LYS V 92 -66.35 8.83 -0.71
CA LYS V 92 -66.71 10.01 0.03
C LYS V 92 -65.49 10.78 0.48
N LYS V 93 -64.43 10.09 0.98
CA LYS V 93 -63.19 10.73 1.36
C LYS V 93 -62.50 11.35 0.16
N ALA V 94 -62.49 10.64 -1.01
CA ALA V 94 -61.84 11.13 -2.21
C ALA V 94 -62.51 12.33 -2.80
N VAL V 95 -63.86 12.44 -2.67
CA VAL V 95 -64.65 13.63 -2.95
C VAL V 95 -64.19 14.77 -2.06
N ALA V 96 -64.21 14.58 -0.71
CA ALA V 96 -63.83 15.58 0.26
C ALA V 96 -62.43 16.15 0.07
N VAL V 97 -61.43 15.29 -0.26
CA VAL V 97 -60.07 15.68 -0.60
C VAL V 97 -60.01 16.47 -1.87
N ARG V 98 -60.80 16.06 -2.90
CA ARG V 98 -60.92 16.71 -4.18
C ARG V 98 -61.46 18.12 -4.07
N LYS V 99 -62.46 18.34 -3.19
CA LYS V 99 -63.03 19.64 -2.90
C LYS V 99 -62.03 20.56 -2.24
N HIS V 100 -61.25 20.01 -1.29
CA HIS V 100 -60.16 20.70 -0.63
C HIS V 100 -59.03 21.05 -1.57
N LEU V 101 -58.82 20.23 -2.63
CA LEU V 101 -57.79 20.40 -3.62
C LEU V 101 -58.18 21.48 -4.61
N GLU V 102 -59.49 21.60 -4.90
CA GLU V 102 -60.04 22.66 -5.72
C GLU V 102 -59.81 24.00 -5.06
N ARG V 103 -60.02 24.05 -3.72
CA ARG V 103 -59.80 25.22 -2.91
C ARG V 103 -58.34 25.65 -2.90
N ASN V 104 -57.41 24.68 -2.75
CA ASN V 104 -56.01 24.97 -2.54
C ASN V 104 -55.19 24.18 -3.52
N ARG V 105 -54.41 24.89 -4.37
CA ARG V 105 -53.63 24.29 -5.42
C ARG V 105 -52.17 24.32 -5.05
N LYS V 106 -51.85 24.68 -3.79
CA LYS V 106 -50.51 24.71 -3.27
C LYS V 106 -50.37 23.64 -2.22
N ASP V 107 -51.44 22.86 -1.96
CA ASP V 107 -51.45 21.86 -0.91
C ASP V 107 -50.98 20.56 -1.53
N LYS V 108 -49.64 20.32 -1.45
CA LYS V 108 -48.95 19.19 -2.03
C LYS V 108 -49.34 17.90 -1.35
N ASP V 109 -49.55 17.99 -0.01
CA ASP V 109 -50.02 16.93 0.85
C ASP V 109 -51.32 16.36 0.33
N ALA V 110 -52.30 17.24 -0.01
CA ALA V 110 -53.61 16.89 -0.53
C ALA V 110 -53.56 16.13 -1.82
N LYS V 111 -52.62 16.49 -2.74
CA LYS V 111 -52.40 15.79 -3.99
C LYS V 111 -51.93 14.37 -3.79
N PHE V 112 -50.90 14.19 -2.94
CA PHE V 112 -50.37 12.91 -2.50
C PHE V 112 -51.43 12.00 -1.89
N ARG V 113 -52.22 12.56 -0.95
CA ARG V 113 -53.29 11.91 -0.22
C ARG V 113 -54.38 11.43 -1.13
N LEU V 114 -54.77 12.25 -2.14
CA LEU V 114 -55.84 11.96 -3.07
C LEU V 114 -55.54 10.71 -3.85
N ILE V 115 -54.33 10.63 -4.46
CA ILE V 115 -53.76 9.48 -5.13
C ILE V 115 -53.89 8.21 -4.31
N LEU V 116 -53.48 8.23 -3.03
CA LEU V 116 -53.54 7.08 -2.14
C LEU V 116 -54.95 6.55 -1.98
N ILE V 117 -55.91 7.45 -1.65
CA ILE V 117 -57.32 7.15 -1.48
C ILE V 117 -57.91 6.56 -2.74
N GLU V 118 -57.60 7.16 -3.93
CA GLU V 118 -58.09 6.73 -5.21
C GLU V 118 -57.63 5.33 -5.56
N SER V 119 -56.34 5.01 -5.28
CA SER V 119 -55.76 3.70 -5.48
C SER V 119 -56.47 2.65 -4.66
N ARG V 120 -56.77 3.00 -3.39
CA ARG V 120 -57.46 2.19 -2.42
C ARG V 120 -58.86 1.84 -2.87
N ILE V 121 -59.58 2.80 -3.50
CA ILE V 121 -60.90 2.63 -4.08
C ILE V 121 -60.83 1.62 -5.19
N HIS V 122 -59.83 1.75 -6.10
CA HIS V 122 -59.68 0.94 -7.28
C HIS V 122 -59.44 -0.53 -6.97
N ARG V 123 -58.59 -0.83 -5.96
CA ARG V 123 -58.29 -2.19 -5.56
C ARG V 123 -59.46 -2.88 -4.91
N LEU V 124 -60.23 -2.14 -4.06
CA LEU V 124 -61.45 -2.60 -3.43
C LEU V 124 -62.52 -2.86 -4.46
N ALA V 125 -62.64 -1.94 -5.46
CA ALA V 125 -63.63 -1.98 -6.51
C ALA V 125 -63.40 -3.13 -7.45
N ARG V 126 -62.12 -3.40 -7.79
CA ARG V 126 -61.67 -4.51 -8.61
C ARG V 126 -62.11 -5.82 -8.01
N TYR V 127 -61.98 -5.94 -6.67
CA TYR V 127 -62.39 -7.08 -5.88
C TYR V 127 -63.91 -7.27 -5.96
N TYR V 128 -64.68 -6.17 -5.89
CA TYR V 128 -66.13 -6.23 -5.96
C TYR V 128 -66.62 -6.57 -7.34
N LYS V 129 -65.94 -6.08 -8.40
CA LYS V 129 -66.28 -6.34 -9.79
C LYS V 129 -66.15 -7.79 -10.14
N THR V 130 -65.01 -8.43 -9.77
CA THR V 130 -64.75 -9.84 -9.99
C THR V 130 -65.82 -10.76 -9.41
N LYS V 131 -66.49 -10.35 -8.31
CA LYS V 131 -67.35 -11.22 -7.56
C LYS V 131 -68.77 -10.72 -7.65
N ARG V 132 -69.03 -9.85 -8.66
CA ARG V 132 -70.35 -9.45 -9.12
C ARG V 132 -71.15 -8.71 -8.07
N VAL V 133 -70.48 -7.75 -7.38
CA VAL V 133 -71.10 -6.90 -6.38
C VAL V 133 -71.13 -5.53 -6.98
N LEU V 134 -70.27 -5.28 -7.99
CA LEU V 134 -70.28 -4.10 -8.82
C LEU V 134 -70.35 -4.64 -10.23
N PRO V 135 -70.91 -3.92 -11.19
CA PRO V 135 -70.88 -4.32 -12.57
C PRO V 135 -69.50 -3.94 -13.09
N PRO V 136 -68.87 -4.66 -14.01
CA PRO V 136 -67.56 -4.31 -14.55
C PRO V 136 -67.63 -3.12 -15.47
N ASN V 137 -68.84 -2.63 -15.83
CA ASN V 137 -69.02 -1.61 -16.83
C ASN V 137 -69.12 -0.25 -16.17
N TRP V 138 -69.17 -0.23 -14.81
CA TRP V 138 -69.02 0.98 -14.04
C TRP V 138 -67.54 1.07 -13.75
N LYS V 139 -67.03 2.30 -13.58
CA LYS V 139 -65.66 2.49 -13.17
C LYS V 139 -65.64 3.80 -12.45
N TYR V 140 -64.75 3.92 -11.44
CA TYR V 140 -64.48 5.11 -10.68
C TYR V 140 -63.96 6.21 -11.55
N GLU V 141 -64.41 7.45 -11.26
CA GLU V 141 -64.10 8.63 -12.02
C GLU V 141 -64.41 9.74 -11.07
N SER V 142 -63.78 10.92 -11.24
CA SER V 142 -64.07 12.18 -10.58
C SER V 142 -65.53 12.51 -10.66
N SER V 143 -66.00 12.69 -11.92
CA SER V 143 -67.37 12.83 -12.39
C SER V 143 -68.40 12.06 -11.61
N THR V 144 -68.23 10.72 -11.53
CA THR V 144 -69.24 9.81 -11.03
C THR V 144 -69.15 9.67 -9.54
N ALA V 145 -67.96 9.95 -8.94
CA ALA V 145 -67.74 9.93 -7.50
C ALA V 145 -68.62 10.93 -6.81
N SER V 146 -68.67 12.15 -7.36
CA SER V 146 -69.55 13.24 -6.97
C SER V 146 -71.00 12.83 -6.92
N ALA V 147 -71.48 12.18 -8.01
CA ALA V 147 -72.84 11.73 -8.19
C ALA V 147 -73.29 10.69 -7.19
N LEU V 148 -72.35 9.89 -6.64
CA LEU V 148 -72.65 8.80 -5.74
C LEU V 148 -72.87 9.36 -4.37
N VAL V 149 -71.92 10.22 -3.91
CA VAL V 149 -71.90 10.83 -2.60
C VAL V 149 -73.05 11.78 -2.43
N ALA V 150 -73.48 12.42 -3.55
CA ALA V 150 -74.73 13.13 -3.65
C ALA V 150 -75.84 12.12 -4.03
N VAL W 1 -47.15 -10.83 5.38
CA VAL W 1 -47.77 -12.03 6.02
C VAL W 1 -47.30 -13.29 5.36
N ARG W 2 -47.89 -14.44 5.76
CA ARG W 2 -47.16 -15.68 5.90
C ARG W 2 -47.40 -16.42 4.62
N MET W 3 -46.31 -16.78 3.90
CA MET W 3 -46.41 -17.47 2.64
C MET W 3 -45.96 -18.90 2.80
N ASN W 4 -45.53 -19.27 4.02
CA ASN W 4 -45.28 -20.63 4.40
C ASN W 4 -45.48 -20.62 5.89
N VAL W 5 -45.86 -21.78 6.46
CA VAL W 5 -46.33 -21.88 7.83
C VAL W 5 -45.46 -22.90 8.52
N LEU W 6 -44.92 -23.87 7.72
CA LEU W 6 -43.97 -24.87 8.15
C LEU W 6 -42.73 -24.20 8.63
N ALA W 7 -42.15 -23.29 7.81
CA ALA W 7 -40.92 -22.58 8.05
C ALA W 7 -40.95 -21.80 9.35
N ASP W 8 -42.11 -21.22 9.72
CA ASP W 8 -42.23 -20.47 10.95
C ASP W 8 -42.23 -21.39 12.14
N ALA W 9 -42.99 -22.52 12.08
CA ALA W 9 -43.08 -23.50 13.15
C ALA W 9 -41.75 -24.12 13.51
N LEU W 10 -40.99 -24.58 12.48
CA LEU W 10 -39.71 -25.25 12.62
C LEU W 10 -38.70 -24.37 13.30
N LYS W 11 -38.59 -23.09 12.87
CA LYS W 11 -37.72 -22.10 13.47
C LYS W 11 -38.07 -21.88 14.93
N SER W 12 -39.34 -21.50 15.23
CA SER W 12 -39.89 -21.41 16.57
C SER W 12 -39.48 -22.47 17.56
N ILE W 13 -39.64 -23.78 17.19
CA ILE W 13 -39.15 -24.89 18.01
C ILE W 13 -37.67 -24.83 18.26
N ASN W 14 -36.82 -24.77 17.19
CA ASN W 14 -35.38 -24.70 17.29
C ASN W 14 -34.88 -23.58 18.19
N ASN W 15 -35.49 -22.38 18.09
CA ASN W 15 -35.09 -21.22 18.88
C ASN W 15 -35.44 -21.36 20.33
N ALA W 16 -36.58 -22.02 20.64
CA ALA W 16 -36.96 -22.42 21.97
C ALA W 16 -35.95 -23.38 22.56
N GLU W 17 -35.58 -24.42 21.78
CA GLU W 17 -34.72 -25.51 22.15
C GLU W 17 -33.34 -25.04 22.50
N LYS W 18 -32.77 -24.08 21.71
CA LYS W 18 -31.53 -23.39 22.02
C LYS W 18 -31.49 -22.79 23.42
N ARG W 19 -32.60 -22.13 23.85
CA ARG W 19 -32.74 -21.53 25.16
C ARG W 19 -32.81 -22.59 26.24
N GLY W 20 -33.46 -23.74 25.94
CA GLY W 20 -33.85 -24.72 26.91
C GLY W 20 -35.32 -24.59 27.22
N LYS W 21 -36.01 -23.63 26.58
CA LYS W 21 -37.42 -23.34 26.75
C LYS W 21 -38.23 -24.50 26.25
N ARG W 22 -39.30 -24.86 27.01
CA ARG W 22 -40.07 -26.05 26.77
C ARG W 22 -41.46 -25.70 26.30
N GLN W 23 -41.66 -24.50 25.70
CA GLN W 23 -42.95 -24.14 25.16
C GLN W 23 -42.73 -23.20 24.01
N VAL W 24 -43.69 -23.19 23.07
CA VAL W 24 -43.76 -22.28 21.95
C VAL W 24 -45.22 -22.02 21.71
N LEU W 25 -45.54 -20.88 21.05
CA LEU W 25 -46.86 -20.68 20.50
C LEU W 25 -46.59 -20.58 19.03
N ILE W 26 -46.98 -21.62 18.27
CA ILE W 26 -46.99 -21.59 16.83
C ILE W 26 -48.41 -21.33 16.39
N ARG W 27 -48.55 -20.69 15.21
CA ARG W 27 -49.81 -20.41 14.58
C ARG W 27 -49.44 -20.14 13.14
N PRO W 28 -50.29 -20.17 12.12
CA PRO W 28 -51.74 -20.04 12.18
C PRO W 28 -52.41 -21.34 12.48
N CYS W 29 -51.67 -22.49 12.47
CA CYS W 29 -52.18 -23.83 12.66
C CYS W 29 -52.91 -24.30 11.42
N SER W 30 -52.44 -25.44 10.87
CA SER W 30 -52.95 -25.99 9.64
C SER W 30 -52.90 -27.48 9.79
N LYS W 31 -53.50 -28.21 8.81
CA LYS W 31 -53.56 -29.65 8.78
C LYS W 31 -52.19 -30.26 8.65
N VAL W 32 -51.32 -29.61 7.85
CA VAL W 32 -49.99 -30.08 7.53
C VAL W 32 -49.08 -29.98 8.73
N ILE W 33 -49.18 -28.89 9.51
CA ILE W 33 -48.49 -28.70 10.77
C ILE W 33 -48.76 -29.82 11.75
N VAL W 34 -50.06 -30.17 12.01
CA VAL W 34 -50.48 -31.30 12.81
C VAL W 34 -49.77 -32.58 12.41
N ARG W 35 -49.84 -32.92 11.10
CA ARG W 35 -49.29 -34.12 10.51
C ARG W 35 -47.79 -34.21 10.66
N PHE W 36 -47.07 -33.08 10.44
CA PHE W 36 -45.64 -33.00 10.58
C PHE W 36 -45.21 -33.22 12.02
N LEU W 37 -45.92 -32.59 12.99
CA LEU W 37 -45.71 -32.75 14.40
C LEU W 37 -45.89 -34.15 14.89
N THR W 38 -46.93 -34.90 14.40
CA THR W 38 -47.18 -36.26 14.81
C THR W 38 -46.09 -37.21 14.41
N VAL W 39 -45.60 -37.14 13.15
CA VAL W 39 -44.53 -37.97 12.64
C VAL W 39 -43.24 -37.71 13.41
N MET W 40 -42.90 -36.42 13.61
CA MET W 40 -41.80 -35.94 14.43
C MET W 40 -41.85 -36.50 15.86
N MET W 41 -43.05 -36.45 16.49
CA MET W 41 -43.34 -36.85 17.86
C MET W 41 -43.10 -38.32 18.05
N LYS W 42 -43.57 -39.15 17.09
CA LYS W 42 -43.53 -40.60 17.09
C LYS W 42 -42.12 -41.14 17.22
N HIS W 43 -41.15 -40.47 16.56
CA HIS W 43 -39.77 -40.92 16.53
C HIS W 43 -39.02 -40.43 17.74
N GLY W 44 -39.61 -39.47 18.50
CA GLY W 44 -39.10 -39.04 19.79
C GLY W 44 -38.35 -37.74 19.71
N TYR W 45 -38.33 -37.08 18.52
CA TYR W 45 -37.58 -35.87 18.28
C TYR W 45 -38.13 -34.70 19.08
N ILE W 46 -39.48 -34.58 19.15
CA ILE W 46 -40.14 -33.65 20.04
C ILE W 46 -41.03 -34.41 20.98
N GLY W 47 -41.46 -33.71 22.06
CA GLY W 47 -42.44 -34.18 23.00
C GLY W 47 -43.82 -33.96 22.46
N GLU W 48 -44.84 -34.21 23.33
CA GLU W 48 -46.25 -34.06 23.00
C GLU W 48 -46.67 -32.63 22.81
N PHE W 49 -47.71 -32.39 21.98
CA PHE W 49 -48.27 -31.08 21.73
C PHE W 49 -49.73 -31.06 22.07
N GLU W 50 -50.32 -29.85 22.17
CA GLU W 50 -51.71 -29.67 22.50
C GLU W 50 -52.19 -28.56 21.63
N ILE W 51 -53.27 -28.81 20.85
CA ILE W 51 -53.89 -27.85 19.97
C ILE W 51 -54.99 -27.14 20.73
N ILE W 52 -54.87 -25.80 20.87
CA ILE W 52 -55.89 -24.96 21.45
C ILE W 52 -56.71 -24.50 20.28
N ASP W 53 -58.05 -24.41 20.47
CA ASP W 53 -59.00 -24.17 19.40
C ASP W 53 -59.49 -22.78 19.59
N ASP W 54 -59.42 -21.98 18.51
CA ASP W 54 -60.00 -20.66 18.44
C ASP W 54 -60.67 -20.59 17.10
N HIS W 55 -61.50 -19.53 16.89
CA HIS W 55 -62.18 -19.27 15.64
C HIS W 55 -61.35 -18.33 14.83
N ARG W 56 -60.07 -18.08 15.23
CA ARG W 56 -59.19 -17.22 14.49
C ARG W 56 -58.59 -18.11 13.43
N ALA W 57 -57.85 -19.16 13.86
CA ALA W 57 -57.29 -20.14 12.95
C ALA W 57 -56.69 -21.26 13.77
N GLY W 58 -56.64 -21.12 15.12
CA GLY W 58 -56.07 -22.12 16.01
C GLY W 58 -54.67 -21.71 16.37
N LYS W 59 -54.18 -22.22 17.52
CA LYS W 59 -52.84 -22.00 18.03
C LYS W 59 -52.45 -23.28 18.71
N ILE W 60 -51.18 -23.73 18.54
CA ILE W 60 -50.72 -25.00 19.08
C ILE W 60 -49.61 -24.62 20.03
N VAL W 61 -49.58 -25.31 21.20
CA VAL W 61 -48.52 -25.22 22.16
C VAL W 61 -47.82 -26.53 22.07
N VAL W 62 -46.52 -26.50 21.68
CA VAL W 62 -45.71 -27.69 21.55
C VAL W 62 -44.78 -27.70 22.73
N ASN W 63 -44.77 -28.84 23.47
CA ASN W 63 -43.80 -29.10 24.51
C ASN W 63 -42.78 -29.92 23.78
N LEU W 64 -41.54 -29.40 23.71
CA LEU W 64 -40.48 -29.94 22.91
C LEU W 64 -39.46 -30.57 23.81
N THR W 65 -38.59 -31.41 23.20
CA THR W 65 -37.46 -32.03 23.84
C THR W 65 -36.27 -31.74 22.99
N GLY W 66 -35.05 -31.90 23.57
CA GLY W 66 -33.80 -31.64 22.91
C GLY W 66 -33.21 -32.91 22.36
N ARG W 67 -34.05 -33.74 21.68
CA ARG W 67 -33.62 -34.96 21.03
C ARG W 67 -33.48 -34.69 19.55
N LEU W 68 -33.72 -33.42 19.14
CA LEU W 68 -33.72 -32.97 17.78
C LEU W 68 -32.44 -32.17 17.63
N ASN W 69 -31.90 -32.08 16.39
CA ASN W 69 -30.68 -31.35 16.12
C ASN W 69 -30.94 -30.26 15.13
N LYS W 70 -32.00 -30.42 14.29
CA LYS W 70 -32.35 -29.49 13.26
C LYS W 70 -33.48 -30.11 12.54
N CYS W 71 -34.55 -29.31 12.33
CA CYS W 71 -35.64 -29.60 11.45
C CYS W 71 -35.61 -28.53 10.40
N GLY W 72 -35.25 -28.89 9.15
CA GLY W 72 -35.12 -27.93 8.07
C GLY W 72 -36.35 -28.01 7.24
N VAL W 73 -36.60 -26.94 6.45
CA VAL W 73 -37.70 -26.82 5.53
C VAL W 73 -37.13 -26.73 4.14
N ILE W 74 -37.72 -27.49 3.18
CA ILE W 74 -37.34 -27.43 1.80
C ILE W 74 -38.45 -26.62 1.18
N SER W 75 -38.22 -25.30 1.11
CA SER W 75 -39.13 -24.32 0.59
C SER W 75 -38.34 -23.61 -0.49
N PRO W 76 -38.70 -23.63 -1.75
CA PRO W 76 -39.96 -24.12 -2.30
C PRO W 76 -39.85 -25.61 -2.52
N ARG W 77 -41.01 -26.32 -2.44
CA ARG W 77 -41.09 -27.76 -2.55
C ARG W 77 -40.62 -28.21 -3.91
N PHE W 78 -40.11 -29.46 -4.00
CA PHE W 78 -39.56 -29.99 -5.22
C PHE W 78 -40.18 -31.34 -5.38
N ASP W 79 -40.20 -31.86 -6.63
CA ASP W 79 -40.69 -33.19 -6.90
C ASP W 79 -39.59 -34.18 -6.63
N VAL W 80 -39.98 -35.39 -6.20
CA VAL W 80 -39.06 -36.44 -5.83
C VAL W 80 -39.68 -37.70 -6.36
N GLN W 81 -38.95 -38.39 -7.26
CA GLN W 81 -39.46 -39.50 -8.03
C GLN W 81 -38.73 -40.75 -7.61
N LEU W 82 -38.05 -40.68 -6.43
CA LEU W 82 -37.38 -41.76 -5.75
C LEU W 82 -36.03 -42.03 -6.36
N LYS W 83 -35.48 -41.05 -7.10
CA LYS W 83 -34.17 -41.09 -7.71
C LYS W 83 -33.72 -39.66 -7.76
N ASP W 84 -34.26 -38.84 -6.83
CA ASP W 84 -33.65 -37.60 -6.39
C ASP W 84 -33.65 -37.65 -4.89
N LEU W 85 -34.33 -38.67 -4.30
CA LEU W 85 -34.38 -38.91 -2.88
C LEU W 85 -33.02 -39.28 -2.37
N GLU W 86 -32.30 -40.12 -3.15
CA GLU W 86 -30.96 -40.58 -2.89
C GLU W 86 -29.97 -39.43 -2.87
N LYS W 87 -30.12 -38.51 -3.85
CA LYS W 87 -29.30 -37.32 -3.99
C LYS W 87 -29.45 -36.38 -2.84
N TRP W 88 -30.71 -36.08 -2.43
CA TRP W 88 -31.03 -35.34 -1.22
C TRP W 88 -30.42 -35.94 0.00
N GLN W 89 -30.64 -37.26 0.22
CA GLN W 89 -30.25 -37.98 1.41
C GLN W 89 -28.75 -37.94 1.66
N ASN W 90 -27.90 -38.09 0.61
CA ASN W 90 -26.47 -37.93 0.77
C ASN W 90 -26.04 -36.50 1.02
N ASN W 91 -26.60 -35.55 0.23
CA ASN W 91 -26.36 -34.12 0.35
C ASN W 91 -26.59 -33.54 1.72
N LEU W 92 -27.81 -33.72 2.25
CA LEU W 92 -28.36 -32.86 3.28
C LEU W 92 -28.65 -33.57 4.58
N LEU W 93 -28.16 -34.82 4.75
CA LEU W 93 -28.32 -35.55 6.00
C LEU W 93 -26.93 -36.05 6.33
N PRO W 94 -26.59 -36.30 7.60
CA PRO W 94 -25.21 -36.50 8.00
C PRO W 94 -24.81 -37.94 7.79
N SER W 95 -25.78 -38.85 7.69
CA SER W 95 -25.53 -40.24 7.41
C SER W 95 -26.82 -40.77 6.87
N ARG W 96 -26.78 -42.02 6.36
CA ARG W 96 -27.93 -42.73 5.83
C ARG W 96 -28.45 -43.65 6.90
N GLN W 97 -27.82 -43.62 8.10
CA GLN W 97 -28.12 -44.52 9.19
C GLN W 97 -29.24 -43.99 10.04
N PHE W 98 -29.53 -42.67 9.95
CA PHE W 98 -30.55 -42.05 10.76
C PHE W 98 -30.92 -40.73 10.14
N GLY W 99 -32.04 -40.16 10.64
CA GLY W 99 -32.69 -39.00 10.07
C GLY W 99 -33.72 -39.43 9.08
N PHE W 100 -34.79 -38.63 8.95
CA PHE W 100 -35.84 -38.87 7.98
C PHE W 100 -36.03 -37.62 7.20
N ILE W 101 -36.25 -37.81 5.88
CA ILE W 101 -36.80 -36.86 4.95
C ILE W 101 -38.28 -37.11 5.00
N VAL W 102 -39.10 -36.06 5.22
CA VAL W 102 -40.53 -36.21 5.34
C VAL W 102 -41.12 -35.51 4.13
N LEU W 103 -41.96 -36.26 3.38
CA LEU W 103 -42.59 -35.82 2.17
C LEU W 103 -44.07 -35.96 2.34
N THR W 104 -44.82 -35.41 1.35
CA THR W 104 -46.23 -35.60 1.22
C THR W 104 -46.39 -36.38 -0.06
N THR W 105 -47.06 -37.54 0.04
CA THR W 105 -47.31 -38.44 -1.06
C THR W 105 -48.81 -38.53 -1.11
N SER W 106 -49.37 -39.06 -2.21
CA SER W 106 -50.81 -39.24 -2.38
C SER W 106 -51.37 -40.29 -1.46
N ALA W 107 -50.46 -41.12 -0.90
CA ALA W 107 -50.78 -42.17 0.05
C ALA W 107 -50.50 -41.66 1.44
N GLY W 108 -50.41 -40.31 1.62
CA GLY W 108 -50.37 -39.69 2.93
C GLY W 108 -49.03 -39.06 3.14
N ILE W 109 -48.99 -38.09 4.09
CA ILE W 109 -47.77 -37.49 4.61
C ILE W 109 -47.01 -38.57 5.36
N MET W 110 -45.81 -38.91 4.86
CA MET W 110 -45.04 -40.01 5.37
C MET W 110 -43.57 -39.73 5.27
N ASP W 111 -42.80 -40.42 6.14
CA ASP W 111 -41.36 -40.48 6.14
C ASP W 111 -40.90 -41.29 4.95
N HIS W 112 -39.70 -40.95 4.43
CA HIS W 112 -39.20 -41.40 3.16
C HIS W 112 -38.84 -42.86 3.11
N GLU W 113 -38.68 -43.52 4.28
CA GLU W 113 -38.47 -44.94 4.36
C GLU W 113 -39.72 -45.68 3.93
N GLU W 114 -40.90 -45.19 4.41
CA GLU W 114 -42.19 -45.69 4.02
C GLU W 114 -42.49 -45.39 2.57
N ALA W 115 -42.04 -44.20 2.08
CA ALA W 115 -42.18 -43.79 0.71
C ALA W 115 -41.50 -44.75 -0.23
N ARG W 116 -40.26 -45.17 0.13
CA ARG W 116 -39.42 -46.09 -0.61
C ARG W 116 -40.07 -47.44 -0.79
N ARG W 117 -40.74 -47.96 0.28
CA ARG W 117 -41.49 -49.19 0.26
C ARG W 117 -42.71 -49.14 -0.62
N LYS W 118 -43.53 -48.07 -0.53
CA LYS W 118 -44.69 -47.86 -1.37
C LYS W 118 -44.33 -47.68 -2.83
N HIS W 119 -43.21 -46.97 -3.08
CA HIS W 119 -42.78 -46.42 -4.34
C HIS W 119 -43.81 -45.45 -4.84
N THR W 120 -44.14 -44.45 -3.98
CA THR W 120 -45.02 -43.37 -4.32
C THR W 120 -44.23 -42.17 -3.90
N GLY W 121 -43.96 -41.26 -4.87
CA GLY W 121 -43.24 -40.03 -4.63
C GLY W 121 -44.23 -38.93 -4.45
N GLY W 122 -43.74 -37.68 -4.46
CA GLY W 122 -44.62 -36.55 -4.33
C GLY W 122 -43.79 -35.32 -4.21
N LYS W 123 -44.10 -34.49 -3.18
CA LYS W 123 -43.45 -33.22 -2.93
C LYS W 123 -42.74 -33.28 -1.60
N ILE W 124 -41.51 -32.74 -1.52
CA ILE W 124 -40.70 -32.82 -0.32
C ILE W 124 -41.08 -31.65 0.56
N LEU W 125 -41.40 -31.92 1.85
CA LEU W 125 -41.77 -30.89 2.81
C LEU W 125 -40.55 -30.39 3.51
N GLY W 126 -39.74 -31.31 4.07
CA GLY W 126 -38.63 -30.93 4.90
C GLY W 126 -37.93 -32.18 5.32
N PHE W 127 -37.20 -32.09 6.46
CA PHE W 127 -36.43 -33.18 6.98
C PHE W 127 -36.20 -32.90 8.45
N PHE W 128 -35.63 -33.88 9.16
CA PHE W 128 -35.19 -33.72 10.53
C PHE W 128 -34.27 -34.88 10.82
N PHE W 129 -33.51 -34.78 11.93
CA PHE W 129 -32.60 -35.82 12.34
C PHE W 129 -32.17 -35.59 13.79
N MET X 1 -22.15 -44.71 22.01
CA MET X 1 -22.74 -44.81 20.65
C MET X 1 -22.57 -46.20 20.12
N GLN X 2 -23.67 -46.99 20.12
CA GLN X 2 -23.67 -48.35 19.64
C GLN X 2 -23.55 -48.44 18.14
N SER X 3 -23.07 -49.60 17.66
CA SER X 3 -23.08 -49.99 16.27
C SER X 3 -23.70 -51.35 16.26
N ASN X 4 -24.31 -51.75 15.11
CA ASN X 4 -24.95 -53.04 14.93
C ASN X 4 -26.06 -53.26 15.94
N ALA X 5 -26.20 -54.50 16.47
CA ALA X 5 -27.21 -54.89 17.41
C ALA X 5 -26.91 -54.40 18.81
N GLY X 6 -25.64 -54.06 19.11
CA GLY X 6 -25.31 -53.53 20.41
C GLY X 6 -23.85 -53.66 20.66
N GLU X 7 -23.02 -53.72 19.59
CA GLU X 7 -21.58 -53.66 19.67
C GLU X 7 -21.19 -52.27 20.12
N PHE X 8 -20.09 -52.15 20.89
CA PHE X 8 -19.64 -50.90 21.43
C PHE X 8 -18.56 -50.37 20.53
N VAL X 9 -18.80 -49.18 19.95
CA VAL X 9 -17.83 -48.46 19.13
C VAL X 9 -16.74 -47.90 20.01
N ASP X 10 -17.11 -47.35 21.19
CA ASP X 10 -17.05 -45.92 21.36
C ASP X 10 -16.16 -45.69 22.55
N LEU X 11 -15.57 -44.48 22.65
CA LEU X 11 -14.53 -44.19 23.62
C LEU X 11 -15.09 -44.14 25.03
N TYR X 12 -16.27 -43.49 25.19
CA TYR X 12 -17.00 -43.48 26.44
C TYR X 12 -18.41 -43.07 26.10
N VAL X 13 -19.32 -43.13 27.10
CA VAL X 13 -20.70 -42.71 26.97
C VAL X 13 -20.82 -41.44 27.80
N PRO X 14 -21.18 -40.27 27.26
CA PRO X 14 -21.14 -39.00 27.97
C PRO X 14 -22.34 -38.86 28.89
N ARG X 15 -22.29 -37.87 29.81
CA ARG X 15 -23.41 -37.46 30.63
C ARG X 15 -24.44 -36.72 29.81
N LYS X 16 -25.68 -36.70 30.33
CA LYS X 16 -26.84 -36.09 29.72
C LYS X 16 -27.33 -35.10 30.74
N CYS X 17 -28.42 -34.38 30.42
CA CYS X 17 -29.05 -33.44 31.31
C CYS X 17 -30.51 -33.66 31.12
N SER X 18 -31.32 -33.07 32.02
CA SER X 18 -32.76 -33.25 32.03
C SER X 18 -33.37 -31.91 32.36
N ALA X 19 -32.56 -30.83 32.33
CA ALA X 19 -33.01 -29.48 32.54
C ALA X 19 -33.11 -28.78 31.22
N SER X 20 -32.70 -29.45 30.12
CA SER X 20 -32.74 -28.88 28.80
C SER X 20 -32.55 -29.98 27.79
N ASN X 21 -32.29 -31.24 28.27
CA ASN X 21 -32.16 -32.44 27.47
C ASN X 21 -31.06 -32.29 26.47
N ARG X 22 -29.83 -31.99 26.95
CA ARG X 22 -28.70 -31.79 26.09
C ARG X 22 -27.50 -32.35 26.78
N ILE X 23 -26.69 -33.10 26.00
CA ILE X 23 -25.51 -33.79 26.45
C ILE X 23 -24.45 -32.85 26.94
N ILE X 24 -23.70 -33.31 27.96
CA ILE X 24 -22.46 -32.72 28.37
C ILE X 24 -21.39 -33.39 27.56
N GLY X 25 -20.68 -32.59 26.74
CA GLY X 25 -19.63 -33.05 25.87
C GLY X 25 -18.32 -32.91 26.59
N ALA X 26 -17.23 -32.70 25.84
CA ALA X 26 -16.26 -33.76 25.69
C ALA X 26 -15.12 -33.54 26.65
N LYS X 27 -15.03 -32.32 27.23
CA LYS X 27 -14.01 -31.96 28.19
C LYS X 27 -14.41 -30.60 28.73
N ASP X 28 -15.57 -30.06 28.24
CA ASP X 28 -16.15 -28.75 28.49
C ASP X 28 -16.06 -28.21 29.90
N HIS X 29 -16.08 -26.86 30.00
CA HIS X 29 -15.94 -26.13 31.23
C HIS X 29 -17.31 -25.78 31.71
N ALA X 30 -17.45 -25.64 33.05
CA ALA X 30 -18.68 -25.32 33.74
C ALA X 30 -19.64 -26.47 33.65
N SER X 31 -19.10 -27.71 33.77
CA SER X 31 -19.85 -28.93 33.66
C SER X 31 -19.45 -29.74 34.85
N ILE X 32 -20.42 -29.95 35.76
CA ILE X 32 -20.25 -30.56 37.05
C ILE X 32 -21.62 -31.03 37.42
N PRO X 33 -21.80 -31.94 38.37
CA PRO X 33 -23.13 -32.36 38.74
C PRO X 33 -23.46 -31.62 40.02
N MET X 34 -24.15 -32.25 40.99
CA MET X 34 -24.47 -31.61 42.25
C MET X 34 -25.06 -32.72 43.06
N ASN X 35 -24.23 -33.32 43.94
CA ASN X 35 -24.65 -34.32 44.89
C ASN X 35 -25.31 -33.65 46.05
N VAL X 36 -26.64 -33.82 46.18
CA VAL X 36 -27.36 -33.50 47.40
C VAL X 36 -27.42 -34.77 48.20
N ALA X 37 -27.04 -34.71 49.50
CA ALA X 37 -27.17 -35.81 50.44
C ALA X 37 -28.61 -36.16 50.67
N GLU X 38 -28.93 -37.46 50.81
CA GLU X 38 -30.21 -37.87 51.36
C GLU X 38 -30.09 -37.88 52.85
N VAL X 39 -31.25 -37.70 53.53
CA VAL X 39 -31.38 -37.86 54.95
C VAL X 39 -32.40 -38.96 55.04
N ASP X 40 -32.33 -39.85 56.06
CA ASP X 40 -33.16 -41.04 56.12
C ASP X 40 -34.57 -40.70 56.56
N LYS X 41 -34.76 -39.48 57.13
CA LYS X 41 -35.98 -38.95 57.71
C LYS X 41 -36.34 -39.61 59.01
N VAL X 42 -36.99 -38.82 59.90
CA VAL X 42 -37.86 -39.23 60.99
C VAL X 42 -37.02 -39.32 62.23
N THR X 43 -35.79 -39.88 62.12
CA THR X 43 -34.81 -39.93 63.18
C THR X 43 -33.70 -38.97 62.86
N GLY X 44 -33.76 -38.31 61.67
CA GLY X 44 -32.72 -37.42 61.19
C GLY X 44 -31.43 -38.13 60.89
N ARG X 45 -30.39 -37.33 60.57
CA ARG X 45 -29.00 -37.74 60.42
C ARG X 45 -28.80 -38.40 59.09
N PHE X 46 -27.97 -37.77 58.23
CA PHE X 46 -27.67 -38.18 56.88
C PHE X 46 -27.39 -39.64 56.66
N ASN X 47 -28.08 -40.24 55.67
CA ASN X 47 -27.85 -41.60 55.27
C ASN X 47 -27.67 -41.41 53.79
N GLY X 48 -26.51 -41.91 53.25
CA GLY X 48 -26.09 -41.91 51.85
C GLY X 48 -26.71 -40.84 50.98
N GLN X 49 -27.49 -41.23 49.96
CA GLN X 49 -27.09 -42.18 48.96
C GLN X 49 -27.27 -41.45 47.67
N SER X 50 -26.44 -40.40 47.47
CA SER X 50 -26.62 -39.15 46.74
C SER X 50 -27.70 -39.08 45.69
N LYS X 51 -28.40 -37.92 45.66
CA LYS X 51 -29.17 -37.51 44.51
C LYS X 51 -28.33 -36.58 43.72
N THR X 52 -28.17 -36.89 42.42
CA THR X 52 -27.21 -36.23 41.56
C THR X 52 -28.02 -35.72 40.40
N TYR X 53 -27.67 -34.49 39.97
CA TYR X 53 -28.32 -33.76 38.93
C TYR X 53 -27.16 -33.33 38.10
N ALA X 54 -27.31 -33.26 36.76
CA ALA X 54 -26.21 -32.93 35.88
C ALA X 54 -26.52 -31.62 35.25
N ILE X 55 -25.52 -30.71 35.37
CA ILE X 55 -25.60 -29.33 35.02
C ILE X 55 -24.62 -29.16 33.90
N CYS X 56 -25.04 -28.50 32.80
CA CYS X 56 -24.22 -28.32 31.62
C CYS X 56 -23.84 -26.86 31.55
N GLY X 57 -22.77 -26.58 30.77
CA GLY X 57 -22.28 -25.28 30.37
C GLY X 57 -23.35 -24.32 29.95
N ALA X 58 -24.25 -24.80 29.04
CA ALA X 58 -25.35 -24.08 28.43
C ALA X 58 -26.26 -23.43 29.43
N ILE X 59 -26.92 -24.21 30.31
CA ILE X 59 -27.84 -23.72 31.33
C ILE X 59 -27.21 -22.66 32.22
N ARG X 60 -25.96 -22.90 32.70
CA ARG X 60 -25.24 -22.00 33.59
C ARG X 60 -24.97 -20.65 32.99
N ARG X 61 -24.55 -20.59 31.70
CA ARG X 61 -24.23 -19.33 31.06
C ARG X 61 -25.46 -18.54 30.70
N MET X 62 -26.65 -19.21 30.62
CA MET X 62 -27.90 -18.57 30.32
C MET X 62 -28.65 -18.26 31.58
N GLY X 63 -28.00 -18.48 32.76
CA GLY X 63 -28.53 -18.21 34.09
C GLY X 63 -29.88 -18.79 34.35
N GLU X 64 -30.04 -20.12 34.15
CA GLU X 64 -31.26 -20.85 34.32
C GLU X 64 -31.17 -21.57 35.64
N SER X 65 -30.07 -22.35 35.79
CA SER X 65 -29.68 -23.34 36.78
C SER X 65 -30.30 -23.34 38.16
N ASP X 66 -30.59 -22.17 38.77
CA ASP X 66 -31.12 -22.04 40.11
C ASP X 66 -32.48 -22.68 40.17
N ASP X 67 -33.39 -22.27 39.24
CA ASP X 67 -34.77 -22.67 39.19
C ASP X 67 -34.80 -24.15 38.86
N SER X 68 -34.03 -24.56 37.81
CA SER X 68 -33.95 -25.90 37.27
C SER X 68 -33.75 -27.00 38.30
N ILE X 69 -32.71 -26.86 39.16
CA ILE X 69 -32.39 -27.71 40.30
C ILE X 69 -33.55 -27.97 41.22
N LEU X 70 -34.42 -26.96 41.47
CA LEU X 70 -35.58 -27.10 42.32
C LEU X 70 -36.63 -27.94 41.66
N ARG X 71 -36.93 -27.69 40.36
CA ARG X 71 -37.85 -28.50 39.57
C ARG X 71 -37.48 -29.97 39.56
N LEU X 72 -36.17 -30.27 39.34
CA LEU X 72 -35.60 -31.60 39.33
C LEU X 72 -35.68 -32.29 40.65
N ALA X 73 -35.48 -31.54 41.77
CA ALA X 73 -35.37 -32.07 43.10
C ALA X 73 -36.73 -32.37 43.65
N LYS X 74 -37.70 -31.46 43.42
CA LYS X 74 -39.06 -31.54 43.89
C LYS X 74 -39.77 -32.70 43.24
N SER X 75 -39.72 -32.77 41.88
CA SER X 75 -40.35 -33.79 41.06
C SER X 75 -40.07 -35.23 41.43
N HIS X 76 -38.90 -35.53 42.05
CA HIS X 76 -38.51 -36.89 42.39
C HIS X 76 -38.33 -37.00 43.87
N GLY X 77 -38.58 -35.90 44.62
CA GLY X 77 -38.45 -35.82 46.05
C GLY X 77 -37.01 -35.80 46.49
N ILE X 78 -36.73 -35.52 47.79
CA ILE X 78 -37.68 -35.17 48.81
C ILE X 78 -36.95 -34.19 49.68
N VAL X 79 -37.66 -33.10 50.06
CA VAL X 79 -37.12 -32.03 50.83
C VAL X 79 -38.29 -31.56 51.64
N SER X 80 -38.06 -31.27 52.94
CA SER X 80 -39.06 -30.83 53.87
C SER X 80 -39.61 -29.49 53.50
N GLN X 81 -40.94 -29.33 53.69
CA GLN X 81 -41.70 -28.13 53.42
C GLN X 81 -41.89 -27.96 51.92
N ASN X 82 -41.70 -29.05 51.15
CA ASN X 82 -42.74 -29.58 50.31
C ASN X 82 -43.31 -30.79 51.04
N GLY Y 1 25.94 -36.97 24.70
CA GLY Y 1 24.65 -37.66 24.97
C GLY Y 1 23.75 -36.80 25.81
N LYS Y 2 22.47 -37.23 25.91
CA LYS Y 2 21.47 -36.51 26.67
C LYS Y 2 20.40 -37.51 27.00
N ALA Y 3 19.66 -37.29 28.10
CA ALA Y 3 18.63 -38.20 28.55
C ALA Y 3 17.61 -37.38 29.27
N GLY Y 4 16.33 -37.83 29.22
CA GLY Y 4 15.20 -37.14 29.81
C GLY Y 4 15.06 -37.52 31.25
N ASP Y 5 14.02 -36.94 31.91
CA ASP Y 5 13.67 -37.18 33.30
C ASP Y 5 12.20 -36.83 33.39
N LYS Y 6 11.56 -37.24 34.51
CA LYS Y 6 10.17 -36.98 34.75
C LYS Y 6 10.03 -36.86 36.24
N GLU Y 7 9.11 -35.98 36.70
CA GLU Y 7 8.85 -35.74 38.08
C GLU Y 7 7.39 -35.39 38.14
N TRP Y 8 6.72 -35.77 39.26
CA TRP Y 8 5.32 -35.54 39.48
C TRP Y 8 5.23 -34.57 40.61
N LEU Y 9 4.43 -33.50 40.43
CA LEU Y 9 4.10 -32.58 41.49
C LEU Y 9 2.60 -32.38 41.43
N PRO Y 10 1.81 -32.77 42.44
CA PRO Y 10 0.38 -32.55 42.40
C PRO Y 10 0.13 -31.22 43.06
N VAL Y 11 -0.89 -30.46 42.57
CA VAL Y 11 -1.43 -29.32 43.27
C VAL Y 11 -2.92 -29.50 43.36
N THR Y 12 -3.43 -30.69 43.01
CA THR Y 12 -4.84 -30.90 42.78
C THR Y 12 -5.09 -32.37 43.01
N LYS Y 13 -6.38 -32.71 43.25
CA LYS Y 13 -6.85 -34.03 43.59
C LYS Y 13 -6.61 -35.00 42.46
N LEU Y 14 -6.83 -34.54 41.21
CA LEU Y 14 -6.70 -35.32 40.00
C LEU Y 14 -5.33 -35.90 39.77
N GLY Y 15 -4.24 -35.17 40.10
CA GLY Y 15 -2.89 -35.63 39.87
C GLY Y 15 -2.55 -36.81 40.74
N ARG Y 16 -2.99 -36.74 42.02
CA ARG Y 16 -2.78 -37.75 43.02
C ARG Y 16 -3.47 -39.04 42.70
N LEU Y 17 -4.73 -38.97 42.19
CA LEU Y 17 -5.49 -40.13 41.82
C LEU Y 17 -4.92 -40.86 40.64
N VAL Y 18 -4.36 -40.11 39.66
CA VAL Y 18 -3.79 -40.70 38.47
C VAL Y 18 -2.56 -41.50 38.81
N LYS Y 19 -1.61 -40.95 39.63
CA LYS Y 19 -0.41 -41.65 40.00
C LYS Y 19 -0.66 -42.85 40.88
N ASP Y 20 -1.68 -42.75 41.78
CA ASP Y 20 -2.11 -43.84 42.64
C ASP Y 20 -2.89 -44.90 41.90
N MET Y 21 -3.30 -44.64 40.64
CA MET Y 21 -4.02 -45.53 39.77
C MET Y 21 -5.38 -45.85 40.35
N LYS Y 22 -6.15 -44.78 40.62
CA LYS Y 22 -7.57 -44.86 40.86
C LYS Y 22 -8.26 -44.30 39.65
N ILE Y 23 -7.48 -43.70 38.72
CA ILE Y 23 -7.90 -43.32 37.41
C ILE Y 23 -6.89 -44.03 36.55
N LYS Y 24 -7.36 -44.73 35.50
CA LYS Y 24 -6.54 -45.57 34.67
C LYS Y 24 -6.56 -45.07 33.24
N SER Y 25 -7.38 -44.03 32.92
CA SER Y 25 -7.41 -43.52 31.57
C SER Y 25 -7.96 -42.13 31.58
N LEU Y 26 -7.72 -41.41 30.46
CA LEU Y 26 -8.15 -40.05 30.22
C LEU Y 26 -9.64 -40.00 30.00
N GLU Y 27 -10.24 -41.15 29.60
CA GLU Y 27 -11.62 -41.26 29.17
C GLU Y 27 -12.56 -40.96 30.31
N GLU Y 28 -12.19 -41.42 31.52
CA GLU Y 28 -12.89 -41.15 32.76
C GLU Y 28 -13.00 -39.68 33.05
N ILE Y 29 -11.86 -38.97 32.92
CA ILE Y 29 -11.71 -37.53 33.12
C ILE Y 29 -12.56 -36.76 32.15
N TYR Y 30 -12.54 -37.16 30.85
CA TYR Y 30 -13.30 -36.55 29.78
C TYR Y 30 -14.80 -36.63 29.99
N LEU Y 31 -15.26 -37.78 30.53
CA LEU Y 31 -16.64 -38.11 30.79
C LEU Y 31 -17.18 -37.21 31.88
N PHE Y 32 -16.39 -37.01 32.94
CA PHE Y 32 -16.74 -36.17 34.08
C PHE Y 32 -16.60 -34.71 33.73
N SER Y 33 -15.86 -34.42 32.63
CA SER Y 33 -15.61 -33.10 32.08
C SER Y 33 -14.90 -32.22 33.06
N LEU Y 34 -13.71 -32.69 33.51
CA LEU Y 34 -12.88 -32.00 34.47
C LEU Y 34 -11.63 -31.63 33.72
N PRO Y 35 -11.00 -30.48 34.00
CA PRO Y 35 -9.81 -30.03 33.30
C PRO Y 35 -8.61 -30.86 33.66
N ILE Y 36 -7.56 -30.80 32.80
CA ILE Y 36 -6.31 -31.48 33.01
C ILE Y 36 -5.31 -30.35 32.92
N LYS Y 37 -4.56 -30.13 34.02
CA LYS Y 37 -3.63 -29.03 34.15
C LYS Y 37 -2.26 -29.58 34.40
N GLU Y 38 -2.08 -30.92 34.28
CA GLU Y 38 -0.80 -31.55 34.45
C GLU Y 38 -0.55 -32.46 33.29
N SER Y 39 0.61 -32.23 32.61
CA SER Y 39 1.05 -32.94 31.43
C SER Y 39 1.37 -34.39 31.72
N GLU Y 40 1.75 -34.66 32.99
CA GLU Y 40 2.18 -35.95 33.49
C GLU Y 40 1.10 -36.97 33.40
N ILE Y 41 -0.19 -36.57 33.54
CA ILE Y 41 -1.33 -37.44 33.46
C ILE Y 41 -1.42 -38.08 32.09
N ILE Y 42 -1.27 -37.26 31.01
CA ILE Y 42 -1.29 -37.73 29.64
C ILE Y 42 -0.10 -38.61 29.37
N ASP Y 43 1.10 -38.23 29.90
CA ASP Y 43 2.32 -39.01 29.78
C ASP Y 43 2.24 -40.36 30.42
N PHE Y 44 1.56 -40.45 31.59
CA PHE Y 44 1.45 -41.66 32.37
C PHE Y 44 0.53 -42.67 31.73
N PHE Y 45 -0.66 -42.22 31.27
CA PHE Y 45 -1.61 -43.08 30.61
C PHE Y 45 -1.21 -43.46 29.20
N LEU Y 46 -0.44 -42.59 28.51
CA LEU Y 46 0.06 -42.87 27.19
C LEU Y 46 1.54 -42.71 27.28
N GLY Y 47 2.12 -41.66 26.65
CA GLY Y 47 3.54 -41.36 26.69
C GLY Y 47 4.29 -42.21 25.69
N ALA Y 48 3.54 -42.98 24.87
CA ALA Y 48 4.08 -43.74 23.79
C ALA Y 48 3.02 -43.72 22.74
N ALA Y 49 3.47 -43.71 21.46
CA ALA Y 49 2.63 -43.63 20.28
C ALA Y 49 1.99 -42.27 20.21
N LEU Y 50 2.77 -41.22 20.56
CA LEU Y 50 2.34 -39.85 20.52
C LEU Y 50 3.31 -39.21 19.57
N LYS Y 51 2.77 -38.72 18.45
CA LYS Y 51 3.55 -38.16 17.38
C LYS Y 51 3.27 -36.70 17.44
N ASP Y 52 4.34 -35.88 17.38
CA ASP Y 52 4.24 -34.44 17.42
C ASP Y 52 4.68 -34.00 16.06
N LYS Y 53 3.81 -33.23 15.39
CA LYS Y 53 4.03 -32.69 14.08
C LYS Y 53 4.01 -31.21 14.27
N VAL Y 54 5.07 -30.51 13.78
CA VAL Y 54 5.12 -29.08 13.81
C VAL Y 54 4.50 -28.69 12.50
N LEU Y 55 3.40 -27.91 12.55
CA LEU Y 55 2.64 -27.55 11.39
C LEU Y 55 3.26 -26.36 10.71
N LYS Y 56 3.87 -25.44 11.50
CA LYS Y 56 4.56 -24.31 10.94
C LYS Y 56 5.38 -23.70 12.04
N ILE Y 57 6.40 -22.90 11.66
CA ILE Y 57 7.47 -22.43 12.50
C ILE Y 57 7.51 -20.93 12.36
N MET Y 58 6.47 -20.35 11.71
CA MET Y 58 6.46 -19.03 11.13
C MET Y 58 6.74 -17.92 12.11
N PRO Y 59 7.53 -16.89 11.81
CA PRO Y 59 7.78 -15.84 12.76
C PRO Y 59 6.70 -14.80 12.60
N VAL Y 60 6.55 -13.93 13.62
CA VAL Y 60 5.68 -12.79 13.55
C VAL Y 60 6.52 -11.71 14.20
N GLN Y 61 5.96 -10.48 14.37
CA GLN Y 61 6.67 -9.51 15.16
C GLN Y 61 5.81 -8.36 15.55
N LYS Y 62 6.41 -7.52 16.42
CA LYS Y 62 5.88 -6.27 16.89
C LYS Y 62 7.08 -5.36 16.85
N GLN Y 63 6.84 -4.03 16.81
CA GLN Y 63 7.89 -3.04 16.75
C GLN Y 63 8.13 -2.61 18.17
N THR Y 64 9.41 -2.66 18.62
CA THR Y 64 9.82 -2.15 19.92
C THR Y 64 10.18 -0.69 19.74
N GLN Y 65 10.51 -0.02 20.87
CA GLN Y 65 10.86 1.38 20.94
C GLN Y 65 12.06 1.79 20.11
N ALA Y 66 13.13 0.96 20.07
CA ALA Y 66 14.29 1.22 19.25
C ALA Y 66 14.51 0.08 18.32
N GLY Y 67 14.39 0.37 17.00
CA GLY Y 67 14.30 -0.59 15.92
C GLY Y 67 13.28 -1.66 16.11
N GLN Y 68 13.47 -2.80 15.39
CA GLN Y 68 12.53 -3.88 15.29
C GLN Y 68 12.69 -4.80 16.46
N ARG Y 69 11.80 -5.81 16.56
CA ARG Y 69 11.89 -6.91 17.47
C ARG Y 69 11.22 -8.00 16.68
N THR Y 70 11.58 -9.29 16.92
CA THR Y 70 10.99 -10.39 16.20
C THR Y 70 11.03 -11.59 17.10
N ARG Y 71 10.08 -12.52 16.90
CA ARG Y 71 9.95 -13.72 17.71
C ARG Y 71 9.35 -14.78 16.83
N PHE Y 72 9.45 -16.05 17.27
CA PHE Y 72 8.98 -17.21 16.55
C PHE Y 72 7.70 -17.68 17.16
N LYS Y 73 6.71 -17.97 16.29
CA LYS Y 73 5.41 -18.49 16.65
C LYS Y 73 5.36 -19.87 16.09
N ALA Y 74 5.14 -20.89 16.95
CA ALA Y 74 5.10 -22.27 16.55
C ALA Y 74 3.74 -22.85 16.81
N PHE Y 75 3.28 -23.72 15.88
CA PHE Y 75 2.07 -24.48 15.97
C PHE Y 75 2.49 -25.92 16.02
N VAL Y 76 2.12 -26.66 17.08
CA VAL Y 76 2.42 -28.07 17.17
C VAL Y 76 1.10 -28.73 17.36
N ALA Y 77 0.93 -29.92 16.74
CA ALA Y 77 -0.23 -30.76 16.88
C ALA Y 77 0.30 -32.05 17.39
N ILE Y 78 -0.48 -32.74 18.25
CA ILE Y 78 -0.09 -33.99 18.84
C ILE Y 78 -1.26 -34.91 18.71
N GLY Y 79 -1.00 -36.23 18.66
CA GLY Y 79 -2.07 -37.17 18.72
C GLY Y 79 -1.52 -38.54 18.53
N ASP Y 80 -2.22 -39.51 19.16
CA ASP Y 80 -2.12 -40.91 18.86
C ASP Y 80 -2.96 -41.20 17.65
N TYR Y 81 -2.87 -42.43 17.12
CA TYR Y 81 -3.75 -42.93 16.11
C TYR Y 81 -4.72 -43.88 16.76
N ASN Y 82 -5.52 -43.35 17.72
CA ASN Y 82 -6.53 -44.13 18.41
C ASN Y 82 -7.68 -43.22 18.81
N GLY Y 83 -7.67 -41.94 18.37
CA GLY Y 83 -8.85 -41.11 18.43
C GLY Y 83 -8.70 -39.99 19.41
N HIS Y 84 -7.46 -39.62 19.78
CA HIS Y 84 -7.19 -38.56 20.71
C HIS Y 84 -6.21 -37.64 20.04
N VAL Y 85 -6.42 -36.31 20.14
CA VAL Y 85 -5.59 -35.33 19.46
C VAL Y 85 -5.62 -34.06 20.27
N GLY Y 86 -4.59 -33.21 20.06
CA GLY Y 86 -4.45 -31.93 20.73
C GLY Y 86 -3.79 -31.01 19.76
N LEU Y 87 -3.86 -29.68 20.05
CA LEU Y 87 -3.25 -28.64 19.26
C LEU Y 87 -2.77 -27.64 20.26
N GLY Y 88 -1.54 -27.09 20.07
CA GLY Y 88 -0.97 -26.13 20.99
C GLY Y 88 -0.17 -25.15 20.21
N MET Y 89 -0.34 -23.86 20.54
CA MET Y 89 0.37 -22.75 19.95
C MET Y 89 1.16 -22.13 21.06
N LYS Y 90 2.44 -21.80 20.80
CA LYS Y 90 3.26 -21.11 21.75
C LYS Y 90 4.12 -20.20 20.93
N CYS Y 91 4.48 -19.03 21.49
CA CYS Y 91 5.34 -18.07 20.87
C CYS Y 91 6.43 -17.79 21.85
N SER Y 92 7.70 -17.88 21.38
CA SER Y 92 8.85 -17.70 22.24
C SER Y 92 9.89 -17.03 21.40
N LYS Y 93 11.01 -16.66 22.06
CA LYS Y 93 12.10 -15.91 21.50
C LYS Y 93 12.85 -16.62 20.39
N GLU Y 94 13.06 -17.96 20.51
CA GLU Y 94 13.78 -18.74 19.53
C GLU Y 94 12.88 -19.84 19.06
N VAL Y 95 13.25 -20.44 17.89
CA VAL Y 95 12.50 -21.47 17.18
C VAL Y 95 12.33 -22.69 18.05
N ALA Y 96 13.45 -23.15 18.66
CA ALA Y 96 13.54 -24.34 19.47
C ALA Y 96 12.64 -24.27 20.67
N THR Y 97 12.65 -23.11 21.37
CA THR Y 97 11.92 -22.84 22.58
C THR Y 97 10.44 -22.82 22.32
N ALA Y 98 10.04 -22.22 21.17
CA ALA Y 98 8.66 -22.09 20.74
C ALA Y 98 8.02 -23.42 20.52
N ILE Y 99 8.76 -24.37 19.89
CA ILE Y 99 8.31 -25.72 19.65
C ILE Y 99 8.26 -26.51 20.94
N ARG Y 100 9.27 -26.34 21.83
CA ARG Y 100 9.35 -27.07 23.09
C ARG Y 100 8.17 -26.79 23.99
N GLY Y 101 7.75 -25.51 24.09
CA GLY Y 101 6.59 -25.10 24.87
C GLY Y 101 5.31 -25.58 24.25
N ALA Y 102 5.23 -25.50 22.90
CA ALA Y 102 4.09 -25.86 22.08
C ALA Y 102 3.70 -27.30 22.28
N ILE Y 103 4.69 -28.22 22.39
CA ILE Y 103 4.49 -29.65 22.62
C ILE Y 103 3.77 -29.88 23.93
N ILE Y 104 4.21 -29.20 25.02
CA ILE Y 104 3.66 -29.31 26.35
C ILE Y 104 2.21 -28.86 26.35
N LEU Y 105 1.94 -27.70 25.68
CA LEU Y 105 0.63 -27.12 25.53
C LEU Y 105 -0.30 -28.03 24.76
N ALA Y 106 0.22 -28.68 23.69
CA ALA Y 106 -0.50 -29.60 22.84
C ALA Y 106 -1.00 -30.81 23.61
N LYS Y 107 -0.13 -31.36 24.50
CA LYS Y 107 -0.44 -32.54 25.30
C LYS Y 107 -1.56 -32.27 26.27
N LEU Y 108 -1.55 -31.06 26.88
CA LEU Y 108 -2.47 -30.64 27.90
C LEU Y 108 -3.90 -30.56 27.43
N SER Y 109 -4.06 -30.07 26.17
CA SER Y 109 -5.31 -29.79 25.51
C SER Y 109 -5.97 -30.99 24.90
N ILE Y 110 -5.37 -32.21 25.03
CA ILE Y 110 -5.79 -33.43 24.36
C ILE Y 110 -7.26 -33.74 24.61
N VAL Y 111 -8.03 -33.98 23.52
CA VAL Y 111 -9.46 -34.11 23.56
C VAL Y 111 -9.85 -35.34 22.76
N PRO Y 112 -10.83 -36.14 23.22
CA PRO Y 112 -11.39 -37.24 22.46
C PRO Y 112 -12.12 -36.76 21.22
N VAL Y 113 -11.96 -37.46 20.08
CA VAL Y 113 -12.74 -37.21 18.91
C VAL Y 113 -13.44 -38.52 18.65
N ARG Y 114 -14.79 -38.47 18.61
CA ARG Y 114 -15.66 -39.58 18.32
C ARG Y 114 -15.43 -40.09 16.91
N ARG Y 115 -15.43 -41.44 16.74
CA ARG Y 115 -15.21 -42.07 15.47
C ARG Y 115 -16.40 -42.94 15.21
N GLY Y 116 -16.87 -42.95 13.94
CA GLY Y 116 -18.13 -43.52 13.57
C GLY Y 116 -17.94 -44.14 12.22
N TYR Y 117 -19.04 -44.24 11.45
CA TYR Y 117 -19.03 -44.94 10.19
C TYR Y 117 -19.82 -44.15 9.19
N TRP Y 118 -19.57 -44.48 7.90
CA TRP Y 118 -20.21 -43.90 6.75
C TRP Y 118 -21.63 -44.40 6.66
N GLY Y 119 -21.82 -45.71 6.95
CA GLY Y 119 -23.08 -46.37 6.80
C GLY Y 119 -22.94 -47.76 7.35
N ASN Y 120 -21.68 -48.16 7.65
CA ASN Y 120 -21.31 -49.48 8.09
C ASN Y 120 -21.49 -49.54 9.59
N LYS Y 121 -21.18 -50.71 10.19
CA LYS Y 121 -21.68 -51.05 11.49
C LYS Y 121 -20.99 -52.31 11.92
N ILE Y 122 -20.12 -52.85 11.05
CA ILE Y 122 -19.34 -54.03 11.28
C ILE Y 122 -17.98 -53.69 10.76
N GLY Y 123 -16.93 -54.12 11.51
CA GLY Y 123 -15.56 -54.01 11.06
C GLY Y 123 -14.93 -52.71 11.45
N LYS Y 124 -15.58 -51.94 12.37
CA LYS Y 124 -14.91 -51.06 13.30
C LYS Y 124 -14.68 -49.70 12.66
N PRO Y 125 -14.67 -48.55 13.36
CA PRO Y 125 -14.98 -47.26 12.76
C PRO Y 125 -13.83 -46.80 11.92
N HIS Y 126 -14.13 -46.22 10.74
CA HIS Y 126 -13.14 -45.79 9.79
C HIS Y 126 -13.28 -44.33 9.46
N THR Y 127 -14.29 -43.64 10.04
CA THR Y 127 -14.57 -42.27 9.67
C THR Y 127 -15.30 -41.67 10.85
N VAL Y 128 -16.37 -40.86 10.62
CA VAL Y 128 -17.16 -40.18 11.61
C VAL Y 128 -18.58 -40.56 11.33
N ARG Y 129 -19.47 -40.37 12.32
CA ARG Y 129 -20.85 -40.76 12.21
C ARG Y 129 -21.70 -39.60 11.76
N CYS Y 130 -21.10 -38.38 11.72
CA CYS Y 130 -21.84 -37.19 11.41
C CYS Y 130 -20.88 -36.23 10.78
N LYS Y 131 -21.41 -35.37 9.87
CA LYS Y 131 -20.63 -34.38 9.17
C LYS Y 131 -20.56 -33.20 10.10
N VAL Y 132 -19.32 -32.70 10.28
CA VAL Y 132 -19.00 -31.73 11.31
C VAL Y 132 -18.23 -30.62 10.66
N THR Y 133 -18.55 -29.36 11.05
CA THR Y 133 -17.97 -28.21 10.41
C THR Y 133 -17.44 -27.33 11.51
N GLY Y 134 -16.35 -26.57 11.20
CA GLY Y 134 -15.72 -25.70 12.15
C GLY Y 134 -15.28 -24.47 11.41
N ARG Y 135 -15.35 -23.28 12.06
CA ARG Y 135 -14.99 -22.03 11.43
C ARG Y 135 -13.94 -21.31 12.22
N CYS Y 136 -12.96 -20.69 11.50
CA CYS Y 136 -11.92 -19.91 12.11
C CYS Y 136 -11.59 -18.72 11.23
N GLY Y 137 -12.15 -17.54 11.57
CA GLY Y 137 -11.78 -16.27 10.96
C GLY Y 137 -12.38 -15.97 9.62
N SER Y 138 -13.26 -16.88 9.12
CA SER Y 138 -14.03 -16.85 7.89
C SER Y 138 -13.56 -17.98 7.01
N VAL Y 139 -12.80 -18.92 7.60
CA VAL Y 139 -12.41 -20.12 6.94
C VAL Y 139 -13.37 -21.07 7.56
N LEU Y 140 -13.87 -22.03 6.76
CA LEU Y 140 -14.81 -23.00 7.22
C LEU Y 140 -14.30 -24.22 6.57
N VAL Y 141 -14.19 -25.32 7.35
CA VAL Y 141 -13.80 -26.60 6.84
C VAL Y 141 -14.99 -27.43 7.19
N ARG Y 142 -15.45 -28.26 6.23
CA ARG Y 142 -16.55 -29.15 6.45
C ARG Y 142 -15.98 -30.50 6.20
N LEU Y 143 -16.14 -31.40 7.19
CA LEU Y 143 -15.71 -32.77 7.07
C LEU Y 143 -16.98 -33.51 6.78
N ILE Y 144 -16.92 -34.48 5.84
CA ILE Y 144 -18.06 -35.28 5.46
C ILE Y 144 -17.53 -36.69 5.56
N PRO Y 145 -18.21 -37.71 6.08
CA PRO Y 145 -17.71 -39.06 6.13
C PRO Y 145 -17.66 -39.65 4.74
N ALA Y 146 -16.72 -40.62 4.51
CA ALA Y 146 -16.51 -41.21 3.22
C ALA Y 146 -16.43 -42.69 3.47
N PRO Y 147 -16.73 -43.57 2.50
CA PRO Y 147 -16.72 -45.01 2.69
C PRO Y 147 -15.31 -45.49 2.63
N ARG Y 148 -15.08 -46.78 2.96
CA ARG Y 148 -13.80 -47.43 3.00
C ARG Y 148 -13.10 -47.47 1.67
N GLY Y 149 -11.76 -47.33 1.71
CA GLY Y 149 -10.87 -47.40 0.56
C GLY Y 149 -10.80 -46.13 -0.22
N THR Y 150 -11.55 -45.08 0.19
CA THR Y 150 -11.62 -43.80 -0.47
C THR Y 150 -10.37 -43.01 -0.15
N GLY Y 151 -9.92 -43.09 1.13
CA GLY Y 151 -8.77 -42.38 1.63
C GLY Y 151 -9.18 -40.99 2.03
N ILE Y 152 -8.23 -40.22 2.56
CA ILE Y 152 -8.48 -38.87 3.04
C ILE Y 152 -8.24 -37.98 1.85
N ILE Y 153 -9.30 -37.28 1.40
CA ILE Y 153 -9.27 -36.37 0.29
C ILE Y 153 -9.30 -35.01 0.89
N SER Y 154 -8.10 -34.44 1.16
CA SER Y 154 -7.97 -33.20 1.88
C SER Y 154 -6.62 -32.62 1.53
N ALA Y 155 -6.49 -31.29 1.80
CA ALA Y 155 -5.26 -30.54 1.69
C ALA Y 155 -4.29 -31.05 2.75
N PRO Y 156 -2.96 -31.03 2.57
CA PRO Y 156 -1.98 -31.63 3.47
C PRO Y 156 -2.15 -31.32 4.95
N VAL Y 157 -2.37 -30.05 5.34
CA VAL Y 157 -2.50 -29.64 6.73
C VAL Y 157 -3.73 -30.24 7.40
N PRO Y 158 -4.95 -30.27 6.83
CA PRO Y 158 -6.08 -30.95 7.45
C PRO Y 158 -5.95 -32.45 7.43
N LYS Y 159 -5.30 -33.02 6.38
CA LYS Y 159 -5.14 -34.45 6.21
C LYS Y 159 -4.36 -35.08 7.32
N LYS Y 160 -3.31 -34.40 7.82
CA LYS Y 160 -2.47 -34.83 8.92
C LYS Y 160 -3.24 -34.93 10.22
N LEU Y 161 -4.15 -33.96 10.46
CA LEU Y 161 -4.98 -33.90 11.64
C LEU Y 161 -5.99 -35.02 11.65
N LEU Y 162 -6.63 -35.26 10.47
CA LEU Y 162 -7.59 -36.32 10.24
C LEU Y 162 -6.98 -37.68 10.45
N LEU Y 163 -5.69 -37.84 10.06
CA LEU Y 163 -4.93 -39.07 10.17
C LEU Y 163 -4.81 -39.47 11.62
N MET Y 164 -4.37 -38.52 12.48
CA MET Y 164 -4.24 -38.68 13.91
C MET Y 164 -5.59 -38.94 14.56
N ALA Y 165 -6.65 -38.27 14.07
CA ALA Y 165 -8.02 -38.35 14.53
C ALA Y 165 -8.58 -39.75 14.42
N GLY Y 166 -8.09 -40.56 13.44
CA GLY Y 166 -8.50 -41.93 13.25
C GLY Y 166 -9.52 -42.00 12.17
N ILE Y 167 -9.68 -40.88 11.43
CA ILE Y 167 -10.52 -40.73 10.28
C ILE Y 167 -9.59 -41.04 9.15
N ASP Y 168 -9.78 -42.24 8.54
CA ASP Y 168 -8.96 -42.72 7.45
C ASP Y 168 -9.63 -42.48 6.13
N ASP Y 169 -10.89 -41.98 6.14
CA ASP Y 169 -11.67 -41.83 4.94
C ASP Y 169 -12.45 -40.58 5.18
N CYS Y 170 -12.29 -39.55 4.32
CA CYS Y 170 -13.01 -38.32 4.55
C CYS Y 170 -13.01 -37.54 3.27
N TYR Y 171 -14.15 -36.85 3.00
CA TYR Y 171 -14.28 -35.86 1.98
C TYR Y 171 -14.16 -34.56 2.71
N THR Y 172 -13.49 -33.54 2.13
CA THR Y 172 -13.51 -32.23 2.72
C THR Y 172 -13.82 -31.23 1.65
N SER Y 173 -14.38 -30.09 2.09
CA SER Y 173 -14.42 -28.90 1.30
C SER Y 173 -14.08 -27.82 2.28
N ALA Y 174 -13.16 -26.91 1.89
CA ALA Y 174 -12.79 -25.76 2.65
C ALA Y 174 -12.99 -24.56 1.78
N GLY Y 175 -13.61 -23.51 2.35
CA GLY Y 175 -13.95 -22.30 1.65
C GLY Y 175 -13.47 -21.18 2.51
N GLY Y 176 -13.10 -20.04 1.89
CA GLY Y 176 -12.60 -18.88 2.58
C GLY Y 176 -11.17 -18.70 2.20
N CYS Y 177 -10.41 -17.98 3.06
CA CYS Y 177 -8.99 -17.72 2.88
C CYS Y 177 -8.19 -19.01 2.91
N THR Y 178 -7.29 -19.18 1.91
CA THR Y 178 -6.52 -20.38 1.70
C THR Y 178 -5.05 -20.04 1.83
N ALA Y 179 -4.73 -18.78 2.19
CA ALA Y 179 -3.38 -18.30 2.32
C ALA Y 179 -2.90 -18.55 3.73
N THR Y 180 -3.84 -18.88 4.65
CA THR Y 180 -3.63 -18.80 6.07
C THR Y 180 -3.83 -20.20 6.55
N LEU Y 181 -2.93 -20.65 7.46
CA LEU Y 181 -2.59 -22.05 7.61
C LEU Y 181 -2.89 -22.35 9.05
N GLY Y 182 -2.62 -21.37 9.94
CA GLY Y 182 -2.90 -21.43 11.35
C GLY Y 182 -4.38 -21.49 11.61
N ASN Y 183 -5.15 -20.74 10.78
CA ASN Y 183 -6.59 -20.70 10.76
C ASN Y 183 -7.17 -21.99 10.24
N PHE Y 184 -6.55 -22.56 9.18
CA PHE Y 184 -7.01 -23.77 8.51
C PHE Y 184 -6.96 -24.97 9.42
N ALA Y 185 -5.86 -25.11 10.20
CA ALA Y 185 -5.67 -26.16 11.17
C ALA Y 185 -6.59 -26.03 12.34
N LYS Y 186 -6.80 -24.78 12.83
CA LYS Y 186 -7.67 -24.45 13.93
C LYS Y 186 -9.10 -24.77 13.62
N ALA Y 187 -9.57 -24.48 12.38
CA ALA Y 187 -10.92 -24.71 11.94
C ALA Y 187 -11.21 -26.19 11.83
N THR Y 188 -10.24 -27.00 11.33
CA THR Y 188 -10.35 -28.45 11.29
C THR Y 188 -10.39 -29.04 12.69
N PHE Y 189 -9.65 -28.43 13.64
CA PHE Y 189 -9.60 -28.81 15.04
C PHE Y 189 -10.96 -28.63 15.70
N ASP Y 190 -11.67 -27.53 15.34
CA ASP Y 190 -13.00 -27.24 15.84
C ASP Y 190 -13.98 -28.27 15.35
N ALA Y 191 -13.84 -28.69 14.06
CA ALA Y 191 -14.73 -29.63 13.41
C ALA Y 191 -14.65 -31.00 14.03
N ILE Y 192 -13.43 -31.56 14.22
CA ILE Y 192 -13.24 -32.92 14.71
C ILE Y 192 -13.83 -33.13 16.09
N SER Y 193 -13.65 -32.13 17.00
CA SER Y 193 -14.12 -32.13 18.36
C SER Y 193 -15.64 -32.12 18.47
N LYS Y 194 -16.31 -31.58 17.43
CA LYS Y 194 -17.74 -31.36 17.36
C LYS Y 194 -18.51 -32.65 17.21
N THR Y 195 -17.84 -33.80 16.87
CA THR Y 195 -18.51 -35.07 16.71
C THR Y 195 -19.16 -35.57 17.98
N TYR Y 196 -18.48 -35.41 19.15
CA TYR Y 196 -19.04 -35.68 20.45
C TYR Y 196 -20.20 -34.78 20.80
N SER Y 197 -20.15 -33.50 20.33
CA SER Y 197 -21.15 -32.50 20.63
C SER Y 197 -22.44 -32.74 19.90
N TYR Y 198 -22.43 -33.49 18.78
CA TYR Y 198 -23.62 -33.90 18.09
C TYR Y 198 -24.27 -34.98 18.90
N LEU Y 199 -25.62 -34.93 18.97
CA LEU Y 199 -26.44 -35.89 19.64
C LEU Y 199 -27.05 -36.71 18.54
N THR Y 200 -26.72 -38.02 18.49
CA THR Y 200 -27.25 -38.94 17.52
C THR Y 200 -28.32 -39.73 18.24
N PRO Y 201 -29.22 -40.46 17.55
CA PRO Y 201 -30.26 -41.23 18.20
C PRO Y 201 -29.70 -42.50 18.79
N ASP Y 202 -28.42 -42.83 18.49
CA ASP Y 202 -27.71 -43.96 19.06
C ASP Y 202 -27.09 -43.56 20.37
N LEU Y 203 -27.07 -42.23 20.65
CA LEU Y 203 -26.48 -41.64 21.82
C LEU Y 203 -27.55 -41.08 22.72
N TRP Y 204 -28.85 -41.27 22.39
CA TRP Y 204 -29.96 -40.70 23.15
C TRP Y 204 -30.07 -41.26 24.54
N LYS Y 205 -29.81 -42.59 24.69
CA LYS Y 205 -30.09 -43.37 25.88
C LYS Y 205 -29.34 -42.83 27.07
N GLU Y 206 -30.06 -42.60 28.20
CA GLU Y 206 -29.65 -41.63 29.19
C GLU Y 206 -29.03 -42.36 30.34
N THR Y 207 -28.34 -41.60 31.23
CA THR Y 207 -27.48 -42.15 32.26
C THR Y 207 -27.79 -41.37 33.52
N VAL Y 208 -27.31 -41.90 34.67
CA VAL Y 208 -27.78 -41.52 35.99
C VAL Y 208 -26.79 -40.57 36.64
N PHE Y 209 -25.70 -40.22 35.90
CA PHE Y 209 -24.73 -39.20 36.23
C PHE Y 209 -23.74 -39.64 37.27
N THR Y 210 -22.50 -39.09 37.17
CA THR Y 210 -21.41 -39.29 38.11
C THR Y 210 -21.74 -38.71 39.48
N LYS Y 211 -21.16 -39.30 40.54
CA LYS Y 211 -21.24 -38.81 41.89
C LYS Y 211 -19.98 -38.04 42.23
N SER Y 212 -19.16 -37.73 41.20
CA SER Y 212 -17.90 -37.01 41.19
C SER Y 212 -16.79 -37.77 41.88
N PRO Y 213 -15.58 -37.89 41.30
CA PRO Y 213 -14.46 -38.60 41.93
C PRO Y 213 -13.91 -37.82 43.09
N TYR Y 214 -14.11 -36.49 43.15
CA TYR Y 214 -13.69 -35.66 44.25
C TYR Y 214 -14.35 -36.03 45.55
N GLN Y 215 -15.69 -36.22 45.53
CA GLN Y 215 -16.49 -36.62 46.66
C GLN Y 215 -16.20 -38.02 47.14
N GLU Y 216 -16.06 -38.98 46.19
CA GLU Y 216 -15.97 -40.39 46.52
C GLU Y 216 -14.62 -40.75 47.09
N PHE Y 217 -13.54 -40.19 46.48
CA PHE Y 217 -12.18 -40.34 46.92
C PHE Y 217 -11.78 -39.37 47.99
N THR Y 218 -12.71 -38.55 48.58
CA THR Y 218 -12.43 -37.48 49.52
C THR Y 218 -11.49 -37.90 50.65
N ASP Y 219 -11.80 -39.05 51.32
CA ASP Y 219 -11.05 -39.62 52.42
C ASP Y 219 -9.65 -40.06 52.01
N HIS Y 220 -9.53 -40.64 50.78
CA HIS Y 220 -8.32 -41.18 50.21
C HIS Y 220 -7.33 -40.06 49.99
N LEU Y 221 -7.86 -38.87 49.61
CA LEU Y 221 -7.11 -37.77 49.07
C LEU Y 221 -6.80 -36.79 50.16
N VAL Y 222 -7.16 -37.10 51.43
CA VAL Y 222 -6.46 -36.55 52.57
C VAL Y 222 -5.09 -37.17 52.61
N LYS Y 223 -4.07 -36.32 52.42
CA LYS Y 223 -2.67 -36.72 52.43
C LYS Y 223 -2.02 -35.78 53.40
N THR Y 224 -2.51 -34.51 53.39
CA THR Y 224 -2.13 -33.47 54.31
C THR Y 224 -3.16 -32.37 54.10
N HIS Y 225 -4.02 -32.52 53.07
CA HIS Y 225 -5.10 -31.61 52.77
C HIS Y 225 -5.99 -32.42 51.89
N THR Y 226 -7.32 -32.13 51.91
CA THR Y 226 -8.27 -32.64 50.95
C THR Y 226 -8.31 -31.67 49.76
N SER Z 1 15.97 57.08 -81.10
CA SER Z 1 15.26 56.50 -79.92
C SER Z 1 16.14 55.52 -79.18
N GLU Z 2 16.48 54.38 -79.83
CA GLU Z 2 17.20 53.29 -79.21
C GLU Z 2 18.66 53.38 -79.52
N LYS Z 3 19.09 54.34 -80.38
CA LYS Z 3 20.48 54.57 -80.70
C LYS Z 3 21.18 55.17 -79.51
N GLU Z 4 20.53 56.18 -78.89
CA GLU Z 4 20.92 56.83 -77.66
C GLU Z 4 21.15 55.87 -76.53
N TYR Z 5 20.30 54.82 -76.45
CA TYR Z 5 20.38 53.77 -75.46
C TYR Z 5 21.53 52.83 -75.70
N VAL Z 6 21.71 52.32 -76.94
CA VAL Z 6 22.64 51.23 -77.20
C VAL Z 6 24.08 51.70 -77.17
N GLU Z 7 24.37 52.90 -77.74
CA GLU Z 7 25.62 53.62 -77.62
C GLU Z 7 26.13 53.72 -76.20
N MET Z 8 25.24 54.17 -75.28
CA MET Z 8 25.51 54.33 -73.88
C MET Z 8 25.52 53.03 -73.12
N LEU Z 9 24.93 51.95 -73.67
CA LEU Z 9 24.89 50.64 -73.04
C LEU Z 9 26.24 50.01 -73.21
N ASP Z 10 26.82 50.08 -74.43
CA ASP Z 10 28.14 49.57 -74.69
C ASP Z 10 29.22 50.43 -74.06
N ARG Z 11 28.89 51.69 -73.65
CA ARG Z 11 29.78 52.50 -72.85
C ARG Z 11 29.75 52.05 -71.41
N LEU Z 12 28.54 51.88 -70.83
CA LEU Z 12 28.30 51.54 -69.46
C LEU Z 12 28.72 50.14 -69.08
N TYR Z 13 28.20 49.12 -69.80
CA TYR Z 13 28.20 47.74 -69.38
C TYR Z 13 29.54 47.08 -69.67
N SER Z 14 30.42 47.76 -70.43
CA SER Z 14 31.79 47.33 -70.63
C SER Z 14 32.64 47.55 -69.40
N LYS Z 15 32.18 48.42 -68.46
CA LYS Z 15 32.94 48.82 -67.30
C LYS Z 15 32.47 48.03 -66.10
N LEU Z 16 31.44 47.17 -66.28
CA LEU Z 16 30.95 46.28 -65.25
C LEU Z 16 31.75 45.00 -65.32
N PRO Z 17 31.83 44.18 -64.26
CA PRO Z 17 32.58 42.93 -64.27
C PRO Z 17 31.96 41.94 -65.23
N MET AA 1 12.55 15.33 50.23
CA MET AA 1 12.94 15.07 48.82
C MET AA 1 13.59 13.72 48.70
N GLY AA 2 14.95 13.65 48.76
CA GLY AA 2 15.69 12.50 48.28
C GLY AA 2 15.75 11.44 49.34
N ARG AA 3 16.24 10.24 48.94
CA ARG AA 3 16.57 9.11 49.78
C ARG AA 3 15.37 8.56 50.53
N VAL AA 4 14.23 8.44 49.82
CA VAL AA 4 13.08 7.68 50.27
C VAL AA 4 13.42 6.21 50.33
N ARG AA 5 12.86 5.49 51.34
CA ARG AA 5 13.16 4.10 51.63
C ARG AA 5 12.78 3.18 50.50
N THR AA 6 13.61 2.12 50.31
CA THR AA 6 13.46 1.12 49.28
C THR AA 6 12.84 -0.10 49.91
N LYS AA 7 12.40 -1.05 49.06
CA LYS AA 7 11.63 -2.24 49.38
C LYS AA 7 12.40 -3.15 50.30
N THR AA 8 13.73 -3.27 50.07
CA THR AA 8 14.68 -4.12 50.77
C THR AA 8 14.69 -3.85 52.25
N VAL AA 9 14.60 -2.54 52.62
CA VAL AA 9 14.56 -2.06 53.98
C VAL AA 9 13.27 -2.44 54.63
N LYS AA 10 12.12 -2.14 53.97
CA LYS AA 10 10.81 -2.35 54.51
C LYS AA 10 10.46 -3.79 54.77
N LYS AA 11 10.81 -4.70 53.83
CA LYS AA 11 10.62 -6.13 53.99
C LYS AA 11 11.26 -6.70 55.23
N ALA AA 12 12.59 -6.43 55.41
CA ALA AA 12 13.37 -6.76 56.59
C ALA AA 12 12.78 -6.25 57.88
N ALA AA 13 12.18 -5.04 57.83
CA ALA AA 13 11.58 -4.38 58.96
C ALA AA 13 10.35 -5.10 59.45
N ARG AA 14 9.40 -5.42 58.53
CA ARG AA 14 8.26 -6.29 58.78
C ARG AA 14 8.63 -7.61 59.43
N VAL AA 15 9.67 -8.28 58.89
CA VAL AA 15 10.23 -9.54 59.37
C VAL AA 15 10.59 -9.39 60.83
N ILE AA 16 11.61 -8.55 61.13
CA ILE AA 16 12.12 -8.25 62.45
C ILE AA 16 11.04 -7.92 63.47
N ILE AA 17 10.11 -6.98 63.16
CA ILE AA 17 9.07 -6.53 64.06
C ILE AA 17 8.17 -7.64 64.58
N GLU AA 18 7.73 -8.56 63.69
CA GLU AA 18 6.86 -9.66 64.02
C GLU AA 18 7.43 -10.70 64.95
N LYS AA 19 8.72 -11.04 64.74
CA LYS AA 19 9.35 -12.14 65.43
C LYS AA 19 10.23 -11.74 66.58
N TYR AA 20 10.35 -10.44 66.91
CA TYR AA 20 11.29 -10.01 67.93
C TYR AA 20 10.68 -8.83 68.63
N TYR AA 21 9.34 -8.78 68.72
CA TYR AA 21 8.54 -7.67 69.18
C TYR AA 21 8.91 -7.24 70.58
N THR AA 22 9.04 -8.22 71.50
CA THR AA 22 9.34 -8.01 72.90
C THR AA 22 10.75 -7.52 73.14
N ARG AA 23 11.74 -8.03 72.37
CA ARG AA 23 13.11 -7.57 72.41
C ARG AA 23 13.31 -6.14 71.99
N LEU AA 24 12.63 -5.72 70.89
CA LEU AA 24 12.76 -4.40 70.30
C LEU AA 24 12.31 -3.30 71.21
N GLY AA 25 12.99 -2.14 71.11
CA GLY AA 25 12.77 -0.98 71.92
C GLY AA 25 12.07 0.05 71.08
N ASN AA 26 12.56 1.30 71.14
CA ASN AA 26 12.01 2.43 70.43
C ASN AA 26 13.14 3.40 70.21
N ASP AA 27 14.38 2.99 70.54
CA ASP AA 27 15.55 3.83 70.51
C ASP AA 27 16.41 3.27 69.42
N PHE AA 28 16.88 4.16 68.52
CA PHE AA 28 17.67 3.82 67.36
C PHE AA 28 18.90 3.02 67.71
N HIS AA 29 19.67 3.50 68.71
CA HIS AA 29 21.00 3.01 69.04
C HIS AA 29 20.98 1.58 69.48
N THR AA 30 19.97 1.21 70.32
CA THR AA 30 19.89 -0.11 70.89
C THR AA 30 19.37 -1.08 69.87
N ASN AA 31 18.38 -0.65 69.06
CA ASN AA 31 17.80 -1.43 67.97
C ASN AA 31 18.82 -1.77 66.90
N LYS AA 32 19.78 -0.86 66.63
CA LYS AA 32 20.84 -1.02 65.67
C LYS AA 32 21.72 -2.20 66.01
N ARG AA 33 22.05 -2.33 67.31
CA ARG AA 33 22.76 -3.45 67.89
C ARG AA 33 21.95 -4.72 67.88
N VAL AA 34 20.63 -4.67 68.17
CA VAL AA 34 19.76 -5.83 68.13
C VAL AA 34 19.73 -6.43 66.73
N CYS AA 35 19.76 -5.58 65.67
CA CYS AA 35 19.79 -6.02 64.28
C CYS AA 35 21.06 -6.75 63.91
N GLU AA 36 22.17 -6.51 64.63
CA GLU AA 36 23.43 -7.22 64.45
C GLU AA 36 23.32 -8.63 64.99
N GLU AA 37 22.66 -8.77 66.16
CA GLU AA 37 22.40 -10.02 66.82
C GLU AA 37 21.46 -10.93 66.06
N ILE AA 38 20.35 -10.39 65.52
CA ILE AA 38 19.28 -11.20 64.97
C ILE AA 38 19.37 -11.31 63.47
N ALA AA 39 20.43 -10.75 62.83
CA ALA AA 39 20.52 -10.82 61.39
C ALA AA 39 21.94 -10.59 60.97
N ILE AA 40 22.23 -10.89 59.69
CA ILE AA 40 23.47 -10.60 59.03
C ILE AA 40 23.09 -9.66 57.94
N ILE AA 41 23.63 -8.42 58.01
CA ILE AA 41 23.28 -7.34 57.12
C ILE AA 41 24.63 -6.84 56.65
N PRO AA 42 24.95 -6.72 55.36
CA PRO AA 42 26.34 -6.66 54.92
C PRO AA 42 26.80 -5.22 54.83
N SER AA 43 26.00 -4.23 55.28
CA SER AA 43 26.40 -2.86 55.24
C SER AA 43 25.77 -2.18 56.42
N LYS AA 44 26.45 -1.13 56.94
CA LYS AA 44 26.02 -0.40 58.11
C LYS AA 44 24.92 0.55 57.75
N LYS AA 45 25.00 1.22 56.56
CA LYS AA 45 23.98 2.11 56.04
C LYS AA 45 22.65 1.43 55.85
N LEU AA 46 22.69 0.14 55.43
CA LEU AA 46 21.52 -0.67 55.21
C LEU AA 46 20.92 -1.04 56.53
N ARG AA 47 21.77 -1.45 57.51
CA ARG AA 47 21.39 -1.85 58.84
C ARG AA 47 20.76 -0.72 59.60
N ASN AA 48 21.30 0.52 59.41
CA ASN AA 48 20.80 1.74 59.97
C ASN AA 48 19.43 2.07 59.43
N LYS AA 49 19.20 1.93 58.10
CA LYS AA 49 17.90 2.16 57.52
C LYS AA 49 16.86 1.19 58.02
N ILE AA 50 17.23 -0.12 58.13
CA ILE AA 50 16.40 -1.17 58.71
C ILE AA 50 16.04 -0.83 60.13
N ALA AA 51 17.02 -0.72 61.06
CA ALA AA 51 16.87 -0.33 62.46
C ALA AA 51 15.96 0.86 62.69
N GLY AA 52 16.21 1.93 61.89
CA GLY AA 52 15.50 3.18 61.85
C GLY AA 52 14.03 3.06 61.61
N TYR AA 53 13.67 2.28 60.57
CA TYR AA 53 12.29 2.06 60.18
C TYR AA 53 11.59 1.21 61.22
N VAL AA 54 12.30 0.25 61.84
CA VAL AA 54 11.81 -0.64 62.86
C VAL AA 54 11.43 0.13 64.12
N THR AA 55 12.16 1.22 64.50
CA THR AA 55 11.77 2.05 65.63
C THR AA 55 10.49 2.78 65.33
N HIS AA 56 10.36 3.33 64.09
CA HIS AA 56 9.23 4.09 63.63
C HIS AA 56 7.96 3.26 63.63
N LEU AA 57 8.08 1.99 63.17
CA LEU AA 57 7.08 0.95 63.26
C LEU AA 57 6.68 0.61 64.66
N MET AA 58 7.64 0.40 65.59
CA MET AA 58 7.35 0.06 66.99
C MET AA 58 6.54 1.14 67.67
N LYS AA 59 6.84 2.42 67.37
CA LYS AA 59 6.12 3.57 67.88
C LYS AA 59 4.67 3.58 67.46
N ARG AA 60 4.39 3.29 66.17
CA ARG AA 60 3.04 3.16 65.65
C ARG AA 60 2.30 1.96 66.20
N ILE AA 61 2.99 0.79 66.25
CA ILE AA 61 2.53 -0.50 66.73
C ILE AA 61 2.01 -0.47 68.14
N GLN AA 62 2.71 0.24 69.06
CA GLN AA 62 2.31 0.34 70.45
C GLN AA 62 1.18 1.35 70.67
N ARG AA 63 0.33 1.56 69.64
CA ARG AA 63 -0.96 2.22 69.74
C ARG AA 63 -2.00 1.26 69.21
N GLY AA 64 -1.67 -0.05 69.14
CA GLY AA 64 -2.45 -1.07 68.50
C GLY AA 64 -1.97 -1.23 67.08
N PRO AA 65 -2.47 -2.21 66.34
CA PRO AA 65 -1.95 -2.58 65.03
C PRO AA 65 -2.27 -1.50 64.02
N VAL AA 66 -1.35 -1.28 63.06
CA VAL AA 66 -1.37 -0.17 62.14
C VAL AA 66 -1.22 -0.72 60.75
N ARG AA 67 -1.35 0.15 59.72
CA ARG AA 67 -1.61 -0.22 58.36
C ARG AA 67 -0.50 -1.04 57.74
N GLY AA 68 -0.88 -2.16 57.09
CA GLY AA 68 0.03 -3.03 56.37
C GLY AA 68 0.86 -3.95 57.21
N ILE AA 69 0.66 -4.00 58.55
CA ILE AA 69 1.49 -4.81 59.40
C ILE AA 69 0.68 -5.20 60.60
N SER AA 70 0.92 -6.41 61.15
CA SER AA 70 0.23 -6.89 62.31
C SER AA 70 1.17 -7.85 62.97
N ILE AA 71 1.03 -7.98 64.31
CA ILE AA 71 1.81 -8.88 65.11
C ILE AA 71 0.78 -9.80 65.70
N LYS AA 72 1.11 -11.11 65.74
CA LYS AA 72 0.30 -12.23 66.12
C LYS AA 72 -0.35 -12.09 67.46
N LEU AA 73 0.39 -11.57 68.48
CA LEU AA 73 -0.11 -11.42 69.82
C LEU AA 73 -1.24 -10.40 69.88
N GLN AA 74 -1.13 -9.30 69.10
CA GLN AA 74 -2.12 -8.24 69.03
C GLN AA 74 -3.39 -8.70 68.36
N GLU AA 75 -3.26 -9.62 67.36
CA GLU AA 75 -4.36 -10.22 66.64
C GLU AA 75 -5.22 -11.07 67.53
N GLU AA 76 -4.58 -11.84 68.45
CA GLU AA 76 -5.23 -12.65 69.45
C GLU AA 76 -6.04 -11.81 70.41
N GLU AA 77 -5.48 -10.64 70.81
CA GLU AA 77 -6.07 -9.74 71.77
C GLU AA 77 -7.34 -9.10 71.23
N ARG AA 78 -7.33 -8.66 69.95
CA ARG AA 78 -8.50 -8.10 69.29
C ARG AA 78 -9.61 -9.12 69.15
N GLU AA 79 -9.26 -10.39 68.85
CA GLU AA 79 -10.15 -11.51 68.67
C GLU AA 79 -11.00 -11.73 69.90
N ARG AA 80 -10.32 -11.81 71.07
CA ARG AA 80 -10.89 -12.01 72.38
C ARG AA 80 -11.76 -10.87 72.80
N ARG AA 81 -11.34 -9.61 72.52
CA ARG AA 81 -12.07 -8.40 72.81
C ARG AA 81 -13.40 -8.37 72.11
N ASP AA 82 -13.44 -8.85 70.83
CA ASP AA 82 -14.62 -8.91 70.02
C ASP AA 82 -15.32 -10.22 70.33
N ASN AA 83 -16.24 -10.16 71.31
CA ASN AA 83 -17.18 -11.19 71.63
C ASN AA 83 -18.55 -10.57 71.51
N TYR AA 84 -18.62 -9.40 70.84
CA TYR AA 84 -19.64 -8.39 70.98
C TYR AA 84 -21.02 -8.91 70.67
N VAL AA 85 -22.02 -8.49 71.47
CA VAL AA 85 -23.35 -9.04 71.47
C VAL AA 85 -24.26 -7.85 71.24
N PRO AA 86 -24.91 -7.68 70.08
CA PRO AA 86 -25.60 -6.43 69.82
C PRO AA 86 -27.09 -6.66 69.80
N GLU AA 87 -27.54 -7.93 69.78
CA GLU AA 87 -28.93 -8.30 69.95
C GLU AA 87 -28.90 -9.55 70.77
N VAL AA 88 -30.09 -10.12 71.08
CA VAL AA 88 -30.16 -11.45 71.65
C VAL AA 88 -31.50 -12.06 71.26
N SER AA 89 -32.22 -11.48 70.27
CA SER AA 89 -31.99 -11.65 68.85
C SER AA 89 -33.21 -12.35 68.28
N ALA AA 90 -34.38 -12.26 68.96
CA ALA AA 90 -35.20 -11.07 68.84
C ALA AA 90 -35.27 -10.43 70.20
N LEU AA 91 -35.54 -9.10 70.19
CA LEU AA 91 -35.30 -8.20 71.29
C LEU AA 91 -35.99 -8.46 72.61
N ASP AA 92 -37.29 -8.89 72.72
CA ASP AA 92 -38.26 -9.32 71.74
C ASP AA 92 -38.96 -8.16 71.12
N GLN AA 93 -39.45 -8.39 69.87
CA GLN AA 93 -39.93 -7.37 68.99
C GLN AA 93 -41.37 -7.64 68.68
N GLU AA 94 -41.98 -8.66 69.34
CA GLU AA 94 -43.28 -9.21 69.02
C GLU AA 94 -44.38 -8.19 69.06
N ILE AA 95 -45.29 -8.30 68.06
CA ILE AA 95 -46.57 -7.61 67.97
C ILE AA 95 -46.33 -6.12 67.85
N ILE AA 96 -45.65 -5.72 66.74
CA ILE AA 96 -45.36 -4.35 66.41
C ILE AA 96 -45.77 -4.20 64.98
N GLU AA 97 -45.83 -2.93 64.50
CA GLU AA 97 -46.14 -2.58 63.13
C GLU AA 97 -45.16 -3.19 62.16
N VAL AA 98 -45.69 -3.73 61.04
CA VAL AA 98 -44.92 -4.34 59.99
C VAL AA 98 -45.63 -3.97 58.73
N ASP AA 99 -44.96 -4.12 57.56
CA ASP AA 99 -45.47 -3.77 56.26
C ASP AA 99 -46.66 -4.66 55.93
N PRO AA 100 -47.66 -4.26 55.14
CA PRO AA 100 -48.92 -4.97 54.96
C PRO AA 100 -48.77 -6.34 54.29
N ASP AA 101 -47.58 -6.65 53.72
CA ASP AA 101 -47.32 -7.85 52.95
C ASP AA 101 -46.40 -8.73 53.74
N THR AA 102 -45.49 -8.12 54.55
CA THR AA 102 -44.75 -8.74 55.62
C THR AA 102 -45.68 -9.28 56.69
N LYS AA 103 -46.86 -8.64 56.87
CA LYS AA 103 -47.94 -9.06 57.73
C LYS AA 103 -48.53 -10.36 57.27
N GLU AA 104 -48.78 -10.53 55.95
CA GLU AA 104 -49.35 -11.75 55.45
C GLU AA 104 -48.33 -12.87 55.44
N MET AA 105 -47.02 -12.54 55.44
CA MET AA 105 -45.95 -13.50 55.61
C MET AA 105 -45.94 -14.07 57.01
N LEU AA 106 -46.25 -13.26 58.04
CA LEU AA 106 -46.34 -13.72 59.40
C LEU AA 106 -47.63 -14.47 59.60
N LYS AA 107 -48.76 -13.94 59.05
CA LYS AA 107 -50.10 -14.49 59.11
C LYS AA 107 -50.17 -15.91 58.62
N LEU AA 108 -49.47 -16.21 57.49
CA LEU AA 108 -49.42 -17.53 56.92
C LEU AA 108 -48.10 -18.15 57.30
N LEU AA 109 -47.85 -18.19 58.62
CA LEU AA 109 -46.79 -18.89 59.30
C LEU AA 109 -47.29 -19.02 60.73
N ASP AA 110 -48.60 -18.72 60.95
CA ASP AA 110 -49.32 -18.82 62.20
C ASP AA 110 -48.80 -17.88 63.26
N PHE AA 111 -48.78 -16.56 62.95
CA PHE AA 111 -48.42 -15.54 63.90
C PHE AA 111 -49.34 -14.38 63.62
N GLY AA 112 -48.96 -13.49 62.68
CA GLY AA 112 -49.51 -12.16 62.54
C GLY AA 112 -49.04 -11.21 63.60
N SER AA 113 -49.20 -9.90 63.33
CA SER AA 113 -48.84 -8.82 64.22
C SER AA 113 -49.71 -7.66 63.83
N LEU AA 114 -49.58 -6.52 64.54
CA LEU AA 114 -50.10 -5.22 64.12
C LEU AA 114 -49.42 -4.78 62.85
N SER AA 115 -50.09 -3.97 62.00
CA SER AA 115 -49.58 -3.70 60.67
C SER AA 115 -50.00 -2.34 60.23
N ASN AA 116 -49.14 -1.72 59.38
CA ASN AA 116 -49.33 -0.42 58.78
C ASN AA 116 -50.35 -0.51 57.68
N LEU AA 117 -51.06 0.61 57.45
CA LEU AA 117 -52.13 0.71 56.47
C LEU AA 117 -52.01 2.07 55.85
N GLN AA 118 -52.66 2.24 54.67
CA GLN AA 118 -52.83 3.48 53.94
C GLN AA 118 -51.58 3.95 53.24
N VAL AA 119 -51.79 4.66 52.10
CA VAL AA 119 -50.75 5.18 51.25
C VAL AA 119 -51.09 6.64 51.17
N THR AA 120 -50.10 7.51 51.45
CA THR AA 120 -50.25 8.94 51.46
C THR AA 120 -48.93 9.43 50.95
N GLN AA 121 -48.98 10.40 49.99
CA GLN AA 121 -47.84 11.01 49.35
C GLN AA 121 -46.88 10.02 48.70
N PRO AA 122 -47.26 9.14 47.75
CA PRO AA 122 -46.29 8.41 46.96
C PRO AA 122 -45.66 9.33 45.92
N THR AA 123 -44.33 9.25 45.66
CA THR AA 123 -43.54 8.05 45.68
C THR AA 123 -42.99 7.90 47.07
N VAL AA 124 -42.66 6.64 47.49
CA VAL AA 124 -42.43 6.31 48.87
C VAL AA 124 -40.98 6.61 49.14
N GLY AA 125 -40.72 7.37 50.23
CA GLY AA 125 -39.40 7.83 50.61
C GLY AA 125 -39.11 9.18 50.03
N MET AA 126 -40.09 9.77 49.31
CA MET AA 126 -39.92 10.99 48.53
C MET AA 126 -40.93 11.99 49.10
N SER BA 1 -34.77 -35.47 53.91
CA SER BA 1 -35.37 -34.35 54.69
C SER BA 1 -34.77 -34.31 56.07
N GLY BA 2 -35.25 -35.19 56.98
CA GLY BA 2 -34.78 -35.31 58.33
C GLY BA 2 -36.00 -35.28 59.20
N ALA BA 3 -35.82 -35.42 60.53
CA ALA BA 3 -36.86 -35.22 61.52
C ALA BA 3 -37.29 -33.77 61.54
N LEU BA 4 -38.62 -33.51 61.55
CA LEU BA 4 -39.23 -33.05 60.33
C LEU BA 4 -40.04 -31.82 60.65
N ASP BA 5 -40.53 -31.72 61.91
CA ASP BA 5 -41.37 -30.67 62.41
C ASP BA 5 -40.72 -29.31 62.43
N VAL BA 6 -39.42 -29.24 62.80
CA VAL BA 6 -38.68 -27.99 62.89
C VAL BA 6 -37.96 -27.70 61.60
N LEU BA 7 -38.15 -28.57 60.59
CA LEU BA 7 -37.60 -28.40 59.26
C LEU BA 7 -38.73 -27.95 58.36
N GLN BA 8 -39.87 -27.59 58.97
CA GLN BA 8 -40.98 -26.93 58.33
C GLN BA 8 -41.06 -25.56 58.96
N MET BA 9 -39.89 -25.08 59.46
CA MET BA 9 -39.69 -23.88 60.25
C MET BA 9 -40.43 -23.91 61.55
N LYS BA 10 -40.22 -22.83 62.34
CA LYS BA 10 -40.77 -22.66 63.65
C LYS BA 10 -40.67 -21.19 63.89
N GLU BA 11 -41.35 -20.69 64.95
CA GLU BA 11 -41.50 -19.28 65.29
C GLU BA 11 -40.17 -18.63 65.55
N GLU BA 12 -39.22 -19.39 66.14
CA GLU BA 12 -37.88 -18.99 66.51
C GLU BA 12 -37.12 -18.42 65.34
N ASP BA 13 -37.30 -19.01 64.13
CA ASP BA 13 -36.64 -18.62 62.92
C ASP BA 13 -37.26 -17.35 62.38
N VAL BA 14 -38.61 -17.35 62.23
CA VAL BA 14 -39.43 -16.22 61.80
C VAL BA 14 -39.20 -14.93 62.58
N LEU BA 15 -38.90 -15.03 63.90
CA LEU BA 15 -38.45 -13.92 64.71
C LEU BA 15 -37.05 -13.45 64.39
N LYS BA 16 -36.08 -14.37 64.21
CA LYS BA 16 -34.73 -14.05 63.82
C LYS BA 16 -34.63 -13.39 62.47
N PHE BA 17 -35.43 -13.85 61.47
CA PHE BA 17 -35.49 -13.32 60.13
C PHE BA 17 -35.91 -11.88 60.12
N LEU BA 18 -37.05 -11.57 60.77
CA LEU BA 18 -37.65 -10.26 60.84
C LEU BA 18 -36.72 -9.26 61.49
N ALA BA 19 -36.06 -9.67 62.60
CA ALA BA 19 -35.06 -8.90 63.33
C ALA BA 19 -33.87 -8.51 62.49
N ALA BA 20 -33.32 -9.47 61.69
CA ALA BA 20 -32.14 -9.25 60.91
C ALA BA 20 -32.36 -8.48 59.64
N GLY BA 21 -33.63 -8.12 59.31
CA GLY BA 21 -33.98 -7.37 58.12
C GLY BA 21 -33.70 -8.10 56.83
N THR BA 22 -33.86 -9.45 56.84
CA THR BA 22 -33.79 -10.28 55.65
C THR BA 22 -34.85 -9.94 54.63
N HIS BA 23 -36.07 -9.60 55.11
CA HIS BA 23 -37.31 -9.77 54.39
C HIS BA 23 -37.42 -8.85 53.21
N LEU BA 24 -36.95 -7.58 53.35
CA LEU BA 24 -36.93 -6.57 52.31
C LEU BA 24 -35.98 -6.97 51.20
N GLY BA 25 -36.30 -6.57 49.95
CA GLY BA 25 -35.49 -6.89 48.79
C GLY BA 25 -35.31 -5.66 47.98
N GLY BA 26 -34.81 -5.84 46.73
CA GLY BA 26 -34.57 -4.79 45.78
C GLY BA 26 -35.83 -4.31 45.13
N THR BA 27 -35.71 -3.42 44.12
CA THR BA 27 -36.81 -2.85 43.41
C THR BA 27 -36.71 -3.17 41.94
N ASN BA 28 -35.75 -4.04 41.54
CA ASN BA 28 -35.62 -4.49 40.17
C ASN BA 28 -36.42 -5.73 39.96
N LEU BA 29 -37.24 -5.75 38.88
CA LEU BA 29 -38.08 -6.85 38.47
C LEU BA 29 -37.23 -8.00 38.01
N ASP BA 30 -37.84 -9.21 38.02
CA ASP BA 30 -37.11 -10.44 38.09
C ASP BA 30 -37.68 -11.36 37.06
N PHE BA 31 -36.95 -12.47 36.82
CA PHE BA 31 -37.16 -13.35 35.71
C PHE BA 31 -36.46 -14.64 36.07
N GLN BA 32 -35.92 -14.73 37.31
CA GLN BA 32 -35.11 -15.83 37.74
C GLN BA 32 -35.16 -15.89 39.23
N MET BA 33 -35.71 -14.84 39.88
CA MET BA 33 -35.86 -14.76 41.31
C MET BA 33 -37.33 -14.66 41.58
N GLU BA 34 -38.14 -14.45 40.50
CA GLU BA 34 -39.53 -14.06 40.55
C GLU BA 34 -40.39 -15.08 41.26
N GLN BA 35 -40.03 -16.39 41.12
CA GLN BA 35 -40.77 -17.51 41.65
C GLN BA 35 -40.81 -17.47 43.16
N TYR BA 36 -39.64 -17.13 43.75
CA TYR BA 36 -39.37 -17.10 45.16
C TYR BA 36 -40.21 -16.12 45.93
N ILE BA 37 -40.61 -14.99 45.28
CA ILE BA 37 -41.17 -13.81 45.92
C ILE BA 37 -42.52 -14.19 46.50
N TYR BA 38 -42.78 -13.76 47.77
CA TYR BA 38 -44.05 -13.93 48.42
C TYR BA 38 -45.05 -12.93 47.88
N LYS BA 39 -44.83 -11.62 48.14
CA LYS BA 39 -45.70 -10.56 47.71
C LYS BA 39 -44.83 -9.34 47.63
N ARG BA 40 -45.32 -8.29 46.91
CA ARG BA 40 -44.63 -7.04 46.73
C ARG BA 40 -45.22 -6.00 47.65
N LYS BA 41 -44.33 -5.35 48.44
CA LYS BA 41 -44.62 -4.21 49.28
C LYS BA 41 -45.04 -3.07 48.38
N SER BA 42 -45.92 -2.16 48.88
CA SER BA 42 -46.45 -1.05 48.12
C SER BA 42 -45.37 -0.14 47.60
N ASP BA 43 -45.50 0.23 46.30
CA ASP BA 43 -44.61 1.11 45.57
C ASP BA 43 -43.18 0.58 45.55
N GLY BA 44 -43.01 -0.67 45.08
CA GLY BA 44 -41.74 -1.35 44.98
C GLY BA 44 -41.38 -2.00 46.29
N ILE BA 45 -40.36 -2.90 46.23
CA ILE BA 45 -39.69 -3.61 47.31
C ILE BA 45 -40.41 -4.93 47.40
N TYR BA 46 -39.65 -6.05 47.44
CA TYR BA 46 -40.23 -7.37 47.41
C TYR BA 46 -40.03 -8.00 48.74
N ILE BA 47 -41.09 -8.69 49.24
CA ILE BA 47 -41.05 -9.46 50.46
C ILE BA 47 -40.76 -10.87 50.02
N ILE BA 48 -39.53 -11.36 50.32
CA ILE BA 48 -39.11 -12.72 50.08
C ILE BA 48 -39.91 -13.70 50.91
N ASN BA 49 -39.97 -14.96 50.42
CA ASN BA 49 -40.84 -15.97 50.99
C ASN BA 49 -39.90 -16.77 51.83
N LEU BA 50 -40.14 -16.77 53.16
CA LEU BA 50 -39.31 -17.45 54.13
C LEU BA 50 -39.33 -18.94 53.94
N LYS BA 51 -40.45 -19.48 53.42
CA LYS BA 51 -40.63 -20.88 53.10
C LYS BA 51 -39.66 -21.36 52.05
N ARG BA 52 -39.51 -20.58 50.96
CA ARG BA 52 -38.50 -20.75 49.94
C ARG BA 52 -37.09 -20.60 50.42
N THR BA 53 -36.80 -19.58 51.27
CA THR BA 53 -35.49 -19.36 51.85
C THR BA 53 -35.02 -20.56 52.63
N TRP BA 54 -35.95 -21.24 53.34
CA TRP BA 54 -35.72 -22.42 54.14
C TRP BA 54 -35.25 -23.57 53.29
N GLU BA 55 -36.07 -23.97 52.28
CA GLU BA 55 -35.86 -25.15 51.46
C GLU BA 55 -34.55 -25.12 50.72
N LYS BA 56 -34.18 -23.93 50.17
CA LYS BA 56 -32.95 -23.71 49.45
C LYS BA 56 -31.75 -23.82 50.35
N LEU BA 57 -31.86 -23.27 51.58
CA LEU BA 57 -30.84 -23.31 52.61
C LEU BA 57 -30.54 -24.72 53.01
N LEU BA 58 -31.60 -25.56 53.11
CA LEU BA 58 -31.50 -26.95 53.48
C LEU BA 58 -30.90 -27.76 52.37
N LEU BA 59 -31.28 -27.52 51.08
CA LEU BA 59 -30.70 -28.19 49.94
C LEU BA 59 -29.22 -27.91 49.80
N ALA BA 60 -28.81 -26.62 50.00
CA ALA BA 60 -27.44 -26.17 50.07
C ALA BA 60 -26.63 -26.90 51.13
N ALA BA 61 -27.17 -26.94 52.37
CA ALA BA 61 -26.61 -27.58 53.54
C ALA BA 61 -26.36 -29.05 53.32
N ARG BA 62 -27.36 -29.75 52.75
CA ARG BA 62 -27.35 -31.14 52.37
C ARG BA 62 -26.24 -31.46 51.38
N ALA BA 63 -25.97 -30.57 50.41
CA ALA BA 63 -24.88 -30.76 49.45
C ALA BA 63 -23.50 -30.70 50.07
N ILE BA 64 -23.31 -29.97 51.20
CA ILE BA 64 -22.06 -29.86 51.92
C ILE BA 64 -21.83 -31.14 52.68
N VAL BA 65 -22.92 -31.66 53.30
CA VAL BA 65 -23.06 -33.00 53.81
C VAL BA 65 -22.96 -34.02 52.67
N ALA BA 66 -22.45 -35.23 52.98
CA ALA BA 66 -22.08 -36.30 52.08
C ALA BA 66 -20.71 -36.08 51.54
N ILE BA 67 -19.94 -35.18 52.21
CA ILE BA 67 -18.52 -35.04 52.03
C ILE BA 67 -18.07 -35.33 53.44
N GLU BA 68 -17.02 -36.17 53.59
CA GLU BA 68 -16.57 -36.61 54.88
C GLU BA 68 -15.48 -35.73 55.40
N ASN BA 69 -15.15 -34.65 54.65
CA ASN BA 69 -14.16 -33.68 55.04
C ASN BA 69 -14.81 -32.34 54.78
N PRO BA 70 -14.99 -31.43 55.73
CA PRO BA 70 -15.81 -30.24 55.51
C PRO BA 70 -14.91 -29.13 55.03
N ALA BA 71 -13.58 -29.38 54.98
CA ALA BA 71 -12.56 -28.45 54.56
C ALA BA 71 -12.69 -28.08 53.11
N ASP BA 72 -13.08 -29.05 52.24
CA ASP BA 72 -13.19 -28.83 50.82
C ASP BA 72 -14.59 -28.33 50.49
N VAL BA 73 -15.09 -27.38 51.31
CA VAL BA 73 -16.08 -26.43 50.91
C VAL BA 73 -15.48 -25.13 51.37
N SER BA 74 -15.31 -24.18 50.41
CA SER BA 74 -14.76 -22.88 50.67
C SER BA 74 -15.86 -21.88 50.86
N VAL BA 75 -15.94 -21.32 52.08
CA VAL BA 75 -16.85 -20.25 52.43
C VAL BA 75 -16.15 -18.95 52.10
N ILE BA 76 -16.85 -18.03 51.41
CA ILE BA 76 -16.22 -16.89 50.79
C ILE BA 76 -17.07 -15.71 51.12
N SER BA 77 -16.42 -14.62 51.56
CA SER BA 77 -17.03 -13.34 51.79
C SER BA 77 -15.90 -12.38 51.57
N SER BA 78 -16.19 -11.24 50.89
CA SER BA 78 -15.26 -10.14 50.79
C SER BA 78 -15.88 -8.95 51.47
N ARG BA 79 -17.18 -9.05 51.81
CA ARG BA 79 -17.93 -8.07 52.55
C ARG BA 79 -17.44 -8.02 53.96
N ASN BA 80 -17.34 -6.79 54.53
CA ASN BA 80 -16.86 -6.53 55.87
C ASN BA 80 -17.71 -7.19 56.91
N THR BA 81 -19.05 -7.00 56.79
CA THR BA 81 -20.09 -7.54 57.63
C THR BA 81 -20.09 -9.04 57.77
N GLY BA 82 -19.44 -9.76 56.82
CA GLY BA 82 -19.45 -11.20 56.77
C GLY BA 82 -18.08 -11.76 56.98
N GLN BA 83 -17.07 -10.93 57.36
CA GLN BA 83 -15.72 -11.41 57.62
C GLN BA 83 -15.67 -12.19 58.91
N ARG BA 84 -16.33 -11.66 59.97
CA ARG BA 84 -16.50 -12.33 61.24
C ARG BA 84 -17.36 -13.55 61.09
N ALA BA 85 -18.47 -13.41 60.33
CA ALA BA 85 -19.43 -14.45 59.98
C ALA BA 85 -18.79 -15.72 59.49
N VAL BA 86 -17.97 -15.65 58.39
CA VAL BA 86 -17.33 -16.81 57.80
C VAL BA 86 -16.27 -17.38 58.72
N LEU BA 87 -15.58 -16.53 59.52
CA LEU BA 87 -14.58 -16.94 60.48
C LEU BA 87 -15.17 -17.87 61.54
N LYS BA 88 -16.37 -17.52 62.06
CA LYS BA 88 -17.10 -18.36 63.00
C LYS BA 88 -17.57 -19.66 62.38
N PHE BA 89 -18.02 -19.63 61.09
CA PHE BA 89 -18.49 -20.78 60.35
C PHE BA 89 -17.41 -21.81 60.22
N ALA BA 90 -16.16 -21.35 59.99
CA ALA BA 90 -14.99 -22.15 59.76
C ALA BA 90 -14.54 -22.84 61.00
N ALA BA 91 -14.72 -22.18 62.18
CA ALA BA 91 -14.46 -22.77 63.47
C ALA BA 91 -15.43 -23.90 63.74
N ALA BA 92 -16.72 -23.65 63.43
CA ALA BA 92 -17.83 -24.51 63.76
C ALA BA 92 -17.90 -25.71 62.87
N THR BA 93 -18.23 -25.49 61.57
CA THR BA 93 -18.41 -26.52 60.58
C THR BA 93 -17.11 -27.18 60.19
N GLY BA 94 -16.04 -26.38 60.00
CA GLY BA 94 -14.72 -26.89 59.68
C GLY BA 94 -14.36 -26.57 58.26
N ALA BA 95 -15.09 -25.59 57.65
CA ALA BA 95 -14.74 -24.95 56.40
C ALA BA 95 -13.39 -24.28 56.40
N THR BA 96 -12.81 -24.16 55.18
CA THR BA 96 -11.59 -23.44 54.89
C THR BA 96 -11.93 -22.00 54.53
N PRO BA 97 -11.38 -20.93 55.15
CA PRO BA 97 -12.14 -19.71 55.31
C PRO BA 97 -11.49 -18.73 54.37
N ILE BA 98 -12.29 -17.78 53.83
CA ILE BA 98 -11.78 -16.76 52.95
C ILE BA 98 -12.53 -15.52 53.31
N ALA BA 99 -11.88 -14.69 54.15
CA ALA BA 99 -12.41 -13.45 54.67
C ALA BA 99 -11.49 -12.40 54.12
N GLY BA 100 -12.03 -11.19 53.82
CA GLY BA 100 -11.33 -10.16 53.08
C GLY BA 100 -11.09 -10.57 51.65
N ARG BA 101 -10.02 -9.99 51.04
CA ARG BA 101 -9.70 -10.16 49.63
C ARG BA 101 -9.43 -11.61 49.31
N PHE BA 102 -10.02 -12.09 48.19
CA PHE BA 102 -9.87 -13.42 47.67
C PHE BA 102 -8.46 -13.63 47.16
N THR BA 103 -7.96 -12.65 46.37
CA THR BA 103 -6.64 -12.58 45.78
C THR BA 103 -6.68 -13.46 44.56
N PRO BA 104 -6.83 -12.96 43.33
CA PRO BA 104 -7.18 -13.75 42.16
C PRO BA 104 -6.24 -14.89 41.86
N GLY BA 105 -6.78 -16.11 41.75
CA GLY BA 105 -6.06 -17.29 41.37
C GLY BA 105 -5.67 -18.07 42.58
N THR BA 106 -6.47 -19.12 42.89
CA THR BA 106 -6.22 -20.05 43.96
C THR BA 106 -6.97 -21.31 43.59
N PHE BA 107 -7.85 -21.23 42.57
CA PHE BA 107 -8.49 -22.38 41.96
C PHE BA 107 -7.91 -22.48 40.57
N THR BA 108 -7.09 -21.48 40.18
CA THR BA 108 -6.33 -21.42 38.97
C THR BA 108 -4.94 -21.09 39.42
N ASN BA 109 -3.97 -21.19 38.48
CA ASN BA 109 -2.59 -20.83 38.61
C ASN BA 109 -1.86 -21.99 39.22
N GLN BA 110 -1.02 -22.65 38.39
CA GLN BA 110 -0.16 -23.74 38.78
C GLN BA 110 0.98 -23.21 39.60
N ILE BA 111 1.45 -21.98 39.27
CA ILE BA 111 2.53 -21.31 39.95
C ILE BA 111 1.88 -20.16 40.64
N GLN BA 112 1.83 -20.22 41.99
CA GLN BA 112 1.10 -19.26 42.78
C GLN BA 112 1.64 -19.40 44.18
N ALA BA 113 1.30 -18.43 45.06
CA ALA BA 113 1.76 -18.38 46.42
C ALA BA 113 0.70 -18.95 47.34
N ALA BA 114 -0.48 -19.31 46.80
CA ALA BA 114 -1.48 -20.03 47.55
C ALA BA 114 -2.30 -20.79 46.56
N PHE BA 115 -2.85 -21.95 47.00
CA PHE BA 115 -3.78 -22.71 46.22
C PHE BA 115 -4.68 -23.35 47.22
N ARG BA 116 -5.99 -23.37 46.90
CA ARG BA 116 -7.01 -23.99 47.71
C ARG BA 116 -7.69 -24.99 46.82
N GLU BA 117 -8.08 -26.13 47.41
CA GLU BA 117 -8.79 -27.18 46.71
C GLU BA 117 -10.15 -27.30 47.35
N PRO BA 118 -11.22 -26.82 46.71
CA PRO BA 118 -12.57 -26.96 47.20
C PRO BA 118 -13.24 -28.09 46.47
N ARG BA 119 -14.57 -28.21 46.61
CA ARG BA 119 -15.39 -29.02 45.75
C ARG BA 119 -16.69 -28.29 45.57
N LEU BA 120 -17.00 -27.35 46.48
CA LEU BA 120 -18.22 -26.59 46.46
C LEU BA 120 -17.91 -25.24 47.04
N LEU BA 121 -18.40 -24.16 46.40
CA LEU BA 121 -18.18 -22.81 46.88
C LEU BA 121 -19.48 -22.31 47.42
N VAL BA 122 -19.43 -21.56 48.55
CA VAL BA 122 -20.57 -20.86 49.09
C VAL BA 122 -20.19 -19.41 49.12
N VAL BA 123 -21.02 -18.56 48.50
CA VAL BA 123 -20.75 -17.17 48.21
C VAL BA 123 -21.83 -16.37 48.88
N THR BA 124 -21.51 -15.12 49.33
CA THR BA 124 -22.41 -14.26 50.06
C THR BA 124 -23.05 -13.21 49.18
N ASP BA 125 -22.50 -12.98 47.97
CA ASP BA 125 -23.06 -12.09 47.00
C ASP BA 125 -22.15 -12.31 45.83
N PRO BA 126 -22.59 -12.73 44.65
CA PRO BA 126 -21.69 -13.09 43.56
C PRO BA 126 -21.41 -11.89 42.70
N ARG BA 127 -21.78 -10.67 43.16
CA ARG BA 127 -21.42 -9.43 42.52
C ARG BA 127 -20.38 -8.73 43.34
N ALA BA 128 -19.93 -9.36 44.46
CA ALA BA 128 -18.83 -8.88 45.26
C ALA BA 128 -17.77 -9.95 45.27
N ASP BA 129 -18.21 -11.22 45.13
CA ASP BA 129 -17.38 -12.40 45.06
C ASP BA 129 -17.35 -12.84 43.61
N HIS BA 130 -17.57 -11.87 42.67
CA HIS BA 130 -17.53 -12.04 41.24
C HIS BA 130 -16.29 -12.72 40.71
N GLN BA 131 -15.09 -12.41 41.29
CA GLN BA 131 -13.84 -13.07 40.96
C GLN BA 131 -13.90 -14.57 41.21
N PRO BA 132 -14.30 -15.12 42.37
CA PRO BA 132 -14.48 -16.55 42.54
C PRO BA 132 -15.51 -17.16 41.61
N LEU BA 133 -16.62 -16.44 41.35
CA LEU BA 133 -17.73 -16.88 40.53
C LEU BA 133 -17.33 -17.11 39.10
N THR BA 134 -16.46 -16.22 38.56
CA THR BA 134 -15.91 -16.34 37.22
C THR BA 134 -14.84 -17.41 37.18
N GLU BA 135 -13.94 -17.41 38.19
CA GLU BA 135 -12.82 -18.32 38.26
C GLU BA 135 -13.25 -19.76 38.37
N ALA BA 136 -14.36 -20.02 39.09
CA ALA BA 136 -14.91 -21.33 39.34
C ALA BA 136 -15.43 -21.99 38.10
N SER BA 137 -15.98 -21.18 37.15
CA SER BA 137 -16.54 -21.68 35.92
C SER BA 137 -15.49 -21.84 34.83
N TYR BA 138 -14.19 -21.68 35.19
CA TYR BA 138 -13.08 -21.96 34.28
C TYR BA 138 -12.48 -23.30 34.61
N VAL BA 139 -12.91 -23.93 35.73
CA VAL BA 139 -12.22 -25.09 36.27
C VAL BA 139 -13.23 -26.05 36.83
N ASN BA 140 -14.53 -25.88 36.46
CA ASN BA 140 -15.57 -26.86 36.69
C ASN BA 140 -15.85 -27.05 38.16
N LEU BA 141 -16.35 -25.99 38.84
CA LEU BA 141 -16.69 -26.03 40.25
C LEU BA 141 -18.11 -25.52 40.36
N PRO BA 142 -19.03 -26.18 41.09
CA PRO BA 142 -20.36 -25.67 41.35
C PRO BA 142 -20.30 -24.64 42.45
N THR BA 143 -21.23 -23.66 42.43
CA THR BA 143 -21.19 -22.53 43.32
C THR BA 143 -22.60 -22.36 43.80
N ILE BA 144 -22.83 -22.39 45.13
CA ILE BA 144 -24.07 -21.97 45.74
C ILE BA 144 -23.87 -20.49 46.01
N ALA BA 145 -24.95 -19.68 46.08
CA ALA BA 145 -24.76 -18.31 46.48
C ALA BA 145 -26.04 -17.71 46.95
N LEU BA 146 -25.85 -16.72 47.85
CA LEU BA 146 -26.83 -15.92 48.53
C LEU BA 146 -27.16 -14.83 47.57
N CYS BA 147 -28.38 -14.80 46.98
CA CYS BA 147 -28.67 -13.91 45.88
C CYS BA 147 -29.91 -13.15 46.23
N ASN BA 148 -29.84 -11.82 45.96
CA ASN BA 148 -30.95 -10.89 45.98
C ASN BA 148 -31.47 -10.77 44.57
N THR BA 149 -32.38 -9.79 44.34
CA THR BA 149 -33.12 -9.56 43.14
C THR BA 149 -32.39 -8.68 42.15
N ASP BA 150 -31.05 -8.62 42.24
CA ASP BA 150 -30.25 -7.81 41.35
C ASP BA 150 -28.86 -8.37 41.30
N SER BA 151 -28.63 -9.56 41.90
CA SER BA 151 -27.40 -10.31 41.82
C SER BA 151 -27.39 -11.06 40.51
N PRO BA 152 -26.23 -11.37 39.88
CA PRO BA 152 -26.15 -12.23 38.71
C PRO BA 152 -26.49 -13.65 39.09
N LEU BA 153 -27.22 -14.36 38.20
CA LEU BA 153 -27.65 -15.73 38.39
C LEU BA 153 -26.90 -16.65 37.46
N ARG BA 154 -25.95 -16.10 36.65
CA ARG BA 154 -25.19 -16.87 35.71
C ARG BA 154 -24.05 -17.49 36.46
N TYR BA 155 -23.95 -18.84 36.41
CA TYR BA 155 -22.90 -19.66 36.98
C TYR BA 155 -23.16 -19.86 38.45
N VAL BA 156 -24.44 -19.69 38.87
CA VAL BA 156 -24.89 -19.93 40.21
C VAL BA 156 -25.83 -21.09 40.07
N ASP BA 157 -25.61 -22.13 40.91
CA ASP BA 157 -26.40 -23.32 40.94
C ASP BA 157 -26.94 -23.38 42.34
N ILE BA 158 -28.29 -23.28 42.51
CA ILE BA 158 -28.97 -23.01 43.76
C ILE BA 158 -28.73 -21.57 44.14
N ALA BA 159 -29.83 -20.77 44.23
CA ALA BA 159 -29.79 -19.46 44.81
C ALA BA 159 -30.66 -19.51 46.02
N ILE BA 160 -30.34 -18.63 47.01
CA ILE BA 160 -31.05 -18.55 48.26
C ILE BA 160 -31.54 -17.13 48.34
N PRO BA 161 -32.84 -16.84 48.20
CA PRO BA 161 -33.39 -15.49 48.33
C PRO BA 161 -33.16 -14.94 49.73
N CYS BA 162 -32.83 -13.63 49.82
CA CYS BA 162 -32.32 -13.01 51.01
C CYS BA 162 -31.80 -11.69 50.52
N ASN BA 163 -31.73 -10.68 51.43
CA ASN BA 163 -31.20 -9.37 51.15
C ASN BA 163 -29.71 -9.49 50.93
N ASN BA 164 -29.04 -10.22 51.87
CA ASN BA 164 -27.65 -10.62 51.91
C ASN BA 164 -26.65 -9.53 51.58
N LYS BA 165 -26.97 -8.29 51.99
CA LYS BA 165 -26.03 -7.20 51.93
C LYS BA 165 -26.15 -6.52 53.26
N GLY BA 166 -25.01 -6.42 53.98
CA GLY BA 166 -24.87 -5.55 55.12
C GLY BA 166 -25.59 -6.09 56.32
N ALA BA 167 -25.56 -5.31 57.42
CA ALA BA 167 -26.27 -5.54 58.65
C ALA BA 167 -26.07 -6.93 59.22
N HIS BA 168 -27.14 -7.49 59.83
CA HIS BA 168 -27.15 -8.77 60.46
C HIS BA 168 -27.63 -9.84 59.50
N SER BA 169 -28.08 -9.44 58.29
CA SER BA 169 -28.58 -10.33 57.26
C SER BA 169 -27.59 -11.36 56.78
N VAL BA 170 -26.30 -10.99 56.61
CA VAL BA 170 -25.27 -11.89 56.15
C VAL BA 170 -24.83 -12.83 57.26
N GLY BA 171 -24.72 -12.30 58.49
CA GLY BA 171 -24.43 -13.02 59.71
C GLY BA 171 -25.39 -14.13 60.01
N LEU BA 172 -26.70 -13.82 59.98
CA LEU BA 172 -27.77 -14.70 60.39
C LEU BA 172 -27.82 -15.90 59.49
N MET BA 173 -27.56 -15.69 58.18
CA MET BA 173 -27.68 -16.73 57.19
C MET BA 173 -26.53 -17.67 57.31
N TRP BA 174 -25.31 -17.19 57.68
CA TRP BA 174 -24.21 -18.05 58.03
C TRP BA 174 -24.46 -18.84 59.29
N TRP BA 175 -25.03 -18.23 60.35
CA TRP BA 175 -25.45 -18.91 61.56
C TRP BA 175 -26.40 -20.06 61.29
N MET BA 176 -27.48 -19.81 60.49
CA MET BA 176 -28.51 -20.78 60.19
C MET BA 176 -28.00 -21.91 59.34
N LEU BA 177 -27.00 -21.63 58.46
CA LEU BA 177 -26.39 -22.58 57.57
C LEU BA 177 -25.59 -23.56 58.38
N ALA BA 178 -24.71 -23.02 59.28
CA ALA BA 178 -23.88 -23.78 60.19
C ALA BA 178 -24.69 -24.67 61.09
N ARG BA 179 -25.83 -24.15 61.59
CA ARG BA 179 -26.78 -24.86 62.41
C ARG BA 179 -27.36 -26.02 61.66
N GLU BA 180 -27.76 -25.81 60.39
CA GLU BA 180 -28.34 -26.81 59.52
C GLU BA 180 -27.39 -27.94 59.16
N VAL BA 181 -26.10 -27.66 58.87
CA VAL BA 181 -25.18 -28.68 58.42
C VAL BA 181 -24.76 -29.54 59.58
N LEU BA 182 -24.65 -28.94 60.79
CA LEU BA 182 -24.36 -29.60 62.03
C LEU BA 182 -25.46 -30.54 62.46
N ARG BA 183 -26.75 -30.21 62.15
CA ARG BA 183 -27.88 -31.07 62.43
C ARG BA 183 -27.73 -32.41 61.73
N MET BA 184 -27.72 -32.43 60.37
CA MET BA 184 -27.43 -33.62 59.59
C MET BA 184 -26.16 -34.35 59.92
N ARG BA 185 -25.03 -33.61 60.05
CA ARG BA 185 -23.73 -34.19 60.30
C ARG BA 185 -22.98 -33.18 61.13
N GLY BA 186 -22.83 -33.44 62.44
CA GLY BA 186 -22.11 -32.54 63.28
C GLY BA 186 -22.11 -33.09 64.66
N THR BA 187 -22.62 -32.30 65.63
CA THR BA 187 -22.78 -32.75 66.98
C THR BA 187 -23.86 -31.94 67.68
N ILE BA 188 -24.62 -31.09 66.95
CA ILE BA 188 -25.93 -30.67 67.42
C ILE BA 188 -26.87 -31.85 67.35
N SER BA 189 -26.83 -32.56 66.20
CA SER BA 189 -27.55 -33.79 65.91
C SER BA 189 -29.05 -33.69 66.01
N ARG BA 190 -29.71 -34.80 65.60
CA ARG BA 190 -31.13 -35.12 65.67
C ARG BA 190 -32.10 -34.11 65.08
N GLU BA 191 -31.61 -33.16 64.26
CA GLU BA 191 -32.40 -32.14 63.60
C GLU BA 191 -33.11 -31.24 64.59
N HIS BA 192 -32.35 -30.67 65.55
CA HIS BA 192 -32.86 -29.73 66.52
C HIS BA 192 -31.86 -28.60 66.59
N PRO BA 193 -32.17 -27.40 67.08
CA PRO BA 193 -31.47 -26.20 66.65
C PRO BA 193 -30.31 -25.99 67.58
N TRP BA 194 -29.45 -24.99 67.27
CA TRP BA 194 -28.19 -24.77 67.93
C TRP BA 194 -28.42 -24.07 69.25
N GLU BA 195 -27.44 -24.22 70.18
CA GLU BA 195 -27.46 -23.60 71.48
C GLU BA 195 -26.60 -22.36 71.43
N VAL BA 196 -25.98 -22.09 70.26
CA VAL BA 196 -25.16 -20.92 70.01
C VAL BA 196 -26.12 -19.92 69.45
N MET BA 197 -25.94 -18.63 69.84
CA MET BA 197 -26.76 -17.52 69.41
C MET BA 197 -26.19 -16.93 68.13
N PRO BA 198 -26.95 -16.24 67.28
CA PRO BA 198 -26.48 -15.66 66.03
C PRO BA 198 -25.60 -14.46 66.24
N ASP BA 199 -25.36 -14.03 67.50
CA ASP BA 199 -24.74 -12.77 67.81
C ASP BA 199 -23.25 -12.94 67.84
N LEU BA 200 -22.80 -14.21 67.86
CA LEU BA 200 -21.42 -14.63 67.80
C LEU BA 200 -20.93 -14.43 66.39
N TYR BA 201 -21.81 -14.73 65.39
CA TYR BA 201 -21.75 -14.26 64.03
C TYR BA 201 -22.08 -12.78 63.99
N PHE BA 202 -22.82 -12.32 62.95
CA PHE BA 202 -23.05 -10.93 62.62
C PHE BA 202 -21.73 -10.23 62.33
N TYR BA 203 -21.75 -8.88 62.41
CA TYR BA 203 -20.60 -8.03 62.16
C TYR BA 203 -19.92 -7.81 63.48
N ARG BA 204 -18.70 -7.20 63.46
CA ARG BA 204 -17.98 -6.80 64.64
C ARG BA 204 -18.75 -5.88 65.55
N ASP BA 205 -19.37 -4.82 64.97
CA ASP BA 205 -20.29 -3.90 65.61
C ASP BA 205 -19.51 -2.97 66.52
N PRO BA 206 -19.28 -1.68 66.20
CA PRO BA 206 -18.15 -0.91 66.71
C PRO BA 206 -18.08 -0.86 68.21
N GLU BA 207 -16.91 -1.25 68.79
CA GLU BA 207 -16.85 -1.64 70.17
C GLU BA 207 -16.61 -0.43 71.02
N GLU BA 208 -17.49 -0.25 72.03
CA GLU BA 208 -17.45 0.87 72.94
C GLU BA 208 -16.69 0.43 74.19
N MET CA 1 64.66 -0.75 46.45
CA MET CA 1 65.88 -0.31 47.17
C MET CA 1 67.08 -0.50 46.29
N ALA CA 2 68.04 0.44 46.37
CA ALA CA 2 69.22 0.53 45.54
C ALA CA 2 70.09 -0.71 45.60
N VAL CA 3 70.78 -1.12 44.50
CA VAL CA 3 70.78 -0.50 43.18
C VAL CA 3 69.74 -1.13 42.31
N GLN CA 4 69.07 -2.21 42.82
CA GLN CA 4 67.99 -2.91 42.18
C GLN CA 4 66.81 -2.01 41.99
N ILE CA 5 65.99 -2.28 40.93
CA ILE CA 5 64.89 -1.48 40.45
C ILE CA 5 63.97 -0.89 41.50
N SER CA 6 63.31 0.23 41.14
CA SER CA 6 62.40 0.97 41.98
C SER CA 6 61.28 0.13 42.51
N LYS CA 7 60.61 0.57 43.60
CA LYS CA 7 59.50 -0.12 44.22
C LYS CA 7 58.33 -0.12 43.25
N LYS CA 8 58.11 1.03 42.59
CA LYS CA 8 57.06 1.29 41.64
C LYS CA 8 57.27 0.46 40.39
N ARG CA 9 58.55 0.33 39.97
CA ARG CA 9 58.96 -0.46 38.83
C ARG CA 9 58.87 -1.92 39.13
N LYS CA 10 59.06 -2.33 40.40
CA LYS CA 10 59.04 -3.71 40.84
C LYS CA 10 57.67 -4.30 40.65
N PHE CA 11 56.61 -3.57 41.08
CA PHE CA 11 55.23 -4.02 40.92
C PHE CA 11 54.82 -4.06 39.47
N VAL CA 12 55.15 -3.01 38.69
CA VAL CA 12 54.87 -2.93 37.26
C VAL CA 12 55.55 -4.06 36.49
N ALA CA 13 56.79 -4.42 36.89
CA ALA CA 13 57.61 -5.47 36.30
C ALA CA 13 56.95 -6.81 36.42
N ASP CA 14 56.37 -7.12 37.61
CA ASP CA 14 55.66 -8.35 37.89
C ASP CA 14 54.43 -8.40 37.03
N GLY CA 15 53.74 -7.24 36.91
CA GLY CA 15 52.57 -7.10 36.07
C GLY CA 15 52.80 -7.40 34.60
N ILE CA 16 53.91 -6.88 34.02
CA ILE CA 16 54.35 -7.13 32.65
C ILE CA 16 54.67 -8.58 32.42
N PHE CA 17 55.34 -9.23 33.41
CA PHE CA 17 55.77 -10.61 33.38
C PHE CA 17 54.59 -11.53 33.24
N LYS CA 18 53.48 -11.26 33.97
CA LYS CA 18 52.29 -12.05 33.90
C LYS CA 18 51.60 -11.95 32.55
N ALA CA 19 51.68 -10.78 31.88
CA ALA CA 19 51.10 -10.58 30.57
C ALA CA 19 51.84 -11.36 29.50
N GLU CA 20 53.20 -11.32 29.54
CA GLU CA 20 54.08 -12.03 28.63
C GLU CA 20 53.85 -13.51 28.74
N LEU CA 21 54.25 -14.10 29.89
CA LEU CA 21 54.12 -15.48 30.28
C LEU CA 21 52.80 -16.12 29.92
N ASN CA 22 51.66 -15.50 30.33
CA ASN CA 22 50.33 -15.99 30.04
C ASN CA 22 50.01 -16.03 28.58
N GLU CA 23 50.44 -15.02 27.78
CA GLU CA 23 50.14 -14.98 26.36
C GLU CA 23 50.92 -16.05 25.63
N PHE CA 24 52.18 -16.31 26.04
CA PHE CA 24 53.03 -17.34 25.49
C PHE CA 24 52.44 -18.72 25.72
N LEU CA 25 52.02 -19.00 26.98
CA LEU CA 25 51.46 -20.26 27.41
C LEU CA 25 50.15 -20.61 26.78
N THR CA 26 49.24 -19.62 26.58
CA THR CA 26 47.88 -19.84 26.12
C THR CA 26 47.86 -20.44 24.72
N ARG CA 27 48.81 -20.04 23.85
CA ARG CA 27 48.85 -20.49 22.49
C ARG CA 27 49.37 -21.89 22.34
N GLU CA 28 50.29 -22.33 23.22
CA GLU CA 28 50.86 -23.66 23.14
C GLU CA 28 49.98 -24.66 23.85
N LEU CA 29 49.66 -24.36 25.12
CA LEU CA 29 48.91 -25.21 26.02
C LEU CA 29 47.41 -25.14 25.80
N ALA CA 30 46.95 -24.61 24.64
CA ALA CA 30 45.54 -24.53 24.29
C ALA CA 30 44.88 -25.89 24.27
N GLU CA 31 45.58 -26.86 23.63
CA GLU CA 31 45.18 -28.25 23.50
C GLU CA 31 45.14 -28.96 24.83
N ASP CA 32 46.01 -28.52 25.77
CA ASP CA 32 46.19 -29.11 27.06
C ASP CA 32 45.13 -28.71 28.04
N GLY CA 33 44.34 -27.66 27.73
CA GLY CA 33 43.20 -27.28 28.55
C GLY CA 33 43.60 -26.21 29.51
N TYR CA 34 44.38 -25.22 29.03
CA TYR CA 34 44.90 -24.13 29.82
C TYR CA 34 43.78 -23.27 30.35
N SER CA 35 43.76 -23.11 31.70
CA SER CA 35 42.77 -22.31 32.37
C SER CA 35 43.45 -21.09 32.93
N GLY CA 36 44.77 -21.20 33.23
CA GLY CA 36 45.51 -20.12 33.80
C GLY CA 36 46.68 -20.71 34.53
N VAL CA 37 47.56 -19.84 35.05
CA VAL CA 37 48.72 -20.23 35.83
C VAL CA 37 48.69 -19.44 37.10
N GLU CA 38 49.52 -19.89 38.05
CA GLU CA 38 49.81 -19.22 39.28
C GLU CA 38 51.28 -19.44 39.44
N VAL CA 39 52.03 -18.36 39.73
CA VAL CA 39 53.46 -18.40 39.90
C VAL CA 39 53.61 -18.00 41.33
N ARG CA 40 54.13 -18.94 42.15
CA ARG CA 40 54.25 -18.79 43.57
C ARG CA 40 55.70 -18.68 43.86
N VAL CA 41 56.10 -17.59 44.55
CA VAL CA 41 57.45 -17.36 44.96
C VAL CA 41 57.60 -18.11 46.25
N THR CA 42 58.76 -18.79 46.43
CA THR CA 42 59.04 -19.61 47.58
C THR CA 42 60.50 -19.31 47.87
N PRO CA 43 61.20 -19.94 48.82
CA PRO CA 43 62.60 -19.63 49.04
C PRO CA 43 63.46 -20.55 48.22
N THR CA 44 64.27 -19.94 47.32
CA THR CA 44 65.24 -20.54 46.43
C THR CA 44 64.61 -21.51 45.44
N ARG CA 45 63.36 -21.20 45.02
CA ARG CA 45 62.66 -21.98 44.04
C ARG CA 45 61.62 -21.05 43.49
N THR CA 46 61.17 -21.32 42.25
CA THR CA 46 60.09 -20.63 41.60
C THR CA 46 59.17 -21.72 41.18
N GLU CA 47 57.89 -21.69 41.62
CA GLU CA 47 56.98 -22.76 41.34
C GLU CA 47 55.96 -22.17 40.42
N ILE CA 48 55.64 -22.90 39.33
CA ILE CA 48 54.66 -22.50 38.35
C ILE CA 48 53.67 -23.63 38.29
N ILE CA 49 52.44 -23.34 38.74
CA ILE CA 49 51.41 -24.33 38.95
C ILE CA 49 50.48 -24.14 37.78
N ILE CA 50 50.28 -25.22 36.99
CA ILE CA 50 49.55 -25.17 35.75
C ILE CA 50 48.18 -25.73 36.04
N LEU CA 51 47.18 -24.83 36.10
CA LEU CA 51 45.81 -25.14 36.35
C LEU CA 51 45.24 -25.58 35.02
N ALA CA 52 44.97 -26.89 34.89
CA ALA CA 52 44.62 -27.49 33.63
C ALA CA 52 43.55 -28.49 33.92
N THR CA 53 42.57 -28.57 33.00
CA THR CA 53 41.40 -29.41 33.10
C THR CA 53 41.66 -30.71 32.38
N ARG CA 54 42.89 -30.90 31.85
CA ARG CA 54 43.31 -32.09 31.18
C ARG CA 54 44.77 -32.19 31.50
N THR CA 55 45.08 -32.48 32.80
CA THR CA 55 46.39 -32.57 33.39
C THR CA 55 47.36 -33.53 32.73
N GLN CA 56 46.86 -34.61 32.09
CA GLN CA 56 47.69 -35.62 31.47
C GLN CA 56 48.50 -35.03 30.34
N ASN CA 57 47.86 -34.10 29.58
CA ASN CA 57 48.48 -33.45 28.45
C ASN CA 57 49.56 -32.46 28.84
N VAL CA 58 49.44 -31.76 30.01
CA VAL CA 58 50.49 -30.90 30.52
C VAL CA 58 51.73 -31.66 30.91
N LEU CA 59 51.56 -32.85 31.54
CA LEU CA 59 52.64 -33.72 31.95
C LEU CA 59 53.47 -34.23 30.80
N GLY CA 60 52.83 -34.94 29.84
CA GLY CA 60 53.51 -35.53 28.70
C GLY CA 60 53.97 -36.90 29.08
N GLU CA 61 54.61 -37.61 28.11
CA GLU CA 61 55.06 -38.97 28.30
C GLU CA 61 56.33 -39.00 29.08
N LYS CA 62 56.26 -39.58 30.30
CA LYS CA 62 57.37 -39.75 31.23
C LYS CA 62 57.85 -38.42 31.72
N GLY CA 63 56.90 -37.48 31.99
CA GLY CA 63 57.21 -36.14 32.44
C GLY CA 63 58.02 -35.33 31.46
N ARG CA 64 57.83 -35.53 30.13
CA ARG CA 64 58.63 -34.89 29.11
C ARG CA 64 58.38 -33.41 29.07
N ARG CA 65 57.11 -33.02 28.78
CA ARG CA 65 56.71 -31.69 28.40
C ARG CA 65 56.99 -30.66 29.45
N ILE CA 66 56.80 -31.02 30.75
CA ILE CA 66 56.98 -30.15 31.89
C ILE CA 66 58.40 -29.65 32.01
N ARG CA 67 59.39 -30.53 31.73
CA ARG CA 67 60.81 -30.22 31.69
C ARG CA 67 61.13 -29.22 30.61
N GLU CA 68 60.51 -29.39 29.42
CA GLU CA 68 60.64 -28.49 28.29
C GLU CA 68 60.12 -27.11 28.61
N LEU CA 69 59.04 -27.02 29.43
CA LEU CA 69 58.36 -25.78 29.73
C LEU CA 69 59.19 -25.03 30.73
N THR CA 70 59.64 -25.69 31.82
CA THR CA 70 60.50 -25.12 32.83
C THR CA 70 61.78 -24.58 32.23
N ALA CA 71 62.37 -25.33 31.27
CA ALA CA 71 63.58 -24.98 30.56
C ALA CA 71 63.47 -23.67 29.80
N VAL CA 72 62.34 -23.44 29.08
CA VAL CA 72 62.10 -22.23 28.31
C VAL CA 72 62.02 -21.05 29.23
N VAL CA 73 61.15 -21.15 30.28
CA VAL CA 73 60.87 -20.11 31.23
C VAL CA 73 62.11 -19.69 32.00
N GLN CA 74 62.89 -20.70 32.44
CA GLN CA 74 64.11 -20.50 33.19
C GLN CA 74 65.18 -19.77 32.43
N LYS CA 75 65.40 -20.13 31.14
CA LYS CA 75 66.42 -19.51 30.35
C LYS CA 75 66.04 -18.12 29.92
N ARG CA 76 64.81 -17.97 29.36
CA ARG CA 76 64.36 -16.70 28.84
C ARG CA 76 64.12 -15.64 29.88
N PHE CA 77 63.40 -15.97 30.99
CA PHE CA 77 63.11 -15.02 32.04
C PHE CA 77 64.13 -15.04 33.15
N GLY CA 78 65.43 -15.18 32.79
CA GLY CA 78 66.59 -15.04 33.65
C GLY CA 78 66.55 -15.61 35.03
N PHE CA 79 66.03 -16.85 35.21
CA PHE CA 79 65.96 -17.50 36.50
C PHE CA 79 67.21 -18.33 36.63
N PRO CA 80 67.82 -18.49 37.81
CA PRO CA 80 69.02 -19.30 37.98
C PRO CA 80 68.72 -20.76 37.78
N GLU CA 81 69.77 -21.59 37.58
CA GLU CA 81 69.68 -22.97 37.16
C GLU CA 81 69.00 -23.81 38.23
N GLY CA 82 67.94 -24.53 37.82
CA GLY CA 82 67.22 -25.47 38.66
C GLY CA 82 66.28 -24.79 39.61
N SER CA 83 66.07 -23.46 39.46
CA SER CA 83 65.06 -22.72 40.18
C SER CA 83 63.66 -23.17 39.83
N VAL CA 84 63.32 -23.27 38.52
CA VAL CA 84 61.93 -23.38 38.16
C VAL CA 84 61.52 -24.83 38.34
N GLU CA 85 60.25 -25.06 38.73
CA GLU CA 85 59.68 -26.35 38.96
C GLU CA 85 58.26 -26.20 38.52
N LEU CA 86 57.68 -27.27 37.93
CA LEU CA 86 56.33 -27.24 37.42
C LEU CA 86 55.56 -28.26 38.21
N TYR CA 87 54.29 -27.91 38.54
CA TYR CA 87 53.38 -28.79 39.22
C TYR CA 87 52.09 -28.66 38.47
N ALA CA 88 51.40 -29.80 38.26
CA ALA CA 88 50.10 -29.84 37.65
C ALA CA 88 49.07 -29.71 38.72
N GLU CA 89 47.86 -29.24 38.35
CA GLU CA 89 46.76 -29.07 39.25
C GLU CA 89 45.56 -29.42 38.45
N LYS CA 90 44.69 -30.31 39.02
CA LYS CA 90 43.45 -30.69 38.42
C LYS CA 90 42.40 -30.10 39.30
N VAL CA 91 41.60 -29.18 38.72
CA VAL CA 91 40.59 -28.42 39.42
C VAL CA 91 39.46 -29.31 39.87
N ALA CA 92 38.84 -28.96 41.03
CA ALA CA 92 37.71 -29.63 41.62
C ALA CA 92 36.49 -29.51 40.74
N THR CA 93 36.30 -28.31 40.13
CA THR CA 93 35.18 -28.02 39.30
C THR CA 93 35.68 -26.92 38.40
N ARG CA 94 34.97 -26.68 37.28
CA ARG CA 94 35.55 -26.07 36.11
C ARG CA 94 34.47 -25.40 35.34
N GLY CA 95 33.18 -25.64 35.72
CA GLY CA 95 32.03 -24.96 35.20
C GLY CA 95 31.76 -23.69 35.95
N LEU CA 96 32.66 -23.35 36.90
CA LEU CA 96 32.66 -22.10 37.63
C LEU CA 96 33.88 -21.33 37.20
N CYS CA 97 34.61 -21.81 36.17
CA CYS CA 97 35.95 -21.35 35.88
C CYS CA 97 36.06 -21.06 34.41
N ALA CA 98 35.14 -20.17 33.94
CA ALA CA 98 34.92 -19.58 32.62
C ALA CA 98 35.87 -19.83 31.47
N ILE CA 99 37.21 -19.70 31.70
CA ILE CA 99 38.24 -19.72 30.69
C ILE CA 99 38.35 -21.08 30.06
N ALA CA 100 38.23 -22.15 30.88
CA ALA CA 100 38.24 -23.54 30.46
C ALA CA 100 37.08 -23.83 29.55
N GLN CA 101 35.88 -23.36 29.94
CA GLN CA 101 34.61 -23.55 29.29
C GLN CA 101 34.51 -22.85 27.97
N ALA CA 102 35.09 -21.63 27.89
CA ALA CA 102 35.16 -20.82 26.71
C ALA CA 102 35.98 -21.50 25.65
N GLU CA 103 37.20 -21.98 26.01
CA GLU CA 103 38.07 -22.82 25.21
C GLU CA 103 37.38 -24.03 24.63
N SER CA 104 36.54 -24.72 25.46
CA SER CA 104 35.80 -25.89 25.07
C SER CA 104 34.77 -25.62 24.01
N LEU CA 105 34.03 -24.49 24.15
CA LEU CA 105 33.04 -24.01 23.20
C LEU CA 105 33.67 -23.64 21.89
N ARG CA 106 34.86 -23.00 21.97
CA ARG CA 106 35.69 -22.59 20.86
C ARG CA 106 36.06 -23.81 20.04
N TYR CA 107 36.49 -24.90 20.72
CA TYR CA 107 36.86 -26.16 20.09
C TYR CA 107 35.69 -26.86 19.43
N LYS CA 108 34.46 -26.80 20.02
CA LYS CA 108 33.29 -27.45 19.46
C LYS CA 108 32.92 -26.82 18.15
N LEU CA 109 32.87 -25.46 18.11
CA LEU CA 109 32.52 -24.69 16.94
C LEU CA 109 33.56 -24.81 15.86
N LEU CA 110 34.86 -24.73 16.24
CA LEU CA 110 36.01 -24.81 15.36
C LEU CA 110 36.07 -26.15 14.67
N GLY CA 111 35.73 -27.23 15.44
CA GLY CA 111 35.69 -28.61 15.03
C GLY CA 111 34.72 -28.85 13.90
N GLY CA 112 33.58 -28.13 13.94
CA GLY CA 112 32.50 -28.25 12.98
C GLY CA 112 31.33 -28.84 13.68
N LEU CA 113 30.39 -27.96 14.07
CA LEU CA 113 29.25 -28.30 14.88
C LEU CA 113 28.32 -27.15 14.68
N ALA CA 114 27.06 -27.26 15.15
CA ALA CA 114 26.07 -26.20 15.07
C ALA CA 114 26.40 -25.16 16.10
N VAL CA 115 25.69 -24.01 16.05
CA VAL CA 115 25.94 -22.90 16.92
C VAL CA 115 25.08 -23.08 18.13
N ARG CA 116 23.76 -23.30 17.93
CA ARG CA 116 22.81 -23.43 19.01
C ARG CA 116 23.06 -24.66 19.85
N ARG CA 117 23.44 -25.81 19.22
CA ARG CA 117 23.74 -27.05 19.90
C ARG CA 117 24.93 -26.92 20.81
N ALA CA 118 26.00 -26.25 20.31
CA ALA CA 118 27.25 -26.05 21.02
C ALA CA 118 27.03 -25.21 22.23
N CYS CA 119 26.29 -24.09 22.06
CA CYS CA 119 25.96 -23.12 23.09
C CYS CA 119 25.15 -23.75 24.19
N TYR CA 120 24.05 -24.47 23.83
CA TYR CA 120 23.18 -25.16 24.76
C TYR CA 120 23.90 -26.18 25.59
N GLY CA 121 24.85 -26.96 24.99
CA GLY CA 121 25.54 -28.00 25.71
C GLY CA 121 26.47 -27.46 26.77
N VAL CA 122 27.28 -26.43 26.41
CA VAL CA 122 28.21 -25.79 27.32
C VAL CA 122 27.49 -25.05 28.41
N LEU CA 123 26.38 -24.34 28.07
CA LEU CA 123 25.57 -23.53 28.98
C LEU CA 123 24.97 -24.41 30.04
N ARG CA 124 24.38 -25.55 29.61
CA ARG CA 124 23.73 -26.51 30.46
C ARG CA 124 24.71 -27.17 31.39
N PHE CA 125 25.94 -27.49 30.91
CA PHE CA 125 26.99 -28.10 31.69
C PHE CA 125 27.52 -27.18 32.77
N ILE CA 126 27.74 -25.88 32.45
CA ILE CA 126 28.25 -24.91 33.41
C ILE CA 126 27.26 -24.65 34.50
N MET CA 127 25.95 -24.57 34.15
CA MET CA 127 24.88 -24.37 35.09
C MET CA 127 24.74 -25.55 36.03
N GLU CA 128 24.84 -26.78 35.48
CA GLU CA 128 24.76 -28.04 36.21
C GLU CA 128 25.84 -28.20 37.25
N SER CA 129 27.05 -27.64 37.01
CA SER CA 129 28.18 -27.66 37.91
C SER CA 129 27.89 -26.93 39.20
N GLY CA 130 26.99 -25.93 39.13
CA GLY CA 130 26.66 -25.05 40.22
C GLY CA 130 27.01 -23.67 39.77
N ALA CA 131 25.96 -22.87 39.46
CA ALA CA 131 26.13 -21.49 39.12
C ALA CA 131 24.85 -20.85 39.57
N LYS CA 132 24.93 -19.59 40.05
CA LYS CA 132 23.78 -18.75 40.28
C LYS CA 132 23.18 -18.34 38.96
N GLY CA 133 24.05 -18.19 37.93
CA GLY CA 133 23.57 -18.01 36.59
C GLY CA 133 24.75 -17.87 35.68
N CYS CA 134 24.48 -17.77 34.37
CA CYS CA 134 25.50 -17.76 33.35
C CYS CA 134 24.89 -17.25 32.08
N GLU CA 135 25.73 -16.68 31.19
CA GLU CA 135 25.31 -16.23 29.90
C GLU CA 135 26.45 -16.47 28.95
N VAL CA 136 26.12 -16.82 27.70
CA VAL CA 136 27.06 -17.11 26.64
C VAL CA 136 26.57 -16.25 25.51
N VAL CA 137 27.49 -15.46 24.90
CA VAL CA 137 27.19 -14.59 23.80
C VAL CA 137 28.08 -15.07 22.69
N VAL CA 138 27.53 -15.18 21.46
CA VAL CA 138 28.27 -15.45 20.26
C VAL CA 138 27.99 -14.25 19.40
N SER CA 139 29.05 -13.53 19.00
CA SER CA 139 28.93 -12.33 18.20
C SER CA 139 29.78 -12.51 16.97
N GLY CA 140 29.42 -11.76 15.91
CA GLY CA 140 30.15 -11.67 14.67
C GLY CA 140 29.22 -11.89 13.54
N LYS CA 141 29.76 -12.25 12.36
CA LYS CA 141 28.97 -12.41 11.17
C LYS CA 141 28.48 -13.82 11.06
N LEU CA 142 27.34 -13.97 10.35
CA LEU CA 142 26.89 -15.27 9.91
C LEU CA 142 26.13 -14.97 8.66
N ARG CA 143 26.12 -15.93 7.71
CA ARG CA 143 25.27 -15.91 6.53
C ARG CA 143 25.62 -14.77 5.61
N GLY CA 144 26.93 -14.59 5.34
CA GLY CA 144 27.42 -13.48 4.54
C GLY CA 144 27.45 -12.23 5.37
N GLN CA 145 26.86 -11.14 4.83
CA GLN CA 145 27.42 -9.82 4.94
C GLN CA 145 26.70 -9.04 6.01
N ARG CA 146 25.96 -9.73 6.90
CA ARG CA 146 25.21 -9.11 7.96
C ARG CA 146 25.79 -9.65 9.24
N ALA CA 147 25.81 -8.80 10.29
CA ALA CA 147 26.30 -9.11 11.60
C ALA CA 147 25.13 -9.47 12.46
N LYS CA 148 25.37 -10.35 13.46
CA LYS CA 148 24.35 -10.79 14.38
C LYS CA 148 25.00 -11.04 15.71
N SER CA 149 24.18 -11.02 16.77
CA SER CA 149 24.55 -11.41 18.10
C SER CA 149 23.43 -12.29 18.57
N MET CA 150 23.73 -13.21 19.52
CA MET CA 150 22.70 -13.99 20.16
C MET CA 150 23.12 -14.06 21.59
N LYS CA 151 22.14 -14.06 22.52
CA LYS CA 151 22.37 -14.23 23.93
C LYS CA 151 21.67 -15.50 24.32
N PHE CA 152 22.41 -16.41 25.00
CA PHE CA 152 21.87 -17.65 25.51
C PHE CA 152 22.11 -17.55 26.99
N VAL CA 153 21.04 -17.31 27.78
CA VAL CA 153 21.17 -16.91 29.16
C VAL CA 153 20.39 -17.91 29.95
N ASP CA 154 20.82 -18.16 31.22
CA ASP CA 154 20.06 -18.91 32.17
C ASP CA 154 20.43 -18.35 33.52
N GLY CA 155 19.52 -18.43 34.51
CA GLY CA 155 19.78 -18.04 35.88
C GLY CA 155 19.69 -16.56 36.10
N LEU CA 156 20.54 -16.07 37.03
CA LEU CA 156 20.59 -14.70 37.49
C LEU CA 156 21.91 -14.14 37.07
N MET CA 157 21.90 -12.86 36.61
CA MET CA 157 23.08 -12.16 36.21
C MET CA 157 22.83 -10.73 36.57
N ILE CA 158 23.89 -10.02 37.01
CA ILE CA 158 23.83 -8.63 37.37
C ILE CA 158 24.86 -7.91 36.56
N HIS CA 159 24.79 -6.56 36.60
CA HIS CA 159 25.70 -5.65 35.98
C HIS CA 159 25.81 -4.46 36.90
N SER CA 160 25.35 -4.62 38.16
CA SER CA 160 25.15 -3.54 39.09
C SER CA 160 26.37 -3.33 39.93
N GLY CA 161 26.85 -2.07 39.93
CA GLY CA 161 27.92 -1.53 40.76
C GLY CA 161 29.17 -2.35 40.82
N ASP CA 162 29.92 -2.15 41.91
CA ASP CA 162 31.13 -2.86 42.25
C ASP CA 162 30.95 -4.36 42.52
N PRO CA 163 29.88 -4.97 43.07
CA PRO CA 163 29.81 -6.40 43.31
C PRO CA 163 29.90 -7.28 42.07
N VAL CA 164 29.60 -6.74 40.86
CA VAL CA 164 29.67 -7.49 39.62
C VAL CA 164 31.06 -8.02 39.37
N ASN CA 165 32.11 -7.20 39.64
CA ASN CA 165 33.50 -7.55 39.44
C ASN CA 165 33.90 -8.73 40.31
N TYR CA 166 33.45 -8.70 41.59
CA TYR CA 166 33.68 -9.73 42.56
C TYR CA 166 32.98 -11.03 42.24
N TYR CA 167 31.67 -10.95 41.91
CA TYR CA 167 30.79 -12.09 41.88
C TYR CA 167 30.89 -12.86 40.59
N VAL CA 168 31.16 -12.18 39.45
CA VAL CA 168 31.11 -12.80 38.14
C VAL CA 168 32.50 -12.79 37.56
N ASP CA 169 32.86 -13.94 36.94
CA ASP CA 169 34.11 -14.21 36.27
C ASP CA 169 33.73 -14.21 34.81
N THR CA 170 34.59 -13.67 33.92
CA THR CA 170 34.29 -13.62 32.50
C THR CA 170 35.55 -14.08 31.81
N ALA CA 171 35.41 -14.51 30.54
CA ALA CA 171 36.48 -14.96 29.70
C ALA CA 171 36.06 -14.69 28.29
N VAL CA 172 37.00 -14.25 27.43
CA VAL CA 172 36.72 -14.02 26.03
C VAL CA 172 37.67 -14.91 25.28
N ARG CA 173 37.17 -15.56 24.20
CA ARG CA 173 37.95 -16.41 23.34
C ARG CA 173 37.59 -16.00 21.96
N HIS CA 174 38.58 -16.05 21.04
CA HIS CA 174 38.40 -15.71 19.66
C HIS CA 174 38.45 -17.01 18.93
N VAL CA 175 37.35 -17.37 18.21
CA VAL CA 175 37.27 -18.61 17.48
C VAL CA 175 37.45 -18.22 16.04
N LEU CA 176 38.60 -18.65 15.47
CA LEU CA 176 39.03 -18.29 14.15
C LEU CA 176 38.27 -19.13 13.16
N LEU CA 177 37.67 -18.44 12.17
CA LEU CA 177 36.79 -18.99 11.17
C LEU CA 177 37.42 -18.60 9.88
N ARG CA 178 37.07 -19.35 8.81
CA ARG CA 178 37.65 -19.26 7.50
C ARG CA 178 36.86 -18.24 6.69
N GLN CA 179 36.17 -17.31 7.39
CA GLN CA 179 35.38 -16.27 6.79
C GLN CA 179 35.32 -15.10 7.74
N GLY CA 180 36.11 -15.09 8.83
CA GLY CA 180 36.09 -14.01 9.80
C GLY CA 180 36.50 -14.55 11.13
N VAL CA 181 36.24 -13.79 12.22
CA VAL CA 181 36.53 -14.22 13.57
C VAL CA 181 35.21 -14.07 14.27
N LEU CA 182 34.85 -15.03 15.16
CA LEU CA 182 33.66 -14.90 15.97
C LEU CA 182 34.13 -14.79 17.38
N GLY CA 183 33.35 -14.06 18.20
CA GLY CA 183 33.67 -13.79 19.59
C GLY CA 183 32.79 -14.62 20.45
N ILE CA 184 33.43 -15.41 21.33
CA ILE CA 184 32.76 -16.18 22.34
C ILE CA 184 33.08 -15.45 23.60
N LYS CA 185 32.03 -15.08 24.36
CA LYS CA 185 32.16 -14.51 25.66
C LYS CA 185 31.35 -15.36 26.58
N VAL CA 186 31.98 -15.89 27.66
CA VAL CA 186 31.29 -16.72 28.62
C VAL CA 186 31.43 -15.92 29.89
N LYS CA 187 30.33 -15.79 30.65
CA LYS CA 187 30.26 -15.06 31.88
C LYS CA 187 29.52 -15.96 32.81
N ILE CA 188 30.13 -16.31 33.96
CA ILE CA 188 29.57 -17.23 34.92
C ILE CA 188 29.50 -16.46 36.21
N MET CA 189 28.34 -16.53 36.89
CA MET CA 189 28.10 -15.89 38.16
C MET CA 189 28.02 -17.02 39.13
N LEU CA 190 28.97 -16.99 40.10
CA LEU CA 190 29.26 -18.03 41.06
C LEU CA 190 28.11 -18.25 42.00
N PRO CA 191 27.87 -19.43 42.54
CA PRO CA 191 26.73 -19.70 43.40
C PRO CA 191 27.15 -19.44 44.83
N TRP CA 192 28.36 -18.88 45.04
CA TRP CA 192 28.93 -18.62 46.33
C TRP CA 192 29.13 -17.15 46.41
N ASP CA 193 28.41 -16.51 47.35
CA ASP CA 193 28.66 -15.17 47.84
C ASP CA 193 28.36 -15.16 49.33
N PRO CA 194 27.42 -15.92 49.93
CA PRO CA 194 27.18 -15.81 51.36
C PRO CA 194 27.51 -17.17 51.92
N SER CA 195 28.13 -18.06 51.10
CA SER CA 195 28.45 -19.40 51.51
C SER CA 195 29.61 -19.83 50.66
N GLY CA 196 30.26 -20.94 51.06
CA GLY CA 196 31.43 -21.50 50.41
C GLY CA 196 32.61 -20.56 50.27
N LYS CA 197 33.19 -20.00 51.36
CA LYS CA 197 32.83 -20.13 52.75
C LYS CA 197 33.45 -18.95 53.49
N ILE CA 198 33.00 -17.69 53.25
CA ILE CA 198 31.96 -17.25 52.35
C ILE CA 198 32.59 -16.86 51.05
N GLY CA 199 31.76 -16.74 49.99
CA GLY CA 199 32.21 -16.39 48.66
C GLY CA 199 32.52 -14.92 48.58
N PRO CA 200 32.89 -14.43 47.39
CA PRO CA 200 33.24 -13.04 47.11
C PRO CA 200 32.38 -11.98 47.72
N LYS CA 201 33.04 -10.88 48.18
CA LYS CA 201 32.56 -9.69 48.85
C LYS CA 201 31.23 -9.78 49.56
N LYS CA 202 31.26 -10.34 50.80
CA LYS CA 202 30.14 -10.45 51.72
C LYS CA 202 28.89 -11.14 51.16
N PRO CA 203 27.81 -11.28 51.93
CA PRO CA 203 26.51 -11.67 51.40
C PRO CA 203 25.99 -10.65 50.42
N LEU CA 204 24.96 -11.01 49.63
CA LEU CA 204 24.39 -10.19 48.58
C LEU CA 204 23.87 -8.88 49.15
N PRO CA 205 23.99 -7.74 48.47
CA PRO CA 205 23.91 -6.42 49.10
C PRO CA 205 22.48 -6.01 49.37
N ASP CA 206 21.49 -6.77 48.86
CA ASP CA 206 20.10 -6.48 49.03
C ASP CA 206 19.41 -7.61 49.75
N HIS CA 207 20.21 -8.57 50.32
CA HIS CA 207 19.67 -9.72 51.00
C HIS CA 207 20.20 -9.75 52.40
N VAL CA 208 19.33 -10.22 53.33
CA VAL CA 208 19.51 -10.18 54.75
C VAL CA 208 18.87 -11.46 55.21
N SER CA 209 19.55 -12.18 56.15
CA SER CA 209 19.08 -13.45 56.66
C SER CA 209 18.96 -13.24 58.14
N ILE CA 210 17.83 -13.69 58.73
CA ILE CA 210 17.61 -13.71 60.16
C ILE CA 210 17.90 -15.08 60.71
N VAL CA 211 18.06 -15.16 62.06
CA VAL CA 211 17.96 -16.38 62.83
C VAL CA 211 16.49 -16.65 63.14
N GLU CA 212 16.17 -17.24 64.31
CA GLU CA 212 14.82 -17.43 64.78
C GLU CA 212 14.79 -16.99 66.23
N PRO CA 213 13.65 -16.68 66.83
CA PRO CA 213 13.60 -16.23 68.21
C PRO CA 213 13.54 -17.42 69.15
N LYS CA 214 12.34 -17.88 69.57
CA LYS CA 214 12.11 -18.97 70.49
C LYS CA 214 12.65 -18.65 71.86
N ASP CA 215 12.30 -17.44 72.36
CA ASP CA 215 12.71 -16.96 73.66
C ASP CA 215 11.68 -15.93 74.03
N GLU CA 216 11.67 -15.52 75.31
CA GLU CA 216 10.89 -14.43 75.87
C GLU CA 216 9.52 -14.92 76.26
N ILE CA 217 9.41 -16.25 76.56
CA ILE CA 217 8.20 -16.86 77.06
C ILE CA 217 8.62 -17.85 78.10
N LEU CA 218 7.77 -18.03 79.13
CA LEU CA 218 7.83 -19.16 80.02
C LEU CA 218 6.44 -19.40 80.54
N PRO CA 219 6.02 -20.61 80.85
CA PRO CA 219 4.81 -20.86 81.62
C PRO CA 219 5.11 -21.05 83.09
N THR CA 220 6.38 -21.37 83.45
CA THR CA 220 6.81 -21.58 84.82
C THR CA 220 6.67 -20.35 85.68
N THR CA 221 6.35 -20.59 86.98
CA THR CA 221 6.16 -19.56 87.97
C THR CA 221 7.52 -19.21 88.54
N PRO CA 222 7.81 -17.99 89.00
CA PRO CA 222 9.10 -17.61 89.53
C PRO CA 222 9.50 -18.43 90.73
N ILE CA 223 10.69 -19.07 90.63
CA ILE CA 223 11.26 -19.88 91.67
C ILE CA 223 12.73 -19.82 91.38
N SER CA 224 13.58 -19.91 92.43
CA SER CA 224 15.00 -19.97 92.24
C SER CA 224 15.54 -20.90 93.29
N GLU CA 225 16.76 -21.42 93.02
CA GLU CA 225 17.36 -22.44 93.84
C GLU CA 225 18.84 -22.22 93.71
N GLN CA 226 19.57 -22.49 94.82
CA GLN CA 226 20.99 -22.29 94.95
C GLN CA 226 21.78 -23.17 94.02
N LYS CA 227 22.92 -22.62 93.53
CA LYS CA 227 23.81 -23.28 92.61
C LYS CA 227 25.24 -23.21 93.20
N ALA DA 1 75.42 -9.41 71.28
CA ALA DA 1 74.75 -8.10 71.45
C ALA DA 1 73.52 -8.00 70.61
N ILE DA 2 72.59 -7.10 71.01
CA ILE DA 2 71.51 -6.63 70.18
C ILE DA 2 72.04 -5.86 68.98
N HIS DA 3 71.36 -6.05 67.82
CA HIS DA 3 71.69 -5.39 66.59
C HIS DA 3 70.41 -4.78 66.12
N ARG DA 4 70.48 -3.53 65.60
CA ARG DA 4 69.34 -2.85 65.03
C ARG DA 4 69.14 -3.37 63.64
N ILE DA 5 67.94 -3.93 63.39
CA ILE DA 5 67.54 -4.56 62.15
C ILE DA 5 66.31 -3.82 61.73
N ARG DA 6 66.16 -3.58 60.41
CA ARG DA 6 65.00 -2.93 59.87
C ARG DA 6 64.34 -3.93 58.99
N ILE DA 7 63.02 -4.16 59.22
CA ILE DA 7 62.20 -5.00 58.40
C ILE DA 7 61.37 -4.00 57.64
N THR DA 8 61.51 -3.96 56.30
CA THR DA 8 60.65 -3.20 55.43
C THR DA 8 59.63 -4.18 54.91
N LEU DA 9 58.36 -3.73 54.79
CA LEU DA 9 57.32 -4.50 54.16
C LEU DA 9 56.72 -3.56 53.15
N THR DA 10 56.57 -4.09 51.91
CA THR DA 10 56.04 -3.39 50.77
C THR DA 10 55.05 -4.30 50.11
N SER DA 11 53.93 -3.74 49.62
CA SER DA 11 52.89 -4.54 49.00
C SER DA 11 51.94 -3.53 48.40
N ARG DA 12 50.67 -3.94 48.19
CA ARG DA 12 49.66 -3.13 47.56
C ARG DA 12 48.34 -3.54 48.16
N ASN DA 13 48.34 -4.65 48.94
CA ASN DA 13 47.14 -5.35 49.31
C ASN DA 13 47.11 -5.20 50.79
N VAL DA 14 46.17 -4.37 51.30
CA VAL DA 14 46.02 -4.00 52.70
C VAL DA 14 45.94 -5.22 53.58
N LYS DA 15 44.86 -6.02 53.43
CA LYS DA 15 44.55 -7.18 54.23
C LYS DA 15 45.63 -8.21 54.34
N SER DA 16 46.39 -8.43 53.23
CA SER DA 16 47.47 -9.38 53.15
C SER DA 16 48.68 -8.88 53.89
N LEU DA 17 49.14 -7.65 53.56
CA LEU DA 17 50.15 -6.88 54.24
C LEU DA 17 49.95 -6.84 55.73
N GLU DA 18 48.70 -6.53 56.15
CA GLU DA 18 48.28 -6.36 57.52
C GLU DA 18 48.41 -7.63 58.35
N LYS DA 19 48.11 -8.81 57.77
CA LYS DA 19 48.13 -10.04 58.53
C LYS DA 19 49.45 -10.76 58.41
N VAL DA 20 50.32 -10.36 57.45
CA VAL DA 20 51.74 -10.66 57.47
C VAL DA 20 52.39 -9.93 58.61
N CYS DA 21 52.09 -8.61 58.74
CA CYS DA 21 52.61 -7.71 59.75
C CYS DA 21 52.31 -8.22 61.14
N ALA DA 22 51.01 -8.57 61.39
CA ALA DA 22 50.51 -9.32 62.52
C ALA DA 22 51.39 -10.48 62.92
N ASP DA 23 51.63 -11.43 61.99
CA ASP DA 23 52.39 -12.65 62.22
C ASP DA 23 53.82 -12.37 62.60
N LEU DA 24 54.48 -11.36 61.94
CA LEU DA 24 55.84 -10.98 62.27
C LEU DA 24 55.96 -10.45 63.68
N ILE DA 25 55.06 -9.53 64.08
CA ILE DA 25 54.98 -8.93 65.40
C ILE DA 25 54.77 -9.96 66.48
N ARG DA 26 53.72 -10.80 66.32
CA ARG DA 26 53.30 -11.78 67.30
C ARG DA 26 54.30 -12.89 67.52
N GLY DA 27 54.87 -13.44 66.43
CA GLY DA 27 55.89 -14.47 66.51
C GLY DA 27 57.23 -13.98 66.96
N ALA DA 28 57.52 -12.67 66.75
CA ALA DA 28 58.71 -12.00 67.20
C ALA DA 28 58.84 -12.04 68.70
N LYS DA 29 57.84 -11.45 69.39
CA LYS DA 29 57.76 -11.39 70.83
C LYS DA 29 57.67 -12.75 71.48
N GLU DA 30 56.90 -13.70 70.88
CA GLU DA 30 56.65 -15.05 71.37
C GLU DA 30 57.88 -15.78 71.87
N LYS DA 31 59.03 -15.60 71.16
CA LYS DA 31 60.31 -16.12 71.55
C LYS DA 31 61.21 -14.94 71.38
N ASN DA 32 61.76 -14.42 72.51
CA ASN DA 32 61.76 -13.00 72.77
C ASN DA 32 62.65 -12.25 71.82
N LEU DA 33 62.02 -11.35 71.05
CA LEU DA 33 62.64 -10.31 70.28
C LEU DA 33 61.85 -9.08 70.60
N LYS DA 34 62.30 -7.90 70.10
CA LYS DA 34 61.62 -6.64 70.19
C LYS DA 34 60.27 -6.71 69.50
N VAL DA 35 59.24 -6.08 70.12
CA VAL DA 35 57.91 -5.99 69.56
C VAL DA 35 57.86 -4.98 68.43
N LYS DA 36 58.53 -3.80 68.63
CA LYS DA 36 58.09 -2.47 68.27
C LYS DA 36 56.61 -2.34 67.93
N GLY DA 37 56.29 -2.17 66.63
CA GLY DA 37 54.96 -1.83 66.20
C GLY DA 37 55.15 -1.02 64.95
N PRO DA 38 54.18 -1.02 64.04
CA PRO DA 38 54.41 -0.60 62.67
C PRO DA 38 54.47 0.91 62.57
N VAL DA 39 55.45 1.39 61.77
CA VAL DA 39 55.52 2.75 61.33
C VAL DA 39 54.89 2.70 59.97
N ARG DA 40 53.65 3.23 59.86
CA ARG DA 40 52.95 3.33 58.61
C ARG DA 40 53.50 4.48 57.82
N MET DA 41 53.88 4.23 56.55
CA MET DA 41 54.37 5.28 55.69
C MET DA 41 53.24 5.59 54.74
N PRO DA 42 53.16 6.80 54.16
CA PRO DA 42 52.10 7.21 53.25
C PRO DA 42 52.01 6.32 52.03
N THR DA 43 50.79 5.79 51.72
CA THR DA 43 50.58 4.99 50.53
C THR DA 43 50.73 5.88 49.32
N LYS DA 44 51.40 5.36 48.26
CA LYS DA 44 51.82 6.18 47.13
C LYS DA 44 50.87 5.84 46.04
N THR DA 45 50.23 6.86 45.43
CA THR DA 45 49.20 6.62 44.46
C THR DA 45 49.82 6.91 43.13
N LEU DA 46 50.14 5.82 42.39
CA LEU DA 46 50.64 5.88 41.03
C LEU DA 46 49.45 6.10 40.16
N ARG DA 47 49.41 7.20 39.38
CA ARG DA 47 48.26 7.54 38.58
C ARG DA 47 48.67 7.56 37.14
N ILE DA 48 47.90 6.85 36.29
CA ILE DA 48 48.10 6.78 34.86
C ILE DA 48 46.82 7.30 34.27
N THR DA 49 46.95 8.19 33.26
CA THR DA 49 45.85 8.85 32.60
C THR DA 49 45.98 8.46 31.15
N THR DA 50 44.87 8.01 30.52
CA THR DA 50 44.88 7.53 29.16
C THR DA 50 43.61 8.03 28.55
N ARG DA 51 43.57 8.12 27.19
CA ARG DA 51 42.36 8.28 26.44
C ARG DA 51 41.58 7.00 26.55
N LYS DA 52 40.24 7.12 26.72
CA LYS DA 52 39.36 5.99 26.75
C LYS DA 52 39.08 5.52 25.34
N THR DA 53 39.00 6.48 24.39
CA THR DA 53 38.66 6.28 23.00
C THR DA 53 39.95 5.99 22.24
N PRO DA 54 40.23 4.82 21.64
CA PRO DA 54 40.92 4.75 20.35
C PRO DA 54 40.19 5.50 19.25
N CYS DA 55 40.88 6.49 18.64
CA CYS DA 55 40.52 7.17 17.40
C CYS DA 55 39.46 8.17 17.76
N GLY DA 56 39.86 9.45 17.90
CA GLY DA 56 39.47 10.22 19.07
C GLY DA 56 38.12 10.86 18.99
N GLU DA 57 37.44 10.81 17.80
CA GLU DA 57 36.20 11.49 17.55
C GLU DA 57 35.09 11.06 18.47
N GLY DA 58 34.18 12.02 18.79
CA GLY DA 58 33.07 11.79 19.66
C GLY DA 58 33.12 12.88 20.67
N SER DA 59 33.54 12.51 21.90
CA SER DA 59 33.66 13.42 23.01
C SER DA 59 34.98 13.10 23.64
N LYS DA 60 35.46 14.01 24.53
CA LYS DA 60 36.67 13.82 25.27
C LYS DA 60 36.30 12.97 26.45
N THR DA 61 36.72 11.69 26.41
CA THR DA 61 36.52 10.75 27.49
C THR DA 61 37.89 10.29 27.88
N TRP DA 62 38.17 10.40 29.19
CA TRP DA 62 39.44 10.11 29.77
C TRP DA 62 39.17 9.07 30.80
N ASP DA 63 40.14 8.17 30.99
CA ASP DA 63 40.08 7.10 31.94
C ASP DA 63 41.32 7.28 32.75
N ARG DA 64 41.21 7.12 34.09
CA ARG DA 64 42.33 7.27 34.97
C ARG DA 64 42.28 6.05 35.83
N PHE DA 65 43.38 5.27 35.77
CA PHE DA 65 43.63 4.14 36.62
C PHE DA 65 44.60 4.57 37.67
N GLN DA 66 44.42 4.10 38.92
CA GLN DA 66 45.41 4.25 39.95
C GLN DA 66 45.88 2.89 40.37
N MET DA 67 47.07 2.85 41.01
CA MET DA 67 47.59 1.68 41.67
C MET DA 67 48.24 2.16 42.93
N ARG DA 68 47.79 1.65 44.11
CA ARG DA 68 48.15 2.18 45.40
C ARG DA 68 49.13 1.24 46.06
N ILE DA 69 50.44 1.57 46.03
CA ILE DA 69 51.48 0.80 46.68
C ILE DA 69 51.55 1.24 48.12
N HIS DA 70 51.64 0.28 49.07
CA HIS DA 70 51.66 0.57 50.50
C HIS DA 70 52.97 0.13 51.07
N LYS DA 71 53.59 1.02 51.89
CA LYS DA 71 54.85 0.76 52.55
C LYS DA 71 54.68 0.89 54.03
N ARG DA 72 55.42 0.03 54.79
CA ARG DA 72 55.55 0.18 56.22
C ARG DA 72 56.91 -0.36 56.58
N LEU DA 73 57.53 0.16 57.66
CA LEU DA 73 58.71 -0.43 58.25
C LEU DA 73 58.49 -0.62 59.72
N ILE DA 74 59.36 -1.44 60.35
CA ILE DA 74 59.29 -1.78 61.75
C ILE DA 74 60.75 -1.96 62.07
N ASP DA 75 61.24 -1.37 63.19
CA ASP DA 75 62.62 -1.49 63.57
C ASP DA 75 62.67 -2.38 64.78
N LEU DA 76 63.25 -3.59 64.64
CA LEU DA 76 63.40 -4.50 65.75
C LEU DA 76 64.82 -4.36 66.20
N HIS DA 77 65.09 -4.52 67.50
CA HIS DA 77 66.43 -4.48 68.02
C HIS DA 77 66.53 -5.68 68.91
N SER DA 78 67.44 -6.62 68.57
CA SER DA 78 67.64 -7.85 69.31
C SER DA 78 68.65 -8.65 68.48
N PRO DA 79 69.04 -9.92 68.73
CA PRO DA 79 70.39 -10.27 68.31
C PRO DA 79 70.42 -10.90 66.95
N SER DA 80 71.17 -10.29 66.00
CA SER DA 80 71.57 -10.84 64.72
C SER DA 80 70.60 -11.74 63.99
N GLU DA 81 70.91 -13.06 63.90
CA GLU DA 81 70.27 -14.00 63.01
C GLU DA 81 68.87 -14.34 63.44
N ILE DA 82 68.65 -14.72 64.73
CA ILE DA 82 67.37 -15.13 65.28
C ILE DA 82 66.22 -14.17 65.06
N VAL DA 83 66.53 -12.87 64.80
CA VAL DA 83 65.60 -11.87 64.36
C VAL DA 83 65.11 -12.25 62.99
N LYS DA 84 65.90 -11.95 61.93
CA LYS DA 84 65.62 -12.19 60.54
C LYS DA 84 65.16 -13.59 60.20
N GLN DA 85 65.63 -14.60 60.98
CA GLN DA 85 65.24 -15.98 60.90
C GLN DA 85 63.79 -16.19 61.28
N ILE DA 86 63.42 -15.90 62.56
CA ILE DA 86 62.10 -16.20 63.09
C ILE DA 86 61.03 -15.40 62.38
N THR DA 87 61.33 -14.13 62.00
CA THR DA 87 60.48 -13.31 61.16
C THR DA 87 60.18 -13.89 59.79
N SER DA 88 61.20 -14.00 58.90
CA SER DA 88 61.02 -14.25 57.48
C SER DA 88 60.40 -15.58 57.11
N ILE DA 89 60.45 -16.58 58.02
CA ILE DA 89 59.78 -17.86 57.84
C ILE DA 89 58.31 -17.74 58.10
N SER DA 90 57.53 -18.69 57.51
CA SER DA 90 56.11 -18.91 57.69
C SER DA 90 55.29 -18.05 56.77
N ILE DA 91 55.90 -17.57 55.66
CA ILE DA 91 55.26 -16.74 54.68
C ILE DA 91 55.94 -17.11 53.39
N GLU DA 92 55.16 -17.15 52.27
CA GLU DA 92 55.70 -17.43 50.96
C GLU DA 92 55.06 -16.47 49.95
N PRO DA 93 53.77 -16.49 49.60
CA PRO DA 93 53.25 -15.67 48.51
C PRO DA 93 52.98 -14.24 48.93
N GLY DA 94 53.25 -13.29 48.01
CA GLY DA 94 52.32 -12.22 47.69
C GLY DA 94 52.39 -11.01 48.57
N VAL DA 95 53.30 -10.99 49.57
CA VAL DA 95 53.62 -9.80 50.32
C VAL DA 95 55.11 -9.85 50.37
N GLU DA 96 55.78 -8.81 49.82
CA GLU DA 96 57.21 -8.67 49.95
C GLU DA 96 57.55 -8.30 51.37
N VAL DA 97 58.65 -8.89 51.88
CA VAL DA 97 59.17 -8.67 53.20
C VAL DA 97 60.65 -8.67 52.94
N GLU DA 98 61.32 -7.62 53.42
CA GLU DA 98 62.74 -7.42 53.27
C GLU DA 98 63.27 -7.27 54.64
N VAL DA 99 64.40 -7.93 54.94
CA VAL DA 99 65.07 -7.83 56.21
C VAL DA 99 66.41 -7.27 55.85
N THR DA 100 66.78 -6.17 56.55
CA THR DA 100 67.88 -5.32 56.18
C THR DA 100 68.83 -5.27 57.34
N ILE DA 101 70.15 -5.30 57.05
CA ILE DA 101 71.24 -5.30 58.01
C ILE DA 101 71.44 -3.87 58.48
N ALA DA 102 70.87 -2.89 57.74
CA ALA DA 102 70.89 -1.47 58.01
C ALA DA 102 70.41 -1.11 59.39
N ASP DA 103 70.98 0.00 59.91
CA ASP DA 103 70.90 0.51 61.26
C ASP DA 103 71.90 -0.24 62.11
N ALA DA 104 72.60 0.50 63.00
CA ALA DA 104 73.75 -0.03 63.70
C ALA DA 104 73.30 -0.56 65.06
N LYS EA 1 -11.67 69.23 17.40
CA LYS EA 1 -11.74 70.60 16.84
C LYS EA 1 -12.83 71.40 17.52
N LYS EA 2 -14.10 71.06 17.23
CA LYS EA 2 -15.20 71.97 17.39
C LYS EA 2 -15.93 71.60 18.63
N VAL EA 3 -16.01 72.56 19.59
CA VAL EA 3 -16.59 72.37 20.89
C VAL EA 3 -17.40 73.61 21.16
N VAL EA 4 -18.28 73.52 22.18
CA VAL EA 4 -18.92 74.66 22.81
C VAL EA 4 -18.78 74.41 24.28
N ASP EA 5 -19.15 75.41 25.12
CA ASP EA 5 -19.14 75.29 26.55
C ASP EA 5 -20.59 75.44 26.95
N PRO EA 6 -21.34 74.39 27.33
CA PRO EA 6 -22.79 74.48 27.20
C PRO EA 6 -23.42 74.31 28.55
N PHE EA 7 -22.64 73.95 29.59
CA PHE EA 7 -23.13 73.68 30.93
C PHE EA 7 -22.95 74.95 31.70
N SER EA 8 -23.72 75.97 31.29
CA SER EA 8 -23.75 77.28 31.88
C SER EA 8 -25.01 77.93 31.38
N LYS EA 9 -25.79 77.19 30.56
CA LYS EA 9 -26.91 77.71 29.81
C LYS EA 9 -28.12 76.87 30.11
N LYS EA 10 -27.92 75.76 30.86
CA LYS EA 10 -28.94 74.79 31.13
C LYS EA 10 -29.63 75.09 32.42
N ASP EA 11 -30.89 74.65 32.52
CA ASP EA 11 -31.82 74.99 33.58
C ASP EA 11 -32.23 73.67 34.17
N TRP EA 12 -32.61 73.68 35.47
CA TRP EA 12 -32.85 72.47 36.22
C TRP EA 12 -34.32 72.35 36.45
N TYR EA 13 -34.81 71.10 36.37
CA TYR EA 13 -36.19 70.73 36.47
C TYR EA 13 -36.27 69.58 37.44
N ASP EA 14 -37.38 69.51 38.19
CA ASP EA 14 -37.61 68.50 39.19
C ASP EA 14 -38.65 67.59 38.61
N VAL EA 15 -38.22 66.39 38.17
CA VAL EA 15 -39.07 65.36 37.61
C VAL EA 15 -40.01 64.84 38.67
N LYS EA 16 -41.33 65.05 38.48
CA LYS EA 16 -42.36 64.67 39.42
C LYS EA 16 -43.10 63.48 38.91
N ALA EA 17 -43.25 62.45 39.79
CA ALA EA 17 -44.06 61.29 39.57
C ALA EA 17 -45.41 61.58 40.16
N PRO EA 18 -46.48 60.85 39.81
CA PRO EA 18 -47.78 60.89 40.47
C PRO EA 18 -47.75 60.79 41.97
N ALA EA 19 -48.86 61.21 42.61
CA ALA EA 19 -49.09 61.13 44.05
C ALA EA 19 -49.71 59.81 44.40
N MET EA 20 -49.53 58.81 43.51
CA MET EA 20 -50.06 57.48 43.60
C MET EA 20 -48.93 56.61 44.10
N PHE EA 21 -47.83 57.27 44.55
CA PHE EA 21 -46.61 56.68 45.00
C PHE EA 21 -46.23 57.49 46.20
N ASN EA 22 -45.29 56.97 47.03
CA ASN EA 22 -44.91 57.59 48.27
C ASN EA 22 -43.63 58.37 48.06
N ILE EA 23 -43.02 58.28 46.86
CA ILE EA 23 -41.86 59.05 46.49
C ILE EA 23 -42.28 59.68 45.19
N ARG EA 24 -42.23 61.03 45.17
CA ARG EA 24 -42.78 61.80 44.08
C ARG EA 24 -41.70 62.61 43.47
N ASN EA 25 -40.55 62.77 44.17
CA ASN EA 25 -39.44 63.57 43.71
C ASN EA 25 -38.36 62.61 43.33
N ILE EA 26 -38.42 62.15 42.05
CA ILE EA 26 -37.63 61.10 41.46
C ILE EA 26 -36.17 61.49 41.48
N GLY EA 27 -35.92 62.80 41.33
CA GLY EA 27 -34.62 63.39 41.21
C GLY EA 27 -34.79 64.45 40.18
N LYS EA 28 -33.66 65.02 39.73
CA LYS EA 28 -33.68 66.21 38.92
C LYS EA 28 -32.84 65.94 37.72
N THR EA 29 -33.05 66.72 36.65
CA THR EA 29 -32.38 66.55 35.40
C THR EA 29 -32.33 67.95 34.85
N LEU EA 30 -31.28 68.25 34.06
CA LEU EA 30 -31.04 69.56 33.53
C LEU EA 30 -31.26 69.42 32.07
N VAL EA 31 -31.97 70.39 31.47
CA VAL EA 31 -32.33 70.37 30.08
C VAL EA 31 -31.83 71.70 29.59
N THR EA 32 -31.73 71.88 28.25
CA THR EA 32 -31.33 73.12 27.63
C THR EA 32 -32.51 74.06 27.68
N ARG EA 33 -32.24 75.38 27.74
CA ARG EA 33 -33.21 76.43 27.87
C ARG EA 33 -34.11 76.47 26.65
N THR EA 34 -35.43 76.69 26.88
CA THR EA 34 -36.40 76.80 25.82
C THR EA 34 -36.49 78.27 25.56
N GLN EA 35 -36.11 78.68 24.33
CA GLN EA 35 -36.11 80.05 23.93
C GLN EA 35 -36.11 80.05 22.43
N GLY EA 36 -36.23 81.26 21.83
CA GLY EA 36 -36.57 81.42 20.44
C GLY EA 36 -35.36 81.32 19.55
N THR EA 37 -34.14 81.20 20.15
CA THR EA 37 -32.91 81.05 19.42
C THR EA 37 -32.43 79.63 19.51
N LYS EA 38 -32.86 78.90 20.56
CA LYS EA 38 -32.35 77.58 20.84
C LYS EA 38 -33.46 76.86 21.52
N ILE EA 39 -33.89 75.72 20.94
CA ILE EA 39 -35.24 75.24 21.10
C ILE EA 39 -35.08 73.90 21.75
N ALA EA 40 -35.94 73.62 22.75
CA ALA EA 40 -35.64 72.59 23.71
C ALA EA 40 -36.92 72.22 24.40
N SER EA 41 -38.08 72.69 23.90
CA SER EA 41 -39.39 72.27 24.34
C SER EA 41 -39.67 70.87 23.82
N ASP EA 42 -39.07 70.56 22.65
CA ASP EA 42 -39.04 69.27 22.01
C ASP EA 42 -38.33 68.29 22.91
N GLY EA 43 -37.07 68.63 23.27
CA GLY EA 43 -36.21 67.80 24.08
C GLY EA 43 -36.56 67.77 25.55
N LEU EA 44 -37.77 68.25 25.96
CA LEU EA 44 -38.10 68.42 27.36
C LEU EA 44 -39.39 67.70 27.59
N LYS EA 45 -40.34 67.79 26.62
CA LYS EA 45 -41.64 67.21 26.79
C LYS EA 45 -41.78 66.00 25.91
N GLY EA 46 -40.68 65.62 25.21
CA GLY EA 46 -40.55 64.36 24.54
C GLY EA 46 -39.88 63.35 25.39
N ARG EA 47 -39.33 63.79 26.56
CA ARG EA 47 -38.61 62.96 27.48
C ARG EA 47 -39.44 61.82 28.00
N VAL EA 48 -38.79 60.63 28.03
CA VAL EA 48 -39.33 59.45 28.62
C VAL EA 48 -38.24 59.10 29.58
N PHE EA 49 -38.60 58.94 30.87
CA PHE EA 49 -37.70 58.62 31.93
C PHE EA 49 -37.93 57.18 32.22
N GLU EA 50 -36.82 56.40 32.28
CA GLU EA 50 -36.89 55.02 32.63
C GLU EA 50 -36.40 54.99 34.03
N VAL EA 51 -37.33 54.69 34.97
CA VAL EA 51 -37.03 54.66 36.39
C VAL EA 51 -37.41 53.31 36.91
N SER EA 52 -36.65 52.78 37.89
CA SER EA 52 -36.99 51.57 38.60
C SER EA 52 -38.17 51.86 39.51
N LEU EA 53 -39.18 50.95 39.52
CA LEU EA 53 -40.42 51.11 40.25
C LEU EA 53 -40.18 51.09 41.74
N ALA EA 54 -39.06 50.50 42.19
CA ALA EA 54 -38.69 50.43 43.59
C ALA EA 54 -38.39 51.80 44.12
N ASP EA 55 -37.60 52.58 43.37
CA ASP EA 55 -37.26 53.95 43.67
C ASP EA 55 -38.47 54.86 43.61
N LEU EA 56 -39.38 54.63 42.62
CA LEU EA 56 -40.59 55.40 42.47
C LEU EA 56 -41.60 55.18 43.57
N GLN EA 57 -41.84 53.92 43.96
CA GLN EA 57 -42.87 53.60 44.92
C GLN EA 57 -42.49 53.92 46.34
N ASN EA 58 -41.22 53.61 46.72
CA ASN EA 58 -40.87 53.14 48.04
C ASN EA 58 -41.34 51.71 48.25
N ASP EA 59 -41.02 50.84 47.27
CA ASP EA 59 -40.47 49.54 47.54
C ASP EA 59 -41.54 48.49 47.78
N GLU EA 60 -41.22 47.25 47.31
CA GLU EA 60 -42.11 46.13 47.13
C GLU EA 60 -41.38 45.26 46.13
N VAL EA 61 -40.67 45.91 45.20
CA VAL EA 61 -39.90 45.29 44.16
C VAL EA 61 -38.53 45.89 44.22
N ALA EA 62 -37.63 45.39 43.35
CA ALA EA 62 -36.29 45.89 43.18
C ALA EA 62 -35.86 45.45 41.80
N PHE EA 63 -36.73 44.66 41.13
CA PHE EA 63 -36.83 44.52 39.70
C PHE EA 63 -37.94 45.44 39.28
N ARG EA 64 -38.37 45.34 38.00
CA ARG EA 64 -39.45 46.08 37.40
C ARG EA 64 -39.04 47.50 37.10
N LYS EA 65 -39.58 48.07 36.00
CA LYS EA 65 -39.31 49.43 35.62
C LYS EA 65 -40.60 49.96 35.11
N PHE EA 66 -40.82 51.27 35.34
CA PHE EA 66 -41.89 52.05 34.77
C PHE EA 66 -41.27 53.05 33.84
N LYS EA 67 -41.91 53.25 32.66
CA LYS EA 67 -41.57 54.31 31.75
C LYS EA 67 -42.52 55.43 32.07
N LEU EA 68 -41.96 56.62 32.41
CA LEU EA 68 -42.70 57.81 32.77
C LEU EA 68 -42.56 58.86 31.71
N ILE EA 69 -43.68 59.36 31.12
CA ILE EA 69 -43.63 60.32 30.03
C ILE EA 69 -44.20 61.64 30.49
N THR EA 70 -43.47 62.73 30.17
CA THR EA 70 -43.80 64.11 30.53
C THR EA 70 -45.00 64.51 29.73
N GLU EA 71 -46.14 64.77 30.41
CA GLU EA 71 -47.37 65.08 29.73
C GLU EA 71 -47.65 66.57 29.82
N ASP EA 72 -47.13 67.28 30.86
CA ASP EA 72 -46.84 68.70 30.68
C ASP EA 72 -45.84 69.11 31.75
N VAL EA 73 -45.27 70.32 31.55
CA VAL EA 73 -44.28 70.93 32.40
C VAL EA 73 -45.02 72.12 32.97
N GLN EA 74 -44.94 72.33 34.29
CA GLN EA 74 -45.53 73.46 34.95
C GLN EA 74 -44.59 73.96 36.00
N GLY EA 75 -43.85 75.07 35.69
CA GLY EA 75 -43.02 75.77 36.63
C GLY EA 75 -41.83 75.02 37.17
N LYS EA 76 -41.18 74.19 36.30
CA LYS EA 76 -39.94 73.48 36.56
C LYS EA 76 -40.24 72.20 37.29
N ASN EA 77 -41.50 71.72 37.15
CA ASN EA 77 -42.01 70.50 37.70
C ASN EA 77 -42.56 69.85 36.48
N CYS EA 78 -42.41 68.51 36.31
CA CYS EA 78 -42.75 67.92 35.05
C CYS EA 78 -43.54 66.73 35.44
N LEU EA 79 -44.80 66.69 34.94
CA LEU EA 79 -45.82 65.86 35.50
C LEU EA 79 -45.95 64.68 34.58
N THR EA 80 -45.63 63.47 35.10
CA THR EA 80 -45.50 62.30 34.27
C THR EA 80 -46.71 61.41 34.38
N ASN EA 81 -46.89 60.55 33.35
CA ASN EA 81 -48.00 59.64 33.23
C ASN EA 81 -47.39 58.33 32.80
N PHE EA 82 -48.07 57.20 33.13
CA PHE EA 82 -47.78 55.84 32.70
C PHE EA 82 -47.53 55.75 31.21
N HIS EA 83 -46.45 55.05 30.80
CA HIS EA 83 -46.16 54.76 29.42
C HIS EA 83 -45.88 53.30 29.21
N GLY EA 84 -45.65 52.53 30.29
CA GLY EA 84 -45.31 51.13 30.12
C GLY EA 84 -44.68 50.66 31.39
N MET EA 85 -44.83 49.33 31.64
CA MET EA 85 -44.11 48.61 32.66
C MET EA 85 -43.51 47.39 32.02
N ASP EA 86 -42.19 47.20 32.22
CA ASP EA 86 -41.49 46.01 31.80
C ASP EA 86 -40.86 45.46 33.05
N LEU EA 87 -40.07 44.37 32.91
CA LEU EA 87 -39.51 43.65 34.03
C LEU EA 87 -38.00 43.73 33.97
N THR EA 88 -37.45 44.77 33.31
CA THR EA 88 -36.07 44.83 32.83
C THR EA 88 -35.73 43.62 31.98
N ARG EA 89 -34.50 43.05 32.10
CA ARG EA 89 -34.09 41.92 31.31
C ARG EA 89 -33.75 40.79 32.23
N ASP EA 90 -32.89 41.05 33.25
CA ASP EA 90 -32.46 40.10 34.26
C ASP EA 90 -33.52 39.23 34.87
N LYS EA 91 -34.62 39.83 35.40
CA LYS EA 91 -35.75 39.16 36.01
C LYS EA 91 -36.41 38.21 35.06
N MET EA 92 -36.71 38.71 33.84
CA MET EA 92 -37.44 38.04 32.80
C MET EA 92 -36.75 36.78 32.34
N CYS EA 93 -35.41 36.85 32.15
CA CYS EA 93 -34.58 35.76 31.67
C CYS EA 93 -34.44 34.67 32.71
N SER EA 94 -34.58 35.02 34.00
CA SER EA 94 -34.37 34.12 35.12
C SER EA 94 -35.58 33.25 35.33
N MET EA 95 -36.78 33.76 34.95
CA MET EA 95 -38.00 32.97 34.91
C MET EA 95 -37.95 31.93 33.82
N VAL EA 96 -37.37 32.26 32.64
CA VAL EA 96 -37.28 31.35 31.51
C VAL EA 96 -36.22 30.34 31.89
N LYS EA 97 -36.61 29.04 31.92
CA LYS EA 97 -35.70 28.02 32.35
C LYS EA 97 -36.10 26.76 31.65
N LYS EA 98 -35.08 25.92 31.36
CA LYS EA 98 -35.15 24.67 30.65
C LYS EA 98 -35.96 23.65 31.42
N TRP EA 99 -36.59 22.71 30.67
CA TRP EA 99 -37.31 21.57 31.17
C TRP EA 99 -38.62 22.01 31.80
N GLN EA 100 -39.32 22.93 31.10
CA GLN EA 100 -40.59 23.48 31.50
C GLN EA 100 -41.26 23.85 30.22
N THR EA 101 -42.51 24.37 30.32
CA THR EA 101 -43.29 24.78 29.19
C THR EA 101 -43.42 26.25 29.41
N MET EA 102 -43.02 27.04 28.38
CA MET EA 102 -43.12 28.46 28.37
C MET EA 102 -44.36 28.78 27.61
N ILE EA 103 -45.26 29.56 28.23
CA ILE EA 103 -46.58 29.84 27.73
C ILE EA 103 -46.52 31.32 27.49
N GLU EA 104 -46.90 31.75 26.27
CA GLU EA 104 -46.88 33.14 25.88
C GLU EA 104 -48.24 33.47 25.38
N ALA EA 105 -48.75 34.65 25.80
CA ALA EA 105 -50.02 35.17 25.36
C ALA EA 105 -49.79 36.64 25.20
N HIS EA 106 -50.43 37.26 24.19
CA HIS EA 106 -50.34 38.68 24.02
C HIS EA 106 -51.69 39.16 23.57
N VAL EA 107 -52.05 40.41 23.96
CA VAL EA 107 -53.34 40.97 23.68
C VAL EA 107 -53.19 42.44 23.41
N ASP EA 108 -54.12 42.98 22.59
CA ASP EA 108 -54.24 44.38 22.24
C ASP EA 108 -55.58 44.80 22.80
N VAL EA 109 -55.64 45.88 23.61
CA VAL EA 109 -56.83 46.19 24.38
C VAL EA 109 -56.94 47.69 24.46
N LYS EA 110 -58.19 48.21 24.39
CA LYS EA 110 -58.52 49.59 24.56
C LYS EA 110 -58.98 49.75 25.99
N THR EA 111 -58.45 50.79 26.67
CA THR EA 111 -58.75 51.11 28.05
C THR EA 111 -59.99 51.97 28.08
N THR EA 112 -60.47 52.34 29.30
CA THR EA 112 -61.62 53.19 29.48
C THR EA 112 -61.30 54.58 29.00
N ASP EA 113 -60.11 55.10 29.40
CA ASP EA 113 -59.40 56.20 28.79
C ASP EA 113 -58.99 55.94 27.36
N GLY EA 114 -58.25 56.89 26.74
CA GLY EA 114 -58.04 56.94 25.32
C GLY EA 114 -57.01 55.95 24.81
N TYR EA 115 -56.33 55.21 25.72
CA TYR EA 115 -54.99 54.73 25.47
C TYR EA 115 -55.10 53.33 24.95
N LEU EA 116 -54.28 53.00 23.93
CA LEU EA 116 -54.19 51.66 23.40
C LEU EA 116 -52.94 51.08 23.97
N LEU EA 117 -53.04 49.86 24.53
CA LEU EA 117 -51.96 49.16 25.15
C LEU EA 117 -51.90 47.80 24.54
N HIS EA 118 -50.66 47.32 24.32
CA HIS EA 118 -50.33 45.97 23.93
C HIS EA 118 -49.71 45.37 25.15
N LEU EA 119 -50.21 44.23 25.69
CA LEU EA 119 -49.77 43.73 26.97
C LEU EA 119 -49.41 42.30 26.76
N PHE EA 120 -48.13 41.97 27.04
CA PHE EA 120 -47.59 40.66 26.77
C PHE EA 120 -47.62 39.97 28.12
N CYS EA 121 -47.77 38.64 28.13
CA CYS EA 121 -47.82 37.85 29.34
C CYS EA 121 -46.95 36.64 29.16
N VAL EA 122 -46.68 35.94 30.29
CA VAL EA 122 -45.80 34.80 30.34
C VAL EA 122 -46.30 33.98 31.49
N GLY EA 123 -46.12 32.64 31.42
CA GLY EA 123 -46.57 31.72 32.42
C GLY EA 123 -45.72 30.49 32.26
N PHE EA 124 -45.64 29.67 33.33
CA PHE EA 124 -44.81 28.49 33.39
C PHE EA 124 -45.55 27.39 34.06
N THR EA 125 -45.42 26.14 33.55
CA THR EA 125 -46.03 24.98 34.17
C THR EA 125 -45.06 24.56 35.24
N LYS EA 126 -45.59 24.19 36.43
CA LYS EA 126 -44.77 23.90 37.57
C LYS EA 126 -44.39 22.46 37.66
N LYS EA 127 -43.36 22.18 38.50
CA LYS EA 127 -43.00 20.85 38.91
C LYS EA 127 -43.75 20.67 40.19
N CYS EA 128 -44.72 19.73 40.22
CA CYS EA 128 -45.63 19.59 41.32
C CYS EA 128 -45.07 18.66 42.35
N ASN EA 129 -45.89 18.32 43.37
CA ASN EA 129 -45.44 18.21 44.74
C ASN EA 129 -45.03 16.80 45.08
N ASN EA 130 -44.98 15.92 44.05
CA ASN EA 130 -44.78 14.51 44.23
C ASN EA 130 -44.35 13.96 42.89
N GLN EA 131 -44.17 14.87 41.89
CA GLN EA 131 -43.67 14.60 40.55
C GLN EA 131 -42.28 14.05 40.62
N ILE EA 132 -42.00 12.99 39.81
CA ILE EA 132 -40.68 12.40 39.72
C ILE EA 132 -40.14 12.58 38.31
N ARG EA 133 -40.94 13.16 37.37
CA ARG EA 133 -40.42 13.73 36.15
C ARG EA 133 -39.58 14.94 36.49
N LYS EA 134 -38.45 15.13 35.79
CA LYS EA 134 -37.67 16.35 35.86
C LYS EA 134 -38.39 17.44 35.13
N THR EA 135 -38.89 17.12 33.91
CA THR EA 135 -39.47 18.07 33.00
C THR EA 135 -40.93 18.24 33.32
N SER EA 136 -41.49 19.39 32.91
CA SER EA 136 -42.88 19.71 33.07
C SER EA 136 -43.38 19.94 31.68
N TYR EA 137 -44.39 19.15 31.27
CA TYR EA 137 -44.99 19.19 29.95
C TYR EA 137 -46.42 18.76 30.13
N ALA EA 138 -47.23 19.01 29.08
CA ALA EA 138 -48.62 18.66 29.04
C ALA EA 138 -48.99 18.59 27.59
N GLN EA 139 -50.24 18.12 27.28
CA GLN EA 139 -50.80 18.15 25.94
C GLN EA 139 -50.93 19.57 25.45
N HIS EA 140 -50.86 19.73 24.10
CA HIS EA 140 -50.92 20.99 23.41
C HIS EA 140 -52.24 21.68 23.62
N GLN EA 141 -53.35 20.89 23.62
CA GLN EA 141 -54.71 21.32 23.85
C GLN EA 141 -54.87 22.11 25.13
N GLN EA 142 -54.33 21.57 26.25
CA GLN EA 142 -54.27 22.18 27.57
C GLN EA 142 -53.73 23.58 27.55
N VAL EA 143 -52.48 23.72 27.04
CA VAL EA 143 -51.68 24.93 26.97
C VAL EA 143 -52.40 25.99 26.17
N ARG EA 144 -53.09 25.56 25.09
CA ARG EA 144 -53.87 26.41 24.23
C ARG EA 144 -55.02 27.06 24.96
N GLN EA 145 -55.73 26.30 25.83
CA GLN EA 145 -56.87 26.74 26.60
C GLN EA 145 -56.40 27.60 27.76
N ILE EA 146 -55.21 27.29 28.32
CA ILE EA 146 -54.53 28.07 29.35
C ILE EA 146 -54.27 29.46 28.81
N ARG EA 147 -53.80 29.57 27.55
CA ARG EA 147 -53.57 30.83 26.85
C ARG EA 147 -54.83 31.62 26.67
N LYS EA 148 -55.97 30.99 26.28
CA LYS EA 148 -57.23 31.69 26.12
C LYS EA 148 -57.72 32.34 27.40
N LYS EA 149 -57.58 31.64 28.54
CA LYS EA 149 -57.90 32.12 29.86
C LYS EA 149 -57.08 33.33 30.24
N MET EA 150 -55.76 33.24 29.97
CA MET EA 150 -54.76 34.27 30.18
C MET EA 150 -55.12 35.53 29.44
N MET EA 151 -55.39 35.41 28.12
CA MET EA 151 -55.75 36.50 27.26
C MET EA 151 -57.04 37.17 27.65
N GLU EA 152 -58.09 36.37 28.00
CA GLU EA 152 -59.41 36.85 28.34
C GLU EA 152 -59.46 37.68 29.59
N ILE EA 153 -58.75 37.23 30.65
CA ILE EA 153 -58.68 37.91 31.92
C ILE EA 153 -57.95 39.22 31.75
N MET EA 154 -56.78 39.18 31.05
CA MET EA 154 -55.91 40.32 30.83
C MET EA 154 -56.60 41.43 30.08
N THR EA 155 -57.42 41.10 29.04
CA THR EA 155 -58.20 42.07 28.31
C THR EA 155 -59.33 42.64 29.13
N ARG EA 156 -60.10 41.78 29.82
CA ARG EA 156 -61.27 42.17 30.58
C ARG EA 156 -60.98 43.15 31.69
N GLU EA 157 -59.86 42.97 32.42
CA GLU EA 157 -59.52 43.80 33.56
C GLU EA 157 -58.80 45.07 33.19
N VAL EA 158 -58.44 45.25 31.90
CA VAL EA 158 -57.72 46.42 31.44
C VAL EA 158 -58.68 47.25 30.62
N GLN EA 159 -59.72 46.60 30.06
CA GLN EA 159 -60.81 47.25 29.35
C GLN EA 159 -61.61 48.08 30.31
N THR EA 160 -61.89 47.51 31.50
CA THR EA 160 -62.53 48.19 32.59
C THR EA 160 -61.47 48.92 33.36
N ASN EA 161 -61.89 50.00 34.07
CA ASN EA 161 -61.09 50.82 34.94
C ASN EA 161 -60.15 51.73 34.20
N ASP EA 162 -59.87 52.92 34.80
CA ASP EA 162 -58.98 53.92 34.25
C ASP EA 162 -57.55 53.44 34.34
N LEU EA 163 -56.67 54.02 33.49
CA LEU EA 163 -55.28 53.66 33.29
C LEU EA 163 -54.47 53.50 34.56
N LYS EA 164 -54.68 54.40 35.54
CA LYS EA 164 -54.04 54.39 36.84
C LYS EA 164 -54.40 53.19 37.69
N GLU EA 165 -55.69 52.77 37.66
CA GLU EA 165 -56.19 51.66 38.43
C GLU EA 165 -55.74 50.35 37.85
N VAL EA 166 -55.62 50.27 36.49
CA VAL EA 166 -55.02 49.17 35.76
C VAL EA 166 -53.60 48.97 36.25
N VAL EA 167 -52.80 50.06 36.30
CA VAL EA 167 -51.47 50.13 36.87
C VAL EA 167 -51.44 49.58 38.28
N ASN EA 168 -52.23 50.18 39.20
CA ASN EA 168 -52.38 49.79 40.59
C ASN EA 168 -52.72 48.33 40.83
N LYS EA 169 -53.55 47.71 39.95
CA LYS EA 169 -53.78 46.27 39.94
C LYS EA 169 -52.56 45.47 39.53
N LEU EA 170 -51.85 45.87 38.44
CA LEU EA 170 -50.80 45.06 37.84
C LEU EA 170 -49.51 45.04 38.63
N ILE EA 171 -49.34 45.91 39.65
CA ILE EA 171 -48.14 45.93 40.47
C ILE EA 171 -48.18 44.74 41.43
N PRO EA 172 -49.21 44.45 42.24
CA PRO EA 172 -49.27 43.23 43.04
C PRO EA 172 -49.67 42.04 42.19
N ASP EA 173 -50.06 42.25 40.91
CA ASP EA 173 -50.38 41.22 39.95
C ASP EA 173 -51.62 40.45 40.31
N SER EA 174 -52.73 41.19 40.59
CA SER EA 174 -54.01 40.63 40.99
C SER EA 174 -54.70 40.03 39.79
N ILE EA 175 -54.36 40.55 38.58
CA ILE EA 175 -54.78 40.06 37.28
C ILE EA 175 -54.12 38.73 37.10
N GLY EA 176 -52.77 38.70 37.24
CA GLY EA 176 -51.91 37.52 37.29
C GLY EA 176 -52.49 36.39 38.08
N LYS EA 177 -52.85 36.67 39.36
CA LYS EA 177 -53.36 35.74 40.34
C LYS EA 177 -54.67 35.12 39.92
N ASP EA 178 -55.57 35.91 39.28
CA ASP EA 178 -56.85 35.44 38.79
C ASP EA 178 -56.65 34.44 37.68
N ILE EA 179 -55.69 34.69 36.77
CA ILE EA 179 -55.28 33.77 35.71
C ILE EA 179 -54.84 32.45 36.29
N GLU EA 180 -54.02 32.49 37.38
CA GLU EA 180 -53.42 31.33 38.02
C GLU EA 180 -54.46 30.41 38.59
N LYS EA 181 -55.54 31.00 39.14
CA LYS EA 181 -56.65 30.34 39.77
C LYS EA 181 -57.57 29.69 38.77
N ALA EA 182 -57.87 30.38 37.66
CA ALA EA 182 -58.76 29.88 36.62
C ALA EA 182 -58.14 28.76 35.81
N CYS EA 183 -56.81 28.62 35.90
CA CYS EA 183 -56.02 27.69 35.14
C CYS EA 183 -55.66 26.54 36.04
N GLN EA 184 -55.74 26.74 37.38
CA GLN EA 184 -55.36 25.78 38.41
C GLN EA 184 -56.10 24.46 38.34
N SER EA 185 -57.33 24.49 37.77
CA SER EA 185 -58.16 23.33 37.53
C SER EA 185 -57.49 22.37 36.57
N ILE EA 186 -56.75 22.92 35.57
CA ILE EA 186 -56.08 22.20 34.53
C ILE EA 186 -54.71 21.87 35.10
N TYR EA 187 -53.71 22.75 34.88
CA TYR EA 187 -52.37 22.61 35.38
C TYR EA 187 -52.23 23.71 36.41
N PRO EA 188 -51.76 23.47 37.64
CA PRO EA 188 -51.67 24.50 38.68
C PRO EA 188 -50.95 25.78 38.32
N LEU EA 189 -49.81 25.70 37.60
CA LEU EA 189 -48.96 26.79 37.18
C LEU EA 189 -48.19 27.43 38.30
N HIS EA 190 -46.96 27.88 37.96
CA HIS EA 190 -46.09 28.67 38.79
C HIS EA 190 -45.75 29.87 37.96
N ASP EA 191 -45.71 31.07 38.58
CA ASP EA 191 -45.55 32.35 37.93
C ASP EA 191 -46.87 32.82 37.38
N VAL EA 192 -46.80 33.72 36.38
CA VAL EA 192 -47.83 34.40 35.62
C VAL EA 192 -47.55 35.84 35.95
N PHE EA 193 -47.07 36.59 34.94
CA PHE EA 193 -46.76 37.99 35.07
C PHE EA 193 -46.96 38.65 33.75
N VAL EA 194 -47.30 39.97 33.80
CA VAL EA 194 -47.25 40.86 32.67
C VAL EA 194 -45.79 41.20 32.50
N ARG EA 195 -45.21 40.90 31.31
CA ARG EA 195 -43.79 40.99 31.09
C ARG EA 195 -43.46 42.23 30.32
N LYS EA 196 -44.42 42.75 29.50
CA LYS EA 196 -44.21 43.97 28.79
C LYS EA 196 -45.55 44.62 28.67
N VAL EA 197 -45.54 45.98 28.65
CA VAL EA 197 -46.68 46.75 28.24
C VAL EA 197 -46.08 47.80 27.36
N LYS EA 198 -46.63 47.90 26.13
CA LYS EA 198 -46.20 48.83 25.11
C LYS EA 198 -47.38 49.72 24.89
N MET EA 199 -47.22 51.03 25.17
CA MET EA 199 -48.20 52.05 24.88
C MET EA 199 -48.16 52.35 23.41
N LEU EA 200 -49.27 52.05 22.70
CA LEU EA 200 -49.32 52.06 21.27
C LEU EA 200 -49.81 53.41 20.83
N LYS EA 201 -50.91 53.90 21.43
CA LYS EA 201 -51.46 55.19 21.12
C LYS EA 201 -51.67 55.86 22.44
N LYS EA 202 -51.22 57.13 22.52
CA LYS EA 202 -51.33 57.96 23.67
C LYS EA 202 -51.92 59.27 23.25
N PRO EA 203 -53.21 59.52 23.49
CA PRO EA 203 -53.81 60.80 23.18
C PRO EA 203 -53.83 61.60 24.45
N LYS EA 204 -53.92 62.95 24.33
CA LYS EA 204 -54.03 63.84 25.45
C LYS EA 204 -55.31 64.56 25.17
N PHE EA 205 -56.24 64.45 26.15
CA PHE EA 205 -57.36 65.34 26.29
C PHE EA 205 -57.69 65.31 27.77
N GLU EA 206 -56.73 64.83 28.58
CA GLU EA 206 -56.95 64.41 29.94
C GLU EA 206 -55.97 65.14 30.79
N LEU EA 207 -55.99 66.50 30.72
CA LEU EA 207 -55.24 67.35 31.60
C LEU EA 207 -55.88 67.34 32.98
N GLY EA 208 -57.21 67.09 33.01
CA GLY EA 208 -58.02 66.88 34.20
C GLY EA 208 -57.45 65.80 35.09
N LYS EA 209 -57.34 64.58 34.50
CA LYS EA 209 -56.79 63.39 35.10
C LYS EA 209 -55.35 63.55 35.51
N LEU EA 210 -54.53 64.22 34.67
CA LEU EA 210 -53.12 64.45 34.90
C LEU EA 210 -52.87 65.19 36.20
N MET EA 211 -53.62 66.29 36.45
CA MET EA 211 -53.56 67.04 37.69
C MET EA 211 -54.08 66.27 38.87
N GLU EA 212 -55.23 65.55 38.71
CA GLU EA 212 -55.81 64.62 39.66
C GLU EA 212 -54.84 63.59 40.22
N LEU EA 213 -53.91 63.09 39.37
CA LEU EA 213 -52.99 62.03 39.70
C LEU EA 213 -51.87 62.55 40.55
N HIS EA 214 -51.35 63.74 40.23
CA HIS EA 214 -50.38 64.46 41.01
C HIS EA 214 -51.05 65.21 42.12
N GLY EA 215 -50.23 65.80 43.02
CA GLY EA 215 -50.71 66.59 44.13
C GLY EA 215 -50.62 65.72 45.39
N SER FA 1 -25.62 77.22 35.07
CA SER FA 1 -26.16 75.84 35.27
C SER FA 1 -25.76 75.35 36.63
N LEU FA 2 -24.47 74.96 36.80
CA LEU FA 2 -23.87 74.44 38.01
C LEU FA 2 -24.62 73.21 38.48
N GLY FA 3 -24.70 73.00 39.82
CA GLY FA 3 -25.42 71.89 40.41
C GLY FA 3 -26.88 72.23 40.42
N PRO FA 4 -27.74 71.36 40.93
CA PRO FA 4 -29.17 71.57 40.99
C PRO FA 4 -29.50 72.65 41.99
N GLN FA 5 -29.03 72.51 43.24
CA GLN FA 5 -29.16 73.51 44.27
C GLN FA 5 -27.92 73.42 45.10
N VAL FA 6 -27.26 72.24 45.08
CA VAL FA 6 -25.97 72.02 45.69
C VAL FA 6 -25.41 70.87 44.90
N ALA FA 7 -24.06 70.82 44.79
CA ALA FA 7 -23.39 69.93 43.85
C ALA FA 7 -22.97 68.66 44.54
N GLU FA 8 -23.38 68.50 45.83
CA GLU FA 8 -22.92 67.48 46.72
C GLU FA 8 -23.54 67.86 48.02
N GLY FA 9 -24.76 67.33 48.26
CA GLY FA 9 -25.52 67.57 49.46
C GLY FA 9 -26.88 66.99 49.24
N GLU FA 10 -27.06 66.30 48.10
CA GLU FA 10 -28.27 65.63 47.73
C GLU FA 10 -27.84 64.61 46.72
N ASN FA 11 -28.71 63.62 46.44
CA ASN FA 11 -28.41 62.53 45.53
C ASN FA 11 -29.30 62.73 44.34
N VAL FA 12 -28.67 62.95 43.18
CA VAL FA 12 -29.34 63.14 41.92
C VAL FA 12 -28.79 62.04 41.08
N PHE FA 13 -29.72 61.35 40.35
CA PHE FA 13 -29.46 60.09 39.73
C PHE FA 13 -29.53 60.25 38.25
N GLY FA 14 -28.58 59.59 37.55
CA GLY FA 14 -28.55 59.56 36.10
C GLY FA 14 -28.29 58.15 35.72
N VAL FA 15 -28.17 57.86 34.40
CA VAL FA 15 -28.03 56.51 33.90
C VAL FA 15 -26.72 56.36 33.18
N CYS FA 16 -25.95 55.30 33.52
CA CYS FA 16 -24.58 55.13 33.12
C CYS FA 16 -24.40 54.90 31.64
N HIS FA 17 -25.27 54.02 31.04
CA HIS FA 17 -25.37 53.77 29.61
C HIS FA 17 -24.05 53.42 28.99
N ILE FA 18 -23.42 52.35 29.53
CA ILE FA 18 -22.12 51.88 29.15
C ILE FA 18 -22.36 50.91 28.03
N PHE FA 19 -21.73 51.17 26.85
CA PHE FA 19 -21.80 50.30 25.71
C PHE FA 19 -20.48 49.59 25.74
N ALA FA 20 -20.51 48.26 25.97
CA ALA FA 20 -19.32 47.46 25.99
C ALA FA 20 -19.33 46.68 24.70
N SER FA 21 -18.31 46.96 23.88
CA SER FA 21 -18.00 46.27 22.66
C SER FA 21 -16.63 45.69 22.86
N PHE FA 22 -16.02 45.19 21.76
CA PHE FA 22 -14.68 44.70 21.75
C PHE FA 22 -13.96 45.63 20.83
N ASN FA 23 -12.78 46.09 21.29
CA ASN FA 23 -11.93 47.11 20.68
C ASN FA 23 -12.41 48.49 21.05
N ASP FA 24 -13.31 48.62 22.06
CA ASP FA 24 -13.65 49.86 22.70
C ASP FA 24 -14.58 49.51 23.82
N THR FA 25 -14.84 50.48 24.71
CA THR FA 25 -15.80 50.43 25.76
C THR FA 25 -16.14 51.88 25.93
N PHE FA 26 -17.36 52.28 25.53
CA PHE FA 26 -17.80 53.65 25.60
C PHE FA 26 -18.43 53.79 26.96
N VAL FA 27 -18.00 54.83 27.70
CA VAL FA 27 -18.70 55.29 28.86
C VAL FA 27 -19.16 56.67 28.49
N HIS FA 28 -20.36 57.02 28.98
CA HIS FA 28 -21.21 57.94 28.26
C HIS FA 28 -22.45 57.98 29.10
N VAL FA 29 -22.36 58.75 30.20
CA VAL FA 29 -23.40 58.87 31.18
C VAL FA 29 -24.34 59.88 30.60
N THR FA 30 -25.65 59.70 30.82
CA THR FA 30 -26.65 60.62 30.35
C THR FA 30 -27.54 60.92 31.51
N ASP FA 31 -28.40 61.94 31.30
CA ASP FA 31 -29.51 62.31 32.14
C ASP FA 31 -30.54 61.25 32.03
N LEU FA 32 -31.27 61.00 33.15
CA LEU FA 32 -32.17 59.90 33.42
C LEU FA 32 -33.10 59.53 32.27
N SER FA 33 -33.63 60.52 31.51
CA SER FA 33 -34.37 60.28 30.28
C SER FA 33 -33.56 59.61 29.20
N GLY FA 34 -32.43 60.22 28.80
CA GLY FA 34 -31.51 59.69 27.83
C GLY FA 34 -31.25 60.71 26.76
N LYS FA 35 -31.93 61.89 26.84
CA LYS FA 35 -32.03 62.79 25.71
C LYS FA 35 -31.01 63.88 25.81
N GLU FA 36 -30.12 63.82 26.81
CA GLU FA 36 -29.04 64.75 26.89
C GLU FA 36 -27.97 64.01 27.63
N THR FA 37 -26.72 64.14 27.13
CA THR FA 37 -25.49 63.64 27.72
C THR FA 37 -25.25 64.10 29.16
N ILE FA 38 -24.07 63.75 29.69
CA ILE FA 38 -23.34 64.43 30.73
C ILE FA 38 -22.04 63.71 30.61
N CYS FA 39 -21.03 64.41 30.02
CA CYS FA 39 -19.69 63.93 29.74
C CYS FA 39 -19.65 63.03 28.53
N ARG FA 40 -18.52 63.09 27.80
CA ARG FA 40 -18.34 62.35 26.58
C ARG FA 40 -16.87 62.07 26.51
N VAL FA 41 -16.44 60.97 27.18
CA VAL FA 41 -15.07 60.52 27.19
C VAL FA 41 -15.17 59.07 26.83
N THR FA 42 -14.56 58.67 25.68
CA THR FA 42 -14.62 57.32 25.18
C THR FA 42 -13.50 56.53 25.84
N GLY FA 43 -13.46 55.20 25.59
CA GLY FA 43 -12.40 54.36 26.10
C GLY FA 43 -11.16 54.48 25.25
N GLY FA 44 -11.27 55.14 24.08
CA GLY FA 44 -10.17 55.42 23.20
C GLY FA 44 -9.62 56.79 23.43
N MET FA 45 -10.20 57.57 24.37
CA MET FA 45 -9.99 58.99 24.40
C MET FA 45 -8.74 59.25 25.19
N LYS FA 46 -8.66 58.62 26.39
CA LYS FA 46 -7.55 58.77 27.31
C LYS FA 46 -6.33 58.10 26.77
N VAL FA 47 -6.48 56.88 26.21
CA VAL FA 47 -5.42 56.21 25.51
C VAL FA 47 -6.02 55.75 24.21
N LYS FA 48 -5.49 56.29 23.09
CA LYS FA 48 -5.81 55.85 21.76
C LYS FA 48 -4.62 55.01 21.41
N ALA FA 49 -4.87 53.76 21.01
CA ALA FA 49 -3.81 52.86 20.66
C ALA FA 49 -4.30 51.84 19.68
N ASP FA 50 -5.65 51.72 19.56
CA ASP FA 50 -6.33 50.94 18.56
C ASP FA 50 -6.40 49.49 18.98
N ARG FA 51 -6.16 49.20 20.29
CA ARG FA 51 -6.24 47.85 20.80
C ARG FA 51 -6.19 47.90 22.30
N ASP FA 52 -5.99 49.12 22.87
CA ASP FA 52 -5.90 49.32 24.30
C ASP FA 52 -7.08 50.15 24.71
N GLU FA 53 -8.17 50.09 23.92
CA GLU FA 53 -9.35 50.89 24.12
C GLU FA 53 -10.32 50.12 24.98
N SER FA 54 -9.88 48.93 25.44
CA SER FA 54 -10.70 47.92 26.03
C SER FA 54 -9.80 47.12 26.95
N SER FA 55 -8.51 47.55 27.07
CA SER FA 55 -7.56 46.98 28.00
C SER FA 55 -7.78 47.77 29.27
N PRO FA 56 -7.62 47.22 30.47
CA PRO FA 56 -8.21 47.79 31.68
C PRO FA 56 -7.81 49.20 32.02
N TYR FA 57 -6.54 49.61 31.77
CA TYR FA 57 -6.03 50.89 32.20
C TYR FA 57 -6.72 52.09 31.61
N ALA FA 58 -6.95 52.08 30.26
CA ALA FA 58 -7.67 53.10 29.53
C ALA FA 58 -9.06 53.29 30.04
N ALA FA 59 -9.77 52.16 30.26
CA ALA FA 59 -11.12 52.12 30.76
C ALA FA 59 -11.24 52.74 32.13
N MET FA 60 -10.31 52.39 33.06
CA MET FA 60 -10.19 52.98 34.39
C MET FA 60 -10.09 54.49 34.33
N LEU FA 61 -9.01 54.98 33.65
CA LEU FA 61 -8.69 56.38 33.43
C LEU FA 61 -9.87 57.20 32.95
N ALA FA 62 -10.66 56.65 31.99
CA ALA FA 62 -11.78 57.30 31.38
C ALA FA 62 -12.93 57.47 32.32
N ALA FA 63 -13.29 56.39 33.05
CA ALA FA 63 -14.38 56.35 33.98
C ALA FA 63 -14.18 57.25 35.18
N GLN FA 64 -12.91 57.39 35.63
CA GLN FA 64 -12.52 58.33 36.67
C GLN FA 64 -12.66 59.77 36.22
N ASP FA 65 -12.23 60.08 34.97
CA ASP FA 65 -12.33 61.38 34.34
C ASP FA 65 -13.76 61.82 34.15
N VAL FA 66 -14.68 60.87 33.87
CA VAL FA 66 -16.10 61.11 33.71
C VAL FA 66 -16.69 61.43 35.05
N ALA FA 67 -16.39 60.59 36.08
CA ALA FA 67 -16.92 60.67 37.42
C ALA FA 67 -16.69 62.01 38.09
N GLN FA 68 -15.49 62.60 37.85
CA GLN FA 68 -15.08 63.93 38.24
C GLN FA 68 -16.07 64.97 37.79
N ARG FA 69 -16.15 65.18 36.46
CA ARG FA 69 -17.05 66.08 35.78
C ARG FA 69 -18.52 65.86 36.09
N CYS FA 70 -18.95 64.59 36.35
CA CYS FA 70 -20.28 64.25 36.80
C CYS FA 70 -20.64 64.88 38.12
N LYS FA 71 -19.81 64.68 39.18
CA LYS FA 71 -20.09 65.23 40.50
C LYS FA 71 -19.85 66.71 40.59
N GLU FA 72 -19.32 67.33 39.51
CA GLU FA 72 -19.07 68.73 39.40
C GLU FA 72 -20.34 69.41 38.91
N LEU FA 73 -21.25 68.62 38.29
CA LEU FA 73 -22.52 69.07 37.78
C LEU FA 73 -23.62 68.63 38.71
N GLY FA 74 -23.27 68.10 39.90
CA GLY FA 74 -24.24 67.73 40.92
C GLY FA 74 -24.86 66.38 40.77
N ILE FA 75 -24.37 65.56 39.80
CA ILE FA 75 -24.81 64.19 39.63
C ILE FA 75 -23.82 63.42 40.47
N THR FA 76 -24.25 63.00 41.68
CA THR FA 76 -23.42 62.30 42.62
C THR FA 76 -23.83 60.86 42.74
N ALA FA 77 -24.69 60.35 41.84
CA ALA FA 77 -25.18 59.02 41.98
C ALA FA 77 -25.79 58.59 40.68
N LEU FA 78 -25.87 57.26 40.48
CA LEU FA 78 -26.04 56.68 39.18
C LEU FA 78 -26.63 55.31 39.36
N HIS FA 79 -27.58 54.98 38.46
CA HIS FA 79 -28.21 53.69 38.31
C HIS FA 79 -27.52 53.17 37.09
N ILE FA 80 -27.09 51.89 37.11
CA ILE FA 80 -26.16 51.44 36.10
C ILE FA 80 -26.94 50.67 35.09
N LYS FA 81 -26.65 50.97 33.82
CA LYS FA 81 -27.19 50.29 32.67
C LYS FA 81 -25.99 49.80 31.94
N LEU FA 82 -25.60 48.52 32.15
CA LEU FA 82 -24.55 47.92 31.37
C LEU FA 82 -25.22 47.37 30.14
N ARG FA 83 -24.50 47.33 29.01
CA ARG FA 83 -25.05 46.87 27.76
C ARG FA 83 -23.90 46.25 27.04
N ALA FA 84 -24.20 45.20 26.25
CA ALA FA 84 -23.26 44.50 25.42
C ALA FA 84 -23.38 45.04 24.04
N THR FA 85 -22.87 44.29 23.03
CA THR FA 85 -22.90 44.67 21.63
C THR FA 85 -24.32 44.66 21.11
N GLY FA 86 -25.11 43.64 21.50
CA GLY FA 86 -26.53 43.57 21.22
C GLY FA 86 -26.78 43.09 19.82
N GLY FA 87 -28.08 43.03 19.43
CA GLY FA 87 -28.52 42.64 18.11
C GLY FA 87 -28.24 41.19 17.81
N ASN FA 88 -28.25 40.85 16.49
CA ASN FA 88 -27.82 39.58 15.97
C ASN FA 88 -26.33 39.60 15.72
N ARG FA 89 -25.55 40.04 16.74
CA ARG FA 89 -24.11 40.09 16.73
C ARG FA 89 -23.71 39.42 18.01
N THR FA 90 -22.46 39.65 18.48
CA THR FA 90 -21.78 38.84 19.48
C THR FA 90 -22.48 38.88 20.82
N LYS FA 91 -22.98 40.07 21.25
CA LYS FA 91 -23.73 40.33 22.46
C LYS FA 91 -23.04 39.82 23.70
N THR FA 92 -21.73 40.16 23.83
CA THR FA 92 -20.93 39.80 24.97
C THR FA 92 -20.18 41.08 25.32
N PRO FA 93 -20.11 41.53 26.57
CA PRO FA 93 -19.44 42.78 26.92
C PRO FA 93 -17.95 42.53 26.96
N GLY FA 94 -17.14 43.55 26.57
CA GLY FA 94 -15.69 43.47 26.60
C GLY FA 94 -15.12 43.48 28.00
N PRO FA 95 -13.80 43.38 28.14
CA PRO FA 95 -13.16 43.13 29.42
C PRO FA 95 -12.83 44.46 30.05
N GLY FA 96 -13.05 45.58 29.32
CA GLY FA 96 -12.78 46.92 29.76
C GLY FA 96 -14.03 47.53 30.32
N ALA FA 97 -15.07 46.71 30.58
CA ALA FA 97 -16.33 47.16 31.11
C ALA FA 97 -16.33 47.05 32.60
N GLN FA 98 -15.76 45.94 33.15
CA GLN FA 98 -15.68 45.71 34.57
C GLN FA 98 -14.77 46.68 35.26
N SER FA 99 -13.58 46.92 34.66
CA SER FA 99 -12.60 47.85 35.17
C SER FA 99 -13.11 49.27 35.26
N ALA FA 100 -13.98 49.67 34.29
CA ALA FA 100 -14.61 50.97 34.23
C ALA FA 100 -15.58 51.19 35.36
N LEU FA 101 -16.39 50.16 35.70
CA LEU FA 101 -17.36 50.18 36.78
C LEU FA 101 -16.68 50.33 38.12
N ARG FA 102 -15.57 49.60 38.31
CA ARG FA 102 -14.81 49.59 39.54
C ARG FA 102 -14.12 50.92 39.76
N ALA FA 103 -13.63 51.52 38.66
CA ALA FA 103 -12.97 52.80 38.60
C ALA FA 103 -13.84 53.97 38.96
N LEU FA 104 -15.11 53.99 38.50
CA LEU FA 104 -16.02 55.09 38.78
C LEU FA 104 -16.55 54.95 40.18
N ALA FA 105 -16.76 53.69 40.65
CA ALA FA 105 -17.16 53.40 42.01
C ALA FA 105 -16.14 53.93 42.99
N ARG FA 106 -14.83 53.65 42.74
CA ARG FA 106 -13.73 54.14 43.53
C ARG FA 106 -13.59 55.64 43.51
N SER FA 107 -13.84 56.29 42.34
CA SER FA 107 -13.62 57.71 42.16
C SER FA 107 -14.48 58.56 43.07
N GLY FA 108 -15.80 58.28 43.14
CA GLY FA 108 -16.65 58.87 44.14
C GLY FA 108 -18.06 58.97 43.63
N MET FA 109 -18.42 58.17 42.61
CA MET FA 109 -19.81 57.98 42.25
C MET FA 109 -20.41 56.93 43.12
N LYS FA 110 -21.71 57.08 43.40
CA LYS FA 110 -22.44 56.25 44.34
C LYS FA 110 -23.42 55.51 43.52
N ILE FA 111 -23.75 54.27 43.96
CA ILE FA 111 -24.49 53.36 43.14
C ILE FA 111 -25.83 53.24 43.80
N GLY FA 112 -26.87 52.97 43.00
CA GLY FA 112 -28.23 52.87 43.46
C GLY FA 112 -28.87 52.03 42.41
N ARG FA 113 -29.03 50.72 42.71
CA ARG FA 113 -29.50 49.67 41.82
C ARG FA 113 -28.39 49.28 40.90
N ILE FA 114 -28.66 48.23 40.07
CA ILE FA 114 -27.87 47.80 38.95
C ILE FA 114 -28.92 47.07 38.17
N GLU FA 115 -29.13 47.43 36.89
CA GLU FA 115 -30.00 46.65 36.04
C GLU FA 115 -29.30 46.29 34.75
N ASP FA 116 -29.78 45.19 34.13
CA ASP FA 116 -29.42 44.71 32.80
C ASP FA 116 -30.37 45.36 31.82
N VAL FA 117 -29.87 45.72 30.61
CA VAL FA 117 -30.68 46.38 29.60
C VAL FA 117 -30.25 45.91 28.22
N THR FA 118 -29.56 44.74 28.12
CA THR FA 118 -29.07 44.21 26.86
C THR FA 118 -30.19 43.90 25.87
N PRO FA 119 -30.10 44.25 24.58
CA PRO FA 119 -31.17 43.98 23.63
C PRO FA 119 -30.85 42.67 22.94
N ILE FA 120 -31.75 41.67 23.04
CA ILE FA 120 -31.56 40.38 22.42
C ILE FA 120 -32.79 40.11 21.57
N PRO FA 121 -32.68 39.82 20.26
CA PRO FA 121 -33.83 39.58 19.40
C PRO FA 121 -34.17 38.12 19.40
N SER FA 122 -34.95 37.65 18.40
CA SER FA 122 -35.29 36.27 18.21
C SER FA 122 -34.40 35.71 17.12
N ASP FA 123 -33.23 36.37 16.90
CA ASP FA 123 -32.34 36.20 15.77
C ASP FA 123 -33.04 36.64 14.51
N SER FA 124 -33.67 37.83 14.60
CA SER FA 124 -34.05 38.66 13.48
C SER FA 124 -32.91 39.02 12.56
N THR FA 125 -33.24 39.09 11.24
CA THR FA 125 -32.34 39.05 10.10
C THR FA 125 -31.23 38.02 10.22
N ARG FA 126 -30.04 38.31 9.65
CA ARG FA 126 -29.02 37.32 9.37
C ARG FA 126 -27.76 37.82 9.98
N ARG FA 127 -26.80 36.90 10.16
CA ARG FA 127 -25.55 37.13 10.83
C ARG FA 127 -24.48 37.19 9.79
N LYS FA 128 -23.36 37.86 10.13
CA LYS FA 128 -22.37 38.34 9.20
C LYS FA 128 -21.40 37.21 8.98
N GLY FA 129 -20.89 37.09 7.73
CA GLY FA 129 -19.87 36.13 7.38
C GLY FA 129 -20.50 34.97 6.68
N GLY FA 130 -19.70 34.30 5.82
CA GLY FA 130 -20.08 33.13 5.07
C GLY FA 130 -19.97 31.86 5.88
N ARG FA 131 -20.15 30.72 5.17
CA ARG FA 131 -20.49 29.44 5.73
C ARG FA 131 -19.26 28.78 6.28
N ARG FA 132 -18.17 28.75 5.47
CA ARG FA 132 -16.92 28.14 5.83
C ARG FA 132 -16.21 29.05 6.79
N GLY FA 133 -16.27 30.37 6.50
CA GLY FA 133 -15.80 31.46 7.33
C GLY FA 133 -14.39 31.30 7.81
N ARG FA 134 -14.12 31.87 9.01
CA ARG FA 134 -12.86 31.74 9.70
C ARG FA 134 -12.82 30.36 10.30
N ARG FA 135 -11.72 29.61 10.04
CA ARG FA 135 -11.56 28.26 10.52
C ARG FA 135 -10.40 28.26 11.45
N LEU FA 136 -10.61 27.64 12.64
CA LEU FA 136 -9.77 27.80 13.80
C LEU FA 136 -9.21 26.41 14.15
N THR GA 1 -16.17 3.08 9.10
CA THR GA 1 -16.78 2.78 10.42
C THR GA 1 -16.99 4.04 11.21
N LYS GA 2 -17.94 4.00 12.17
CA LYS GA 2 -18.41 5.17 12.85
C LYS GA 2 -17.53 5.39 14.04
N LYS GA 3 -17.04 6.64 14.18
CA LYS GA 3 -16.08 7.02 15.20
C LYS GA 3 -16.85 7.70 16.31
N ARG GA 4 -18.11 8.07 16.02
CA ARG GA 4 -19.05 8.62 16.96
C ARG GA 4 -20.35 8.00 16.57
N ARG GA 5 -21.04 7.39 17.55
CA ARG GA 5 -22.32 6.72 17.37
C ARG GA 5 -23.42 7.69 17.07
N ASN GA 6 -23.42 8.85 17.78
CA ASN GA 6 -24.46 9.85 17.64
C ASN GA 6 -24.06 10.92 16.68
N ASN GA 7 -22.79 10.92 16.22
CA ASN GA 7 -22.23 11.89 15.28
C ASN GA 7 -22.20 13.28 15.88
N GLY GA 8 -21.71 13.38 17.14
CA GLY GA 8 -21.48 14.65 17.80
C GLY GA 8 -22.71 15.20 18.49
N ARG GA 9 -23.83 14.43 18.43
CA ARG GA 9 -25.14 14.66 19.01
C ARG GA 9 -26.05 14.30 17.87
N ALA GA 10 -27.11 13.51 18.17
CA ALA GA 10 -27.95 12.86 17.20
C ALA GA 10 -28.96 13.79 16.55
N LYS GA 11 -29.61 13.26 15.50
CA LYS GA 11 -30.68 13.89 14.78
C LYS GA 11 -31.45 12.71 14.25
N LYS GA 12 -32.04 11.93 15.19
CA LYS GA 12 -32.82 10.76 14.88
C LYS GA 12 -34.20 11.03 15.37
N GLY GA 13 -35.20 10.68 14.54
CA GLY GA 13 -36.60 10.99 14.77
C GLY GA 13 -36.90 12.39 14.31
N ARG GA 14 -35.94 13.02 13.58
CA ARG GA 14 -36.02 14.35 13.06
C ARG GA 14 -35.35 14.25 11.72
N GLY GA 15 -36.00 14.80 10.66
CA GLY GA 15 -35.60 14.53 9.30
C GLY GA 15 -34.64 15.57 8.81
N HIS GA 16 -34.70 16.79 9.39
CA HIS GA 16 -33.81 17.87 9.05
C HIS GA 16 -33.90 18.82 10.20
N VAL GA 17 -32.88 19.69 10.37
CA VAL GA 17 -32.94 20.79 11.30
C VAL GA 17 -32.35 22.00 10.64
N GLN GA 18 -32.68 23.19 11.20
CA GLN GA 18 -32.14 24.47 10.84
C GLN GA 18 -30.72 24.60 11.35
N PRO GA 19 -29.87 25.47 10.81
CA PRO GA 19 -28.52 25.63 11.31
C PRO GA 19 -28.48 26.82 12.24
N ILE GA 20 -27.63 26.72 13.29
CA ILE GA 20 -27.33 27.79 14.21
C ILE GA 20 -25.96 28.27 13.79
N ARG GA 21 -25.49 29.40 14.35
CA ARG GA 21 -24.22 29.98 13.98
C ARG GA 21 -23.40 29.99 15.23
N CYS GA 22 -22.08 30.25 15.07
CA CYS GA 22 -21.16 30.30 16.18
C CYS GA 22 -21.16 31.73 16.62
N THR GA 23 -20.89 31.95 17.93
CA THR GA 23 -21.04 33.24 18.55
C THR GA 23 -19.71 33.96 18.60
N ASN GA 24 -18.64 33.36 18.02
CA ASN GA 24 -17.31 33.92 18.10
C ASN GA 24 -16.52 33.49 16.89
N CYS GA 25 -17.09 32.65 15.98
CA CYS GA 25 -16.39 32.19 14.81
C CYS GA 25 -17.27 32.34 13.61
N ALA GA 26 -18.55 32.75 13.81
CA ALA GA 26 -19.68 32.75 12.90
C ALA GA 26 -19.58 31.84 11.70
N CYS GA 27 -20.00 30.57 11.87
CA CYS GA 27 -19.96 29.57 10.84
C CYS GA 27 -21.16 28.72 11.05
N CYS GA 28 -21.79 28.26 9.94
CA CYS GA 28 -23.03 27.51 10.00
C CYS GA 28 -22.74 26.09 10.41
N VAL GA 29 -23.56 25.56 11.34
CA VAL GA 29 -23.43 24.24 11.89
C VAL GA 29 -24.85 23.87 12.30
N PRO GA 30 -25.34 22.64 12.19
CA PRO GA 30 -26.62 22.22 12.79
C PRO GA 30 -26.71 22.52 14.26
N LYS GA 31 -27.93 22.84 14.76
CA LYS GA 31 -28.17 23.21 16.13
C LYS GA 31 -27.96 22.09 17.12
N ASP GA 32 -28.43 20.86 16.79
CA ASP GA 32 -28.24 19.68 17.59
C ASP GA 32 -27.24 18.72 16.97
N LYS GA 33 -26.23 19.24 16.24
CA LYS GA 33 -25.02 18.47 15.98
C LYS GA 33 -23.85 19.32 16.39
N ALA GA 34 -24.11 20.37 17.22
CA ALA GA 34 -23.10 21.31 17.64
C ALA GA 34 -23.30 21.57 19.11
N ILE GA 35 -22.24 22.14 19.73
CA ILE GA 35 -22.12 22.43 21.14
C ILE GA 35 -23.03 23.60 21.46
N LYS GA 36 -23.82 23.45 22.55
CA LYS GA 36 -24.72 24.44 23.06
C LYS GA 36 -24.28 24.67 24.48
N LYS GA 37 -24.14 25.94 24.90
CA LYS GA 37 -23.56 26.29 26.17
C LYS GA 37 -24.34 27.40 26.81
N PHE GA 38 -24.96 27.15 27.99
CA PHE GA 38 -25.59 28.18 28.78
C PHE GA 38 -24.52 28.95 29.51
N VAL GA 39 -24.69 30.29 29.61
CA VAL GA 39 -23.75 31.14 30.28
C VAL GA 39 -24.58 32.03 31.15
N ILE GA 40 -24.53 31.76 32.48
CA ILE GA 40 -25.14 32.57 33.50
C ILE GA 40 -23.96 33.16 34.21
N ARG GA 41 -23.92 34.51 34.33
CA ARG GA 41 -22.79 35.18 34.91
C ARG GA 41 -23.34 36.45 35.48
N ASN GA 42 -22.73 36.94 36.59
CA ASN GA 42 -23.09 38.18 37.24
C ASN GA 42 -22.76 39.34 36.35
N ILE GA 43 -23.58 40.42 36.44
CA ILE GA 43 -23.44 41.63 35.68
C ILE GA 43 -22.15 42.36 36.01
N VAL GA 44 -21.74 42.30 37.30
CA VAL GA 44 -20.58 42.99 37.83
C VAL GA 44 -19.51 41.96 38.12
N GLU GA 45 -19.73 40.70 37.67
CA GLU GA 45 -18.80 39.58 37.72
C GLU GA 45 -18.17 39.36 39.07
N ALA GA 46 -16.90 38.87 39.10
CA ALA GA 46 -16.09 38.78 40.28
C ALA GA 46 -15.09 39.91 40.33
N ALA GA 47 -15.18 40.87 39.39
CA ALA GA 47 -14.20 41.91 39.19
C ALA GA 47 -14.73 43.14 39.87
N ALA GA 48 -15.59 43.91 39.15
CA ALA GA 48 -16.20 45.18 39.53
C ALA GA 48 -16.77 45.18 40.92
N VAL GA 49 -17.40 44.05 41.29
CA VAL GA 49 -18.36 43.86 42.36
C VAL GA 49 -17.83 44.26 43.71
N ARG GA 50 -16.51 44.09 43.97
CA ARG GA 50 -15.91 44.32 45.26
C ARG GA 50 -15.99 45.75 45.72
N ASP GA 51 -15.67 46.73 44.83
CA ASP GA 51 -15.90 48.15 45.09
C ASP GA 51 -17.32 48.58 44.85
N ILE GA 52 -18.10 47.87 43.99
CA ILE GA 52 -19.46 48.27 43.70
C ILE GA 52 -20.38 47.99 44.87
N SER GA 53 -20.09 46.91 45.66
CA SER GA 53 -20.87 46.56 46.83
C SER GA 53 -20.58 47.46 48.01
N GLU GA 54 -19.34 47.99 48.12
CA GLU GA 54 -18.93 48.79 49.25
C GLU GA 54 -19.39 50.20 49.07
N VAL GA 55 -19.35 50.71 47.82
CA VAL GA 55 -19.66 52.07 47.47
C VAL GA 55 -21.16 52.28 47.41
N SER GA 56 -21.95 51.23 47.09
CA SER GA 56 -23.40 51.32 46.97
C SER GA 56 -24.05 51.77 48.25
N VAL GA 57 -25.10 52.62 48.09
CA VAL GA 57 -25.85 53.19 49.17
C VAL GA 57 -27.25 53.28 48.66
N PHE GA 58 -28.23 53.18 49.60
CA PHE GA 58 -29.66 53.21 49.33
C PHE GA 58 -30.05 52.04 48.48
N ASP GA 59 -29.49 50.85 48.81
CA ASP GA 59 -29.56 49.71 47.94
C ASP GA 59 -29.45 48.51 48.84
N ALA GA 60 -30.03 47.40 48.36
CA ALA GA 60 -30.45 46.29 49.18
C ALA GA 60 -30.68 45.13 48.24
N TYR GA 61 -30.28 45.31 46.95
CA TYR GA 61 -30.71 44.49 45.85
C TYR GA 61 -29.60 43.52 45.57
N VAL GA 62 -29.97 42.23 45.48
CA VAL GA 62 -29.14 41.14 44.97
C VAL GA 62 -28.80 41.39 43.52
N LEU GA 63 -27.56 41.03 43.11
CA LEU GA 63 -26.96 41.39 41.84
C LEU GA 63 -27.74 40.78 40.69
N PRO GA 64 -27.97 41.47 39.58
CA PRO GA 64 -28.47 40.89 38.34
C PRO GA 64 -27.52 39.85 37.77
N LYS GA 65 -28.05 38.96 36.91
CA LYS GA 65 -27.22 38.09 36.12
C LYS GA 65 -27.55 38.43 34.70
N LEU GA 66 -26.53 38.28 33.82
CA LEU GA 66 -26.67 38.26 32.40
C LEU GA 66 -26.86 36.82 31.99
N TYR GA 67 -27.87 36.57 31.14
CA TYR GA 67 -28.15 35.26 30.59
C TYR GA 67 -27.93 35.40 29.13
N VAL GA 68 -27.12 34.48 28.54
CA VAL GA 68 -26.85 34.43 27.13
C VAL GA 68 -26.71 32.96 26.85
N LYS GA 69 -27.31 32.48 25.74
CA LYS GA 69 -27.21 31.10 25.34
C LYS GA 69 -26.28 31.13 24.17
N LEU GA 70 -25.00 30.77 24.41
CA LEU GA 70 -23.99 30.63 23.40
C LEU GA 70 -24.15 29.34 22.65
N HIS GA 71 -23.71 29.35 21.38
CA HIS GA 71 -23.62 28.20 20.52
C HIS GA 71 -22.25 28.29 19.95
N TYR GA 72 -21.50 27.17 20.02
CA TYR GA 72 -20.19 27.08 19.43
C TYR GA 72 -20.22 26.01 18.40
N CYS GA 73 -19.43 26.23 17.32
CA CYS GA 73 -19.17 25.23 16.31
C CYS GA 73 -18.07 24.36 16.84
N VAL GA 74 -17.92 23.15 16.23
CA VAL GA 74 -17.06 22.08 16.66
C VAL GA 74 -15.62 22.52 16.75
N SER GA 75 -15.09 23.16 15.67
CA SER GA 75 -13.70 23.51 15.56
C SER GA 75 -13.25 24.52 16.60
N CYS GA 76 -14.14 25.45 17.00
CA CYS GA 76 -13.90 26.45 18.00
C CYS GA 76 -14.05 25.89 19.38
N ALA GA 77 -15.04 24.97 19.57
CA ALA GA 77 -15.34 24.37 20.84
C ALA GA 77 -14.29 23.42 21.33
N ILE GA 78 -13.58 22.72 20.40
CA ILE GA 78 -12.46 21.88 20.75
C ILE GA 78 -11.30 22.76 21.13
N HIS GA 79 -11.10 23.87 20.35
CA HIS GA 79 -9.91 24.69 20.36
C HIS GA 79 -9.74 25.32 21.72
N SER GA 80 -10.81 26.02 22.17
CA SER GA 80 -10.80 26.82 23.38
C SER GA 80 -11.26 26.01 24.56
N LYS GA 81 -11.33 24.67 24.41
CA LYS GA 81 -11.45 23.69 25.47
C LYS GA 81 -12.76 23.79 26.20
N VAL GA 82 -13.87 23.91 25.43
CA VAL GA 82 -15.22 23.76 25.90
C VAL GA 82 -15.48 22.27 26.00
N VAL GA 83 -14.97 21.53 24.97
CA VAL GA 83 -14.87 20.10 24.95
C VAL GA 83 -13.46 19.85 24.52
N ARG GA 84 -12.97 18.61 24.71
CA ARG GA 84 -11.60 18.27 24.42
C ARG GA 84 -11.55 16.78 24.27
N ASN GA 85 -10.46 16.26 23.66
CA ASN GA 85 -10.30 14.86 23.32
C ASN GA 85 -10.32 14.00 24.55
N ARG GA 86 -10.91 12.79 24.42
CA ARG GA 86 -11.16 11.89 25.51
C ARG GA 86 -11.02 10.50 24.95
N SER GA 87 -11.00 9.49 25.85
CA SER GA 87 -10.80 8.10 25.54
C SER GA 87 -11.98 7.62 24.74
N ARG GA 88 -11.78 6.62 23.85
CA ARG GA 88 -12.82 6.07 23.01
C ARG GA 88 -13.85 5.33 23.82
N GLU GA 89 -13.44 4.78 24.99
CA GLU GA 89 -14.31 4.13 25.93
C GLU GA 89 -15.24 5.14 26.56
N ALA GA 90 -14.65 6.30 26.99
CA ALA GA 90 -15.32 7.42 27.59
C ALA GA 90 -16.33 8.09 26.70
N ARG GA 91 -16.21 7.94 25.35
CA ARG GA 91 -17.09 8.52 24.38
C ARG GA 91 -18.49 7.98 24.48
N LYS GA 92 -18.64 6.64 24.71
CA LYS GA 92 -19.91 5.96 24.88
C LYS GA 92 -20.78 6.50 26.01
N ASP GA 93 -20.21 7.34 26.91
CA ASP GA 93 -20.94 8.00 27.96
C ASP GA 93 -21.49 9.28 27.44
N ARG GA 94 -22.73 9.61 27.85
CA ARG GA 94 -23.38 10.86 27.58
C ARG GA 94 -23.20 11.77 28.76
N THR GA 95 -22.51 11.27 29.83
CA THR GA 95 -22.35 11.96 31.09
C THR GA 95 -21.28 13.02 30.88
N PRO GA 96 -21.55 14.31 31.02
CA PRO GA 96 -20.51 15.32 30.86
C PRO GA 96 -19.89 15.82 32.14
N PRO GA 97 -18.88 16.69 32.09
CA PRO GA 97 -18.32 17.34 33.26
C PRO GA 97 -19.36 18.13 34.03
N PRO GA 98 -19.61 17.96 35.34
CA PRO GA 98 -20.48 18.82 36.14
C PRO GA 98 -20.12 20.29 36.09
N ARG GA 99 -21.12 21.17 36.31
CA ARG GA 99 -20.93 22.59 36.37
C ARG GA 99 -20.82 22.99 37.84
N ARG HA 1 -5.93 57.03 37.59
CA ARG HA 1 -5.26 58.34 37.44
C ARG HA 1 -4.24 58.49 38.53
N VAL HA 2 -4.69 58.72 39.78
CA VAL HA 2 -3.83 58.89 40.91
C VAL HA 2 -4.59 58.35 42.10
N GLN HA 3 -3.85 57.73 43.05
CA GLN HA 3 -4.38 57.35 44.33
C GLN HA 3 -3.22 57.50 45.29
N PRO HA 4 -3.42 57.62 46.60
CA PRO HA 4 -2.33 57.69 47.57
C PRO HA 4 -1.67 56.34 47.69
N ILE HA 5 -0.33 56.35 47.94
CA ILE HA 5 0.48 55.20 48.22
C ILE HA 5 -0.04 54.45 49.43
N LYS HA 6 -0.23 53.12 49.26
CA LYS HA 6 -0.76 52.24 50.25
C LYS HA 6 0.32 51.26 50.59
N LEU HA 7 0.60 51.10 51.90
CA LEU HA 7 1.51 50.09 52.39
C LEU HA 7 0.65 48.88 52.61
N ALA HA 8 1.10 47.69 52.13
CA ALA HA 8 0.32 46.49 52.29
C ALA HA 8 1.29 45.39 52.59
N ARG HA 9 0.93 44.53 53.57
CA ARG HA 9 1.82 43.55 54.16
C ARG HA 9 1.37 42.17 53.79
N VAL HA 10 2.33 41.30 53.39
CA VAL HA 10 2.12 39.95 52.92
C VAL HA 10 1.52 39.11 54.02
N THR HA 11 0.31 38.55 53.75
CA THR HA 11 -0.42 37.74 54.69
C THR HA 11 -0.13 36.31 54.35
N LYS HA 12 -0.22 35.96 53.05
CA LYS HA 12 -0.13 34.59 52.63
C LYS HA 12 0.40 34.58 51.24
N VAL HA 13 1.47 33.78 51.01
CA VAL HA 13 2.01 33.52 49.70
C VAL HA 13 1.15 32.43 49.12
N LEU HA 14 0.36 32.78 48.08
CA LEU HA 14 -0.63 31.93 47.48
C LEU HA 14 -0.04 30.78 46.70
N GLY HA 15 1.09 31.02 46.01
CA GLY HA 15 1.69 30.02 45.14
C GLY HA 15 2.29 30.74 44.00
N ARG HA 16 2.73 29.99 42.95
CA ARG HA 16 3.43 30.54 41.82
C ARG HA 16 2.65 30.27 40.57
N THR HA 17 2.53 31.33 39.73
CA THR HA 17 1.95 31.32 38.41
C THR HA 17 3.06 31.79 37.50
N GLY HA 18 2.73 32.28 36.29
CA GLY HA 18 3.69 32.58 35.26
C GLY HA 18 3.85 31.39 34.36
N SER HA 19 4.17 31.68 33.08
CA SER HA 19 4.40 30.71 32.04
C SER HA 19 5.66 29.93 32.31
N GLN HA 20 6.70 30.64 32.82
CA GLN HA 20 7.98 30.09 33.17
C GLN HA 20 8.03 29.79 34.64
N GLY HA 21 6.96 30.16 35.39
CA GLY HA 21 6.82 29.88 36.80
C GLY HA 21 7.51 30.90 37.66
N GLN HA 22 7.75 32.11 37.11
CA GLN HA 22 8.60 33.12 37.70
C GLN HA 22 7.82 34.32 38.12
N CYS HA 23 6.53 34.13 38.48
CA CYS HA 23 5.68 35.18 38.99
C CYS HA 23 5.02 34.52 40.16
N THR HA 24 5.00 35.19 41.33
CA THR HA 24 4.48 34.57 42.53
C THR HA 24 3.25 35.36 42.88
N GLN HA 25 2.08 34.67 43.04
CA GLN HA 25 0.88 35.22 43.60
C GLN HA 25 1.06 35.41 45.09
N VAL HA 26 0.50 36.52 45.61
CA VAL HA 26 0.63 36.91 46.99
C VAL HA 26 -0.71 37.53 47.32
N ARG HA 27 -1.15 37.39 48.58
CA ARG HA 27 -2.28 38.11 49.12
C ARG HA 27 -1.72 39.00 50.20
N VAL HA 28 -2.05 40.31 50.08
CA VAL HA 28 -1.50 41.34 50.91
C VAL HA 28 -2.68 41.96 51.60
N GLU HA 29 -2.65 41.93 52.97
CA GLU HA 29 -3.54 42.65 53.84
C GLU HA 29 -3.20 44.10 53.67
N PHE HA 30 -4.24 44.93 53.42
CA PHE HA 30 -4.11 46.25 52.88
C PHE HA 30 -3.55 47.21 53.90
N MET HA 31 -3.58 46.78 55.20
CA MET HA 31 -2.80 47.25 56.32
C MET HA 31 -3.47 48.44 56.95
N ASP HA 32 -3.87 49.43 56.10
CA ASP HA 32 -4.68 50.56 56.44
C ASP HA 32 -6.07 50.06 56.75
N ASP HA 33 -6.51 49.07 55.93
CA ASP HA 33 -7.81 48.48 56.00
C ASP HA 33 -7.57 47.02 56.22
N THR HA 34 -8.35 46.40 57.14
CA THR HA 34 -8.30 44.99 57.41
C THR HA 34 -9.44 44.36 56.64
N SER HA 35 -10.37 45.21 56.14
CA SER HA 35 -11.52 44.81 55.36
C SER HA 35 -11.06 44.43 53.98
N ARG HA 36 -10.14 45.24 53.41
CA ARG HA 36 -9.50 44.95 52.15
C ARG HA 36 -8.34 44.02 52.41
N SER HA 37 -8.07 43.20 51.38
CA SER HA 37 -7.08 42.15 51.35
C SER HA 37 -7.24 41.72 49.93
N ILE HA 38 -6.19 41.92 49.11
CA ILE HA 38 -6.29 41.87 47.68
C ILE HA 38 -5.07 41.13 47.20
N ILE HA 39 -5.16 40.55 45.99
CA ILE HA 39 -4.16 39.69 45.43
C ILE HA 39 -3.37 40.53 44.46
N ARG HA 40 -2.04 40.58 44.68
CA ARG HA 40 -1.12 41.28 43.83
C ARG HA 40 -0.02 40.29 43.59
N ASN HA 41 0.59 40.32 42.39
CA ASN HA 41 1.68 39.46 42.00
C ASN HA 41 2.95 40.18 42.25
N VAL HA 42 3.95 39.45 42.79
CA VAL HA 42 5.24 39.96 43.16
C VAL HA 42 6.15 39.23 42.21
N LYS HA 43 7.16 39.92 41.64
CA LYS HA 43 8.16 39.31 40.80
C LYS HA 43 9.22 38.54 41.58
N GLY HA 44 9.75 39.16 42.66
CA GLY HA 44 10.84 38.62 43.43
C GLY HA 44 10.50 37.40 44.25
N PRO HA 45 11.46 36.81 44.97
CA PRO HA 45 11.23 35.85 46.02
C PRO HA 45 10.55 36.54 47.18
N VAL HA 46 9.51 35.92 47.77
CA VAL HA 46 8.70 36.54 48.79
C VAL HA 46 8.81 35.73 50.04
N ARG HA 47 9.00 36.43 51.17
CA ARG HA 47 9.03 35.87 52.49
C ARG HA 47 7.87 36.53 53.15
N GLU HA 48 6.98 35.74 53.79
CA GLU HA 48 5.76 36.23 54.38
C GLU HA 48 6.05 37.22 55.50
N GLY HA 49 5.18 38.25 55.60
CA GLY HA 49 5.26 39.27 56.62
C GLY HA 49 6.13 40.43 56.24
N ASP HA 50 6.68 40.46 55.00
CA ASP HA 50 7.42 41.62 54.52
C ASP HA 50 6.44 42.51 53.82
N VAL HA 51 6.83 43.79 53.54
CA VAL HA 51 5.87 44.82 53.24
C VAL HA 51 6.17 45.31 51.86
N LEU HA 52 5.10 45.44 51.05
CA LEU HA 52 5.10 45.98 49.70
C LEU HA 52 4.68 47.41 49.82
N THR HA 53 5.12 48.25 48.86
CA THR HA 53 4.68 49.62 48.78
C THR HA 53 3.96 49.73 47.48
N LEU HA 54 2.62 49.50 47.55
CA LEU HA 54 1.71 49.54 46.43
C LEU HA 54 1.55 50.97 46.01
N LEU HA 55 1.70 51.25 44.70
CA LEU HA 55 1.49 52.58 44.18
C LEU HA 55 0.14 52.62 43.50
N GLU HA 56 -0.52 51.44 43.40
CA GLU HA 56 -1.79 51.33 42.73
C GLU HA 56 -2.45 50.09 43.26
N SER HA 57 -3.80 50.08 43.20
CA SER HA 57 -4.61 48.88 43.23
C SER HA 57 -5.33 48.80 41.90
N GLU HA 58 -5.14 49.84 41.04
CA GLU HA 58 -5.46 49.84 39.64
C GLU HA 58 -4.60 48.85 38.91
N ARG HA 59 -5.14 48.28 37.80
CA ARG HA 59 -4.38 47.54 36.80
C ARG HA 59 -3.98 46.23 37.42
N GLU HA 60 -4.94 45.63 38.18
CA GLU HA 60 -4.84 44.46 39.01
C GLU HA 60 -3.88 43.39 38.54
N ALA HA 61 -3.01 42.92 39.47
CA ALA HA 61 -1.90 42.08 39.14
C ALA HA 61 -2.35 40.70 39.49
N ARG HA 62 -2.26 39.77 38.52
CA ARG HA 62 -3.07 38.58 38.54
C ARG HA 62 -2.35 37.57 37.70
N ARG HA 63 -2.84 36.30 37.74
CA ARG HA 63 -2.28 35.11 37.12
C ARG HA 63 -2.12 35.23 35.62
N LEU HA 64 -1.10 34.53 35.08
CA LEU HA 64 -0.72 34.63 33.70
C LEU HA 64 0.04 33.36 33.29
N THR IA 1 1.65 7.81 105.42
CA THR IA 1 2.93 7.72 104.67
C THR IA 1 3.22 9.02 103.96
N GLU IA 2 4.49 9.19 103.53
CA GLU IA 2 5.05 10.46 103.14
C GLU IA 2 4.82 10.59 101.65
N GLN IA 3 5.30 11.70 101.04
CA GLN IA 3 5.11 11.93 99.63
C GLN IA 3 6.25 12.78 99.17
N MET IA 4 6.36 12.98 97.84
CA MET IA 4 7.44 13.66 97.19
C MET IA 4 6.94 14.93 96.58
N THR IA 5 7.64 16.06 96.86
CA THR IA 5 7.32 17.35 96.30
C THR IA 5 8.59 17.77 95.60
N LEU IA 6 8.45 18.61 94.55
CA LEU IA 6 9.52 18.94 93.63
C LEU IA 6 10.33 20.07 94.20
N ARG IA 7 11.51 19.70 94.77
CA ARG IA 7 12.47 20.62 95.34
C ARG IA 7 13.08 21.53 94.31
N GLY IA 8 13.40 21.01 93.11
CA GLY IA 8 14.02 21.84 92.10
C GLY IA 8 14.24 21.00 90.89
N THR IA 9 15.02 21.55 89.92
CA THR IA 9 15.39 20.88 88.70
C THR IA 9 16.77 21.33 88.32
N LEU IA 10 17.56 20.36 87.81
CA LEU IA 10 18.91 20.49 87.34
C LEU IA 10 18.84 20.56 85.85
N LYS IA 11 19.79 21.31 85.27
CA LYS IA 11 19.75 21.78 83.91
C LYS IA 11 20.90 21.12 83.20
N GLY IA 12 21.01 21.39 81.88
CA GLY IA 12 22.31 21.75 81.35
C GLY IA 12 23.01 20.55 80.78
N HIS IA 13 22.24 19.61 80.19
CA HIS IA 13 22.76 18.44 79.53
C HIS IA 13 22.28 18.53 78.11
N ASN IA 14 23.07 17.92 77.18
CA ASN IA 14 22.62 17.64 75.84
C ASN IA 14 22.53 16.14 75.81
N GLY IA 15 21.43 15.63 75.21
CA GLY IA 15 21.12 14.22 75.14
C GLY IA 15 20.62 13.71 76.46
N TRP IA 16 20.04 12.49 76.41
CA TRP IA 16 19.37 11.84 77.52
C TRP IA 16 20.32 11.60 78.65
N VAL IA 17 19.86 11.75 79.91
CA VAL IA 17 20.68 11.53 81.08
C VAL IA 17 20.43 10.09 81.40
N THR IA 18 21.36 9.21 80.93
CA THR IA 18 21.22 7.78 81.01
C THR IA 18 21.46 7.22 82.39
N GLN IA 19 22.41 7.82 83.16
CA GLN IA 19 22.69 7.39 84.50
C GLN IA 19 22.92 8.58 85.37
N ILE IA 20 22.69 8.38 86.68
CA ILE IA 20 23.00 9.31 87.73
C ILE IA 20 23.55 8.47 88.85
N ALA IA 21 24.48 9.05 89.64
CA ALA IA 21 25.10 8.39 90.75
C ALA IA 21 25.47 9.43 91.76
N THR IA 22 25.31 9.10 93.06
CA THR IA 22 25.68 9.91 94.20
C THR IA 22 26.83 9.20 94.86
N THR IA 23 27.53 9.89 95.80
CA THR IA 23 28.60 9.31 96.58
C THR IA 23 28.17 9.53 98.03
N PRO IA 24 28.51 8.65 98.98
CA PRO IA 24 28.24 8.83 100.40
C PRO IA 24 28.74 10.11 101.02
N GLN IA 25 30.01 10.50 100.74
CA GLN IA 25 30.65 11.64 101.35
C GLN IA 25 30.02 12.95 101.00
N PHE IA 26 29.58 13.10 99.73
CA PHE IA 26 29.03 14.34 99.25
C PHE IA 26 27.67 14.04 98.68
N PRO IA 27 26.58 14.41 99.36
CA PRO IA 27 25.23 14.25 98.82
C PRO IA 27 24.94 15.50 98.02
N ASP IA 28 25.96 16.38 97.88
CA ASP IA 28 25.92 17.60 97.14
C ASP IA 28 26.64 17.38 95.84
N MET IA 29 27.15 16.16 95.59
CA MET IA 29 27.70 15.82 94.31
C MET IA 29 26.59 15.11 93.59
N ILE IA 30 26.59 15.20 92.24
CA ILE IA 30 25.80 14.30 91.44
C ILE IA 30 26.65 14.15 90.22
N LEU IA 31 26.95 12.89 89.84
CA LEU IA 31 27.71 12.53 88.67
C LEU IA 31 26.67 12.05 87.72
N SER IA 32 26.75 12.42 86.44
CA SER IA 32 25.70 12.08 85.52
C SER IA 32 26.33 11.73 84.22
N ALA IA 33 25.81 10.64 83.60
CA ALA IA 33 26.24 10.18 82.32
C ALA IA 33 25.18 10.68 81.38
N SER IA 34 25.57 11.06 80.16
CA SER IA 34 24.64 11.63 79.22
C SER IA 34 25.11 11.26 77.85
N ARG IA 35 24.20 11.45 76.87
CA ARG IA 35 24.48 11.21 75.48
C ARG IA 35 25.01 12.46 74.83
N ASP IA 36 26.33 12.66 74.96
CA ASP IA 36 27.02 13.85 74.54
C ASP IA 36 28.49 13.56 74.59
N LYS IA 37 28.84 12.30 74.98
CA LYS IA 37 30.17 11.73 75.00
C LYS IA 37 31.02 12.33 76.10
N THR IA 38 30.38 12.83 77.18
CA THR IA 38 31.05 13.52 78.26
C THR IA 38 30.26 13.23 79.51
N ILE IA 39 30.94 13.13 80.68
CA ILE IA 39 30.31 12.98 81.96
C ILE IA 39 30.59 14.27 82.69
N ILE IA 40 29.56 14.81 83.38
CA ILE IA 40 29.61 16.12 83.98
C ILE IA 40 29.40 15.88 85.45
N MET IA 41 30.29 16.52 86.23
CA MET IA 41 30.37 16.50 87.66
C MET IA 41 29.75 17.80 88.07
N TRP IA 42 28.74 17.76 88.97
CA TRP IA 42 27.99 18.92 89.35
C TRP IA 42 28.16 19.06 90.82
N LYS IA 43 28.24 20.34 91.27
CA LYS IA 43 28.24 20.73 92.64
C LYS IA 43 26.90 21.38 92.86
N LEU IA 44 26.15 20.89 93.88
CA LEU IA 44 24.77 21.23 94.10
C LEU IA 44 24.78 22.31 95.12
N THR IA 45 24.30 23.51 94.68
CA THR IA 45 24.16 24.70 95.48
C THR IA 45 22.78 24.76 96.07
N ARG IA 46 22.01 23.65 95.95
CA ARG IA 46 20.60 23.47 96.22
C ARG IA 46 19.75 24.71 96.19
N ASP IA 47 19.08 24.96 95.05
CA ASP IA 47 18.85 26.29 94.57
C ASP IA 47 17.51 26.23 93.90
N GLU IA 48 17.04 27.38 93.36
CA GLU IA 48 15.66 27.55 92.95
C GLU IA 48 15.63 28.50 91.79
N THR IA 49 16.83 28.82 91.22
CA THR IA 49 16.95 29.29 89.85
C THR IA 49 17.60 28.16 89.08
N ASN IA 50 18.20 27.19 89.80
CA ASN IA 50 18.76 25.99 89.22
C ASN IA 50 18.59 24.95 90.29
N TYR IA 51 19.60 24.08 90.50
CA TYR IA 51 19.71 23.29 91.70
C TYR IA 51 21.19 22.96 91.86
N GLY IA 52 22.03 23.36 90.88
CA GLY IA 52 23.45 23.26 91.00
C GLY IA 52 24.05 23.95 89.83
N ILE IA 53 25.40 23.91 89.73
CA ILE IA 53 26.17 24.50 88.66
C ILE IA 53 27.26 23.51 88.37
N PRO IA 54 27.63 23.21 87.13
CA PRO IA 54 28.61 22.19 86.79
C PRO IA 54 29.98 22.55 87.33
N GLN IA 55 30.64 21.60 88.02
CA GLN IA 55 31.96 21.74 88.56
C GLN IA 55 33.04 21.45 87.55
N ARG IA 56 32.94 20.30 86.83
CA ARG IA 56 33.96 19.87 85.90
C ARG IA 56 33.28 19.18 84.76
N ALA IA 57 33.97 19.15 83.58
CA ALA IA 57 33.60 18.30 82.47
C ALA IA 57 34.77 17.38 82.31
N LEU IA 58 34.51 16.06 82.15
CA LEU IA 58 35.52 15.04 82.04
C LEU IA 58 35.48 14.58 80.61
N ARG IA 59 36.48 14.96 79.79
CA ARG IA 59 36.25 15.23 78.39
C ARG IA 59 36.58 14.02 77.56
N GLY IA 60 35.55 13.40 76.94
CA GLY IA 60 35.65 13.02 75.55
C GLY IA 60 35.60 11.52 75.43
N HIS IA 61 34.86 11.07 74.41
CA HIS IA 61 34.70 9.69 74.02
C HIS IA 61 34.26 9.79 72.58
N SER IA 62 34.12 8.64 71.88
CA SER IA 62 33.68 8.61 70.50
C SER IA 62 32.24 8.19 70.43
N HIS IA 63 31.60 7.87 71.57
CA HIS IA 63 30.24 7.44 71.58
C HIS IA 63 29.76 7.69 72.98
N PHE IA 64 28.42 7.65 73.16
CA PHE IA 64 27.73 8.03 74.36
C PHE IA 64 28.14 7.26 75.56
N VAL IA 65 28.14 7.95 76.73
CA VAL IA 65 28.45 7.35 78.01
C VAL IA 65 27.14 6.86 78.54
N SER IA 66 27.05 5.51 78.63
CA SER IA 66 25.86 4.80 79.02
C SER IA 66 25.73 4.71 80.52
N ASP IA 67 26.84 4.42 81.23
CA ASP IA 67 26.81 4.22 82.67
C ASP IA 67 28.05 4.83 83.22
N VAL IA 68 27.96 5.20 84.52
CA VAL IA 68 29.04 5.81 85.24
C VAL IA 68 28.85 5.35 86.66
N VAL IA 69 29.91 5.45 87.49
CA VAL IA 69 29.89 5.10 88.87
C VAL IA 69 31.05 5.87 89.45
N ILE IA 70 30.99 6.12 90.79
CA ILE IA 70 31.96 6.92 91.50
C ILE IA 70 32.55 6.05 92.56
N SER IA 71 33.66 6.54 93.18
CA SER IA 71 34.28 5.93 94.34
C SER IA 71 33.41 6.14 95.55
N SER IA 72 33.80 5.53 96.69
CA SER IA 72 33.12 5.70 97.96
C SER IA 72 33.42 7.06 98.54
N ASP IA 73 34.51 7.70 98.05
CA ASP IA 73 34.94 9.00 98.49
C ASP IA 73 34.55 10.01 97.45
N GLY IA 74 34.33 9.56 96.19
CA GLY IA 74 33.96 10.39 95.08
C GLY IA 74 35.11 11.22 94.58
N GLN IA 75 36.32 10.62 94.49
CA GLN IA 75 37.47 11.30 93.93
C GLN IA 75 37.84 10.78 92.57
N PHE IA 76 37.32 9.59 92.17
CA PHE IA 76 37.62 9.03 90.88
C PHE IA 76 36.31 8.61 90.30
N ALA IA 77 36.24 8.57 88.95
CA ALA IA 77 35.04 8.23 88.22
C ALA IA 77 35.42 7.11 87.32
N LEU IA 78 34.53 6.11 87.20
CA LEU IA 78 34.70 4.99 86.30
C LEU IA 78 33.50 5.03 85.41
N SER IA 79 33.74 5.14 84.08
CA SER IA 79 32.68 5.27 83.13
C SER IA 79 32.78 4.12 82.19
N GLY IA 80 31.62 3.67 81.69
CA GLY IA 80 31.52 2.62 80.70
C GLY IA 80 30.81 3.32 79.59
N SER IA 81 31.15 2.95 78.34
CA SER IA 81 30.75 3.73 77.20
C SER IA 81 30.66 2.79 76.05
N TRP IA 82 29.90 3.21 75.02
CA TRP IA 82 29.57 2.41 73.87
C TRP IA 82 30.59 2.52 72.77
N ASP IA 83 31.80 3.05 73.08
CA ASP IA 83 32.88 3.12 72.11
C ASP IA 83 33.78 1.93 72.38
N GLY IA 84 33.34 1.02 73.28
CA GLY IA 84 33.92 -0.29 73.50
C GLY IA 84 34.99 -0.25 74.54
N THR IA 85 35.07 0.83 75.35
CA THR IA 85 36.08 0.96 76.37
C THR IA 85 35.42 1.35 77.67
N LEU IA 86 36.24 1.37 78.74
CA LEU IA 86 35.90 1.92 80.02
C LEU IA 86 37.05 2.79 80.34
N ARG IA 87 36.81 3.97 80.95
CA ARG IA 87 37.87 4.91 81.23
C ARG IA 87 37.79 5.25 82.68
N LEU IA 88 38.97 5.32 83.33
CA LEU IA 88 39.16 5.70 84.70
C LEU IA 88 39.74 7.08 84.64
N TRP IA 89 39.04 8.02 85.31
CA TRP IA 89 39.34 9.43 85.31
C TRP IA 89 39.56 9.80 86.74
N ASP IA 90 40.22 10.95 86.98
CA ASP IA 90 40.22 11.60 88.27
C ASP IA 90 39.10 12.58 88.12
N LEU IA 91 38.04 12.41 88.94
CA LEU IA 91 36.79 13.13 88.84
C LEU IA 91 36.95 14.61 89.01
N THR IA 92 37.88 15.03 89.90
CA THR IA 92 37.93 16.39 90.40
C THR IA 92 38.87 17.25 89.60
N THR IA 93 39.50 16.71 88.52
CA THR IA 93 40.49 17.42 87.76
C THR IA 93 40.29 17.05 86.32
N GLY IA 94 40.56 15.78 85.95
CA GLY IA 94 40.59 15.36 84.57
C GLY IA 94 41.53 14.22 84.57
N THR IA 95 42.41 14.14 83.54
CA THR IA 95 43.46 13.16 83.35
C THR IA 95 43.02 11.71 83.53
N THR IA 96 42.94 10.93 82.42
CA THR IA 96 42.73 9.51 82.56
C THR IA 96 43.99 8.86 83.09
N THR IA 97 43.81 8.12 84.20
CA THR IA 97 44.78 7.22 84.77
C THR IA 97 45.03 6.06 83.84
N ARG IA 98 43.94 5.53 83.26
CA ARG IA 98 43.98 4.30 82.51
C ARG IA 98 42.86 4.34 81.52
N ARG IA 99 43.01 3.51 80.46
CA ARG IA 99 41.97 3.19 79.52
C ARG IA 99 41.94 1.70 79.58
N PHE IA 100 40.74 1.11 79.81
CA PHE IA 100 40.56 -0.29 80.02
C PHE IA 100 40.06 -0.81 78.71
N VAL IA 101 40.91 -1.62 78.04
CA VAL IA 101 40.63 -2.11 76.72
C VAL IA 101 40.67 -3.61 76.86
N GLY IA 102 39.58 -4.26 76.38
CA GLY IA 102 39.41 -5.68 76.52
C GLY IA 102 38.04 -6.04 76.06
N HIS IA 103 37.28 -5.04 75.55
CA HIS IA 103 35.99 -5.24 74.93
C HIS IA 103 36.13 -4.70 73.54
N THR IA 104 35.53 -5.42 72.58
CA THR IA 104 35.50 -5.03 71.18
C THR IA 104 34.13 -4.54 70.81
N LYS IA 105 33.23 -4.42 71.81
CA LYS IA 105 31.87 -4.02 71.57
C LYS IA 105 31.44 -3.31 72.82
N ASP IA 106 30.36 -2.51 72.69
CA ASP IA 106 29.69 -1.68 73.68
C ASP IA 106 29.78 -2.16 75.10
N VAL IA 107 30.11 -1.25 76.04
CA VAL IA 107 30.12 -1.53 77.45
C VAL IA 107 28.92 -0.80 77.92
N LEU IA 108 27.84 -1.56 78.23
CA LEU IA 108 26.64 -1.03 78.84
C LEU IA 108 26.84 -0.53 80.23
N SER IA 109 27.57 -1.27 81.09
CA SER IA 109 27.51 -1.04 82.51
C SER IA 109 28.87 -1.16 83.12
N VAL IA 110 29.07 -0.32 84.16
CA VAL IA 110 30.26 -0.26 84.97
C VAL IA 110 29.73 -0.19 86.37
N ALA IA 111 30.48 -0.76 87.34
CA ALA IA 111 30.14 -0.65 88.74
C ALA IA 111 31.42 -0.81 89.48
N PHE IA 112 31.43 -0.38 90.76
CA PHE IA 112 32.62 -0.27 91.56
C PHE IA 112 32.25 -0.77 92.93
N SER IA 113 33.21 -1.42 93.61
CA SER IA 113 33.05 -1.95 94.94
C SER IA 113 33.26 -0.85 95.96
N SER IA 114 33.03 -1.18 97.24
CA SER IA 114 33.09 -0.24 98.33
C SER IA 114 34.49 -0.29 98.93
N ASP IA 115 35.33 -1.20 98.38
CA ASP IA 115 36.71 -1.38 98.76
C ASP IA 115 37.53 -0.66 97.71
N ASN IA 116 36.88 -0.27 96.59
CA ASN IA 116 37.41 0.42 95.45
C ASN IA 116 38.60 -0.25 94.81
N ARG IA 117 38.49 -1.56 94.49
CA ARG IA 117 39.59 -2.28 93.89
C ARG IA 117 39.07 -3.38 93.01
N GLN IA 118 37.86 -3.93 93.32
CA GLN IA 118 37.09 -4.69 92.37
C GLN IA 118 36.26 -3.73 91.55
N ILE IA 119 36.34 -3.88 90.21
CA ILE IA 119 35.55 -3.13 89.27
C ILE IA 119 34.98 -4.20 88.39
N VAL IA 120 33.66 -4.20 88.18
CA VAL IA 120 33.03 -5.21 87.36
C VAL IA 120 32.33 -4.46 86.28
N SER IA 121 32.23 -5.08 85.08
CA SER IA 121 31.56 -4.47 83.95
C SER IA 121 30.79 -5.54 83.23
N GLY IA 122 29.66 -5.10 82.61
CA GLY IA 122 28.81 -5.90 81.77
C GLY IA 122 28.89 -5.29 80.41
N SER IA 123 28.76 -6.11 79.34
CA SER IA 123 28.96 -5.65 77.99
C SER IA 123 28.02 -6.40 77.10
N ARG IA 124 27.91 -5.93 75.83
CA ARG IA 124 27.06 -6.49 74.81
C ARG IA 124 27.84 -7.47 73.98
N ASP IA 125 29.11 -7.75 74.34
CA ASP IA 125 29.89 -8.83 73.79
C ASP IA 125 29.75 -10.04 74.67
N LYS IA 126 28.77 -9.98 75.61
CA LYS IA 126 28.27 -11.08 76.41
C LYS IA 126 29.28 -11.60 77.38
N THR IA 127 29.95 -10.69 78.10
CA THR IA 127 30.93 -11.06 79.11
C THR IA 127 30.60 -10.27 80.33
N ILE IA 128 31.04 -10.81 81.49
CA ILE IA 128 31.09 -10.06 82.72
C ILE IA 128 32.56 -10.11 82.98
N LYS IA 129 33.20 -8.95 83.24
CA LYS IA 129 34.63 -8.90 83.48
C LYS IA 129 34.86 -8.32 84.82
N LEU IA 130 35.92 -8.81 85.49
CA LEU IA 130 36.40 -8.39 86.78
C LEU IA 130 37.74 -7.76 86.48
N TRP IA 131 37.96 -6.53 86.97
CA TRP IA 131 39.08 -5.70 86.64
C TRP IA 131 39.56 -5.09 87.91
N ASN IA 132 40.85 -4.71 87.90
CA ASN IA 132 41.54 -3.95 88.91
C ASN IA 132 41.61 -2.54 88.41
N THR IA 133 41.97 -1.61 89.31
CA THR IA 133 42.07 -0.19 89.07
C THR IA 133 43.28 0.16 88.21
N LEU IA 134 44.20 -0.83 88.03
CA LEU IA 134 45.37 -0.70 87.19
C LEU IA 134 45.12 -1.19 85.78
N GLY IA 135 43.85 -1.51 85.44
CA GLY IA 135 43.48 -1.96 84.11
C GLY IA 135 43.80 -3.41 83.87
N VAL IA 136 44.21 -4.14 84.94
CA VAL IA 136 44.58 -5.53 84.89
C VAL IA 136 43.29 -6.29 85.02
N CYS IA 137 42.96 -7.15 84.03
CA CYS IA 137 41.74 -7.92 84.04
C CYS IA 137 42.06 -9.19 84.78
N LYS IA 138 41.50 -9.28 86.01
CA LYS IA 138 41.60 -10.44 86.87
C LYS IA 138 40.83 -11.63 86.37
N TYR IA 139 39.55 -11.43 85.98
CA TYR IA 139 38.69 -12.53 85.61
C TYR IA 139 37.92 -12.08 84.40
N THR IA 140 37.57 -13.06 83.53
CA THR IA 140 36.68 -12.85 82.44
C THR IA 140 35.70 -13.98 82.59
N VAL IA 141 34.59 -13.67 83.30
CA VAL IA 141 33.54 -14.58 83.66
C VAL IA 141 32.66 -14.77 82.45
N GLN IA 142 32.92 -15.85 81.68
CA GLN IA 142 31.98 -16.42 80.77
C GLN IA 142 31.60 -17.77 81.27
N ASP IA 143 30.49 -18.30 80.71
CA ASP IA 143 29.92 -19.61 80.94
C ASP IA 143 28.98 -19.45 82.10
N GLU IA 144 27.66 -19.47 81.79
CA GLU IA 144 26.56 -19.38 82.72
C GLU IA 144 26.40 -17.94 83.11
N SER IA 145 26.61 -17.03 82.13
CA SER IA 145 26.82 -15.62 82.33
C SER IA 145 25.97 -14.95 81.30
N HIS IA 146 24.73 -15.49 81.15
CA HIS IA 146 23.70 -15.04 80.25
C HIS IA 146 23.98 -15.60 78.87
N SER IA 147 22.91 -15.80 78.07
CA SER IA 147 23.00 -16.34 76.74
C SER IA 147 23.14 -15.23 75.73
N GLU IA 148 23.14 -13.99 76.24
CA GLU IA 148 22.73 -12.80 75.55
C GLU IA 148 23.52 -11.74 76.26
N TRP IA 149 23.37 -10.47 75.83
CA TRP IA 149 23.97 -9.29 76.43
C TRP IA 149 23.85 -9.22 77.94
N VAL IA 150 24.70 -8.38 78.56
CA VAL IA 150 24.71 -8.17 79.99
C VAL IA 150 24.35 -6.72 80.13
N SER IA 151 23.09 -6.49 80.58
CA SER IA 151 22.46 -5.20 80.61
C SER IA 151 23.00 -4.37 81.74
N CYS IA 152 23.30 -5.01 82.89
CA CYS IA 152 23.70 -4.28 84.07
C CYS IA 152 24.36 -5.27 84.97
N VAL IA 153 25.31 -4.73 85.78
CA VAL IA 153 26.04 -5.43 86.81
C VAL IA 153 25.99 -4.50 87.98
N ARG IA 154 25.70 -5.05 89.18
CA ARG IA 154 25.58 -4.28 90.39
C ARG IA 154 26.44 -4.95 91.41
N PHE IA 155 26.94 -4.16 92.38
CA PHE IA 155 27.72 -4.63 93.50
C PHE IA 155 26.83 -4.64 94.70
N SER IA 156 26.81 -5.79 95.40
CA SER IA 156 26.15 -5.93 96.68
C SER IA 156 27.15 -5.36 97.67
N PRO IA 157 26.77 -4.80 98.82
CA PRO IA 157 27.70 -4.32 99.84
C PRO IA 157 28.68 -5.39 100.28
N ASN IA 158 30.00 -5.07 100.24
CA ASN IA 158 31.04 -6.04 100.02
C ASN IA 158 31.60 -6.45 101.36
N SER IA 159 31.09 -5.82 102.44
CA SER IA 159 31.57 -5.95 103.80
C SER IA 159 30.40 -6.45 104.61
N SER IA 160 29.35 -6.97 103.93
CA SER IA 160 28.93 -8.34 104.09
C SER IA 160 29.92 -9.23 103.36
N ASN IA 161 29.66 -9.51 102.06
CA ASN IA 161 30.45 -10.45 101.29
C ASN IA 161 30.49 -9.89 99.90
N PRO IA 162 31.47 -10.21 99.05
CA PRO IA 162 31.57 -9.60 97.75
C PRO IA 162 30.75 -10.48 96.84
N ILE IA 163 29.61 -9.92 96.39
CA ILE IA 163 28.64 -10.58 95.57
C ILE IA 163 28.28 -9.54 94.57
N ILE IA 164 28.07 -9.97 93.30
CA ILE IA 164 27.61 -9.09 92.24
C ILE IA 164 26.37 -9.76 91.73
N VAL IA 165 25.42 -8.95 91.23
CA VAL IA 165 24.19 -9.45 90.67
C VAL IA 165 24.13 -8.82 89.32
N SER IA 166 24.01 -9.66 88.27
CA SER IA 166 23.97 -9.24 86.90
C SER IA 166 22.60 -9.54 86.37
N CYS IA 167 22.16 -8.79 85.34
CA CYS IA 167 20.93 -9.02 84.64
C CYS IA 167 21.24 -8.96 83.18
N GLY IA 168 20.58 -9.81 82.37
CA GLY IA 168 20.91 -9.99 80.98
C GLY IA 168 19.64 -10.13 80.21
N TRP IA 169 19.77 -10.09 78.86
CA TRP IA 169 18.67 -10.01 77.93
C TRP IA 169 18.13 -11.38 77.59
N ASP IA 170 18.58 -12.41 78.34
CA ASP IA 170 18.18 -13.79 78.18
C ASP IA 170 17.10 -14.08 79.19
N LYS IA 171 16.60 -13.00 79.86
CA LYS IA 171 15.61 -12.94 80.89
C LYS IA 171 15.97 -13.74 82.12
N LEU IA 172 17.21 -13.58 82.60
CA LEU IA 172 17.65 -14.26 83.80
C LEU IA 172 18.50 -13.27 84.54
N VAL IA 173 18.63 -13.53 85.86
CA VAL IA 173 19.47 -12.81 86.77
C VAL IA 173 20.38 -13.85 87.32
N LYS IA 174 21.69 -13.51 87.41
CA LYS IA 174 22.69 -14.44 87.86
C LYS IA 174 23.32 -13.73 89.02
N VAL IA 175 23.50 -14.46 90.14
CA VAL IA 175 24.16 -13.97 91.31
C VAL IA 175 25.44 -14.74 91.38
N TRP IA 176 26.55 -14.01 91.59
CA TRP IA 176 27.90 -14.51 91.58
C TRP IA 176 28.53 -14.19 92.90
N ASN IA 177 29.43 -15.09 93.37
CA ASN IA 177 30.26 -14.83 94.52
C ASN IA 177 31.60 -14.59 93.89
N LEU IA 178 32.15 -13.37 94.08
CA LEU IA 178 33.47 -13.01 93.59
C LEU IA 178 34.54 -13.58 94.47
N ALA IA 179 35.75 -13.68 93.86
CA ALA IA 179 36.98 -14.27 94.35
C ALA IA 179 36.98 -15.75 94.10
N ASN IA 180 36.06 -16.23 93.25
CA ASN IA 180 35.99 -17.62 92.86
C ASN IA 180 35.06 -17.74 91.67
N CYS IA 181 34.33 -16.63 91.36
CA CYS IA 181 33.46 -16.42 90.22
C CYS IA 181 32.59 -17.60 89.83
N LYS IA 182 31.77 -18.10 90.78
CA LYS IA 182 30.86 -19.20 90.57
C LYS IA 182 29.51 -18.75 91.05
N LEU IA 183 28.44 -19.31 90.45
CA LEU IA 183 27.06 -18.95 90.70
C LEU IA 183 26.64 -19.31 92.09
N LYS IA 184 26.18 -18.29 92.85
CA LYS IA 184 25.47 -18.47 94.09
C LYS IA 184 24.07 -18.97 93.79
N THR IA 185 23.39 -18.35 92.79
CA THR IA 185 22.03 -18.72 92.47
C THR IA 185 21.66 -18.07 91.16
N ASN IA 186 20.89 -18.82 90.33
CA ASN IA 186 20.33 -18.36 89.08
C ASN IA 186 18.89 -18.10 89.41
N HIS IA 187 18.40 -16.86 89.14
CA HIS IA 187 17.03 -16.50 89.38
C HIS IA 187 16.33 -16.52 88.06
N ILE IA 188 15.33 -17.42 87.98
CA ILE IA 188 14.58 -17.77 86.81
C ILE IA 188 13.16 -17.44 87.19
N GLY IA 189 12.33 -16.97 86.22
CA GLY IA 189 10.97 -16.59 86.51
C GLY IA 189 10.62 -15.27 85.92
N HIS IA 190 11.58 -14.61 85.24
CA HIS IA 190 11.38 -13.30 84.67
C HIS IA 190 10.76 -13.48 83.31
N THR IA 191 10.12 -12.40 82.80
CA THR IA 191 9.59 -12.33 81.45
C THR IA 191 10.34 -11.16 80.88
N GLY IA 192 10.88 -11.33 79.65
CA GLY IA 192 11.24 -10.23 78.77
C GLY IA 192 12.62 -9.76 79.15
N TYR IA 193 13.30 -9.02 78.24
CA TYR IA 193 14.67 -8.63 78.46
C TYR IA 193 14.79 -7.73 79.66
N LEU IA 194 15.77 -8.01 80.54
CA LEU IA 194 15.90 -7.33 81.79
C LEU IA 194 16.75 -6.13 81.61
N ASN IA 195 16.11 -4.96 81.83
CA ASN IA 195 16.69 -3.64 81.77
C ASN IA 195 17.52 -3.39 82.99
N THR IA 196 17.04 -3.81 84.18
CA THR IA 196 17.65 -3.38 85.42
C THR IA 196 17.48 -4.43 86.48
N VAL IA 197 18.37 -4.31 87.49
CA VAL IA 197 18.37 -5.07 88.70
C VAL IA 197 18.99 -4.12 89.69
N THR IA 198 18.62 -4.25 90.98
CA THR IA 198 19.17 -3.42 92.02
C THR IA 198 19.23 -4.29 93.24
N VAL IA 199 20.25 -4.02 94.07
CA VAL IA 199 20.46 -4.63 95.34
C VAL IA 199 19.85 -3.73 96.39
N SER IA 200 19.50 -4.33 97.54
CA SER IA 200 19.06 -3.64 98.73
C SER IA 200 20.30 -3.19 99.46
N PRO IA 201 20.28 -2.31 100.46
CA PRO IA 201 21.47 -1.53 100.77
C PRO IA 201 22.22 -2.29 101.84
N ASP IA 202 21.72 -3.49 102.19
CA ASP IA 202 22.29 -4.38 103.16
C ASP IA 202 22.39 -5.74 102.49
N GLY IA 203 21.89 -5.85 101.23
CA GLY IA 203 22.16 -6.95 100.34
C GLY IA 203 21.24 -8.10 100.62
N SER IA 204 20.25 -7.88 101.50
CA SER IA 204 19.26 -8.84 101.92
C SER IA 204 18.28 -9.24 100.84
N LEU IA 205 17.78 -8.26 100.05
CA LEU IA 205 16.77 -8.49 99.04
C LEU IA 205 17.35 -8.08 97.73
N CYS IA 206 16.65 -8.44 96.63
CA CYS IA 206 17.01 -8.02 95.31
C CYS IA 206 15.73 -7.80 94.55
N ALA IA 207 15.68 -6.71 93.75
CA ALA IA 207 14.53 -6.34 92.96
C ALA IA 207 15.00 -6.30 91.54
N SER IA 208 14.30 -7.04 90.64
CA SER IA 208 14.72 -7.23 89.28
C SER IA 208 13.53 -6.99 88.41
N GLY IA 209 13.71 -6.28 87.27
CA GLY IA 209 12.58 -5.94 86.43
C GLY IA 209 13.09 -5.58 85.07
N GLY IA 210 12.20 -5.64 84.06
CA GLY IA 210 12.60 -5.39 82.70
C GLY IA 210 11.45 -4.91 81.90
N LYS IA 211 11.31 -5.49 80.69
CA LYS IA 211 10.30 -5.21 79.69
C LYS IA 211 8.90 -5.48 80.19
N ASP IA 212 8.75 -6.56 81.00
CA ASP IA 212 7.50 -7.04 81.55
C ASP IA 212 6.85 -5.98 82.41
N GLY IA 213 7.69 -5.25 83.18
CA GLY IA 213 7.23 -4.20 84.05
C GLY IA 213 6.91 -4.72 85.41
N GLN IA 214 7.23 -6.01 85.68
CA GLN IA 214 6.95 -6.65 86.92
C GLN IA 214 8.25 -6.68 87.66
N ALA IA 215 8.30 -5.97 88.81
CA ALA IA 215 9.39 -6.03 89.74
C ALA IA 215 9.18 -7.22 90.61
N MET IA 216 10.17 -8.13 90.66
CA MET IA 216 10.07 -9.38 91.36
C MET IA 216 11.04 -9.25 92.48
N LEU IA 217 10.59 -9.66 93.68
CA LEU IA 217 11.30 -9.52 94.93
C LEU IA 217 11.74 -10.90 95.28
N TRP IA 218 13.06 -10.97 95.59
CA TRP IA 218 13.81 -12.17 95.79
C TRP IA 218 14.53 -11.94 97.08
N ASP IA 219 14.86 -13.05 97.77
CA ASP IA 219 15.68 -13.08 98.93
C ASP IA 219 17.03 -13.46 98.40
N LEU IA 220 18.01 -12.54 98.56
CA LEU IA 220 19.32 -12.64 97.99
C LEU IA 220 20.26 -13.30 98.99
N ASN IA 221 19.72 -13.75 100.16
CA ASN IA 221 20.48 -14.45 101.16
C ASN IA 221 20.28 -15.94 101.06
N GLU IA 222 19.34 -16.41 100.21
CA GLU IA 222 19.03 -17.82 100.11
C GLU IA 222 18.77 -18.19 98.69
N GLY IA 223 18.46 -17.21 97.82
CA GLY IA 223 18.17 -17.48 96.43
C GLY IA 223 16.82 -18.11 96.28
N LYS IA 224 15.77 -17.46 96.84
CA LYS IA 224 14.42 -17.97 96.87
C LYS IA 224 13.54 -16.80 96.54
N HIS IA 225 12.32 -17.07 96.03
CA HIS IA 225 11.44 -16.05 95.51
C HIS IA 225 10.45 -15.68 96.58
N LEU IA 226 10.46 -14.39 96.99
CA LEU IA 226 9.56 -13.85 98.00
C LEU IA 226 8.17 -13.69 97.43
N TYR IA 227 8.01 -12.78 96.45
CA TYR IA 227 6.71 -12.41 95.94
C TYR IA 227 6.98 -11.51 94.76
N THR IA 228 5.91 -10.93 94.16
CA THR IA 228 6.01 -10.08 93.01
C THR IA 228 5.19 -8.87 93.35
N LEU IA 229 5.67 -7.68 92.89
CA LEU IA 229 5.02 -6.41 93.06
C LEU IA 229 4.72 -5.97 91.66
N ASP IA 230 3.48 -5.50 91.44
CA ASP IA 230 2.96 -5.27 90.12
C ASP IA 230 3.21 -3.85 89.71
N GLY IA 231 3.72 -3.69 88.47
CA GLY IA 231 3.88 -2.42 87.81
C GLY IA 231 2.88 -2.46 86.71
N GLY IA 232 3.33 -2.88 85.49
CA GLY IA 232 2.47 -3.07 84.36
C GLY IA 232 3.06 -2.39 83.16
N ASP IA 233 4.21 -1.71 83.31
CA ASP IA 233 4.85 -0.98 82.25
C ASP IA 233 6.31 -1.12 82.52
N ILE IA 234 7.12 -1.24 81.42
CA ILE IA 234 8.56 -1.40 81.38
C ILE IA 234 9.26 -0.61 82.46
N ILE IA 235 10.23 -1.24 83.17
CA ILE IA 235 10.94 -0.58 84.24
C ILE IA 235 12.31 -0.44 83.67
N ASN IA 236 12.75 0.83 83.60
CA ASN IA 236 14.03 1.24 83.07
C ASN IA 236 15.08 1.17 84.14
N ALA IA 237 14.74 1.58 85.39
CA ALA IA 237 15.69 1.60 86.47
C ALA IA 237 14.96 1.42 87.76
N LEU IA 238 15.59 0.65 88.69
CA LEU IA 238 15.08 0.38 90.00
C LEU IA 238 16.09 0.90 90.96
N CYS IA 239 15.64 1.37 92.15
CA CYS IA 239 16.55 1.75 93.20
C CYS IA 239 15.79 1.68 94.50
N PHE IA 240 16.32 0.90 95.47
CA PHE IA 240 15.92 0.91 96.86
C PHE IA 240 16.42 2.14 97.56
N SER IA 241 15.67 2.59 98.59
CA SER IA 241 16.02 3.70 99.45
C SER IA 241 17.09 3.22 100.40
N PRO IA 242 18.06 4.02 100.83
CA PRO IA 242 19.10 3.57 101.74
C PRO IA 242 18.64 3.51 103.18
N ASN IA 243 17.60 4.30 103.57
CA ASN IA 243 17.17 4.41 104.94
C ASN IA 243 15.76 3.89 105.10
N ARG IA 244 15.17 3.33 104.02
CA ARG IA 244 13.82 2.83 104.05
C ARG IA 244 13.81 1.63 103.16
N TYR IA 245 12.69 0.88 103.17
CA TYR IA 245 12.42 -0.13 102.18
C TYR IA 245 11.31 0.41 101.36
N TRP IA 246 11.70 1.25 100.37
CA TRP IA 246 10.85 1.91 99.43
C TRP IA 246 11.57 1.59 98.17
N LEU IA 247 10.85 1.08 97.15
CA LEU IA 247 11.42 0.81 95.86
C LEU IA 247 10.80 1.82 94.95
N CYS IA 248 11.64 2.44 94.10
CA CYS IA 248 11.22 3.39 93.11
C CYS IA 248 11.54 2.77 91.80
N ALA IA 249 10.58 2.84 90.84
CA ALA IA 249 10.77 2.26 89.54
C ALA IA 249 10.42 3.34 88.58
N ALA IA 250 11.32 3.58 87.58
CA ALA IA 250 11.09 4.53 86.54
C ALA IA 250 10.42 3.77 85.44
N THR IA 251 9.07 3.95 85.28
CA THR IA 251 8.35 3.27 84.23
C THR IA 251 8.18 4.21 83.06
N GLY IA 252 7.60 3.69 81.96
CA GLY IA 252 7.36 4.39 80.72
C GLY IA 252 6.56 5.66 80.85
N PRO IA 253 5.33 5.67 81.36
CA PRO IA 253 4.54 6.88 81.45
C PRO IA 253 4.77 7.61 82.75
N SER IA 254 5.32 6.96 83.79
CA SER IA 254 5.34 7.58 85.10
C SER IA 254 6.40 6.95 85.94
N ILE IA 255 6.86 7.64 87.00
CA ILE IA 255 7.74 7.05 87.98
C ILE IA 255 6.78 6.57 89.03
N LYS IA 256 6.74 5.26 89.29
CA LYS IA 256 5.87 4.70 90.30
C LYS IA 256 6.75 4.41 91.46
N ILE IA 257 6.42 5.01 92.62
CA ILE IA 257 7.18 4.87 93.84
C ILE IA 257 6.27 4.12 94.79
N TRP IA 258 6.83 3.10 95.48
CA TRP IA 258 6.07 2.23 96.33
C TRP IA 258 6.86 2.04 97.59
N ASP IA 259 6.15 1.55 98.62
CA ASP IA 259 6.64 1.29 99.95
C ASP IA 259 6.54 -0.20 100.00
N LEU IA 260 7.65 -0.90 100.28
CA LEU IA 260 7.71 -2.34 100.29
C LEU IA 260 7.57 -2.86 101.70
N GLU IA 261 7.38 -1.97 102.69
CA GLU IA 261 7.14 -2.39 104.05
C GLU IA 261 6.61 -1.18 104.79
N GLY IA 262 5.27 -1.04 105.01
CA GLY IA 262 4.19 -1.90 104.57
C GLY IA 262 3.94 -1.67 103.11
N LYS IA 263 3.12 -2.53 102.46
CA LYS IA 263 2.91 -2.43 101.04
C LYS IA 263 1.79 -1.49 100.73
N ILE IA 264 2.12 -0.40 99.99
CA ILE IA 264 1.19 0.58 99.51
C ILE IA 264 1.92 1.28 98.39
N ILE IA 265 1.19 2.12 97.61
CA ILE IA 265 1.70 2.96 96.56
C ILE IA 265 1.85 4.33 97.15
N VAL IA 266 3.11 4.79 97.33
CA VAL IA 266 3.42 6.07 97.93
C VAL IA 266 2.94 7.18 97.04
N ASP IA 267 3.28 7.12 95.72
CA ASP IA 267 2.89 8.12 94.77
C ASP IA 267 3.03 7.48 93.42
N GLU IA 268 2.38 8.13 92.43
CA GLU IA 268 2.70 7.96 91.04
C GLU IA 268 2.95 9.37 90.58
N LEU IA 269 4.19 9.64 90.14
CA LEU IA 269 4.61 10.95 89.67
C LEU IA 269 4.49 10.87 88.18
N LYS IA 270 3.58 11.71 87.63
CA LYS IA 270 3.46 11.94 86.21
C LYS IA 270 4.57 12.74 85.62
N GLN IA 271 4.68 12.62 84.27
CA GLN IA 271 5.67 13.27 83.46
C GLN IA 271 5.08 13.39 82.08
N GLU IA 272 3.76 13.12 81.93
CA GLU IA 272 3.05 13.16 80.67
C GLU IA 272 2.21 14.40 80.64
N VAL IA 273 1.95 14.88 79.40
CA VAL IA 273 1.97 16.28 79.08
C VAL IA 273 1.21 16.39 77.79
N ILE IA 274 0.72 17.61 77.46
CA ILE IA 274 -0.12 17.86 76.31
C ILE IA 274 0.81 18.27 75.18
N SER IA 275 0.79 17.46 74.10
CA SER IA 275 1.80 17.48 73.06
C SER IA 275 1.49 16.36 72.12
N THR IA 276 0.18 16.05 71.92
CA THR IA 276 -0.29 14.86 71.23
C THR IA 276 0.22 14.76 69.82
N SER IA 277 0.69 13.54 69.48
CA SER IA 277 1.30 13.22 68.21
C SER IA 277 0.98 11.82 67.71
N SER IA 278 0.66 10.76 68.52
CA SER IA 278 0.78 10.55 69.95
C SER IA 278 1.78 9.45 70.20
N LYS IA 279 2.57 9.10 69.15
CA LYS IA 279 3.46 7.96 69.18
C LYS IA 279 4.85 8.44 69.53
N ALA IA 280 5.03 9.78 69.57
CA ALA IA 280 6.28 10.42 69.90
C ALA IA 280 6.04 11.32 71.08
N GLU IA 281 4.79 11.33 71.63
CA GLU IA 281 4.39 12.13 72.76
C GLU IA 281 5.11 11.82 74.07
N PRO IA 282 5.33 10.61 74.58
CA PRO IA 282 5.91 10.45 75.90
C PRO IA 282 7.40 10.72 75.90
N PRO IA 283 8.00 11.41 76.88
CA PRO IA 283 9.22 10.95 77.53
C PRO IA 283 8.98 9.71 78.37
N GLN IA 284 10.02 8.89 78.57
CA GLN IA 284 10.08 8.04 79.73
C GLN IA 284 11.29 8.37 80.54
N CYS IA 285 11.19 8.14 81.87
CA CYS IA 285 12.28 8.29 82.79
C CYS IA 285 13.13 7.05 82.61
N THR IA 286 14.42 7.23 82.25
CA THR IA 286 15.35 6.15 82.05
C THR IA 286 16.18 5.78 83.26
N SER IA 287 16.32 6.68 84.27
CA SER IA 287 17.11 6.36 85.44
C SER IA 287 16.56 6.98 86.69
N LEU IA 288 16.90 6.39 87.85
CA LEU IA 288 16.64 7.01 89.13
C LEU IA 288 17.60 6.43 90.13
N ALA IA 289 18.13 7.32 90.99
CA ALA IA 289 19.08 7.01 92.02
C ALA IA 289 18.64 7.78 93.24
N TRP IA 290 18.67 7.12 94.42
CA TRP IA 290 18.40 7.76 95.69
C TRP IA 290 19.69 8.37 96.15
N SER IA 291 19.58 9.46 96.95
CA SER IA 291 20.69 10.18 97.54
C SER IA 291 21.35 9.30 98.59
N ALA IA 292 22.49 9.78 99.16
CA ALA IA 292 23.20 9.13 100.22
C ALA IA 292 22.35 8.98 101.45
N ASP IA 293 21.56 10.04 101.77
CA ASP IA 293 20.92 10.19 103.04
C ASP IA 293 19.44 9.96 102.86
N GLY IA 294 18.97 9.89 101.60
CA GLY IA 294 17.69 9.33 101.25
C GLY IA 294 16.58 10.34 101.44
N GLN IA 295 16.95 11.60 101.74
CA GLN IA 295 16.08 12.76 101.73
C GLN IA 295 15.64 13.10 100.34
N THR IA 296 16.59 13.01 99.39
CA THR IA 296 16.45 13.49 98.04
C THR IA 296 16.44 12.26 97.16
N LEU IA 297 15.82 12.40 95.97
CA LEU IA 297 15.68 11.35 95.00
C LEU IA 297 15.85 12.11 93.73
N PHE IA 298 16.81 11.64 92.91
CA PHE IA 298 17.22 12.26 91.68
C PHE IA 298 16.72 11.30 90.65
N ALA IA 299 16.16 11.80 89.53
CA ALA IA 299 15.74 10.95 88.44
C ALA IA 299 16.26 11.57 87.19
N GLY IA 300 16.85 10.75 86.30
CA GLY IA 300 17.40 11.16 85.04
C GLY IA 300 16.40 10.85 83.98
N TYR IA 301 16.10 11.88 83.15
CA TYR IA 301 15.03 11.87 82.20
C TYR IA 301 15.64 12.12 80.86
N THR IA 302 14.88 11.71 79.81
CA THR IA 302 15.28 11.74 78.43
C THR IA 302 14.94 13.09 77.83
N ASP IA 303 14.45 14.05 78.66
CA ASP IA 303 14.16 15.41 78.26
C ASP IA 303 15.32 16.30 78.64
N ASN IA 304 16.40 15.70 79.22
CA ASN IA 304 17.71 16.26 79.45
C ASN IA 304 17.79 17.00 80.76
N LEU IA 305 16.87 16.71 81.72
CA LEU IA 305 16.81 17.38 82.99
C LEU IA 305 16.77 16.32 84.04
N VAL IA 306 17.52 16.53 85.15
CA VAL IA 306 17.45 15.66 86.30
C VAL IA 306 16.50 16.41 87.21
N ARG IA 307 15.43 15.75 87.67
CA ARG IA 307 14.40 16.33 88.49
C ARG IA 307 14.59 15.79 89.87
N VAL IA 308 14.63 16.69 90.88
CA VAL IA 308 14.93 16.31 92.24
C VAL IA 308 13.69 16.58 93.05
N TRP IA 309 13.40 15.65 93.97
CA TRP IA 309 12.29 15.77 94.87
C TRP IA 309 12.84 15.58 96.23
N GLN IA 310 12.24 16.26 97.22
CA GLN IA 310 12.58 16.10 98.62
C GLN IA 310 11.31 15.73 99.28
N VAL IA 311 11.39 14.75 100.20
CA VAL IA 311 10.25 14.10 100.81
C VAL IA 311 9.69 15.03 101.87
N THR IA 312 8.36 15.19 101.88
CA THR IA 312 7.62 15.98 102.84
C THR IA 312 6.47 15.09 103.21
N ILE IA 313 5.99 15.17 104.47
CA ILE IA 313 4.85 14.40 104.93
C ILE IA 313 3.55 14.78 104.20
N VAL JA 1 86.46 31.06 -11.03
CA VAL JA 1 85.48 31.90 -10.32
C VAL JA 1 85.52 31.45 -8.89
N GLU JA 2 86.33 32.15 -8.06
CA GLU JA 2 86.51 31.76 -6.68
C GLU JA 2 87.04 32.93 -5.91
N GLN JA 3 86.83 32.87 -4.56
CA GLN JA 3 87.27 33.79 -3.54
C GLN JA 3 86.90 35.24 -3.73
N LYS JA 4 87.31 36.07 -2.73
CA LYS JA 4 87.06 37.48 -2.56
C LYS JA 4 87.37 38.38 -3.72
N LYS JA 5 86.81 39.61 -3.64
CA LYS JA 5 87.00 40.72 -4.56
C LYS JA 5 86.47 40.39 -5.92
N LYS JA 6 85.23 39.85 -5.92
CA LYS JA 6 84.69 39.04 -6.97
C LYS JA 6 83.48 38.43 -6.34
N ARG JA 7 82.29 38.80 -6.87
CA ARG JA 7 80.97 38.46 -6.39
C ARG JA 7 80.73 38.94 -4.98
N THR JA 8 81.22 40.15 -4.64
CA THR JA 8 81.03 40.71 -3.33
C THR JA 8 81.10 42.21 -3.46
N PHE JA 9 80.28 42.91 -2.66
CA PHE JA 9 80.24 44.36 -2.64
C PHE JA 9 79.47 44.75 -1.40
N ARG JA 10 78.81 43.77 -0.72
CA ARG JA 10 78.15 43.97 0.55
C ARG JA 10 79.22 43.97 1.61
N LYS JA 11 80.18 43.01 1.48
CA LYS JA 11 81.40 42.84 2.24
C LYS JA 11 81.28 43.07 3.73
N PHE JA 12 82.36 43.59 4.37
CA PHE JA 12 82.54 43.66 5.81
C PHE JA 12 82.49 42.29 6.44
N THR JA 13 82.23 42.24 7.76
CA THR JA 13 82.02 41.05 8.55
C THR JA 13 80.82 40.27 8.09
N TYR JA 14 80.86 38.91 8.23
CA TYR JA 14 79.64 38.11 8.28
C TYR JA 14 78.91 38.37 9.59
N ARG JA 15 79.69 38.45 10.70
CA ARG JA 15 79.20 38.01 11.98
C ARG JA 15 80.24 38.36 13.01
N GLY JA 16 81.38 38.92 12.56
CA GLY JA 16 82.49 39.24 13.43
C GLY JA 16 83.81 39.11 12.72
N VAL JA 17 83.87 38.39 11.57
CA VAL JA 17 85.14 38.15 10.88
C VAL JA 17 84.97 38.64 9.46
N ASP JA 18 85.86 39.57 9.03
CA ASP JA 18 85.90 40.15 7.69
C ASP JA 18 86.29 39.06 6.72
N LEU JA 19 85.71 39.09 5.48
CA LEU JA 19 85.87 38.03 4.50
C LEU JA 19 87.29 37.80 4.04
N ASP JA 20 88.14 38.85 4.02
CA ASP JA 20 89.58 38.80 3.80
C ASP JA 20 90.24 37.79 4.70
N GLN JA 21 90.16 38.04 6.03
CA GLN JA 21 90.72 37.22 7.08
C GLN JA 21 90.13 35.83 7.09
N LEU JA 22 88.80 35.73 6.85
CA LEU JA 22 87.99 34.54 6.83
C LEU JA 22 88.53 33.53 5.85
N LEU JA 23 88.59 33.92 4.55
CA LEU JA 23 89.14 33.17 3.44
C LEU JA 23 90.57 32.70 3.58
N ASP JA 24 91.37 33.29 4.50
CA ASP JA 24 92.75 32.92 4.71
C ASP JA 24 92.96 32.49 6.13
N MET JA 25 91.85 32.12 6.81
CA MET JA 25 91.86 31.26 7.95
C MET JA 25 91.28 29.96 7.50
N SER JA 26 91.60 28.88 8.26
CA SER JA 26 90.98 27.59 8.11
C SER JA 26 89.77 27.57 9.02
N TYR JA 27 88.82 26.64 8.75
CA TYR JA 27 87.59 26.46 9.51
C TYR JA 27 87.79 26.25 11.00
N GLU JA 28 88.91 25.57 11.39
CA GLU JA 28 89.47 25.50 12.72
C GLU JA 28 89.45 26.84 13.43
N GLN JA 29 90.19 27.83 12.89
CA GLN JA 29 90.35 29.15 13.45
C GLN JA 29 89.10 30.00 13.29
N LEU JA 30 88.21 29.64 12.33
CA LEU JA 30 86.97 30.33 12.08
C LEU JA 30 85.95 30.14 13.17
N MET JA 31 85.74 28.87 13.61
CA MET JA 31 84.78 28.55 14.65
C MET JA 31 85.16 29.10 15.99
N GLN JA 32 86.47 29.38 16.21
CA GLN JA 32 86.96 30.05 17.40
C GLN JA 32 86.43 31.47 17.51
N LEU JA 33 86.11 32.09 16.35
CA LEU JA 33 85.72 33.48 16.26
C LEU JA 33 84.32 33.62 15.71
N TYR JA 34 83.38 33.99 16.61
CA TYR JA 34 82.20 34.76 16.29
C TYR JA 34 81.24 34.16 15.29
N SER JA 35 80.54 33.06 15.68
CA SER JA 35 80.27 32.02 14.70
C SER JA 35 79.17 31.12 15.16
N ALA JA 36 78.53 31.40 16.32
CA ALA JA 36 77.81 30.48 17.19
C ALA JA 36 77.06 29.28 16.63
N ARG JA 37 76.28 29.42 15.53
CA ARG JA 37 75.56 28.33 14.86
C ARG JA 37 76.50 27.32 14.26
N GLN JA 38 77.55 27.82 13.58
CA GLN JA 38 78.60 27.10 12.91
C GLN JA 38 79.41 26.36 13.92
N ARG JA 39 79.70 27.03 15.05
CA ARG JA 39 80.49 26.51 16.14
C ARG JA 39 79.86 25.29 16.75
N ARG JA 40 78.52 25.28 16.98
CA ARG JA 40 77.81 24.13 17.51
C ARG JA 40 77.87 22.96 16.57
N ARG JA 41 77.67 23.19 15.25
CA ARG JA 41 77.69 22.14 14.24
C ARG JA 41 79.01 21.43 14.16
N LEU JA 42 80.12 22.21 14.12
CA LEU JA 42 81.46 21.68 14.00
C LEU JA 42 81.96 21.00 15.26
N SER JA 43 81.66 21.55 16.46
CA SER JA 43 82.08 20.93 17.70
C SER JA 43 81.42 19.60 17.97
N ARG JA 44 80.07 19.55 17.88
CA ARG JA 44 79.27 18.39 18.20
C ARG JA 44 79.37 17.33 17.12
N GLY JA 45 79.48 17.79 15.85
CA GLY JA 45 79.65 16.97 14.68
C GLY JA 45 80.98 16.29 14.71
N LEU JA 46 82.04 17.12 14.62
CA LEU JA 46 83.41 16.80 14.91
C LEU JA 46 84.00 16.30 13.62
N ARG JA 47 83.54 16.93 12.52
CA ARG JA 47 83.99 16.80 11.15
C ARG JA 47 83.27 15.62 10.59
N ARG JA 48 82.14 15.90 9.90
CA ARG JA 48 80.84 15.73 10.53
C ARG JA 48 80.20 14.47 9.99
N LYS JA 49 81.00 13.64 9.28
CA LYS JA 49 80.66 12.33 8.74
C LYS JA 49 80.02 12.55 7.39
N GLN JA 50 80.31 13.74 6.81
CA GLN JA 50 80.01 14.10 5.44
C GLN JA 50 81.28 14.10 4.64
N HIS JA 51 82.36 13.49 5.16
CA HIS JA 51 83.65 13.21 4.54
C HIS JA 51 83.72 13.19 3.03
N SER JA 52 83.13 12.15 2.39
CA SER JA 52 83.17 11.92 0.95
C SER JA 52 82.61 13.04 0.12
N LEU JA 53 81.49 13.66 0.56
CA LEU JA 53 80.87 14.83 -0.02
C LEU JA 53 81.85 15.97 -0.16
N LEU JA 54 82.57 16.31 0.95
CA LEU JA 54 83.59 17.33 1.04
C LEU JA 54 84.76 17.08 0.14
N LYS JA 55 85.11 15.79 -0.10
CA LYS JA 55 86.20 15.38 -0.92
C LYS JA 55 85.83 15.53 -2.36
N ARG JA 56 84.55 15.29 -2.72
CA ARG JA 56 84.04 15.53 -4.05
C ARG JA 56 84.06 17.00 -4.40
N LEU JA 57 83.91 17.91 -3.39
CA LEU JA 57 84.00 19.35 -3.58
C LEU JA 57 85.39 19.73 -4.01
N ARG JA 58 86.42 19.25 -3.26
CA ARG JA 58 87.82 19.54 -3.49
C ARG JA 58 88.30 18.99 -4.80
N LYS JA 59 87.83 17.76 -5.16
CA LYS JA 59 88.13 17.05 -6.38
C LYS JA 59 87.80 17.85 -7.61
N ALA JA 60 86.53 18.31 -7.74
CA ALA JA 60 86.07 18.97 -8.92
C ALA JA 60 86.50 20.42 -9.01
N LYS JA 61 86.83 21.04 -7.86
CA LYS JA 61 87.48 22.34 -7.79
C LYS JA 61 88.89 22.29 -8.35
N LYS JA 62 89.64 21.23 -7.98
CA LYS JA 62 90.98 20.92 -8.41
C LYS JA 62 91.05 20.69 -9.90
N GLU JA 63 90.24 19.72 -10.40
CA GLU JA 63 90.27 19.26 -11.77
C GLU JA 63 89.80 20.32 -12.74
N ALA JA 64 89.00 21.30 -12.25
CA ALA JA 64 88.60 22.45 -13.01
C ALA JA 64 89.64 23.52 -12.78
N PRO JA 65 89.92 24.44 -13.69
CA PRO JA 65 90.91 25.49 -13.49
C PRO JA 65 90.37 26.49 -12.48
N PRO JA 66 91.15 27.31 -11.80
CA PRO JA 66 90.66 28.26 -10.81
C PRO JA 66 90.03 29.45 -11.48
N MET JA 67 90.12 29.56 -12.83
CA MET JA 67 89.57 30.64 -13.62
C MET JA 67 88.10 30.41 -13.86
N GLU JA 68 87.62 29.16 -13.70
CA GLU JA 68 86.25 28.78 -13.94
C GLU JA 68 85.82 27.98 -12.75
N LYS JA 69 84.50 27.73 -12.67
CA LYS JA 69 83.83 27.04 -11.59
C LYS JA 69 83.88 25.55 -11.88
N PRO JA 70 83.49 24.65 -10.97
CA PRO JA 70 83.61 23.21 -11.17
C PRO JA 70 82.72 22.64 -12.25
N GLU JA 71 82.61 21.29 -12.28
CA GLU JA 71 81.72 20.57 -13.15
C GLU JA 71 80.37 20.37 -12.49
N VAL JA 72 80.14 21.05 -11.34
CA VAL JA 72 78.99 20.99 -10.48
C VAL JA 72 79.10 19.73 -9.66
N VAL JA 73 78.90 19.86 -8.33
CA VAL JA 73 79.01 18.75 -7.43
C VAL JA 73 77.80 18.79 -6.55
N LYS JA 74 76.99 17.73 -6.70
CA LYS JA 74 75.75 17.52 -5.99
C LYS JA 74 76.03 17.05 -4.60
N THR JA 75 75.00 17.17 -3.73
CA THR JA 75 75.02 16.78 -2.35
C THR JA 75 73.55 16.62 -2.04
N HIS JA 76 73.20 15.82 -1.00
CA HIS JA 76 71.84 15.70 -0.53
C HIS JA 76 71.68 16.55 0.68
N LEU JA 77 72.80 16.82 1.40
CA LEU JA 77 72.77 17.64 2.58
C LEU JA 77 72.61 19.07 2.17
N ARG JA 78 71.98 19.86 3.07
CA ARG JA 78 71.72 21.25 2.84
C ARG JA 78 71.82 21.94 4.17
N ASP JA 79 72.33 21.18 5.17
CA ASP JA 79 72.56 21.63 6.52
C ASP JA 79 74.02 22.00 6.64
N MET JA 80 74.77 21.86 5.53
CA MET JA 80 76.16 22.22 5.44
C MET JA 80 76.28 23.71 5.50
N ILE JA 81 77.17 24.19 6.39
CA ILE JA 81 77.46 25.59 6.57
C ILE JA 81 78.70 25.81 5.77
N ILE JA 82 78.69 26.89 4.95
CA ILE JA 82 79.77 27.24 4.05
C ILE JA 82 80.98 27.66 4.85
N LEU JA 83 82.11 27.00 4.54
CA LEU JA 83 83.39 27.16 5.19
C LEU JA 83 84.30 27.65 4.08
N PRO JA 84 85.35 28.45 4.34
CA PRO JA 84 86.16 29.12 3.32
C PRO JA 84 86.80 28.19 2.30
N GLU JA 85 87.00 26.90 2.66
CA GLU JA 85 87.59 25.84 1.88
C GLU JA 85 86.75 25.55 0.67
N MET JA 86 85.41 25.51 0.89
CA MET JA 86 84.40 25.22 -0.09
C MET JA 86 84.32 26.29 -1.16
N VAL JA 87 84.43 27.58 -0.76
CA VAL JA 87 84.05 28.76 -1.53
C VAL JA 87 84.70 28.79 -2.89
N GLY JA 88 83.90 29.11 -3.92
CA GLY JA 88 84.29 29.07 -5.31
C GLY JA 88 83.80 27.85 -6.02
N SER JA 89 83.15 26.90 -5.30
CA SER JA 89 82.59 25.72 -5.91
C SER JA 89 81.17 26.00 -6.34
N MET JA 90 80.53 25.00 -6.96
CA MET JA 90 79.19 25.12 -7.50
C MET JA 90 78.52 23.87 -7.04
N VAL JA 91 77.44 24.03 -6.23
CA VAL JA 91 76.93 22.98 -5.39
C VAL JA 91 75.50 22.74 -5.75
N GLY JA 92 75.17 21.46 -6.09
CA GLY JA 92 73.82 21.00 -6.31
C GLY JA 92 73.19 20.70 -4.97
N VAL JA 93 72.25 21.56 -4.50
CA VAL JA 93 71.73 21.52 -3.15
C VAL JA 93 70.36 20.90 -3.23
N TYR JA 94 70.25 19.61 -2.82
CA TYR JA 94 69.03 18.83 -2.90
C TYR JA 94 67.94 19.36 -2.00
N ASN JA 95 66.68 19.16 -2.47
CA ASN JA 95 65.48 19.68 -1.87
C ASN JA 95 64.55 18.52 -1.70
N GLY JA 96 65.07 17.29 -1.87
CA GLY JA 96 64.31 16.09 -1.77
C GLY JA 96 63.57 15.78 -3.04
N LYS JA 97 63.74 16.58 -4.11
CA LYS JA 97 63.06 16.31 -5.36
C LYS JA 97 63.66 17.14 -6.47
N THR JA 98 64.58 18.10 -6.17
CA THR JA 98 65.22 18.93 -7.16
C THR JA 98 66.57 19.27 -6.59
N PHE JA 99 67.60 19.41 -7.46
CA PHE JA 99 68.88 19.94 -7.10
C PHE JA 99 68.96 21.32 -7.68
N ASN JA 100 68.82 22.39 -6.84
CA ASN JA 100 69.07 23.73 -7.27
C ASN JA 100 70.55 23.94 -7.22
N GLN JA 101 71.11 24.52 -8.30
CA GLN JA 101 72.54 24.69 -8.47
C GLN JA 101 72.86 26.08 -8.04
N VAL JA 102 73.84 26.21 -7.11
CA VAL JA 102 74.12 27.47 -6.47
C VAL JA 102 75.62 27.53 -6.41
N GLU JA 103 76.22 28.60 -7.01
CA GLU JA 103 77.60 28.93 -6.78
C GLU JA 103 77.71 29.57 -5.43
N ILE JA 104 78.74 29.16 -4.66
CA ILE JA 104 78.98 29.65 -3.33
C ILE JA 104 80.00 30.74 -3.45
N LYS JA 105 79.53 32.00 -3.28
CA LYS JA 105 80.31 33.21 -3.36
C LYS JA 105 80.76 33.63 -1.98
N PRO JA 106 81.67 34.61 -1.82
CA PRO JA 106 82.22 35.01 -0.54
C PRO JA 106 81.24 35.67 0.41
N GLU JA 107 79.99 35.92 -0.03
CA GLU JA 107 79.00 36.58 0.77
C GLU JA 107 78.13 35.57 1.47
N MET JA 108 78.34 34.27 1.16
CA MET JA 108 77.45 33.20 1.56
C MET JA 108 78.06 32.48 2.75
N ILE JA 109 79.16 33.02 3.35
CA ILE JA 109 80.00 32.23 4.21
C ILE JA 109 79.42 32.37 5.59
N GLY JA 110 79.10 31.22 6.23
CA GLY JA 110 78.51 31.13 7.53
C GLY JA 110 77.03 30.86 7.43
N HIS JA 111 76.44 31.14 6.24
CA HIS JA 111 75.10 30.76 5.91
C HIS JA 111 75.07 29.32 5.48
N TYR JA 112 73.85 28.74 5.38
CA TYR JA 112 73.61 27.36 5.08
C TYR JA 112 73.27 27.29 3.62
N LEU JA 113 73.67 26.17 2.95
CA LEU JA 113 73.34 25.82 1.58
C LEU JA 113 71.85 25.90 1.33
N GLY JA 114 71.07 25.24 2.23
CA GLY JA 114 69.63 25.11 2.25
C GLY JA 114 68.83 26.36 2.06
N GLU JA 115 69.42 27.52 2.41
CA GLU JA 115 68.79 28.82 2.40
C GLU JA 115 68.77 29.39 0.99
N PHE JA 116 69.42 28.72 0.03
CA PHE JA 116 69.61 29.19 -1.32
C PHE JA 116 68.96 28.20 -2.24
N SER JA 117 68.24 27.22 -1.66
CA SER JA 117 67.46 26.27 -2.39
C SER JA 117 66.09 26.32 -1.77
N ILE JA 118 65.04 26.04 -2.58
CA ILE JA 118 63.67 26.24 -2.19
C ILE JA 118 62.97 24.91 -2.24
N THR JA 119 62.05 24.69 -1.27
CA THR JA 119 61.07 23.63 -1.31
C THR JA 119 59.70 24.23 -1.55
N TYR JA 120 59.64 25.56 -1.78
CA TYR JA 120 58.46 26.32 -1.52
C TYR JA 120 58.33 27.31 -2.64
N LYS JA 121 57.07 27.52 -3.08
CA LYS JA 121 56.69 28.40 -4.15
C LYS JA 121 56.58 29.80 -3.57
N PRO JA 122 56.41 30.86 -4.36
CA PRO JA 122 56.03 32.19 -3.88
C PRO JA 122 54.60 32.19 -3.41
N VAL JA 123 53.88 31.05 -3.58
CA VAL JA 123 52.57 30.74 -3.05
C VAL JA 123 51.50 31.46 -3.82
N LYS JA 124 50.52 30.68 -4.32
CA LYS JA 124 49.52 31.19 -5.21
C LYS JA 124 48.24 30.50 -4.84
N HIS JA 125 47.13 31.08 -5.35
CA HIS JA 125 45.81 30.53 -5.24
C HIS JA 125 45.15 30.83 -6.56
N GLY JA 126 45.98 31.03 -7.61
CA GLY JA 126 45.59 31.51 -8.91
C GLY JA 126 46.21 32.87 -9.07
N ARG JA 127 47.18 33.20 -8.18
CA ARG JA 127 47.85 34.48 -8.12
C ARG JA 127 49.08 34.42 -9.03
N GLY KA 1 -40.19 -23.44 -61.13
CA GLY KA 1 -40.40 -22.16 -61.83
C GLY KA 1 -41.45 -21.38 -61.15
N ILE KA 2 -42.72 -21.61 -61.58
CA ILE KA 2 -43.88 -20.90 -61.10
C ILE KA 2 -44.43 -21.75 -59.98
N SER KA 3 -44.85 -21.10 -58.87
CA SER KA 3 -44.36 -21.50 -57.57
C SER KA 3 -45.51 -21.46 -56.62
N ARG KA 4 -45.32 -22.09 -55.43
CA ARG KA 4 -46.39 -22.69 -54.69
C ARG KA 4 -45.70 -23.42 -53.58
N ASP KA 5 -45.70 -22.79 -52.39
CA ASP KA 5 -44.92 -23.25 -51.26
C ASP KA 5 -45.53 -22.59 -50.04
N ASN KA 6 -45.09 -23.02 -48.83
CA ASN KA 6 -45.50 -22.40 -47.58
C ASN KA 6 -44.33 -21.80 -46.86
N TRP KA 7 -43.10 -21.90 -47.41
CA TRP KA 7 -41.89 -21.54 -46.71
C TRP KA 7 -41.46 -20.15 -47.10
N HIS KA 8 -42.31 -19.44 -47.89
CA HIS KA 8 -42.19 -18.04 -48.17
C HIS KA 8 -43.19 -17.28 -47.34
N LYS KA 9 -43.35 -15.98 -47.69
CA LYS KA 9 -44.19 -14.96 -47.12
C LYS KA 9 -44.18 -14.74 -45.61
N ARG KA 10 -45.01 -13.74 -45.20
CA ARG KA 10 -45.16 -13.20 -43.88
C ARG KA 10 -45.69 -14.21 -42.89
N ARG KA 11 -45.30 -14.03 -41.62
CA ARG KA 11 -45.70 -14.82 -40.48
C ARG KA 11 -46.87 -14.14 -39.84
N LYS KA 12 -47.49 -14.83 -38.84
CA LYS KA 12 -48.57 -14.34 -38.01
C LYS KA 12 -48.14 -13.14 -37.20
N THR KA 13 -46.89 -13.22 -36.68
CA THR KA 13 -46.26 -12.25 -35.83
C THR KA 13 -45.92 -10.97 -36.54
N GLY KA 14 -45.85 -11.01 -37.89
CA GLY KA 14 -45.49 -9.88 -38.70
C GLY KA 14 -44.07 -10.04 -39.15
N GLY KA 15 -43.47 -11.22 -38.89
CA GLY KA 15 -42.12 -11.56 -39.28
C GLY KA 15 -42.09 -11.93 -40.73
N LYS KA 16 -40.91 -12.38 -41.21
CA LYS KA 16 -40.75 -12.76 -42.59
C LYS KA 16 -39.90 -13.99 -42.57
N ARG KA 17 -40.33 -15.02 -43.32
CA ARG KA 17 -39.63 -16.26 -43.45
C ARG KA 17 -38.51 -16.12 -44.45
N LYS KA 18 -37.47 -16.96 -44.29
CA LYS KA 18 -36.27 -16.95 -45.10
C LYS KA 18 -36.25 -18.35 -45.67
N PRO KA 19 -35.86 -18.52 -46.94
CA PRO KA 19 -36.08 -19.74 -47.73
C PRO KA 19 -35.66 -21.05 -47.10
N TYR KA 20 -36.41 -22.11 -47.44
CA TYR KA 20 -36.03 -23.48 -47.21
C TYR KA 20 -35.82 -24.00 -48.60
N HIS KA 21 -34.55 -24.38 -48.91
CA HIS KA 21 -34.06 -24.90 -50.16
C HIS KA 21 -34.35 -24.03 -51.37
N LYS KA 22 -34.09 -24.60 -52.57
CA LYS KA 22 -34.08 -23.90 -53.83
C LYS KA 22 -35.17 -24.62 -54.57
N LYS KA 23 -36.03 -23.85 -55.30
CA LYS KA 23 -37.10 -24.32 -56.17
C LYS KA 23 -36.90 -25.66 -56.82
N ARG KA 24 -37.96 -26.51 -56.78
CA ARG KA 24 -37.87 -27.88 -57.19
C ARG KA 24 -39.06 -28.16 -58.06
N LYS KA 25 -38.93 -29.21 -58.90
CA LYS KA 25 -39.88 -29.63 -59.91
C LYS KA 25 -41.29 -29.87 -59.41
N TYR KA 26 -41.45 -30.30 -58.13
CA TYR KA 26 -42.72 -30.58 -57.48
C TYR KA 26 -43.59 -29.35 -57.32
N GLU KA 27 -42.95 -28.19 -57.08
CA GLU KA 27 -43.53 -26.90 -56.83
C GLU KA 27 -44.21 -26.31 -58.04
N LEU KA 28 -43.88 -26.79 -59.27
CA LEU KA 28 -44.42 -26.36 -60.54
C LEU KA 28 -45.92 -26.31 -60.51
N GLY KA 29 -46.50 -25.31 -61.21
CA GLY KA 29 -47.71 -24.64 -60.80
C GLY KA 29 -48.23 -23.98 -62.03
N ARG KA 30 -48.10 -24.70 -63.17
CA ARG KA 30 -48.33 -24.36 -64.56
C ARG KA 30 -49.37 -23.29 -64.85
N PRO KA 31 -49.16 -22.38 -65.81
CA PRO KA 31 -50.13 -21.38 -66.23
C PRO KA 31 -51.46 -21.96 -66.65
N ALA KA 32 -52.51 -21.11 -66.57
CA ALA KA 32 -53.90 -21.44 -66.80
C ALA KA 32 -54.21 -21.93 -68.19
N ALA KA 33 -55.29 -22.74 -68.28
CA ALA KA 33 -55.81 -23.28 -69.52
C ALA KA 33 -56.31 -22.18 -70.41
N ASN KA 34 -57.06 -21.22 -69.83
CA ASN KA 34 -57.70 -20.10 -70.50
C ASN KA 34 -58.62 -20.54 -71.59
N THR KA 35 -59.52 -21.52 -71.28
CA THR KA 35 -60.39 -22.13 -72.25
C THR KA 35 -61.60 -21.23 -72.38
N LYS KA 36 -62.08 -21.06 -73.63
CA LYS KA 36 -63.12 -20.12 -73.96
C LYS KA 36 -64.05 -20.90 -74.84
N ILE KA 37 -64.72 -20.18 -75.78
CA ILE KA 37 -65.79 -20.72 -76.58
C ILE KA 37 -65.25 -20.67 -77.98
N GLY KA 38 -65.31 -21.82 -78.67
CA GLY KA 38 -64.82 -21.95 -80.02
C GLY KA 38 -64.52 -23.40 -80.22
N PRO KA 39 -64.01 -23.80 -81.38
CA PRO KA 39 -64.01 -25.19 -81.82
C PRO KA 39 -63.09 -26.03 -80.97
N ARG KA 40 -63.55 -27.25 -80.62
CA ARG KA 40 -62.99 -28.07 -79.56
C ARG KA 40 -61.60 -28.52 -79.90
N ARG KA 41 -60.67 -28.33 -78.94
CA ARG KA 41 -59.36 -28.93 -78.96
C ARG KA 41 -59.11 -29.28 -77.54
N ILE KA 42 -58.47 -30.44 -77.27
CA ILE KA 42 -58.08 -30.76 -75.93
C ILE KA 42 -56.76 -31.45 -76.18
N HIS KA 43 -55.85 -31.39 -75.17
CA HIS KA 43 -54.50 -31.83 -75.29
C HIS KA 43 -54.27 -32.66 -74.08
N THR KA 44 -53.48 -33.74 -74.21
CA THR KA 44 -53.12 -34.56 -73.07
C THR KA 44 -51.85 -33.94 -72.56
N VAL KA 45 -51.66 -33.88 -71.22
CA VAL KA 45 -50.50 -33.26 -70.63
C VAL KA 45 -49.92 -34.28 -69.68
N GLY KA 46 -48.57 -34.37 -69.65
CA GLY KA 46 -47.80 -35.15 -68.70
C GLY KA 46 -47.62 -34.30 -67.48
N VAL KA 47 -47.97 -34.84 -66.28
CA VAL KA 47 -47.93 -34.10 -65.06
C VAL KA 47 -47.17 -34.93 -64.06
N ARG KA 48 -46.90 -34.34 -62.87
CA ARG KA 48 -46.05 -34.89 -61.82
C ARG KA 48 -46.62 -36.17 -61.28
N GLY KA 49 -45.73 -37.16 -61.01
CA GLY KA 49 -46.12 -38.43 -60.44
C GLY KA 49 -46.66 -39.36 -61.47
N GLY KA 50 -46.39 -39.07 -62.77
CA GLY KA 50 -47.02 -39.73 -63.89
C GLY KA 50 -48.41 -39.17 -64.03
N ASN KA 51 -49.34 -39.97 -64.60
CA ASN KA 51 -50.72 -39.63 -64.86
C ASN KA 51 -50.88 -38.53 -65.90
N LYS KA 52 -52.08 -38.45 -66.49
CA LYS KA 52 -52.39 -37.55 -67.57
C LYS KA 52 -53.49 -36.62 -67.16
N LYS KA 53 -53.30 -35.31 -67.40
CA LYS KA 53 -54.29 -34.31 -67.07
C LYS KA 53 -54.63 -33.67 -68.39
N TYR KA 54 -55.94 -33.43 -68.64
CA TYR KA 54 -56.41 -32.78 -69.84
C TYR KA 54 -56.28 -31.29 -69.72
N ARG KA 55 -55.69 -30.63 -70.75
CA ARG KA 55 -55.67 -29.20 -70.85
C ARG KA 55 -56.57 -28.89 -72.00
N ALA KA 56 -57.73 -28.23 -71.73
CA ALA KA 56 -58.62 -27.77 -72.76
C ALA KA 56 -58.19 -26.42 -73.25
N LEU KA 57 -58.17 -26.25 -74.58
CA LEU KA 57 -58.01 -24.96 -75.21
C LEU KA 57 -59.20 -24.93 -76.11
N ARG KA 58 -60.18 -24.06 -75.81
CA ARG KA 58 -61.43 -23.93 -76.54
C ARG KA 58 -62.33 -25.15 -76.36
N LEU KA 59 -63.58 -24.91 -75.91
CA LEU KA 59 -64.59 -25.93 -75.77
C LEU KA 59 -65.82 -25.28 -76.34
N ASP KA 60 -66.86 -26.06 -76.67
CA ASP KA 60 -68.10 -25.47 -77.14
C ASP KA 60 -69.23 -26.45 -76.97
N VAL KA 61 -68.95 -27.66 -76.45
CA VAL KA 61 -69.98 -28.62 -76.14
C VAL KA 61 -69.72 -29.12 -74.76
N GLY KA 62 -70.81 -29.47 -74.05
CA GLY KA 62 -70.76 -30.04 -72.73
C GLY KA 62 -71.82 -31.09 -72.68
N ASN KA 63 -71.90 -31.82 -71.54
CA ASN KA 63 -72.88 -32.85 -71.29
C ASN KA 63 -73.63 -32.33 -70.11
N PHE KA 64 -74.85 -31.81 -70.38
CA PHE KA 64 -75.67 -31.12 -69.42
C PHE KA 64 -76.83 -31.98 -69.05
N SER KA 65 -77.09 -32.07 -67.73
CA SER KA 65 -77.99 -33.03 -67.16
C SER KA 65 -79.20 -32.31 -66.67
N TRP KA 66 -80.38 -32.93 -66.90
CA TRP KA 66 -81.66 -32.48 -66.44
C TRP KA 66 -81.92 -33.23 -65.18
N GLY KA 67 -81.69 -32.58 -64.02
CA GLY KA 67 -81.57 -33.27 -62.75
C GLY KA 67 -82.87 -33.70 -62.14
N SER KA 68 -84.03 -33.31 -62.74
CA SER KA 68 -85.32 -33.62 -62.19
C SER KA 68 -85.94 -34.72 -63.01
N GLU KA 69 -85.31 -35.11 -64.15
CA GLU KA 69 -85.77 -36.19 -64.98
C GLU KA 69 -84.73 -37.28 -65.03
N CYS KA 70 -83.53 -37.05 -64.44
CA CYS KA 70 -82.40 -37.95 -64.41
C CYS KA 70 -81.97 -38.42 -65.79
N CYS KA 71 -81.65 -37.48 -66.69
CA CYS KA 71 -81.21 -37.78 -68.02
C CYS KA 71 -80.26 -36.68 -68.39
N THR KA 72 -79.21 -37.01 -69.18
CA THR KA 72 -78.20 -36.06 -69.56
C THR KA 72 -78.02 -36.21 -71.03
N ARG KA 73 -77.86 -35.06 -71.73
CA ARG KA 73 -77.85 -34.95 -73.16
C ARG KA 73 -76.66 -34.09 -73.45
N LYS KA 74 -76.07 -34.24 -74.66
CA LYS KA 74 -74.91 -33.49 -75.04
C LYS KA 74 -75.42 -32.35 -75.87
N THR KA 75 -75.07 -31.11 -75.47
CA THR KA 75 -75.60 -29.92 -76.08
C THR KA 75 -74.49 -28.92 -76.22
N ARG KA 76 -74.77 -27.89 -77.04
CA ARG KA 76 -74.00 -26.70 -77.26
C ARG KA 76 -74.05 -25.78 -76.07
N ILE KA 77 -72.93 -25.05 -75.82
CA ILE KA 77 -72.87 -23.99 -74.86
C ILE KA 77 -72.41 -22.84 -75.69
N ILE KA 78 -73.31 -21.84 -75.86
CA ILE KA 78 -73.15 -20.77 -76.82
C ILE KA 78 -72.57 -19.53 -76.17
N ASP KA 79 -72.75 -19.32 -74.85
CA ASP KA 79 -72.25 -18.11 -74.24
C ASP KA 79 -72.31 -18.23 -72.75
N VAL KA 80 -71.60 -17.31 -72.06
CA VAL KA 80 -71.59 -17.09 -70.64
C VAL KA 80 -72.45 -15.89 -70.41
N VAL KA 81 -73.58 -16.04 -69.68
CA VAL KA 81 -74.40 -14.92 -69.28
C VAL KA 81 -73.98 -14.40 -67.93
N TYR KA 82 -73.56 -15.27 -66.98
CA TYR KA 82 -73.23 -14.83 -65.64
C TYR KA 82 -72.14 -15.69 -65.09
N ASN KA 83 -71.24 -15.10 -64.27
CA ASN KA 83 -70.25 -15.83 -63.54
C ASN KA 83 -70.06 -15.00 -62.31
N ALA KA 84 -69.94 -15.67 -61.14
CA ALA KA 84 -69.91 -15.03 -59.85
C ALA KA 84 -68.51 -14.98 -59.31
N SER KA 85 -67.51 -15.54 -60.04
CA SER KA 85 -66.15 -15.54 -59.58
C SER KA 85 -65.54 -14.19 -59.89
N ASN KA 86 -65.77 -13.71 -61.13
CA ASN KA 86 -65.33 -12.42 -61.57
C ASN KA 86 -66.21 -12.11 -62.74
N ASN KA 87 -66.58 -10.82 -62.89
CA ASN KA 87 -67.45 -10.32 -63.93
C ASN KA 87 -66.79 -10.33 -65.27
N GLU KA 88 -65.45 -10.15 -65.28
CA GLU KA 88 -64.58 -10.09 -66.42
C GLU KA 88 -64.57 -11.37 -67.21
N LEU KA 89 -64.64 -12.52 -66.50
CA LEU KA 89 -64.74 -13.86 -67.02
C LEU KA 89 -65.91 -14.01 -67.97
N VAL KA 90 -67.06 -13.40 -67.65
CA VAL KA 90 -68.25 -13.39 -68.49
C VAL KA 90 -67.98 -12.61 -69.76
N ARG KA 91 -67.43 -11.38 -69.62
CA ARG KA 91 -67.17 -10.48 -70.72
C ARG KA 91 -66.19 -11.04 -71.72
N THR KA 92 -65.07 -11.65 -71.23
CA THR KA 92 -64.06 -12.30 -72.04
C THR KA 92 -64.53 -13.62 -72.61
N LYS KA 93 -65.64 -14.19 -72.07
CA LYS KA 93 -66.23 -15.45 -72.45
C LYS KA 93 -65.31 -16.61 -72.16
N THR KA 94 -64.69 -16.58 -70.96
CA THR KA 94 -63.81 -17.60 -70.46
C THR KA 94 -64.65 -18.49 -69.61
N LEU KA 95 -64.56 -19.82 -69.85
CA LEU KA 95 -65.35 -20.82 -69.19
C LEU KA 95 -64.56 -21.32 -68.03
N VAL KA 96 -65.21 -21.27 -66.84
CA VAL KA 96 -64.65 -21.67 -65.57
C VAL KA 96 -65.77 -22.40 -64.92
N LYS KA 97 -65.48 -23.11 -63.80
CA LYS KA 97 -66.49 -23.78 -63.01
C LYS KA 97 -67.40 -22.76 -62.37
N ASN KA 98 -68.72 -23.03 -62.47
CA ASN KA 98 -69.83 -22.26 -61.94
C ASN KA 98 -70.24 -21.16 -62.88
N CYS KA 99 -69.76 -21.18 -64.16
CA CYS KA 99 -70.29 -20.30 -65.19
C CYS KA 99 -71.71 -20.70 -65.46
N ILE KA 100 -72.57 -19.68 -65.64
CA ILE KA 100 -73.97 -19.85 -65.92
C ILE KA 100 -74.02 -19.68 -67.39
N VAL KA 101 -74.37 -20.75 -68.13
CA VAL KA 101 -74.27 -20.85 -69.55
C VAL KA 101 -75.65 -21.03 -70.09
N LEU KA 102 -75.74 -21.01 -71.44
CA LEU KA 102 -76.97 -21.16 -72.19
C LEU KA 102 -76.80 -22.37 -73.05
N ILE KA 103 -77.74 -23.33 -72.91
CA ILE KA 103 -77.74 -24.56 -73.66
C ILE KA 103 -79.05 -24.57 -74.37
N ASP KA 104 -79.15 -25.34 -75.47
CA ASP KA 104 -80.37 -25.59 -76.19
C ASP KA 104 -81.48 -26.14 -75.33
N SER KA 105 -82.72 -25.61 -75.54
CA SER KA 105 -83.94 -26.09 -74.93
C SER KA 105 -84.38 -27.35 -75.60
N THR KA 106 -84.24 -27.38 -76.95
CA THR KA 106 -84.89 -28.32 -77.84
C THR KA 106 -84.61 -29.79 -77.55
N PRO KA 107 -83.42 -30.30 -77.21
CA PRO KA 107 -83.22 -31.72 -76.97
C PRO KA 107 -83.92 -32.23 -75.74
N TYR KA 108 -83.98 -31.44 -74.65
CA TYR KA 108 -84.62 -31.81 -73.40
C TYR KA 108 -86.10 -31.89 -73.56
N ARG KA 109 -86.67 -30.89 -74.27
CA ARG KA 109 -88.08 -30.81 -74.59
C ARG KA 109 -88.50 -31.93 -75.51
N GLN KA 110 -87.65 -32.25 -76.52
CA GLN KA 110 -87.87 -33.30 -77.49
C GLN KA 110 -87.87 -34.65 -76.84
N TRP KA 111 -87.01 -34.84 -75.81
CA TRP KA 111 -86.90 -36.05 -75.06
C TRP KA 111 -88.14 -36.25 -74.23
N TYR KA 112 -88.62 -35.19 -73.54
CA TYR KA 112 -89.77 -35.28 -72.67
C TYR KA 112 -91.04 -35.56 -73.42
N GLU KA 113 -91.31 -34.83 -74.52
CA GLU KA 113 -92.51 -34.98 -75.29
C GLU KA 113 -92.66 -36.36 -75.88
N SER KA 114 -91.55 -36.93 -76.43
CA SER KA 114 -91.51 -38.26 -77.00
C SER KA 114 -91.73 -39.34 -75.98
N HIS KA 115 -90.99 -39.25 -74.85
CA HIS KA 115 -90.93 -40.21 -73.79
C HIS KA 115 -92.22 -40.34 -73.02
N TYR KA 116 -92.90 -39.21 -72.71
CA TYR KA 116 -94.10 -39.21 -71.91
C TYR KA 116 -95.31 -39.17 -72.82
N ALA KA 117 -95.08 -38.95 -74.14
CA ALA KA 117 -96.05 -39.04 -75.21
C ALA KA 117 -97.14 -38.00 -75.11
N LEU KA 118 -96.88 -36.87 -74.42
CA LEU KA 118 -97.81 -35.77 -74.33
C LEU KA 118 -96.96 -34.51 -74.26
N PRO KA 119 -97.38 -33.40 -74.86
CA PRO KA 119 -96.55 -32.21 -74.94
C PRO KA 119 -96.80 -31.36 -73.72
N LEU KA 120 -95.78 -30.58 -73.30
CA LEU KA 120 -95.80 -29.74 -72.12
C LEU KA 120 -96.79 -28.62 -72.30
N GLY KA 121 -96.75 -27.99 -73.49
CA GLY KA 121 -97.66 -26.96 -73.86
C GLY KA 121 -97.35 -26.71 -75.29
N ARG KA 122 -97.04 -25.44 -75.63
CA ARG KA 122 -96.55 -25.06 -76.93
C ARG KA 122 -95.40 -24.14 -76.64
N LYS KA 123 -94.19 -24.51 -77.12
CA LYS KA 123 -93.01 -23.68 -77.02
C LYS KA 123 -93.08 -22.51 -77.95
N LYS KA 124 -93.39 -22.75 -79.23
CA LYS KA 124 -93.30 -21.75 -80.27
C LYS KA 124 -94.21 -22.23 -81.37
N GLY KA 125 -94.47 -21.33 -82.35
CA GLY KA 125 -95.33 -21.54 -83.48
C GLY KA 125 -94.62 -22.45 -84.44
N ALA KA 126 -93.33 -22.16 -84.71
CA ALA KA 126 -92.44 -22.92 -85.56
C ALA KA 126 -92.29 -24.34 -85.07
N LYS KA 127 -92.03 -24.50 -83.74
CA LYS KA 127 -91.87 -25.77 -83.07
C LYS KA 127 -93.08 -26.66 -83.22
N LEU KA 128 -94.31 -26.10 -83.05
CA LEU KA 128 -95.57 -26.80 -83.11
C LEU KA 128 -95.79 -27.50 -84.43
N THR KA 129 -95.61 -26.75 -85.55
CA THR KA 129 -96.20 -27.03 -86.84
C THR KA 129 -95.86 -28.39 -87.45
N PRO KA 130 -94.63 -28.91 -87.50
CA PRO KA 130 -94.40 -30.20 -88.15
C PRO KA 130 -94.55 -31.36 -87.20
N GLU KA 131 -94.21 -31.18 -85.90
CA GLU KA 131 -94.35 -32.24 -84.94
C GLU KA 131 -94.37 -31.61 -83.58
N GLU KA 132 -94.86 -32.38 -82.58
CA GLU KA 132 -95.49 -31.96 -81.35
C GLU KA 132 -96.90 -32.43 -81.48
N GLU KA 133 -97.54 -32.09 -82.63
CA GLU KA 133 -98.85 -32.57 -83.01
C GLU KA 133 -98.85 -34.07 -83.23
N GLU KA 134 -97.82 -34.59 -83.93
CA GLU KA 134 -97.55 -36.00 -84.17
C GLU KA 134 -97.55 -36.81 -82.91
N ILE KA 135 -96.80 -36.31 -81.90
CA ILE KA 135 -96.63 -36.87 -80.57
C ILE KA 135 -97.95 -36.96 -79.84
N LEU KA 136 -98.75 -35.87 -79.91
CA LEU KA 136 -100.07 -35.73 -79.32
C LEU KA 136 -101.03 -36.75 -79.88
N ASN KA 137 -101.01 -36.96 -81.22
CA ASN KA 137 -101.81 -37.94 -81.92
C ASN KA 137 -101.52 -39.34 -81.43
N LYS KA 138 -100.20 -39.64 -81.25
CA LYS KA 138 -99.65 -40.90 -80.83
C LYS KA 138 -99.57 -41.86 -81.98
N LYS KA 139 -98.56 -42.78 -81.87
CA LYS KA 139 -98.30 -43.82 -82.82
C LYS KA 139 -98.80 -45.10 -82.23
N ARG KA 140 -99.52 -45.00 -81.08
CA ARG KA 140 -100.11 -46.09 -80.35
C ARG KA 140 -101.50 -46.18 -80.90
N SER KA 141 -101.91 -47.38 -81.39
CA SER KA 141 -103.22 -47.54 -81.99
C SER KA 141 -104.37 -47.59 -80.97
N LYS KA 142 -104.43 -48.40 -79.87
CA LYS KA 142 -103.72 -49.55 -79.35
C LYS KA 142 -102.53 -49.20 -78.50
N LYS KA 143 -102.74 -49.25 -77.16
CA LYS KA 143 -101.81 -48.87 -76.12
C LYS KA 143 -101.90 -47.39 -75.88
N ILE KA 144 -103.04 -46.78 -76.28
CA ILE KA 144 -103.42 -45.42 -75.97
C ILE KA 144 -103.80 -45.37 -74.52
N GLN KA 145 -104.60 -46.36 -74.06
CA GLN KA 145 -105.12 -46.51 -72.73
C GLN KA 145 -103.99 -46.73 -71.74
N LYS KA 146 -102.96 -47.51 -72.17
CA LYS KA 146 -101.81 -47.81 -71.37
C LYS KA 146 -101.03 -46.57 -71.04
N LYS KA 147 -100.83 -45.64 -72.01
CA LYS KA 147 -100.20 -44.36 -71.78
C LYS KA 147 -100.94 -43.46 -70.83
N TYR KA 148 -102.29 -43.43 -70.91
CA TYR KA 148 -103.11 -42.58 -70.07
C TYR KA 148 -103.06 -42.97 -68.62
N ASP KA 149 -103.13 -44.29 -68.33
CA ASP KA 149 -103.02 -44.81 -66.98
C ASP KA 149 -101.66 -44.57 -66.37
N GLU KA 150 -100.61 -44.82 -67.18
CA GLU KA 150 -99.20 -44.69 -66.87
C GLU KA 150 -98.78 -43.30 -66.51
N ARG KA 151 -99.25 -42.32 -67.31
CA ARG KA 151 -98.93 -40.93 -67.13
C ARG KA 151 -100.09 -40.21 -66.55
N LYS KA 152 -99.92 -39.79 -65.28
CA LYS KA 152 -100.87 -39.03 -64.53
C LYS KA 152 -100.15 -37.76 -64.24
N LYS KA 153 -100.87 -36.62 -64.36
CA LYS KA 153 -100.40 -35.26 -64.15
C LYS KA 153 -99.25 -34.92 -65.07
N ASN KA 154 -99.37 -35.36 -66.34
CA ASN KA 154 -98.43 -35.07 -67.39
C ASN KA 154 -99.25 -34.80 -68.62
N ALA KA 155 -98.58 -34.19 -69.63
CA ALA KA 155 -99.05 -33.04 -70.36
C ALA KA 155 -98.64 -31.77 -69.67
N LYS KA 156 -97.71 -31.84 -68.70
CA LYS KA 156 -97.17 -30.68 -68.06
C LYS KA 156 -95.88 -31.08 -67.41
N ILE KA 157 -95.13 -30.06 -66.96
CA ILE KA 157 -93.95 -30.21 -66.16
C ILE KA 157 -93.86 -28.89 -65.42
N SER KA 158 -92.87 -28.76 -64.51
CA SER KA 158 -92.75 -27.68 -63.56
C SER KA 158 -92.61 -26.34 -64.22
N SER KA 159 -93.11 -25.28 -63.53
CA SER KA 159 -93.33 -23.96 -64.06
C SER KA 159 -92.06 -23.32 -64.57
N LEU KA 160 -90.95 -23.47 -63.82
CA LEU KA 160 -89.67 -22.89 -64.11
C LEU KA 160 -89.08 -23.45 -65.39
N LEU KA 161 -89.25 -24.76 -65.61
CA LEU KA 161 -88.78 -25.48 -66.77
C LEU KA 161 -89.50 -25.03 -68.02
N GLU KA 162 -90.85 -24.86 -67.92
CA GLU KA 162 -91.71 -24.45 -69.01
C GLU KA 162 -91.36 -23.07 -69.49
N GLU KA 163 -91.11 -22.14 -68.54
CA GLU KA 163 -90.70 -20.77 -68.80
C GLU KA 163 -89.42 -20.66 -69.59
N GLN KA 164 -88.42 -21.52 -69.26
CA GLN KA 164 -87.15 -21.58 -69.95
C GLN KA 164 -87.29 -22.07 -71.38
N PHE KA 165 -88.25 -22.98 -71.66
CA PHE KA 165 -88.49 -23.54 -72.98
C PHE KA 165 -88.94 -22.46 -73.94
N GLN KA 166 -89.75 -21.50 -73.43
CA GLN KA 166 -90.31 -20.37 -74.14
C GLN KA 166 -89.22 -19.47 -74.64
N GLN KA 167 -88.16 -19.26 -73.81
CA GLN KA 167 -86.99 -18.45 -74.12
C GLN KA 167 -86.25 -19.03 -75.30
N GLY KA 168 -86.15 -20.38 -75.35
CA GLY KA 168 -85.45 -21.09 -76.41
C GLY KA 168 -84.04 -21.41 -76.02
N LYS KA 169 -83.69 -21.19 -74.73
CA LYS KA 169 -82.43 -21.61 -74.17
C LYS KA 169 -82.72 -21.81 -72.71
N LEU KA 170 -81.90 -22.66 -72.04
CA LEU KA 170 -82.08 -23.01 -70.66
C LEU KA 170 -80.81 -22.54 -70.01
N LEU KA 171 -80.92 -21.99 -68.78
CA LEU KA 171 -79.79 -21.64 -67.97
C LEU KA 171 -79.25 -22.93 -67.40
N ALA KA 172 -77.90 -23.07 -67.33
CA ALA KA 172 -77.31 -24.24 -66.74
C ALA KA 172 -76.06 -23.81 -66.05
N CYS KA 173 -75.60 -24.58 -65.04
CA CYS KA 173 -74.46 -24.25 -64.23
C CYS KA 173 -73.41 -25.30 -64.46
N ILE KA 174 -72.16 -24.87 -64.76
CA ILE KA 174 -70.98 -25.70 -64.96
C ILE KA 174 -70.56 -26.25 -63.62
N ALA KA 175 -70.57 -27.59 -63.49
CA ALA KA 175 -70.21 -28.30 -62.28
C ALA KA 175 -68.90 -29.03 -62.38
N SER KA 176 -67.98 -28.61 -63.28
CA SER KA 176 -66.70 -29.26 -63.43
C SER KA 176 -65.73 -28.22 -63.88
N ARG KA 177 -64.42 -28.46 -63.67
CA ARG KA 177 -63.38 -27.53 -64.06
C ARG KA 177 -63.16 -27.68 -65.54
N PRO KA 178 -63.30 -26.68 -66.41
CA PRO KA 178 -63.20 -26.91 -67.84
C PRO KA 178 -61.76 -27.05 -68.27
N GLY KA 179 -60.81 -26.54 -67.47
CA GLY KA 179 -59.42 -26.51 -67.83
C GLY KA 179 -58.66 -27.71 -67.38
N GLN KA 180 -58.99 -28.30 -66.20
CA GLN KA 180 -58.36 -29.51 -65.71
C GLN KA 180 -59.05 -30.77 -66.18
N CYS KA 181 -60.40 -30.85 -66.07
CA CYS KA 181 -61.15 -32.03 -66.47
C CYS KA 181 -61.19 -32.15 -67.97
N GLY KA 182 -61.29 -31.00 -68.68
CA GLY KA 182 -61.41 -30.95 -70.11
C GLY KA 182 -62.86 -31.11 -70.50
N ARG KA 183 -63.76 -31.11 -69.48
CA ARG KA 183 -65.18 -31.31 -69.63
C ARG KA 183 -65.80 -30.07 -69.07
N ALA KA 184 -66.76 -29.49 -69.83
CA ALA KA 184 -67.60 -28.40 -69.40
C ALA KA 184 -68.97 -28.96 -69.18
N ASP KA 185 -69.13 -29.82 -68.16
CA ASP KA 185 -70.35 -30.57 -67.91
C ASP KA 185 -70.98 -29.88 -66.74
N GLY KA 186 -72.30 -30.09 -66.54
CA GLY KA 186 -73.02 -29.29 -65.59
C GLY KA 186 -74.44 -29.74 -65.52
N TYR KA 187 -75.23 -29.10 -64.62
CA TYR KA 187 -76.61 -29.44 -64.39
C TYR KA 187 -77.43 -28.20 -64.68
N VAL KA 188 -78.66 -28.43 -65.21
CA VAL KA 188 -79.64 -27.45 -65.60
C VAL KA 188 -80.18 -26.80 -64.35
N LEU KA 189 -80.34 -25.45 -64.39
CA LEU KA 189 -80.82 -24.67 -63.30
C LEU KA 189 -82.31 -24.67 -63.29
N GLU KA 190 -82.87 -24.53 -62.07
CA GLU KA 190 -84.13 -25.07 -61.67
C GLU KA 190 -84.52 -24.17 -60.53
N GLY KA 191 -85.76 -24.32 -59.98
CA GLY KA 191 -86.24 -23.72 -58.74
C GLY KA 191 -85.60 -22.44 -58.23
N LYS KA 192 -85.16 -22.44 -56.96
CA LYS KA 192 -84.68 -21.28 -56.23
C LYS KA 192 -83.41 -20.73 -56.83
N GLU KA 193 -82.47 -21.63 -57.22
CA GLU KA 193 -81.17 -21.27 -57.77
C GLU KA 193 -81.29 -20.45 -59.03
N LEU KA 194 -82.19 -20.83 -59.98
CA LEU KA 194 -82.46 -20.14 -61.22
C LEU KA 194 -82.97 -18.75 -60.99
N GLU KA 195 -83.89 -18.61 -60.00
CA GLU KA 195 -84.49 -17.35 -59.62
C GLU KA 195 -83.46 -16.40 -59.09
N PHE KA 196 -82.56 -16.90 -58.23
CA PHE KA 196 -81.46 -16.14 -57.69
C PHE KA 196 -80.49 -15.67 -58.76
N TYR KA 197 -80.15 -16.52 -59.75
CA TYR KA 197 -79.20 -16.16 -60.79
C TYR KA 197 -79.77 -15.15 -61.74
N LEU KA 198 -81.09 -15.20 -62.04
CA LEU KA 198 -81.78 -14.21 -62.83
C LEU KA 198 -81.78 -12.87 -62.15
N ARG KA 199 -81.94 -12.86 -60.80
CA ARG KA 199 -81.88 -11.66 -59.98
C ARG KA 199 -80.51 -11.04 -60.05
N LYS KA 200 -79.42 -11.85 -59.99
CA LYS KA 200 -78.06 -11.41 -60.15
C LYS KA 200 -77.76 -10.84 -61.52
N ILE KA 201 -78.31 -11.47 -62.59
CA ILE KA 201 -78.14 -11.09 -63.98
C ILE KA 201 -78.78 -9.73 -64.21
N LYS KA 202 -79.94 -9.49 -63.58
CA LYS KA 202 -80.67 -8.26 -63.70
C LYS KA 202 -80.02 -7.17 -62.90
N ALA KA 203 -79.54 -7.48 -61.67
CA ALA KA 203 -78.93 -6.56 -60.75
C ALA KA 203 -77.70 -5.91 -61.34
N ARG KA 204 -76.76 -6.76 -61.83
CA ARG KA 204 -75.51 -6.36 -62.45
C ARG KA 204 -75.67 -5.50 -63.68
N LYS KA 205 -76.63 -5.83 -64.57
CA LYS KA 205 -76.84 -5.07 -65.79
C LYS KA 205 -77.61 -3.82 -65.52
N GLY KA 206 -77.41 -2.79 -66.36
CA GLY KA 206 -78.03 -1.51 -66.22
C GLY KA 206 -77.17 -0.65 -65.29
N LYS LA 1 52.57 1.79 -2.38
CA LYS LA 1 53.40 2.42 -3.44
C LYS LA 1 54.11 3.63 -2.91
N LYS LA 2 55.41 3.75 -3.24
CA LYS LA 2 56.20 4.94 -2.97
C LYS LA 2 56.76 5.41 -4.28
N SER LA 3 57.94 4.88 -4.66
CA SER LA 3 58.70 5.39 -5.77
C SER LA 3 59.25 4.23 -6.53
N TYR LA 4 59.45 3.07 -5.84
CA TYR LA 4 60.78 2.50 -5.81
C TYR LA 4 60.68 1.21 -6.58
N THR LA 5 61.38 1.20 -7.72
CA THR LA 5 61.56 0.07 -8.60
C THR LA 5 62.92 0.31 -9.18
N THR LA 6 63.59 -0.76 -9.68
CA THR LA 6 64.91 -0.64 -10.25
C THR LA 6 64.99 -1.71 -11.31
N PRO LA 7 65.67 -1.55 -12.44
CA PRO LA 7 66.15 -2.65 -13.25
C PRO LA 7 67.28 -3.38 -12.57
N LYS LA 8 67.57 -4.62 -13.02
CA LYS LA 8 68.57 -5.46 -12.42
C LYS LA 8 69.21 -6.20 -13.57
N LYS LA 9 70.28 -6.98 -13.28
CA LYS LA 9 70.81 -7.91 -14.25
C LYS LA 9 71.48 -9.06 -13.55
N ASN LA 10 71.45 -9.06 -12.19
CA ASN LA 10 72.65 -9.16 -11.38
C ASN LA 10 73.23 -7.79 -11.14
N LYS LA 11 72.38 -6.89 -10.61
CA LYS LA 11 72.75 -5.57 -10.17
C LYS LA 11 72.68 -5.64 -8.66
N HIS LA 12 72.87 -6.87 -8.15
CA HIS LA 12 72.17 -7.37 -7.00
C HIS LA 12 72.84 -8.65 -6.63
N LYS LA 13 73.81 -9.09 -7.46
CA LYS LA 13 74.58 -10.30 -7.28
C LYS LA 13 75.83 -10.06 -8.05
N ARG LA 14 76.89 -10.83 -7.71
CA ARG LA 14 78.22 -10.62 -8.21
C ARG LA 14 78.69 -11.92 -8.78
N LYS LA 15 79.54 -11.86 -9.83
CA LYS LA 15 80.04 -13.05 -10.46
C LYS LA 15 81.42 -12.80 -10.97
N LYS LA 16 81.72 -11.51 -11.29
CA LYS LA 16 82.99 -11.01 -11.81
C LYS LA 16 83.46 -11.82 -12.99
N VAL LA 17 82.59 -11.91 -14.03
CA VAL LA 17 82.80 -12.61 -15.28
C VAL LA 17 82.57 -14.09 -15.06
N LYS LA 18 83.62 -14.84 -14.66
CA LYS LA 18 83.55 -16.25 -14.42
C LYS LA 18 84.76 -16.65 -13.63
N LEU LA 19 85.70 -15.69 -13.44
CA LEU LA 19 86.92 -15.77 -12.67
C LEU LA 19 87.98 -16.62 -13.32
N ALA LA 20 89.25 -16.17 -13.18
CA ALA LA 20 90.41 -16.93 -13.55
C ALA LA 20 90.75 -17.92 -12.47
N VAL LA 21 90.69 -17.46 -11.18
CA VAL LA 21 91.15 -18.13 -9.98
C VAL LA 21 92.59 -18.61 -10.16
N LEU LA 22 92.98 -19.78 -9.61
CA LEU LA 22 94.34 -19.99 -9.19
C LEU LA 22 94.93 -20.90 -10.22
N LYS LA 23 95.81 -20.33 -11.08
CA LYS LA 23 96.25 -20.94 -12.31
C LYS LA 23 97.60 -20.35 -12.61
N TYR LA 24 98.23 -19.71 -11.59
CA TYR LA 24 99.42 -18.92 -11.74
C TYR LA 24 100.38 -19.36 -10.69
N TYR LA 25 101.63 -18.84 -10.78
CA TYR LA 25 102.88 -19.52 -10.50
C TYR LA 25 103.34 -20.14 -11.79
N LYS LA 26 104.64 -20.52 -11.83
CA LYS LA 26 105.22 -21.24 -12.93
C LYS LA 26 105.80 -22.46 -12.29
N VAL LA 27 105.54 -23.63 -12.92
CA VAL LA 27 106.00 -24.90 -12.46
C VAL LA 27 106.91 -25.44 -13.52
N ASP LA 28 108.04 -26.02 -13.07
CA ASP LA 28 109.03 -26.63 -13.91
C ASP LA 28 109.32 -27.92 -13.19
N GLU LA 29 109.19 -29.06 -13.93
CA GLU LA 29 109.35 -30.41 -13.45
C GLU LA 29 108.49 -30.70 -12.24
N ASN LA 30 108.93 -31.62 -11.35
CA ASN LA 30 108.33 -31.86 -10.07
C ASN LA 30 109.44 -31.55 -9.09
N GLY LA 31 109.26 -30.65 -8.09
CA GLY LA 31 108.09 -29.85 -7.85
C GLY LA 31 108.56 -28.57 -7.24
N LYS LA 32 108.11 -27.44 -7.84
CA LYS LA 32 108.43 -26.13 -7.36
C LYS LA 32 107.39 -25.19 -7.90
N ILE LA 33 107.21 -24.06 -7.19
CA ILE LA 33 106.32 -22.99 -7.56
C ILE LA 33 107.18 -21.77 -7.59
N SER LA 34 107.30 -21.17 -8.79
CA SER LA 34 108.15 -20.03 -9.02
C SER LA 34 107.25 -18.87 -9.25
N ARG LA 35 107.51 -17.79 -8.48
CA ARG LA 35 106.76 -16.56 -8.36
C ARG LA 35 106.32 -15.98 -9.68
N LEU LA 36 105.01 -15.65 -9.76
CA LEU LA 36 104.44 -14.93 -10.86
C LEU LA 36 103.48 -14.01 -10.16
N ARG LA 37 103.09 -12.89 -10.83
CA ARG LA 37 102.42 -11.76 -10.21
C ARG LA 37 103.31 -11.18 -9.12
N ARG LA 38 102.72 -10.73 -8.00
CA ARG LA 38 103.46 -10.30 -6.84
C ARG LA 38 102.87 -11.04 -5.70
N GLU LA 39 103.63 -11.15 -4.60
CA GLU LA 39 103.25 -11.85 -3.41
C GLU LA 39 103.13 -10.80 -2.36
N CYS LA 40 102.38 -11.10 -1.29
CA CYS LA 40 101.99 -10.14 -0.31
C CYS LA 40 102.44 -10.71 1.01
N PRO LA 41 103.30 -10.06 1.77
CA PRO LA 41 103.69 -10.57 3.07
C PRO LA 41 102.79 -9.92 4.07
N SER LA 42 101.86 -10.72 4.65
CA SER LA 42 101.05 -10.33 5.78
C SER LA 42 100.75 -11.61 6.48
N ASP LA 43 100.10 -11.52 7.67
CA ASP LA 43 99.79 -12.65 8.50
C ASP LA 43 98.38 -13.09 8.21
N GLU LA 44 97.64 -12.30 7.41
CA GLU LA 44 96.25 -12.54 7.09
C GLU LA 44 96.17 -13.10 5.68
N CYS LA 45 97.30 -13.04 4.94
CA CYS LA 45 97.59 -13.83 3.77
C CYS LA 45 97.61 -15.31 4.01
N GLY LA 46 97.33 -16.07 2.92
CA GLY LA 46 97.22 -17.51 2.91
C GLY LA 46 98.59 -18.11 2.77
N ALA LA 47 98.78 -18.94 1.73
CA ALA LA 47 100.09 -19.45 1.41
C ALA LA 47 100.14 -19.84 -0.05
N GLY LA 48 99.18 -19.37 -0.86
CA GLY LA 48 99.28 -19.44 -2.29
C GLY LA 48 98.60 -18.25 -2.89
N VAL LA 49 98.37 -17.20 -2.06
CA VAL LA 49 97.69 -15.99 -2.46
C VAL LA 49 98.58 -15.09 -3.28
N PHE LA 50 97.93 -14.15 -4.01
CA PHE LA 50 98.59 -13.30 -4.98
C PHE LA 50 98.08 -11.92 -4.76
N MET LA 51 98.75 -10.97 -5.45
CA MET LA 51 98.38 -9.59 -5.54
C MET LA 51 98.01 -9.44 -6.97
N ALA LA 52 96.78 -8.92 -7.24
CA ALA LA 52 96.28 -8.70 -8.56
C ALA LA 52 97.09 -7.61 -9.22
N SER LA 53 97.42 -7.81 -10.51
CA SER LA 53 98.30 -6.93 -11.24
C SER LA 53 97.41 -6.07 -12.08
N HIS LA 54 97.66 -4.75 -12.04
CA HIS LA 54 96.61 -3.78 -12.13
C HIS LA 54 97.35 -2.48 -11.96
N PHE LA 55 98.38 -2.30 -12.82
CA PHE LA 55 99.69 -1.79 -12.47
C PHE LA 55 99.66 -0.41 -11.87
N ASP LA 56 100.54 -0.23 -10.86
CA ASP LA 56 100.63 0.90 -9.96
C ASP LA 56 99.55 0.83 -8.93
N ARG LA 57 98.89 -0.34 -8.81
CA ARG LA 57 98.24 -0.76 -7.61
C ARG LA 57 98.34 -2.25 -7.65
N HIS LA 58 98.61 -2.87 -6.48
CA HIS LA 58 98.95 -4.27 -6.42
C HIS LA 58 98.45 -4.74 -5.10
N TYR LA 59 97.32 -5.45 -5.07
CA TYR LA 59 96.54 -5.53 -3.86
C TYR LA 59 96.15 -6.97 -3.77
N CYS LA 60 96.27 -7.49 -2.53
CA CYS LA 60 96.00 -8.84 -2.13
C CYS LA 60 94.59 -8.88 -1.63
N GLY LA 61 93.71 -9.62 -2.33
CA GLY LA 61 92.32 -9.69 -1.97
C GLY LA 61 92.06 -10.57 -0.77
N LYS LA 62 93.09 -11.32 -0.30
CA LYS LA 62 93.06 -12.06 0.94
C LYS LA 62 93.17 -11.13 2.11
N CYS LA 63 94.04 -10.10 2.00
CA CYS LA 63 93.94 -8.90 2.80
C CYS LA 63 92.61 -8.20 2.61
N CYS LA 64 92.08 -7.64 3.72
CA CYS LA 64 90.74 -7.12 3.84
C CYS LA 64 90.45 -5.94 2.96
N LEU LA 65 91.40 -4.97 2.87
CA LEU LA 65 91.30 -3.88 1.93
C LEU LA 65 92.67 -3.27 1.78
N THR LA 66 93.66 -3.86 2.48
CA THR LA 66 94.91 -3.22 2.80
C THR LA 66 96.00 -3.92 2.04
N TYR LA 67 97.15 -3.22 1.90
CA TYR LA 67 98.46 -3.79 1.71
C TYR LA 67 98.73 -3.81 0.24
N CYS LA 68 99.41 -2.74 -0.23
CA CYS LA 68 99.26 -2.26 -1.58
C CYS LA 68 100.59 -1.71 -1.91
N PHE LA 69 101.20 -2.19 -3.02
CA PHE LA 69 102.34 -1.54 -3.63
C PHE LA 69 101.78 -0.70 -4.74
N ASN LA 70 102.50 0.39 -5.07
CA ASN LA 70 102.06 1.38 -6.02
C ASN LA 70 103.18 1.55 -7.01
N LYS LA 71 104.16 0.62 -6.97
CA LYS LA 71 105.36 0.65 -7.76
C LYS LA 71 105.04 0.20 -9.19
N MET MA 1 -16.75 -24.79 -105.14
CA MET MA 1 -17.03 -25.91 -104.19
C MET MA 1 -17.13 -27.22 -104.91
N LYS MA 2 -17.30 -28.33 -104.16
CA LYS MA 2 -17.39 -29.64 -104.74
C LYS MA 2 -18.80 -30.09 -104.62
N LEU MA 3 -19.39 -30.56 -105.74
CA LEU MA 3 -20.76 -30.99 -105.73
C LEU MA 3 -20.73 -32.47 -105.52
N ASN MA 4 -21.43 -32.96 -104.47
CA ASN MA 4 -21.55 -34.36 -104.15
C ASN MA 4 -22.79 -34.87 -104.80
N ILE MA 5 -22.67 -35.30 -106.08
CA ILE MA 5 -23.82 -35.65 -106.87
C ILE MA 5 -23.94 -37.14 -106.80
N SER MA 6 -25.18 -37.62 -106.51
CA SER MA 6 -25.50 -39.00 -106.31
C SER MA 6 -26.47 -39.38 -107.38
N PHE MA 7 -26.31 -40.59 -107.97
CA PHE MA 7 -27.33 -41.20 -108.78
C PHE MA 7 -27.88 -42.30 -107.89
N PRO MA 8 -29.13 -42.28 -107.45
CA PRO MA 8 -29.59 -43.17 -106.39
C PRO MA 8 -30.12 -44.44 -106.97
N ALA MA 9 -30.33 -44.50 -108.31
CA ALA MA 9 -30.72 -45.70 -109.03
C ALA MA 9 -29.64 -46.75 -108.93
N THR MA 10 -28.37 -46.33 -109.05
CA THR MA 10 -27.23 -47.20 -108.99
C THR MA 10 -26.70 -47.25 -107.57
N GLY MA 11 -27.16 -46.32 -106.71
CA GLY MA 11 -26.72 -46.25 -105.33
C GLY MA 11 -25.36 -45.62 -105.18
N CYS MA 12 -24.88 -44.91 -106.23
CA CYS MA 12 -23.54 -44.38 -106.26
C CYS MA 12 -23.57 -42.92 -105.92
N GLN MA 13 -22.40 -42.42 -105.48
CA GLN MA 13 -22.18 -41.04 -105.21
C GLN MA 13 -20.72 -40.82 -105.51
N LYS MA 14 -20.38 -39.55 -105.85
CA LYS MA 14 -19.05 -39.11 -106.19
C LYS MA 14 -19.01 -37.64 -105.91
N LEU MA 15 -17.78 -37.08 -105.80
CA LEU MA 15 -17.58 -35.64 -105.80
C LEU MA 15 -17.04 -35.28 -107.16
N ILE MA 16 -17.18 -33.99 -107.51
CA ILE MA 16 -16.73 -33.37 -108.72
C ILE MA 16 -16.32 -32.01 -108.23
N GLU MA 17 -15.39 -31.33 -108.94
CA GLU MA 17 -14.95 -30.00 -108.56
C GLU MA 17 -15.39 -29.12 -109.68
N VAL MA 18 -16.19 -28.10 -109.33
CA VAL MA 18 -16.68 -27.09 -110.24
C VAL MA 18 -16.32 -25.81 -109.54
N ASP MA 19 -15.49 -24.97 -110.17
CA ASP MA 19 -15.12 -23.68 -109.66
C ASP MA 19 -15.54 -22.61 -110.62
N ASP MA 20 -16.28 -22.98 -111.70
CA ASP MA 20 -16.72 -22.06 -112.72
C ASP MA 20 -18.00 -21.47 -112.22
N GLU MA 21 -18.05 -20.11 -112.17
CA GLU MA 21 -19.10 -19.35 -111.51
C GLU MA 21 -20.47 -19.58 -112.09
N ARG MA 22 -20.59 -19.66 -113.44
CA ARG MA 22 -21.83 -19.86 -114.16
C ARG MA 22 -22.44 -21.21 -113.92
N LYS MA 23 -21.58 -22.26 -113.88
CA LYS MA 23 -21.95 -23.64 -113.66
C LYS MA 23 -22.51 -23.88 -112.29
N LEU MA 24 -21.85 -23.30 -111.26
CA LEU MA 24 -22.28 -23.27 -109.87
C LEU MA 24 -23.63 -22.62 -109.74
N ARG MA 25 -23.71 -21.31 -110.09
CA ARG MA 25 -24.59 -20.30 -109.57
C ARG MA 25 -26.05 -20.67 -109.60
N THR MA 26 -26.48 -21.42 -110.65
CA THR MA 26 -27.74 -22.12 -110.82
C THR MA 26 -28.39 -22.74 -109.59
N PHE MA 27 -27.57 -23.27 -108.63
CA PHE MA 27 -28.02 -23.98 -107.46
C PHE MA 27 -28.10 -23.10 -106.24
N TYR MA 28 -27.87 -21.77 -106.39
CA TYR MA 28 -27.87 -20.85 -105.28
C TYR MA 28 -29.27 -20.36 -105.08
N GLU MA 29 -29.69 -20.33 -103.79
CA GLU MA 29 -30.91 -19.79 -103.25
C GLU MA 29 -31.99 -20.84 -103.37
N LYS MA 30 -31.58 -22.08 -103.72
CA LYS MA 30 -32.42 -23.25 -103.71
C LYS MA 30 -32.49 -23.79 -102.30
N ARG MA 31 -33.63 -24.42 -101.99
CA ARG MA 31 -33.93 -24.91 -100.66
C ARG MA 31 -34.25 -26.35 -100.83
N MET MA 32 -34.01 -27.15 -99.76
CA MET MA 32 -33.92 -28.59 -99.81
C MET MA 32 -35.24 -29.25 -100.08
N ALA MA 33 -35.54 -29.49 -101.39
CA ALA MA 33 -36.74 -30.09 -101.91
C ALA MA 33 -36.91 -29.66 -103.34
N THR MA 34 -36.52 -28.40 -103.65
CA THR MA 34 -36.70 -27.80 -104.96
C THR MA 34 -35.83 -28.47 -106.00
N GLU MA 35 -36.41 -28.65 -107.22
CA GLU MA 35 -35.69 -29.11 -108.38
C GLU MA 35 -34.85 -28.00 -108.95
N VAL MA 36 -33.82 -28.37 -109.74
CA VAL MA 36 -32.98 -27.47 -110.47
C VAL MA 36 -32.62 -28.25 -111.72
N ALA MA 37 -32.02 -27.57 -112.72
CA ALA MA 37 -31.51 -28.18 -113.92
C ALA MA 37 -30.01 -28.23 -113.76
N ALA MA 38 -29.40 -29.36 -114.21
CA ALA MA 38 -28.00 -29.64 -114.01
C ALA MA 38 -27.31 -29.55 -115.36
N ASP MA 39 -28.07 -29.12 -116.40
CA ASP MA 39 -27.69 -28.94 -117.79
C ASP MA 39 -26.47 -28.07 -117.93
N ALA MA 40 -26.39 -27.04 -117.04
CA ALA MA 40 -25.34 -26.05 -116.88
C ALA MA 40 -23.95 -26.62 -116.81
N LEU MA 41 -23.80 -27.81 -116.16
CA LEU MA 41 -22.51 -28.37 -115.81
C LEU MA 41 -21.88 -29.07 -116.99
N GLY MA 42 -22.67 -29.56 -117.96
CA GLY MA 42 -22.07 -30.18 -119.12
C GLY MA 42 -23.10 -31.00 -119.82
N GLU MA 43 -22.63 -31.78 -120.81
CA GLU MA 43 -23.43 -32.66 -121.63
C GLU MA 43 -23.80 -33.91 -120.88
N GLU MA 44 -23.07 -34.21 -119.78
CA GLU MA 44 -23.11 -35.49 -119.12
C GLU MA 44 -24.04 -35.35 -117.95
N TRP MA 45 -24.53 -34.12 -117.71
CA TRP MA 45 -25.58 -33.81 -116.76
C TRP MA 45 -26.66 -33.07 -117.51
N LYS MA 46 -26.66 -33.16 -118.86
CA LYS MA 46 -27.68 -32.55 -119.68
C LYS MA 46 -28.86 -33.45 -119.73
N GLY MA 47 -30.06 -32.88 -119.47
CA GLY MA 47 -31.31 -33.58 -119.36
C GLY MA 47 -31.52 -34.09 -117.97
N TYR MA 48 -30.59 -33.77 -117.03
CA TYR MA 48 -30.64 -34.27 -115.67
C TYR MA 48 -31.45 -33.23 -114.93
N VAL MA 49 -32.31 -33.69 -114.01
CA VAL MA 49 -32.95 -32.86 -113.03
C VAL MA 49 -32.34 -33.27 -111.72
N VAL MA 50 -31.96 -32.26 -110.90
CA VAL MA 50 -31.31 -32.46 -109.64
C VAL MA 50 -32.16 -31.84 -108.56
N ARG MA 51 -32.42 -32.62 -107.50
CA ARG MA 51 -33.03 -32.22 -106.27
C ARG MA 51 -31.95 -31.97 -105.25
N ILE MA 52 -31.75 -30.69 -104.82
CA ILE MA 52 -30.89 -30.33 -103.70
C ILE MA 52 -31.38 -31.03 -102.43
N SER MA 53 -30.43 -31.57 -101.63
CA SER MA 53 -30.75 -32.38 -100.47
C SER MA 53 -30.03 -31.92 -99.23
N GLY MA 54 -28.94 -31.13 -99.33
CA GLY MA 54 -28.27 -30.69 -98.13
C GLY MA 54 -26.88 -30.25 -98.43
N GLY MA 55 -25.98 -30.53 -97.46
CA GLY MA 55 -24.56 -30.31 -97.55
C GLY MA 55 -24.05 -29.65 -96.31
N ASN MA 56 -22.74 -29.32 -96.32
CA ASN MA 56 -22.02 -28.80 -95.18
C ASN MA 56 -21.36 -27.53 -95.58
N ASP MA 57 -21.40 -26.53 -94.66
CA ASP MA 57 -20.76 -25.25 -94.77
C ASP MA 57 -19.30 -25.37 -94.43
N LYS MA 58 -18.60 -24.21 -94.47
CA LYS MA 58 -17.27 -24.03 -93.94
C LYS MA 58 -17.44 -23.76 -92.47
N GLN MA 59 -16.55 -24.40 -91.67
CA GLN MA 59 -16.56 -24.50 -90.23
C GLN MA 59 -17.52 -25.60 -89.85
N GLY MA 60 -17.87 -26.46 -90.84
CA GLY MA 60 -18.53 -27.72 -90.64
C GLY MA 60 -20.00 -27.64 -90.37
N PHE MA 61 -20.62 -26.44 -90.44
CA PHE MA 61 -22.01 -26.21 -90.08
C PHE MA 61 -22.94 -27.01 -90.98
N PRO MA 62 -23.64 -28.05 -90.52
CA PRO MA 62 -24.50 -28.84 -91.37
C PRO MA 62 -25.80 -28.14 -91.67
N MET MA 63 -26.29 -28.27 -92.92
CA MET MA 63 -27.60 -27.85 -93.35
C MET MA 63 -28.64 -28.80 -92.84
N LYS MA 64 -29.88 -28.28 -92.67
CA LYS MA 64 -31.03 -29.10 -92.43
C LYS MA 64 -32.21 -28.32 -92.93
N GLN MA 65 -33.38 -29.01 -92.99
CA GLN MA 65 -34.66 -28.52 -93.41
C GLN MA 65 -35.13 -27.43 -92.49
N GLY MA 66 -35.70 -26.35 -93.07
CA GLY MA 66 -36.48 -25.40 -92.34
C GLY MA 66 -35.71 -24.37 -91.57
N VAL MA 67 -34.37 -24.31 -91.70
CA VAL MA 67 -33.57 -23.29 -91.04
C VAL MA 67 -33.86 -21.97 -91.71
N LEU MA 68 -34.04 -22.02 -93.07
CA LEU MA 68 -34.18 -20.91 -93.97
C LEU MA 68 -33.10 -19.87 -93.86
N THR MA 69 -33.24 -18.79 -94.67
CA THR MA 69 -32.30 -17.72 -94.92
C THR MA 69 -30.95 -18.20 -95.41
N HIS MA 70 -30.06 -17.25 -95.70
CA HIS MA 70 -28.72 -17.49 -96.17
C HIS MA 70 -27.77 -17.40 -95.01
N GLY MA 71 -28.28 -16.95 -93.84
CA GLY MA 71 -27.51 -16.84 -92.62
C GLY MA 71 -27.39 -18.17 -91.93
N ARG MA 72 -26.66 -18.15 -90.79
CA ARG MA 72 -26.45 -19.28 -89.93
C ARG MA 72 -26.95 -18.84 -88.59
N VAL MA 73 -27.75 -19.69 -87.90
CA VAL MA 73 -28.23 -19.41 -86.56
C VAL MA 73 -28.01 -20.65 -85.75
N ARG MA 74 -28.05 -20.51 -84.40
CA ARG MA 74 -27.97 -21.60 -83.47
C ARG MA 74 -29.34 -21.85 -82.94
N LEU MA 75 -29.80 -23.12 -83.04
CA LEU MA 75 -31.12 -23.53 -82.62
C LEU MA 75 -30.91 -24.60 -81.60
N LEU MA 76 -31.88 -24.74 -80.67
CA LEU MA 76 -31.91 -25.79 -79.70
C LEU MA 76 -32.53 -26.96 -80.38
N LEU MA 77 -31.78 -28.09 -80.40
CA LEU MA 77 -32.10 -29.23 -81.20
C LEU MA 77 -32.33 -30.37 -80.27
N SER MA 78 -33.32 -31.20 -80.64
CA SER MA 78 -33.81 -32.28 -79.84
C SER MA 78 -33.75 -33.46 -80.75
N LYS MA 79 -34.04 -34.66 -80.21
CA LYS MA 79 -33.95 -35.92 -80.89
C LYS MA 79 -34.91 -35.98 -82.04
N GLY MA 80 -34.49 -36.67 -83.14
CA GLY MA 80 -35.33 -36.87 -84.30
C GLY MA 80 -35.16 -35.73 -85.27
N HIS MA 81 -34.19 -34.83 -85.00
CA HIS MA 81 -33.84 -33.72 -85.86
C HIS MA 81 -32.44 -33.99 -86.31
N SER MA 82 -32.12 -33.54 -87.55
CA SER MA 82 -30.79 -33.58 -88.10
C SER MA 82 -29.96 -32.54 -87.40
N CYS MA 83 -28.62 -32.75 -87.40
CA CYS MA 83 -27.60 -31.83 -86.93
C CYS MA 83 -27.43 -31.96 -85.44
N TYR MA 84 -27.95 -33.09 -84.89
CA TYR MA 84 -27.84 -33.44 -83.50
C TYR MA 84 -27.85 -34.94 -83.55
N ARG MA 85 -27.08 -35.56 -82.63
CA ARG MA 85 -27.02 -36.99 -82.47
C ARG MA 85 -27.15 -37.23 -81.00
N PRO MA 86 -28.07 -38.05 -80.49
CA PRO MA 86 -28.29 -38.29 -79.06
C PRO MA 86 -27.05 -38.73 -78.31
N ARG MA 87 -26.95 -38.40 -77.00
CA ARG MA 87 -25.80 -38.72 -76.20
C ARG MA 87 -26.24 -38.90 -74.76
N ARG MA 88 -27.57 -38.82 -74.48
CA ARG MA 88 -28.16 -39.04 -73.18
C ARG MA 88 -29.61 -38.67 -73.37
N THR MA 89 -30.53 -39.44 -72.74
CA THR MA 89 -31.95 -39.16 -72.75
C THR MA 89 -32.26 -37.87 -72.02
N GLY MA 90 -33.15 -37.04 -72.62
CA GLY MA 90 -33.56 -35.76 -72.10
C GLY MA 90 -32.57 -34.67 -72.40
N GLU MA 91 -31.46 -34.98 -73.12
CA GLU MA 91 -30.43 -34.03 -73.44
C GLU MA 91 -30.79 -33.38 -74.73
N ARG MA 92 -30.48 -32.07 -74.83
CA ARG MA 92 -30.78 -31.24 -75.96
C ARG MA 92 -29.56 -30.38 -76.03
N LYS MA 93 -29.01 -30.14 -77.23
CA LYS MA 93 -27.81 -29.35 -77.38
C LYS MA 93 -28.19 -28.25 -78.31
N ARG MA 94 -27.71 -27.02 -77.99
CA ARG MA 94 -27.94 -25.87 -78.82
C ARG MA 94 -26.74 -25.77 -79.69
N LYS MA 95 -26.96 -25.97 -81.00
CA LYS MA 95 -25.90 -26.10 -81.97
C LYS MA 95 -26.25 -25.23 -83.14
N SER MA 96 -25.20 -24.69 -83.78
CA SER MA 96 -25.29 -23.94 -85.02
C SER MA 96 -25.71 -24.87 -86.12
N VAL MA 97 -26.46 -24.29 -87.10
CA VAL MA 97 -27.01 -25.01 -88.20
C VAL MA 97 -27.11 -23.96 -89.26
N ARG MA 98 -26.95 -24.40 -90.52
CA ARG MA 98 -26.77 -23.52 -91.64
C ARG MA 98 -28.03 -23.50 -92.42
N GLY MA 99 -28.46 -22.26 -92.81
CA GLY MA 99 -29.66 -21.94 -93.53
C GLY MA 99 -29.97 -22.86 -94.68
N CYS MA 100 -31.28 -23.09 -94.90
CA CYS MA 100 -31.79 -24.06 -95.84
C CYS MA 100 -31.71 -23.50 -97.24
N ILE MA 101 -31.58 -22.16 -97.36
CA ILE MA 101 -31.52 -21.46 -98.62
C ILE MA 101 -30.06 -21.16 -98.84
N VAL MA 102 -29.52 -21.71 -99.95
CA VAL MA 102 -28.11 -21.69 -100.31
C VAL MA 102 -27.62 -20.28 -100.53
N ASP MA 103 -26.42 -19.96 -100.00
CA ASP MA 103 -25.72 -18.73 -100.29
C ASP MA 103 -24.70 -19.11 -101.34
N ALA MA 104 -23.46 -19.43 -100.92
CA ALA MA 104 -22.37 -19.77 -101.81
C ALA MA 104 -21.17 -20.12 -100.97
N ASN MA 105 -21.32 -20.13 -99.63
CA ASN MA 105 -20.24 -20.37 -98.68
C ASN MA 105 -20.19 -21.83 -98.28
N LEU MA 106 -20.86 -22.73 -99.04
CA LEU MA 106 -20.84 -24.14 -98.76
C LEU MA 106 -19.61 -24.76 -99.33
N SER MA 107 -19.02 -25.70 -98.57
CA SER MA 107 -17.91 -26.51 -98.98
C SER MA 107 -18.37 -27.58 -99.93
N VAL MA 108 -19.61 -28.09 -99.71
CA VAL MA 108 -20.17 -29.20 -100.43
C VAL MA 108 -21.64 -29.01 -100.44
N LEU MA 109 -22.23 -29.15 -101.66
CA LEU MA 109 -23.65 -29.19 -101.88
C LEU MA 109 -23.91 -30.63 -102.14
N ASN MA 110 -24.93 -31.21 -101.47
CA ASN MA 110 -25.30 -32.59 -101.63
C ASN MA 110 -26.49 -32.51 -102.51
N LEU MA 111 -26.32 -32.98 -103.76
CA LEU MA 111 -27.31 -32.94 -104.79
C LEU MA 111 -27.66 -34.36 -105.11
N VAL MA 112 -28.95 -34.63 -105.44
CA VAL MA 112 -29.38 -35.96 -105.83
C VAL MA 112 -29.99 -35.80 -107.19
N ILE MA 113 -29.53 -36.60 -108.18
CA ILE MA 113 -30.15 -36.75 -109.48
C ILE MA 113 -31.44 -37.50 -109.28
N VAL MA 114 -32.57 -37.02 -109.85
CA VAL MA 114 -33.85 -37.67 -109.66
C VAL MA 114 -34.26 -38.23 -110.99
N LYS MA 115 -33.95 -37.52 -112.09
CA LYS MA 115 -34.18 -37.98 -113.43
C LYS MA 115 -32.88 -37.84 -114.15
N LYS MA 116 -32.43 -38.90 -114.86
CA LYS MA 116 -31.26 -38.81 -115.70
C LYS MA 116 -31.70 -38.26 -117.03
N GLY MA 117 -30.71 -37.90 -117.87
CA GLY MA 117 -30.94 -37.36 -119.19
C GLY MA 117 -30.93 -38.47 -120.19
N GLU MA 118 -29.81 -38.62 -120.89
CA GLU MA 118 -29.69 -39.60 -121.95
C GLU MA 118 -28.22 -39.90 -122.15
N LYS MA 119 -27.34 -39.28 -121.35
CA LYS MA 119 -25.92 -39.29 -121.62
C LYS MA 119 -25.24 -39.51 -120.31
N ASP MA 120 -24.38 -40.55 -120.27
CA ASP MA 120 -23.73 -41.07 -119.10
C ASP MA 120 -22.72 -40.12 -118.52
N ILE MA 121 -22.52 -40.23 -117.18
CA ILE MA 121 -21.49 -39.58 -116.44
C ILE MA 121 -20.76 -40.74 -115.78
N PRO MA 122 -19.42 -40.90 -115.84
CA PRO MA 122 -18.76 -42.18 -115.60
C PRO MA 122 -19.04 -42.84 -114.27
N GLY MA 123 -18.54 -42.26 -113.16
CA GLY MA 123 -18.59 -42.82 -111.83
C GLY MA 123 -19.94 -42.99 -111.20
N LEU MA 124 -21.05 -42.62 -111.88
CA LEU MA 124 -22.37 -42.75 -111.30
C LEU MA 124 -23.25 -43.65 -112.11
N THR MA 125 -23.38 -43.47 -113.44
CA THR MA 125 -24.33 -44.27 -114.18
C THR MA 125 -23.73 -45.53 -114.76
N ASP MA 126 -22.47 -45.46 -115.25
CA ASP MA 126 -21.74 -46.61 -115.74
C ASP MA 126 -21.37 -47.58 -114.65
N THR MA 127 -20.88 -47.02 -113.51
CA THR MA 127 -20.42 -47.76 -112.37
C THR MA 127 -21.53 -47.78 -111.37
N THR MA 128 -21.62 -48.90 -110.60
CA THR MA 128 -22.85 -49.36 -110.01
C THR MA 128 -22.40 -49.99 -108.73
N VAL MA 129 -23.06 -49.66 -107.59
CA VAL MA 129 -22.71 -50.18 -106.29
C VAL MA 129 -23.98 -50.80 -105.74
N PRO MA 130 -24.08 -52.13 -105.56
CA PRO MA 130 -25.32 -52.77 -105.18
C PRO MA 130 -25.36 -52.83 -103.68
N ARG MA 131 -26.40 -53.48 -103.10
CA ARG MA 131 -26.52 -53.67 -101.67
C ARG MA 131 -27.15 -55.03 -101.50
N ARG MA 132 -26.74 -55.74 -100.42
CA ARG MA 132 -27.01 -57.15 -100.23
C ARG MA 132 -28.10 -57.44 -99.23
N LEU MA 133 -28.67 -56.41 -98.56
CA LEU MA 133 -29.62 -56.65 -97.50
C LEU MA 133 -30.99 -56.64 -98.09
N GLY MA 134 -31.68 -57.80 -98.00
CA GLY MA 134 -33.03 -57.99 -98.49
C GLY MA 134 -34.00 -57.73 -97.37
N PRO MA 135 -35.30 -57.93 -97.58
CA PRO MA 135 -36.31 -57.64 -96.58
C PRO MA 135 -36.28 -58.69 -95.48
N LYS MA 136 -36.52 -58.27 -94.22
CA LYS MA 136 -36.62 -59.17 -93.09
C LYS MA 136 -38.06 -59.19 -92.63
N ARG MA 137 -38.97 -58.47 -93.31
CA ARG MA 137 -40.38 -58.51 -92.99
C ARG MA 137 -40.99 -59.44 -94.01
N ALA MA 138 -41.99 -60.20 -93.56
CA ALA MA 138 -42.69 -61.19 -94.34
C ALA MA 138 -43.39 -60.65 -95.56
N SER MA 139 -44.31 -59.69 -95.32
CA SER MA 139 -45.27 -59.23 -96.30
C SER MA 139 -44.75 -58.40 -97.44
N ARG MA 140 -43.49 -57.88 -97.39
CA ARG MA 140 -42.95 -57.14 -98.51
C ARG MA 140 -42.48 -58.10 -99.57
N ILE MA 141 -41.99 -59.28 -99.14
CA ILE MA 141 -41.67 -60.38 -100.02
C ILE MA 141 -42.93 -60.98 -100.60
N ARG MA 142 -44.00 -61.18 -99.78
CA ARG MA 142 -45.27 -61.72 -100.20
C ARG MA 142 -45.93 -60.87 -101.26
N LYS MA 143 -45.87 -59.52 -101.09
CA LYS MA 143 -46.41 -58.54 -102.00
C LYS MA 143 -45.77 -58.60 -103.36
N LEU MA 144 -44.42 -58.79 -103.39
CA LEU MA 144 -43.61 -58.75 -104.58
C LEU MA 144 -43.75 -59.98 -105.45
N PHE MA 145 -44.49 -61.03 -105.00
CA PHE MA 145 -44.75 -62.20 -105.82
C PHE MA 145 -46.22 -62.51 -105.80
N ASN MA 146 -47.03 -61.70 -105.06
CA ASN MA 146 -48.46 -61.82 -104.89
C ASN MA 146 -48.87 -63.20 -104.44
N LEU MA 147 -48.23 -63.70 -103.35
CA LEU MA 147 -48.37 -65.05 -102.89
C LEU MA 147 -48.90 -64.95 -101.49
N SER MA 148 -49.99 -65.72 -101.22
CA SER MA 148 -50.86 -65.62 -100.08
C SER MA 148 -50.19 -65.83 -98.75
N LYS MA 149 -50.80 -65.25 -97.69
CA LYS MA 149 -50.32 -65.26 -96.33
C LYS MA 149 -51.04 -66.36 -95.57
N GLU MA 150 -51.79 -67.22 -96.30
CA GLU MA 150 -52.32 -68.46 -95.80
C GLU MA 150 -51.37 -69.59 -96.10
N ASP MA 151 -50.18 -69.24 -96.65
CA ASP MA 151 -49.22 -70.17 -97.19
C ASP MA 151 -47.88 -69.48 -97.04
N ASP MA 152 -47.84 -68.39 -96.22
CA ASP MA 152 -46.70 -67.62 -95.83
C ASP MA 152 -45.88 -67.11 -97.00
N VAL MA 153 -44.60 -66.77 -96.76
CA VAL MA 153 -43.74 -66.12 -97.73
C VAL MA 153 -43.42 -67.05 -98.87
N ARG MA 154 -42.98 -68.30 -98.55
CA ARG MA 154 -42.60 -69.34 -99.50
C ARG MA 154 -41.28 -68.97 -100.16
N GLN MA 155 -40.49 -69.99 -100.59
CA GLN MA 155 -39.15 -69.81 -101.11
C GLN MA 155 -39.11 -68.90 -102.31
N TYR MA 156 -38.56 -67.70 -102.08
CA TYR MA 156 -38.38 -66.62 -103.02
C TYR MA 156 -37.38 -65.70 -102.37
N VAL MA 157 -36.96 -66.04 -101.12
CA VAL MA 157 -36.32 -65.19 -100.15
C VAL MA 157 -34.95 -64.78 -100.64
N VAL MA 158 -34.49 -63.59 -100.23
CA VAL MA 158 -33.28 -62.99 -100.73
C VAL MA 158 -32.22 -63.53 -99.82
N ARG MA 159 -31.45 -64.52 -100.34
CA ARG MA 159 -30.39 -65.17 -99.61
C ARG MA 159 -29.15 -64.92 -100.41
N LYS MA 160 -28.09 -64.49 -99.69
CA LYS MA 160 -26.85 -64.06 -100.26
C LYS MA 160 -25.80 -65.00 -99.70
N PRO MA 161 -24.96 -65.64 -100.50
CA PRO MA 161 -23.84 -66.40 -99.97
C PRO MA 161 -22.77 -65.48 -99.47
N LEU MA 162 -22.14 -65.82 -98.33
CA LEU MA 162 -20.95 -65.17 -97.85
C LEU MA 162 -19.90 -66.23 -97.91
N ASN MA 163 -18.89 -66.03 -98.78
CA ASN MA 163 -17.98 -67.09 -99.14
C ASN MA 163 -16.80 -67.07 -98.21
N LYS MA 164 -16.38 -68.28 -97.77
CA LYS MA 164 -15.23 -68.53 -96.93
C LYS MA 164 -15.37 -67.87 -95.58
N GLU MA 165 -16.59 -67.91 -94.99
CA GLU MA 165 -16.86 -67.34 -93.69
C GLU MA 165 -16.19 -68.15 -92.62
N GLY MA 166 -16.27 -69.50 -92.76
CA GLY MA 166 -15.57 -70.43 -91.92
C GLY MA 166 -14.51 -70.97 -92.81
N LYS MA 167 -14.55 -72.30 -93.03
CA LYS MA 167 -13.67 -72.98 -93.96
C LYS MA 167 -14.56 -73.52 -95.04
N LYS MA 168 -15.85 -73.07 -95.04
CA LYS MA 168 -16.87 -73.46 -95.96
C LYS MA 168 -17.61 -72.18 -96.25
N PRO MA 169 -18.41 -72.07 -97.31
CA PRO MA 169 -19.19 -70.87 -97.57
C PRO MA 169 -20.51 -71.05 -96.86
N ARG MA 170 -21.20 -69.93 -96.54
CA ARG MA 170 -22.52 -69.97 -95.97
C ARG MA 170 -23.43 -69.41 -97.00
N THR MA 171 -24.76 -69.53 -96.77
CA THR MA 171 -25.78 -68.88 -97.53
C THR MA 171 -26.73 -68.48 -96.44
N LYS MA 172 -26.97 -67.15 -96.32
CA LYS MA 172 -27.74 -66.59 -95.24
C LYS MA 172 -28.85 -65.74 -95.75
N ALA MA 173 -30.06 -65.95 -95.18
CA ALA MA 173 -31.22 -65.11 -95.41
C ALA MA 173 -31.53 -64.55 -94.05
N PRO MA 174 -32.08 -63.35 -93.90
CA PRO MA 174 -32.51 -62.84 -92.62
C PRO MA 174 -33.67 -63.62 -92.04
N LYS MA 175 -33.81 -63.59 -90.70
CA LYS MA 175 -34.75 -64.40 -89.96
C LYS MA 175 -36.02 -63.60 -89.88
N ILE MA 176 -36.99 -63.93 -90.74
CA ILE MA 176 -38.19 -63.17 -90.94
C ILE MA 176 -39.07 -63.14 -89.71
N GLN MA 177 -39.61 -61.93 -89.42
CA GLN MA 177 -40.56 -61.68 -88.37
C GLN MA 177 -41.81 -61.16 -89.04
N ARG MA 178 -42.94 -61.26 -88.30
CA ARG MA 178 -44.31 -61.07 -88.75
C ARG MA 178 -44.69 -62.23 -89.63
N LEU MA 179 -44.24 -63.43 -89.20
CA LEU MA 179 -44.31 -64.66 -89.94
C LEU MA 179 -45.10 -65.58 -89.06
N VAL MA 180 -46.08 -66.31 -89.63
CA VAL MA 180 -46.75 -67.38 -88.93
C VAL MA 180 -46.04 -68.66 -89.27
N THR MA 181 -45.72 -69.43 -88.21
CA THR MA 181 -44.89 -70.61 -88.24
C THR MA 181 -45.45 -71.47 -87.14
N PRO MA 182 -45.05 -72.73 -86.92
CA PRO MA 182 -45.70 -73.58 -85.95
C PRO MA 182 -45.56 -73.11 -84.53
N ARG MA 183 -44.41 -72.48 -84.16
CA ARG MA 183 -44.21 -71.89 -82.85
C ARG MA 183 -45.18 -70.77 -82.57
N VAL MA 184 -45.38 -69.85 -83.54
CA VAL MA 184 -46.32 -68.75 -83.49
C VAL MA 184 -47.74 -69.20 -83.29
N LEU MA 185 -48.15 -70.30 -83.98
CA LEU MA 185 -49.47 -70.90 -83.85
C LEU MA 185 -49.66 -71.46 -82.46
N GLN MA 186 -48.62 -72.16 -81.93
CA GLN MA 186 -48.61 -72.76 -80.63
C GLN MA 186 -48.75 -71.72 -79.54
N HIS MA 187 -48.09 -70.55 -79.71
CA HIS MA 187 -48.12 -69.42 -78.81
C HIS MA 187 -49.47 -68.79 -78.79
N LYS MA 188 -50.10 -68.64 -79.98
CA LYS MA 188 -51.45 -68.12 -80.13
C LYS MA 188 -52.46 -68.99 -79.42
N ARG MA 189 -52.26 -70.32 -79.42
CA ARG MA 189 -53.10 -71.27 -78.73
C ARG MA 189 -52.87 -71.27 -77.24
N ARG MA 190 -51.66 -70.89 -76.77
CA ARG MA 190 -51.36 -70.74 -75.37
C ARG MA 190 -52.05 -69.52 -74.81
N ARG MA 191 -52.01 -68.37 -75.54
CA ARG MA 191 -52.67 -67.15 -75.15
C ARG MA 191 -54.14 -67.31 -74.92
N ILE MA 192 -54.86 -67.97 -75.86
CA ILE MA 192 -56.29 -68.20 -75.78
C ILE MA 192 -56.58 -69.20 -74.70
N ALA MA 193 -55.75 -70.27 -74.56
CA ALA MA 193 -55.89 -71.31 -73.57
C ALA MA 193 -55.90 -70.74 -72.17
N LEU MA 194 -54.89 -69.93 -71.80
CA LEU MA 194 -54.79 -69.25 -70.52
C LEU MA 194 -56.01 -68.41 -70.20
N LYS MA 195 -56.50 -67.64 -71.20
CA LYS MA 195 -57.69 -66.80 -71.13
C LYS MA 195 -58.93 -67.60 -70.84
N LYS MA 196 -59.12 -68.75 -71.55
CA LYS MA 196 -60.18 -69.72 -71.38
C LYS MA 196 -60.17 -70.32 -70.01
N GLN MA 197 -58.98 -70.72 -69.52
CA GLN MA 197 -58.75 -71.25 -68.21
C GLN MA 197 -59.16 -70.27 -67.14
N ARG MA 198 -58.75 -68.99 -67.28
CA ARG MA 198 -59.04 -67.94 -66.34
C ARG MA 198 -60.52 -67.62 -66.20
N THR MA 199 -61.29 -67.59 -67.31
CA THR MA 199 -62.73 -67.40 -67.31
C THR MA 199 -63.47 -68.47 -66.54
N LYS MA 200 -63.13 -69.76 -66.79
CA LYS MA 200 -63.79 -70.89 -66.17
C LYS MA 200 -63.49 -70.96 -64.69
N LYS MA 201 -62.25 -70.57 -64.27
CA LYS MA 201 -61.84 -70.47 -62.89
C LYS MA 201 -62.71 -69.54 -62.09
N ASN MA 202 -63.03 -68.35 -62.63
CA ASN MA 202 -63.82 -67.33 -61.97
C ASN MA 202 -65.23 -67.81 -61.70
N LYS MA 203 -65.78 -68.57 -62.67
CA LYS MA 203 -67.12 -69.12 -62.64
C LYS MA 203 -67.28 -70.14 -61.53
N GLU MA 204 -66.29 -71.05 -61.39
CA GLU MA 204 -66.28 -72.11 -60.41
C GLU MA 204 -66.22 -71.59 -59.01
N GLU MA 205 -65.35 -70.59 -58.74
CA GLU MA 205 -65.16 -69.97 -57.45
C GLU MA 205 -66.41 -69.28 -57.00
N ALA MA 206 -67.09 -68.58 -57.94
CA ALA MA 206 -68.29 -67.83 -57.72
C ALA MA 206 -69.44 -68.74 -57.37
N ALA MA 207 -69.55 -69.89 -58.08
CA ALA MA 207 -70.59 -70.87 -57.91
C ALA MA 207 -70.46 -71.58 -56.59
N GLU MA 208 -69.23 -72.00 -56.21
CA GLU MA 208 -68.92 -72.63 -54.95
C GLU MA 208 -69.20 -71.72 -53.79
N TYR MA 209 -68.85 -70.41 -53.93
CA TYR MA 209 -69.07 -69.37 -52.96
C TYR MA 209 -70.56 -69.18 -52.71
N ALA MA 210 -71.38 -69.25 -53.80
CA ALA MA 210 -72.81 -69.11 -53.76
C ALA MA 210 -73.48 -70.17 -52.92
N LYS MA 211 -73.01 -71.44 -53.01
CA LYS MA 211 -73.48 -72.57 -52.23
C LYS MA 211 -73.27 -72.38 -50.75
N LEU MA 212 -72.05 -71.93 -50.38
CA LEU MA 212 -71.59 -71.65 -49.03
C LEU MA 212 -72.41 -70.56 -48.40
N LEU MA 213 -72.68 -69.50 -49.18
CA LEU MA 213 -73.43 -68.33 -48.78
C LEU MA 213 -74.88 -68.68 -48.60
N ALA MA 214 -75.44 -69.52 -49.50
CA ALA MA 214 -76.84 -69.93 -49.49
C ALA MA 214 -77.15 -70.88 -48.37
N LYS MA 215 -76.27 -71.87 -48.10
CA LYS MA 215 -76.50 -72.85 -47.05
C LYS MA 215 -76.46 -72.19 -45.69
N ARG MA 216 -75.54 -71.23 -45.49
CA ARG MA 216 -75.35 -70.44 -44.29
C ARG MA 216 -76.62 -69.75 -43.83
N MET MA 217 -77.42 -69.20 -44.78
CA MET MA 217 -78.71 -68.55 -44.59
C MET MA 217 -79.63 -69.29 -43.67
N LYS MA 218 -79.92 -70.57 -43.98
CA LYS MA 218 -80.81 -71.43 -43.24
C LYS MA 218 -80.54 -71.46 -41.75
N GLU MA 219 -79.25 -71.48 -41.33
CA GLU MA 219 -78.89 -71.50 -39.92
C GLU MA 219 -78.71 -70.11 -39.37
N ALA MA 220 -78.00 -69.22 -40.12
CA ALA MA 220 -77.62 -67.90 -39.69
C ALA MA 220 -78.74 -66.90 -39.69
N LYS MA 221 -79.43 -66.74 -40.83
CA LYS MA 221 -80.22 -65.57 -41.14
C LYS MA 221 -81.60 -65.75 -40.58
N GLU MA 222 -82.02 -67.02 -40.32
CA GLU MA 222 -83.29 -67.36 -39.73
C GLU MA 222 -83.42 -66.89 -38.29
N LYS MA 223 -82.29 -66.47 -37.66
CA LYS MA 223 -82.20 -65.83 -36.36
C LYS MA 223 -83.12 -64.63 -36.21
N ARG MA 224 -83.23 -63.86 -37.32
CA ARG MA 224 -84.02 -62.66 -37.49
C ARG MA 224 -85.46 -62.81 -37.10
N GLN MA 225 -86.11 -63.95 -37.41
CA GLN MA 225 -87.50 -64.23 -37.08
C GLN MA 225 -87.67 -64.24 -35.58
N GLU MA 226 -86.78 -64.99 -34.88
CA GLU MA 226 -86.69 -65.07 -33.43
C GLU MA 226 -86.60 -63.73 -32.76
N GLN MA 227 -85.73 -62.82 -33.29
CA GLN MA 227 -85.49 -61.49 -32.77
C GLN MA 227 -86.68 -60.57 -32.91
N ILE MA 228 -87.35 -60.57 -34.09
CA ILE MA 228 -88.54 -59.78 -34.36
C ILE MA 228 -89.68 -60.19 -33.47
N ALA MA 229 -89.92 -61.50 -33.32
CA ALA MA 229 -90.94 -62.07 -32.46
C ALA MA 229 -90.81 -61.76 -30.99
N LYS MA 230 -89.56 -61.81 -30.44
CA LYS MA 230 -89.28 -61.62 -29.02
C LYS MA 230 -89.47 -60.19 -28.59
N ARG MA 231 -89.20 -59.22 -29.50
CA ARG MA 231 -89.41 -57.80 -29.33
C ARG MA 231 -90.83 -57.42 -28.95
N ARG MA 232 -91.81 -58.31 -29.26
CA ARG MA 232 -93.22 -58.08 -29.01
C ARG MA 232 -93.61 -58.62 -27.66
N ARG MA 233 -92.92 -59.69 -27.21
CA ARG MA 233 -93.07 -60.33 -25.92
C ARG MA 233 -92.62 -59.37 -24.85
N LEU MA 234 -91.46 -58.73 -25.10
CA LEU MA 234 -90.79 -57.77 -24.26
C LEU MA 234 -91.61 -56.52 -24.10
N SER MA 235 -92.23 -56.03 -25.20
CA SER MA 235 -93.00 -54.80 -25.20
C SER MA 235 -94.26 -54.88 -24.38
N SER MA 236 -94.87 -56.09 -24.28
CA SER MA 236 -96.09 -56.40 -23.55
C SER MA 236 -96.10 -55.83 -22.16
N LEU MA 237 -95.08 -56.20 -21.34
CA LEU MA 237 -94.91 -55.69 -20.01
C LEU MA 237 -94.00 -54.45 -20.14
N GLY NA 1 91.09 -49.69 13.23
CA GLY NA 1 91.70 -50.91 12.64
C GLY NA 1 91.20 -51.14 11.26
N GLY NA 2 91.15 -52.44 10.86
CA GLY NA 2 90.76 -52.87 9.53
C GLY NA 2 91.80 -52.51 8.50
N VAL NA 3 91.51 -52.87 7.23
CA VAL NA 3 92.49 -52.89 6.17
C VAL NA 3 91.75 -52.59 4.89
N MET NA 4 90.40 -52.73 4.91
CA MET NA 4 89.44 -52.22 3.94
C MET NA 4 89.82 -52.55 2.51
N ASP NA 5 89.54 -51.61 1.58
CA ASP NA 5 90.26 -51.51 0.33
C ASP NA 5 90.85 -50.14 0.34
N VAL NA 6 91.69 -49.81 -0.67
CA VAL NA 6 92.56 -48.66 -0.65
C VAL NA 6 91.79 -47.45 -1.13
N ASN NA 7 90.76 -47.67 -1.98
CA ASN NA 7 90.09 -46.61 -2.67
C ASN NA 7 88.91 -46.14 -1.86
N THR NA 8 88.22 -47.06 -1.14
CA THR NA 8 87.12 -46.72 -0.26
C THR NA 8 87.63 -46.10 1.02
N ALA NA 9 88.89 -46.43 1.42
CA ALA NA 9 89.59 -45.89 2.55
C ALA NA 9 89.74 -44.38 2.48
N LEU NA 10 89.87 -43.84 1.24
CA LEU NA 10 89.96 -42.43 1.01
C LEU NA 10 88.62 -41.76 1.23
N GLN NA 11 87.54 -42.36 0.67
CA GLN NA 11 86.22 -41.77 0.56
C GLN NA 11 85.58 -41.40 1.88
N GLU NA 12 85.74 -42.27 2.90
CA GLU NA 12 85.18 -42.08 4.23
C GLU NA 12 85.78 -40.87 4.91
N VAL NA 13 87.12 -40.69 4.77
CA VAL NA 13 87.86 -39.57 5.30
C VAL NA 13 87.43 -38.27 4.63
N LEU NA 14 87.20 -38.29 3.29
CA LEU NA 14 86.73 -37.14 2.54
C LEU NA 14 85.37 -36.67 3.02
N LYS NA 15 84.44 -37.62 3.31
CA LYS NA 15 83.11 -37.33 3.81
C LYS NA 15 83.10 -36.73 5.19
N THR NA 16 83.94 -37.24 6.11
CA THR NA 16 84.03 -36.76 7.49
C THR NA 16 84.60 -35.37 7.52
N ALA NA 17 85.66 -35.12 6.70
CA ALA NA 17 86.36 -33.86 6.61
C ALA NA 17 85.47 -32.74 6.13
N LEU NA 18 84.49 -33.04 5.25
CA LEU NA 18 83.54 -32.09 4.71
C LEU NA 18 82.61 -31.57 5.78
N ILE NA 19 82.13 -32.46 6.68
CA ILE NA 19 81.16 -32.12 7.73
C ILE NA 19 81.89 -31.34 8.80
N HIS NA 20 83.14 -31.73 9.11
CA HIS NA 20 84.00 -31.10 10.08
C HIS NA 20 84.32 -29.69 9.65
N ASP NA 21 84.39 -29.48 8.31
CA ASP NA 21 84.81 -28.29 7.61
C ASP NA 21 86.31 -28.23 7.65
N GLY NA 22 86.93 -28.78 6.59
CA GLY NA 22 88.33 -29.09 6.61
C GLY NA 22 88.67 -29.87 5.38
N LEU NA 23 87.72 -30.01 4.43
CA LEU NA 23 88.00 -30.60 3.15
C LEU NA 23 88.15 -29.44 2.20
N ALA NA 24 89.39 -29.30 1.67
CA ALA NA 24 89.75 -28.33 0.67
C ALA NA 24 89.42 -28.87 -0.69
N ARG NA 25 88.37 -28.32 -1.34
CA ARG NA 25 87.88 -28.78 -2.61
C ARG NA 25 88.16 -27.77 -3.68
N GLY NA 26 88.72 -28.26 -4.81
CA GLY NA 26 89.09 -27.45 -5.96
C GLY NA 26 90.36 -26.68 -5.71
N ILE NA 27 90.97 -26.17 -6.79
CA ILE NA 27 92.36 -25.76 -6.90
C ILE NA 27 92.78 -24.77 -5.83
N ARG NA 28 92.01 -23.68 -5.66
CA ARG NA 28 92.34 -22.56 -4.81
C ARG NA 28 92.43 -22.94 -3.34
N GLU NA 29 91.44 -23.72 -2.86
CA GLU NA 29 91.41 -24.18 -1.48
C GLU NA 29 92.42 -25.26 -1.28
N ALA NA 30 92.56 -26.18 -2.27
CA ALA NA 30 93.43 -27.32 -2.23
C ALA NA 30 94.86 -26.91 -2.12
N ALA NA 31 95.26 -25.88 -2.91
CA ALA NA 31 96.61 -25.38 -2.96
C ALA NA 31 96.99 -24.70 -1.67
N LYS NA 32 96.10 -23.85 -1.13
CA LYS NA 32 96.33 -23.13 0.11
C LYS NA 32 96.53 -24.07 1.28
N ALA NA 33 95.69 -25.13 1.36
CA ALA NA 33 95.71 -26.17 2.36
C ALA NA 33 96.94 -27.02 2.30
N LEU NA 34 97.40 -27.31 1.07
CA LEU NA 34 98.57 -28.08 0.73
C LEU NA 34 99.84 -27.42 1.19
N ASP NA 35 99.91 -26.07 1.12
CA ASP NA 35 101.11 -25.30 1.31
C ASP NA 35 101.26 -25.00 2.78
N LYS NA 36 100.42 -25.64 3.62
CA LYS NA 36 100.37 -25.49 5.04
C LYS NA 36 100.37 -26.90 5.53
N ARG NA 37 100.61 -27.08 6.85
CA ARG NA 37 100.99 -28.35 7.42
C ARG NA 37 99.76 -29.03 7.97
N GLN NA 38 98.57 -28.41 7.75
CA GLN NA 38 97.27 -28.88 8.14
C GLN NA 38 96.92 -30.10 7.33
N ALA NA 39 97.36 -30.11 6.04
CA ALA NA 39 97.27 -31.22 5.12
C ALA NA 39 97.95 -32.46 5.67
N HIS NA 40 97.37 -33.64 5.40
CA HIS NA 40 97.98 -34.89 5.76
C HIS NA 40 97.59 -35.93 4.75
N LEU NA 41 96.95 -35.49 3.63
CA LEU NA 41 96.65 -36.36 2.54
C LEU NA 41 96.42 -35.42 1.39
N CYS NA 42 96.70 -35.90 0.16
CA CYS NA 42 96.36 -35.21 -1.05
C CYS NA 42 96.02 -36.35 -1.95
N VAL NA 43 94.77 -36.36 -2.46
CA VAL NA 43 94.31 -37.35 -3.40
C VAL NA 43 94.04 -36.55 -4.64
N LEU NA 44 94.75 -36.93 -5.72
CA LEU NA 44 94.76 -36.23 -6.97
C LEU NA 44 93.91 -36.99 -7.95
N ALA NA 45 93.47 -36.26 -9.00
CA ALA NA 45 92.84 -36.82 -10.17
C ALA NA 45 93.90 -36.72 -11.22
N SER NA 46 93.78 -37.52 -12.30
CA SER NA 46 94.78 -37.57 -13.34
C SER NA 46 94.06 -37.67 -14.66
N ASN NA 47 92.74 -37.39 -14.64
CA ASN NA 47 91.86 -37.48 -15.78
C ASN NA 47 91.37 -36.07 -16.03
N CYS NA 48 92.03 -35.07 -15.38
CA CYS NA 48 91.77 -33.66 -15.50
C CYS NA 48 91.91 -33.18 -16.91
N ASP NA 49 91.02 -32.22 -17.29
CA ASP NA 49 91.12 -31.47 -18.52
C ASP NA 49 92.27 -30.52 -18.36
N GLU NA 50 93.29 -30.66 -19.25
CA GLU NA 50 94.49 -29.86 -19.26
C GLU NA 50 95.35 -30.22 -18.06
N PRO NA 51 96.15 -31.30 -18.06
CA PRO NA 51 96.85 -31.83 -16.89
C PRO NA 51 97.89 -30.91 -16.25
N MET NA 52 97.97 -29.61 -16.65
CA MET NA 52 98.68 -28.53 -15.99
C MET NA 52 98.17 -28.35 -14.59
N TYR NA 53 96.86 -28.68 -14.39
CA TYR NA 53 96.14 -28.70 -13.15
C TYR NA 53 96.80 -29.67 -12.21
N VAL NA 54 97.06 -30.92 -12.67
CA VAL NA 54 97.67 -31.98 -11.91
C VAL NA 54 99.12 -31.67 -11.64
N LYS NA 55 99.83 -31.07 -12.63
CA LYS NA 55 101.22 -30.68 -12.52
C LYS NA 55 101.43 -29.66 -11.42
N LEU NA 56 100.52 -28.67 -11.30
CA LEU NA 56 100.55 -27.64 -10.28
C LEU NA 56 100.36 -28.23 -8.92
N VAL NA 57 99.42 -29.20 -8.77
CA VAL NA 57 99.10 -29.90 -7.54
C VAL NA 57 100.32 -30.64 -7.07
N GLU NA 58 100.97 -31.45 -7.93
CA GLU NA 58 102.13 -32.26 -7.61
C GLU NA 58 103.29 -31.40 -7.17
N ALA NA 59 103.46 -30.22 -7.82
CA ALA NA 59 104.50 -29.26 -7.53
C ALA NA 59 104.36 -28.69 -6.13
N LEU NA 60 103.10 -28.35 -5.77
CA LEU NA 60 102.65 -27.88 -4.48
C LEU NA 60 102.90 -28.91 -3.40
N CYS NA 61 102.72 -30.23 -3.73
CA CYS NA 61 102.84 -31.33 -2.79
C CYS NA 61 104.25 -31.44 -2.28
N ALA NA 62 105.26 -31.05 -3.10
CA ALA NA 62 106.68 -31.27 -2.84
C ALA NA 62 107.07 -30.59 -1.56
N GLU NA 63 106.62 -29.32 -1.40
CA GLU NA 63 106.81 -28.55 -0.20
C GLU NA 63 105.65 -28.87 0.74
N HIS NA 64 105.92 -28.80 2.05
CA HIS NA 64 104.95 -28.93 3.12
C HIS NA 64 104.28 -30.28 3.21
N GLN NA 65 105.11 -31.36 3.28
CA GLN NA 65 104.74 -32.75 3.22
C GLN NA 65 104.25 -33.17 1.85
N ILE NA 66 104.99 -34.12 1.22
CA ILE NA 66 104.59 -34.70 -0.04
C ILE NA 66 103.65 -35.83 0.23
N ASN NA 67 102.46 -35.73 -0.40
CA ASN NA 67 101.40 -36.70 -0.29
C ASN NA 67 100.96 -36.88 -1.70
N LEU NA 68 100.95 -38.14 -2.19
CA LEU NA 68 100.53 -38.45 -3.53
C LEU NA 68 99.86 -39.78 -3.44
N ILE NA 69 98.62 -39.85 -4.01
CA ILE NA 69 97.97 -41.10 -4.32
C ILE NA 69 97.05 -40.65 -5.42
N LYS NA 70 96.97 -41.44 -6.52
CA LYS NA 70 96.19 -41.08 -7.68
C LYS NA 70 95.00 -41.97 -7.76
N VAL NA 71 93.89 -41.40 -8.27
CA VAL NA 71 92.63 -42.07 -8.46
C VAL NA 71 92.15 -41.51 -9.76
N ASP NA 72 91.10 -42.14 -10.34
CA ASP NA 72 90.71 -41.89 -11.71
C ASP NA 72 89.33 -41.30 -11.72
N ASP NA 73 89.12 -40.41 -12.72
CA ASP NA 73 87.94 -39.62 -12.96
C ASP NA 73 87.74 -38.52 -11.94
N ASN NA 74 87.57 -37.28 -12.44
CA ASN NA 74 87.38 -36.06 -11.69
C ASN NA 74 86.08 -36.13 -10.95
N LYS NA 75 85.02 -36.59 -11.67
CA LYS NA 75 83.65 -36.60 -11.24
C LYS NA 75 83.42 -37.49 -10.05
N LYS NA 76 84.15 -38.63 -10.00
CA LYS NA 76 84.10 -39.58 -8.90
C LYS NA 76 84.70 -38.98 -7.66
N LEU NA 77 85.79 -38.21 -7.80
CA LEU NA 77 86.47 -37.54 -6.71
C LEU NA 77 85.57 -36.50 -6.07
N GLY NA 78 84.81 -35.75 -6.90
CA GLY NA 78 83.83 -34.78 -6.51
C GLY NA 78 82.73 -35.39 -5.68
N GLU NA 79 82.18 -36.53 -6.18
CA GLU NA 79 81.05 -37.25 -5.62
C GLU NA 79 81.38 -37.82 -4.26
N TRP NA 80 82.64 -38.30 -4.08
CA TRP NA 80 83.14 -38.93 -2.87
C TRP NA 80 83.15 -37.98 -1.71
N VAL NA 81 83.50 -36.69 -1.98
CA VAL NA 81 83.53 -35.62 -1.01
C VAL NA 81 82.11 -35.34 -0.57
N GLY NA 82 81.18 -35.29 -1.56
CA GLY NA 82 79.77 -35.06 -1.33
C GLY NA 82 79.40 -33.74 -1.90
N LEU NA 83 78.53 -33.78 -2.93
CA LEU NA 83 77.90 -32.62 -3.51
C LEU NA 83 76.63 -33.09 -4.16
N CYS NA 84 76.21 -34.33 -3.85
CA CYS NA 84 75.00 -34.91 -4.37
C CYS NA 84 74.59 -35.95 -3.38
N LYS NA 85 73.31 -36.39 -3.46
CA LYS NA 85 72.70 -37.26 -2.49
C LYS NA 85 72.83 -38.68 -2.96
N ILE NA 86 73.07 -38.86 -4.28
CA ILE NA 86 73.04 -40.11 -5.01
C ILE NA 86 71.65 -40.71 -4.91
N ASP NA 87 70.63 -39.84 -5.11
CA ASP NA 87 69.24 -40.18 -5.01
C ASP NA 87 68.55 -39.28 -5.99
N ARG NA 88 67.48 -39.80 -6.64
CA ARG NA 88 66.55 -39.07 -7.49
C ARG NA 88 67.16 -38.92 -8.86
N GLU NA 89 66.31 -38.55 -9.86
CA GLU NA 89 66.71 -38.35 -11.23
C GLU NA 89 67.67 -37.18 -11.34
N GLY NA 90 67.34 -36.08 -10.65
CA GLY NA 90 68.14 -34.88 -10.60
C GLY NA 90 68.73 -34.83 -9.23
N LYS NA 91 69.66 -33.87 -9.01
CA LYS NA 91 69.81 -33.21 -7.74
C LYS NA 91 70.14 -31.80 -8.13
N PRO NA 92 69.90 -30.75 -7.35
CA PRO NA 92 70.16 -29.38 -7.78
C PRO NA 92 71.64 -29.09 -7.93
N ARG NA 93 72.50 -29.82 -7.19
CA ARG NA 93 73.93 -29.62 -7.18
C ARG NA 93 74.61 -30.84 -7.77
N LYS NA 94 73.88 -31.65 -8.57
CA LYS NA 94 74.26 -32.98 -9.02
C LYS NA 94 75.60 -33.11 -9.65
N VAL NA 95 76.17 -34.35 -9.52
CA VAL NA 95 77.43 -34.89 -9.97
C VAL NA 95 78.23 -33.99 -10.88
N VAL NA 96 79.36 -33.47 -10.35
CA VAL NA 96 80.27 -32.64 -11.06
C VAL NA 96 81.53 -32.82 -10.27
N GLY NA 97 82.71 -32.58 -10.90
CA GLY NA 97 83.99 -32.85 -10.29
C GLY NA 97 84.34 -31.86 -9.23
N CYS NA 98 85.51 -32.07 -8.63
CA CYS NA 98 86.21 -31.12 -7.80
C CYS NA 98 87.66 -31.39 -8.02
N SER NA 99 87.98 -32.43 -8.84
CA SER NA 99 89.31 -32.91 -9.17
C SER NA 99 90.12 -33.12 -7.93
N CYS NA 100 91.40 -32.67 -7.91
CA CYS NA 100 92.31 -32.83 -6.80
C CYS NA 100 91.78 -32.13 -5.57
N VAL NA 101 91.82 -32.82 -4.41
CA VAL NA 101 91.37 -32.30 -3.15
C VAL NA 101 92.44 -32.63 -2.15
N VAL NA 102 92.44 -31.92 -1.01
CA VAL NA 102 93.42 -32.09 0.03
C VAL NA 102 92.60 -32.14 1.29
N VAL NA 103 93.05 -32.99 2.24
CA VAL NA 103 92.38 -33.26 3.47
C VAL NA 103 93.20 -32.62 4.53
N LYS NA 104 92.60 -31.63 5.23
CA LYS NA 104 93.15 -31.09 6.44
C LYS NA 104 92.37 -31.77 7.52
N ASP NA 105 93.09 -32.49 8.43
CA ASP NA 105 92.57 -33.05 9.66
C ASP NA 105 91.56 -34.15 9.40
N TYR NA 106 91.91 -35.41 9.75
CA TYR NA 106 91.05 -36.55 9.57
C TYR NA 106 89.84 -36.46 10.47
N GLY NA 107 90.07 -36.06 11.75
CA GLY NA 107 89.05 -35.61 12.66
C GLY NA 107 88.30 -36.75 13.32
N LYS NA 108 88.73 -38.01 13.08
CA LYS NA 108 88.19 -39.17 13.73
C LYS NA 108 89.36 -40.11 13.88
N GLU NA 109 89.26 -40.98 14.92
CA GLU NA 109 90.14 -42.11 15.13
C GLU NA 109 89.67 -43.30 14.35
N SER NA 110 90.56 -44.33 14.27
CA SER NA 110 90.36 -45.66 13.74
C SER NA 110 89.81 -45.72 12.32
N GLN NA 111 89.47 -46.95 11.87
CA GLN NA 111 88.83 -47.23 10.59
C GLN NA 111 89.67 -46.76 9.43
N ALA NA 112 89.02 -46.10 8.44
CA ALA NA 112 89.56 -45.64 7.19
C ALA NA 112 90.71 -44.67 7.34
N LYS NA 113 90.65 -43.83 8.39
CA LYS NA 113 91.66 -42.89 8.81
C LYS NA 113 92.96 -43.61 9.10
N ASP NA 114 92.88 -44.67 9.94
CA ASP NA 114 93.99 -45.50 10.35
C ASP NA 114 94.57 -46.23 9.15
N VAL NA 115 93.70 -46.72 8.23
CA VAL NA 115 94.10 -47.42 7.00
C VAL NA 115 94.95 -46.54 6.13
N ILE NA 116 94.47 -45.31 5.77
CA ILE NA 116 95.15 -44.43 4.84
C ILE NA 116 96.48 -43.98 5.39
N GLU NA 117 96.54 -43.65 6.71
CA GLU NA 117 97.74 -43.18 7.37
C GLU NA 117 98.83 -44.22 7.34
N GLU NA 118 98.48 -45.49 7.66
CA GLU NA 118 99.38 -46.62 7.72
C GLU NA 118 99.94 -46.94 6.35
N TYR NA 119 99.06 -46.89 5.32
CA TYR NA 119 99.38 -47.12 3.94
C TYR NA 119 100.36 -46.09 3.44
N PHE NA 120 100.13 -44.79 3.77
CA PHE NA 120 100.94 -43.66 3.40
C PHE NA 120 102.34 -43.69 3.97
N LYS NA 121 102.50 -44.14 5.24
CA LYS NA 121 103.79 -44.17 5.90
C LYS NA 121 104.69 -45.19 5.28
N CYS NA 122 104.21 -46.44 5.08
CA CYS NA 122 105.04 -47.50 4.56
C CYS NA 122 105.21 -47.40 3.06
N LYS NA 123 104.37 -46.59 2.38
CA LYS NA 123 104.47 -46.29 0.97
C LYS NA 123 105.63 -45.36 0.74
N LYS NA 124 105.65 -44.24 1.50
CA LYS NA 124 106.67 -43.23 1.44
C LYS NA 124 107.57 -43.42 2.66
N ASP OA 1 5.26 -83.23 -39.31
CA ASP OA 1 5.64 -84.25 -38.32
C ASP OA 1 4.62 -84.28 -37.21
N THR OA 2 4.14 -85.51 -36.87
CA THR OA 2 3.23 -85.83 -35.79
C THR OA 2 2.03 -84.92 -35.74
N VAL OA 3 1.25 -84.92 -36.84
CA VAL OA 3 0.27 -83.90 -37.13
C VAL OA 3 -1.04 -84.36 -36.54
N THR OA 4 -1.83 -85.19 -37.30
CA THR OA 4 -3.22 -85.51 -37.06
C THR OA 4 -4.11 -84.35 -37.41
N ILE OA 5 -5.11 -84.60 -38.29
CA ILE OA 5 -6.09 -83.62 -38.68
C ILE OA 5 -7.34 -84.01 -37.95
N ARG OA 6 -7.82 -83.06 -37.11
CA ARG OA 6 -8.93 -83.23 -36.22
C ARG OA 6 -9.95 -82.25 -36.70
N THR OA 7 -11.17 -82.74 -36.99
CA THR OA 7 -12.15 -81.96 -37.72
C THR OA 7 -13.24 -81.51 -36.79
N ARG OA 8 -13.21 -80.20 -36.42
CA ARG OA 8 -14.27 -79.58 -35.67
C ARG OA 8 -15.32 -79.17 -36.66
N LYS OA 9 -16.57 -78.98 -36.17
CA LYS OA 9 -17.70 -78.36 -36.81
C LYS OA 9 -17.99 -78.95 -38.16
N PHE OA 10 -18.04 -80.30 -38.25
CA PHE OA 10 -18.21 -80.98 -39.52
C PHE OA 10 -19.62 -80.71 -40.02
N MET OA 11 -19.71 -80.49 -41.35
CA MET OA 11 -20.95 -80.26 -42.04
C MET OA 11 -20.98 -81.16 -43.23
N THR OA 12 -22.07 -81.96 -43.36
CA THR OA 12 -22.46 -82.56 -44.61
C THR OA 12 -23.26 -81.49 -45.32
N ASN OA 13 -22.79 -81.02 -46.50
CA ASN OA 13 -23.41 -79.97 -47.25
C ASN OA 13 -23.78 -80.65 -48.53
N ARG OA 14 -25.06 -81.10 -48.59
CA ARG OA 14 -25.63 -81.82 -49.70
C ARG OA 14 -26.02 -80.94 -50.86
N LEU OA 15 -26.22 -79.62 -50.59
CA LEU OA 15 -26.77 -78.70 -51.56
C LEU OA 15 -25.69 -77.89 -52.21
N LEU OA 16 -24.41 -78.06 -51.76
CA LEU OA 16 -23.26 -77.55 -52.48
C LEU OA 16 -22.32 -78.70 -52.69
N GLN OA 17 -22.75 -79.93 -52.30
CA GLN OA 17 -22.15 -81.20 -52.65
C GLN OA 17 -20.71 -81.30 -52.21
N ARG OA 18 -20.48 -81.20 -50.89
CA ARG OA 18 -19.15 -81.10 -50.36
C ARG OA 18 -19.20 -81.33 -48.88
N LYS OA 19 -18.06 -81.76 -48.32
CA LYS OA 19 -17.88 -81.92 -46.91
C LYS OA 19 -17.07 -80.72 -46.51
N GLN OA 20 -17.60 -79.95 -45.54
CA GLN OA 20 -17.08 -78.67 -45.16
C GLN OA 20 -16.64 -78.80 -43.73
N MET OA 21 -15.39 -78.40 -43.39
CA MET OA 21 -14.90 -78.62 -42.06
C MET OA 21 -13.74 -77.72 -41.74
N VAL OA 22 -13.51 -77.54 -40.41
CA VAL OA 22 -12.37 -76.88 -39.82
C VAL OA 22 -11.25 -77.90 -39.85
N ILE OA 23 -9.98 -77.45 -39.98
CA ILE OA 23 -8.84 -78.32 -39.96
C ILE OA 23 -8.04 -77.87 -38.77
N ASP OA 24 -7.82 -78.77 -37.79
CA ASP OA 24 -7.13 -78.42 -36.58
C ASP OA 24 -5.95 -79.34 -36.63
N VAL OA 25 -4.74 -78.77 -36.78
CA VAL OA 25 -3.50 -79.50 -36.87
C VAL OA 25 -2.64 -79.15 -35.69
N LEU OA 26 -2.48 -80.13 -34.76
CA LEU OA 26 -1.49 -80.09 -33.71
C LEU OA 26 -0.14 -80.41 -34.30
N HIS OA 27 0.91 -79.76 -33.78
CA HIS OA 27 2.27 -79.95 -34.20
C HIS OA 27 3.10 -80.05 -32.95
N PRO OA 28 4.36 -80.49 -32.98
CA PRO OA 28 5.14 -80.69 -31.76
C PRO OA 28 5.72 -79.38 -31.25
N GLY OA 29 5.94 -78.37 -32.10
CA GLY OA 29 6.66 -77.20 -31.65
C GLY OA 29 6.71 -76.17 -32.72
N LYS OA 30 6.39 -76.54 -33.98
CA LYS OA 30 6.43 -75.66 -35.12
C LYS OA 30 5.16 -75.95 -35.83
N ALA OA 31 4.11 -75.15 -35.51
CA ALA OA 31 3.12 -74.61 -36.41
C ALA OA 31 3.41 -74.72 -37.89
N THR OA 32 2.55 -75.54 -38.56
CA THR OA 32 2.19 -75.48 -39.95
C THR OA 32 3.13 -76.36 -40.72
N VAL OA 33 2.60 -77.52 -41.18
CA VAL OA 33 3.13 -78.26 -42.29
C VAL OA 33 2.42 -77.77 -43.54
N PRO OA 34 2.94 -77.91 -44.77
CA PRO OA 34 2.47 -77.20 -45.96
C PRO OA 34 1.01 -77.40 -46.28
N LYS OA 35 0.42 -76.48 -47.07
CA LYS OA 35 -0.94 -76.58 -47.56
C LYS OA 35 -1.11 -77.77 -48.46
N THR OA 36 -0.10 -78.04 -49.31
CA THR OA 36 -0.09 -79.16 -50.23
C THR OA 36 -0.04 -80.47 -49.48
N GLU OA 37 0.77 -80.54 -48.38
CA GLU OA 37 0.86 -81.69 -47.50
C GLU OA 37 -0.45 -82.00 -46.86
N ILE OA 38 -1.18 -80.97 -46.38
CA ILE OA 38 -2.47 -81.07 -45.73
C ILE OA 38 -3.51 -81.63 -46.68
N GLN OA 39 -3.50 -81.22 -47.97
CA GLN OA 39 -4.46 -81.69 -48.93
C GLN OA 39 -4.24 -83.14 -49.27
N GLU OA 40 -2.96 -83.59 -49.38
CA GLU OA 40 -2.57 -84.97 -49.56
C GLU OA 40 -3.00 -85.83 -48.40
N LYS OA 41 -2.69 -85.37 -47.17
CA LYS OA 41 -2.92 -86.06 -45.93
C LYS OA 41 -4.39 -86.33 -45.69
N LEU OA 42 -5.21 -85.29 -45.93
CA LEU OA 42 -6.65 -85.30 -45.88
C LEU OA 42 -7.25 -86.16 -46.94
N ALA OA 43 -6.67 -86.16 -48.16
CA ALA OA 43 -7.13 -86.89 -49.31
C ALA OA 43 -7.35 -88.36 -49.11
N LYS OA 44 -6.43 -89.07 -48.43
CA LYS OA 44 -6.60 -90.47 -48.10
C LYS OA 44 -7.47 -90.77 -46.92
N MET OA 45 -7.90 -89.74 -46.14
CA MET OA 45 -8.89 -89.90 -45.12
C MET OA 45 -10.28 -90.08 -45.68
N TYR OA 46 -10.69 -89.19 -46.60
CA TYR OA 46 -12.03 -89.21 -47.16
C TYR OA 46 -12.01 -89.85 -48.51
N LYS OA 47 -10.80 -90.14 -49.05
CA LYS OA 47 -10.56 -90.98 -50.21
C LYS OA 47 -11.09 -90.33 -51.47
N THR OA 48 -10.78 -89.01 -51.65
CA THR OA 48 -11.35 -88.19 -52.70
C THR OA 48 -10.31 -87.66 -53.65
N THR OA 49 -8.99 -87.88 -53.38
CA THR OA 49 -7.83 -87.32 -54.08
C THR OA 49 -7.62 -85.85 -53.70
N PRO OA 50 -6.40 -85.30 -53.68
CA PRO OA 50 -6.14 -83.94 -53.21
C PRO OA 50 -6.53 -82.88 -54.20
N ASP OA 51 -6.99 -83.25 -55.42
CA ASP OA 51 -7.18 -82.33 -56.50
C ASP OA 51 -8.58 -81.79 -56.54
N VAL OA 52 -9.44 -82.26 -55.59
CA VAL OA 52 -10.78 -81.75 -55.40
C VAL OA 52 -10.86 -81.22 -53.99
N ILE OA 53 -9.69 -81.01 -53.35
CA ILE OA 53 -9.56 -80.53 -52.00
C ILE OA 53 -8.91 -79.20 -52.12
N PHE OA 54 -9.49 -78.21 -51.40
CA PHE OA 54 -8.98 -76.87 -51.32
C PHE OA 54 -8.87 -76.65 -49.85
N VAL OA 55 -7.91 -75.79 -49.45
CA VAL OA 55 -7.61 -75.52 -48.07
C VAL OA 55 -7.12 -74.11 -48.07
N PHE OA 56 -7.55 -73.36 -47.05
CA PHE OA 56 -7.39 -71.93 -47.02
C PHE OA 56 -7.55 -71.55 -45.58
N GLY OA 57 -7.32 -70.26 -45.28
CA GLY OA 57 -7.28 -69.76 -43.93
C GLY OA 57 -5.86 -69.88 -43.45
N PHE OA 58 -5.68 -70.41 -42.22
CA PHE OA 58 -4.41 -70.81 -41.64
C PHE OA 58 -3.90 -69.63 -40.86
N ARG OA 59 -3.51 -69.86 -39.59
CA ARG OA 59 -2.95 -68.81 -38.77
C ARG OA 59 -2.30 -69.47 -37.59
N THR OA 60 -0.96 -69.35 -37.53
CA THR OA 60 -0.11 -69.95 -36.53
C THR OA 60 -0.44 -69.47 -35.15
N HIS OA 61 -0.28 -70.36 -34.14
CA HIS OA 61 -0.66 -70.09 -32.78
C HIS OA 61 0.63 -69.95 -32.04
N PHE OA 62 0.79 -68.78 -31.36
CA PHE OA 62 1.91 -68.35 -30.55
C PHE OA 62 2.57 -69.43 -29.73
N GLY OA 63 3.92 -69.50 -29.83
CA GLY OA 63 4.74 -70.50 -29.18
C GLY OA 63 4.69 -71.82 -29.88
N GLY OA 64 4.01 -71.89 -31.05
CA GLY OA 64 4.08 -72.98 -31.97
C GLY OA 64 3.19 -74.10 -31.50
N GLY OA 65 3.19 -75.22 -32.25
CA GLY OA 65 2.58 -76.44 -31.83
C GLY OA 65 1.11 -76.53 -32.16
N LYS OA 66 0.54 -75.53 -32.87
CA LYS OA 66 -0.80 -75.67 -33.38
C LYS OA 66 -0.93 -74.71 -34.54
N THR OA 67 -1.87 -75.02 -35.46
CA THR OA 67 -2.30 -74.16 -36.55
C THR OA 67 -3.71 -74.59 -36.81
N THR OA 68 -4.66 -73.64 -36.81
CA THR OA 68 -6.04 -73.88 -37.17
C THR OA 68 -6.19 -73.32 -38.56
N GLY OA 69 -6.80 -74.09 -39.48
CA GLY OA 69 -7.12 -73.64 -40.81
C GLY OA 69 -8.50 -74.11 -41.11
N PHE OA 70 -8.81 -74.23 -42.41
CA PHE OA 70 -10.12 -74.61 -42.88
C PHE OA 70 -9.93 -75.39 -44.15
N GLY OA 71 -10.78 -76.42 -44.38
CA GLY OA 71 -10.73 -77.18 -45.59
C GLY OA 71 -12.10 -77.41 -46.12
N MET OA 72 -12.13 -77.79 -47.42
CA MET OA 72 -13.33 -78.16 -48.12
C MET OA 72 -12.88 -79.30 -48.96
N ILE OA 73 -13.78 -80.29 -49.14
CA ILE OA 73 -13.54 -81.41 -49.99
C ILE OA 73 -14.78 -81.50 -50.81
N TYR OA 74 -14.60 -81.47 -52.14
CA TYR OA 74 -15.64 -81.53 -53.11
C TYR OA 74 -15.70 -82.97 -53.52
N ASP OA 75 -16.92 -83.53 -53.61
CA ASP OA 75 -17.15 -84.90 -54.04
C ASP OA 75 -16.69 -85.13 -55.47
N SER OA 76 -16.81 -84.10 -56.34
CA SER OA 76 -16.29 -84.14 -57.68
C SER OA 76 -15.79 -82.76 -57.99
N LEU OA 77 -14.79 -82.68 -58.90
CA LEU OA 77 -14.22 -81.48 -59.45
C LEU OA 77 -15.20 -80.53 -60.09
N ASP OA 78 -16.36 -81.04 -60.56
CA ASP OA 78 -17.41 -80.26 -61.16
C ASP OA 78 -18.05 -79.35 -60.14
N TYR OA 79 -18.38 -79.93 -58.97
CA TYR OA 79 -18.92 -79.25 -57.80
C TYR OA 79 -18.02 -78.16 -57.32
N ALA OA 80 -16.68 -78.40 -57.30
CA ALA OA 80 -15.69 -77.42 -56.91
C ALA OA 80 -15.73 -76.20 -57.78
N LYS OA 81 -15.64 -76.41 -59.12
CA LYS OA 81 -15.72 -75.45 -60.20
C LYS OA 81 -17.00 -74.64 -60.29
N LYS OA 82 -18.06 -75.02 -59.53
CA LYS OA 82 -19.38 -74.47 -59.68
C LYS OA 82 -19.75 -73.61 -58.51
N ASN OA 83 -18.99 -73.65 -57.39
CA ASN OA 83 -19.25 -72.77 -56.27
C ASN OA 83 -18.13 -71.77 -56.21
N GLU OA 84 -16.88 -72.21 -56.53
CA GLU OA 84 -15.91 -71.49 -57.30
C GLU OA 84 -15.52 -70.06 -56.99
N PRO OA 85 -15.10 -69.54 -55.81
CA PRO OA 85 -14.61 -68.17 -55.72
C PRO OA 85 -13.24 -68.12 -56.36
N LYS OA 86 -12.91 -67.03 -57.09
CA LYS OA 86 -11.68 -66.91 -57.83
C LYS OA 86 -10.45 -66.95 -56.96
N HIS OA 87 -10.50 -66.32 -55.76
CA HIS OA 87 -9.41 -66.31 -54.80
C HIS OA 87 -8.99 -67.67 -54.30
N ARG OA 88 -9.97 -68.59 -54.15
CA ARG OA 88 -9.78 -69.96 -53.76
C ARG OA 88 -9.04 -70.76 -54.79
N LEU OA 89 -9.43 -70.59 -56.09
CA LEU OA 89 -8.75 -71.14 -57.24
C LEU OA 89 -7.33 -70.64 -57.35
N ALA OA 90 -7.13 -69.30 -57.23
CA ALA OA 90 -5.87 -68.60 -57.17
C ALA OA 90 -4.88 -69.13 -56.18
N ARG OA 91 -5.36 -69.56 -54.97
CA ARG OA 91 -4.58 -69.73 -53.76
C ARG OA 91 -3.47 -70.73 -53.95
N HIS OA 92 -3.79 -71.86 -54.61
CA HIS OA 92 -2.80 -72.77 -55.15
C HIS OA 92 -3.18 -72.80 -56.59
N GLY OA 93 -2.28 -72.28 -57.46
CA GLY OA 93 -2.52 -72.04 -58.87
C GLY OA 93 -3.10 -73.18 -59.66
N LEU OA 94 -4.12 -72.85 -60.47
CA LEU OA 94 -4.81 -73.74 -61.37
C LEU OA 94 -5.81 -72.92 -62.14
N TYR OA 95 -5.84 -71.59 -61.86
CA TYR OA 95 -6.68 -70.59 -62.49
C TYR OA 95 -6.44 -69.37 -61.64
N GLU OA 96 -6.23 -68.22 -62.30
CA GLU OA 96 -6.20 -66.93 -61.66
C GLU OA 96 -7.02 -66.01 -62.53
N LYS OA 97 -7.40 -64.84 -61.96
CA LYS OA 97 -8.25 -63.85 -62.58
C LYS OA 97 -7.53 -63.05 -63.64
N LYS OA 98 -8.29 -62.20 -64.36
CA LYS OA 98 -7.89 -61.16 -65.29
C LYS OA 98 -6.57 -60.47 -64.99
N LYS OA 99 -5.79 -60.18 -66.05
CA LYS OA 99 -4.46 -59.62 -65.95
C LYS OA 99 -4.31 -58.62 -67.06
N THR OA 100 -5.43 -57.97 -67.46
CA THR OA 100 -5.48 -57.03 -68.56
C THR OA 100 -4.65 -55.75 -68.38
N SER OA 101 -4.49 -55.14 -67.17
CA SER OA 101 -5.31 -55.20 -66.00
C SER OA 101 -5.75 -53.80 -65.70
N ARG OA 102 -7.08 -53.59 -65.73
CA ARG OA 102 -7.79 -52.55 -65.04
C ARG OA 102 -7.88 -51.24 -65.78
N LYS OA 103 -6.75 -50.53 -65.99
CA LYS OA 103 -6.79 -49.17 -66.50
C LYS OA 103 -6.82 -49.19 -68.00
N GLN OA 104 -6.46 -50.35 -68.60
CA GLN OA 104 -6.64 -50.67 -69.99
C GLN OA 104 -8.10 -50.74 -70.34
N ARG OA 105 -8.91 -51.38 -69.47
CA ARG OA 105 -10.34 -51.52 -69.62
C ARG OA 105 -11.04 -50.19 -69.56
N LYS OA 106 -10.61 -49.32 -68.63
CA LYS OA 106 -11.14 -48.00 -68.40
C LYS OA 106 -10.91 -47.09 -69.57
N GLU OA 107 -9.68 -47.09 -70.14
CA GLU OA 107 -9.34 -46.39 -71.35
C GLU OA 107 -10.19 -46.80 -72.52
N ARG OA 108 -10.35 -48.13 -72.75
CA ARG OA 108 -11.21 -48.71 -73.77
C ARG OA 108 -12.64 -48.22 -73.67
N LYS OA 109 -13.20 -48.19 -72.45
CA LYS OA 109 -14.57 -47.80 -72.17
C LYS OA 109 -14.79 -46.35 -72.55
N ASN OA 110 -13.80 -45.47 -72.26
CA ASN OA 110 -13.83 -44.06 -72.60
C ASN OA 110 -13.73 -43.79 -74.09
N ARG OA 111 -13.02 -44.66 -74.85
CA ARG OA 111 -12.98 -44.60 -76.30
C ARG OA 111 -14.31 -44.88 -76.96
N MET OA 112 -15.10 -45.85 -76.44
CA MET OA 112 -16.37 -46.26 -77.01
C MET OA 112 -17.40 -45.17 -77.01
N LYS OA 113 -17.39 -44.30 -75.96
CA LYS OA 113 -18.29 -43.18 -75.78
C LYS OA 113 -18.32 -42.21 -76.91
N LYS OA 114 -17.15 -41.96 -77.57
CA LYS OA 114 -16.93 -40.93 -78.54
C LYS OA 114 -17.81 -41.04 -79.77
N VAL OA 115 -18.02 -42.26 -80.29
CA VAL OA 115 -18.65 -42.46 -81.59
C VAL OA 115 -19.66 -43.57 -81.44
N ARG OA 116 -20.54 -43.71 -82.47
CA ARG OA 116 -21.60 -44.68 -82.50
C ARG OA 116 -21.21 -45.61 -83.62
N GLY OA 117 -21.16 -46.93 -83.31
CA GLY OA 117 -20.74 -47.95 -84.24
C GLY OA 117 -19.26 -47.94 -84.44
N THR OA 118 -18.77 -48.95 -85.19
CA THR OA 118 -17.39 -49.12 -85.57
C THR OA 118 -16.58 -49.45 -84.34
N ALA OA 119 -16.65 -50.74 -83.95
CA ALA OA 119 -16.03 -51.30 -82.76
C ALA OA 119 -14.53 -51.21 -82.81
N LYS OA 120 -13.94 -51.72 -83.92
CA LYS OA 120 -12.52 -51.86 -84.14
C LYS OA 120 -11.77 -50.56 -84.09
N ALA OA 121 -12.34 -49.47 -84.68
CA ALA OA 121 -11.84 -48.12 -84.60
C ALA OA 121 -11.42 -47.65 -83.23
N ASN OA 122 -12.29 -47.87 -82.22
CA ASN OA 122 -12.06 -47.43 -80.85
C ASN OA 122 -10.98 -48.22 -80.15
N VAL OA 123 -10.78 -49.50 -80.53
CA VAL OA 123 -9.72 -50.34 -80.01
C VAL OA 123 -8.38 -49.77 -80.39
N GLY OA 124 -8.21 -49.45 -81.70
CA GLY OA 124 -7.04 -48.85 -82.27
C GLY OA 124 -6.73 -47.47 -81.76
N ALA OA 125 -7.77 -46.71 -81.30
CA ALA OA 125 -7.60 -45.40 -80.72
C ALA OA 125 -7.05 -45.49 -79.33
N GLY OA 126 -7.45 -46.54 -78.57
CA GLY OA 126 -6.92 -46.83 -77.26
C GLY OA 126 -5.52 -47.37 -77.28
N LYS OA 127 -4.99 -47.77 -78.46
CA LYS OA 127 -3.84 -48.65 -78.52
C LYS OA 127 -2.62 -47.86 -78.87
N LYS OA 128 -2.78 -46.77 -79.66
CA LYS OA 128 -1.68 -45.92 -80.05
C LYS OA 128 -1.01 -45.20 -78.90
N PRO OA 129 -1.65 -44.58 -77.90
CA PRO OA 129 -0.94 -44.01 -76.77
C PRO OA 129 -0.57 -45.11 -75.82
N LYS OA 130 0.64 -45.04 -75.25
CA LYS OA 130 1.16 -46.01 -74.31
C LYS OA 130 1.57 -45.28 -73.07
N GLU OA 131 1.16 -43.99 -72.96
CA GLU OA 131 2.05 -42.97 -72.48
C GLU OA 131 1.79 -42.76 -70.98
N MET PA 1 73.53 -14.19 5.59
CA MET PA 1 72.28 -14.97 5.57
C MET PA 1 71.97 -15.77 4.32
N LEU PA 2 72.91 -16.43 3.58
CA LEU PA 2 74.37 -16.47 3.60
C LEU PA 2 74.97 -16.86 4.95
N MET PA 3 76.31 -16.68 5.08
CA MET PA 3 77.18 -17.15 6.13
C MET PA 3 77.33 -18.66 6.10
N PRO PA 4 78.49 -19.24 6.44
CA PRO PA 4 78.77 -20.66 6.29
C PRO PA 4 77.86 -21.56 7.09
N LYS PA 5 77.98 -22.88 6.84
CA LYS PA 5 77.28 -23.93 7.52
C LYS PA 5 78.09 -24.42 8.69
N LYS PA 6 78.91 -23.49 9.24
CA LYS PA 6 79.63 -23.64 10.46
C LYS PA 6 78.84 -22.88 11.50
N ASN PA 7 78.28 -21.71 11.13
CA ASN PA 7 77.40 -20.97 11.99
C ASN PA 7 76.09 -21.69 12.20
N ARG PA 8 75.53 -22.29 11.12
CA ARG PA 8 74.27 -23.00 11.19
C ARG PA 8 74.28 -24.19 12.12
N ILE PA 9 75.37 -24.99 12.07
CA ILE PA 9 75.58 -26.16 12.90
C ILE PA 9 75.71 -25.80 14.36
N ALA PA 10 76.39 -24.65 14.66
CA ALA PA 10 76.56 -24.13 16.00
C ALA PA 10 75.23 -23.84 16.68
N ILE PA 11 74.30 -23.21 15.93
CA ILE PA 11 72.95 -22.87 16.38
C ILE PA 11 72.16 -24.13 16.64
N TYR PA 12 72.21 -25.10 15.68
CA TYR PA 12 71.45 -26.33 15.73
C TYR PA 12 71.86 -27.19 16.91
N GLU PA 13 73.18 -27.28 17.16
CA GLU PA 13 73.77 -28.00 18.27
C GLU PA 13 73.30 -27.45 19.60
N LEU PA 14 73.22 -26.10 19.72
CA LEU PA 14 72.80 -25.44 20.93
C LEU PA 14 71.34 -25.69 21.21
N LEU PA 15 70.48 -25.70 20.15
CA LEU PA 15 69.08 -26.06 20.24
C LEU PA 15 68.92 -27.48 20.71
N PHE PA 16 69.74 -28.41 20.18
CA PHE PA 16 69.69 -29.83 20.49
C PHE PA 16 70.04 -30.14 21.93
N LYS PA 17 71.09 -29.47 22.47
CA LYS PA 17 71.58 -29.68 23.81
C LYS PA 17 70.72 -29.08 24.88
N GLU PA 18 70.30 -27.80 24.72
CA GLU PA 18 69.42 -27.14 25.65
C GLU PA 18 68.01 -27.65 25.60
N GLY PA 19 67.46 -27.80 24.38
CA GLY PA 19 66.09 -28.21 24.15
C GLY PA 19 65.24 -26.98 23.97
N VAL PA 20 65.88 -25.79 23.96
CA VAL PA 20 65.23 -24.53 23.70
C VAL PA 20 66.26 -23.71 22.97
N MET PA 21 65.77 -22.72 22.18
CA MET PA 21 66.62 -21.73 21.56
C MET PA 21 65.74 -20.52 21.53
N VAL PA 22 66.31 -19.30 21.61
CA VAL PA 22 65.51 -18.10 21.59
C VAL PA 22 66.17 -17.08 20.70
N ALA PA 23 65.31 -16.26 20.03
CA ALA PA 23 65.69 -15.11 19.26
C ALA PA 23 64.70 -14.04 19.62
N LYS PA 24 64.95 -12.80 19.15
CA LYS PA 24 64.07 -11.68 19.38
C LYS PA 24 64.00 -10.99 18.05
N LYS PA 25 63.00 -10.09 17.86
CA LYS PA 25 62.70 -9.53 16.57
C LYS PA 25 62.80 -8.03 16.66
N ASP PA 26 63.80 -7.47 15.94
CA ASP PA 26 63.91 -6.06 15.68
C ASP PA 26 64.88 -6.00 14.53
N VAL PA 27 64.75 -4.98 13.65
CA VAL PA 27 65.64 -4.75 12.53
C VAL PA 27 66.65 -3.68 12.84
N HIS PA 28 66.64 -3.16 14.08
CA HIS PA 28 67.57 -2.14 14.53
C HIS PA 28 68.33 -2.72 15.69
N MET PA 29 68.32 -4.06 15.80
CA MET PA 29 68.62 -4.77 17.02
C MET PA 29 70.08 -4.85 17.44
N PRO PA 30 71.03 -5.23 16.56
CA PRO PA 30 72.25 -5.92 16.94
C PRO PA 30 72.27 -6.76 18.20
N LYS PA 31 71.60 -7.93 18.15
CA LYS PA 31 72.13 -9.20 18.58
C LYS PA 31 70.95 -9.91 19.17
N HIS PA 32 70.81 -11.23 18.86
CA HIS PA 32 69.71 -12.04 19.32
C HIS PA 32 70.11 -12.63 20.65
N PRO PA 33 69.21 -13.02 21.54
CA PRO PA 33 69.55 -13.61 22.83
C PRO PA 33 70.07 -15.02 22.60
N GLU PA 34 70.80 -15.57 23.59
CA GLU PA 34 71.37 -16.89 23.58
C GLU PA 34 72.52 -17.01 22.61
N LEU PA 35 73.51 -16.09 22.75
CA LEU PA 35 74.76 -15.99 22.01
C LEU PA 35 74.61 -15.33 20.67
N ALA PA 36 73.75 -15.89 19.79
CA ALA PA 36 73.57 -15.49 18.40
C ALA PA 36 74.82 -15.59 17.56
N ASP PA 37 74.77 -14.93 16.38
CA ASP PA 37 75.83 -14.89 15.40
C ASP PA 37 76.28 -13.45 15.31
N LYS PA 38 75.75 -12.57 16.20
CA LYS PA 38 76.56 -11.73 17.04
C LYS PA 38 76.60 -10.35 16.45
N ASN PA 39 75.89 -9.41 17.12
CA ASN PA 39 75.61 -8.05 16.69
C ASN PA 39 75.12 -7.95 15.28
N VAL PA 40 73.91 -8.50 15.04
CA VAL PA 40 73.29 -8.47 13.74
C VAL PA 40 71.80 -8.33 13.98
N PRO PA 41 71.01 -7.61 13.16
CA PRO PA 41 69.57 -7.52 13.29
C PRO PA 41 68.91 -8.82 12.89
N ASN PA 42 67.55 -8.86 12.82
CA ASN PA 42 66.80 -10.07 12.63
C ASN PA 42 67.06 -10.74 11.30
N LEU PA 43 67.60 -11.98 11.41
CA LEU PA 43 68.37 -12.71 10.43
C LEU PA 43 69.24 -13.61 11.28
N HIS PA 44 70.49 -13.97 10.84
CA HIS PA 44 71.08 -15.31 10.79
C HIS PA 44 70.55 -16.42 11.68
N VAL PA 45 70.34 -16.15 13.00
CA VAL PA 45 69.86 -17.09 14.00
C VAL PA 45 68.47 -17.53 13.63
N MET PA 46 67.62 -16.54 13.27
CA MET PA 46 66.24 -16.69 12.91
C MET PA 46 66.14 -17.49 11.65
N LYS PA 47 66.99 -17.22 10.64
CA LYS PA 47 66.97 -17.84 9.34
C LYS PA 47 67.45 -19.25 9.38
N ALA PA 48 68.49 -19.56 10.19
CA ALA PA 48 69.00 -20.92 10.35
C ALA PA 48 67.91 -21.78 10.96
N MET PA 49 67.28 -21.27 12.04
CA MET PA 49 66.17 -21.87 12.73
C MET PA 49 64.97 -22.06 11.84
N GLN PA 50 64.64 -21.06 10.99
CA GLN PA 50 63.57 -21.06 10.01
C GLN PA 50 63.72 -22.14 8.97
N SER PA 51 64.97 -22.40 8.52
CA SER PA 51 65.29 -23.41 7.53
C SER PA 51 65.05 -24.77 8.13
N LEU PA 52 65.53 -24.96 9.37
CA LEU PA 52 65.38 -26.14 10.18
C LEU PA 52 63.92 -26.49 10.40
N LYS PA 53 63.10 -25.45 10.67
CA LYS PA 53 61.68 -25.42 10.96
C LYS PA 53 60.83 -25.86 9.80
N SER PA 54 61.19 -25.43 8.58
CA SER PA 54 60.47 -25.67 7.35
C SER PA 54 60.35 -27.15 7.07
N ARG PA 55 61.42 -27.89 7.41
CA ARG PA 55 61.57 -29.31 7.21
C ARG PA 55 61.03 -30.10 8.38
N GLY PA 56 60.37 -29.41 9.36
CA GLY PA 56 59.85 -30.00 10.57
C GLY PA 56 60.81 -29.67 11.66
N TYR PA 57 60.98 -30.60 12.63
CA TYR PA 57 62.07 -30.62 13.58
C TYR PA 57 62.09 -29.57 14.68
N VAL PA 58 61.30 -28.47 14.59
CA VAL PA 58 61.24 -27.52 15.67
C VAL PA 58 59.93 -26.79 15.56
N LYS PA 59 59.34 -26.46 16.74
CA LYS PA 59 58.06 -25.81 16.88
C LYS PA 59 58.32 -24.44 17.39
N GLU PA 60 57.72 -23.40 16.76
CA GLU PA 60 58.01 -22.02 17.05
C GLU PA 60 56.75 -21.42 17.61
N GLN PA 61 56.92 -20.67 18.73
CA GLN PA 61 55.89 -19.99 19.45
C GLN PA 61 56.31 -18.55 19.42
N PHE PA 62 55.39 -17.66 18.97
CA PHE PA 62 55.66 -16.25 18.84
C PHE PA 62 54.65 -15.55 19.72
N ALA PA 63 55.07 -14.42 20.34
CA ALA PA 63 54.34 -13.72 21.36
C ALA PA 63 55.31 -12.74 21.96
N TRP PA 64 54.88 -11.45 22.03
CA TRP PA 64 55.64 -10.31 22.54
C TRP PA 64 56.94 -10.14 21.82
N ARG PA 65 56.90 -10.22 20.46
CA ARG PA 65 57.96 -9.92 19.51
C ARG PA 65 59.23 -10.65 19.86
N HIS PA 66 59.08 -11.97 20.12
CA HIS PA 66 60.16 -12.83 20.51
C HIS PA 66 59.79 -14.20 20.05
N PHE PA 67 60.80 -15.03 19.73
CA PHE PA 67 60.62 -16.28 19.05
C PHE PA 67 61.15 -17.27 20.04
N TYR PA 68 60.28 -18.19 20.52
CA TYR PA 68 60.68 -19.24 21.42
C TYR PA 68 60.67 -20.50 20.62
N TRP PA 69 61.84 -21.17 20.47
CA TRP PA 69 61.90 -22.41 19.74
C TRP PA 69 61.92 -23.49 20.78
N TYR PA 70 61.06 -24.50 20.54
CA TYR PA 70 60.74 -25.56 21.44
C TYR PA 70 61.05 -26.79 20.66
N LEU PA 71 61.95 -27.66 21.19
CA LEU PA 71 62.49 -28.78 20.46
C LEU PA 71 61.48 -29.89 20.48
N THR PA 72 61.27 -30.55 19.31
CA THR PA 72 60.29 -31.59 19.14
C THR PA 72 61.01 -32.91 19.20
N ASN PA 73 60.25 -34.03 19.33
CA ASN PA 73 60.74 -35.38 19.45
C ASN PA 73 61.48 -35.78 18.20
N GLU PA 74 60.86 -35.51 17.03
CA GLU PA 74 61.38 -35.75 15.72
C GLU PA 74 62.66 -34.96 15.49
N GLY PA 75 62.73 -33.73 16.05
CA GLY PA 75 63.88 -32.87 15.98
C GLY PA 75 65.08 -33.40 16.72
N ILE PA 76 64.86 -34.08 17.88
CA ILE PA 76 65.91 -34.68 18.68
C ILE PA 76 66.61 -35.73 17.87
N GLN PA 77 65.81 -36.57 17.17
CA GLN PA 77 66.31 -37.61 16.28
C GLN PA 77 67.07 -37.07 15.10
N TYR PA 78 66.56 -35.99 14.45
CA TYR PA 78 67.16 -35.41 13.26
C TYR PA 78 68.49 -34.78 13.52
N LEU PA 79 68.61 -34.01 14.63
CA LEU PA 79 69.83 -33.31 14.96
C LEU PA 79 70.89 -34.25 15.45
N ARG PA 80 70.48 -35.39 16.06
CA ARG PA 80 71.34 -36.43 16.56
C ARG PA 80 72.16 -37.05 15.44
N ASP PA 81 71.50 -37.26 14.28
CA ASP PA 81 72.08 -37.75 13.05
C ASP PA 81 72.95 -36.70 12.37
N TYR PA 82 72.47 -35.43 12.30
CA TYR PA 82 73.12 -34.33 11.62
C TYR PA 82 74.43 -33.95 12.26
N LEU PA 83 74.45 -33.93 13.60
CA LEU PA 83 75.58 -33.67 14.46
C LEU PA 83 76.50 -34.88 14.50
N HIS PA 84 75.92 -36.08 14.32
CA HIS PA 84 76.56 -37.38 14.24
C HIS PA 84 77.31 -37.76 15.48
N LEU PA 85 76.59 -37.65 16.62
CA LEU PA 85 77.11 -37.83 17.96
C LEU PA 85 76.37 -39.05 18.47
N PRO PA 86 76.82 -39.78 19.52
CA PRO PA 86 76.34 -41.11 19.85
C PRO PA 86 74.86 -41.16 20.16
N PRO PA 87 74.17 -42.32 20.14
CA PRO PA 87 72.78 -42.38 19.76
C PRO PA 87 71.92 -42.24 21.00
N GLU PA 88 72.55 -41.96 22.15
CA GLU PA 88 71.88 -41.32 23.26
C GLU PA 88 72.94 -40.42 23.82
N ILE PA 89 72.56 -39.18 24.16
CA ILE PA 89 73.49 -38.20 24.68
C ILE PA 89 72.66 -37.15 25.41
N VAL PA 90 71.31 -37.24 25.31
CA VAL PA 90 70.35 -36.74 26.26
C VAL PA 90 70.12 -35.26 26.00
N PRO PA 91 68.97 -34.79 25.50
CA PRO PA 91 68.93 -33.55 24.73
C PRO PA 91 68.46 -32.47 25.67
N ALA PA 92 68.41 -32.78 26.99
CA ALA PA 92 67.80 -31.99 28.04
C ALA PA 92 66.32 -31.82 27.79
N THR PA 93 65.65 -32.94 27.44
CA THR PA 93 64.37 -33.23 28.02
C THR PA 93 64.28 -34.72 28.16
N LEU PA 94 63.74 -35.12 29.33
CA LEU PA 94 62.98 -36.31 29.63
C LEU PA 94 63.23 -36.50 31.10
N ARG PA 95 64.49 -36.21 31.53
CA ARG PA 95 64.99 -35.83 32.84
C ARG PA 95 64.27 -36.48 34.00
N ARG PA 96 63.92 -35.68 35.05
CA ARG PA 96 62.95 -36.01 36.05
C ARG PA 96 61.60 -36.27 35.43
N SER PA 97 60.90 -37.32 35.95
CA SER PA 97 59.60 -37.73 35.50
C SER PA 97 58.67 -37.40 36.62
N ARG PA 98 57.62 -36.62 36.31
CA ARG PA 98 56.34 -36.77 36.95
C ARG PA 98 55.41 -37.43 35.93
#